data_3TVI
#
_entry.id   3TVI
#
_cell.length_a   109.041
_cell.length_b   274.217
_cell.length_c   114.041
_cell.angle_alpha   90.00
_cell.angle_beta   113.69
_cell.angle_gamma   90.00
#
_symmetry.space_group_name_H-M   'P 1 21 1'
#
loop_
_entity.id
_entity.type
_entity.pdbx_description
1 polymer Aspartokinase
2 non-polymer 'ASPARTIC ACID'
3 non-polymer LYSINE
#
_entity_poly.entity_id   1
_entity_poly.type   'polypeptide(L)'
_entity_poly.pdbx_seq_one_letter_code
;SLKIVVTKFGGSSLADSNQFKKVKGIIDSDANRKYIIPSAPGKRTNKDYKITDLLYLCNAHVKNGIPFDDVFKLISQRYT
EIVSELNID(MSE)DIAYYLEKVKKNIENGASSDYAASRGEYLNGVILAKYLNAEFIDAAEVIFFDKSGCFDEKKSYEKI
KEKVLSCNKAVIPGFYGSSFNGDVKTFSRGGSDVTGSIISAGVNADLYENWTDVSGFL(MSE)ADPRIVENPKTISKISY
KELRELSY(MSE)GATVLHEEAIFPVKDSGIPINIKNTNKPSDPGTLILSDTHKEINLGTITGIAGKKNFTVIAIEKALL
NSEVGFCRKILSILE(MSE)YGVSFEH(MSE)PSGVDSVSLVIEDCKLDGKCDKIIEEIKKQCNPDSIEIHPN(MSE)AL
VATVGTG(MSE)AKTKGIANKIFTALSKENVNIR(MSE)IDQGSSEINVIVGVETVDFEKAVKSIYNAFNEGHHHHHH
;
_entity_poly.pdbx_strand_id   A,B,C,D,E,F,G,H,I,J,K,L
#
# COMPACT_ATOMS: atom_id res chain seq x y z
N ILE A 4 59.08 -4.67 32.73
CA ILE A 4 58.36 -4.35 31.47
C ILE A 4 57.56 -3.04 31.56
N VAL A 5 58.12 -1.96 31.02
CA VAL A 5 57.45 -0.66 30.98
C VAL A 5 57.24 -0.25 29.53
N VAL A 6 56.00 -0.30 29.07
CA VAL A 6 55.67 0.14 27.71
C VAL A 6 55.66 1.66 27.68
N THR A 7 55.93 2.25 26.52
CA THR A 7 55.95 3.72 26.39
C THR A 7 55.39 4.18 25.03
N LYS A 8 54.48 5.14 25.05
CA LYS A 8 53.95 5.76 23.82
C LYS A 8 54.57 7.14 23.70
N PHE A 9 54.96 7.53 22.50
CA PHE A 9 55.40 8.90 22.25
C PHE A 9 54.50 9.54 21.19
N GLY A 10 54.00 10.72 21.51
CA GLY A 10 53.04 11.41 20.67
C GLY A 10 53.76 12.18 19.61
N GLY A 11 53.04 12.51 18.54
CA GLY A 11 53.57 13.24 17.40
C GLY A 11 54.43 14.45 17.72
N SER A 12 54.10 15.20 18.77
CA SER A 12 54.90 16.35 19.16
C SER A 12 56.25 15.87 19.66
N SER A 13 56.25 14.76 20.39
CA SER A 13 57.49 14.15 20.88
C SER A 13 58.37 13.57 19.76
N LEU A 14 57.81 13.38 18.57
CA LEU A 14 58.57 13.02 17.38
C LEU A 14 58.45 14.05 16.25
N ALA A 15 58.23 15.31 16.59
CA ALA A 15 57.99 16.29 15.56
C ALA A 15 59.24 16.54 14.73
N ASP A 16 60.42 16.40 15.32
CA ASP A 16 61.65 16.62 14.59
C ASP A 16 62.86 15.99 15.29
N SER A 17 64.04 16.11 14.68
CA SER A 17 65.27 15.47 15.18
C SER A 17 65.58 15.82 16.62
N ASN A 18 65.41 17.08 17.00
CA ASN A 18 65.69 17.48 18.38
C ASN A 18 64.81 16.69 19.35
N GLN A 19 63.55 16.50 18.97
CA GLN A 19 62.61 15.75 19.79
C GLN A 19 62.96 14.26 19.81
N PHE A 20 63.42 13.73 18.69
CA PHE A 20 63.97 12.36 18.66
C PHE A 20 65.10 12.19 19.68
N LYS A 21 66.00 13.17 19.72
CA LYS A 21 67.12 13.17 20.68
C LYS A 21 66.59 13.07 22.10
N LYS A 22 65.59 13.91 22.41
CA LYS A 22 64.93 13.90 23.71
C LYS A 22 64.40 12.50 24.01
N VAL A 23 63.84 11.86 22.99
CA VAL A 23 63.26 10.53 23.17
C VAL A 23 64.36 9.52 23.50
N LYS A 24 65.49 9.59 22.81
CA LYS A 24 66.60 8.68 23.08
C LYS A 24 67.04 8.85 24.52
N GLY A 25 67.21 10.09 24.94
CA GLY A 25 67.60 10.43 26.30
C GLY A 25 66.72 9.78 27.36
N ILE A 26 65.43 9.71 27.08
CA ILE A 26 64.47 9.08 27.97
C ILE A 26 64.62 7.56 27.97
N ILE A 27 64.71 6.96 26.79
CA ILE A 27 64.64 5.50 26.65
C ILE A 27 65.81 4.75 27.26
N ASP A 28 67.02 5.25 27.07
CA ASP A 28 68.17 4.57 27.65
C ASP A 28 68.58 5.17 29.01
N SER A 29 67.70 5.99 29.58
CA SER A 29 67.81 6.33 31.00
C SER A 29 66.96 5.40 31.89
N ASP A 30 66.38 4.34 31.30
CA ASP A 30 65.76 3.28 32.09
C ASP A 30 65.66 1.98 31.29
N ALA A 31 66.45 0.98 31.69
CA ALA A 31 66.43 -0.34 31.05
C ALA A 31 65.02 -0.89 30.90
N ASN A 32 64.17 -0.64 31.90
CA ASN A 32 62.81 -1.17 31.87
C ASN A 32 61.93 -0.54 30.80
N ARG A 33 62.35 0.60 30.25
CA ARG A 33 61.62 1.16 29.10
C ARG A 33 61.96 0.29 27.90
N LYS A 34 61.33 -0.87 27.86
CA LYS A 34 61.72 -1.92 26.94
C LYS A 34 60.90 -1.87 25.66
N TYR A 35 59.71 -1.28 25.69
CA TYR A 35 58.85 -1.27 24.49
C TYR A 35 58.28 0.13 24.10
N ILE A 36 58.31 0.42 22.79
CA ILE A 36 58.02 1.79 22.30
C ILE A 36 57.01 1.88 21.14
N ILE A 37 56.02 2.75 21.31
CA ILE A 37 55.05 3.06 20.28
C ILE A 37 55.14 4.54 19.89
N PRO A 38 55.50 4.82 18.64
CA PRO A 38 55.50 6.17 18.13
C PRO A 38 54.23 6.51 17.36
N SER A 39 54.03 7.79 17.14
CA SER A 39 53.03 8.31 16.25
C SER A 39 53.77 8.83 15.03
N ALA A 40 53.02 9.18 13.99
CA ALA A 40 53.59 9.92 12.88
C ALA A 40 54.00 11.27 13.44
N PRO A 41 54.97 11.94 12.79
CA PRO A 41 55.52 13.17 13.34
C PRO A 41 54.51 14.31 13.42
N GLY A 42 54.41 14.94 14.58
CA GLY A 42 53.52 16.07 14.74
C GLY A 42 53.99 17.27 13.95
N LYS A 43 53.18 18.33 13.98
CA LYS A 43 53.54 19.60 13.34
C LYS A 43 54.66 20.28 14.11
N ARG A 44 55.59 20.90 13.39
CA ARG A 44 56.71 21.62 14.01
C ARG A 44 56.31 23.03 14.42
N THR A 45 55.70 23.75 13.48
CA THR A 45 55.09 25.05 13.76
C THR A 45 53.60 24.94 13.50
N ASN A 46 52.86 26.01 13.76
CA ASN A 46 51.42 26.00 13.55
C ASN A 46 51.06 25.99 12.06
N LYS A 47 51.78 26.77 11.25
CA LYS A 47 51.56 26.78 9.81
C LYS A 47 51.95 25.46 9.13
N ASP A 48 52.77 24.64 9.82
CA ASP A 48 53.31 23.41 9.23
C ASP A 48 52.23 22.47 8.75
N TYR A 49 52.58 21.65 7.75
CA TYR A 49 51.68 20.58 7.29
C TYR A 49 51.70 19.44 8.28
N LYS A 50 50.78 18.49 8.12
CA LYS A 50 50.69 17.32 9.01
C LYS A 50 50.73 16.04 8.18
N ILE A 51 51.80 15.27 8.35
CA ILE A 51 52.09 14.10 7.50
C ILE A 51 50.91 13.13 7.29
N THR A 52 50.17 12.80 8.34
CA THR A 52 49.03 11.91 8.16
C THR A 52 48.06 12.49 7.14
N ASP A 53 47.75 13.78 7.25
CA ASP A 53 46.87 14.45 6.31
C ASP A 53 47.45 14.51 4.91
N LEU A 54 48.76 14.68 4.80
CA LEU A 54 49.37 14.62 3.47
C LEU A 54 49.19 13.21 2.86
N LEU A 55 49.30 12.18 3.71
CA LEU A 55 49.09 10.82 3.25
C LEU A 55 47.64 10.62 2.75
N TYR A 56 46.65 11.18 3.44
CA TYR A 56 45.28 11.10 2.92
C TYR A 56 45.16 11.87 1.60
N LEU A 57 45.96 12.92 1.46
CA LEU A 57 45.90 13.75 0.25
C LEU A 57 46.41 13.02 -1.01
N CYS A 58 47.43 12.18 -0.87
CA CYS A 58 47.90 11.40 -2.00
C CYS A 58 46.81 10.44 -2.42
N ASN A 59 46.19 9.81 -1.42
CA ASN A 59 45.06 8.94 -1.65
C ASN A 59 44.00 9.67 -2.45
N ALA A 60 43.78 10.94 -2.16
CA ALA A 60 42.78 11.72 -2.92
C ALA A 60 43.18 11.93 -4.38
N HIS A 61 44.47 12.13 -4.66
CA HIS A 61 44.89 12.34 -6.05
C HIS A 61 44.69 11.11 -6.86
N VAL A 62 45.03 9.97 -6.26
CA VAL A 62 44.82 8.69 -6.93
C VAL A 62 43.33 8.45 -7.21
N LYS A 63 42.46 8.91 -6.31
CA LYS A 63 41.02 8.79 -6.53
C LYS A 63 40.50 9.62 -7.70
N ASN A 64 41.23 10.68 -8.07
CA ASN A 64 40.90 11.49 -9.25
C ASN A 64 41.84 11.16 -10.41
N GLY A 65 42.72 10.19 -10.20
CA GLY A 65 43.65 9.73 -11.22
C GLY A 65 44.56 10.83 -11.70
N ILE A 66 45.11 11.59 -10.74
CA ILE A 66 46.14 12.60 -11.02
C ILE A 66 47.35 12.16 -10.21
N PRO A 67 48.57 12.45 -10.69
CA PRO A 67 49.78 12.23 -9.91
C PRO A 67 49.80 12.98 -8.57
N PHE A 68 50.67 12.55 -7.66
CA PHE A 68 50.82 13.25 -6.40
C PHE A 68 52.27 13.50 -6.01
N ASP A 69 53.17 13.52 -7.00
CA ASP A 69 54.62 13.69 -6.73
C ASP A 69 54.90 14.89 -5.83
N ASP A 70 54.23 16.02 -6.09
CA ASP A 70 54.50 17.23 -5.32
C ASP A 70 54.31 16.96 -3.84
N VAL A 71 53.22 16.25 -3.54
CA VAL A 71 52.88 15.97 -2.17
C VAL A 71 53.90 14.98 -1.63
N PHE A 72 54.17 13.92 -2.36
CA PHE A 72 55.05 12.92 -1.81
C PHE A 72 56.45 13.47 -1.62
N LYS A 73 56.90 14.36 -2.52
CA LYS A 73 58.22 14.98 -2.38
C LYS A 73 58.30 15.56 -0.98
N LEU A 74 57.21 16.16 -0.52
CA LEU A 74 57.17 16.80 0.81
C LEU A 74 57.29 15.82 1.96
N ILE A 75 56.72 14.62 1.80
CA ILE A 75 56.78 13.60 2.84
C ILE A 75 58.18 13.01 2.87
N SER A 76 58.66 12.56 1.73
CA SER A 76 59.95 11.90 1.67
C SER A 76 61.04 12.84 2.18
N GLN A 77 60.92 14.11 1.84
CA GLN A 77 61.84 15.13 2.32
C GLN A 77 61.79 15.20 3.84
N ARG A 78 60.57 15.09 4.37
CA ARG A 78 60.32 15.26 5.79
C ARG A 78 61.03 14.19 6.57
N TYR A 79 60.91 12.94 6.09
CA TYR A 79 61.55 11.79 6.75
C TYR A 79 63.04 11.69 6.46
N THR A 80 63.46 11.84 5.20
CA THR A 80 64.90 11.71 4.91
C THR A 80 65.71 12.74 5.69
N GLU A 81 65.12 13.91 5.98
CA GLU A 81 65.80 14.92 6.79
C GLU A 81 66.03 14.48 8.24
N ILE A 82 65.07 13.77 8.81
CA ILE A 82 65.19 13.30 10.17
C ILE A 82 66.33 12.31 10.30
N VAL A 83 66.41 11.33 9.40
CA VAL A 83 67.49 10.34 9.49
C VAL A 83 68.80 11.06 9.20
N SER A 84 68.79 11.95 8.22
CA SER A 84 69.98 12.71 7.90
C SER A 84 70.44 13.49 9.12
N GLU A 85 69.57 14.31 9.68
CA GLU A 85 69.90 15.09 10.87
C GLU A 85 70.33 14.19 12.04
N LEU A 86 69.70 13.02 12.19
CA LEU A 86 70.05 12.08 13.27
C LEU A 86 71.31 11.29 12.97
N ASN A 87 71.81 11.41 11.75
CA ASN A 87 73.01 10.68 11.30
C ASN A 87 72.85 9.17 11.33
N ILE A 88 71.61 8.71 11.18
CA ILE A 88 71.31 7.29 11.14
C ILE A 88 71.81 6.74 9.83
N ASP A 89 72.53 5.61 9.89
CA ASP A 89 72.96 4.89 8.69
C ASP A 89 71.89 3.87 8.30
N MSE A 90 70.88 4.35 7.56
CA MSE A 90 69.88 3.48 6.94
C MSE A 90 69.48 4.01 5.60
O MSE A 90 69.85 5.13 5.24
CB MSE A 90 68.64 3.36 7.82
CG MSE A 90 67.69 4.55 7.70
SE MSE A 90 66.20 4.18 8.93
CE MSE A 90 65.20 2.88 7.84
N ASP A 91 68.73 3.21 4.85
CA ASP A 91 68.22 3.60 3.54
C ASP A 91 66.72 3.81 3.66
N ILE A 92 66.33 5.01 4.06
CA ILE A 92 64.90 5.31 4.24
C ILE A 92 64.18 5.37 2.89
N ALA A 93 64.91 5.67 1.84
CA ALA A 93 64.35 5.75 0.50
C ALA A 93 63.83 4.39 0.06
N TYR A 94 64.41 3.32 0.61
CA TYR A 94 63.92 1.97 0.34
C TYR A 94 62.44 1.88 0.74
N TYR A 95 62.13 2.38 1.93
CA TYR A 95 60.79 2.28 2.50
C TYR A 95 59.84 3.26 1.83
N LEU A 96 60.30 4.49 1.63
CA LEU A 96 59.46 5.55 1.06
C LEU A 96 58.96 5.18 -0.32
N GLU A 97 59.87 4.78 -1.20
CA GLU A 97 59.53 4.42 -2.58
C GLU A 97 58.47 3.37 -2.64
N LYS A 98 58.54 2.39 -1.75
CA LYS A 98 57.51 1.36 -1.67
C LYS A 98 56.17 2.02 -1.34
N VAL A 99 56.17 2.98 -0.42
CA VAL A 99 54.95 3.66 -0.05
C VAL A 99 54.34 4.44 -1.24
N LYS A 100 55.16 5.11 -2.04
CA LYS A 100 54.62 5.85 -3.18
C LYS A 100 53.91 4.88 -4.12
N LYS A 101 54.50 3.69 -4.31
CA LYS A 101 53.94 2.71 -5.24
C LYS A 101 52.60 2.14 -4.76
N ASN A 102 52.57 1.64 -3.54
CA ASN A 102 51.33 1.10 -3.02
C ASN A 102 50.19 2.11 -3.11
N ILE A 103 50.47 3.36 -2.74
CA ILE A 103 49.45 4.41 -2.79
C ILE A 103 48.94 4.58 -4.23
N GLU A 104 49.86 4.63 -5.19
CA GLU A 104 49.45 4.83 -6.58
C GLU A 104 48.93 3.58 -7.23
N ASN A 105 49.13 2.42 -6.60
CA ASN A 105 48.48 1.19 -7.04
C ASN A 105 47.10 0.98 -6.43
N GLY A 106 46.42 2.07 -6.10
CA GLY A 106 45.03 2.03 -5.63
C GLY A 106 44.84 1.54 -4.21
N ALA A 107 45.89 1.57 -3.40
CA ALA A 107 45.80 1.15 -2.00
C ALA A 107 44.79 1.97 -1.22
N SER A 108 44.28 1.40 -0.13
CA SER A 108 43.23 2.06 0.66
C SER A 108 43.79 3.26 1.41
N SER A 109 42.92 4.19 1.74
CA SER A 109 43.31 5.36 2.54
C SER A 109 43.90 4.95 3.88
N ASP A 110 43.37 3.88 4.50
CA ASP A 110 43.89 3.39 5.78
C ASP A 110 45.37 3.03 5.67
N TYR A 111 45.72 2.31 4.61
CA TYR A 111 47.11 1.99 4.38
C TYR A 111 47.98 3.25 4.36
N ALA A 112 47.54 4.25 3.59
CA ALA A 112 48.28 5.49 3.43
C ALA A 112 48.53 6.14 4.79
N ALA A 113 47.45 6.44 5.50
CA ALA A 113 47.56 7.13 6.77
C ALA A 113 48.51 6.40 7.72
N SER A 114 48.44 5.08 7.70
CA SER A 114 49.28 4.23 8.55
C SER A 114 50.76 4.46 8.33
N ARG A 115 51.16 4.69 7.08
CA ARG A 115 52.57 4.85 6.74
C ARG A 115 53.28 5.90 7.59
N GLY A 116 52.55 6.90 8.02
CA GLY A 116 53.10 7.94 8.86
C GLY A 116 53.81 7.36 10.07
N GLU A 117 53.16 6.42 10.72
CA GLU A 117 53.74 5.82 11.94
C GLU A 117 54.58 4.61 11.62
N TYR A 118 54.20 3.85 10.60
CA TYR A 118 55.08 2.80 10.07
C TYR A 118 56.48 3.33 9.77
N LEU A 119 56.56 4.36 8.93
CA LEU A 119 57.84 4.95 8.56
C LEU A 119 58.59 5.45 9.78
N ASN A 120 57.90 6.18 10.66
CA ASN A 120 58.53 6.71 11.87
C ASN A 120 59.05 5.56 12.71
N GLY A 121 58.34 4.44 12.68
CA GLY A 121 58.71 3.27 13.45
C GLY A 121 60.02 2.64 13.00
N VAL A 122 60.20 2.45 11.70
CA VAL A 122 61.40 1.79 11.22
C VAL A 122 62.59 2.68 11.51
N ILE A 123 62.39 3.99 11.46
CA ILE A 123 63.44 4.94 11.85
C ILE A 123 63.76 4.77 13.34
N LEU A 124 62.73 4.78 14.18
CA LEU A 124 62.92 4.60 15.63
C LEU A 124 63.74 3.35 15.95
N ALA A 125 63.39 2.22 15.34
CA ALA A 125 64.13 0.97 15.56
C ALA A 125 65.64 1.24 15.55
N LYS A 126 66.12 1.91 14.50
CA LYS A 126 67.55 2.21 14.39
C LYS A 126 67.98 3.18 15.50
N TYR A 127 67.54 4.45 15.46
CA TYR A 127 67.99 5.43 16.47
C TYR A 127 68.14 4.71 17.83
N LEU A 128 67.07 4.04 18.25
CA LEU A 128 67.02 3.42 19.56
C LEU A 128 67.67 2.05 19.63
N ASN A 129 68.00 1.49 18.47
CA ASN A 129 68.61 0.17 18.37
C ASN A 129 67.71 -0.90 18.98
N ALA A 130 66.50 -1.02 18.45
CA ALA A 130 65.54 -2.03 18.89
C ALA A 130 64.91 -2.74 17.69
N GLU A 131 64.38 -3.95 17.94
CA GLU A 131 63.80 -4.77 16.87
C GLU A 131 62.47 -4.18 16.41
N PHE A 132 62.39 -3.76 15.15
CA PHE A 132 61.15 -3.23 14.58
C PHE A 132 60.10 -4.32 14.39
N ILE A 133 58.95 -4.14 15.04
CA ILE A 133 57.86 -5.10 14.94
C ILE A 133 56.61 -4.42 14.36
N ASP A 134 56.39 -4.63 13.08
CA ASP A 134 55.21 -4.08 12.41
C ASP A 134 53.95 -4.46 13.19
N ALA A 135 53.07 -3.48 13.39
CA ALA A 135 51.83 -3.68 14.13
C ALA A 135 50.87 -4.61 13.40
N ALA A 136 50.95 -4.63 12.07
CA ALA A 136 50.10 -5.48 11.24
C ALA A 136 50.29 -6.95 11.60
N GLU A 137 51.49 -7.32 12.03
CA GLU A 137 51.80 -8.71 12.35
C GLU A 137 51.44 -9.11 13.78
N VAL A 138 50.82 -8.21 14.54
CA VAL A 138 50.61 -8.42 15.97
C VAL A 138 49.25 -7.88 16.48
N ILE A 139 48.79 -6.76 15.93
CA ILE A 139 47.47 -6.22 16.27
C ILE A 139 46.51 -6.65 15.15
N PHE A 140 45.41 -7.28 15.51
CA PHE A 140 44.48 -7.82 14.51
C PHE A 140 43.04 -7.37 14.78
N PHE A 141 42.25 -7.28 13.72
CA PHE A 141 40.81 -7.02 13.83
C PHE A 141 40.01 -8.21 13.31
N ASP A 142 38.74 -8.30 13.70
CA ASP A 142 37.83 -9.35 13.23
C ASP A 142 36.91 -8.79 12.13
N LYS A 143 35.72 -9.36 11.95
CA LYS A 143 34.75 -8.86 10.98
C LYS A 143 33.42 -8.54 11.66
N CYS A 146 36.36 -4.60 14.09
CA CYS A 146 36.42 -4.76 15.55
C CYS A 146 37.61 -5.57 16.03
N PHE A 147 38.10 -5.23 17.23
CA PHE A 147 39.39 -5.69 17.72
C PHE A 147 39.38 -7.13 18.21
N ASP A 148 40.32 -7.93 17.71
CA ASP A 148 40.46 -9.34 18.11
C ASP A 148 41.41 -9.47 19.31
N GLU A 149 40.82 -9.32 20.49
CA GLU A 149 41.54 -9.32 21.75
C GLU A 149 42.37 -10.59 21.94
N LYS A 150 41.72 -11.73 21.72
CA LYS A 150 42.32 -13.06 21.91
C LYS A 150 43.54 -13.32 21.00
N LYS A 151 43.37 -13.04 19.71
CA LYS A 151 44.39 -13.32 18.70
C LYS A 151 45.58 -12.38 18.80
N SER A 152 45.32 -11.13 19.12
CA SER A 152 46.38 -10.12 19.16
C SER A 152 47.31 -10.37 20.35
N TYR A 153 46.74 -10.59 21.54
CA TYR A 153 47.55 -10.85 22.72
C TYR A 153 48.44 -12.09 22.56
N GLU A 154 47.94 -13.12 21.87
CA GLU A 154 48.76 -14.28 21.52
C GLU A 154 50.03 -13.84 20.81
N LYS A 155 49.86 -12.97 19.81
CA LYS A 155 50.96 -12.58 18.92
C LYS A 155 51.90 -11.58 19.60
N ILE A 156 51.40 -10.89 20.62
CA ILE A 156 52.21 -9.93 21.34
C ILE A 156 53.22 -10.62 22.26
N LYS A 157 52.81 -11.70 22.93
CA LYS A 157 53.72 -12.44 23.82
C LYS A 157 54.79 -13.15 23.00
N GLU A 158 54.36 -13.73 21.88
CA GLU A 158 55.28 -14.36 20.95
C GLU A 158 56.29 -13.36 20.41
N LYS A 159 55.79 -12.34 19.70
CA LYS A 159 56.64 -11.43 18.93
C LYS A 159 57.27 -10.30 19.74
N VAL A 160 56.53 -9.69 20.67
CA VAL A 160 57.08 -8.55 21.42
C VAL A 160 57.83 -9.04 22.65
N LEU A 161 57.09 -9.56 23.63
CA LEU A 161 57.64 -9.95 24.92
C LEU A 161 59.02 -10.67 24.82
N SER A 162 59.22 -11.39 23.73
CA SER A 162 60.50 -12.00 23.43
C SER A 162 61.57 -11.01 22.93
N CYS A 163 61.54 -9.75 23.40
CA CYS A 163 62.54 -8.76 22.97
C CYS A 163 62.99 -7.86 24.11
N ASN A 164 64.28 -7.53 24.12
CA ASN A 164 64.84 -6.66 25.16
C ASN A 164 64.40 -5.19 24.97
N LYS A 165 64.51 -4.70 23.73
CA LYS A 165 63.85 -3.46 23.31
C LYS A 165 63.14 -3.76 22.00
N ALA A 166 61.97 -3.16 21.79
CA ALA A 166 61.21 -3.35 20.56
C ALA A 166 60.40 -2.09 20.26
N VAL A 167 60.18 -1.80 18.97
CA VAL A 167 59.35 -0.67 18.56
C VAL A 167 58.17 -1.11 17.71
N ILE A 168 56.97 -0.80 18.17
CA ILE A 168 55.76 -1.12 17.43
C ILE A 168 55.03 0.19 17.08
N PRO A 169 54.84 0.47 15.78
CA PRO A 169 54.09 1.65 15.37
C PRO A 169 52.64 1.44 15.74
N GLY A 170 51.85 2.52 15.83
CA GLY A 170 50.67 2.41 16.65
C GLY A 170 49.34 3.03 16.32
N PHE A 171 49.04 3.22 15.06
CA PHE A 171 47.73 3.80 14.75
C PHE A 171 46.91 2.80 13.95
N TYR A 172 47.37 1.56 13.91
CA TYR A 172 46.81 0.57 13.00
C TYR A 172 47.11 -0.87 13.39
N GLY A 173 46.51 -1.79 12.64
CA GLY A 173 46.74 -3.23 12.70
C GLY A 173 46.20 -3.88 11.44
N SER A 174 46.21 -5.21 11.33
CA SER A 174 45.65 -5.90 10.16
C SER A 174 44.15 -6.20 10.31
N SER A 175 43.40 -6.02 9.23
CA SER A 175 41.96 -6.32 9.22
C SER A 175 41.73 -7.83 9.07
N PHE A 176 40.46 -8.25 9.08
CA PHE A 176 40.13 -9.68 8.94
C PHE A 176 40.87 -10.31 7.76
N ASN A 177 40.72 -9.69 6.60
CA ASN A 177 41.29 -10.20 5.36
C ASN A 177 42.77 -9.88 5.15
N GLY A 178 43.47 -9.45 6.21
CA GLY A 178 44.91 -9.22 6.14
C GLY A 178 45.31 -7.84 5.63
N ASP A 179 44.35 -7.06 5.16
CA ASP A 179 44.60 -5.67 4.73
C ASP A 179 44.95 -4.79 5.92
N VAL A 180 45.48 -3.61 5.63
CA VAL A 180 45.83 -2.66 6.67
C VAL A 180 44.54 -1.94 7.11
N LYS A 181 44.38 -1.80 8.42
CA LYS A 181 43.22 -1.09 9.01
C LYS A 181 43.66 -0.14 10.09
N THR A 182 42.99 1.00 10.13
CA THR A 182 43.37 2.10 10.98
C THR A 182 42.33 2.21 12.07
N PHE A 183 42.78 2.35 13.32
CA PHE A 183 41.87 2.55 14.42
C PHE A 183 40.99 3.78 14.13
N SER A 184 39.67 3.58 14.13
CA SER A 184 38.70 4.67 14.03
C SER A 184 38.74 5.55 15.28
N ARG A 185 39.18 4.96 16.38
CA ARG A 185 39.19 5.58 17.70
C ARG A 185 40.65 5.89 18.13
N GLY A 186 41.07 5.57 19.35
CA GLY A 186 42.23 6.24 19.99
C GLY A 186 43.64 6.22 19.42
N GLY A 187 43.81 6.56 18.14
CA GLY A 187 45.13 6.86 17.58
C GLY A 187 46.23 5.89 17.95
N SER A 188 47.36 6.42 18.42
CA SER A 188 48.48 5.60 18.89
C SER A 188 48.38 5.29 20.38
N ASP A 189 47.43 5.92 21.04
CA ASP A 189 47.25 5.73 22.46
C ASP A 189 46.66 4.35 22.72
N VAL A 190 45.76 3.92 21.85
CA VAL A 190 45.16 2.59 21.98
C VAL A 190 46.19 1.47 21.71
N THR A 191 47.09 1.67 20.76
CA THR A 191 48.13 0.69 20.49
C THR A 191 48.92 0.47 21.76
N GLY A 192 49.42 1.56 22.33
CA GLY A 192 50.17 1.51 23.59
C GLY A 192 49.50 0.72 24.70
N SER A 193 48.19 0.86 24.83
CA SER A 193 47.42 0.07 25.78
C SER A 193 47.37 -1.39 25.36
N ILE A 194 47.06 -1.63 24.08
CA ILE A 194 46.99 -2.99 23.53
C ILE A 194 48.29 -3.75 23.81
N ILE A 195 49.42 -3.17 23.43
CA ILE A 195 50.73 -3.77 23.77
C ILE A 195 50.85 -3.98 25.28
N SER A 196 50.64 -2.91 26.04
CA SER A 196 50.75 -2.97 27.50
C SER A 196 50.02 -4.14 28.13
N ALA A 197 48.83 -4.47 27.61
CA ALA A 197 48.10 -5.63 28.08
C ALA A 197 48.85 -6.92 27.67
N GLY A 198 48.96 -7.15 26.36
CA GLY A 198 49.68 -8.29 25.83
C GLY A 198 51.00 -8.55 26.53
N VAL A 199 51.96 -7.67 26.32
CA VAL A 199 53.15 -7.59 27.16
C VAL A 199 52.68 -7.16 28.55
N ASN A 200 52.42 -8.11 29.45
CA ASN A 200 51.80 -7.79 30.76
C ASN A 200 52.62 -6.80 31.59
N ALA A 201 52.48 -5.51 31.27
CA ALA A 201 53.39 -4.48 31.75
C ALA A 201 53.08 -4.07 33.17
N ASP A 202 54.05 -3.44 33.80
CA ASP A 202 53.91 -2.96 35.17
C ASP A 202 53.57 -1.47 35.16
N LEU A 203 54.04 -0.76 34.15
CA LEU A 203 53.68 0.65 33.93
C LEU A 203 53.57 0.99 32.44
N TYR A 204 52.71 1.95 32.13
CA TYR A 204 52.51 2.43 30.76
C TYR A 204 52.67 3.95 30.76
N GLU A 205 53.76 4.43 30.18
CA GLU A 205 54.06 5.84 30.15
C GLU A 205 53.54 6.42 28.85
N ASN A 206 52.59 7.35 28.96
CA ASN A 206 52.14 8.08 27.80
C ASN A 206 52.87 9.41 27.76
N TRP A 207 53.78 9.54 26.79
CA TRP A 207 54.69 10.69 26.75
C TRP A 207 54.18 11.79 25.88
N THR A 208 53.69 12.86 26.52
CA THR A 208 53.04 13.95 25.80
C THR A 208 53.95 15.15 25.85
N ASP A 209 53.41 16.33 25.60
CA ASP A 209 54.17 17.57 25.80
C ASP A 209 53.59 18.40 26.94
N VAL A 210 53.05 17.72 27.96
CA VAL A 210 52.53 18.34 29.16
C VAL A 210 52.72 17.43 30.36
N SER A 211 53.19 18.01 31.47
CA SER A 211 53.54 17.25 32.67
C SER A 211 52.30 16.90 33.47
N GLY A 212 51.49 15.98 32.93
CA GLY A 212 50.24 15.58 33.57
C GLY A 212 49.10 16.57 33.39
N PHE A 213 48.06 16.39 34.20
CA PHE A 213 46.91 17.30 34.24
C PHE A 213 46.98 18.22 35.45
N LEU A 214 46.31 19.37 35.36
CA LEU A 214 46.26 20.30 36.49
C LEU A 214 44.85 20.43 37.04
N MSE A 215 44.75 20.57 38.36
CA MSE A 215 43.46 20.77 39.03
C MSE A 215 42.55 21.75 38.30
O MSE A 215 41.35 21.48 38.13
CB MSE A 215 43.67 21.22 40.47
CG MSE A 215 43.59 20.09 41.49
SE MSE A 215 43.34 20.86 43.29
CE MSE A 215 43.50 19.26 44.42
N ALA A 216 43.10 22.87 37.84
CA ALA A 216 42.34 23.82 37.02
C ALA A 216 43.20 24.54 35.98
N ASP A 217 42.53 25.20 35.04
CA ASP A 217 43.18 25.92 33.96
C ASP A 217 44.16 26.95 34.49
N PRO A 218 45.46 26.80 34.18
CA PRO A 218 46.45 27.80 34.59
C PRO A 218 46.19 29.21 34.08
N ARG A 219 45.58 29.33 32.90
CA ARG A 219 45.11 30.62 32.42
C ARG A 219 44.32 31.36 33.51
N ILE A 220 43.55 30.60 34.30
CA ILE A 220 42.56 31.16 35.22
C ILE A 220 43.03 31.15 36.68
N VAL A 221 43.71 30.09 37.12
CA VAL A 221 44.18 30.01 38.50
C VAL A 221 45.71 29.87 38.48
N GLU A 222 46.40 30.82 39.09
CA GLU A 222 47.85 30.90 39.02
C GLU A 222 48.48 29.74 39.80
N ASN A 223 49.31 28.97 39.10
CA ASN A 223 50.01 27.81 39.66
C ASN A 223 49.09 26.80 40.34
N PRO A 224 48.22 26.16 39.55
CA PRO A 224 47.34 25.14 40.09
C PRO A 224 48.09 23.87 40.47
N LYS A 225 47.74 23.24 41.59
CA LYS A 225 48.31 21.94 41.95
C LYS A 225 48.16 20.93 40.82
N THR A 226 49.04 19.94 40.81
CA THR A 226 49.04 18.90 39.78
C THR A 226 48.24 17.71 40.27
N ILE A 227 47.55 17.04 39.34
CA ILE A 227 46.70 15.91 39.72
C ILE A 227 47.50 14.60 39.81
N SER A 228 48.17 14.35 40.93
CA SER A 228 49.05 13.19 41.03
C SER A 228 48.38 11.88 40.56
N LYS A 229 47.16 11.62 41.01
CA LYS A 229 46.42 10.40 40.65
C LYS A 229 45.00 10.75 40.23
N ILE A 230 44.51 10.10 39.18
CA ILE A 230 43.15 10.29 38.69
C ILE A 230 42.54 8.94 38.35
N SER A 231 41.32 8.69 38.79
CA SER A 231 40.64 7.45 38.47
C SER A 231 40.18 7.55 37.03
N TYR A 232 39.91 6.41 36.41
CA TYR A 232 39.36 6.38 35.04
C TYR A 232 38.05 7.16 34.96
N LYS A 233 37.20 6.97 35.98
CA LYS A 233 35.85 7.54 36.01
C LYS A 233 35.87 9.06 36.19
N GLU A 234 36.82 9.55 36.98
CA GLU A 234 37.07 10.98 37.09
C GLU A 234 37.52 11.51 35.75
N LEU A 235 38.61 10.95 35.22
CA LEU A 235 39.22 11.42 33.96
C LEU A 235 38.19 11.72 32.90
N ARG A 236 37.32 10.73 32.68
CA ARG A 236 36.22 10.88 31.74
C ARG A 236 35.41 12.11 32.13
N GLU A 237 34.94 12.08 33.37
CA GLU A 237 34.06 13.13 33.89
C GLU A 237 34.75 14.52 33.89
N LEU A 238 36.09 14.54 33.78
CA LEU A 238 36.84 15.78 33.65
C LEU A 238 37.33 16.01 32.22
N SER A 239 36.64 15.44 31.22
CA SER A 239 37.10 15.54 29.82
C SER A 239 37.19 16.96 29.26
N TYR A 240 36.61 17.95 29.94
CA TYR A 240 36.72 19.35 29.49
C TYR A 240 38.16 19.90 29.46
N MSE A 241 39.14 19.14 29.95
CA MSE A 241 40.53 19.62 30.03
C MSE A 241 41.27 19.64 28.71
O MSE A 241 40.89 18.99 27.73
CB MSE A 241 41.30 18.76 31.02
CG MSE A 241 40.83 18.97 32.45
SE MSE A 241 41.75 17.68 33.63
CE MSE A 241 42.21 19.03 34.99
N LEU A 246 44.30 12.54 27.76
CA LEU A 246 42.85 12.71 27.73
C LEU A 246 42.23 11.74 26.72
N HIS A 247 41.69 10.63 27.19
CA HIS A 247 41.06 9.64 26.31
C HIS A 247 40.25 8.61 27.05
N GLU A 248 39.41 7.87 26.31
CA GLU A 248 38.67 6.71 26.84
C GLU A 248 38.80 5.48 25.92
N GLU A 249 38.51 5.69 24.63
CA GLU A 249 38.66 4.63 23.62
C GLU A 249 40.12 4.16 23.47
N ALA A 250 41.06 4.94 24.00
CA ALA A 250 42.46 4.56 24.06
C ALA A 250 42.80 3.71 25.28
N ILE A 251 41.86 3.64 26.22
CA ILE A 251 42.14 3.19 27.58
C ILE A 251 41.48 1.87 27.96
N PHE A 252 40.54 1.38 27.15
CA PHE A 252 39.78 0.16 27.46
C PHE A 252 40.64 -1.00 27.99
N PRO A 253 41.62 -1.46 27.21
CA PRO A 253 42.35 -2.68 27.56
C PRO A 253 43.03 -2.62 28.92
N VAL A 254 43.61 -1.46 29.24
CA VAL A 254 44.32 -1.28 30.50
C VAL A 254 43.38 -1.20 31.70
N LYS A 255 42.09 -0.94 31.45
CA LYS A 255 41.07 -0.91 32.50
C LYS A 255 41.08 -2.19 33.33
N ASP A 256 40.91 -3.34 32.67
CA ASP A 256 40.87 -4.64 33.36
C ASP A 256 42.24 -5.06 33.90
N SER A 257 43.29 -4.58 33.27
CA SER A 257 44.64 -4.82 33.73
C SER A 257 44.85 -4.08 35.06
N GLY A 258 45.91 -4.44 35.77
CA GLY A 258 46.40 -3.57 36.83
C GLY A 258 47.02 -2.29 36.26
N ILE A 259 47.61 -2.40 35.06
CA ILE A 259 48.56 -1.42 34.54
C ILE A 259 48.09 0.05 34.67
N PRO A 260 48.80 0.83 35.50
CA PRO A 260 48.51 2.26 35.55
C PRO A 260 49.12 3.01 34.37
N ILE A 261 48.39 3.97 33.80
CA ILE A 261 48.95 4.85 32.80
C ILE A 261 49.55 6.03 33.53
N ASN A 262 50.60 6.61 32.96
CA ASN A 262 51.28 7.76 33.54
C ASN A 262 51.58 8.79 32.47
N ILE A 263 50.84 9.88 32.47
CA ILE A 263 51.05 10.92 31.47
C ILE A 263 52.29 11.70 31.86
N LYS A 264 53.17 11.92 30.90
CA LYS A 264 54.49 12.44 31.21
C LYS A 264 55.03 13.37 30.15
N ASN A 265 56.06 14.14 30.50
CA ASN A 265 56.50 15.24 29.66
C ASN A 265 57.85 15.04 28.96
N THR A 266 57.78 14.74 27.68
CA THR A 266 58.96 14.57 26.84
C THR A 266 59.97 15.71 26.98
N ASN A 267 59.49 16.94 27.13
CA ASN A 267 60.38 18.10 27.33
C ASN A 267 60.75 18.35 28.82
N LYS A 268 60.32 17.47 29.71
CA LYS A 268 60.57 17.61 31.15
C LYS A 268 60.38 16.24 31.83
N PRO A 269 61.26 15.29 31.51
CA PRO A 269 61.08 13.92 31.98
C PRO A 269 61.17 13.72 33.49
N SER A 270 61.74 14.68 34.21
CA SER A 270 61.85 14.59 35.66
C SER A 270 60.48 14.75 36.34
N ASP A 271 59.63 15.59 35.76
CA ASP A 271 58.28 15.80 36.28
C ASP A 271 57.54 14.46 36.45
N PRO A 272 56.96 14.23 37.64
CA PRO A 272 56.26 12.96 37.87
C PRO A 272 54.98 12.82 37.05
N GLY A 273 54.44 13.95 36.60
CA GLY A 273 53.21 13.97 35.80
C GLY A 273 52.03 13.49 36.61
N THR A 274 51.06 12.87 35.96
CA THR A 274 49.91 12.30 36.66
C THR A 274 49.74 10.85 36.27
N LEU A 275 48.87 10.16 36.99
CA LEU A 275 48.83 8.70 36.98
C LEU A 275 47.39 8.21 36.92
N ILE A 276 46.94 7.80 35.72
CA ILE A 276 45.56 7.36 35.54
C ILE A 276 45.41 5.98 36.15
N LEU A 277 44.63 5.89 37.22
CA LEU A 277 44.47 4.65 37.97
C LEU A 277 43.09 4.04 37.77
N SER A 278 43.00 2.75 38.09
CA SER A 278 41.73 2.07 38.23
C SER A 278 40.97 2.65 39.42
N ASP A 279 39.66 2.55 39.36
CA ASP A 279 38.83 3.07 40.43
C ASP A 279 39.13 2.32 41.71
N THR A 280 39.31 1.01 41.62
CA THR A 280 39.56 0.19 42.81
C THR A 280 40.97 0.43 43.40
N HIS A 281 41.91 0.85 42.57
CA HIS A 281 43.26 1.14 43.06
C HIS A 281 43.35 2.49 43.70
N LYS A 282 42.75 3.51 43.07
CA LYS A 282 42.81 4.87 43.62
C LYS A 282 42.10 5.02 44.98
N GLU A 283 42.78 5.67 45.92
CA GLU A 283 42.24 5.87 47.26
C GLU A 283 41.29 7.06 47.22
N ILE A 284 40.38 7.12 48.18
CA ILE A 284 39.36 8.16 48.27
C ILE A 284 39.64 9.14 49.43
N ASN A 285 39.91 10.41 49.08
CA ASN A 285 40.05 11.49 50.08
C ASN A 285 38.73 12.19 50.33
N LEU A 286 38.03 11.79 51.40
CA LEU A 286 36.71 12.35 51.70
C LEU A 286 36.78 13.86 51.94
N GLY A 287 35.85 14.60 51.32
CA GLY A 287 35.84 16.06 51.40
C GLY A 287 36.88 16.75 50.52
N THR A 288 37.33 16.08 49.46
CA THR A 288 38.29 16.66 48.51
C THR A 288 37.79 16.63 47.08
N ILE A 289 38.28 17.57 46.28
CA ILE A 289 38.03 17.64 44.85
C ILE A 289 39.23 17.02 44.16
N THR A 290 39.04 16.57 42.93
CA THR A 290 40.17 16.11 42.11
C THR A 290 40.54 17.12 41.03
N GLY A 291 39.55 17.78 40.45
CA GLY A 291 39.79 18.81 39.46
C GLY A 291 38.58 19.66 39.16
N ILE A 292 38.83 20.76 38.46
CA ILE A 292 37.81 21.70 38.06
C ILE A 292 38.05 22.02 36.58
N ALA A 293 37.05 21.80 35.72
CA ALA A 293 37.19 22.04 34.28
C ALA A 293 35.92 22.61 33.71
N GLY A 294 36.05 23.49 32.70
CA GLY A 294 34.90 24.19 32.13
C GLY A 294 34.92 24.36 30.62
N LYS A 295 34.01 25.19 30.11
CA LYS A 295 33.77 25.36 28.69
C LYS A 295 32.80 26.51 28.64
N LYS A 296 32.89 27.41 27.66
CA LYS A 296 32.23 28.71 27.87
C LYS A 296 31.41 29.40 26.78
N ASN A 297 30.82 28.65 25.86
CA ASN A 297 29.82 29.28 24.98
C ASN A 297 28.61 28.38 24.70
N PHE A 298 27.67 28.39 25.65
CA PHE A 298 26.39 27.66 25.51
C PHE A 298 25.22 28.62 25.59
N THR A 299 24.07 28.14 25.12
CA THR A 299 22.84 28.89 25.17
C THR A 299 21.76 27.97 25.68
N VAL A 300 20.90 28.49 26.56
CA VAL A 300 19.76 27.71 27.03
C VAL A 300 18.51 28.15 26.29
N ILE A 301 17.72 27.16 25.89
CA ILE A 301 16.45 27.38 25.21
C ILE A 301 15.36 27.00 26.19
N ALA A 302 14.62 27.99 26.67
CA ALA A 302 13.57 27.75 27.65
C ALA A 302 12.27 27.51 26.93
N ILE A 303 11.64 26.37 27.19
CA ILE A 303 10.36 26.05 26.58
C ILE A 303 9.36 25.76 27.68
N GLU A 304 8.17 26.35 27.56
CA GLU A 304 7.14 26.24 28.59
C GLU A 304 5.83 25.74 27.97
N LYS A 305 5.07 24.95 28.73
CA LYS A 305 3.79 24.42 28.25
C LYS A 305 2.88 24.01 29.40
N ALA A 306 1.57 24.16 29.17
CA ALA A 306 0.53 23.92 30.18
C ALA A 306 0.83 22.72 31.09
N LEU A 307 0.57 21.52 30.59
CA LEU A 307 0.82 20.28 31.34
C LEU A 307 1.85 19.45 30.58
N LEU A 308 3.02 20.03 30.37
CA LEU A 308 4.09 19.43 29.56
C LEU A 308 4.29 17.93 29.79
N ASN A 309 4.27 17.51 31.05
CA ASN A 309 4.60 16.12 31.42
C ASN A 309 3.48 15.10 31.13
N SER A 310 2.24 15.55 31.05
CA SER A 310 1.10 14.68 30.73
C SER A 310 0.92 14.46 29.22
N GLU A 311 1.73 15.17 28.43
CA GLU A 311 1.77 14.98 26.98
C GLU A 311 2.39 13.64 26.61
N VAL A 312 2.04 13.13 25.43
CA VAL A 312 2.59 11.87 24.95
C VAL A 312 4.01 12.08 24.44
N GLY A 313 5.00 11.83 25.31
CA GLY A 313 6.40 11.87 24.93
C GLY A 313 6.83 13.24 24.45
N PHE A 314 6.48 14.26 25.23
CA PHE A 314 6.74 15.64 24.87
C PHE A 314 8.22 15.85 24.58
N CYS A 315 9.08 15.44 25.51
CA CYS A 315 10.52 15.63 25.37
C CYS A 315 11.09 14.78 24.24
N ARG A 316 10.71 13.50 24.18
CA ARG A 316 11.11 12.62 23.08
C ARG A 316 10.96 13.35 21.76
N LYS A 317 9.77 13.87 21.52
CA LYS A 317 9.47 14.63 20.31
C LYS A 317 10.41 15.84 20.12
N ILE A 318 10.74 16.52 21.22
CA ILE A 318 11.57 17.73 21.13
C ILE A 318 12.99 17.44 20.70
N LEU A 319 13.61 16.43 21.31
CA LEU A 319 14.99 16.09 20.96
C LEU A 319 15.05 15.05 19.82
N SER A 320 13.91 14.53 19.40
CA SER A 320 13.80 13.86 18.10
C SER A 320 14.07 14.90 17.03
N ILE A 321 13.49 16.08 17.22
CA ILE A 321 13.69 17.20 16.32
C ILE A 321 15.14 17.64 16.38
N LEU A 322 15.72 17.60 17.58
CA LEU A 322 17.13 17.89 17.76
C LEU A 322 18.01 16.76 17.20
N GLU A 323 17.49 15.53 17.19
CA GLU A 323 18.17 14.39 16.59
C GLU A 323 18.27 14.52 15.06
N MSE A 324 17.25 15.09 14.43
CA MSE A 324 17.22 15.23 12.96
C MSE A 324 18.04 16.41 12.45
O MSE A 324 18.01 16.72 11.26
CB MSE A 324 15.78 15.31 12.43
CG MSE A 324 15.08 16.63 12.74
SE MSE A 324 14.34 17.47 11.11
CE MSE A 324 12.65 18.18 11.86
N TYR A 325 18.75 17.08 13.35
CA TYR A 325 19.76 18.06 12.94
C TYR A 325 21.09 17.65 13.56
N GLY A 326 22.15 18.40 13.23
CA GLY A 326 23.49 18.12 13.75
C GLY A 326 23.73 18.70 15.14
N VAL A 327 22.71 18.65 15.98
CA VAL A 327 22.75 19.30 17.30
C VAL A 327 22.82 18.30 18.47
N SER A 328 23.96 18.33 19.15
CA SER A 328 24.15 17.65 20.42
C SER A 328 23.95 18.66 21.53
N PHE A 329 23.26 18.24 22.58
CA PHE A 329 22.97 19.10 23.71
C PHE A 329 23.69 18.55 24.93
N GLU A 330 23.94 19.42 25.90
CA GLU A 330 24.70 19.06 27.10
C GLU A 330 23.79 18.69 28.29
N HIS A 331 22.69 19.44 28.50
CA HIS A 331 21.74 19.14 29.58
C HIS A 331 20.34 19.42 29.18
N MSE A 332 19.41 18.65 29.75
CA MSE A 332 17.98 18.87 29.55
C MSE A 332 17.30 19.00 30.89
O MSE A 332 16.86 17.99 31.47
CB MSE A 332 17.33 17.74 28.77
CG MSE A 332 15.80 17.84 28.75
SE MSE A 332 15.06 16.43 27.62
CE MSE A 332 15.62 17.34 25.96
N PRO A 333 17.23 20.24 31.42
CA PRO A 333 16.40 20.45 32.60
C PRO A 333 14.93 20.40 32.25
N SER A 334 14.14 19.76 33.09
CA SER A 334 12.70 19.64 32.85
C SER A 334 11.94 19.65 34.16
N GLY A 335 10.64 19.93 34.10
CA GLY A 335 9.82 19.88 35.31
C GLY A 335 8.43 20.48 35.23
N VAL A 336 7.45 19.75 35.77
CA VAL A 336 6.07 20.25 35.91
C VAL A 336 5.51 20.76 34.60
N ASP A 337 5.86 22.00 34.27
CA ASP A 337 5.35 22.63 33.06
C ASP A 337 6.43 23.46 32.36
N SER A 338 7.60 22.84 32.14
CA SER A 338 8.71 23.49 31.43
C SER A 338 9.83 22.52 31.05
N VAL A 339 10.62 22.92 30.06
CA VAL A 339 11.81 22.16 29.67
C VAL A 339 12.88 23.10 29.10
N SER A 340 14.13 22.77 29.37
CA SER A 340 15.25 23.55 28.88
C SER A 340 16.22 22.67 28.12
N LEU A 341 16.88 23.28 27.15
CA LEU A 341 17.89 22.62 26.35
C LEU A 341 19.15 23.48 26.40
N VAL A 342 20.24 22.89 26.88
CA VAL A 342 21.54 23.55 26.91
C VAL A 342 22.37 23.04 25.75
N ILE A 343 22.62 23.93 24.79
CA ILE A 343 23.29 23.57 23.53
C ILE A 343 24.47 24.49 23.29
N GLU A 344 25.62 23.91 22.95
CA GLU A 344 26.84 24.68 22.71
C GLU A 344 26.66 25.68 21.55
N ASP A 345 27.00 26.94 21.78
CA ASP A 345 26.77 28.02 20.80
C ASP A 345 27.12 27.65 19.37
N CYS A 346 28.32 27.07 19.20
CA CYS A 346 28.82 26.68 17.88
C CYS A 346 28.04 25.51 17.28
N LYS A 347 27.59 24.58 18.12
CA LYS A 347 26.80 23.43 17.67
C LYS A 347 25.39 23.88 17.23
N LEU A 348 24.97 25.03 17.75
CA LEU A 348 23.68 25.63 17.43
C LEU A 348 23.80 26.55 16.21
N ASP A 349 25.02 27.04 15.98
CA ASP A 349 25.31 28.01 14.91
C ASP A 349 24.54 27.73 13.64
N GLY A 350 23.66 28.67 13.25
CA GLY A 350 22.98 28.62 11.97
C GLY A 350 21.68 27.83 11.94
N LYS A 351 21.62 26.77 12.74
CA LYS A 351 20.45 25.89 12.75
C LYS A 351 19.33 26.42 13.65
N CYS A 352 19.63 27.44 14.46
CA CYS A 352 18.77 27.83 15.59
C CYS A 352 17.29 28.04 15.24
N ASP A 353 17.01 28.99 14.36
CA ASP A 353 15.63 29.38 14.04
C ASP A 353 14.82 28.27 13.38
N LYS A 354 15.47 27.46 12.55
CA LYS A 354 14.84 26.25 12.00
C LYS A 354 14.40 25.32 13.12
N ILE A 355 15.23 25.20 14.16
CA ILE A 355 14.92 24.34 15.30
C ILE A 355 13.73 24.90 16.08
N ILE A 356 13.73 26.21 16.31
CA ILE A 356 12.65 26.87 17.05
C ILE A 356 11.28 26.55 16.47
N GLU A 357 11.13 26.77 15.17
CA GLU A 357 9.87 26.50 14.48
C GLU A 357 9.48 25.03 14.61
N GLU A 358 10.34 24.14 14.14
CA GLU A 358 10.03 22.69 14.13
C GLU A 358 9.37 22.21 15.42
N ILE A 359 9.92 22.64 16.55
CA ILE A 359 9.36 22.29 17.86
C ILE A 359 8.13 23.15 18.18
N LYS A 360 8.15 24.41 17.76
CA LYS A 360 6.98 25.28 17.85
C LYS A 360 5.82 24.70 17.04
N LYS A 361 6.14 23.90 16.04
CA LYS A 361 5.17 23.28 15.15
C LYS A 361 4.58 22.01 15.78
N GLN A 362 5.43 21.02 16.06
CA GLN A 362 4.98 19.72 16.58
C GLN A 362 4.49 19.79 18.02
N CYS A 363 5.02 20.74 18.78
CA CYS A 363 4.62 20.91 20.17
C CYS A 363 3.74 22.13 20.35
N ASN A 364 3.19 22.26 21.55
CA ASN A 364 2.42 23.44 21.95
C ASN A 364 3.24 24.25 22.96
N PRO A 365 4.03 25.21 22.47
CA PRO A 365 4.78 25.99 23.43
C PRO A 365 4.04 27.28 23.73
N ASP A 366 3.60 27.41 24.98
CA ASP A 366 3.08 28.67 25.49
C ASP A 366 4.11 29.75 25.25
N SER A 367 5.37 29.40 25.49
CA SER A 367 6.47 30.34 25.47
C SER A 367 7.76 29.66 24.98
N ILE A 368 8.56 30.42 24.24
CA ILE A 368 9.92 30.03 23.93
C ILE A 368 10.81 31.26 24.07
N GLU A 369 11.86 31.13 24.87
CA GLU A 369 12.86 32.16 25.04
C GLU A 369 14.22 31.58 24.78
N ILE A 370 15.16 32.45 24.41
CA ILE A 370 16.54 32.05 24.16
C ILE A 370 17.43 32.88 25.09
N HIS A 371 18.06 32.20 26.04
CA HIS A 371 19.01 32.84 26.94
C HIS A 371 20.39 32.35 26.63
N PRO A 372 21.19 33.17 25.92
CA PRO A 372 22.55 32.78 25.62
C PRO A 372 23.53 33.27 26.69
N ASN A 373 24.82 33.06 26.44
CA ASN A 373 25.90 33.56 27.30
C ASN A 373 26.12 32.76 28.58
N MSE A 374 25.96 31.43 28.51
CA MSE A 374 26.15 30.57 29.68
C MSE A 374 27.38 29.72 29.50
O MSE A 374 27.59 29.14 28.43
CB MSE A 374 24.97 29.65 29.94
CG MSE A 374 24.84 29.31 31.43
SE MSE A 374 23.61 27.80 31.73
CE MSE A 374 22.03 28.53 30.80
N ALA A 375 28.18 29.63 30.55
CA ALA A 375 29.37 28.81 30.54
C ALA A 375 29.27 27.79 31.65
N LEU A 376 29.64 26.55 31.34
CA LEU A 376 29.51 25.44 32.28
C LEU A 376 30.83 25.21 33.04
N VAL A 377 30.69 24.82 34.30
CA VAL A 377 31.83 24.50 35.15
C VAL A 377 31.58 23.16 35.83
N ALA A 378 32.44 22.19 35.56
CA ALA A 378 32.28 20.84 36.08
C ALA A 378 33.33 20.66 37.12
N THR A 379 32.93 20.47 38.37
CA THR A 379 33.89 20.25 39.43
C THR A 379 33.76 18.79 39.86
N VAL A 380 34.90 18.08 39.93
CA VAL A 380 34.96 16.61 39.94
C VAL A 380 35.96 16.05 40.93
N GLY A 381 35.65 14.87 41.48
CA GLY A 381 36.55 14.16 42.37
C GLY A 381 35.80 13.07 43.10
N THR A 382 36.42 11.90 43.30
CA THR A 382 35.72 10.79 43.96
C THR A 382 35.48 11.11 45.45
N GLY A 383 36.30 12.01 45.99
CA GLY A 383 36.21 12.36 47.40
C GLY A 383 35.00 13.18 47.78
N MSE A 384 34.14 13.50 46.82
CA MSE A 384 32.86 14.15 47.11
C MSE A 384 31.76 13.14 46.87
O MSE A 384 30.73 13.46 46.31
CB MSE A 384 32.69 15.44 46.30
CG MSE A 384 33.13 15.38 44.84
SE MSE A 384 32.80 17.09 43.93
CE MSE A 384 32.75 16.26 42.17
N ALA A 385 31.99 11.92 47.31
CA ALA A 385 31.13 10.80 46.97
C ALA A 385 29.86 10.87 47.78
N LYS A 386 29.88 10.31 48.98
CA LYS A 386 28.73 10.33 49.88
C LYS A 386 28.92 11.41 50.94
N THR A 387 29.88 12.32 50.71
CA THR A 387 30.25 13.30 51.72
C THR A 387 29.22 14.43 51.80
N LYS A 388 28.85 14.84 53.01
CA LYS A 388 27.95 15.96 53.21
C LYS A 388 28.67 17.27 52.96
N GLY A 389 27.93 18.28 52.50
CA GLY A 389 28.42 19.65 52.44
C GLY A 389 29.27 20.04 51.23
N ILE A 390 29.52 19.12 50.31
CA ILE A 390 30.35 19.44 49.16
C ILE A 390 29.67 20.47 48.27
N ALA A 391 28.42 20.21 47.92
CA ALA A 391 27.60 21.22 47.28
C ALA A 391 27.71 22.50 48.09
N ASN A 392 27.37 22.39 49.36
CA ASN A 392 27.28 23.54 50.23
C ASN A 392 28.58 24.32 50.29
N LYS A 393 29.71 23.60 50.23
CA LYS A 393 31.04 24.25 50.25
C LYS A 393 31.27 25.03 48.96
N ILE A 394 30.95 24.39 47.84
CA ILE A 394 31.04 25.02 46.54
C ILE A 394 30.22 26.30 46.49
N PHE A 395 28.92 26.17 46.81
CA PHE A 395 27.99 27.27 46.57
C PHE A 395 28.09 28.42 47.56
N THR A 396 28.64 28.15 48.73
CA THR A 396 28.95 29.24 49.63
C THR A 396 30.05 30.06 49.01
N ALA A 397 31.03 29.37 48.40
CA ALA A 397 32.10 30.00 47.67
C ALA A 397 31.57 30.91 46.57
N LEU A 398 30.62 30.42 45.79
CA LEU A 398 30.05 31.21 44.70
C LEU A 398 29.20 32.37 45.20
N SER A 399 28.44 32.15 46.29
CA SER A 399 27.70 33.23 46.93
C SER A 399 28.67 34.35 47.30
N LYS A 400 29.65 34.01 48.16
CA LYS A 400 30.68 34.95 48.61
C LYS A 400 31.13 35.90 47.51
N GLU A 401 31.34 35.37 46.31
CA GLU A 401 31.97 36.13 45.24
C GLU A 401 30.97 36.76 44.27
N ASN A 402 29.69 36.76 44.59
CA ASN A 402 28.69 37.39 43.75
C ASN A 402 28.65 36.81 42.33
N VAL A 403 28.70 35.49 42.19
CA VAL A 403 28.50 34.86 40.88
C VAL A 403 27.09 34.29 40.76
N ASN A 404 26.27 34.87 39.89
CA ASN A 404 24.88 34.43 39.79
C ASN A 404 24.89 33.08 39.09
N ILE A 405 24.20 32.11 39.69
CA ILE A 405 24.14 30.75 39.16
C ILE A 405 22.90 30.62 38.32
N ARG A 406 23.06 30.22 37.06
CA ARG A 406 21.94 30.10 36.12
C ARG A 406 21.44 28.67 35.97
N MSE A 407 22.20 27.71 36.47
CA MSE A 407 21.83 26.30 36.40
C MSE A 407 22.67 25.54 37.38
O MSE A 407 23.87 25.79 37.48
CB MSE A 407 22.11 25.72 35.00
CG MSE A 407 21.49 24.33 34.77
SE MSE A 407 22.39 23.28 33.34
CE MSE A 407 24.19 23.03 34.11
N ILE A 408 22.06 24.62 38.11
CA ILE A 408 22.80 23.58 38.80
C ILE A 408 22.29 22.25 38.33
N ASP A 409 23.19 21.38 37.94
CA ASP A 409 22.84 20.03 37.53
C ASP A 409 23.78 19.05 38.18
N GLN A 410 23.25 18.19 39.05
CA GLN A 410 24.02 17.07 39.57
C GLN A 410 23.08 15.94 39.92
N GLY A 411 23.50 14.72 39.57
CA GLY A 411 22.63 13.55 39.66
C GLY A 411 23.01 12.45 38.68
N SER A 412 23.67 12.82 37.59
CA SER A 412 24.22 11.86 36.64
C SER A 412 25.39 11.08 37.22
N SER A 413 26.07 11.64 38.21
CA SER A 413 27.23 11.00 38.83
C SER A 413 27.44 11.49 40.25
N GLU A 414 27.87 10.60 41.13
CA GLU A 414 28.16 10.95 42.52
C GLU A 414 29.37 11.88 42.64
N ILE A 415 30.25 11.85 41.64
CA ILE A 415 31.55 12.48 41.74
C ILE A 415 31.69 13.70 40.82
N ASN A 416 30.58 14.40 40.59
CA ASN A 416 30.56 15.56 39.69
C ASN A 416 29.36 16.47 39.91
N VAL A 417 29.62 17.75 40.16
CA VAL A 417 28.58 18.78 40.17
C VAL A 417 28.85 19.75 39.02
N ILE A 418 27.80 20.15 38.32
CA ILE A 418 27.96 21.05 37.18
C ILE A 418 27.15 22.32 37.40
N VAL A 419 27.84 23.44 37.45
CA VAL A 419 27.21 24.72 37.63
C VAL A 419 27.19 25.38 36.28
N GLY A 420 26.18 26.23 36.06
CA GLY A 420 26.11 27.06 34.88
C GLY A 420 26.11 28.50 35.33
N VAL A 421 27.09 29.27 34.85
CA VAL A 421 27.20 30.69 35.17
C VAL A 421 27.20 31.56 33.91
N GLU A 422 26.86 32.83 34.07
CA GLU A 422 26.96 33.79 32.97
C GLU A 422 28.42 33.82 32.53
N THR A 423 28.64 33.75 31.22
CA THR A 423 29.99 33.55 30.68
C THR A 423 31.00 34.55 31.24
N VAL A 424 30.57 35.76 31.55
CA VAL A 424 31.45 36.75 32.18
C VAL A 424 32.01 36.24 33.51
N ASP A 425 31.23 35.51 34.28
CA ASP A 425 31.68 35.04 35.59
C ASP A 425 32.48 33.73 35.57
N PHE A 426 32.76 33.20 34.38
CA PHE A 426 33.44 31.90 34.27
C PHE A 426 34.74 31.83 35.07
N GLU A 427 35.68 32.71 34.77
CA GLU A 427 36.98 32.68 35.43
C GLU A 427 36.83 32.88 36.94
N LYS A 428 36.02 33.85 37.32
CA LYS A 428 35.76 34.16 38.72
C LYS A 428 35.27 32.92 39.45
N ALA A 429 34.29 32.23 38.87
CA ALA A 429 33.71 31.01 39.43
C ALA A 429 34.78 29.94 39.60
N VAL A 430 35.48 29.63 38.51
CA VAL A 430 36.49 28.59 38.51
C VAL A 430 37.50 28.86 39.62
N LYS A 431 38.01 30.09 39.65
CA LYS A 431 38.96 30.51 40.68
C LYS A 431 38.39 30.24 42.09
N SER A 432 37.15 30.68 42.32
CA SER A 432 36.48 30.55 43.64
C SER A 432 36.42 29.14 44.19
N ILE A 433 36.06 28.21 43.32
CA ILE A 433 35.84 26.81 43.71
C ILE A 433 37.16 26.20 44.13
N TYR A 434 38.17 26.40 43.29
CA TYR A 434 39.54 25.99 43.59
C TYR A 434 39.99 26.52 44.95
N ASN A 435 39.83 27.82 45.18
CA ASN A 435 40.20 28.43 46.46
C ASN A 435 39.47 27.80 47.65
N ALA A 436 38.19 27.49 47.44
CA ALA A 436 37.39 26.91 48.50
C ALA A 436 38.01 25.60 48.97
N PHE A 437 38.45 24.77 48.04
CA PHE A 437 39.02 23.48 48.38
C PHE A 437 40.54 23.51 48.55
N ASN A 438 41.18 24.63 48.21
CA ASN A 438 42.56 24.87 48.57
C ASN A 438 42.64 26.07 49.51
N LEU B 2 -22.52 45.55 44.90
CA LEU B 2 -21.33 45.21 45.74
C LEU B 2 -20.56 44.06 45.09
N LYS B 3 -19.55 43.52 45.78
CA LYS B 3 -18.77 42.39 45.28
C LYS B 3 -19.67 41.18 44.91
N ILE B 4 -19.23 40.41 43.92
CA ILE B 4 -19.91 39.19 43.46
C ILE B 4 -19.02 37.98 43.73
N VAL B 5 -19.26 37.30 44.84
CA VAL B 5 -18.54 36.06 45.16
C VAL B 5 -19.36 34.90 44.67
N VAL B 6 -18.68 33.86 44.23
CA VAL B 6 -19.30 32.64 43.73
C VAL B 6 -18.75 31.49 44.54
N THR B 7 -19.61 30.60 45.02
CA THR B 7 -19.19 29.58 45.96
C THR B 7 -19.40 28.19 45.39
N LYS B 8 -18.44 27.30 45.66
CA LYS B 8 -18.64 25.88 45.39
C LYS B 8 -18.45 25.10 46.66
N PHE B 9 -19.25 24.04 46.82
CA PHE B 9 -19.14 23.14 47.95
C PHE B 9 -18.99 21.71 47.48
N GLY B 10 -18.05 20.99 48.08
CA GLY B 10 -17.70 19.64 47.67
C GLY B 10 -18.48 18.60 48.42
N GLY B 11 -18.19 17.34 48.13
CA GLY B 11 -18.92 16.20 48.71
C GLY B 11 -18.92 16.18 50.21
N SER B 12 -17.77 16.47 50.80
CA SER B 12 -17.66 16.52 52.26
C SER B 12 -18.51 17.65 52.85
N SER B 13 -18.70 18.73 52.08
CA SER B 13 -19.56 19.85 52.50
C SER B 13 -21.07 19.59 52.31
N LEU B 14 -21.41 18.49 51.64
CA LEU B 14 -22.80 18.11 51.50
C LEU B 14 -22.97 16.61 51.75
N ALA B 15 -22.25 16.06 52.70
CA ALA B 15 -22.32 14.61 52.96
C ALA B 15 -23.66 14.22 53.62
N ASP B 16 -24.22 15.14 54.41
CA ASP B 16 -25.46 14.89 55.12
C ASP B 16 -26.12 16.21 55.54
N SER B 17 -27.21 16.11 56.31
CA SER B 17 -28.04 17.26 56.62
C SER B 17 -27.26 18.30 57.42
N ASN B 18 -26.42 17.83 58.33
CA ASN B 18 -25.64 18.75 59.18
C ASN B 18 -24.73 19.64 58.34
N GLN B 19 -24.05 19.06 57.36
CA GLN B 19 -23.16 19.83 56.52
C GLN B 19 -23.91 20.89 55.75
N PHE B 20 -25.08 20.53 55.24
CA PHE B 20 -25.95 21.48 54.56
C PHE B 20 -26.23 22.70 55.43
N LYS B 21 -26.45 22.49 56.73
CA LYS B 21 -26.68 23.62 57.63
C LYS B 21 -25.44 24.49 57.62
N LYS B 22 -24.27 23.87 57.55
CA LYS B 22 -23.02 24.62 57.50
C LYS B 22 -22.98 25.44 56.23
N VAL B 23 -23.44 24.85 55.14
CA VAL B 23 -23.47 25.55 53.87
C VAL B 23 -24.43 26.73 53.92
N LYS B 24 -25.63 26.52 54.45
CA LYS B 24 -26.57 27.63 54.61
C LYS B 24 -25.92 28.72 55.46
N GLY B 25 -25.26 28.33 56.54
CA GLY B 25 -24.63 29.28 57.42
C GLY B 25 -23.65 30.15 56.68
N ILE B 26 -22.81 29.51 55.86
CA ILE B 26 -21.80 30.21 55.11
C ILE B 26 -22.43 31.14 54.09
N ILE B 27 -23.54 30.73 53.50
CA ILE B 27 -24.15 31.53 52.44
C ILE B 27 -24.86 32.76 52.99
N ASP B 28 -25.69 32.62 54.01
CA ASP B 28 -26.34 33.82 54.52
C ASP B 28 -25.51 34.60 55.55
N SER B 29 -24.26 34.16 55.79
CA SER B 29 -23.32 34.97 56.57
C SER B 29 -22.64 36.06 55.73
N ASP B 30 -22.87 36.05 54.42
CA ASP B 30 -22.31 37.06 53.52
C ASP B 30 -23.16 37.24 52.27
N ALA B 31 -23.85 38.37 52.19
CA ALA B 31 -24.79 38.63 51.09
C ALA B 31 -24.15 38.59 49.70
N ASN B 32 -22.83 38.73 49.61
CA ASN B 32 -22.15 38.71 48.32
C ASN B 32 -21.98 37.30 47.75
N ARG B 33 -22.30 36.28 48.55
CA ARG B 33 -22.26 34.90 48.07
C ARG B 33 -23.52 34.63 47.26
N LYS B 34 -23.52 35.14 46.04
CA LYS B 34 -24.68 35.12 45.17
C LYS B 34 -24.87 33.76 44.46
N TYR B 35 -23.78 33.14 44.00
CA TYR B 35 -23.87 31.92 43.19
C TYR B 35 -23.26 30.68 43.81
N ILE B 36 -23.98 29.56 43.75
CA ILE B 36 -23.66 28.36 44.51
C ILE B 36 -23.57 27.14 43.61
N ILE B 37 -22.44 26.44 43.65
CA ILE B 37 -22.23 25.26 42.83
C ILE B 37 -21.97 24.06 43.72
N PRO B 38 -22.87 23.05 43.70
CA PRO B 38 -22.75 21.86 44.55
C PRO B 38 -22.17 20.64 43.88
N SER B 39 -21.45 19.84 44.66
CA SER B 39 -21.07 18.50 44.28
C SER B 39 -22.17 17.56 44.74
N ALA B 40 -21.95 16.26 44.58
CA ALA B 40 -22.90 15.25 45.05
C ALA B 40 -22.47 14.81 46.42
N PRO B 41 -23.38 14.24 47.22
CA PRO B 41 -23.03 13.90 48.58
C PRO B 41 -21.82 12.98 48.71
N GLY B 42 -20.85 13.42 49.49
CA GLY B 42 -19.66 12.65 49.77
C GLY B 42 -19.96 11.48 50.68
N LYS B 43 -19.03 10.53 50.74
CA LYS B 43 -19.19 9.37 51.60
C LYS B 43 -19.04 9.89 53.03
N ARG B 44 -19.84 9.35 53.93
CA ARG B 44 -19.82 9.81 55.32
C ARG B 44 -18.97 8.91 56.19
N THR B 45 -18.62 7.72 55.68
CA THR B 45 -17.63 6.83 56.28
C THR B 45 -16.92 6.08 55.17
N ASN B 46 -15.74 5.55 55.46
CA ASN B 46 -14.95 4.79 54.47
C ASN B 46 -15.79 3.79 53.68
N LYS B 47 -16.38 2.83 54.38
CA LYS B 47 -17.14 1.77 53.72
C LYS B 47 -18.52 2.19 53.22
N ASP B 48 -18.84 3.48 53.32
CA ASP B 48 -20.11 4.00 52.78
C ASP B 48 -20.07 3.95 51.26
N TYR B 49 -21.24 3.69 50.67
CA TYR B 49 -21.41 3.74 49.22
C TYR B 49 -21.48 5.21 48.78
N LYS B 50 -21.00 5.49 47.57
CA LYS B 50 -20.98 6.84 47.02
C LYS B 50 -22.09 6.97 45.98
N ILE B 51 -22.86 8.05 46.07
CA ILE B 51 -24.03 8.20 45.19
C ILE B 51 -23.68 8.03 43.72
N THR B 52 -22.84 8.92 43.19
CA THR B 52 -22.52 8.91 41.78
C THR B 52 -22.19 7.52 41.28
N ASP B 53 -21.44 6.76 42.07
CA ASP B 53 -21.13 5.39 41.69
C ASP B 53 -22.41 4.57 41.58
N LEU B 54 -23.29 4.70 42.58
CA LEU B 54 -24.55 3.96 42.59
C LEU B 54 -25.43 4.34 41.41
N LEU B 55 -25.43 5.64 41.07
CA LEU B 55 -26.11 6.08 39.86
C LEU B 55 -25.59 5.27 38.65
N TYR B 56 -24.30 5.38 38.33
CA TYR B 56 -23.71 4.59 37.25
C TYR B 56 -24.22 3.16 37.29
N LEU B 57 -24.27 2.56 38.48
CA LEU B 57 -24.68 1.17 38.60
C LEU B 57 -26.11 0.96 38.11
N CYS B 58 -27.00 1.91 38.38
CA CYS B 58 -28.35 1.82 37.83
C CYS B 58 -28.29 1.70 36.32
N ASN B 59 -27.55 2.62 35.68
CA ASN B 59 -27.33 2.62 34.24
C ASN B 59 -26.85 1.25 33.77
N ALA B 60 -26.03 0.59 34.60
CA ALA B 60 -25.56 -0.76 34.30
C ALA B 60 -26.72 -1.74 34.25
N HIS B 61 -27.68 -1.61 35.18
CA HIS B 61 -28.85 -2.46 35.14
C HIS B 61 -29.61 -2.25 33.86
N VAL B 62 -29.76 -0.98 33.47
CA VAL B 62 -30.49 -0.63 32.26
C VAL B 62 -29.80 -1.19 31.00
N LYS B 63 -28.48 -1.07 30.93
CA LYS B 63 -27.72 -1.73 29.87
C LYS B 63 -27.96 -3.22 29.90
N ASN B 64 -28.18 -3.77 31.09
CA ASN B 64 -28.27 -5.21 31.25
C ASN B 64 -29.69 -5.74 31.22
N GLY B 65 -30.66 -4.85 31.02
CA GLY B 65 -32.07 -5.24 30.94
C GLY B 65 -32.64 -5.74 32.25
N ILE B 66 -32.32 -5.07 33.35
CA ILE B 66 -32.88 -5.38 34.66
C ILE B 66 -33.43 -4.10 35.29
N PRO B 67 -34.40 -4.23 36.20
CA PRO B 67 -34.72 -3.11 37.08
C PRO B 67 -33.57 -2.83 38.03
N PHE B 68 -33.59 -1.67 38.67
CA PHE B 68 -32.57 -1.32 39.65
C PHE B 68 -33.24 -0.80 40.92
N ASP B 69 -34.38 -1.39 41.26
CA ASP B 69 -35.22 -0.86 42.34
C ASP B 69 -34.50 -0.93 43.69
N ASP B 70 -33.83 -2.04 43.94
CA ASP B 70 -33.03 -2.19 45.17
C ASP B 70 -31.98 -1.10 45.31
N VAL B 71 -31.34 -0.72 44.19
CA VAL B 71 -30.29 0.31 44.18
C VAL B 71 -30.88 1.69 44.41
N PHE B 72 -31.89 2.03 43.63
CA PHE B 72 -32.49 3.35 43.71
C PHE B 72 -33.17 3.63 45.05
N LYS B 73 -33.51 2.59 45.81
CA LYS B 73 -33.98 2.76 47.18
C LYS B 73 -32.97 3.62 47.92
N LEU B 74 -31.73 3.15 47.93
CA LEU B 74 -30.67 3.77 48.70
C LEU B 74 -30.45 5.22 48.28
N ILE B 75 -30.61 5.51 46.99
CA ILE B 75 -30.45 6.88 46.52
C ILE B 75 -31.56 7.73 47.09
N SER B 76 -32.79 7.33 46.85
CA SER B 76 -33.92 8.11 47.34
C SER B 76 -33.85 8.15 48.86
N GLN B 77 -33.50 7.01 49.46
CA GLN B 77 -33.30 6.93 50.89
C GLN B 77 -32.31 8.00 51.36
N ARG B 78 -31.18 8.10 50.64
CA ARG B 78 -30.16 9.09 50.96
C ARG B 78 -30.70 10.49 50.89
N TYR B 79 -31.41 10.77 49.80
CA TYR B 79 -31.90 12.13 49.55
C TYR B 79 -33.17 12.48 50.34
N THR B 80 -34.00 11.50 50.69
CA THR B 80 -35.20 11.85 51.45
C THR B 80 -34.83 12.12 52.90
N GLU B 81 -33.89 11.37 53.45
CA GLU B 81 -33.42 11.65 54.82
C GLU B 81 -32.89 13.07 54.94
N ILE B 82 -32.22 13.54 53.90
CA ILE B 82 -31.58 14.86 53.91
C ILE B 82 -32.60 15.98 53.92
N VAL B 83 -33.54 15.92 52.98
CA VAL B 83 -34.56 16.97 52.84
C VAL B 83 -35.57 16.87 54.00
N SER B 84 -35.68 15.69 54.58
CA SER B 84 -36.50 15.48 55.75
C SER B 84 -35.88 16.13 56.98
N GLU B 85 -34.66 15.71 57.31
CA GLU B 85 -33.92 16.25 58.44
C GLU B 85 -33.77 17.76 58.37
N LEU B 86 -33.62 18.29 57.16
CA LEU B 86 -33.59 19.75 56.96
C LEU B 86 -34.99 20.33 57.00
N ASN B 87 -35.99 19.47 56.85
CA ASN B 87 -37.38 19.85 57.01
C ASN B 87 -37.77 20.90 55.96
N ILE B 88 -37.37 20.64 54.72
CA ILE B 88 -37.53 21.59 53.63
C ILE B 88 -38.88 21.42 52.97
N ASP B 89 -39.48 22.53 52.54
CA ASP B 89 -40.84 22.52 52.01
C ASP B 89 -40.88 22.15 50.53
N MSE B 90 -40.64 20.88 50.25
CA MSE B 90 -40.62 20.40 48.88
C MSE B 90 -40.90 18.93 48.85
O MSE B 90 -40.88 18.26 49.89
CB MSE B 90 -39.28 20.66 48.21
CG MSE B 90 -38.26 19.57 48.52
SE MSE B 90 -36.52 20.07 47.79
CE MSE B 90 -37.06 20.63 45.97
N ASP B 91 -41.13 18.41 47.63
CA ASP B 91 -41.37 17.00 47.41
C ASP B 91 -40.27 16.42 46.53
N ILE B 92 -39.22 15.94 47.17
CA ILE B 92 -38.04 15.43 46.46
C ILE B 92 -38.36 14.21 45.59
N ALA B 93 -39.36 13.44 45.99
CA ALA B 93 -39.76 12.26 45.23
C ALA B 93 -40.13 12.63 43.79
N TYR B 94 -40.82 13.75 43.62
CA TYR B 94 -41.14 14.25 42.27
C TYR B 94 -39.88 14.26 41.40
N TYR B 95 -38.75 14.62 42.00
CA TYR B 95 -37.48 14.69 41.30
C TYR B 95 -36.85 13.31 41.17
N LEU B 96 -36.68 12.63 42.30
CA LEU B 96 -36.18 11.26 42.28
C LEU B 96 -36.97 10.39 41.32
N GLU B 97 -38.28 10.29 41.55
CA GLU B 97 -39.17 9.46 40.72
C GLU B 97 -38.99 9.71 39.22
N LYS B 98 -38.79 10.96 38.84
CA LYS B 98 -38.58 11.33 37.44
C LYS B 98 -37.23 10.87 36.93
N VAL B 99 -36.21 11.03 37.76
CA VAL B 99 -34.88 10.54 37.44
C VAL B 99 -34.89 9.03 37.24
N LYS B 100 -35.52 8.30 38.17
CA LYS B 100 -35.54 6.85 38.05
C LYS B 100 -36.08 6.50 36.67
N LYS B 101 -37.24 7.05 36.34
CA LYS B 101 -37.90 6.73 35.09
C LYS B 101 -37.00 7.00 33.90
N ASN B 102 -36.52 8.26 33.78
CA ASN B 102 -35.60 8.63 32.71
C ASN B 102 -34.51 7.59 32.47
N ILE B 103 -33.92 7.11 33.56
CA ILE B 103 -32.82 6.14 33.48
C ILE B 103 -33.32 4.82 32.90
N GLU B 104 -34.38 4.27 33.47
CA GLU B 104 -34.92 3.00 32.98
C GLU B 104 -35.66 3.12 31.63
N ASN B 105 -35.84 4.36 31.14
CA ASN B 105 -36.26 4.59 29.75
C ASN B 105 -35.07 5.01 28.89
N GLY B 106 -33.89 4.52 29.25
CA GLY B 106 -32.75 4.54 28.35
C GLY B 106 -31.96 5.84 28.33
N ALA B 107 -31.83 6.49 29.48
CA ALA B 107 -30.99 7.68 29.59
C ALA B 107 -29.52 7.30 29.55
N SER B 108 -28.68 8.20 29.06
CA SER B 108 -27.23 7.95 28.93
C SER B 108 -26.57 7.82 30.28
N SER B 109 -25.39 7.20 30.30
CA SER B 109 -24.60 7.16 31.52
C SER B 109 -24.39 8.58 32.01
N ASP B 110 -23.94 9.45 31.12
CA ASP B 110 -23.68 10.85 31.48
C ASP B 110 -24.88 11.48 32.21
N TYR B 111 -26.08 11.28 31.67
CA TYR B 111 -27.28 11.72 32.35
C TYR B 111 -27.36 11.06 33.74
N ALA B 112 -27.28 9.75 33.76
CA ALA B 112 -27.36 8.97 34.99
C ALA B 112 -26.51 9.58 36.10
N ALA B 113 -25.19 9.62 35.88
CA ALA B 113 -24.24 9.98 36.94
C ALA B 113 -24.30 11.46 37.33
N SER B 114 -24.75 12.30 36.40
CA SER B 114 -24.83 13.73 36.66
C SER B 114 -25.96 14.12 37.61
N ARG B 115 -26.88 13.19 37.90
CA ARG B 115 -28.05 13.49 38.72
C ARG B 115 -27.75 13.67 40.21
N GLY B 116 -26.60 13.18 40.66
CA GLY B 116 -26.15 13.47 42.03
C GLY B 116 -26.04 14.96 42.30
N GLU B 117 -25.50 15.69 41.31
CA GLU B 117 -25.24 17.12 41.45
C GLU B 117 -26.54 17.86 41.25
N TYR B 118 -27.27 17.48 40.21
CA TYR B 118 -28.62 17.99 39.94
C TYR B 118 -29.54 17.96 41.17
N LEU B 119 -29.63 16.81 41.83
CA LEU B 119 -30.54 16.70 42.97
C LEU B 119 -30.12 17.64 44.10
N ASN B 120 -28.83 17.64 44.43
CA ASN B 120 -28.30 18.62 45.38
C ASN B 120 -28.61 20.04 44.95
N GLY B 121 -28.55 20.27 43.64
CA GLY B 121 -28.84 21.58 43.11
C GLY B 121 -30.25 22.00 43.42
N VAL B 122 -31.20 21.13 43.13
CA VAL B 122 -32.62 21.47 43.28
C VAL B 122 -32.99 21.63 44.75
N ILE B 123 -32.36 20.82 45.60
CA ILE B 123 -32.56 20.90 47.05
C ILE B 123 -32.03 22.21 47.60
N LEU B 124 -30.80 22.55 47.19
CA LEU B 124 -30.16 23.76 47.65
C LEU B 124 -30.86 25.03 47.19
N ALA B 125 -31.40 25.03 45.99
CA ALA B 125 -32.12 26.20 45.51
C ALA B 125 -33.29 26.48 46.44
N LYS B 126 -33.96 25.44 46.89
CA LYS B 126 -35.09 25.59 47.80
C LYS B 126 -34.58 26.01 49.16
N TYR B 127 -33.61 25.26 49.67
CA TYR B 127 -33.11 25.43 51.03
C TYR B 127 -32.46 26.78 51.27
N LEU B 128 -31.85 27.32 50.22
CA LEU B 128 -31.16 28.61 50.29
C LEU B 128 -31.96 29.72 49.61
N ASN B 129 -33.19 29.40 49.22
CA ASN B 129 -34.07 30.38 48.61
C ASN B 129 -33.39 31.11 47.46
N ALA B 130 -32.89 30.32 46.51
CA ALA B 130 -32.15 30.79 45.35
C ALA B 130 -32.76 30.18 44.08
N GLU B 131 -32.63 30.88 42.96
CA GLU B 131 -33.14 30.37 41.69
C GLU B 131 -32.35 29.16 41.20
N PHE B 132 -33.04 28.07 40.90
CA PHE B 132 -32.39 26.90 40.35
C PHE B 132 -32.19 27.08 38.86
N ILE B 133 -30.96 26.88 38.42
CA ILE B 133 -30.61 26.98 37.01
C ILE B 133 -29.84 25.73 36.59
N ASP B 134 -30.49 24.84 35.84
CA ASP B 134 -29.85 23.62 35.39
C ASP B 134 -28.57 23.97 34.63
N ALA B 135 -27.57 23.11 34.76
CA ALA B 135 -26.29 23.28 34.08
C ALA B 135 -26.50 23.20 32.58
N ALA B 136 -27.33 22.25 32.16
CA ALA B 136 -27.56 21.96 30.73
C ALA B 136 -28.08 23.16 29.97
N GLU B 137 -28.60 24.15 30.69
CA GLU B 137 -29.07 25.40 30.09
C GLU B 137 -27.98 26.46 29.89
N VAL B 138 -26.90 26.34 30.65
CA VAL B 138 -25.95 27.44 30.77
C VAL B 138 -24.48 27.08 30.41
N ILE B 139 -24.15 25.79 30.44
CA ILE B 139 -22.83 25.30 30.07
C ILE B 139 -22.95 24.42 28.83
N PHE B 140 -22.11 24.67 27.82
CA PHE B 140 -22.20 23.96 26.55
C PHE B 140 -20.86 23.42 26.02
N PHE B 141 -20.92 22.26 25.37
CA PHE B 141 -19.77 21.65 24.71
C PHE B 141 -19.93 21.77 23.19
N ASP B 142 -18.91 21.35 22.45
CA ASP B 142 -18.91 21.45 20.98
C ASP B 142 -18.79 20.06 20.31
N LYS B 143 -18.55 20.06 19.00
CA LYS B 143 -18.58 18.83 18.20
C LYS B 143 -17.56 17.78 18.66
N SER B 144 -16.33 18.21 18.90
CA SER B 144 -15.28 17.31 19.40
C SER B 144 -15.64 16.77 20.78
N GLY B 145 -16.21 17.66 21.59
CA GLY B 145 -16.49 17.41 23.00
C GLY B 145 -15.83 18.40 23.94
N CYS B 146 -15.36 19.52 23.40
CA CYS B 146 -14.66 20.51 24.20
C CYS B 146 -15.60 21.61 24.68
N PHE B 147 -15.21 22.29 25.74
CA PHE B 147 -16.04 23.32 26.36
C PHE B 147 -16.16 24.55 25.47
N ASP B 148 -17.37 24.81 24.97
CA ASP B 148 -17.63 26.02 24.19
C ASP B 148 -17.66 27.25 25.12
N GLU B 149 -16.61 28.07 25.04
CA GLU B 149 -16.45 29.18 25.96
C GLU B 149 -17.41 30.31 25.62
N LYS B 150 -17.26 30.87 24.43
CA LYS B 150 -17.97 32.09 24.04
C LYS B 150 -19.48 31.98 24.22
N LYS B 151 -20.04 30.80 23.98
CA LYS B 151 -21.49 30.58 24.13
C LYS B 151 -21.90 30.48 25.59
N SER B 152 -21.26 29.57 26.32
CA SER B 152 -21.59 29.32 27.71
C SER B 152 -21.70 30.63 28.49
N TYR B 153 -20.66 31.44 28.41
CA TYR B 153 -20.58 32.70 29.15
C TYR B 153 -21.71 33.65 28.74
N GLU B 154 -21.90 33.81 27.44
CA GLU B 154 -23.03 34.60 26.94
C GLU B 154 -24.31 34.17 27.64
N LYS B 155 -24.52 32.84 27.70
CA LYS B 155 -25.69 32.27 28.37
C LYS B 155 -25.66 32.56 29.87
N ILE B 156 -24.51 32.34 30.50
CA ILE B 156 -24.34 32.64 31.92
C ILE B 156 -24.74 34.07 32.25
N LYS B 157 -24.24 35.01 31.46
CA LYS B 157 -24.58 36.42 31.65
C LYS B 157 -26.09 36.64 31.51
N GLU B 158 -26.69 35.94 30.55
CA GLU B 158 -28.11 36.06 30.27
C GLU B 158 -28.91 35.44 31.42
N LYS B 159 -28.57 34.22 31.78
CA LYS B 159 -29.37 33.43 32.73
C LYS B 159 -28.95 33.56 34.20
N VAL B 160 -27.65 33.70 34.46
CA VAL B 160 -27.15 33.61 35.85
C VAL B 160 -26.92 34.96 36.52
N LEU B 161 -26.19 35.88 35.89
CA LEU B 161 -25.94 37.17 36.54
C LEU B 161 -27.19 38.06 36.57
N SER B 162 -28.23 37.65 35.84
CA SER B 162 -29.54 38.28 35.93
C SER B 162 -30.36 37.78 37.13
N CYS B 163 -29.83 36.83 37.91
CA CYS B 163 -30.46 36.43 39.17
C CYS B 163 -29.71 37.07 40.32
N ASN B 164 -30.44 37.40 41.38
CA ASN B 164 -29.87 37.88 42.63
C ASN B 164 -29.06 36.77 43.30
N LYS B 165 -29.70 35.63 43.49
CA LYS B 165 -29.07 34.46 44.11
C LYS B 165 -29.48 33.24 43.28
N ALA B 166 -28.50 32.43 42.87
CA ALA B 166 -28.79 31.30 42.00
C ALA B 166 -27.92 30.08 42.31
N VAL B 167 -28.55 28.91 42.38
CA VAL B 167 -27.82 27.64 42.47
C VAL B 167 -27.64 27.10 41.07
N ILE B 168 -26.47 26.51 40.80
CA ILE B 168 -26.14 25.97 39.49
C ILE B 168 -25.41 24.66 39.70
N PRO B 169 -26.05 23.53 39.32
CA PRO B 169 -25.47 22.23 39.63
C PRO B 169 -24.17 22.06 38.87
N GLY B 170 -23.37 21.08 39.27
CA GLY B 170 -21.95 21.14 38.99
C GLY B 170 -21.47 20.52 37.71
N PHE B 171 -21.53 19.20 37.68
CA PHE B 171 -20.46 18.40 37.06
C PHE B 171 -20.69 18.09 35.58
N TYR B 172 -21.56 18.87 34.93
CA TYR B 172 -22.00 18.54 33.59
C TYR B 172 -22.51 19.76 32.83
N GLY B 173 -22.86 19.53 31.57
CA GLY B 173 -23.45 20.56 30.68
C GLY B 173 -24.09 19.87 29.49
N SER B 174 -24.42 20.63 28.45
CA SER B 174 -25.06 20.03 27.28
C SER B 174 -24.04 19.79 26.17
N SER B 175 -24.15 18.63 25.51
CA SER B 175 -23.32 18.32 24.35
C SER B 175 -23.78 19.11 23.14
N PHE B 176 -22.95 19.16 22.11
CA PHE B 176 -23.30 19.83 20.85
C PHE B 176 -24.71 19.45 20.40
N ASN B 177 -25.01 18.16 20.47
CA ASN B 177 -26.34 17.63 20.12
C ASN B 177 -27.43 17.81 21.20
N GLY B 178 -27.21 18.71 22.16
CA GLY B 178 -28.22 19.05 23.17
C GLY B 178 -28.41 18.06 24.31
N ASP B 179 -27.75 16.90 24.23
CA ASP B 179 -27.90 15.87 25.26
C ASP B 179 -26.87 16.08 26.37
N VAL B 180 -27.20 15.60 27.57
CA VAL B 180 -26.37 15.80 28.75
C VAL B 180 -24.98 15.18 28.61
N LYS B 181 -23.97 16.04 28.70
CA LYS B 181 -22.57 15.61 28.68
C LYS B 181 -21.92 15.99 30.02
N THR B 182 -21.16 15.06 30.59
CA THR B 182 -20.51 15.30 31.86
C THR B 182 -19.05 15.63 31.59
N PHE B 183 -18.42 16.37 32.50
CA PHE B 183 -16.98 16.64 32.43
C PHE B 183 -16.22 15.36 32.68
N SER B 184 -15.08 15.20 32.02
CA SER B 184 -14.19 14.04 32.24
C SER B 184 -13.09 14.38 33.23
N ARG B 185 -12.62 15.63 33.19
CA ARG B 185 -11.70 16.16 34.20
C ARG B 185 -12.20 17.51 34.67
N GLY B 186 -12.30 17.68 35.99
CA GLY B 186 -12.65 18.98 36.57
C GLY B 186 -13.67 18.94 37.68
N GLY B 187 -14.49 17.89 37.71
CA GLY B 187 -15.54 17.73 38.71
C GLY B 187 -16.37 19.00 38.83
N SER B 188 -16.85 19.28 40.03
CA SER B 188 -17.66 20.48 40.24
C SER B 188 -16.83 21.77 40.35
N ASP B 189 -15.51 21.63 40.46
CA ASP B 189 -14.64 22.80 40.62
C ASP B 189 -14.61 23.63 39.34
N VAL B 190 -14.41 22.98 38.18
CA VAL B 190 -14.37 23.71 36.92
C VAL B 190 -15.65 24.49 36.70
N THR B 191 -16.79 23.81 36.76
CA THR B 191 -18.09 24.46 36.61
C THR B 191 -18.17 25.70 37.51
N GLY B 192 -17.61 25.61 38.71
CA GLY B 192 -17.44 26.78 39.57
C GLY B 192 -16.59 27.87 38.92
N SER B 193 -15.44 27.47 38.38
CA SER B 193 -14.56 28.40 37.66
C SER B 193 -15.25 29.01 36.46
N ILE B 194 -15.94 28.18 35.69
CA ILE B 194 -16.69 28.64 34.52
C ILE B 194 -17.67 29.74 34.93
N ILE B 195 -18.48 29.47 35.93
CA ILE B 195 -19.50 30.43 36.35
C ILE B 195 -18.87 31.76 36.70
N SER B 196 -17.78 31.71 37.47
CA SER B 196 -17.06 32.92 37.87
C SER B 196 -16.65 33.71 36.64
N ALA B 197 -15.97 33.04 35.71
CA ALA B 197 -15.61 33.62 34.44
C ALA B 197 -16.80 34.29 33.75
N GLY B 198 -17.91 33.55 33.63
CA GLY B 198 -19.08 34.02 32.91
C GLY B 198 -19.81 35.17 33.55
N VAL B 199 -19.76 35.23 34.88
CA VAL B 199 -20.40 36.32 35.63
C VAL B 199 -19.42 37.50 35.85
N ASN B 200 -18.15 37.29 35.52
CA ASN B 200 -17.10 38.25 35.85
C ASN B 200 -17.09 38.48 37.37
N ALA B 201 -17.03 37.39 38.12
CA ALA B 201 -17.03 37.44 39.57
C ALA B 201 -15.76 38.10 40.11
N ASP B 202 -15.82 38.50 41.38
CA ASP B 202 -14.67 39.09 42.07
C ASP B 202 -13.85 38.07 42.84
N LEU B 203 -14.49 37.00 43.25
CA LEU B 203 -13.87 35.95 44.02
C LEU B 203 -14.55 34.64 43.68
N TYR B 204 -13.81 33.56 43.71
CA TYR B 204 -14.39 32.25 43.61
C TYR B 204 -13.94 31.49 44.85
N GLU B 205 -14.84 31.39 45.83
CA GLU B 205 -14.56 30.65 47.06
C GLU B 205 -14.75 29.21 46.75
N ASN B 206 -13.79 28.37 47.16
CA ASN B 206 -13.87 26.95 46.91
C ASN B 206 -13.89 26.20 48.24
N TRP B 207 -15.09 25.87 48.71
CA TRP B 207 -15.28 25.34 50.06
C TRP B 207 -15.05 23.87 50.17
N THR B 208 -14.16 23.51 51.06
CA THR B 208 -13.65 22.14 51.19
C THR B 208 -13.60 21.78 52.67
N ASP B 209 -12.82 20.77 53.04
CA ASP B 209 -12.72 20.34 54.44
C ASP B 209 -11.35 20.59 55.05
N VAL B 210 -10.60 21.53 54.48
CA VAL B 210 -9.28 21.92 55.01
C VAL B 210 -9.09 23.43 54.87
N SER B 211 -8.52 24.05 55.90
CA SER B 211 -8.37 25.51 55.94
C SER B 211 -7.25 26.03 55.03
N GLY B 212 -7.41 25.86 53.72
CA GLY B 212 -6.37 26.22 52.78
C GLY B 212 -5.38 25.09 52.55
N PHE B 213 -4.23 25.44 51.98
CA PHE B 213 -3.09 24.55 51.85
C PHE B 213 -2.03 24.91 52.88
N LEU B 214 -1.22 23.94 53.27
CA LEU B 214 -0.15 24.23 54.22
C LEU B 214 1.20 24.38 53.55
N MSE B 215 2.12 25.06 54.21
CA MSE B 215 3.44 25.29 53.67
C MSE B 215 4.16 23.98 53.51
O MSE B 215 4.96 23.83 52.60
CB MSE B 215 4.21 26.18 54.62
CG MSE B 215 5.38 26.85 53.93
SE MSE B 215 5.85 28.50 54.88
CE MSE B 215 4.15 29.51 54.77
N ALA B 216 3.88 23.03 54.40
CA ALA B 216 4.43 21.67 54.29
C ALA B 216 3.44 20.59 54.77
N ASP B 217 3.84 19.35 54.54
CA ASP B 217 3.11 18.18 55.02
C ASP B 217 3.04 18.23 56.55
N PRO B 218 1.82 18.27 57.10
CA PRO B 218 1.67 18.47 58.55
C PRO B 218 2.02 17.21 59.38
N ARG B 219 2.04 16.05 58.74
CA ARG B 219 2.58 14.84 59.36
C ARG B 219 4.06 15.02 59.63
N ILE B 220 4.75 15.65 58.67
CA ILE B 220 6.19 15.80 58.74
C ILE B 220 6.58 16.96 59.65
N VAL B 221 6.12 18.16 59.30
CA VAL B 221 6.47 19.35 60.10
C VAL B 221 5.33 19.65 61.05
N GLU B 222 5.65 20.13 62.24
CA GLU B 222 4.64 20.36 63.28
C GLU B 222 4.00 21.73 63.12
N ASN B 223 2.68 21.78 63.05
CA ASN B 223 1.92 23.03 63.07
C ASN B 223 2.39 24.03 61.99
N PRO B 224 2.57 23.54 60.74
CA PRO B 224 3.14 24.31 59.62
C PRO B 224 2.24 25.42 59.14
N LYS B 225 2.81 26.59 58.89
CA LYS B 225 2.05 27.75 58.46
C LYS B 225 1.14 27.48 57.26
N THR B 226 0.04 28.23 57.19
CA THR B 226 -0.87 28.19 56.05
C THR B 226 -0.32 29.09 54.95
N ILE B 227 -0.53 28.69 53.69
CA ILE B 227 -0.07 29.47 52.57
C ILE B 227 -1.05 30.61 52.29
N SER B 228 -0.98 31.67 53.09
CA SER B 228 -1.68 32.91 52.81
C SER B 228 -2.04 33.13 51.30
N LYS B 229 -1.03 33.16 50.44
CA LYS B 229 -1.21 33.48 49.00
C LYS B 229 -0.32 32.61 48.10
N ILE B 230 -0.76 32.34 46.88
CA ILE B 230 -0.05 31.41 45.99
C ILE B 230 -0.41 31.65 44.52
N SER B 231 0.58 31.71 43.64
CA SER B 231 0.29 31.97 42.22
C SER B 231 -0.17 30.67 41.59
N TYR B 232 -0.70 30.73 40.37
CA TYR B 232 -1.12 29.51 39.67
C TYR B 232 0.12 28.67 39.38
N LYS B 233 1.11 29.29 38.72
CA LYS B 233 2.36 28.60 38.36
C LYS B 233 3.01 27.99 39.61
N GLU B 234 2.97 28.75 40.69
CA GLU B 234 3.47 28.32 41.99
C GLU B 234 2.75 27.06 42.45
N LEU B 235 1.42 27.15 42.49
CA LEU B 235 0.56 26.04 42.88
C LEU B 235 0.78 24.82 42.01
N ARG B 236 0.88 25.04 40.71
CA ARG B 236 1.12 23.95 39.78
C ARG B 236 2.40 23.19 40.17
N GLU B 237 3.44 23.94 40.52
CA GLU B 237 4.70 23.30 40.89
C GLU B 237 4.47 22.39 42.09
N LEU B 238 3.77 22.89 43.11
CA LEU B 238 3.47 22.09 44.31
C LEU B 238 2.52 20.94 44.02
N SER B 239 1.62 21.14 43.07
CA SER B 239 0.62 20.15 42.73
C SER B 239 1.26 18.87 42.18
N TYR B 240 2.35 19.04 41.44
CA TYR B 240 2.98 17.92 40.78
C TYR B 240 3.71 16.95 41.73
N MSE B 241 4.19 17.47 42.86
CA MSE B 241 5.20 16.77 43.68
C MSE B 241 4.80 15.76 44.74
O MSE B 241 5.68 15.01 45.18
CB MSE B 241 6.09 17.81 44.38
CG MSE B 241 6.73 18.77 43.37
SE MSE B 241 7.96 17.86 42.12
CE MSE B 241 8.46 19.41 41.02
N GLY B 242 3.55 15.69 45.19
CA GLY B 242 2.45 16.53 44.78
C GLY B 242 1.43 16.63 45.89
N ALA B 243 1.45 17.76 46.59
CA ALA B 243 0.53 18.00 47.70
C ALA B 243 -0.92 18.00 47.20
N THR B 244 -1.84 17.60 48.07
CA THR B 244 -3.26 17.45 47.70
C THR B 244 -3.90 18.82 47.47
N VAL B 245 -3.72 19.33 46.25
CA VAL B 245 -4.15 20.69 45.90
C VAL B 245 -4.97 20.70 44.61
N LEU B 246 -5.82 21.72 44.49
CA LEU B 246 -6.73 21.86 43.34
C LEU B 246 -5.99 21.80 41.99
N HIS B 247 -6.42 20.91 41.11
CA HIS B 247 -5.69 20.62 39.87
C HIS B 247 -5.88 21.67 38.80
N GLU B 248 -4.83 21.88 38.01
CA GLU B 248 -4.86 22.75 36.82
C GLU B 248 -6.14 22.64 36.00
N GLU B 249 -6.57 21.41 35.75
CA GLU B 249 -7.76 21.13 34.96
C GLU B 249 -8.90 22.05 35.38
N ALA B 250 -9.07 22.15 36.70
CA ALA B 250 -10.21 22.79 37.29
C ALA B 250 -10.27 24.31 37.14
N ILE B 251 -9.15 24.98 36.87
CA ILE B 251 -9.12 26.45 37.02
C ILE B 251 -8.63 27.23 35.79
N PHE B 252 -8.60 26.58 34.63
CA PHE B 252 -8.18 27.27 33.42
C PHE B 252 -9.04 28.50 33.05
N PRO B 253 -10.36 28.48 33.34
CA PRO B 253 -11.20 29.62 32.93
C PRO B 253 -10.92 30.85 33.78
N VAL B 254 -10.74 30.63 35.07
CA VAL B 254 -10.35 31.67 35.99
C VAL B 254 -8.99 32.26 35.60
N LYS B 255 -8.03 31.39 35.27
CA LYS B 255 -6.65 31.79 34.92
C LYS B 255 -6.56 32.88 33.84
N ASP B 256 -7.30 32.75 32.73
CA ASP B 256 -7.26 33.78 31.68
C ASP B 256 -7.60 35.16 32.26
N SER B 257 -8.76 35.26 32.92
CA SER B 257 -9.16 36.49 33.59
C SER B 257 -8.46 36.50 34.94
N GLY B 258 -8.61 37.56 35.73
CA GLY B 258 -7.84 37.71 36.96
C GLY B 258 -8.54 37.31 38.24
N ILE B 259 -9.30 36.22 38.20
CA ILE B 259 -10.26 35.91 39.27
C ILE B 259 -9.59 35.11 40.39
N PRO B 260 -9.51 35.69 41.59
CA PRO B 260 -8.82 34.97 42.65
C PRO B 260 -9.71 33.87 43.23
N ILE B 261 -9.10 32.74 43.54
CA ILE B 261 -9.76 31.64 44.22
C ILE B 261 -9.32 31.62 45.67
N ASN B 262 -10.28 31.47 46.58
CA ASN B 262 -9.97 31.30 48.00
C ASN B 262 -10.36 29.91 48.44
N ILE B 263 -9.38 29.06 48.74
CA ILE B 263 -9.65 27.74 49.30
C ILE B 263 -10.03 27.93 50.76
N LYS B 264 -11.22 27.45 51.13
CA LYS B 264 -11.77 27.68 52.47
C LYS B 264 -12.34 26.40 53.07
N ASN B 265 -12.54 26.41 54.40
CA ASN B 265 -12.99 25.22 55.12
C ASN B 265 -14.42 25.33 55.68
N THR B 266 -15.33 24.54 55.15
CA THR B 266 -16.74 24.56 55.56
C THR B 266 -16.91 24.32 57.05
N ASN B 267 -16.00 23.55 57.66
CA ASN B 267 -16.10 23.23 59.09
C ASN B 267 -15.43 24.24 60.01
N LYS B 268 -14.64 25.15 59.42
CA LYS B 268 -14.00 26.26 60.15
C LYS B 268 -14.00 27.47 59.22
N PRO B 269 -15.17 28.10 59.06
CA PRO B 269 -15.30 29.16 58.04
C PRO B 269 -14.48 30.42 58.33
N SER B 270 -14.27 30.73 59.60
CA SER B 270 -13.48 31.87 60.02
C SER B 270 -12.03 31.78 59.53
N ASP B 271 -11.44 30.60 59.69
CA ASP B 271 -10.10 30.33 59.15
C ASP B 271 -9.97 30.96 57.76
N PRO B 272 -8.94 31.81 57.57
CA PRO B 272 -8.76 32.42 56.27
C PRO B 272 -8.16 31.41 55.34
N GLY B 273 -8.38 31.60 54.04
CA GLY B 273 -7.88 30.61 53.11
C GLY B 273 -6.45 30.78 52.68
N THR B 274 -6.02 29.90 51.79
CA THR B 274 -4.96 30.25 50.90
C THR B 274 -5.69 30.87 49.74
N LEU B 275 -5.03 31.81 49.07
CA LEU B 275 -5.69 32.69 48.12
C LEU B 275 -4.95 32.61 46.78
N ILE B 276 -5.44 31.76 45.88
CA ILE B 276 -4.71 31.44 44.66
C ILE B 276 -4.88 32.57 43.65
N LEU B 277 -3.82 33.35 43.47
CA LEU B 277 -3.82 34.56 42.64
C LEU B 277 -3.31 34.29 41.22
N SER B 278 -3.27 35.34 40.40
CA SER B 278 -2.67 35.25 39.08
C SER B 278 -1.18 35.52 39.19
N ASP B 279 -0.43 35.06 38.19
CA ASP B 279 1.02 35.27 38.18
C ASP B 279 1.38 36.76 38.22
N THR B 280 0.84 37.54 37.28
CA THR B 280 1.05 39.00 37.29
C THR B 280 0.20 39.73 38.36
N HIS B 281 -0.75 39.01 38.97
CA HIS B 281 -1.60 39.55 40.03
C HIS B 281 -1.06 39.27 41.41
N LYS B 282 -0.21 38.26 41.55
CA LYS B 282 0.50 38.01 42.82
C LYS B 282 1.73 38.90 42.88
N GLU B 283 2.02 39.43 44.06
CA GLU B 283 3.25 40.17 44.28
C GLU B 283 4.41 39.18 44.46
N ILE B 284 5.59 39.69 44.83
CA ILE B 284 6.75 38.84 45.06
C ILE B 284 7.45 39.20 46.37
N ASN B 285 7.23 38.38 47.39
CA ASN B 285 7.91 38.56 48.68
C ASN B 285 9.41 38.33 48.50
N LEU B 286 10.22 39.24 49.05
CA LEU B 286 11.62 39.42 48.65
C LEU B 286 12.55 38.40 49.31
N GLY B 287 12.83 37.30 48.62
CA GLY B 287 13.74 36.25 49.11
C GLY B 287 13.13 35.23 50.10
N THR B 288 12.04 34.58 49.69
CA THR B 288 11.28 33.71 50.61
C THR B 288 10.71 32.45 49.97
N ILE B 289 10.40 31.49 50.82
CA ILE B 289 9.84 30.19 50.43
C ILE B 289 8.32 30.30 50.43
N THR B 290 7.65 29.71 49.46
CA THR B 290 6.18 29.63 49.49
C THR B 290 5.66 28.29 50.03
N GLY B 291 6.26 27.19 49.56
CA GLY B 291 5.87 25.85 50.00
C GLY B 291 6.93 24.79 49.75
N ILE B 292 6.84 23.69 50.50
CA ILE B 292 7.80 22.60 50.44
C ILE B 292 7.06 21.30 50.29
N ALA B 293 7.27 20.61 49.17
CA ALA B 293 6.47 19.45 48.84
C ALA B 293 7.30 18.35 48.20
N GLY B 294 7.42 17.21 48.89
CA GLY B 294 8.17 16.08 48.38
C GLY B 294 7.35 14.82 48.21
N LYS B 295 7.90 13.88 47.45
CA LYS B 295 7.32 12.56 47.21
C LYS B 295 8.44 11.52 47.34
N LYS B 296 8.15 10.40 47.99
CA LYS B 296 9.14 9.34 48.22
C LYS B 296 9.19 8.36 47.04
N ASN B 297 10.13 7.42 47.11
CA ASN B 297 10.22 6.28 46.18
C ASN B 297 10.54 6.60 44.73
N PHE B 298 11.84 6.75 44.45
CA PHE B 298 12.37 6.97 43.10
C PHE B 298 13.64 6.15 42.87
N THR B 299 14.00 5.93 41.62
CA THR B 299 15.22 5.21 41.27
C THR B 299 15.91 5.82 40.07
N VAL B 300 17.23 5.98 40.15
CA VAL B 300 18.02 6.55 39.06
C VAL B 300 18.71 5.42 38.28
N ILE B 301 18.69 5.53 36.95
CA ILE B 301 19.45 4.63 36.08
C ILE B 301 20.63 5.41 35.49
N ALA B 302 21.81 5.22 36.08
CA ALA B 302 23.00 5.97 35.66
C ALA B 302 23.68 5.31 34.47
N ILE B 303 23.94 6.09 33.42
CA ILE B 303 24.48 5.56 32.16
C ILE B 303 25.75 6.27 31.71
N GLU B 304 26.90 5.74 32.11
CA GLU B 304 28.20 6.26 31.64
C GLU B 304 28.45 5.78 30.20
N LYS B 305 28.85 6.69 29.33
CA LYS B 305 29.09 6.35 27.92
C LYS B 305 30.18 7.23 27.29
N ALA B 306 31.14 6.59 26.63
CA ALA B 306 32.33 7.28 26.11
C ALA B 306 32.00 8.31 25.05
N LEU B 307 32.27 9.58 25.34
CA LEU B 307 31.87 10.71 24.48
C LEU B 307 30.37 10.71 24.19
N LEU B 308 29.55 10.53 25.22
CA LEU B 308 28.08 10.62 25.08
C LEU B 308 27.66 12.00 24.59
N ASN B 309 28.49 13.00 24.89
CA ASN B 309 28.21 14.40 24.54
C ASN B 309 28.35 14.72 23.05
N SER B 310 29.16 13.95 22.33
CA SER B 310 29.44 14.22 20.91
C SER B 310 28.31 13.76 19.99
N GLU B 311 27.81 12.54 20.22
CA GLU B 311 26.84 11.91 19.32
C GLU B 311 25.41 12.42 19.52
N VAL B 312 24.70 12.58 18.40
CA VAL B 312 23.33 13.11 18.39
C VAL B 312 22.32 11.97 18.44
N GLY B 313 21.22 12.19 19.15
CA GLY B 313 20.15 11.21 19.28
C GLY B 313 20.40 10.13 20.30
N PHE B 314 21.51 10.23 21.05
CA PHE B 314 21.81 9.27 22.11
C PHE B 314 20.70 9.25 23.15
N CYS B 315 20.36 10.43 23.66
CA CYS B 315 19.25 10.56 24.62
C CYS B 315 17.89 10.37 23.96
N ARG B 316 17.71 10.89 22.74
CA ARG B 316 16.44 10.74 22.01
C ARG B 316 16.08 9.28 21.88
N LYS B 317 17.06 8.44 21.56
CA LYS B 317 16.88 7.00 21.54
C LYS B 317 16.47 6.50 22.92
N ILE B 318 17.09 7.06 23.95
CA ILE B 318 16.90 6.59 25.33
C ILE B 318 15.48 6.75 25.84
N LEU B 319 14.81 7.85 25.48
CA LEU B 319 13.44 8.07 25.95
C LEU B 319 12.40 7.70 24.89
N SER B 320 12.85 7.47 23.65
CA SER B 320 12.02 6.77 22.66
C SER B 320 11.71 5.36 23.19
N ILE B 321 12.65 4.83 23.97
CA ILE B 321 12.49 3.52 24.62
C ILE B 321 11.52 3.61 25.80
N LEU B 322 11.61 4.69 26.58
CA LEU B 322 10.71 4.90 27.72
C LEU B 322 9.29 5.22 27.26
N GLU B 323 9.17 5.81 26.09
CA GLU B 323 7.89 6.05 25.45
C GLU B 323 7.27 4.72 25.02
N MSE B 324 8.13 3.75 24.71
CA MSE B 324 7.67 2.43 24.26
C MSE B 324 6.97 1.65 25.35
O MSE B 324 6.28 0.68 25.05
CB MSE B 324 8.86 1.62 23.75
CG MSE B 324 8.47 0.73 22.58
SE MSE B 324 10.09 -0.12 21.86
CE MSE B 324 10.90 1.43 20.95
N TYR B 325 7.15 2.06 26.60
CA TYR B 325 6.36 1.52 27.72
C TYR B 325 5.56 2.66 28.37
N GLY B 326 4.65 2.30 29.27
CA GLY B 326 3.89 3.29 30.04
C GLY B 326 4.71 3.81 31.20
N VAL B 327 5.81 4.48 30.89
CA VAL B 327 6.79 4.94 31.90
C VAL B 327 7.38 6.31 31.57
N SER B 328 6.97 7.32 32.35
CA SER B 328 7.50 8.68 32.23
C SER B 328 8.64 8.90 33.23
N PHE B 329 9.56 9.77 32.86
CA PHE B 329 10.68 10.13 33.71
C PHE B 329 10.43 11.47 34.37
N GLU B 330 10.97 11.63 35.58
CA GLU B 330 10.93 12.90 36.29
C GLU B 330 12.02 13.85 35.74
N HIS B 331 13.25 13.37 35.75
CA HIS B 331 14.38 14.19 35.29
C HIS B 331 15.38 13.40 34.50
N MSE B 332 16.16 14.11 33.69
CA MSE B 332 17.28 13.51 32.94
C MSE B 332 18.53 14.28 33.28
O MSE B 332 19.08 15.01 32.46
CB MSE B 332 16.97 13.51 31.44
CG MSE B 332 18.04 12.76 30.64
SE MSE B 332 17.79 13.02 28.71
CE MSE B 332 17.02 11.24 28.42
N PRO B 333 19.00 14.14 34.53
CA PRO B 333 20.23 14.84 34.85
C PRO B 333 21.37 14.28 34.00
N SER B 334 22.30 15.14 33.61
CA SER B 334 23.41 14.71 32.78
C SER B 334 24.72 15.27 33.32
N GLY B 335 25.82 14.67 32.88
CA GLY B 335 27.14 15.05 33.31
C GLY B 335 27.95 15.51 32.12
N VAL B 336 29.22 15.10 32.07
CA VAL B 336 30.10 15.46 30.98
C VAL B 336 30.10 14.34 29.91
N ASP B 337 30.41 13.11 30.30
CA ASP B 337 30.21 11.97 29.39
C ASP B 337 29.28 10.94 30.04
N SER B 338 28.33 11.42 30.83
CA SER B 338 27.34 10.57 31.47
C SER B 338 25.97 11.22 31.50
N VAL B 339 24.97 10.39 31.78
CA VAL B 339 23.59 10.85 31.93
C VAL B 339 22.81 9.87 32.80
N SER B 340 21.82 10.40 33.51
CA SER B 340 20.94 9.60 34.34
C SER B 340 19.50 9.71 33.89
N LEU B 341 18.66 8.87 34.48
CA LEU B 341 17.22 8.99 34.38
C LEU B 341 16.64 8.77 35.76
N VAL B 342 15.95 9.76 36.30
CA VAL B 342 15.24 9.62 37.57
C VAL B 342 13.80 9.21 37.31
N ILE B 343 13.40 8.06 37.83
CA ILE B 343 12.09 7.46 37.53
C ILE B 343 11.38 6.98 38.80
N GLU B 344 10.11 7.32 38.95
CA GLU B 344 9.34 6.90 40.11
C GLU B 344 9.16 5.39 40.11
N ASP B 345 9.08 4.81 41.32
CA ASP B 345 9.14 3.35 41.51
C ASP B 345 7.90 2.62 41.02
N CYS B 346 6.72 3.14 41.37
CA CYS B 346 5.45 2.55 40.93
C CYS B 346 5.33 2.59 39.40
N LYS B 347 5.80 3.68 38.80
CA LYS B 347 5.79 3.82 37.34
C LYS B 347 6.75 2.84 36.66
N LEU B 348 7.76 2.40 37.42
CA LEU B 348 8.77 1.43 36.94
C LEU B 348 8.41 -0.01 37.28
N ASP B 349 7.61 -0.19 38.34
CA ASP B 349 7.14 -1.50 38.82
C ASP B 349 7.14 -2.61 37.74
N GLY B 350 8.04 -3.58 37.91
CA GLY B 350 8.10 -4.75 37.03
C GLY B 350 8.80 -4.52 35.71
N LYS B 351 8.38 -3.49 34.98
CA LYS B 351 8.87 -3.20 33.63
C LYS B 351 10.41 -3.02 33.54
N CYS B 352 11.03 -2.60 34.65
CA CYS B 352 12.45 -2.22 34.71
C CYS B 352 13.43 -2.98 33.83
N ASP B 353 13.35 -4.30 33.89
CA ASP B 353 14.42 -5.16 33.40
C ASP B 353 14.60 -5.08 31.88
N LYS B 354 13.48 -5.20 31.17
CA LYS B 354 13.47 -5.17 29.70
C LYS B 354 14.03 -3.85 29.15
N ILE B 355 13.83 -2.78 29.90
CA ILE B 355 14.20 -1.43 29.48
C ILE B 355 15.70 -1.21 29.42
N ILE B 356 16.43 -1.79 30.37
CA ILE B 356 17.89 -1.67 30.40
C ILE B 356 18.54 -2.36 29.19
N GLU B 357 17.90 -3.42 28.69
CA GLU B 357 18.44 -4.17 27.56
C GLU B 357 18.30 -3.42 26.23
N GLU B 358 17.14 -2.82 25.98
CA GLU B 358 16.86 -2.14 24.70
C GLU B 358 17.79 -0.94 24.49
N ILE B 359 18.07 -0.23 25.59
CA ILE B 359 19.01 0.89 25.58
C ILE B 359 20.44 0.42 25.31
N LYS B 360 20.79 -0.76 25.82
CA LYS B 360 22.11 -1.33 25.62
C LYS B 360 22.35 -1.68 24.14
N LYS B 361 21.30 -2.12 23.47
CA LYS B 361 21.34 -2.40 22.03
C LYS B 361 21.58 -1.11 21.22
N GLN B 362 20.67 -0.15 21.38
CA GLN B 362 20.60 1.01 20.50
C GLN B 362 21.68 2.07 20.75
N CYS B 363 21.95 2.36 22.03
CA CYS B 363 22.81 3.48 22.41
C CYS B 363 24.28 3.07 22.55
N ASN B 364 24.52 1.87 23.08
CA ASN B 364 25.89 1.34 23.28
C ASN B 364 26.74 2.14 24.27
N PRO B 365 26.40 2.07 25.57
CA PRO B 365 27.21 2.70 26.60
C PRO B 365 28.28 1.75 27.12
N ASP B 366 29.08 2.22 28.07
CA ASP B 366 30.12 1.41 28.71
C ASP B 366 29.68 0.92 30.08
N SER B 367 29.10 1.80 30.88
CA SER B 367 28.58 1.45 32.20
C SER B 367 27.08 1.75 32.33
N ILE B 368 26.35 0.83 32.94
CA ILE B 368 24.92 1.01 33.20
C ILE B 368 24.58 0.44 34.58
N GLU B 369 24.53 1.32 35.58
CA GLU B 369 24.15 0.92 36.93
C GLU B 369 22.76 1.45 37.29
N ILE B 370 22.25 0.96 38.42
CA ILE B 370 20.95 1.36 38.94
C ILE B 370 21.10 1.64 40.43
N HIS B 371 20.49 2.74 40.87
CA HIS B 371 20.51 3.13 42.29
C HIS B 371 19.16 3.60 42.71
N PRO B 372 18.44 2.78 43.50
CA PRO B 372 17.10 3.15 43.98
C PRO B 372 17.15 3.92 45.31
N ASN B 373 16.01 4.01 46.00
CA ASN B 373 15.95 4.56 47.35
C ASN B 373 16.21 6.07 47.43
N MSE B 374 15.78 6.78 46.38
CA MSE B 374 15.85 8.23 46.34
C MSE B 374 14.46 8.78 46.58
O MSE B 374 13.45 8.16 46.20
CB MSE B 374 16.38 8.68 44.97
CG MSE B 374 16.37 10.19 44.81
SE MSE B 374 17.88 10.77 43.68
CE MSE B 374 16.88 11.01 42.00
N ALA B 375 14.40 9.94 47.21
CA ALA B 375 13.18 10.73 47.31
C ALA B 375 13.46 12.15 46.81
N LEU B 376 12.42 12.82 46.34
CA LEU B 376 12.55 14.16 45.78
C LEU B 376 11.89 15.16 46.70
N VAL B 377 12.58 16.28 46.93
CA VAL B 377 12.04 17.39 47.71
C VAL B 377 12.03 18.63 46.83
N ALA B 378 10.83 19.16 46.60
CA ALA B 378 10.66 20.35 45.80
C ALA B 378 10.36 21.49 46.73
N THR B 379 11.19 22.54 46.66
CA THR B 379 10.96 23.72 47.46
C THR B 379 10.68 24.86 46.50
N VAL B 380 9.54 25.53 46.69
CA VAL B 380 8.91 26.36 45.67
C VAL B 380 8.64 27.77 46.19
N GLY B 381 8.79 28.76 45.31
CA GLY B 381 8.45 30.14 45.66
C GLY B 381 8.80 31.09 44.56
N THR B 382 7.99 32.14 44.35
CA THR B 382 8.33 33.16 43.35
C THR B 382 9.58 33.92 43.81
N GLY B 383 9.61 34.28 45.09
CA GLY B 383 10.72 35.04 45.67
C GLY B 383 12.07 34.34 45.68
N MSE B 384 12.15 33.10 45.19
CA MSE B 384 13.44 32.42 45.05
C MSE B 384 13.80 32.36 43.58
O MSE B 384 14.25 31.32 43.09
CB MSE B 384 13.40 31.03 45.68
CG MSE B 384 12.22 30.17 45.24
SE MSE B 384 12.44 28.33 45.86
CE MSE B 384 14.39 28.16 45.62
N ALA B 385 13.63 33.48 42.88
CA ALA B 385 13.66 33.51 41.42
C ALA B 385 14.05 34.88 40.89
N LYS B 386 15.33 35.26 40.94
CA LYS B 386 16.42 34.40 41.42
C LYS B 386 17.24 35.12 42.50
N THR B 387 16.95 34.76 43.74
CA THR B 387 17.60 35.31 44.92
C THR B 387 19.01 34.75 45.01
N LYS B 388 19.91 35.51 45.61
CA LYS B 388 21.29 35.06 45.82
C LYS B 388 21.31 33.89 46.81
N GLY B 389 22.23 32.96 46.57
CA GLY B 389 22.50 31.83 47.48
C GLY B 389 21.29 31.05 47.97
N ILE B 390 20.20 31.10 47.22
CA ILE B 390 18.94 30.51 47.65
C ILE B 390 19.01 28.97 47.66
N ALA B 391 19.60 28.36 46.64
CA ALA B 391 19.92 26.94 46.68
C ALA B 391 20.92 26.65 47.80
N ASN B 392 21.88 27.54 47.99
CA ASN B 392 22.88 27.39 49.05
C ASN B 392 22.23 27.34 50.42
N LYS B 393 21.19 28.15 50.61
CA LYS B 393 20.44 28.12 51.86
C LYS B 393 19.85 26.74 52.11
N ILE B 394 19.40 26.08 51.05
CA ILE B 394 18.85 24.74 51.16
C ILE B 394 19.95 23.72 51.47
N PHE B 395 21.12 23.90 50.88
CA PHE B 395 22.20 22.95 51.08
C PHE B 395 22.82 23.12 52.46
N THR B 396 22.85 24.36 52.96
CA THR B 396 23.29 24.62 54.31
C THR B 396 22.40 23.87 55.25
N ALA B 397 21.09 24.06 55.09
CA ALA B 397 20.12 23.34 55.90
C ALA B 397 20.44 21.86 55.92
N LEU B 398 20.49 21.26 54.74
CA LEU B 398 20.72 19.81 54.62
C LEU B 398 22.07 19.38 55.19
N SER B 399 23.07 20.25 55.12
CA SER B 399 24.36 19.96 55.76
C SER B 399 24.23 19.89 57.27
N LYS B 400 23.45 20.80 57.84
CA LYS B 400 23.26 20.84 59.30
C LYS B 400 22.58 19.58 59.84
N GLU B 401 21.75 18.95 59.02
CA GLU B 401 21.10 17.70 59.42
C GLU B 401 21.84 16.46 58.93
N ASN B 402 23.06 16.66 58.43
CA ASN B 402 23.92 15.56 58.04
C ASN B 402 23.19 14.62 57.08
N VAL B 403 22.79 15.16 55.93
CA VAL B 403 22.05 14.39 54.92
C VAL B 403 22.65 14.58 53.52
N ASN B 404 23.15 13.47 52.98
CA ASN B 404 23.79 13.42 51.67
C ASN B 404 22.79 13.71 50.55
N ILE B 405 23.19 14.62 49.66
CA ILE B 405 22.40 15.01 48.51
C ILE B 405 22.69 14.06 47.36
N ARG B 406 21.66 13.62 46.66
CA ARG B 406 21.81 12.68 45.55
C ARG B 406 21.37 13.25 44.18
N MSE B 407 20.66 14.35 44.18
CA MSE B 407 20.37 15.07 42.93
C MSE B 407 20.16 16.52 43.25
O MSE B 407 19.69 16.85 44.34
CB MSE B 407 19.14 14.49 42.23
CG MSE B 407 18.94 15.02 40.81
SE MSE B 407 17.04 14.86 40.30
CE MSE B 407 16.48 16.73 40.54
N ILE B 408 20.53 17.38 42.32
CA ILE B 408 20.13 18.77 42.33
C ILE B 408 19.62 19.12 40.93
N ASP B 409 18.42 19.66 40.88
CA ASP B 409 18.00 20.42 39.71
C ASP B 409 17.62 21.80 40.16
N GLN B 410 18.34 22.78 39.64
CA GLN B 410 17.87 24.15 39.65
C GLN B 410 18.26 24.69 38.29
N GLY B 411 17.25 25.11 37.53
CA GLY B 411 17.42 25.35 36.11
C GLY B 411 16.20 24.95 35.32
N SER B 412 15.43 23.99 35.82
CA SER B 412 14.17 23.63 35.16
C SER B 412 13.14 24.75 35.28
N SER B 413 13.19 25.51 36.37
CA SER B 413 12.16 26.50 36.67
C SER B 413 12.65 27.61 37.57
N GLU B 414 12.32 28.85 37.24
CA GLU B 414 12.83 29.99 37.98
C GLU B 414 12.37 30.06 39.45
N ILE B 415 11.25 29.43 39.77
CA ILE B 415 10.64 29.53 41.10
C ILE B 415 10.74 28.22 41.89
N ASN B 416 11.81 27.46 41.69
CA ASN B 416 11.81 26.07 42.16
C ASN B 416 13.17 25.38 42.17
N VAL B 417 13.64 24.97 43.35
CA VAL B 417 14.79 24.06 43.46
C VAL B 417 14.35 22.69 43.95
N ILE B 418 14.78 21.67 43.21
CA ILE B 418 14.49 20.29 43.56
C ILE B 418 15.76 19.60 44.00
N VAL B 419 15.67 18.90 45.12
CA VAL B 419 16.78 18.21 45.70
C VAL B 419 16.37 16.77 45.84
N GLY B 420 17.29 15.85 45.52
CA GLY B 420 17.03 14.42 45.61
C GLY B 420 17.90 13.81 46.68
N VAL B 421 17.30 12.97 47.52
CA VAL B 421 17.99 12.42 48.69
C VAL B 421 17.53 11.01 49.01
N GLU B 422 18.34 10.31 49.82
CA GLU B 422 17.99 8.98 50.32
C GLU B 422 16.62 8.98 50.97
N THR B 423 15.81 7.96 50.65
CA THR B 423 14.45 7.88 51.16
C THR B 423 14.35 7.89 52.69
N VAL B 424 15.38 7.36 53.36
CA VAL B 424 15.44 7.45 54.83
C VAL B 424 15.47 8.91 55.30
N ASP B 425 16.19 9.77 54.58
CA ASP B 425 16.39 11.17 54.97
C ASP B 425 15.26 12.14 54.53
N PHE B 426 14.30 11.64 53.75
CA PHE B 426 13.22 12.48 53.22
C PHE B 426 12.63 13.40 54.28
N GLU B 427 12.07 12.81 55.34
CA GLU B 427 11.39 13.60 56.36
C GLU B 427 12.34 14.53 57.11
N LYS B 428 13.61 14.14 57.17
CA LYS B 428 14.63 14.95 57.85
C LYS B 428 14.93 16.21 57.04
N ALA B 429 15.10 16.02 55.73
CA ALA B 429 15.36 17.11 54.80
C ALA B 429 14.24 18.15 54.86
N VAL B 430 13.02 17.70 54.53
CA VAL B 430 11.85 18.57 54.54
C VAL B 430 11.75 19.39 55.82
N LYS B 431 11.96 18.74 56.96
CA LYS B 431 12.04 19.43 58.25
C LYS B 431 13.04 20.57 58.15
N SER B 432 14.28 20.22 57.78
CA SER B 432 15.40 21.15 57.79
C SER B 432 15.16 22.38 56.97
N ILE B 433 14.53 22.20 55.81
CA ILE B 433 14.33 23.29 54.87
C ILE B 433 13.25 24.24 55.38
N TYR B 434 12.24 23.68 56.05
CA TYR B 434 11.18 24.51 56.65
C TYR B 434 11.80 25.41 57.70
N ASN B 435 12.54 24.81 58.63
CA ASN B 435 13.13 25.57 59.72
C ASN B 435 14.06 26.66 59.20
N ALA B 436 14.79 26.35 58.14
CA ALA B 436 15.65 27.32 57.50
C ALA B 436 14.92 28.62 57.15
N PHE B 437 13.63 28.52 56.81
CA PHE B 437 12.88 29.69 56.36
C PHE B 437 11.81 30.19 57.32
N ASN B 438 11.70 29.59 58.50
CA ASN B 438 10.69 30.04 59.47
C ASN B 438 11.24 30.20 60.87
N GLU B 439 12.09 31.20 61.05
CA GLU B 439 12.64 31.58 62.35
C GLU B 439 13.59 30.51 62.91
N LEU C 2 -11.62 -44.12 19.01
CA LEU C 2 -12.00 -44.46 17.60
C LEU C 2 -11.79 -43.25 16.68
N LYS C 3 -12.59 -42.20 16.86
CA LYS C 3 -12.47 -40.97 16.07
C LYS C 3 -12.11 -39.77 16.94
N ILE C 4 -12.67 -39.70 18.14
CA ILE C 4 -12.37 -38.66 19.14
C ILE C 4 -12.64 -37.24 18.59
N VAL C 5 -13.94 -36.90 18.55
CA VAL C 5 -14.40 -35.60 18.10
C VAL C 5 -14.63 -34.73 19.31
N VAL C 6 -14.26 -33.45 19.19
CA VAL C 6 -14.51 -32.45 20.23
C VAL C 6 -15.67 -31.53 19.81
N THR C 7 -16.50 -31.15 20.78
CA THR C 7 -17.68 -30.31 20.50
C THR C 7 -17.77 -29.10 21.43
N LYS C 8 -17.79 -27.91 20.83
CA LYS C 8 -18.07 -26.67 21.56
C LYS C 8 -19.48 -26.24 21.25
N PHE C 9 -20.25 -25.93 22.29
CA PHE C 9 -21.62 -25.46 22.13
C PHE C 9 -21.71 -24.05 22.65
N GLY C 10 -22.20 -23.15 21.82
CA GLY C 10 -22.25 -21.75 22.17
C GLY C 10 -23.51 -21.43 22.93
N GLY C 11 -23.54 -20.23 23.52
CA GLY C 11 -24.62 -19.77 24.38
C GLY C 11 -26.03 -20.00 23.90
N SER C 12 -26.28 -19.80 22.60
CA SER C 12 -27.63 -19.91 22.05
C SER C 12 -28.04 -21.37 21.98
N SER C 13 -27.08 -22.25 21.73
CA SER C 13 -27.31 -23.69 21.71
C SER C 13 -27.47 -24.26 23.14
N LEU C 14 -27.44 -23.39 24.14
CA LEU C 14 -27.70 -23.75 25.54
C LEU C 14 -28.52 -22.65 26.22
N ALA C 15 -29.41 -22.02 25.46
CA ALA C 15 -30.22 -20.91 25.97
C ALA C 15 -31.29 -21.37 26.95
N ASP C 16 -31.77 -22.60 26.78
CA ASP C 16 -32.74 -23.18 27.70
C ASP C 16 -32.88 -24.70 27.50
N SER C 17 -33.56 -25.35 28.45
CA SER C 17 -33.80 -26.78 28.39
C SER C 17 -34.16 -27.23 26.98
N ASN C 18 -35.14 -26.54 26.38
CA ASN C 18 -35.59 -26.88 25.02
C ASN C 18 -34.42 -27.10 24.08
N GLN C 19 -33.41 -26.23 24.18
CA GLN C 19 -32.22 -26.33 23.33
C GLN C 19 -31.22 -27.36 23.86
N PHE C 20 -31.07 -27.44 25.19
CA PHE C 20 -30.25 -28.50 25.81
C PHE C 20 -30.56 -29.88 25.20
N LYS C 21 -31.84 -30.14 25.02
CA LYS C 21 -32.28 -31.42 24.45
C LYS C 21 -31.63 -31.63 23.10
N LYS C 22 -31.66 -30.60 22.26
CA LYS C 22 -31.04 -30.67 20.93
C LYS C 22 -29.57 -31.07 21.04
N VAL C 23 -28.90 -30.56 22.07
CA VAL C 23 -27.50 -30.90 22.33
C VAL C 23 -27.32 -32.39 22.63
N LYS C 24 -28.12 -32.94 23.54
CA LYS C 24 -28.07 -34.38 23.83
C LYS C 24 -28.27 -35.13 22.52
N GLY C 25 -29.40 -34.86 21.89
CA GLY C 25 -29.76 -35.43 20.59
C GLY C 25 -28.60 -35.45 19.61
N ILE C 26 -27.79 -34.39 19.62
CA ILE C 26 -26.57 -34.36 18.82
C ILE C 26 -25.45 -35.18 19.46
N ILE C 27 -25.25 -35.03 20.76
CA ILE C 27 -24.12 -35.66 21.44
C ILE C 27 -24.16 -37.19 21.44
N ASP C 28 -25.30 -37.78 21.77
CA ASP C 28 -25.37 -39.25 21.80
C ASP C 28 -25.91 -39.86 20.50
N SER C 29 -25.93 -39.06 19.43
CA SER C 29 -26.12 -39.60 18.08
C SER C 29 -24.78 -39.84 17.39
N ASP C 30 -23.68 -39.61 18.11
CA ASP C 30 -22.33 -40.01 17.67
C ASP C 30 -21.48 -40.33 18.89
N ALA C 31 -20.96 -41.55 18.96
CA ALA C 31 -20.25 -42.05 20.14
C ALA C 31 -18.90 -41.37 20.33
N ASN C 32 -18.23 -41.05 19.22
CA ASN C 32 -16.93 -40.40 19.25
C ASN C 32 -16.97 -38.91 19.63
N ARG C 33 -18.16 -38.35 19.80
CA ARG C 33 -18.30 -37.02 20.37
C ARG C 33 -18.01 -37.11 21.87
N LYS C 34 -16.71 -37.22 22.19
CA LYS C 34 -16.27 -37.56 23.54
C LYS C 34 -16.21 -36.34 24.47
N TYR C 35 -15.65 -35.23 23.97
CA TYR C 35 -15.39 -34.07 24.80
C TYR C 35 -16.28 -32.89 24.45
N ILE C 36 -16.74 -32.18 25.49
CA ILE C 36 -17.78 -31.17 25.32
C ILE C 36 -17.46 -29.86 26.08
N ILE C 37 -17.59 -28.74 25.37
CA ILE C 37 -17.28 -27.42 25.94
C ILE C 37 -18.52 -26.52 25.87
N PRO C 38 -19.13 -26.23 27.02
CA PRO C 38 -20.28 -25.36 27.00
C PRO C 38 -19.92 -23.91 27.26
N SER C 39 -20.79 -23.00 26.81
CA SER C 39 -20.73 -21.61 27.22
C SER C 39 -21.79 -21.38 28.26
N ALA C 40 -21.96 -20.14 28.68
CA ALA C 40 -23.02 -19.81 29.62
C ALA C 40 -24.32 -19.61 28.85
N PRO C 41 -25.46 -19.87 29.49
CA PRO C 41 -26.72 -19.80 28.77
C PRO C 41 -26.90 -18.47 28.04
N GLY C 42 -27.18 -18.55 26.74
CA GLY C 42 -27.31 -17.37 25.91
C GLY C 42 -28.62 -16.64 26.10
N LYS C 43 -28.80 -15.58 25.33
CA LYS C 43 -30.05 -14.84 25.35
C LYS C 43 -31.10 -15.60 24.55
N ARG C 44 -32.29 -15.71 25.13
CA ARG C 44 -33.43 -16.28 24.40
C ARG C 44 -33.95 -15.21 23.44
N THR C 45 -33.93 -13.96 23.90
CA THR C 45 -34.53 -12.85 23.17
C THR C 45 -33.51 -11.78 22.93
N ASN C 46 -33.71 -11.02 21.86
CA ASN C 46 -32.85 -9.89 21.57
C ASN C 46 -32.81 -8.91 22.76
N LYS C 47 -33.97 -8.69 23.38
CA LYS C 47 -34.09 -7.82 24.56
C LYS C 47 -33.92 -8.59 25.90
N ASP C 48 -33.41 -9.81 25.85
CA ASP C 48 -33.19 -10.58 27.08
C ASP C 48 -31.84 -10.21 27.69
N TYR C 49 -31.61 -10.63 28.94
CA TYR C 49 -30.35 -10.42 29.62
C TYR C 49 -29.43 -11.62 29.47
N LYS C 50 -28.13 -11.37 29.68
CA LYS C 50 -27.09 -12.37 29.48
C LYS C 50 -26.51 -12.77 30.84
N ILE C 51 -26.63 -14.04 31.19
CA ILE C 51 -26.09 -14.53 32.47
C ILE C 51 -24.69 -13.99 32.80
N THR C 52 -23.75 -14.13 31.88
CA THR C 52 -22.40 -13.64 32.11
C THR C 52 -22.40 -12.19 32.60
N ASP C 53 -23.19 -11.34 31.94
CA ASP C 53 -23.21 -9.91 32.29
C ASP C 53 -23.83 -9.63 33.66
N LEU C 54 -24.87 -10.38 34.02
CA LEU C 54 -25.41 -10.28 35.38
C LEU C 54 -24.35 -10.62 36.42
N LEU C 55 -23.57 -11.66 36.20
CA LEU C 55 -22.55 -12.04 37.18
C LEU C 55 -21.61 -10.86 37.41
N TYR C 56 -21.02 -10.34 36.33
CA TYR C 56 -20.21 -9.12 36.42
C TYR C 56 -20.93 -8.07 37.26
N LEU C 57 -22.22 -7.94 37.04
CA LEU C 57 -23.01 -6.93 37.74
C LEU C 57 -23.06 -7.22 39.23
N CYS C 58 -23.05 -8.49 39.60
CA CYS C 58 -22.98 -8.85 41.02
C CYS C 58 -21.67 -8.37 41.61
N ASN C 59 -20.58 -8.68 40.90
CA ASN C 59 -19.26 -8.18 41.25
C ASN C 59 -19.24 -6.66 41.44
N ALA C 60 -19.95 -5.93 40.60
CA ALA C 60 -20.04 -4.46 40.72
C ALA C 60 -20.74 -3.99 42.01
N HIS C 61 -21.75 -4.72 42.46
CA HIS C 61 -22.43 -4.37 43.71
C HIS C 61 -21.48 -4.50 44.86
N VAL C 62 -20.69 -5.58 44.84
CA VAL C 62 -19.67 -5.79 45.85
C VAL C 62 -18.66 -4.65 45.81
N LYS C 63 -18.26 -4.25 44.60
CA LYS C 63 -17.35 -3.12 44.43
C LYS C 63 -17.95 -1.80 44.93
N ASN C 64 -19.27 -1.74 45.11
CA ASN C 64 -19.93 -0.56 45.67
C ASN C 64 -20.34 -0.70 47.14
N GLY C 65 -20.06 -1.84 47.75
CA GLY C 65 -20.48 -2.09 49.13
C GLY C 65 -21.99 -2.22 49.23
N ILE C 66 -22.57 -3.03 48.34
CA ILE C 66 -24.01 -3.22 48.23
C ILE C 66 -24.33 -4.69 48.04
N PRO C 67 -25.44 -5.18 48.62
CA PRO C 67 -25.88 -6.55 48.33
C PRO C 67 -26.53 -6.65 46.94
N PHE C 68 -26.56 -7.85 46.38
CA PHE C 68 -27.06 -8.05 45.03
C PHE C 68 -28.15 -9.13 45.00
N ASP C 69 -28.98 -9.17 46.01
CA ASP C 69 -29.93 -10.26 46.17
C ASP C 69 -30.91 -10.39 44.99
N ASP C 70 -31.49 -9.27 44.57
CA ASP C 70 -32.42 -9.24 43.43
C ASP C 70 -31.81 -9.80 42.14
N VAL C 71 -30.55 -9.43 41.89
CA VAL C 71 -29.87 -9.82 40.65
C VAL C 71 -29.69 -11.32 40.62
N PHE C 72 -29.08 -11.86 41.66
CA PHE C 72 -28.78 -13.29 41.71
C PHE C 72 -30.03 -14.19 41.78
N LYS C 73 -31.14 -13.64 42.30
CA LYS C 73 -32.44 -14.31 42.21
C LYS C 73 -32.72 -14.70 40.75
N LEU C 74 -32.42 -13.80 39.82
CA LEU C 74 -32.53 -14.08 38.39
C LEU C 74 -31.50 -15.12 37.92
N ILE C 75 -30.25 -14.94 38.31
CA ILE C 75 -29.21 -15.88 37.91
C ILE C 75 -29.59 -17.27 38.37
N SER C 76 -30.04 -17.40 39.61
CA SER C 76 -30.45 -18.69 40.15
C SER C 76 -31.74 -19.21 39.50
N GLN C 77 -32.73 -18.34 39.36
CA GLN C 77 -33.98 -18.70 38.72
C GLN C 77 -33.73 -19.34 37.36
N ARG C 78 -32.83 -18.73 36.59
CA ARG C 78 -32.51 -19.19 35.25
C ARG C 78 -32.00 -20.63 35.26
N TYR C 79 -31.03 -20.90 36.12
CA TYR C 79 -30.39 -22.21 36.19
C TYR C 79 -31.32 -23.27 36.79
N THR C 80 -32.07 -22.90 37.84
CA THR C 80 -32.93 -23.88 38.50
C THR C 80 -34.08 -24.25 37.56
N GLU C 81 -34.61 -23.28 36.85
CA GLU C 81 -35.59 -23.53 35.80
C GLU C 81 -35.07 -24.61 34.86
N ILE C 82 -33.82 -24.47 34.45
CA ILE C 82 -33.19 -25.38 33.49
C ILE C 82 -33.08 -26.78 34.06
N VAL C 83 -32.45 -26.91 35.23
CA VAL C 83 -32.25 -28.22 35.85
C VAL C 83 -33.59 -28.91 36.18
N SER C 84 -34.63 -28.11 36.44
CA SER C 84 -35.96 -28.64 36.76
C SER C 84 -36.76 -29.02 35.51
N GLU C 85 -36.86 -28.10 34.56
CA GLU C 85 -37.55 -28.37 33.28
C GLU C 85 -36.99 -29.63 32.63
N LEU C 86 -35.67 -29.71 32.63
CA LEU C 86 -34.96 -30.86 32.07
C LEU C 86 -35.07 -32.04 33.02
N ASN C 87 -35.12 -31.73 34.32
CA ASN C 87 -35.42 -32.71 35.37
C ASN C 87 -34.21 -33.60 35.67
N ILE C 88 -33.07 -32.97 35.95
CA ILE C 88 -31.86 -33.69 36.36
C ILE C 88 -31.85 -33.80 37.89
N ASP C 89 -30.83 -34.47 38.42
CA ASP C 89 -30.92 -35.11 39.73
C ASP C 89 -29.79 -34.66 40.64
N MSE C 90 -29.65 -33.34 40.79
CA MSE C 90 -28.55 -32.75 41.56
C MSE C 90 -29.01 -31.65 42.46
O MSE C 90 -30.10 -31.10 42.28
CB MSE C 90 -27.53 -32.17 40.57
CG MSE C 90 -27.94 -30.81 40.00
SE MSE C 90 -26.75 -30.28 38.53
CE MSE C 90 -27.50 -31.44 37.13
N ASP C 91 -28.19 -31.31 43.45
CA ASP C 91 -28.44 -30.13 44.27
C ASP C 91 -27.86 -28.89 43.57
N ILE C 92 -28.66 -28.25 42.74
CA ILE C 92 -28.24 -27.04 42.03
C ILE C 92 -28.04 -25.88 43.02
N ALA C 93 -28.88 -25.81 44.05
CA ALA C 93 -28.77 -24.76 45.06
C ALA C 93 -27.40 -24.76 45.72
N TYR C 94 -26.87 -25.94 45.99
CA TYR C 94 -25.55 -26.08 46.63
C TYR C 94 -24.51 -25.29 45.84
N TYR C 95 -24.43 -25.57 44.55
CA TYR C 95 -23.50 -24.87 43.68
C TYR C 95 -23.85 -23.38 43.56
N LEU C 96 -25.14 -23.07 43.43
CA LEU C 96 -25.61 -21.68 43.31
C LEU C 96 -25.29 -20.84 44.55
N GLU C 97 -25.60 -21.38 45.73
CA GLU C 97 -25.28 -20.71 46.99
C GLU C 97 -23.77 -20.51 47.14
N LYS C 98 -23.02 -21.56 46.82
CA LYS C 98 -21.54 -21.53 46.90
C LYS C 98 -20.97 -20.34 46.12
N VAL C 99 -21.63 -19.98 45.02
CA VAL C 99 -21.25 -18.81 44.23
C VAL C 99 -21.60 -17.52 44.98
N LYS C 100 -22.89 -17.35 45.29
CA LYS C 100 -23.39 -16.12 45.91
C LYS C 100 -22.51 -15.64 47.07
N LYS C 101 -22.06 -16.57 47.91
CA LYS C 101 -21.20 -16.22 49.04
C LYS C 101 -19.82 -15.77 48.54
N ASN C 102 -19.21 -16.57 47.69
CA ASN C 102 -17.87 -16.25 47.16
C ASN C 102 -17.77 -14.87 46.54
N ILE C 103 -18.86 -14.40 45.93
CA ILE C 103 -18.88 -13.08 45.30
C ILE C 103 -19.05 -11.96 46.33
N GLU C 104 -19.84 -12.21 47.38
CA GLU C 104 -19.97 -11.21 48.45
C GLU C 104 -18.74 -11.23 49.38
N ASN C 105 -18.06 -12.37 49.43
CA ASN C 105 -16.76 -12.46 50.11
C ASN C 105 -15.68 -11.65 49.40
N GLY C 106 -15.89 -11.40 48.10
CA GLY C 106 -15.02 -10.51 47.33
C GLY C 106 -14.14 -11.20 46.31
N ALA C 107 -14.67 -12.25 45.67
CA ALA C 107 -13.95 -12.89 44.57
C ALA C 107 -13.78 -11.88 43.45
N SER C 108 -12.96 -12.24 42.47
CA SER C 108 -12.69 -11.32 41.37
C SER C 108 -13.87 -11.29 40.41
N SER C 109 -13.92 -10.23 39.61
CA SER C 109 -14.81 -10.22 38.45
C SER C 109 -14.56 -11.50 37.65
N ASP C 110 -13.28 -11.84 37.48
CA ASP C 110 -12.89 -13.02 36.71
C ASP C 110 -13.47 -14.30 37.27
N TYR C 111 -13.58 -14.38 38.60
CA TYR C 111 -14.26 -15.53 39.22
C TYR C 111 -15.75 -15.47 38.89
N ALA C 112 -16.36 -14.31 39.15
CA ALA C 112 -17.78 -14.12 38.92
C ALA C 112 -18.21 -14.51 37.50
N ALA C 113 -17.50 -13.97 36.51
CA ALA C 113 -17.81 -14.22 35.10
C ALA C 113 -17.76 -15.72 34.76
N SER C 114 -16.68 -16.39 35.18
CA SER C 114 -16.45 -17.80 34.87
C SER C 114 -17.58 -18.73 35.31
N ARG C 115 -18.26 -18.38 36.39
CA ARG C 115 -19.32 -19.23 36.97
C ARG C 115 -20.42 -19.63 35.98
N GLY C 116 -20.91 -18.67 35.20
CA GLY C 116 -21.95 -18.95 34.21
C GLY C 116 -21.58 -20.05 33.23
N GLU C 117 -20.30 -20.11 32.89
CA GLU C 117 -19.78 -21.11 31.95
C GLU C 117 -19.31 -22.35 32.70
N TYR C 118 -19.21 -22.22 34.03
CA TYR C 118 -18.86 -23.33 34.92
C TYR C 118 -20.11 -24.09 35.30
N LEU C 119 -21.13 -23.36 35.75
CA LEU C 119 -22.38 -23.96 36.19
C LEU C 119 -22.94 -24.87 35.09
N ASN C 120 -23.18 -24.28 33.92
CA ASN C 120 -23.59 -25.02 32.73
C ASN C 120 -22.77 -26.27 32.50
N GLY C 121 -21.49 -26.22 32.88
CA GLY C 121 -20.60 -27.37 32.83
C GLY C 121 -21.05 -28.56 33.66
N VAL C 122 -21.39 -28.33 34.93
CA VAL C 122 -21.79 -29.43 35.82
C VAL C 122 -23.17 -29.95 35.43
N ILE C 123 -24.07 -29.03 35.09
CA ILE C 123 -25.41 -29.37 34.66
C ILE C 123 -25.37 -30.31 33.46
N LEU C 124 -24.52 -30.02 32.49
CA LEU C 124 -24.33 -30.90 31.35
C LEU C 124 -23.67 -32.22 31.73
N ALA C 125 -22.78 -32.20 32.71
CA ALA C 125 -22.07 -33.40 33.15
C ALA C 125 -23.03 -34.49 33.61
N LYS C 126 -23.95 -34.12 34.49
CA LYS C 126 -24.98 -35.04 34.96
C LYS C 126 -25.90 -35.43 33.79
N TYR C 127 -26.44 -34.42 33.12
CA TYR C 127 -27.38 -34.61 32.01
C TYR C 127 -26.82 -35.47 30.88
N LEU C 128 -25.58 -35.19 30.46
CA LEU C 128 -24.94 -35.98 29.41
C LEU C 128 -24.23 -37.22 29.98
N ASN C 129 -24.06 -37.27 31.30
CA ASN C 129 -23.47 -38.42 31.97
C ASN C 129 -21.99 -38.59 31.60
N ALA C 130 -21.20 -37.58 31.96
CA ALA C 130 -19.78 -37.55 31.62
C ALA C 130 -19.00 -36.75 32.66
N GLU C 131 -17.74 -37.11 32.85
CA GLU C 131 -16.90 -36.54 33.90
C GLU C 131 -16.72 -35.01 33.76
N PHE C 132 -17.22 -34.27 34.75
CA PHE C 132 -17.02 -32.83 34.80
C PHE C 132 -15.59 -32.51 35.21
N ILE C 133 -14.89 -31.74 34.38
CA ILE C 133 -13.52 -31.33 34.66
C ILE C 133 -13.45 -29.81 34.69
N ASP C 134 -13.52 -29.23 35.88
CA ASP C 134 -13.35 -27.79 36.02
C ASP C 134 -12.20 -27.32 35.13
N ALA C 135 -12.41 -26.24 34.39
CA ALA C 135 -11.38 -25.69 33.52
C ALA C 135 -10.09 -25.43 34.30
N ALA C 136 -10.25 -24.87 35.50
CA ALA C 136 -9.12 -24.50 36.37
C ALA C 136 -8.02 -25.57 36.49
N GLU C 137 -8.43 -26.82 36.69
CA GLU C 137 -7.49 -27.93 36.90
C GLU C 137 -6.81 -28.44 35.62
N VAL C 138 -7.07 -27.80 34.47
CA VAL C 138 -6.53 -28.26 33.18
C VAL C 138 -5.83 -27.17 32.35
N ILE C 139 -6.47 -26.01 32.21
CA ILE C 139 -5.92 -24.89 31.44
C ILE C 139 -5.19 -23.90 32.34
N PHE C 140 -4.01 -23.43 31.90
CA PHE C 140 -3.11 -22.63 32.73
C PHE C 140 -2.39 -21.52 31.97
N PHE C 141 -1.92 -20.52 32.72
CA PHE C 141 -1.29 -19.32 32.17
C PHE C 141 0.19 -19.20 32.55
N ASP C 142 0.81 -18.07 32.20
CA ASP C 142 2.19 -17.76 32.58
C ASP C 142 2.24 -16.59 33.55
N LYS C 143 3.46 -16.23 33.98
CA LYS C 143 3.66 -15.11 34.91
C LYS C 143 3.11 -13.80 34.36
N SER C 144 3.39 -13.51 33.08
CA SER C 144 2.87 -12.32 32.43
C SER C 144 1.35 -12.43 32.26
N GLY C 145 0.93 -13.57 31.73
CA GLY C 145 -0.47 -13.86 31.48
C GLY C 145 -0.69 -14.63 30.19
N CYS C 146 0.36 -15.21 29.63
CA CYS C 146 0.29 -15.88 28.35
C CYS C 146 -0.05 -17.34 28.59
N PHE C 147 -1.21 -17.77 28.10
CA PHE C 147 -1.63 -19.16 28.21
C PHE C 147 -0.44 -20.11 28.00
N ASP C 148 0.03 -20.74 29.07
CA ASP C 148 1.17 -21.66 28.98
C ASP C 148 0.74 -22.95 28.31
N GLU C 149 1.28 -23.19 27.12
CA GLU C 149 0.93 -24.37 26.33
C GLU C 149 1.46 -25.65 26.98
N LYS C 150 2.76 -25.71 27.21
CA LYS C 150 3.42 -26.90 27.78
C LYS C 150 2.65 -27.43 29.00
N LYS C 151 2.49 -26.56 29.99
CA LYS C 151 1.85 -26.93 31.25
C LYS C 151 0.41 -27.39 31.04
N SER C 152 -0.33 -26.62 30.25
CA SER C 152 -1.75 -26.87 30.03
C SER C 152 -2.00 -28.14 29.22
N TYR C 153 -1.22 -28.33 28.15
CA TYR C 153 -1.35 -29.54 27.33
C TYR C 153 -1.01 -30.79 28.13
N GLU C 154 -0.09 -30.67 29.08
CA GLU C 154 0.29 -31.79 29.94
C GLU C 154 -0.91 -32.25 30.77
N LYS C 155 -1.50 -31.32 31.52
CA LYS C 155 -2.65 -31.61 32.37
C LYS C 155 -3.85 -32.12 31.56
N ILE C 156 -3.93 -31.70 30.30
CA ILE C 156 -4.98 -32.14 29.38
C ILE C 156 -4.80 -33.62 29.09
N LYS C 157 -3.58 -34.01 28.71
CA LYS C 157 -3.26 -35.39 28.40
C LYS C 157 -3.55 -36.26 29.61
N GLU C 158 -3.15 -35.76 30.78
CA GLU C 158 -3.30 -36.47 32.04
C GLU C 158 -4.77 -36.70 32.40
N LYS C 159 -5.55 -35.61 32.45
CA LYS C 159 -6.94 -35.67 32.92
C LYS C 159 -7.93 -36.05 31.82
N VAL C 160 -8.08 -35.18 30.82
CA VAL C 160 -9.17 -35.31 29.85
C VAL C 160 -8.94 -36.44 28.83
N LEU C 161 -7.71 -36.61 28.36
CA LEU C 161 -7.44 -37.61 27.34
C LEU C 161 -7.75 -39.01 27.84
N SER C 162 -7.45 -39.27 29.10
CA SER C 162 -7.73 -40.56 29.73
C SER C 162 -9.14 -40.57 30.29
N CYS C 163 -10.11 -40.39 29.41
CA CYS C 163 -11.51 -40.27 29.81
C CYS C 163 -12.42 -40.35 28.57
N ASN C 164 -13.42 -41.22 28.61
CA ASN C 164 -14.24 -41.49 27.43
C ASN C 164 -15.24 -40.38 27.09
N LYS C 165 -15.90 -39.84 28.11
CA LYS C 165 -16.78 -38.67 27.92
C LYS C 165 -16.56 -37.65 29.03
N ALA C 166 -16.28 -36.41 28.64
CA ALA C 166 -15.98 -35.35 29.61
C ALA C 166 -16.48 -33.98 29.17
N VAL C 167 -16.82 -33.14 30.15
CA VAL C 167 -17.24 -31.75 29.89
C VAL C 167 -16.24 -30.79 30.50
N ILE C 168 -15.85 -29.77 29.74
CA ILE C 168 -14.90 -28.77 30.21
C ILE C 168 -15.44 -27.37 29.92
N PRO C 169 -15.66 -26.57 30.98
CA PRO C 169 -16.01 -25.16 30.88
C PRO C 169 -15.10 -24.34 29.95
N GLY C 170 -15.71 -23.44 29.18
CA GLY C 170 -15.04 -22.83 28.05
C GLY C 170 -14.25 -21.57 28.33
N PHE C 171 -14.69 -20.78 29.29
CA PHE C 171 -14.30 -19.36 29.33
C PHE C 171 -13.02 -19.03 30.10
N TYR C 172 -12.36 -20.02 30.71
CA TYR C 172 -11.28 -19.70 31.65
C TYR C 172 -10.33 -20.85 31.97
N GLY C 173 -9.31 -20.52 32.77
CA GLY C 173 -8.42 -21.50 33.41
C GLY C 173 -7.88 -20.95 34.73
N SER C 174 -6.67 -21.37 35.09
CA SER C 174 -5.99 -20.90 36.30
C SER C 174 -4.74 -20.07 35.96
N SER C 175 -4.46 -19.06 36.78
CA SER C 175 -3.28 -18.21 36.61
C SER C 175 -2.03 -18.85 37.23
N PHE C 176 -0.87 -18.21 37.04
CA PHE C 176 0.39 -18.66 37.63
C PHE C 176 0.32 -18.68 39.15
N ASN C 177 -0.25 -17.62 39.73
CA ASN C 177 -0.48 -17.54 41.18
C ASN C 177 -1.77 -18.24 41.63
N GLY C 178 -2.24 -19.20 40.83
CA GLY C 178 -3.35 -20.07 41.20
C GLY C 178 -4.75 -19.52 40.98
N ASP C 179 -4.87 -18.21 40.79
CA ASP C 179 -6.19 -17.57 40.76
C ASP C 179 -6.93 -17.89 39.47
N VAL C 180 -8.26 -17.95 39.55
CA VAL C 180 -9.10 -18.07 38.35
C VAL C 180 -8.97 -16.81 37.52
N LYS C 181 -8.53 -16.96 36.28
CA LYS C 181 -8.47 -15.83 35.34
C LYS C 181 -9.22 -16.19 34.07
N THR C 182 -10.11 -15.29 33.66
CA THR C 182 -10.89 -15.48 32.46
C THR C 182 -10.05 -15.13 31.22
N PHE C 183 -10.27 -15.85 30.13
CA PHE C 183 -9.62 -15.52 28.87
C PHE C 183 -9.92 -14.09 28.48
N SER C 184 -8.88 -13.35 28.09
CA SER C 184 -9.05 -11.98 27.61
C SER C 184 -9.69 -11.96 26.23
N ARG C 185 -9.63 -13.08 25.52
CA ARG C 185 -10.21 -13.21 24.18
C ARG C 185 -10.37 -14.67 23.79
N GLY C 186 -11.28 -14.94 22.87
CA GLY C 186 -11.55 -16.30 22.40
C GLY C 186 -12.86 -16.85 22.95
N GLY C 187 -13.21 -16.46 24.17
CA GLY C 187 -14.45 -16.89 24.78
C GLY C 187 -14.43 -18.36 25.12
N SER C 188 -15.39 -19.12 24.60
CA SER C 188 -15.44 -20.57 24.80
C SER C 188 -14.95 -21.32 23.57
N ASP C 189 -14.57 -20.58 22.53
CA ASP C 189 -14.13 -21.18 21.28
C ASP C 189 -12.70 -21.64 21.43
N VAL C 190 -11.88 -20.79 22.05
CA VAL C 190 -10.47 -21.09 22.27
C VAL C 190 -10.30 -22.36 23.09
N THR C 191 -11.17 -22.55 24.08
CA THR C 191 -11.14 -23.76 24.88
C THR C 191 -11.28 -24.98 23.97
N GLY C 192 -12.33 -24.99 23.16
CA GLY C 192 -12.56 -26.08 22.22
C GLY C 192 -11.34 -26.41 21.38
N SER C 193 -10.60 -25.38 20.96
CA SER C 193 -9.33 -25.59 20.27
C SER C 193 -8.28 -26.08 21.25
N ILE C 194 -8.11 -25.32 22.34
CA ILE C 194 -7.13 -25.65 23.36
C ILE C 194 -7.40 -26.99 24.05
N ILE C 195 -8.45 -27.68 23.64
CA ILE C 195 -8.66 -29.09 23.96
C ILE C 195 -8.40 -29.94 22.72
N SER C 196 -8.90 -29.51 21.58
CA SER C 196 -8.63 -30.19 20.29
C SER C 196 -7.13 -30.32 20.06
N ALA C 197 -6.40 -29.26 20.37
CA ALA C 197 -4.97 -29.34 20.60
C ALA C 197 -4.83 -29.79 22.05
N GLY C 198 -3.95 -30.76 22.27
CA GLY C 198 -3.90 -31.47 23.54
C GLY C 198 -4.42 -32.86 23.22
N VAL C 199 -5.69 -33.08 23.49
CA VAL C 199 -6.38 -34.26 23.00
C VAL C 199 -6.35 -34.19 21.48
N ASN C 200 -5.45 -34.94 20.84
CA ASN C 200 -5.19 -34.78 19.41
C ASN C 200 -6.38 -35.22 18.55
N ALA C 201 -7.33 -34.31 18.39
CA ALA C 201 -8.63 -34.65 17.82
C ALA C 201 -8.66 -34.61 16.31
N ASP C 202 -9.45 -35.50 15.72
CA ASP C 202 -9.59 -35.61 14.28
C ASP C 202 -10.55 -34.57 13.70
N LEU C 203 -11.35 -33.95 14.56
CA LEU C 203 -12.37 -32.99 14.13
C LEU C 203 -12.87 -32.18 15.31
N TYR C 204 -13.06 -30.88 15.08
CA TYR C 204 -13.56 -29.98 16.11
C TYR C 204 -14.81 -29.28 15.58
N GLU C 205 -15.97 -29.73 16.06
CA GLU C 205 -17.22 -29.15 15.65
C GLU C 205 -17.52 -27.97 16.57
N ASN C 206 -17.67 -26.78 15.99
CA ASN C 206 -18.15 -25.63 16.74
C ASN C 206 -19.63 -25.46 16.45
N TRP C 207 -20.45 -25.64 17.48
CA TRP C 207 -21.89 -25.67 17.33
C TRP C 207 -22.49 -24.34 17.62
N THR C 208 -23.02 -23.73 16.56
CA THR C 208 -23.66 -22.41 16.64
C THR C 208 -25.09 -22.54 16.12
N ASP C 209 -25.72 -21.41 15.80
CA ASP C 209 -27.07 -21.41 15.23
C ASP C 209 -27.10 -20.96 13.78
N VAL C 210 -25.93 -20.74 13.18
CA VAL C 210 -25.83 -20.55 11.73
C VAL C 210 -25.23 -21.81 11.12
N SER C 211 -25.56 -22.07 9.86
CA SER C 211 -25.10 -23.26 9.13
C SER C 211 -23.89 -22.94 8.24
N GLY C 212 -22.82 -22.46 8.86
CA GLY C 212 -21.60 -22.11 8.12
C GLY C 212 -21.67 -20.74 7.48
N PHE C 213 -20.75 -20.49 6.55
CA PHE C 213 -20.62 -19.21 5.87
C PHE C 213 -21.17 -19.29 4.44
N LEU C 214 -21.56 -18.16 3.89
CA LEU C 214 -22.04 -18.09 2.51
C LEU C 214 -21.03 -17.35 1.62
N MSE C 215 -20.93 -17.75 0.35
CA MSE C 215 -19.98 -17.12 -0.60
C MSE C 215 -20.16 -15.63 -0.64
O MSE C 215 -19.19 -14.89 -0.87
CB MSE C 215 -20.15 -17.64 -2.04
CG MSE C 215 -18.83 -18.16 -2.60
SE MSE C 215 -19.00 -18.63 -4.50
CE MSE C 215 -18.04 -20.34 -4.42
N ALA C 216 -21.38 -15.15 -0.43
CA ALA C 216 -21.64 -13.73 -0.37
C ALA C 216 -22.77 -13.43 0.60
N ASP C 217 -23.05 -12.14 0.79
CA ASP C 217 -24.13 -11.69 1.66
C ASP C 217 -25.47 -11.96 0.97
N PRO C 218 -26.34 -12.78 1.59
CA PRO C 218 -27.59 -13.18 0.93
C PRO C 218 -28.64 -12.07 0.84
N ARG C 219 -28.44 -11.00 1.60
CA ARG C 219 -29.30 -9.81 1.57
C ARG C 219 -29.10 -9.01 0.28
N ILE C 220 -28.02 -9.27 -0.45
CA ILE C 220 -27.74 -8.60 -1.72
C ILE C 220 -27.39 -9.55 -2.88
N VAL C 221 -26.89 -10.75 -2.58
CA VAL C 221 -26.76 -11.80 -3.60
C VAL C 221 -27.76 -12.93 -3.33
N GLU C 222 -28.94 -12.82 -3.94
CA GLU C 222 -30.02 -13.79 -3.73
C GLU C 222 -29.51 -15.22 -3.98
N ASN C 223 -29.61 -16.06 -2.95
CA ASN C 223 -29.24 -17.47 -3.01
C ASN C 223 -27.74 -17.72 -3.21
N PRO C 224 -26.90 -17.22 -2.27
CA PRO C 224 -25.47 -17.46 -2.40
C PRO C 224 -25.12 -18.89 -2.03
N LYS C 225 -24.02 -19.39 -2.60
CA LYS C 225 -23.58 -20.75 -2.34
C LYS C 225 -22.86 -20.83 -1.00
N THR C 226 -23.00 -21.98 -0.33
CA THR C 226 -22.33 -22.20 0.94
C THR C 226 -20.86 -22.46 0.71
N ILE C 227 -20.02 -21.79 1.49
CA ILE C 227 -18.59 -22.11 1.55
C ILE C 227 -18.47 -23.43 2.30
N SER C 228 -17.96 -24.45 1.62
CA SER C 228 -17.88 -25.78 2.22
C SER C 228 -16.54 -26.00 2.91
N LYS C 229 -15.46 -25.60 2.24
CA LYS C 229 -14.11 -25.66 2.81
C LYS C 229 -13.44 -24.27 2.69
N ILE C 230 -12.86 -23.81 3.80
CA ILE C 230 -12.22 -22.48 3.86
C ILE C 230 -10.85 -22.54 4.55
N SER C 231 -9.86 -21.86 3.96
CA SER C 231 -8.52 -21.82 4.53
C SER C 231 -8.49 -20.90 5.74
N TYR C 232 -7.51 -21.12 6.61
CA TYR C 232 -7.27 -20.21 7.73
C TYR C 232 -7.12 -18.81 7.17
N LYS C 233 -6.10 -18.63 6.33
CA LYS C 233 -5.80 -17.32 5.73
C LYS C 233 -7.03 -16.76 5.03
N GLU C 234 -7.73 -17.59 4.26
CA GLU C 234 -8.96 -17.17 3.59
C GLU C 234 -9.90 -16.55 4.62
N LEU C 235 -10.23 -17.31 5.65
CA LEU C 235 -11.16 -16.86 6.68
C LEU C 235 -10.72 -15.54 7.30
N ARG C 236 -9.46 -15.49 7.75
CA ARG C 236 -8.89 -14.26 8.32
C ARG C 236 -9.09 -13.05 7.39
N GLU C 237 -9.00 -13.30 6.09
CA GLU C 237 -9.14 -12.24 5.09
C GLU C 237 -10.61 -11.92 4.83
N LEU C 238 -11.51 -12.87 5.10
CA LEU C 238 -12.94 -12.66 4.91
C LEU C 238 -13.63 -12.21 6.20
N SER C 239 -12.89 -11.46 7.02
CA SER C 239 -13.36 -10.97 8.32
C SER C 239 -14.65 -10.13 8.30
N TYR C 240 -15.10 -9.71 7.12
CA TYR C 240 -16.32 -8.89 7.01
C TYR C 240 -17.60 -9.71 7.15
N VAL C 245 -20.08 -15.62 12.06
CA VAL C 245 -19.03 -14.74 12.57
C VAL C 245 -18.15 -15.46 13.59
N LEU C 246 -16.90 -15.74 13.22
CA LEU C 246 -15.91 -16.34 14.15
C LEU C 246 -14.55 -15.74 13.89
N HIS C 247 -13.78 -15.48 14.94
CA HIS C 247 -12.58 -14.64 14.80
C HIS C 247 -11.47 -14.80 15.78
N GLU C 248 -10.39 -14.08 15.45
CA GLU C 248 -9.24 -13.85 16.34
C GLU C 248 -8.48 -15.12 16.62
N GLU C 249 -7.61 -15.03 17.62
CA GLU C 249 -6.94 -16.19 18.15
C GLU C 249 -7.92 -16.96 19.04
N ALA C 250 -8.95 -17.50 18.41
CA ALA C 250 -9.75 -18.58 18.97
C ALA C 250 -9.34 -19.88 18.28
N ILE C 251 -8.42 -19.76 17.33
CA ILE C 251 -8.02 -20.84 16.44
C ILE C 251 -6.58 -21.28 16.66
N PHE C 252 -5.79 -20.46 17.36
CA PHE C 252 -4.33 -20.65 17.42
C PHE C 252 -3.83 -22.04 17.87
N PRO C 253 -4.55 -22.73 18.78
CA PRO C 253 -4.05 -24.05 19.15
C PRO C 253 -4.10 -25.04 17.98
N VAL C 254 -5.25 -25.09 17.32
CA VAL C 254 -5.46 -25.97 16.17
C VAL C 254 -4.47 -25.68 15.05
N LYS C 255 -4.26 -24.39 14.74
CA LYS C 255 -3.35 -23.96 13.68
C LYS C 255 -2.16 -24.90 13.55
N ASP C 256 -1.44 -25.08 14.66
CA ASP C 256 -0.16 -25.81 14.68
C ASP C 256 -0.26 -27.19 14.00
N SER C 257 -1.25 -27.98 14.40
CA SER C 257 -1.59 -29.23 13.72
C SER C 257 -2.95 -29.03 13.06
N GLY C 258 -2.98 -29.02 11.74
CA GLY C 258 -4.20 -28.70 11.00
C GLY C 258 -5.38 -29.60 11.36
N ILE C 259 -5.97 -29.35 12.53
CA ILE C 259 -7.11 -30.12 13.02
C ILE C 259 -8.37 -29.46 12.47
N PRO C 260 -9.14 -30.18 11.65
CA PRO C 260 -10.32 -29.55 11.03
C PRO C 260 -11.22 -28.89 12.06
N ILE C 261 -11.86 -27.80 11.66
CA ILE C 261 -12.98 -27.26 12.41
C ILE C 261 -14.19 -27.34 11.51
N ASN C 262 -15.37 -27.53 12.09
CA ASN C 262 -16.59 -27.64 11.34
C ASN C 262 -17.65 -26.77 12.00
N ILE C 263 -17.98 -25.64 11.39
CA ILE C 263 -19.09 -24.85 11.90
C ILE C 263 -20.35 -25.61 11.56
N LYS C 264 -21.27 -25.70 12.52
CA LYS C 264 -22.49 -26.49 12.34
C LYS C 264 -23.66 -25.88 13.11
N ASN C 265 -24.87 -26.08 12.58
CA ASN C 265 -26.07 -25.44 13.12
C ASN C 265 -26.85 -26.40 14.03
N THR C 266 -27.05 -25.97 15.27
CA THR C 266 -27.70 -26.79 16.28
C THR C 266 -29.19 -26.97 16.03
N ASN C 267 -29.79 -26.06 15.27
CA ASN C 267 -31.21 -26.18 14.93
C ASN C 267 -31.42 -26.77 13.53
N LYS C 268 -30.34 -27.20 12.89
CA LYS C 268 -30.39 -27.94 11.61
C LYS C 268 -29.12 -28.80 11.45
N PRO C 269 -28.94 -29.80 12.33
CA PRO C 269 -27.68 -30.55 12.35
C PRO C 269 -27.40 -31.39 11.11
N SER C 270 -28.41 -31.66 10.29
CA SER C 270 -28.19 -32.31 8.98
C SER C 270 -27.39 -31.43 8.00
N ASP C 271 -27.37 -30.11 8.25
CA ASP C 271 -26.55 -29.18 7.46
C ASP C 271 -25.05 -29.37 7.70
N PRO C 272 -24.27 -29.54 6.62
CA PRO C 272 -22.83 -29.42 6.75
C PRO C 272 -22.51 -27.97 6.54
N GLY C 273 -21.98 -27.31 7.56
CA GLY C 273 -21.63 -25.91 7.43
C GLY C 273 -20.35 -25.77 6.65
N THR C 274 -19.48 -24.88 7.10
CA THR C 274 -18.16 -24.78 6.54
C THR C 274 -17.20 -25.66 7.30
N LEU C 275 -16.06 -25.89 6.67
CA LEU C 275 -15.00 -26.70 7.21
C LEU C 275 -13.74 -25.84 7.11
N ILE C 276 -13.21 -25.43 8.27
CA ILE C 276 -12.02 -24.59 8.30
C ILE C 276 -10.79 -25.49 8.32
N LEU C 277 -10.02 -25.46 7.23
CA LEU C 277 -8.82 -26.27 7.13
C LEU C 277 -7.57 -25.43 7.17
N SER C 278 -6.44 -26.11 7.33
CA SER C 278 -5.13 -25.49 7.30
C SER C 278 -4.85 -24.89 5.94
N ASP C 279 -3.86 -24.03 5.89
CA ASP C 279 -3.43 -23.44 4.63
C ASP C 279 -2.70 -24.49 3.80
N THR C 280 -2.05 -25.44 4.48
CA THR C 280 -1.33 -26.52 3.82
C THR C 280 -2.25 -27.64 3.30
N HIS C 281 -3.18 -28.09 4.13
CA HIS C 281 -3.99 -29.28 3.82
C HIS C 281 -5.10 -29.01 2.85
N LYS C 282 -5.69 -27.81 2.92
CA LYS C 282 -6.81 -27.46 2.03
C LYS C 282 -6.47 -27.64 0.56
N GLU C 283 -7.50 -27.95 -0.23
CA GLU C 283 -7.39 -28.07 -1.69
C GLU C 283 -7.08 -26.71 -2.29
N ILE C 284 -7.08 -26.61 -3.61
CA ILE C 284 -6.62 -25.39 -4.27
C ILE C 284 -7.67 -24.75 -5.21
N ASN C 285 -8.27 -25.54 -6.10
CA ASN C 285 -9.29 -25.03 -7.04
C ASN C 285 -8.80 -23.81 -7.83
N LEU C 286 -7.74 -23.97 -8.62
CA LEU C 286 -7.13 -22.84 -9.32
C LEU C 286 -8.11 -22.09 -10.20
N GLY C 287 -7.99 -20.76 -10.20
CA GLY C 287 -8.88 -19.89 -10.94
C GLY C 287 -10.26 -19.80 -10.32
N THR C 288 -10.33 -19.73 -8.99
CA THR C 288 -11.62 -19.71 -8.32
C THR C 288 -11.62 -18.88 -7.03
N ILE C 289 -12.74 -18.20 -6.82
CA ILE C 289 -13.03 -17.46 -5.59
C ILE C 289 -13.21 -18.45 -4.43
N THR C 290 -13.21 -17.96 -3.19
CA THR C 290 -13.83 -18.65 -2.04
C THR C 290 -15.05 -17.86 -1.52
N GLY C 291 -14.93 -16.53 -1.50
CA GLY C 291 -16.01 -15.66 -1.02
C GLY C 291 -15.75 -14.18 -1.18
N ILE C 292 -16.83 -13.40 -1.11
CA ILE C 292 -16.81 -11.96 -1.33
C ILE C 292 -17.53 -11.27 -0.18
N ALA C 293 -16.80 -10.56 0.66
CA ALA C 293 -17.39 -9.87 1.82
C ALA C 293 -16.96 -8.40 1.88
N GLY C 294 -17.91 -7.48 1.99
CA GLY C 294 -17.64 -6.04 1.92
C GLY C 294 -18.08 -5.24 3.15
N LYS C 295 -17.97 -3.92 3.10
CA LYS C 295 -18.27 -3.05 4.26
C LYS C 295 -18.52 -1.60 3.84
N LYS C 296 -19.71 -1.08 4.16
CA LYS C 296 -20.12 0.26 3.73
C LYS C 296 -19.62 1.36 4.69
N ASN C 297 -19.68 2.60 4.21
CA ASN C 297 -19.39 3.81 5.01
C ASN C 297 -17.93 4.03 5.42
N PHE C 298 -17.13 4.44 4.44
CA PHE C 298 -15.75 4.90 4.66
C PHE C 298 -15.56 6.31 4.11
N THR C 299 -14.51 6.96 4.59
CA THR C 299 -14.09 8.25 4.07
C THR C 299 -12.59 8.23 3.85
N VAL C 300 -12.13 8.95 2.83
CA VAL C 300 -10.71 8.97 2.51
C VAL C 300 -10.15 10.39 2.57
N ILE C 301 -9.29 10.62 3.56
CA ILE C 301 -8.62 11.91 3.73
C ILE C 301 -7.43 12.00 2.77
N ALA C 302 -7.51 12.87 1.77
CA ALA C 302 -6.51 12.92 0.72
C ALA C 302 -5.51 14.03 0.98
N ILE C 303 -4.31 13.64 1.38
CA ILE C 303 -3.24 14.57 1.74
C ILE C 303 -2.19 14.58 0.64
N GLU C 304 -1.70 15.76 0.30
CA GLU C 304 -0.97 15.96 -0.94
C GLU C 304 0.02 17.13 -0.80
N LYS C 305 1.31 16.82 -0.81
CA LYS C 305 2.36 17.84 -0.62
C LYS C 305 3.56 17.63 -1.54
N ALA C 306 4.03 18.72 -2.12
CA ALA C 306 5.20 18.70 -3.02
C ALA C 306 6.44 18.21 -2.29
N LEU C 307 7.12 17.25 -2.89
CA LEU C 307 8.31 16.62 -2.31
C LEU C 307 8.04 15.93 -0.96
N LEU C 308 6.79 15.54 -0.71
CA LEU C 308 6.44 14.88 0.55
C LEU C 308 7.34 13.68 0.82
N ASN C 309 7.59 12.91 -0.23
CA ASN C 309 8.28 11.61 -0.15
C ASN C 309 9.66 11.72 0.50
N SER C 310 10.37 12.79 0.17
CA SER C 310 11.73 13.02 0.66
C SER C 310 11.74 13.96 1.86
N GLU C 311 11.01 13.55 2.90
CA GLU C 311 10.86 14.33 4.13
C GLU C 311 10.58 13.39 5.33
N VAL C 312 11.00 12.13 5.21
CA VAL C 312 10.63 11.09 6.19
C VAL C 312 10.91 11.56 7.63
N GLY C 313 10.02 11.27 8.59
CA GLY C 313 8.84 10.41 8.41
C GLY C 313 7.54 11.17 8.37
N PHE C 314 7.22 11.71 7.20
CA PHE C 314 6.00 12.49 6.99
C PHE C 314 4.72 11.68 7.25
N CYS C 315 4.71 10.42 6.83
CA CYS C 315 3.56 9.56 7.10
C CYS C 315 3.51 9.24 8.58
N ARG C 316 4.63 8.74 9.09
CA ARG C 316 4.76 8.46 10.51
C ARG C 316 4.18 9.59 11.35
N LYS C 317 4.51 10.83 10.99
CA LYS C 317 3.93 12.00 11.64
C LYS C 317 2.41 11.96 11.58
N ILE C 318 1.88 11.80 10.37
CA ILE C 318 0.44 11.82 10.13
C ILE C 318 -0.29 10.77 10.97
N LEU C 319 0.07 9.50 10.82
CA LEU C 319 -0.65 8.45 11.54
C LEU C 319 -0.30 8.43 13.04
N SER C 320 0.71 9.19 13.44
CA SER C 320 0.93 9.45 14.86
C SER C 320 -0.14 10.37 15.43
N ILE C 321 -0.77 11.20 14.60
CA ILE C 321 -1.84 12.09 15.08
C ILE C 321 -3.20 11.40 14.96
N LEU C 322 -3.33 10.42 14.08
CA LEU C 322 -4.50 9.53 14.10
C LEU C 322 -4.47 8.71 15.38
N GLU C 323 -3.27 8.25 15.73
CA GLU C 323 -3.02 7.45 16.93
C GLU C 323 -3.08 8.32 18.19
N MSE C 324 -2.80 9.61 18.05
CA MSE C 324 -2.90 10.56 19.16
C MSE C 324 -4.33 10.64 19.57
O MSE C 324 -4.64 10.69 20.76
CB MSE C 324 -2.35 11.92 18.72
CG MSE C 324 -2.20 12.95 19.85
SE MSE C 324 -2.68 14.72 19.12
CE MSE C 324 -0.96 15.15 18.26
N TYR C 325 -5.24 10.63 18.60
CA TYR C 325 -6.67 10.52 18.85
C TYR C 325 -7.00 9.03 18.94
N GLY C 326 -8.26 8.63 18.75
CA GLY C 326 -8.62 7.22 18.89
C GLY C 326 -8.75 6.45 17.59
N VAL C 327 -8.23 7.01 16.50
CA VAL C 327 -8.70 6.65 15.16
C VAL C 327 -7.85 5.58 14.46
N SER C 328 -8.54 4.54 13.97
CA SER C 328 -7.92 3.48 13.18
C SER C 328 -8.28 3.60 11.72
N PHE C 329 -7.46 3.01 10.86
CA PHE C 329 -7.63 3.13 9.42
C PHE C 329 -7.43 1.80 8.70
N GLU C 330 -8.08 1.66 7.56
CA GLU C 330 -8.09 0.41 6.80
C GLU C 330 -6.94 0.39 5.79
N HIS C 331 -6.70 1.52 5.13
CA HIS C 331 -5.68 1.62 4.08
C HIS C 331 -5.01 2.95 4.07
N MSE C 332 -3.71 2.95 3.74
CA MSE C 332 -2.94 4.18 3.55
C MSE C 332 -2.30 4.21 2.19
O MSE C 332 -1.08 4.00 2.07
CB MSE C 332 -1.86 4.33 4.63
CG MSE C 332 -1.18 5.68 4.52
SE MSE C 332 0.40 5.75 5.69
CE MSE C 332 -0.55 6.49 7.23
N PRO C 333 -3.09 4.45 1.13
CA PRO C 333 -2.50 4.59 -0.20
C PRO C 333 -1.49 5.70 -0.19
N SER C 334 -0.38 5.49 -0.88
CA SER C 334 0.73 6.44 -0.84
C SER C 334 1.42 6.54 -2.19
N GLY C 335 2.00 7.70 -2.47
CA GLY C 335 2.54 7.97 -3.80
C GLY C 335 3.50 9.15 -3.82
N VAL C 336 3.87 9.54 -5.03
CA VAL C 336 4.91 10.55 -5.27
C VAL C 336 4.86 11.72 -4.28
N ASP C 337 3.69 12.36 -4.21
CA ASP C 337 3.48 13.56 -3.40
C ASP C 337 2.07 13.52 -2.84
N SER C 338 1.64 12.31 -2.47
CA SER C 338 0.27 12.05 -2.01
C SER C 338 0.30 11.02 -0.91
N VAL C 339 -0.66 11.13 0.01
CA VAL C 339 -0.96 10.08 0.98
C VAL C 339 -2.45 10.14 1.27
N SER C 340 -3.10 8.99 1.22
CA SER C 340 -4.53 8.89 1.53
C SER C 340 -4.71 7.99 2.73
N LEU C 341 -5.59 8.39 3.64
CA LEU C 341 -5.95 7.58 4.80
C LEU C 341 -7.39 7.14 4.63
N VAL C 342 -7.61 5.85 4.53
CA VAL C 342 -8.96 5.30 4.43
C VAL C 342 -9.43 4.97 5.84
N ILE C 343 -10.49 5.63 6.30
CA ILE C 343 -10.94 5.54 7.67
C ILE C 343 -12.43 5.21 7.74
N GLU C 344 -12.81 4.40 8.71
CA GLU C 344 -14.22 4.01 8.92
C GLU C 344 -14.96 5.23 9.44
N ASP C 345 -16.08 5.57 8.80
CA ASP C 345 -16.83 6.80 9.12
C ASP C 345 -17.07 7.00 10.61
N CYS C 346 -17.56 5.96 11.26
CA CYS C 346 -17.87 6.00 12.69
C CYS C 346 -16.62 6.24 13.55
N LYS C 347 -15.56 5.48 13.27
CA LYS C 347 -14.29 5.62 13.98
C LYS C 347 -13.76 7.06 13.92
N LEU C 348 -14.12 7.75 12.85
CA LEU C 348 -13.70 9.12 12.58
C LEU C 348 -14.68 10.15 13.14
N ASP C 349 -15.94 9.73 13.32
CA ASP C 349 -17.06 10.64 13.55
C ASP C 349 -16.84 11.59 14.73
N GLY C 350 -16.81 12.89 14.44
CA GLY C 350 -16.63 13.91 15.47
C GLY C 350 -15.20 14.42 15.55
N LYS C 351 -14.25 13.50 15.49
CA LYS C 351 -12.82 13.83 15.66
C LYS C 351 -12.19 14.54 14.44
N CYS C 352 -12.85 14.47 13.28
CA CYS C 352 -12.25 14.85 11.98
C CYS C 352 -11.76 16.31 11.87
N ASP C 353 -12.65 17.26 12.10
CA ASP C 353 -12.30 18.68 11.93
C ASP C 353 -11.03 19.08 12.67
N LYS C 354 -10.87 18.58 13.89
CA LYS C 354 -9.67 18.84 14.69
C LYS C 354 -8.43 18.13 14.12
N ILE C 355 -8.62 16.91 13.59
CA ILE C 355 -7.52 16.14 12.97
C ILE C 355 -6.94 16.87 11.76
N ILE C 356 -7.82 17.34 10.87
CA ILE C 356 -7.42 18.09 9.69
C ILE C 356 -6.74 19.40 10.11
N GLU C 357 -7.18 19.95 11.24
CA GLU C 357 -6.56 21.14 11.80
C GLU C 357 -5.11 20.85 12.18
N GLU C 358 -4.89 19.71 12.82
CA GLU C 358 -3.58 19.39 13.41
C GLU C 358 -2.57 18.79 12.43
N ILE C 359 -3.03 17.94 11.51
CA ILE C 359 -2.13 17.46 10.44
C ILE C 359 -1.63 18.64 9.62
N LYS C 360 -2.47 19.66 9.50
CA LYS C 360 -2.14 20.89 8.79
C LYS C 360 -1.16 21.78 9.58
N LYS C 361 -1.04 21.54 10.87
CA LYS C 361 -0.06 22.27 11.69
C LYS C 361 1.29 21.57 11.64
N GLN C 362 1.32 20.30 12.06
CA GLN C 362 2.55 19.51 12.12
C GLN C 362 3.21 19.35 10.75
N CYS C 363 2.40 19.15 9.72
CA CYS C 363 2.87 19.15 8.34
C CYS C 363 2.12 20.26 7.62
N ASN C 364 2.72 20.81 6.57
CA ASN C 364 2.05 21.84 5.77
C ASN C 364 1.74 21.22 4.41
N PRO C 365 0.66 20.42 4.34
CA PRO C 365 0.32 19.87 3.05
C PRO C 365 -0.06 20.97 2.08
N ASP C 366 0.18 20.73 0.80
CA ASP C 366 -0.26 21.64 -0.25
C ASP C 366 -1.77 21.49 -0.43
N SER C 367 -2.34 20.39 0.07
CA SER C 367 -3.76 20.13 -0.09
C SER C 367 -4.22 18.99 0.81
N ILE C 368 -5.35 19.18 1.50
CA ILE C 368 -6.06 18.09 2.18
C ILE C 368 -7.53 18.14 1.76
N GLU C 369 -8.07 16.99 1.36
CA GLU C 369 -9.46 16.92 0.96
C GLU C 369 -10.15 15.74 1.59
N ILE C 370 -11.47 15.86 1.75
CA ILE C 370 -12.30 14.78 2.28
C ILE C 370 -13.11 14.20 1.13
N HIS C 371 -13.17 12.88 1.04
CA HIS C 371 -13.94 12.18 0.01
C HIS C 371 -14.71 11.07 0.64
N PRO C 372 -15.87 11.39 1.24
CA PRO C 372 -16.67 10.39 1.94
C PRO C 372 -17.44 9.48 0.99
N ASN C 373 -18.28 8.62 1.55
CA ASN C 373 -19.22 7.78 0.77
C ASN C 373 -18.50 6.75 -0.08
N MSE C 374 -17.65 5.95 0.56
CA MSE C 374 -16.99 4.83 -0.10
C MSE C 374 -17.31 3.55 0.62
O MSE C 374 -17.46 3.53 1.84
CB MSE C 374 -15.48 5.06 -0.11
CG MSE C 374 -14.81 4.20 -1.18
SE MSE C 374 -12.86 4.46 -1.25
CE MSE C 374 -12.31 3.42 0.34
N ALA C 375 -17.45 2.46 -0.13
CA ALA C 375 -17.49 1.12 0.44
C ALA C 375 -16.29 0.30 -0.08
N LEU C 376 -15.91 -0.73 0.69
CA LEU C 376 -14.82 -1.62 0.32
C LEU C 376 -15.33 -3.02 0.05
N VAL C 377 -14.66 -3.74 -0.85
CA VAL C 377 -15.11 -5.07 -1.27
C VAL C 377 -13.98 -6.06 -1.43
N ALA C 378 -13.74 -6.84 -0.38
CA ALA C 378 -12.74 -7.91 -0.44
C ALA C 378 -13.29 -9.02 -1.30
N THR C 379 -12.43 -9.60 -2.12
CA THR C 379 -12.81 -10.77 -2.90
C THR C 379 -11.65 -11.78 -2.83
N VAL C 380 -11.92 -12.91 -2.19
CA VAL C 380 -10.89 -13.73 -1.55
C VAL C 380 -10.94 -15.19 -1.98
N GLY C 381 -9.79 -15.86 -2.00
CA GLY C 381 -9.69 -17.27 -2.39
C GLY C 381 -8.30 -17.66 -2.87
N THR C 382 -7.78 -18.77 -2.36
CA THR C 382 -6.43 -19.24 -2.72
C THR C 382 -6.28 -19.48 -4.22
N GLY C 383 -7.39 -19.79 -4.89
CA GLY C 383 -7.41 -20.02 -6.34
C GLY C 383 -6.97 -18.83 -7.16
N MSE C 384 -7.14 -17.63 -6.62
CA MSE C 384 -6.65 -16.42 -7.31
C MSE C 384 -5.17 -16.21 -7.13
O MSE C 384 -4.61 -15.31 -7.74
CB MSE C 384 -7.46 -15.17 -6.93
CG MSE C 384 -7.19 -14.54 -5.57
SE MSE C 384 -8.91 -13.89 -4.86
CE MSE C 384 -9.43 -12.69 -6.32
N ALA C 385 -4.51 -17.04 -6.32
CA ALA C 385 -3.06 -16.93 -6.13
C ALA C 385 -2.32 -17.30 -7.42
N LYS C 386 -1.38 -16.44 -7.81
CA LYS C 386 -0.50 -16.68 -8.96
C LYS C 386 -1.22 -16.99 -10.29
N THR C 387 -2.51 -16.69 -10.38
CA THR C 387 -3.31 -16.97 -11.57
C THR C 387 -3.45 -15.72 -12.42
N LYS C 388 -3.14 -15.85 -13.70
CA LYS C 388 -3.26 -14.73 -14.65
C LYS C 388 -4.73 -14.36 -14.85
N GLY C 389 -5.00 -13.06 -14.95
CA GLY C 389 -6.31 -12.56 -15.34
C GLY C 389 -7.38 -12.50 -14.26
N ILE C 390 -7.06 -12.93 -13.06
CA ILE C 390 -8.04 -12.92 -11.97
C ILE C 390 -8.38 -11.49 -11.59
N ALA C 391 -7.34 -10.70 -11.31
CA ALA C 391 -7.49 -9.27 -11.15
C ALA C 391 -8.31 -8.76 -12.33
N ASN C 392 -7.77 -8.95 -13.52
CA ASN C 392 -8.39 -8.49 -14.75
C ASN C 392 -9.85 -8.93 -14.94
N LYS C 393 -10.19 -10.12 -14.46
CA LYS C 393 -11.55 -10.64 -14.58
C LYS C 393 -12.52 -9.80 -13.74
N ILE C 394 -12.15 -9.61 -12.48
CA ILE C 394 -12.90 -8.80 -11.56
C ILE C 394 -13.19 -7.42 -12.16
N PHE C 395 -12.17 -6.82 -12.75
CA PHE C 395 -12.29 -5.44 -13.23
C PHE C 395 -12.98 -5.35 -14.59
N THR C 396 -12.97 -6.44 -15.36
CA THR C 396 -13.76 -6.52 -16.57
C THR C 396 -15.23 -6.49 -16.18
N ALA C 397 -15.58 -7.31 -15.19
CA ALA C 397 -16.92 -7.39 -14.65
C ALA C 397 -17.42 -6.03 -14.19
N LEU C 398 -16.59 -5.32 -13.43
CA LEU C 398 -16.99 -4.02 -12.90
C LEU C 398 -17.20 -2.97 -13.98
N SER C 399 -16.45 -3.08 -15.08
CA SER C 399 -16.65 -2.20 -16.23
C SER C 399 -17.96 -2.48 -16.95
N LYS C 400 -18.30 -3.75 -17.12
CA LYS C 400 -19.61 -4.12 -17.65
C LYS C 400 -20.71 -3.36 -16.90
N GLU C 401 -20.75 -3.51 -15.58
CA GLU C 401 -21.80 -2.88 -14.75
C GLU C 401 -21.55 -1.40 -14.51
N ASN C 402 -20.42 -0.92 -14.99
CA ASN C 402 -20.14 0.51 -15.05
C ASN C 402 -20.00 1.12 -13.65
N VAL C 403 -19.37 0.37 -12.75
CA VAL C 403 -19.15 0.86 -11.39
C VAL C 403 -17.88 1.70 -11.38
N ASN C 404 -17.94 2.82 -10.65
CA ASN C 404 -16.78 3.68 -10.47
C ASN C 404 -15.86 3.01 -9.46
N ILE C 405 -14.58 2.87 -9.82
CA ILE C 405 -13.57 2.27 -8.96
C ILE C 405 -12.69 3.36 -8.32
N ARG C 406 -12.88 3.62 -7.04
CA ARG C 406 -12.10 4.66 -6.36
C ARG C 406 -10.78 4.18 -5.77
N MSE C 407 -10.56 2.87 -5.76
CA MSE C 407 -9.37 2.30 -5.14
C MSE C 407 -9.23 0.86 -5.54
O MSE C 407 -10.22 0.14 -5.53
CB MSE C 407 -9.47 2.36 -3.62
CG MSE C 407 -8.22 1.83 -2.93
SE MSE C 407 -8.37 2.05 -0.99
CE MSE C 407 -8.47 0.18 -0.41
N ILE C 408 -8.02 0.46 -5.87
CA ILE C 408 -7.66 -0.95 -5.97
C ILE C 408 -6.44 -1.18 -5.11
N ASP C 409 -6.56 -2.06 -4.12
CA ASP C 409 -5.43 -2.36 -3.26
C ASP C 409 -5.24 -3.85 -3.17
N GLN C 410 -4.06 -4.30 -3.56
CA GLN C 410 -3.71 -5.71 -3.48
C GLN C 410 -2.19 -5.82 -3.44
N GLY C 411 -1.70 -6.80 -2.68
CA GLY C 411 -0.27 -6.95 -2.40
C GLY C 411 -0.05 -7.44 -0.98
N SER C 412 -0.86 -6.94 -0.06
CA SER C 412 -0.84 -7.39 1.34
C SER C 412 -0.98 -8.91 1.46
N SER C 413 -1.71 -9.52 0.54
CA SER C 413 -1.89 -10.97 0.52
C SER C 413 -2.13 -11.48 -0.87
N GLU C 414 -1.52 -12.62 -1.20
CA GLU C 414 -1.64 -13.21 -2.53
C GLU C 414 -3.05 -13.69 -2.87
N ILE C 415 -3.95 -13.76 -1.89
CA ILE C 415 -5.28 -14.38 -2.09
C ILE C 415 -6.46 -13.42 -1.93
N ASN C 416 -6.20 -12.12 -1.93
CA ASN C 416 -7.26 -11.12 -1.73
C ASN C 416 -7.05 -9.87 -2.57
N VAL C 417 -8.14 -9.35 -3.09
CA VAL C 417 -8.12 -8.07 -3.78
C VAL C 417 -9.25 -7.24 -3.21
N ILE C 418 -8.90 -6.06 -2.69
CA ILE C 418 -9.87 -5.12 -2.14
C ILE C 418 -10.06 -3.95 -3.10
N VAL C 419 -11.30 -3.77 -3.56
CA VAL C 419 -11.64 -2.62 -4.38
C VAL C 419 -12.44 -1.65 -3.55
N GLY C 420 -12.28 -0.37 -3.86
CA GLY C 420 -13.05 0.68 -3.20
C GLY C 420 -13.94 1.32 -4.23
N VAL C 421 -15.24 1.31 -3.96
CA VAL C 421 -16.25 1.85 -4.86
C VAL C 421 -17.16 2.81 -4.10
N GLU C 422 -17.89 3.64 -4.84
CA GLU C 422 -18.82 4.57 -4.20
C GLU C 422 -19.88 3.74 -3.51
N THR C 423 -20.25 4.12 -2.29
CA THR C 423 -21.18 3.33 -1.50
C THR C 423 -22.44 2.97 -2.27
N VAL C 424 -22.94 3.92 -3.05
CA VAL C 424 -24.11 3.71 -3.92
C VAL C 424 -23.98 2.51 -4.87
N ASP C 425 -22.75 2.03 -5.10
CA ASP C 425 -22.49 0.87 -5.96
C ASP C 425 -22.15 -0.43 -5.21
N PHE C 426 -22.13 -0.40 -3.89
CA PHE C 426 -21.70 -1.56 -3.13
C PHE C 426 -22.44 -2.83 -3.54
N GLU C 427 -23.75 -2.79 -3.43
CA GLU C 427 -24.59 -3.95 -3.75
C GLU C 427 -24.34 -4.37 -5.19
N LYS C 428 -24.49 -3.43 -6.11
CA LYS C 428 -24.23 -3.65 -7.54
C LYS C 428 -22.89 -4.33 -7.79
N ALA C 429 -21.85 -3.82 -7.13
CA ALA C 429 -20.48 -4.29 -7.33
C ALA C 429 -20.32 -5.73 -6.88
N VAL C 430 -20.81 -6.02 -5.69
CA VAL C 430 -20.74 -7.37 -5.12
C VAL C 430 -21.51 -8.33 -6.03
N LYS C 431 -22.69 -7.92 -6.45
CA LYS C 431 -23.46 -8.67 -7.43
C LYS C 431 -22.57 -9.03 -8.62
N SER C 432 -21.89 -8.04 -9.18
CA SER C 432 -21.11 -8.20 -10.41
C SER C 432 -19.98 -9.21 -10.31
N ILE C 433 -19.33 -9.25 -9.15
CA ILE C 433 -18.19 -10.13 -8.95
C ILE C 433 -18.62 -11.58 -8.77
N TYR C 434 -19.59 -11.81 -7.88
CA TYR C 434 -20.19 -13.13 -7.72
C TYR C 434 -20.59 -13.72 -9.09
N ASN C 435 -21.36 -12.95 -9.86
CA ASN C 435 -21.84 -13.39 -11.17
C ASN C 435 -20.70 -13.63 -12.17
N ALA C 436 -19.58 -12.94 -11.99
CA ALA C 436 -18.41 -13.14 -12.84
C ALA C 436 -17.82 -14.54 -12.69
N PHE C 437 -17.99 -15.16 -11.52
CA PHE C 437 -17.38 -16.46 -11.23
C PHE C 437 -18.38 -17.59 -10.97
N ASN C 438 -19.62 -17.45 -11.44
CA ASN C 438 -20.64 -18.47 -11.21
C ASN C 438 -21.54 -18.68 -12.42
N LEU D 2 7.73 39.68 -28.91
CA LEU D 2 9.15 39.28 -28.73
C LEU D 2 9.37 38.60 -27.37
N LYS D 3 9.33 37.27 -27.39
CA LYS D 3 9.54 36.48 -26.19
C LYS D 3 10.93 36.73 -25.56
N ILE D 4 11.02 36.43 -24.26
CA ILE D 4 12.27 36.46 -23.50
C ILE D 4 12.59 35.00 -23.14
N VAL D 5 13.67 34.46 -23.70
CA VAL D 5 13.98 33.01 -23.57
C VAL D 5 15.28 32.74 -22.84
N VAL D 6 15.21 31.95 -21.78
CA VAL D 6 16.36 31.66 -20.93
C VAL D 6 16.94 30.31 -21.34
N THR D 7 18.24 30.25 -21.60
CA THR D 7 18.87 28.99 -21.97
C THR D 7 19.85 28.49 -20.89
N LYS D 8 19.91 27.18 -20.69
CA LYS D 8 20.93 26.54 -19.85
C LYS D 8 21.61 25.44 -20.64
N PHE D 9 22.91 25.29 -20.44
CA PHE D 9 23.73 24.32 -21.15
C PHE D 9 24.53 23.55 -20.10
N GLY D 10 24.62 22.24 -20.25
CA GLY D 10 25.27 21.39 -19.24
C GLY D 10 26.65 20.90 -19.66
N GLY D 11 27.39 20.31 -18.74
CA GLY D 11 28.74 19.80 -19.01
C GLY D 11 29.00 19.26 -20.41
N SER D 12 28.17 18.34 -20.89
CA SER D 12 28.37 17.76 -22.23
C SER D 12 28.36 18.82 -23.32
N SER D 13 27.54 19.85 -23.16
CA SER D 13 27.42 20.90 -24.14
C SER D 13 28.53 21.95 -24.00
N LEU D 14 29.39 21.82 -22.99
CA LEU D 14 30.52 22.74 -22.80
C LEU D 14 31.79 21.99 -22.43
N ALA D 15 31.91 20.73 -22.87
CA ALA D 15 33.06 19.93 -22.47
C ALA D 15 34.36 20.32 -23.21
N ASP D 16 34.23 21.01 -24.35
CA ASP D 16 35.38 21.40 -25.16
C ASP D 16 35.00 22.52 -26.14
N SER D 17 35.96 22.96 -26.94
CA SER D 17 35.76 24.11 -27.82
C SER D 17 34.71 23.81 -28.89
N ASN D 18 34.69 22.58 -29.39
CA ASN D 18 33.73 22.19 -30.42
C ASN D 18 32.33 22.44 -29.91
N GLN D 19 32.06 21.98 -28.68
CA GLN D 19 30.73 22.09 -28.12
C GLN D 19 30.41 23.55 -27.86
N PHE D 20 31.42 24.35 -27.57
CA PHE D 20 31.20 25.78 -27.38
C PHE D 20 30.62 26.38 -28.67
N LYS D 21 31.21 26.02 -29.80
CA LYS D 21 30.75 26.53 -31.10
C LYS D 21 29.30 26.14 -31.32
N LYS D 22 28.93 24.91 -30.97
CA LYS D 22 27.53 24.49 -31.08
C LYS D 22 26.63 25.48 -30.34
N VAL D 23 26.98 25.76 -29.10
CA VAL D 23 26.26 26.75 -28.27
C VAL D 23 26.13 28.14 -28.93
N LYS D 24 27.25 28.74 -29.38
CA LYS D 24 27.16 30.03 -30.08
C LYS D 24 26.14 29.94 -31.22
N GLY D 25 26.25 28.89 -32.03
CA GLY D 25 25.34 28.72 -33.14
C GLY D 25 23.89 28.77 -32.73
N ILE D 26 23.59 28.04 -31.65
CA ILE D 26 22.23 27.98 -31.10
C ILE D 26 21.73 29.36 -30.70
N ILE D 27 22.53 30.08 -29.92
CA ILE D 27 22.13 31.38 -29.38
C ILE D 27 21.87 32.41 -30.46
N ASP D 28 22.79 32.56 -31.40
CA ASP D 28 22.64 33.61 -32.38
C ASP D 28 21.71 33.21 -33.53
N SER D 29 21.12 32.01 -33.47
CA SER D 29 20.09 31.57 -34.42
C SER D 29 18.68 31.80 -33.90
N ASP D 30 18.56 32.48 -32.76
CA ASP D 30 17.27 32.91 -32.23
C ASP D 30 17.49 34.11 -31.31
N ALA D 31 17.32 35.32 -31.85
CA ALA D 31 17.53 36.56 -31.10
C ALA D 31 16.90 36.54 -29.71
N ASN D 32 15.73 35.90 -29.59
CA ASN D 32 15.00 35.78 -28.33
C ASN D 32 15.74 35.06 -27.18
N ARG D 33 16.81 34.35 -27.51
CA ARG D 33 17.70 33.73 -26.54
C ARG D 33 18.63 34.76 -25.90
N LYS D 34 18.10 35.50 -24.93
CA LYS D 34 18.82 36.61 -24.29
C LYS D 34 19.74 36.16 -23.17
N TYR D 35 19.30 35.21 -22.36
CA TYR D 35 20.01 34.88 -21.13
C TYR D 35 20.53 33.44 -21.10
N ILE D 36 21.79 33.28 -20.74
CA ILE D 36 22.48 31.99 -20.83
C ILE D 36 23.09 31.59 -19.50
N ILE D 37 22.76 30.39 -19.03
CA ILE D 37 23.37 29.82 -17.83
C ILE D 37 24.28 28.66 -18.23
N PRO D 38 25.59 28.75 -17.96
CA PRO D 38 26.43 27.62 -18.22
C PRO D 38 26.86 26.91 -16.93
N SER D 39 26.86 25.59 -16.99
CA SER D 39 27.50 24.77 -15.96
C SER D 39 28.99 24.69 -16.25
N ALA D 40 29.72 23.99 -15.37
CA ALA D 40 31.16 23.76 -15.55
C ALA D 40 31.36 22.69 -16.62
N PRO D 41 32.59 22.61 -17.19
CA PRO D 41 32.78 21.72 -18.32
C PRO D 41 32.64 20.27 -17.93
N GLY D 42 32.07 19.48 -18.84
CA GLY D 42 31.95 18.06 -18.62
C GLY D 42 33.21 17.29 -18.98
N LYS D 43 33.30 16.07 -18.45
CA LYS D 43 34.30 15.08 -18.84
C LYS D 43 34.22 14.85 -20.32
N ARG D 44 35.37 14.67 -20.96
CA ARG D 44 35.42 14.40 -22.41
C ARG D 44 35.57 12.92 -22.71
N THR D 45 35.85 12.14 -21.67
CA THR D 45 36.00 10.71 -21.78
C THR D 45 35.75 10.12 -20.42
N ASN D 46 35.65 8.80 -20.37
CA ASN D 46 35.46 8.11 -19.11
C ASN D 46 36.66 8.32 -18.18
N LYS D 47 37.86 8.34 -18.77
CA LYS D 47 39.10 8.49 -18.01
C LYS D 47 39.37 9.94 -17.57
N ASP D 48 38.81 10.90 -18.31
CA ASP D 48 39.04 12.33 -18.08
C ASP D 48 38.71 12.75 -16.64
N TYR D 49 39.28 13.87 -16.19
CA TYR D 49 39.01 14.40 -14.84
C TYR D 49 37.89 15.41 -14.88
N LYS D 50 37.15 15.53 -13.78
CA LYS D 50 36.10 16.52 -13.66
C LYS D 50 36.71 17.77 -13.03
N ILE D 51 36.46 18.94 -13.61
CA ILE D 51 37.06 20.19 -13.11
C ILE D 51 36.62 20.50 -11.69
N THR D 52 35.38 20.19 -11.33
CA THR D 52 34.94 20.50 -9.96
C THR D 52 35.72 19.73 -8.92
N ASP D 53 36.13 18.51 -9.24
CA ASP D 53 36.88 17.70 -8.30
C ASP D 53 38.28 18.25 -8.16
N LEU D 54 38.94 18.46 -9.30
CA LEU D 54 40.22 19.18 -9.33
C LEU D 54 40.18 20.45 -8.48
N LEU D 55 39.06 21.17 -8.54
CA LEU D 55 38.92 22.39 -7.75
C LEU D 55 38.77 22.08 -6.26
N TYR D 56 38.08 20.98 -5.93
CA TYR D 56 37.99 20.54 -4.54
C TYR D 56 39.36 20.10 -4.00
N LEU D 57 40.13 19.43 -4.83
CA LEU D 57 41.47 18.99 -4.44
C LEU D 57 42.38 20.18 -4.12
N CYS D 58 42.27 21.25 -4.91
CA CYS D 58 43.05 22.46 -4.67
C CYS D 58 42.71 23.01 -3.31
N ASN D 59 41.42 23.12 -3.04
CA ASN D 59 40.98 23.56 -1.74
C ASN D 59 41.54 22.65 -0.64
N ALA D 60 41.70 21.36 -0.92
CA ALA D 60 42.27 20.42 0.05
C ALA D 60 43.75 20.68 0.32
N HIS D 61 44.52 21.00 -0.72
CA HIS D 61 45.90 21.38 -0.50
C HIS D 61 45.96 22.54 0.41
N VAL D 62 44.99 23.44 0.30
CA VAL D 62 45.05 24.68 1.07
C VAL D 62 44.81 24.34 2.54
N LYS D 63 43.80 23.54 2.85
CA LYS D 63 43.59 23.10 4.22
C LYS D 63 44.84 22.43 4.72
N ASN D 64 45.45 21.61 3.88
CA ASN D 64 46.71 20.95 4.19
C ASN D 64 47.92 21.86 4.31
N GLY D 65 47.77 23.12 3.92
CA GLY D 65 48.81 24.10 4.13
C GLY D 65 49.96 24.00 3.15
N ILE D 66 49.69 23.49 1.95
CA ILE D 66 50.74 23.32 0.94
C ILE D 66 50.22 23.71 -0.44
N PRO D 67 51.13 24.06 -1.38
CA PRO D 67 50.77 24.54 -2.75
C PRO D 67 49.92 23.57 -3.55
N PHE D 68 49.41 24.05 -4.68
CA PHE D 68 48.65 23.18 -5.60
C PHE D 68 48.89 23.52 -7.07
N ASP D 69 50.14 23.81 -7.40
CA ASP D 69 50.50 24.20 -8.76
C ASP D 69 50.32 23.03 -9.71
N ASP D 70 50.82 21.86 -9.32
CA ASP D 70 50.68 20.65 -10.11
C ASP D 70 49.22 20.49 -10.56
N VAL D 71 48.30 20.52 -9.60
CA VAL D 71 46.89 20.33 -9.91
C VAL D 71 46.36 21.46 -10.80
N PHE D 72 46.61 22.69 -10.38
CA PHE D 72 46.05 23.85 -11.07
C PHE D 72 46.58 24.04 -12.47
N LYS D 73 47.78 23.54 -12.78
CA LYS D 73 48.24 23.56 -14.17
C LYS D 73 47.11 22.93 -15.01
N LEU D 74 46.66 21.74 -14.63
CA LEU D 74 45.68 20.98 -15.41
C LEU D 74 44.41 21.77 -15.60
N ILE D 75 44.06 22.61 -14.64
CA ILE D 75 42.89 23.48 -14.76
C ILE D 75 43.12 24.56 -15.81
N SER D 76 44.20 25.29 -15.65
CA SER D 76 44.49 26.40 -16.55
C SER D 76 44.77 25.93 -17.98
N GLN D 77 45.30 24.73 -18.14
CA GLN D 77 45.48 24.19 -19.49
C GLN D 77 44.11 24.06 -20.14
N ARG D 78 43.24 23.29 -19.49
CA ARG D 78 41.90 23.04 -19.96
C ARG D 78 41.23 24.31 -20.44
N TYR D 79 41.23 25.33 -19.59
CA TYR D 79 40.52 26.55 -19.95
C TYR D 79 41.22 27.33 -21.05
N THR D 80 42.56 27.37 -21.06
CA THR D 80 43.24 28.17 -22.09
C THR D 80 43.09 27.51 -23.47
N GLU D 81 43.16 26.18 -23.52
CA GLU D 81 42.88 25.44 -24.77
C GLU D 81 41.54 25.83 -25.38
N ILE D 82 40.51 25.84 -24.55
CA ILE D 82 39.18 26.26 -24.98
C ILE D 82 39.25 27.67 -25.57
N VAL D 83 39.65 28.64 -24.78
CA VAL D 83 39.63 30.04 -25.24
C VAL D 83 40.60 30.21 -26.41
N SER D 84 41.68 29.42 -26.42
CA SER D 84 42.64 29.45 -27.53
C SER D 84 42.03 28.96 -28.84
N GLU D 85 41.34 27.83 -28.82
CA GLU D 85 40.70 27.32 -30.03
C GLU D 85 39.47 28.13 -30.45
N LEU D 86 38.74 28.65 -29.47
CA LEU D 86 37.65 29.58 -29.80
C LEU D 86 38.18 30.92 -30.31
N ASN D 87 39.48 31.13 -30.17
CA ASN D 87 40.16 32.26 -30.80
C ASN D 87 39.63 33.58 -30.26
N ILE D 88 39.22 33.58 -29.00
CA ILE D 88 38.62 34.74 -28.35
C ILE D 88 39.74 35.70 -27.94
N ASP D 89 39.51 37.00 -28.18
CA ASP D 89 40.44 38.01 -27.71
C ASP D 89 40.09 38.30 -26.26
N MSE D 90 40.79 37.63 -25.34
CA MSE D 90 40.60 37.88 -23.93
C MSE D 90 41.75 37.40 -23.10
O MSE D 90 42.52 36.55 -23.53
CB MSE D 90 39.33 37.21 -23.42
CG MSE D 90 39.47 35.70 -23.20
SE MSE D 90 37.82 35.08 -22.32
CE MSE D 90 38.11 35.95 -20.58
N ASP D 91 41.82 37.93 -21.89
CA ASP D 91 42.92 37.64 -21.00
C ASP D 91 42.49 36.58 -19.99
N ILE D 92 42.45 35.32 -20.42
CA ILE D 92 41.95 34.23 -19.55
C ILE D 92 42.90 33.97 -18.40
N ALA D 93 44.20 34.14 -18.64
CA ALA D 93 45.20 33.93 -17.60
C ALA D 93 44.97 34.88 -16.45
N TYR D 94 44.46 36.08 -16.75
CA TYR D 94 44.08 37.00 -15.68
C TYR D 94 43.12 36.31 -14.71
N TYR D 95 42.04 35.75 -15.23
CA TYR D 95 41.01 35.15 -14.39
C TYR D 95 41.48 33.88 -13.70
N LEU D 96 42.29 33.10 -14.39
CA LEU D 96 42.78 31.87 -13.78
C LEU D 96 43.61 32.19 -12.54
N GLU D 97 44.50 33.17 -12.64
CA GLU D 97 45.27 33.59 -11.48
C GLU D 97 44.38 34.23 -10.43
N LYS D 98 43.34 34.94 -10.84
CA LYS D 98 42.44 35.50 -9.85
C LYS D 98 41.92 34.30 -9.05
N VAL D 99 41.46 33.28 -9.77
CA VAL D 99 40.83 32.12 -9.16
C VAL D 99 41.80 31.35 -8.30
N LYS D 100 42.99 31.11 -8.82
CA LYS D 100 44.00 30.39 -8.09
C LYS D 100 44.38 31.12 -6.80
N LYS D 101 44.84 32.36 -6.91
CA LYS D 101 45.26 33.15 -5.74
C LYS D 101 44.18 33.25 -4.69
N ASN D 102 42.92 33.25 -5.10
CA ASN D 102 41.82 33.28 -4.14
C ASN D 102 41.73 31.98 -3.33
N ILE D 103 41.78 30.87 -4.05
CA ILE D 103 41.78 29.55 -3.44
C ILE D 103 42.94 29.39 -2.47
N GLU D 104 44.09 29.93 -2.81
CA GLU D 104 45.23 29.73 -1.93
C GLU D 104 45.24 30.71 -0.78
N ASN D 105 44.50 31.81 -0.89
CA ASN D 105 44.33 32.70 0.24
C ASN D 105 43.07 32.40 1.05
N GLY D 106 42.63 31.15 1.05
CA GLY D 106 41.57 30.74 1.96
C GLY D 106 40.15 30.96 1.51
N ALA D 107 39.94 31.20 0.22
CA ALA D 107 38.61 31.02 -0.37
C ALA D 107 37.98 29.74 0.18
N SER D 108 36.67 29.77 0.43
CA SER D 108 35.95 28.61 0.92
C SER D 108 35.91 27.55 -0.17
N SER D 109 35.39 26.37 0.17
CA SER D 109 35.38 25.29 -0.82
C SER D 109 34.25 25.53 -1.79
N ASP D 110 33.18 26.17 -1.31
CA ASP D 110 32.08 26.57 -2.19
C ASP D 110 32.57 27.53 -3.22
N TYR D 111 33.40 28.47 -2.79
CA TYR D 111 34.06 29.33 -3.73
C TYR D 111 34.77 28.48 -4.76
N ALA D 112 35.62 27.57 -4.31
CA ALA D 112 36.38 26.71 -5.20
C ALA D 112 35.47 25.92 -6.17
N ALA D 113 34.42 25.31 -5.64
CA ALA D 113 33.57 24.45 -6.44
C ALA D 113 32.81 25.25 -7.50
N SER D 114 32.46 26.50 -7.17
CA SER D 114 31.66 27.31 -8.08
C SER D 114 32.45 27.75 -9.32
N ARG D 115 33.78 27.72 -9.25
CA ARG D 115 34.64 28.37 -10.23
C ARG D 115 34.63 27.76 -11.62
N GLY D 116 34.30 26.49 -11.72
CA GLY D 116 34.20 25.84 -13.01
C GLY D 116 33.19 26.56 -13.87
N GLU D 117 32.08 26.97 -13.27
CA GLU D 117 31.04 27.61 -14.05
C GLU D 117 31.19 29.11 -14.03
N TYR D 118 31.89 29.66 -13.03
CA TYR D 118 32.32 31.06 -13.10
C TYR D 118 33.19 31.28 -14.31
N LEU D 119 34.17 30.41 -14.51
CA LEU D 119 35.09 30.55 -15.63
C LEU D 119 34.36 30.43 -16.97
N ASN D 120 33.60 29.37 -17.15
CA ASN D 120 32.80 29.22 -18.37
C ASN D 120 31.92 30.44 -18.64
N GLY D 121 31.46 31.08 -17.57
CA GLY D 121 30.63 32.27 -17.71
C GLY D 121 31.39 33.44 -18.29
N VAL D 122 32.55 33.75 -17.72
CA VAL D 122 33.32 34.85 -18.23
C VAL D 122 33.82 34.53 -19.63
N ILE D 123 34.03 33.27 -19.96
CA ILE D 123 34.39 32.92 -21.33
C ILE D 123 33.18 33.14 -22.24
N LEU D 124 32.03 32.61 -21.84
CA LEU D 124 30.84 32.71 -22.68
C LEU D 124 30.38 34.15 -22.93
N ALA D 125 30.47 34.99 -21.90
CA ALA D 125 30.12 36.41 -22.05
C ALA D 125 30.86 37.04 -23.23
N LYS D 126 32.17 36.80 -23.32
CA LYS D 126 32.98 37.33 -24.40
C LYS D 126 32.57 36.66 -25.69
N TYR D 127 32.49 35.34 -25.66
CA TYR D 127 32.29 34.57 -26.88
C TYR D 127 30.96 34.88 -27.55
N LEU D 128 29.92 35.11 -26.75
CA LEU D 128 28.60 35.44 -27.27
C LEU D 128 28.35 36.94 -27.29
N ASN D 129 29.33 37.71 -26.82
CA ASN D 129 29.23 39.16 -26.76
C ASN D 129 28.07 39.62 -25.88
N ALA D 130 28.10 39.19 -24.63
CA ALA D 130 27.00 39.41 -23.70
C ALA D 130 27.54 39.95 -22.38
N GLU D 131 26.66 40.55 -21.59
CA GLU D 131 27.02 41.08 -20.28
C GLU D 131 27.21 39.92 -19.32
N PHE D 132 28.37 39.85 -18.66
CA PHE D 132 28.62 38.82 -17.66
C PHE D 132 28.11 39.30 -16.30
N ILE D 133 27.09 38.65 -15.78
CA ILE D 133 26.59 38.96 -14.47
C ILE D 133 26.96 37.80 -13.55
N ASP D 134 27.77 38.08 -12.53
CA ASP D 134 28.15 37.07 -11.58
C ASP D 134 26.93 36.64 -10.79
N ALA D 135 26.79 35.34 -10.57
CA ALA D 135 25.63 34.81 -9.90
C ALA D 135 25.47 35.43 -8.52
N ALA D 136 26.60 35.66 -7.84
CA ALA D 136 26.58 36.22 -6.48
C ALA D 136 25.97 37.61 -6.41
N GLU D 137 25.91 38.31 -7.54
CA GLU D 137 25.25 39.60 -7.58
C GLU D 137 23.72 39.47 -7.58
N VAL D 138 23.19 38.31 -7.99
CA VAL D 138 21.74 38.14 -8.24
C VAL D 138 21.04 36.92 -7.61
N ILE D 139 21.78 35.91 -7.18
CA ILE D 139 21.17 34.77 -6.48
C ILE D 139 21.58 34.76 -5.01
N PHE D 140 20.59 34.93 -4.13
CA PHE D 140 20.84 35.11 -2.70
C PHE D 140 20.21 34.02 -1.82
N PHE D 141 20.89 33.68 -0.74
CA PHE D 141 20.40 32.72 0.24
C PHE D 141 20.14 33.42 1.58
N ASP D 142 19.06 33.04 2.26
CA ASP D 142 18.65 33.68 3.51
C ASP D 142 19.44 33.17 4.73
N LYS D 143 19.09 33.68 5.90
CA LYS D 143 19.81 33.42 7.15
C LYS D 143 20.29 31.98 7.32
N SER D 144 19.36 31.03 7.30
CA SER D 144 19.66 29.65 7.70
C SER D 144 20.58 28.92 6.71
N GLY D 145 20.04 28.67 5.52
CA GLY D 145 20.82 28.13 4.40
C GLY D 145 19.95 27.94 3.17
N CYS D 146 18.95 28.81 3.02
CA CYS D 146 17.84 28.56 2.12
C CYS D 146 17.73 29.68 1.09
N PHE D 147 17.14 29.35 -0.05
CA PHE D 147 17.06 30.27 -1.18
C PHE D 147 16.07 31.41 -0.95
N ASP D 148 16.56 32.64 -1.02
CA ASP D 148 15.75 33.82 -0.75
C ASP D 148 15.00 34.28 -2.00
N GLU D 149 13.77 33.80 -2.14
CA GLU D 149 12.94 34.04 -3.32
C GLU D 149 12.67 35.52 -3.57
N LYS D 150 12.18 36.21 -2.55
CA LYS D 150 11.80 37.63 -2.68
C LYS D 150 12.96 38.51 -3.14
N LYS D 151 14.13 38.32 -2.51
CA LYS D 151 15.30 39.17 -2.75
C LYS D 151 15.95 38.88 -4.09
N SER D 152 16.07 37.60 -4.41
CA SER D 152 16.78 37.17 -5.60
C SER D 152 16.04 37.57 -6.88
N TYR D 153 14.71 37.42 -6.91
CA TYR D 153 13.90 37.79 -8.08
C TYR D 153 13.90 39.31 -8.32
N GLU D 154 13.93 40.07 -7.23
CA GLU D 154 14.01 41.52 -7.33
C GLU D 154 15.35 41.94 -7.97
N LYS D 155 16.47 41.45 -7.44
CA LYS D 155 17.77 41.80 -7.99
C LYS D 155 17.88 41.32 -9.43
N ILE D 156 17.23 40.22 -9.76
CA ILE D 156 17.27 39.70 -11.13
C ILE D 156 16.57 40.65 -12.09
N LYS D 157 15.36 41.08 -11.77
CA LYS D 157 14.64 41.94 -12.69
C LYS D 157 15.40 43.25 -12.85
N GLU D 158 16.02 43.73 -11.79
CA GLU D 158 16.88 44.90 -11.89
C GLU D 158 18.12 44.62 -12.74
N LYS D 159 18.95 43.68 -12.30
CA LYS D 159 20.27 43.43 -12.89
C LYS D 159 20.26 42.73 -14.24
N VAL D 160 19.49 41.64 -14.39
CA VAL D 160 19.58 40.83 -15.64
C VAL D 160 18.50 41.17 -16.69
N LEU D 161 17.27 41.45 -16.26
CA LEU D 161 16.20 41.89 -17.17
C LEU D 161 16.59 43.15 -17.93
N SER D 162 17.33 44.04 -17.27
CA SER D 162 17.75 45.29 -17.89
C SER D 162 18.81 45.10 -18.97
N CYS D 163 19.43 43.93 -19.04
CA CYS D 163 20.39 43.66 -20.11
C CYS D 163 19.67 43.17 -21.33
N ASN D 164 20.29 43.37 -22.49
CA ASN D 164 19.71 42.85 -23.72
C ASN D 164 20.14 41.42 -23.97
N LYS D 165 21.28 41.04 -23.41
CA LYS D 165 21.83 39.70 -23.53
C LYS D 165 22.83 39.53 -22.40
N ALA D 166 22.80 38.40 -21.70
CA ALA D 166 23.62 38.25 -20.51
C ALA D 166 23.90 36.80 -20.19
N VAL D 167 25.05 36.55 -19.57
CA VAL D 167 25.47 35.23 -19.15
C VAL D 167 25.55 35.18 -17.62
N ILE D 168 24.88 34.20 -17.02
CA ILE D 168 24.89 34.05 -15.57
C ILE D 168 25.40 32.67 -15.19
N PRO D 169 26.46 32.61 -14.37
CA PRO D 169 27.05 31.36 -13.95
C PRO D 169 26.09 30.43 -13.20
N GLY D 170 26.42 29.16 -13.26
CA GLY D 170 25.61 28.08 -12.79
C GLY D 170 25.37 28.06 -11.32
N PHE D 171 25.96 27.08 -10.63
CA PHE D 171 25.33 26.53 -9.41
C PHE D 171 25.74 27.12 -8.07
N TYR D 172 25.80 28.45 -8.04
CA TYR D 172 26.10 29.17 -6.83
C TYR D 172 25.36 30.49 -6.74
N GLY D 173 25.49 31.10 -5.57
CA GLY D 173 25.01 32.43 -5.33
C GLY D 173 25.61 32.95 -4.04
N SER D 174 25.16 34.13 -3.62
CA SER D 174 25.71 34.79 -2.45
C SER D 174 25.04 34.31 -1.17
N SER D 175 25.86 33.97 -0.16
CA SER D 175 25.39 33.69 1.19
C SER D 175 24.64 34.87 1.79
N PHE D 176 24.04 34.63 2.94
CA PHE D 176 23.44 35.68 3.75
C PHE D 176 24.48 36.70 4.21
N ASN D 177 25.76 36.33 4.15
CA ASN D 177 26.85 37.20 4.58
C ASN D 177 27.89 37.52 3.50
N GLY D 178 27.54 37.34 2.24
CA GLY D 178 28.43 37.75 1.14
C GLY D 178 29.25 36.64 0.52
N ASP D 179 29.72 35.69 1.34
CA ASP D 179 30.48 34.53 0.85
C ASP D 179 29.72 33.71 -0.19
N VAL D 180 30.41 33.22 -1.20
CA VAL D 180 29.80 32.37 -2.21
C VAL D 180 29.22 31.14 -1.54
N LYS D 181 28.06 30.72 -2.01
CA LYS D 181 27.40 29.54 -1.49
C LYS D 181 26.86 28.70 -2.65
N THR D 182 27.00 27.40 -2.51
CA THR D 182 26.68 26.47 -3.57
C THR D 182 25.29 25.85 -3.35
N PHE D 183 24.53 25.67 -4.42
CA PHE D 183 23.28 24.94 -4.34
C PHE D 183 23.59 23.52 -3.93
N SER D 184 22.86 23.00 -2.96
CA SER D 184 23.13 21.65 -2.49
C SER D 184 22.34 20.62 -3.28
N ARG D 185 21.27 21.02 -3.95
CA ARG D 185 20.50 20.05 -4.73
C ARG D 185 20.29 20.42 -6.20
N GLY D 186 20.02 21.68 -6.50
CA GLY D 186 19.63 22.02 -7.86
C GLY D 186 20.65 21.86 -8.99
N GLY D 187 21.91 21.69 -8.65
CA GLY D 187 22.96 21.83 -9.66
C GLY D 187 22.83 23.19 -10.30
N SER D 188 23.30 23.35 -11.54
CA SER D 188 23.09 24.63 -12.24
C SER D 188 21.86 24.56 -13.15
N ASP D 189 21.02 23.55 -12.94
CA ASP D 189 19.72 23.50 -13.55
C ASP D 189 18.80 24.46 -12.82
N VAL D 190 19.01 24.58 -11.51
CA VAL D 190 18.16 25.45 -10.68
C VAL D 190 18.34 26.92 -10.98
N THR D 191 19.56 27.36 -11.20
CA THR D 191 19.79 28.78 -11.47
C THR D 191 19.12 29.15 -12.78
N GLY D 192 19.09 28.19 -13.71
CA GLY D 192 18.37 28.36 -14.99
C GLY D 192 16.90 28.65 -14.77
N SER D 193 16.26 27.91 -13.88
CA SER D 193 14.86 28.14 -13.54
C SER D 193 14.71 29.43 -12.77
N ILE D 194 15.65 29.71 -11.87
CA ILE D 194 15.57 30.92 -11.06
C ILE D 194 15.64 32.16 -11.95
N ILE D 195 16.62 32.23 -12.86
CA ILE D 195 16.67 33.35 -13.79
C ILE D 195 15.34 33.47 -14.52
N SER D 196 14.91 32.42 -15.23
CA SER D 196 13.68 32.52 -16.04
C SER D 196 12.50 33.05 -15.20
N ALA D 197 12.35 32.54 -13.98
CA ALA D 197 11.36 33.06 -13.03
C ALA D 197 11.58 34.56 -12.82
N GLY D 198 12.66 34.92 -12.13
CA GLY D 198 13.00 36.32 -11.88
C GLY D 198 12.84 37.28 -13.06
N VAL D 199 13.01 36.76 -14.27
CA VAL D 199 12.98 37.57 -15.49
C VAL D 199 11.65 37.42 -16.23
N ASN D 200 10.73 36.62 -15.68
CA ASN D 200 9.47 36.30 -16.36
C ASN D 200 9.70 35.84 -17.80
N ALA D 201 10.44 34.75 -17.95
CA ALA D 201 10.79 34.23 -19.27
C ALA D 201 9.59 33.52 -19.88
N ASP D 202 9.38 33.76 -21.17
CA ASP D 202 8.33 33.08 -21.91
C ASP D 202 8.64 31.60 -22.10
N LEU D 203 9.92 31.24 -22.07
CA LEU D 203 10.35 29.85 -22.28
C LEU D 203 11.69 29.63 -21.59
N TYR D 204 11.86 28.47 -20.98
CA TYR D 204 13.15 28.07 -20.40
C TYR D 204 13.68 26.85 -21.15
N GLU D 205 14.67 27.07 -22.00
CA GLU D 205 15.25 25.99 -22.77
C GLU D 205 16.37 25.40 -21.96
N ASN D 206 16.33 24.08 -21.77
CA ASN D 206 17.33 23.36 -20.98
C ASN D 206 18.05 22.44 -21.94
N TRP D 207 19.22 22.86 -22.41
CA TRP D 207 19.96 22.11 -23.44
C TRP D 207 20.73 20.99 -22.87
N THR D 208 20.74 19.87 -23.58
CA THR D 208 21.33 18.64 -23.09
C THR D 208 21.78 17.72 -24.24
N ASP D 209 22.32 16.54 -23.91
CA ASP D 209 22.90 15.64 -24.93
C ASP D 209 21.90 14.62 -25.48
N VAL D 210 20.79 14.42 -24.78
CA VAL D 210 19.65 13.68 -25.33
C VAL D 210 18.66 14.65 -25.99
N SER D 211 17.76 14.09 -26.79
CA SER D 211 16.92 14.87 -27.69
C SER D 211 15.46 14.91 -27.22
N GLY D 212 15.29 15.26 -25.95
CA GLY D 212 14.00 15.15 -25.27
C GLY D 212 13.96 13.89 -24.42
N PHE D 213 12.82 13.65 -23.77
CA PHE D 213 12.60 12.42 -23.03
C PHE D 213 11.81 11.43 -23.85
N LEU D 214 12.05 10.15 -23.58
CA LEU D 214 11.39 9.05 -24.26
C LEU D 214 10.28 8.48 -23.41
N MSE D 215 9.36 7.78 -24.06
CA MSE D 215 8.13 7.28 -23.42
C MSE D 215 8.38 6.08 -22.56
O MSE D 215 7.66 5.84 -21.59
CB MSE D 215 7.16 6.89 -24.53
CG MSE D 215 5.71 6.80 -24.07
SE MSE D 215 4.51 6.88 -25.63
CE MSE D 215 4.79 8.75 -26.18
N ALA D 216 9.40 5.30 -22.91
CA ALA D 216 9.77 4.10 -22.17
C ALA D 216 11.25 3.81 -22.31
N ASP D 217 11.74 2.89 -21.48
CA ASP D 217 13.16 2.51 -21.47
C ASP D 217 13.58 1.98 -22.85
N PRO D 218 14.52 2.66 -23.52
CA PRO D 218 14.87 2.26 -24.88
C PRO D 218 15.69 0.97 -24.94
N ARG D 219 16.24 0.58 -23.79
CA ARG D 219 16.84 -0.75 -23.64
C ARG D 219 15.75 -1.82 -23.67
N ILE D 220 14.58 -1.49 -23.10
CA ILE D 220 13.44 -2.42 -23.00
C ILE D 220 12.43 -2.28 -24.14
N VAL D 221 12.33 -1.10 -24.74
CA VAL D 221 11.46 -0.91 -25.92
C VAL D 221 12.33 -0.39 -27.07
N GLU D 222 12.00 -0.76 -28.30
CA GLU D 222 12.87 -0.45 -29.45
C GLU D 222 12.82 1.00 -29.88
N ASN D 223 11.63 1.46 -30.27
CA ASN D 223 11.49 2.76 -30.92
C ASN D 223 10.69 3.74 -30.08
N PRO D 224 10.92 3.78 -28.75
CA PRO D 224 9.99 4.56 -27.95
C PRO D 224 9.77 5.95 -28.56
N LYS D 225 8.51 6.35 -28.63
CA LYS D 225 8.16 7.69 -29.05
C LYS D 225 8.74 8.69 -28.06
N THR D 226 8.99 9.90 -28.53
CA THR D 226 9.43 10.96 -27.65
C THR D 226 8.22 11.56 -26.97
N ILE D 227 8.28 11.73 -25.66
CA ILE D 227 7.27 12.52 -24.99
C ILE D 227 7.42 13.91 -25.57
N SER D 228 6.39 14.43 -26.22
CA SER D 228 6.50 15.74 -26.83
C SER D 228 5.99 16.85 -25.90
N LYS D 229 5.08 16.49 -25.00
CA LYS D 229 4.54 17.43 -24.01
C LYS D 229 4.29 16.69 -22.69
N ILE D 230 4.61 17.32 -21.57
CA ILE D 230 4.48 16.66 -20.29
C ILE D 230 4.19 17.68 -19.17
N SER D 231 3.25 17.31 -18.29
CA SER D 231 2.88 18.20 -17.18
C SER D 231 3.92 18.05 -16.10
N TYR D 232 4.05 19.08 -15.27
CA TYR D 232 5.01 19.03 -14.21
C TYR D 232 4.70 17.86 -13.30
N LYS D 233 3.42 17.67 -13.00
CA LYS D 233 2.98 16.55 -12.14
C LYS D 233 3.35 15.20 -12.76
N GLU D 234 3.06 15.03 -14.04
CA GLU D 234 3.44 13.81 -14.73
C GLU D 234 4.94 13.57 -14.64
N LEU D 235 5.71 14.60 -14.94
CA LEU D 235 7.18 14.49 -14.90
C LEU D 235 7.63 13.98 -13.54
N ARG D 236 7.11 14.61 -12.48
CA ARG D 236 7.43 14.23 -11.10
C ARG D 236 7.17 12.76 -10.87
N GLU D 237 6.08 12.28 -11.46
CA GLU D 237 5.68 10.90 -11.33
C GLU D 237 6.72 9.97 -11.93
N LEU D 238 7.15 10.26 -13.16
CA LEU D 238 8.21 9.48 -13.80
C LEU D 238 9.57 9.74 -13.16
N SER D 239 9.76 10.93 -12.59
CA SER D 239 11.00 11.23 -11.88
C SER D 239 11.14 10.34 -10.68
N TYR D 240 10.14 10.42 -9.79
CA TYR D 240 10.12 9.62 -8.57
C TYR D 240 10.32 8.13 -8.88
N MSE D 241 9.82 7.69 -10.03
CA MSE D 241 9.86 6.27 -10.43
C MSE D 241 11.01 5.93 -11.33
O MSE D 241 10.95 4.94 -12.07
CB MSE D 241 8.53 5.91 -11.09
CG MSE D 241 7.41 5.84 -10.04
SE MSE D 241 7.56 4.11 -9.08
CE MSE D 241 6.67 4.64 -7.40
N GLY D 242 12.07 6.74 -11.29
CA GLY D 242 13.36 6.35 -11.84
C GLY D 242 13.80 6.94 -13.17
N ALA D 243 12.87 7.46 -13.95
CA ALA D 243 13.22 8.00 -15.26
C ALA D 243 14.29 9.07 -15.09
N THR D 244 15.38 8.97 -15.85
CA THR D 244 16.43 9.97 -15.80
C THR D 244 15.91 11.24 -16.51
N VAL D 245 15.33 12.12 -15.69
CA VAL D 245 14.70 13.36 -16.15
C VAL D 245 14.85 14.43 -15.08
N LEU D 246 14.54 15.66 -15.47
CA LEU D 246 14.71 16.85 -14.63
C LEU D 246 13.90 16.74 -13.34
N HIS D 247 14.50 17.14 -12.22
CA HIS D 247 13.93 16.94 -10.89
C HIS D 247 13.26 18.18 -10.39
N GLU D 248 12.38 18.03 -9.41
CA GLU D 248 11.61 19.15 -8.86
C GLU D 248 12.45 20.32 -8.35
N GLU D 249 13.78 20.19 -8.33
CA GLU D 249 14.68 21.36 -8.24
C GLU D 249 15.71 21.26 -9.38
N ALA D 250 15.84 22.27 -10.25
CA ALA D 250 14.92 23.39 -10.27
C ALA D 250 13.97 23.19 -11.40
N ILE D 251 12.82 22.67 -11.03
CA ILE D 251 11.64 22.96 -11.74
C ILE D 251 10.93 24.00 -10.89
N PHE D 252 11.12 23.95 -9.58
CA PHE D 252 10.21 24.63 -8.65
C PHE D 252 9.99 26.10 -8.95
N PRO D 253 11.03 26.83 -9.37
CA PRO D 253 10.76 28.23 -9.70
C PRO D 253 9.84 28.38 -10.91
N VAL D 254 10.09 27.61 -11.97
CA VAL D 254 9.26 27.71 -13.18
C VAL D 254 7.93 26.98 -13.03
N LYS D 255 7.85 26.03 -12.10
CA LYS D 255 6.58 25.43 -11.69
C LYS D 255 5.63 26.52 -11.23
N ASP D 256 6.08 27.28 -10.24
CA ASP D 256 5.20 28.21 -9.55
C ASP D 256 4.73 29.32 -10.48
N SER D 257 5.66 29.86 -11.26
CA SER D 257 5.37 30.90 -12.24
C SER D 257 4.73 30.33 -13.50
N GLY D 258 4.68 29.00 -13.60
CA GLY D 258 4.01 28.31 -14.69
C GLY D 258 4.68 28.51 -16.03
N ILE D 259 6.02 28.57 -16.04
CA ILE D 259 6.79 28.78 -17.26
C ILE D 259 7.09 27.40 -17.85
N PRO D 260 6.97 27.27 -19.17
CA PRO D 260 7.29 26.00 -19.82
C PRO D 260 8.78 25.75 -19.89
N ILE D 261 9.19 24.48 -19.90
CA ILE D 261 10.59 24.13 -20.10
C ILE D 261 10.71 23.29 -21.34
N ASN D 262 11.55 23.72 -22.27
CA ASN D 262 11.77 22.96 -23.49
C ASN D 262 13.10 22.30 -23.35
N ILE D 263 13.12 20.97 -23.37
CA ILE D 263 14.35 20.19 -23.23
C ILE D 263 14.89 19.85 -24.60
N LYS D 264 16.10 20.30 -24.91
CA LYS D 264 16.60 20.22 -26.28
C LYS D 264 17.96 19.57 -26.41
N ASN D 265 18.36 19.26 -27.63
CA ASN D 265 19.64 18.57 -27.86
C ASN D 265 20.71 19.47 -28.46
N THR D 266 21.75 19.78 -27.68
CA THR D 266 22.83 20.63 -28.17
C THR D 266 23.39 20.06 -29.47
N ASN D 267 23.43 18.74 -29.55
CA ASN D 267 23.95 18.01 -30.69
C ASN D 267 22.93 17.77 -31.81
N LYS D 268 21.68 18.15 -31.59
CA LYS D 268 20.64 18.10 -32.65
C LYS D 268 19.59 19.19 -32.41
N PRO D 269 19.94 20.45 -32.70
CA PRO D 269 19.11 21.60 -32.32
C PRO D 269 17.73 21.65 -32.93
N SER D 270 17.52 20.98 -34.06
CA SER D 270 16.22 21.00 -34.74
C SER D 270 15.23 19.96 -34.21
N ASP D 271 15.73 18.85 -33.63
CA ASP D 271 14.87 17.92 -32.90
C ASP D 271 14.09 18.75 -31.86
N PRO D 272 12.74 18.62 -31.80
CA PRO D 272 11.95 19.46 -30.89
C PRO D 272 11.94 18.98 -29.45
N GLY D 273 12.28 17.71 -29.22
CA GLY D 273 12.36 17.18 -27.88
C GLY D 273 11.04 17.28 -27.10
N THR D 274 11.13 17.69 -25.84
CA THR D 274 10.03 17.54 -24.90
C THR D 274 9.68 18.87 -24.22
N LEU D 275 8.45 19.31 -24.39
CA LEU D 275 7.95 20.47 -23.66
C LEU D 275 7.60 20.00 -22.26
N ILE D 276 7.63 20.90 -21.29
CA ILE D 276 7.20 20.60 -19.95
C ILE D 276 6.32 21.74 -19.51
N LEU D 277 5.01 21.53 -19.68
CA LEU D 277 4.02 22.59 -19.51
C LEU D 277 3.50 22.65 -18.10
N SER D 278 2.84 23.77 -17.81
CA SER D 278 2.12 23.95 -16.55
C SER D 278 1.00 22.95 -16.52
N ASP D 279 0.81 22.32 -15.37
CA ASP D 279 -0.24 21.32 -15.24
C ASP D 279 -1.52 21.80 -15.91
N THR D 280 -1.89 23.06 -15.66
CA THR D 280 -3.14 23.62 -16.16
C THR D 280 -3.18 23.78 -17.69
N HIS D 281 -2.04 24.07 -18.31
CA HIS D 281 -1.97 24.32 -19.76
C HIS D 281 -1.85 23.08 -20.61
N LYS D 282 -1.53 21.94 -20.01
CA LYS D 282 -1.31 20.71 -20.79
C LYS D 282 -2.63 20.12 -21.25
N GLU D 283 -2.74 19.88 -22.55
CA GLU D 283 -3.96 19.32 -23.12
C GLU D 283 -4.29 18.01 -22.47
N ILE D 284 -5.58 17.72 -22.45
CA ILE D 284 -6.05 16.46 -21.92
C ILE D 284 -6.50 15.65 -23.14
N ASN D 285 -5.79 14.55 -23.39
CA ASN D 285 -6.14 13.59 -24.43
C ASN D 285 -6.68 12.35 -23.77
N LEU D 286 -7.97 12.11 -23.95
CA LEU D 286 -8.64 11.04 -23.24
C LEU D 286 -8.09 9.69 -23.67
N GLY D 287 -7.98 8.79 -22.71
CA GLY D 287 -7.63 7.40 -22.98
C GLY D 287 -6.24 7.22 -23.52
N THR D 288 -5.28 7.84 -22.86
CA THR D 288 -3.91 7.76 -23.33
C THR D 288 -2.85 7.97 -22.26
N ILE D 289 -1.71 7.33 -22.47
CA ILE D 289 -0.53 7.36 -21.62
C ILE D 289 0.38 8.55 -21.97
N THR D 290 1.06 9.11 -20.98
CA THR D 290 2.15 10.04 -21.26
C THR D 290 3.49 9.28 -21.28
N GLY D 291 3.64 8.32 -20.38
CA GLY D 291 4.82 7.45 -20.38
C GLY D 291 4.80 6.32 -19.39
N ILE D 292 5.75 5.39 -19.54
CA ILE D 292 5.91 4.27 -18.63
C ILE D 292 7.31 4.35 -18.02
N ALA D 293 7.41 4.07 -16.73
CA ALA D 293 8.70 4.09 -16.03
C ALA D 293 8.67 3.05 -14.91
N GLY D 294 9.75 2.30 -14.77
CA GLY D 294 9.77 1.17 -13.83
C GLY D 294 11.13 0.91 -13.23
N LYS D 295 11.14 0.32 -12.04
CA LYS D 295 12.33 0.21 -11.21
C LYS D 295 12.34 -1.19 -10.59
N LYS D 296 13.39 -1.97 -10.85
CA LYS D 296 13.45 -3.37 -10.41
C LYS D 296 14.03 -3.47 -8.98
N ASN D 297 14.11 -4.70 -8.46
CA ASN D 297 14.69 -4.99 -7.14
C ASN D 297 13.92 -4.38 -5.99
N PHE D 298 12.75 -4.96 -5.68
CA PHE D 298 11.93 -4.54 -4.55
C PHE D 298 11.54 -5.75 -3.72
N THR D 299 11.51 -5.57 -2.40
CA THR D 299 11.15 -6.64 -1.47
C THR D 299 9.98 -6.19 -0.59
N VAL D 300 9.03 -7.09 -0.36
CA VAL D 300 7.87 -6.81 0.47
C VAL D 300 7.91 -7.65 1.74
N ILE D 301 7.54 -7.02 2.85
CA ILE D 301 7.46 -7.68 4.15
C ILE D 301 5.99 -7.85 4.56
N ALA D 302 5.45 -9.03 4.32
CA ALA D 302 4.02 -9.30 4.57
C ALA D 302 3.74 -9.59 6.04
N ILE D 303 3.03 -8.67 6.69
CA ILE D 303 2.69 -8.78 8.10
C ILE D 303 1.22 -9.20 8.28
N GLU D 304 0.97 -10.00 9.32
CA GLU D 304 -0.35 -10.58 9.60
C GLU D 304 -0.63 -10.54 11.11
N LYS D 305 -1.49 -9.61 11.54
CA LYS D 305 -1.80 -9.43 12.97
C LYS D 305 -3.22 -9.83 13.27
N ALA D 306 -3.46 -10.28 14.50
CA ALA D 306 -4.74 -10.88 14.94
C ALA D 306 -5.96 -10.12 14.42
N LEU D 307 -6.17 -8.91 14.94
CA LEU D 307 -7.19 -8.01 14.42
C LEU D 307 -6.53 -6.71 13.96
N LEU D 308 -5.45 -6.86 13.19
CA LEU D 308 -4.54 -5.75 12.79
C LEU D 308 -4.95 -4.35 13.22
N ASN D 309 -6.14 -3.91 12.80
CA ASN D 309 -6.55 -2.51 12.94
C ASN D 309 -6.74 -1.99 14.38
N SER D 310 -7.41 -2.74 15.23
CA SER D 310 -7.77 -2.27 16.57
C SER D 310 -6.60 -2.26 17.58
N GLU D 311 -5.38 -2.34 17.08
CA GLU D 311 -4.17 -2.25 17.91
C GLU D 311 -3.91 -0.79 18.32
N VAL D 312 -2.99 -0.60 19.26
CA VAL D 312 -2.60 0.74 19.72
C VAL D 312 -1.50 1.31 18.80
N GLY D 313 -1.89 1.69 17.58
CA GLY D 313 -0.98 2.26 16.59
C GLY D 313 -0.03 1.25 16.00
N PHE D 314 -0.58 0.17 15.46
CA PHE D 314 0.22 -0.94 14.91
C PHE D 314 1.09 -0.55 13.73
N CYS D 315 0.72 0.51 13.00
CA CYS D 315 1.49 0.94 11.83
C CYS D 315 2.43 2.12 12.09
N ARG D 316 2.02 3.04 12.96
CA ARG D 316 2.90 4.16 13.35
C ARG D 316 4.17 3.61 13.99
N LYS D 317 3.97 2.58 14.82
CA LYS D 317 5.08 1.81 15.37
C LYS D 317 5.90 1.20 14.23
N ILE D 318 5.26 0.36 13.41
CA ILE D 318 5.96 -0.33 12.34
C ILE D 318 6.77 0.60 11.45
N LEU D 319 6.22 1.76 11.09
CA LEU D 319 6.99 2.73 10.31
C LEU D 319 7.79 3.72 11.19
N SER D 320 7.63 3.66 12.51
CA SER D 320 8.60 4.30 13.42
C SER D 320 9.89 3.49 13.43
N ILE D 321 9.74 2.18 13.50
CA ILE D 321 10.88 1.25 13.41
C ILE D 321 11.57 1.40 12.07
N LEU D 322 10.81 1.75 11.03
CA LEU D 322 11.39 2.09 9.74
C LEU D 322 12.24 3.35 9.85
N GLU D 323 11.70 4.36 10.54
CA GLU D 323 12.43 5.62 10.76
C GLU D 323 13.58 5.44 11.75
N MSE D 324 13.57 4.34 12.51
CA MSE D 324 14.71 3.96 13.37
C MSE D 324 15.96 3.96 12.53
O MSE D 324 16.98 4.53 12.93
CB MSE D 324 14.53 2.58 13.98
CG MSE D 324 15.50 2.26 15.13
SE MSE D 324 15.08 0.49 15.88
CE MSE D 324 13.81 1.04 17.27
N TYR D 325 15.88 3.34 11.36
CA TYR D 325 16.99 3.27 10.43
C TYR D 325 16.85 4.37 9.39
N GLY D 326 17.67 4.33 8.33
CA GLY D 326 17.59 5.29 7.23
C GLY D 326 16.81 4.77 6.03
N VAL D 327 15.91 3.83 6.28
CA VAL D 327 15.12 3.19 5.20
C VAL D 327 13.79 3.91 4.97
N SER D 328 13.51 4.21 3.70
CA SER D 328 12.20 4.66 3.27
C SER D 328 11.47 3.47 2.68
N PHE D 329 10.20 3.67 2.37
CA PHE D 329 9.36 2.63 1.80
C PHE D 329 8.54 3.24 0.69
N GLU D 330 8.16 2.41 -0.28
CA GLU D 330 7.42 2.89 -1.43
C GLU D 330 5.91 2.84 -1.17
N HIS D 331 5.43 1.70 -0.67
CA HIS D 331 4.01 1.56 -0.34
C HIS D 331 3.82 0.72 0.88
N MSE D 332 2.65 0.91 1.51
CA MSE D 332 2.23 0.12 2.65
C MSE D 332 0.88 -0.44 2.30
O MSE D 332 -0.14 0.01 2.82
CB MSE D 332 2.16 1.00 3.90
CG MSE D 332 1.99 0.18 5.18
SE MSE D 332 1.53 1.35 6.72
CE MSE D 332 3.35 2.02 7.10
N PRO D 333 0.85 -1.45 1.41
CA PRO D 333 -0.44 -1.99 1.00
C PRO D 333 -1.03 -2.84 2.11
N SER D 334 -2.36 -2.81 2.22
CA SER D 334 -3.04 -3.50 3.31
C SER D 334 -4.25 -4.27 2.82
N GLY D 335 -4.61 -5.29 3.59
CA GLY D 335 -5.79 -6.09 3.36
C GLY D 335 -6.70 -5.97 4.56
N VAL D 336 -7.38 -7.06 4.90
CA VAL D 336 -8.29 -7.03 6.05
C VAL D 336 -7.49 -7.11 7.35
N ASP D 337 -6.92 -8.27 7.67
CA ASP D 337 -6.05 -8.40 8.82
C ASP D 337 -4.62 -8.68 8.38
N SER D 338 -4.25 -8.10 7.24
CA SER D 338 -2.89 -8.15 6.74
C SER D 338 -2.42 -6.75 6.33
N VAL D 339 -1.09 -6.60 6.26
CA VAL D 339 -0.46 -5.36 5.87
C VAL D 339 0.93 -5.69 5.37
N SER D 340 1.33 -5.06 4.27
CA SER D 340 2.64 -5.26 3.67
C SER D 340 3.43 -3.98 3.74
N LEU D 341 4.76 -4.09 3.67
CA LEU D 341 5.64 -2.94 3.44
C LEU D 341 6.51 -3.24 2.25
N VAL D 342 6.49 -2.35 1.26
CA VAL D 342 7.26 -2.52 0.05
C VAL D 342 8.50 -1.63 0.07
N ILE D 343 9.66 -2.27 0.06
CA ILE D 343 10.96 -1.59 0.21
C ILE D 343 11.91 -1.98 -0.91
N GLU D 344 12.79 -1.04 -1.26
CA GLU D 344 13.79 -1.27 -2.30
C GLU D 344 14.99 -2.03 -1.74
N ASP D 345 15.43 -3.07 -2.45
CA ASP D 345 16.54 -3.94 -2.04
C ASP D 345 17.80 -3.17 -1.65
N CYS D 346 18.06 -2.03 -2.32
CA CYS D 346 19.26 -1.22 -2.04
C CYS D 346 19.16 -0.51 -0.69
N LYS D 347 18.00 0.08 -0.43
CA LYS D 347 17.74 0.71 0.87
C LYS D 347 17.63 -0.32 2.00
N LEU D 348 17.35 -1.57 1.64
CA LEU D 348 17.27 -2.70 2.57
C LEU D 348 18.59 -3.49 2.63
N ASP D 349 19.68 -2.88 2.17
CA ASP D 349 20.99 -3.54 2.09
C ASP D 349 21.62 -3.70 3.48
N GLY D 350 21.67 -4.95 3.97
CA GLY D 350 22.25 -5.24 5.28
C GLY D 350 21.27 -5.09 6.43
N LYS D 351 20.61 -3.93 6.49
CA LYS D 351 19.67 -3.59 7.58
C LYS D 351 18.51 -4.57 7.72
N CYS D 352 18.17 -5.27 6.63
CA CYS D 352 17.02 -6.18 6.57
C CYS D 352 16.66 -6.93 7.86
N ASP D 353 17.51 -7.87 8.28
CA ASP D 353 17.15 -8.78 9.38
C ASP D 353 17.11 -8.10 10.75
N LYS D 354 18.01 -7.14 10.97
CA LYS D 354 17.96 -6.31 12.19
C LYS D 354 16.58 -5.67 12.36
N ILE D 355 16.02 -5.21 11.24
CA ILE D 355 14.70 -4.57 11.22
C ILE D 355 13.59 -5.57 11.50
N ILE D 356 13.69 -6.77 10.92
CA ILE D 356 12.67 -7.81 11.09
C ILE D 356 12.56 -8.17 12.57
N GLU D 357 13.71 -8.40 13.20
CA GLU D 357 13.77 -8.70 14.65
C GLU D 357 13.24 -7.52 15.47
N GLU D 358 13.69 -6.32 15.13
CA GLU D 358 13.23 -5.11 15.81
C GLU D 358 11.71 -5.06 15.90
N ILE D 359 11.04 -5.13 14.74
CA ILE D 359 9.58 -4.96 14.68
C ILE D 359 8.80 -6.14 15.25
N LYS D 360 9.40 -7.32 15.24
CA LYS D 360 8.77 -8.52 15.79
C LYS D 360 8.49 -8.35 17.29
N LYS D 361 9.19 -7.40 17.92
CA LYS D 361 9.15 -7.19 19.37
C LYS D 361 8.04 -6.21 19.80
N GLN D 362 7.92 -5.07 19.13
CA GLN D 362 6.91 -4.05 19.49
C GLN D 362 5.48 -4.48 19.18
N CYS D 363 5.29 -5.09 18.01
CA CYS D 363 4.02 -5.71 17.67
C CYS D 363 4.14 -7.20 17.98
N ASN D 364 3.03 -7.92 17.87
CA ASN D 364 3.06 -9.39 17.98
C ASN D 364 2.47 -10.00 16.71
N PRO D 365 3.29 -10.10 15.65
CA PRO D 365 2.78 -10.62 14.39
C PRO D 365 2.40 -12.09 14.48
N ASP D 366 1.23 -12.43 13.97
CA ASP D 366 0.80 -13.82 13.87
C ASP D 366 1.54 -14.54 12.74
N SER D 367 2.15 -13.75 11.84
CA SER D 367 2.98 -14.26 10.75
C SER D 367 3.82 -13.13 10.16
N ILE D 368 5.08 -13.43 9.83
CA ILE D 368 5.92 -12.52 9.04
C ILE D 368 6.63 -13.32 7.95
N GLU D 369 6.64 -12.77 6.74
CA GLU D 369 7.29 -13.41 5.60
C GLU D 369 7.86 -12.34 4.67
N ILE D 370 9.10 -12.54 4.22
CA ILE D 370 9.69 -11.69 3.19
C ILE D 370 9.49 -12.33 1.82
N HIS D 371 9.02 -11.53 0.86
CA HIS D 371 8.93 -11.93 -0.54
C HIS D 371 9.73 -10.94 -1.35
N PRO D 372 10.85 -11.37 -1.96
CA PRO D 372 11.68 -10.48 -2.77
C PRO D 372 11.42 -10.66 -4.27
N ASN D 373 12.26 -10.02 -5.09
CA ASN D 373 12.23 -10.16 -6.55
C ASN D 373 11.02 -9.50 -7.22
N MSE D 374 10.50 -8.43 -6.63
CA MSE D 374 9.41 -7.68 -7.25
C MSE D 374 9.98 -6.51 -7.99
O MSE D 374 11.03 -5.99 -7.61
CB MSE D 374 8.40 -7.15 -6.23
CG MSE D 374 7.03 -6.98 -6.88
SE MSE D 374 5.66 -6.40 -5.60
CE MSE D 374 6.69 -5.11 -4.53
N ALA D 375 9.30 -6.10 -9.06
CA ALA D 375 9.59 -4.84 -9.73
C ALA D 375 8.31 -4.01 -9.83
N LEU D 376 8.41 -2.72 -9.56
CA LEU D 376 7.27 -1.84 -9.69
C LEU D 376 7.30 -1.26 -11.10
N VAL D 377 6.15 -1.23 -11.76
CA VAL D 377 6.02 -0.56 -13.05
C VAL D 377 4.95 0.50 -12.95
N ALA D 378 5.33 1.74 -13.24
CA ALA D 378 4.41 2.85 -13.15
C ALA D 378 4.09 3.30 -14.56
N THR D 379 2.83 3.64 -14.78
CA THR D 379 2.37 4.05 -16.08
C THR D 379 1.50 5.28 -15.87
N VAL D 380 1.80 6.35 -16.60
CA VAL D 380 1.43 7.69 -16.19
C VAL D 380 0.86 8.54 -17.31
N GLY D 381 -0.15 9.33 -16.98
CA GLY D 381 -0.79 10.21 -17.94
C GLY D 381 -2.02 10.88 -17.35
N THR D 382 -2.22 12.14 -17.69
CA THR D 382 -3.41 12.85 -17.24
C THR D 382 -4.62 12.20 -17.92
N GLY D 383 -4.47 11.89 -19.20
CA GLY D 383 -5.50 11.23 -19.99
C GLY D 383 -5.91 9.86 -19.52
N MSE D 384 -5.23 9.32 -18.50
CA MSE D 384 -5.70 8.08 -17.84
C MSE D 384 -6.35 8.47 -16.55
O MSE D 384 -5.91 8.06 -15.47
CB MSE D 384 -4.59 7.03 -17.67
CG MSE D 384 -3.27 7.57 -17.17
SE MSE D 384 -2.15 6.05 -16.66
CE MSE D 384 -2.90 5.80 -14.86
N ALA D 385 -7.41 9.27 -16.67
CA ALA D 385 -8.09 9.85 -15.52
C ALA D 385 -9.33 10.65 -15.97
N LYS D 386 -10.50 10.35 -15.41
CA LYS D 386 -10.75 9.11 -14.67
C LYS D 386 -11.31 8.14 -15.69
N THR D 387 -10.68 8.08 -16.87
CA THR D 387 -11.30 7.46 -18.04
C THR D 387 -11.55 5.97 -17.75
N LYS D 388 -12.72 5.50 -18.18
CA LYS D 388 -13.21 4.20 -17.78
C LYS D 388 -12.26 3.06 -18.16
N GLY D 389 -11.82 2.31 -17.16
CA GLY D 389 -11.19 1.01 -17.38
C GLY D 389 -9.71 1.00 -17.73
N ILE D 390 -9.01 2.11 -17.55
CA ILE D 390 -7.58 2.15 -17.86
C ILE D 390 -6.84 1.04 -17.14
N ALA D 391 -6.88 1.03 -15.81
CA ALA D 391 -6.25 -0.04 -15.05
C ALA D 391 -6.52 -1.41 -15.68
N ASN D 392 -7.78 -1.63 -16.10
CA ASN D 392 -8.17 -2.87 -16.76
C ASN D 392 -7.36 -3.08 -18.03
N LYS D 393 -7.26 -2.05 -18.86
CA LYS D 393 -6.48 -2.10 -20.09
C LYS D 393 -5.02 -2.56 -19.85
N ILE D 394 -4.47 -2.22 -18.69
CA ILE D 394 -3.13 -2.65 -18.31
C ILE D 394 -3.17 -4.10 -17.89
N PHE D 395 -4.19 -4.46 -17.12
CA PHE D 395 -4.35 -5.82 -16.63
C PHE D 395 -4.61 -6.78 -17.78
N THR D 396 -5.44 -6.37 -18.73
CA THR D 396 -5.62 -7.09 -19.98
C THR D 396 -4.29 -7.28 -20.68
N ALA D 397 -3.52 -6.20 -20.75
CA ALA D 397 -2.19 -6.22 -21.36
C ALA D 397 -1.32 -7.29 -20.71
N LEU D 398 -1.26 -7.26 -19.38
CA LEU D 398 -0.44 -8.19 -18.64
C LEU D 398 -0.93 -9.63 -18.75
N SER D 399 -2.25 -9.83 -18.81
CA SER D 399 -2.78 -11.17 -18.98
C SER D 399 -2.35 -11.75 -20.31
N LYS D 400 -2.72 -11.06 -21.39
CA LYS D 400 -2.39 -11.46 -22.76
C LYS D 400 -0.97 -11.99 -22.86
N GLU D 401 -0.02 -11.33 -22.19
CA GLU D 401 1.38 -11.73 -22.21
C GLU D 401 1.80 -12.56 -20.99
N ASN D 402 0.84 -13.22 -20.34
CA ASN D 402 1.13 -14.19 -19.28
C ASN D 402 2.17 -13.67 -18.27
N VAL D 403 1.74 -12.73 -17.44
CA VAL D 403 2.56 -12.24 -16.33
C VAL D 403 1.61 -11.94 -15.18
N ASN D 404 1.84 -12.58 -14.03
CA ASN D 404 0.93 -12.44 -12.88
C ASN D 404 1.28 -11.21 -12.05
N ILE D 405 0.27 -10.64 -11.40
CA ILE D 405 0.40 -9.43 -10.62
C ILE D 405 0.68 -9.76 -9.16
N ARG D 406 1.71 -9.13 -8.60
CA ARG D 406 2.08 -9.28 -7.20
C ARG D 406 1.76 -8.04 -6.37
N MSE D 407 1.39 -6.94 -7.02
CA MSE D 407 0.82 -5.79 -6.32
C MSE D 407 0.02 -4.93 -7.28
O MSE D 407 0.38 -4.77 -8.44
CB MSE D 407 1.91 -4.93 -5.67
CG MSE D 407 1.42 -3.49 -5.50
SE MSE D 407 2.64 -2.37 -4.45
CE MSE D 407 2.70 -0.83 -5.67
N ILE D 408 -1.09 -4.38 -6.77
CA ILE D 408 -1.83 -3.31 -7.43
C ILE D 408 -1.94 -2.13 -6.46
N ASP D 409 -1.76 -0.93 -6.98
CA ASP D 409 -2.06 0.29 -6.22
C ASP D 409 -2.56 1.37 -7.15
N GLN D 410 -3.84 1.70 -7.00
CA GLN D 410 -4.38 2.87 -7.66
C GLN D 410 -5.40 3.52 -6.76
N GLY D 411 -5.30 4.83 -6.60
CA GLY D 411 -6.01 5.57 -5.59
C GLY D 411 -5.15 6.66 -4.96
N SER D 412 -3.83 6.43 -4.92
CA SER D 412 -2.89 7.40 -4.36
C SER D 412 -2.66 8.56 -5.32
N SER D 413 -2.59 8.27 -6.61
CA SER D 413 -2.52 9.29 -7.65
C SER D 413 -3.64 9.08 -8.64
N GLU D 414 -4.15 10.15 -9.24
CA GLU D 414 -5.17 10.05 -10.27
C GLU D 414 -4.61 9.90 -11.68
N ILE D 415 -3.31 10.13 -11.84
CA ILE D 415 -2.69 10.11 -13.15
C ILE D 415 -1.64 9.03 -13.26
N ASN D 416 -1.73 8.05 -12.39
CA ASN D 416 -0.70 7.04 -12.30
C ASN D 416 -1.22 5.71 -11.75
N VAL D 417 -0.91 4.63 -12.46
CA VAL D 417 -1.25 3.28 -12.02
C VAL D 417 0.02 2.47 -11.87
N ILE D 418 0.26 2.02 -10.65
CA ILE D 418 1.44 1.27 -10.29
C ILE D 418 1.07 -0.18 -10.10
N VAL D 419 1.86 -1.07 -10.70
CA VAL D 419 1.67 -2.50 -10.54
C VAL D 419 2.98 -3.13 -10.12
N GLY D 420 2.89 -4.16 -9.30
CA GLY D 420 4.08 -4.91 -8.90
C GLY D 420 4.09 -6.24 -9.64
N VAL D 421 5.26 -6.63 -10.14
CA VAL D 421 5.42 -7.88 -10.86
C VAL D 421 6.80 -8.48 -10.60
N GLU D 422 6.95 -9.76 -10.91
CA GLU D 422 8.21 -10.46 -10.70
C GLU D 422 9.34 -9.86 -11.54
N THR D 423 10.52 -9.73 -10.94
CA THR D 423 11.67 -9.06 -11.57
C THR D 423 12.08 -9.74 -12.88
N VAL D 424 11.88 -11.04 -12.96
CA VAL D 424 12.09 -11.76 -14.22
C VAL D 424 11.16 -11.20 -15.30
N ASP D 425 9.92 -10.88 -14.92
CA ASP D 425 8.89 -10.41 -15.85
C ASP D 425 8.77 -8.88 -15.91
N PHE D 426 9.88 -8.16 -15.73
CA PHE D 426 9.85 -6.71 -15.72
C PHE D 426 9.76 -6.16 -17.13
N GLU D 427 10.66 -6.66 -17.97
CA GLU D 427 10.79 -6.16 -19.33
C GLU D 427 9.57 -6.57 -20.16
N LYS D 428 8.99 -7.70 -19.82
CA LYS D 428 7.77 -8.17 -20.47
C LYS D 428 6.60 -7.23 -20.18
N ALA D 429 6.49 -6.82 -18.92
CA ALA D 429 5.44 -5.93 -18.45
C ALA D 429 5.50 -4.57 -19.14
N VAL D 430 6.67 -3.97 -19.17
CA VAL D 430 6.83 -2.66 -19.76
C VAL D 430 6.57 -2.70 -21.26
N LYS D 431 7.01 -3.76 -21.93
CA LYS D 431 6.76 -3.90 -23.36
C LYS D 431 5.25 -4.01 -23.60
N SER D 432 4.62 -4.90 -22.84
CA SER D 432 3.19 -5.22 -23.03
C SER D 432 2.30 -4.01 -22.86
N ILE D 433 2.61 -3.16 -21.89
CA ILE D 433 1.82 -1.96 -21.64
C ILE D 433 2.04 -0.95 -22.75
N TYR D 434 3.30 -0.75 -23.17
CA TYR D 434 3.61 0.21 -24.24
C TYR D 434 2.86 -0.13 -25.51
N ASN D 435 2.97 -1.40 -25.93
CA ASN D 435 2.29 -1.87 -27.12
C ASN D 435 0.79 -1.76 -26.94
N ALA D 436 0.32 -2.03 -25.72
CA ALA D 436 -1.09 -1.90 -25.45
C ALA D 436 -1.60 -0.53 -25.88
N PHE D 437 -0.77 0.51 -25.70
CA PHE D 437 -1.17 1.90 -25.98
C PHE D 437 -0.63 2.52 -27.29
N ASN D 438 -0.13 1.74 -28.24
CA ASN D 438 0.38 2.31 -29.50
C ASN D 438 -0.09 1.68 -30.82
N LEU E 2 -12.09 -2.23 -27.10
CA LEU E 2 -11.60 -0.92 -27.62
C LEU E 2 -12.64 0.19 -27.39
N LYS E 3 -12.22 1.43 -27.62
CA LYS E 3 -13.03 2.64 -27.39
C LYS E 3 -14.37 2.71 -28.16
N ILE E 4 -15.31 3.43 -27.58
CA ILE E 4 -16.59 3.72 -28.21
C ILE E 4 -16.82 5.22 -28.17
N VAL E 5 -16.73 5.87 -29.33
CA VAL E 5 -17.07 7.29 -29.44
C VAL E 5 -18.37 7.44 -30.22
N VAL E 6 -19.29 8.25 -29.71
CA VAL E 6 -20.56 8.54 -30.37
C VAL E 6 -20.53 9.96 -30.89
N THR E 7 -20.98 10.15 -32.13
CA THR E 7 -20.96 11.47 -32.77
C THR E 7 -22.37 11.99 -33.05
N LYS E 8 -22.61 13.24 -32.70
CA LYS E 8 -23.81 13.96 -33.12
C LYS E 8 -23.34 14.96 -34.15
N PHE E 9 -24.18 15.23 -35.14
CA PHE E 9 -23.86 16.23 -36.14
C PHE E 9 -25.02 17.19 -36.28
N GLY E 10 -24.75 18.47 -36.08
CA GLY E 10 -25.79 19.50 -36.14
C GLY E 10 -26.32 19.75 -37.54
N GLY E 11 -27.37 20.59 -37.59
CA GLY E 11 -28.04 20.93 -38.84
C GLY E 11 -27.11 21.58 -39.83
N SER E 12 -26.26 22.47 -39.32
CA SER E 12 -25.29 23.15 -40.19
C SER E 12 -24.18 22.22 -40.69
N SER E 13 -23.94 21.12 -39.98
CA SER E 13 -22.94 20.13 -40.42
C SER E 13 -23.50 19.19 -41.50
N LEU E 14 -24.80 19.32 -41.80
CA LEU E 14 -25.45 18.54 -42.84
C LEU E 14 -26.33 19.46 -43.71
N ALA E 15 -25.94 20.72 -43.82
CA ALA E 15 -26.71 21.70 -44.57
C ALA E 15 -26.75 21.38 -46.06
N ASP E 16 -25.63 20.90 -46.61
CA ASP E 16 -25.56 20.58 -48.03
C ASP E 16 -24.52 19.49 -48.32
N SER E 17 -24.47 19.08 -49.59
CA SER E 17 -23.60 18.00 -50.05
C SER E 17 -22.13 18.22 -49.73
N ASN E 18 -21.68 19.47 -49.73
CA ASN E 18 -20.30 19.76 -49.30
C ASN E 18 -20.12 19.31 -47.87
N GLN E 19 -21.06 19.69 -47.01
CA GLN E 19 -20.99 19.39 -45.58
C GLN E 19 -21.02 17.88 -45.33
N PHE E 20 -21.81 17.17 -46.11
CA PHE E 20 -21.86 15.71 -45.97
C PHE E 20 -20.47 15.11 -46.15
N LYS E 21 -19.75 15.56 -47.17
CA LYS E 21 -18.40 15.06 -47.42
C LYS E 21 -17.50 15.19 -46.20
N LYS E 22 -17.66 16.30 -45.48
CA LYS E 22 -16.85 16.59 -44.32
C LYS E 22 -17.16 15.62 -43.19
N VAL E 23 -18.44 15.34 -42.99
CA VAL E 23 -18.88 14.39 -41.97
C VAL E 23 -18.24 13.01 -42.21
N LYS E 24 -18.33 12.52 -43.45
CA LYS E 24 -17.73 11.24 -43.80
C LYS E 24 -16.25 11.28 -43.51
N GLY E 25 -15.57 12.31 -44.01
CA GLY E 25 -14.17 12.51 -43.70
C GLY E 25 -13.92 12.27 -42.23
N ILE E 26 -14.70 12.94 -41.39
CA ILE E 26 -14.50 12.89 -39.95
C ILE E 26 -14.73 11.49 -39.37
N ILE E 27 -15.69 10.75 -39.91
CA ILE E 27 -16.01 9.44 -39.33
C ILE E 27 -14.93 8.45 -39.66
N ASP E 28 -14.77 8.16 -40.95
CA ASP E 28 -13.82 7.13 -41.36
C ASP E 28 -12.37 7.50 -41.04
N SER E 29 -12.14 8.71 -40.55
CA SER E 29 -10.82 9.08 -40.01
C SER E 29 -10.59 8.53 -38.59
N ASP E 30 -11.55 7.77 -38.05
CA ASP E 30 -11.37 7.08 -36.78
C ASP E 30 -12.37 5.93 -36.68
N ALA E 31 -11.87 4.71 -36.47
CA ALA E 31 -12.70 3.52 -36.34
C ALA E 31 -13.60 3.52 -35.10
N ASN E 32 -13.20 4.27 -34.07
CA ASN E 32 -13.97 4.34 -32.83
C ASN E 32 -15.29 5.12 -32.94
N ARG E 33 -15.44 5.87 -34.02
CA ARG E 33 -16.66 6.65 -34.23
C ARG E 33 -17.72 5.74 -34.81
N LYS E 34 -18.39 4.99 -33.93
CA LYS E 34 -19.22 3.87 -34.34
C LYS E 34 -20.69 4.26 -34.48
N TYR E 35 -21.12 5.28 -33.75
CA TYR E 35 -22.54 5.66 -33.77
C TYR E 35 -22.76 7.13 -34.09
N ILE E 36 -23.47 7.37 -35.18
CA ILE E 36 -23.72 8.70 -35.68
C ILE E 36 -25.16 9.12 -35.39
N ILE E 37 -25.33 10.34 -34.88
CA ILE E 37 -26.66 10.91 -34.69
C ILE E 37 -26.73 12.21 -35.48
N PRO E 38 -27.48 12.21 -36.60
CA PRO E 38 -27.60 13.40 -37.42
C PRO E 38 -28.83 14.23 -37.04
N SER E 39 -28.78 15.51 -37.39
CA SER E 39 -29.97 16.36 -37.38
C SER E 39 -30.50 16.47 -38.80
N ALA E 40 -31.59 17.19 -38.95
CA ALA E 40 -32.13 17.48 -40.26
C ALA E 40 -31.26 18.54 -40.92
N PRO E 41 -31.29 18.63 -42.25
CA PRO E 41 -30.45 19.60 -42.93
C PRO E 41 -30.80 21.01 -42.49
N GLY E 42 -29.78 21.81 -42.19
CA GLY E 42 -30.01 23.18 -41.74
C GLY E 42 -30.28 24.17 -42.86
N LYS E 43 -30.54 25.41 -42.46
CA LYS E 43 -30.61 26.55 -43.37
C LYS E 43 -29.25 26.73 -44.01
N ARG E 44 -29.22 27.17 -45.26
CA ARG E 44 -27.96 27.53 -45.92
C ARG E 44 -27.84 29.03 -46.24
N THR E 45 -28.87 29.80 -45.92
CA THR E 45 -28.81 31.26 -45.93
C THR E 45 -29.76 31.73 -44.84
N ASN E 46 -29.82 33.02 -44.56
CA ASN E 46 -30.80 33.51 -43.60
C ASN E 46 -32.20 33.51 -44.19
N LYS E 47 -32.29 33.76 -45.49
CA LYS E 47 -33.57 33.77 -46.19
C LYS E 47 -34.05 32.35 -46.44
N ASP E 48 -33.15 31.39 -46.45
CA ASP E 48 -33.49 30.00 -46.76
C ASP E 48 -34.60 29.38 -45.88
N TYR E 49 -35.33 28.43 -46.47
CA TYR E 49 -36.39 27.71 -45.77
C TYR E 49 -35.80 26.59 -44.94
N LYS E 50 -36.59 26.08 -44.00
CA LYS E 50 -36.13 25.06 -43.05
C LYS E 50 -36.92 23.76 -43.23
N ILE E 51 -36.24 22.72 -43.70
CA ILE E 51 -36.89 21.45 -43.98
C ILE E 51 -37.90 21.03 -42.91
N THR E 52 -37.48 21.01 -41.66
CA THR E 52 -38.40 20.68 -40.57
C THR E 52 -39.70 21.50 -40.60
N ASP E 53 -39.56 22.81 -40.81
CA ASP E 53 -40.74 23.70 -40.77
C ASP E 53 -41.66 23.50 -41.96
N LEU E 54 -41.06 23.32 -43.14
CA LEU E 54 -41.83 22.92 -44.30
C LEU E 54 -42.65 21.64 -44.01
N LEU E 55 -42.10 20.71 -43.24
CA LEU E 55 -42.82 19.49 -42.91
C LEU E 55 -44.02 19.83 -42.05
N TYR E 56 -43.81 20.62 -41.00
CA TYR E 56 -44.95 21.10 -40.20
C TYR E 56 -45.99 21.75 -41.12
N LEU E 57 -45.50 22.52 -42.10
CA LEU E 57 -46.37 23.18 -43.07
C LEU E 57 -47.19 22.15 -43.86
N CYS E 58 -46.56 21.03 -44.21
CA CYS E 58 -47.28 19.92 -44.86
C CYS E 58 -48.37 19.33 -43.98
N ASN E 59 -48.09 19.21 -42.70
CA ASN E 59 -49.08 18.71 -41.76
C ASN E 59 -50.26 19.67 -41.61
N ALA E 60 -49.99 20.97 -41.67
CA ALA E 60 -51.04 21.99 -41.52
C ALA E 60 -51.96 21.99 -42.74
N HIS E 61 -51.41 21.64 -43.90
CA HIS E 61 -52.20 21.48 -45.11
C HIS E 61 -53.19 20.36 -44.99
N VAL E 62 -52.74 19.23 -44.47
CA VAL E 62 -53.64 18.13 -44.15
C VAL E 62 -54.75 18.62 -43.22
N LYS E 63 -54.39 19.38 -42.17
CA LYS E 63 -55.37 19.92 -41.22
C LYS E 63 -56.37 20.92 -41.86
N ASN E 64 -56.03 21.48 -43.01
CA ASN E 64 -56.94 22.36 -43.75
C ASN E 64 -57.59 21.68 -44.96
N GLY E 65 -57.46 20.36 -45.06
CA GLY E 65 -58.06 19.58 -46.16
C GLY E 65 -57.54 19.97 -47.54
N ILE E 66 -56.27 20.34 -47.59
CA ILE E 66 -55.68 20.95 -48.77
C ILE E 66 -54.39 20.18 -49.13
N PRO E 67 -54.17 19.91 -50.42
CA PRO E 67 -52.96 19.19 -50.81
C PRO E 67 -51.73 20.09 -50.73
N PHE E 68 -50.55 19.49 -50.66
CA PHE E 68 -49.32 20.23 -50.41
C PHE E 68 -48.19 19.85 -51.37
N ASP E 69 -48.55 19.55 -52.62
CA ASP E 69 -47.56 19.09 -53.59
C ASP E 69 -46.46 20.12 -53.78
N ASP E 70 -46.85 21.39 -53.82
CA ASP E 70 -45.91 22.49 -54.05
C ASP E 70 -44.88 22.65 -52.93
N VAL E 71 -45.32 22.42 -51.68
CA VAL E 71 -44.44 22.53 -50.52
C VAL E 71 -43.50 21.34 -50.46
N PHE E 72 -44.05 20.14 -50.61
CA PHE E 72 -43.25 18.92 -50.60
C PHE E 72 -42.34 18.87 -51.80
N LYS E 73 -42.74 19.53 -52.88
CA LYS E 73 -41.87 19.67 -54.06
C LYS E 73 -40.49 20.12 -53.60
N LEU E 74 -40.47 21.14 -52.75
CA LEU E 74 -39.22 21.68 -52.23
C LEU E 74 -38.53 20.70 -51.29
N ILE E 75 -39.28 20.02 -50.44
CA ILE E 75 -38.67 19.08 -49.51
C ILE E 75 -37.95 17.98 -50.26
N SER E 76 -38.67 17.30 -51.14
CA SER E 76 -38.10 16.23 -51.95
C SER E 76 -36.91 16.71 -52.77
N GLN E 77 -36.94 17.98 -53.19
CA GLN E 77 -35.82 18.58 -53.91
C GLN E 77 -34.54 18.62 -53.10
N ARG E 78 -34.62 19.10 -51.86
CA ARG E 78 -33.44 19.22 -50.99
C ARG E 78 -32.70 17.91 -50.86
N TYR E 79 -33.44 16.83 -50.64
CA TYR E 79 -32.82 15.53 -50.46
C TYR E 79 -32.34 15.00 -51.82
N THR E 80 -33.26 14.88 -52.77
CA THR E 80 -32.94 14.36 -54.10
C THR E 80 -31.63 14.95 -54.65
N GLU E 81 -31.46 16.26 -54.55
CA GLU E 81 -30.18 16.89 -54.94
C GLU E 81 -29.01 16.30 -54.18
N ILE E 82 -29.03 16.43 -52.86
CA ILE E 82 -27.92 16.01 -52.00
C ILE E 82 -27.49 14.58 -52.31
N VAL E 83 -28.45 13.66 -52.31
CA VAL E 83 -28.11 12.27 -52.65
C VAL E 83 -27.47 12.20 -54.03
N SER E 84 -28.04 12.95 -54.98
CA SER E 84 -27.51 12.97 -56.34
C SER E 84 -26.10 13.57 -56.41
N GLU E 85 -25.91 14.71 -55.79
CA GLU E 85 -24.59 15.35 -55.71
C GLU E 85 -23.60 14.44 -55.01
N LEU E 86 -24.06 13.81 -53.94
CA LEU E 86 -23.25 12.90 -53.17
C LEU E 86 -23.04 11.56 -53.87
N ASN E 87 -23.85 11.27 -54.89
CA ASN E 87 -23.60 10.17 -55.81
C ASN E 87 -23.88 8.82 -55.18
N ILE E 88 -24.96 8.73 -54.42
CA ILE E 88 -25.26 7.52 -53.65
C ILE E 88 -26.21 6.60 -54.41
N ASP E 89 -25.89 5.31 -54.44
CA ASP E 89 -26.73 4.30 -55.11
C ASP E 89 -27.96 3.99 -54.24
N MSE E 90 -29.07 4.66 -54.54
CA MSE E 90 -30.26 4.66 -53.69
C MSE E 90 -31.53 4.54 -54.46
O MSE E 90 -31.52 4.35 -55.68
CB MSE E 90 -30.35 6.06 -53.09
CG MSE E 90 -29.35 6.29 -51.99
SE MSE E 90 -30.31 6.99 -50.43
CE MSE E 90 -29.16 6.17 -49.02
N ASP E 91 -32.64 4.64 -53.75
CA ASP E 91 -33.88 5.10 -54.33
C ASP E 91 -34.51 6.04 -53.31
N ILE E 92 -33.96 7.25 -53.24
CA ILE E 92 -34.44 8.25 -52.29
C ILE E 92 -35.94 8.53 -52.52
N ALA E 93 -36.35 8.55 -53.78
CA ALA E 93 -37.74 8.77 -54.15
C ALA E 93 -38.67 7.80 -53.40
N TYR E 94 -38.23 6.56 -53.23
CA TYR E 94 -39.02 5.58 -52.52
C TYR E 94 -39.40 6.11 -51.15
N TYR E 95 -38.40 6.54 -50.39
CA TYR E 95 -38.65 7.00 -49.02
C TYR E 95 -39.50 8.27 -49.02
N LEU E 96 -39.17 9.21 -49.89
CA LEU E 96 -39.88 10.48 -49.96
C LEU E 96 -41.37 10.33 -50.24
N GLU E 97 -41.73 9.42 -51.14
CA GLU E 97 -43.14 9.18 -51.44
C GLU E 97 -43.85 8.55 -50.23
N LYS E 98 -43.20 7.57 -49.60
CA LYS E 98 -43.75 6.97 -48.38
C LYS E 98 -44.11 8.08 -47.38
N VAL E 99 -43.22 9.06 -47.24
CA VAL E 99 -43.47 10.18 -46.34
C VAL E 99 -44.62 11.05 -46.83
N LYS E 100 -44.53 11.56 -48.06
CA LYS E 100 -45.63 12.36 -48.64
C LYS E 100 -46.98 11.69 -48.45
N LYS E 101 -47.03 10.38 -48.65
CA LYS E 101 -48.29 9.63 -48.52
C LYS E 101 -48.72 9.49 -47.06
N ASN E 102 -47.78 9.18 -46.18
CA ASN E 102 -48.09 9.08 -44.76
C ASN E 102 -48.66 10.40 -44.24
N ILE E 103 -48.01 11.50 -44.62
CA ILE E 103 -48.46 12.83 -44.21
C ILE E 103 -49.91 13.07 -44.59
N GLU E 104 -50.27 12.78 -45.84
CA GLU E 104 -51.61 13.12 -46.36
C GLU E 104 -52.72 12.20 -45.90
N ASN E 105 -52.37 11.03 -45.40
CA ASN E 105 -53.32 10.15 -44.72
C ASN E 105 -53.51 10.50 -43.24
N GLY E 106 -52.79 11.52 -42.75
CA GLY E 106 -53.06 12.11 -41.45
C GLY E 106 -52.12 11.72 -40.33
N ALA E 107 -50.84 11.48 -40.63
CA ALA E 107 -49.87 11.24 -39.56
C ALA E 107 -49.78 12.49 -38.69
N SER E 108 -49.40 12.29 -37.43
CA SER E 108 -49.36 13.38 -36.45
C SER E 108 -48.31 14.40 -36.84
N SER E 109 -48.46 15.64 -36.38
CA SER E 109 -47.48 16.67 -36.64
C SER E 109 -46.11 16.14 -36.27
N ASP E 110 -46.04 15.43 -35.15
CA ASP E 110 -44.78 14.83 -34.67
C ASP E 110 -44.10 13.95 -35.72
N TYR E 111 -44.88 13.11 -36.39
CA TYR E 111 -44.35 12.31 -37.47
C TYR E 111 -43.77 13.20 -38.57
N ALA E 112 -44.50 14.25 -38.92
CA ALA E 112 -44.01 15.17 -39.94
C ALA E 112 -42.65 15.76 -39.55
N ALA E 113 -42.57 16.44 -38.41
CA ALA E 113 -41.35 17.15 -38.02
C ALA E 113 -40.13 16.24 -37.95
N SER E 114 -40.37 14.99 -37.56
CA SER E 114 -39.31 14.01 -37.33
C SER E 114 -38.68 13.52 -38.62
N ARG E 115 -39.43 13.63 -39.72
CA ARG E 115 -38.96 13.08 -40.98
C ARG E 115 -37.71 13.76 -41.55
N GLY E 116 -37.52 15.04 -41.24
CA GLY E 116 -36.31 15.72 -41.67
C GLY E 116 -35.09 14.92 -41.23
N GLU E 117 -35.12 14.49 -39.98
CA GLU E 117 -34.02 13.76 -39.35
C GLU E 117 -33.96 12.32 -39.86
N TYR E 118 -35.10 11.65 -39.82
CA TYR E 118 -35.23 10.29 -40.36
C TYR E 118 -34.68 10.19 -41.79
N LEU E 119 -34.89 11.23 -42.61
CA LEU E 119 -34.43 11.22 -44.00
C LEU E 119 -32.92 11.40 -44.12
N ASN E 120 -32.35 12.36 -43.38
CA ASN E 120 -30.89 12.46 -43.27
C ASN E 120 -30.30 11.14 -42.82
N GLY E 121 -30.93 10.52 -41.82
CA GLY E 121 -30.46 9.25 -41.28
C GLY E 121 -30.32 8.17 -42.34
N VAL E 122 -31.43 7.85 -43.00
CA VAL E 122 -31.41 6.79 -44.00
C VAL E 122 -30.33 7.08 -45.03
N ILE E 123 -30.16 8.34 -45.40
CA ILE E 123 -29.16 8.73 -46.38
C ILE E 123 -27.76 8.53 -45.79
N LEU E 124 -27.51 9.13 -44.63
CA LEU E 124 -26.23 8.96 -43.94
C LEU E 124 -25.86 7.49 -43.78
N ALA E 125 -26.87 6.66 -43.51
CA ALA E 125 -26.68 5.23 -43.33
C ALA E 125 -25.97 4.63 -44.54
N LYS E 126 -26.48 4.93 -45.74
CA LYS E 126 -25.90 4.39 -46.97
C LYS E 126 -24.59 5.10 -47.32
N TYR E 127 -24.56 6.41 -47.15
CA TYR E 127 -23.35 7.17 -47.42
C TYR E 127 -22.22 6.61 -46.59
N LEU E 128 -22.40 6.59 -45.27
CA LEU E 128 -21.33 6.17 -44.36
C LEU E 128 -21.20 4.65 -44.28
N ASN E 129 -21.99 3.94 -45.06
CA ASN E 129 -21.96 2.48 -45.04
C ASN E 129 -22.16 1.93 -43.61
N ALA E 130 -23.23 2.39 -42.98
CA ALA E 130 -23.59 1.95 -41.63
C ALA E 130 -25.03 1.51 -41.60
N GLU E 131 -25.37 0.76 -40.57
CA GLU E 131 -26.71 0.27 -40.40
C GLU E 131 -27.62 1.43 -40.05
N PHE E 132 -28.71 1.59 -40.81
CA PHE E 132 -29.75 2.51 -40.38
C PHE E 132 -30.54 1.86 -39.24
N ILE E 133 -30.60 2.55 -38.10
CA ILE E 133 -31.45 2.13 -37.01
C ILE E 133 -32.38 3.29 -36.66
N ASP E 134 -33.67 3.07 -36.96
CA ASP E 134 -34.72 4.02 -36.65
C ASP E 134 -34.76 4.26 -35.16
N ALA E 135 -34.92 5.53 -34.76
CA ALA E 135 -34.95 5.89 -33.35
C ALA E 135 -36.21 5.35 -32.69
N ALA E 136 -37.26 5.15 -33.49
CA ALA E 136 -38.52 4.58 -33.01
C ALA E 136 -38.35 3.22 -32.33
N GLU E 137 -37.35 2.46 -32.75
CA GLU E 137 -37.10 1.12 -32.19
C GLU E 137 -36.26 1.13 -30.93
N VAL E 138 -35.68 2.26 -30.59
CA VAL E 138 -34.65 2.30 -29.56
C VAL E 138 -34.90 3.34 -28.47
N ILE E 139 -35.60 4.41 -28.83
CA ILE E 139 -35.91 5.49 -27.92
C ILE E 139 -37.41 5.46 -27.68
N PHE E 140 -37.80 5.39 -26.42
CA PHE E 140 -39.22 5.29 -26.03
C PHE E 140 -39.59 6.25 -24.93
N PHE E 141 -40.80 6.78 -25.02
CA PHE E 141 -41.38 7.57 -23.95
C PHE E 141 -42.44 6.72 -23.27
N ASP E 142 -42.67 6.99 -21.99
CA ASP E 142 -43.70 6.30 -21.20
C ASP E 142 -45.03 7.05 -21.30
N LYS E 143 -46.09 6.47 -20.72
CA LYS E 143 -47.46 7.02 -20.80
C LYS E 143 -47.54 8.52 -20.44
N SER E 144 -46.67 8.98 -19.53
CA SER E 144 -46.55 10.39 -19.21
C SER E 144 -45.37 11.01 -19.95
N GLY E 145 -45.66 11.98 -20.83
CA GLY E 145 -44.64 12.70 -21.62
C GLY E 145 -43.19 12.22 -21.62
N CYS E 146 -42.57 12.24 -20.45
CA CYS E 146 -41.12 12.05 -20.28
C CYS E 146 -40.55 10.71 -20.77
N PHE E 147 -39.23 10.69 -20.88
CA PHE E 147 -38.48 9.63 -21.57
C PHE E 147 -38.15 8.46 -20.66
N ASP E 148 -38.28 7.25 -21.21
CA ASP E 148 -38.22 5.99 -20.47
C ASP E 148 -36.81 5.41 -20.47
N GLU E 149 -36.03 5.71 -19.43
CA GLU E 149 -34.64 5.22 -19.35
C GLU E 149 -34.53 3.70 -19.48
N LYS E 150 -35.18 2.95 -18.60
CA LYS E 150 -34.92 1.49 -18.49
C LYS E 150 -35.11 0.76 -19.82
N LYS E 151 -36.27 0.97 -20.43
CA LYS E 151 -36.61 0.36 -21.71
C LYS E 151 -35.62 0.79 -22.79
N SER E 152 -35.43 2.09 -22.93
CA SER E 152 -34.55 2.64 -23.95
C SER E 152 -33.16 2.04 -23.88
N TYR E 153 -32.50 2.20 -22.73
CA TYR E 153 -31.13 1.72 -22.58
C TYR E 153 -30.98 0.22 -22.85
N GLU E 154 -31.97 -0.57 -22.47
CA GLU E 154 -31.97 -1.98 -22.82
C GLU E 154 -32.08 -2.14 -24.33
N LYS E 155 -33.03 -1.42 -24.93
CA LYS E 155 -33.26 -1.48 -26.38
C LYS E 155 -32.04 -0.96 -27.14
N ILE E 156 -31.37 0.05 -26.60
CA ILE E 156 -30.15 0.57 -27.21
C ILE E 156 -29.06 -0.50 -27.17
N LYS E 157 -28.87 -1.11 -25.99
CA LYS E 157 -27.82 -2.13 -25.82
C LYS E 157 -28.07 -3.37 -26.67
N GLU E 158 -29.32 -3.79 -26.82
CA GLU E 158 -29.63 -4.95 -27.66
C GLU E 158 -29.61 -4.65 -29.16
N LYS E 159 -29.94 -3.44 -29.56
CA LYS E 159 -30.21 -3.14 -30.97
C LYS E 159 -29.08 -2.39 -31.69
N VAL E 160 -28.46 -1.44 -30.99
CA VAL E 160 -27.41 -0.59 -31.59
C VAL E 160 -26.00 -0.99 -31.11
N LEU E 161 -25.85 -1.35 -29.83
CA LEU E 161 -24.56 -1.93 -29.37
C LEU E 161 -24.20 -3.18 -30.15
N SER E 162 -25.20 -3.87 -30.69
CA SER E 162 -24.98 -5.09 -31.44
C SER E 162 -24.43 -4.87 -32.84
N CYS E 163 -24.48 -3.63 -33.34
CA CYS E 163 -23.87 -3.32 -34.66
C CYS E 163 -22.56 -2.53 -34.57
N ASN E 164 -21.60 -2.95 -35.40
CA ASN E 164 -20.31 -2.28 -35.50
C ASN E 164 -20.39 -0.82 -35.90
N LYS E 165 -21.35 -0.48 -36.76
CA LYS E 165 -21.50 0.88 -37.26
C LYS E 165 -22.97 1.18 -37.55
N ALA E 166 -23.59 2.02 -36.71
CA ALA E 166 -25.00 2.39 -36.86
C ALA E 166 -25.20 3.90 -36.92
N VAL E 167 -26.14 4.34 -37.76
CA VAL E 167 -26.61 5.72 -37.75
C VAL E 167 -28.00 5.72 -37.14
N ILE E 168 -28.32 6.74 -36.34
CA ILE E 168 -29.57 6.76 -35.56
C ILE E 168 -30.16 8.18 -35.55
N PRO E 169 -31.28 8.41 -36.27
CA PRO E 169 -31.81 9.77 -36.40
C PRO E 169 -32.07 10.40 -35.06
N GLY E 170 -32.01 11.72 -35.01
CA GLY E 170 -32.08 12.42 -33.74
C GLY E 170 -33.47 12.60 -33.17
N PHE E 171 -34.08 13.68 -33.60
CA PHE E 171 -35.19 14.40 -32.94
C PHE E 171 -36.31 13.63 -32.21
N TYR E 172 -36.46 12.34 -32.44
CA TYR E 172 -37.67 11.63 -32.04
C TYR E 172 -37.47 10.23 -31.46
N GLY E 173 -38.57 9.66 -31.02
CA GLY E 173 -38.64 8.29 -30.51
C GLY E 173 -40.09 7.85 -30.54
N SER E 174 -40.42 6.80 -29.78
CA SER E 174 -41.76 6.22 -29.78
C SER E 174 -42.55 6.56 -28.53
N SER E 175 -43.78 7.01 -28.73
CA SER E 175 -44.70 7.29 -27.63
C SER E 175 -45.15 5.96 -27.03
N PHE E 176 -45.56 6.00 -25.76
CA PHE E 176 -46.10 4.82 -25.10
C PHE E 176 -47.25 4.24 -25.91
N ASN E 177 -48.21 5.08 -26.26
CA ASN E 177 -49.36 4.69 -27.08
C ASN E 177 -49.03 4.16 -28.51
N GLY E 178 -47.73 3.93 -28.80
CA GLY E 178 -47.30 3.28 -30.05
C GLY E 178 -46.65 4.19 -31.08
N ASP E 179 -47.19 5.40 -31.22
CA ASP E 179 -46.89 6.31 -32.33
C ASP E 179 -45.59 7.10 -32.09
N VAL E 180 -45.12 7.83 -33.11
CA VAL E 180 -43.88 8.59 -33.00
C VAL E 180 -44.03 9.86 -32.18
N LYS E 181 -43.11 10.08 -31.25
CA LYS E 181 -43.10 11.29 -30.44
C LYS E 181 -41.80 12.05 -30.66
N THR E 182 -41.88 13.37 -30.51
CA THR E 182 -40.73 14.26 -30.66
C THR E 182 -40.34 14.85 -29.31
N PHE E 183 -39.04 15.02 -29.08
CA PHE E 183 -38.55 15.67 -27.86
C PHE E 183 -38.97 17.14 -27.80
N SER E 184 -39.50 17.58 -26.66
CA SER E 184 -39.88 18.99 -26.49
C SER E 184 -38.66 19.83 -26.22
N ARG E 185 -37.69 19.25 -25.53
CA ARG E 185 -36.42 19.90 -25.32
C ARG E 185 -35.39 19.24 -26.21
N GLY E 186 -34.31 19.97 -26.47
CA GLY E 186 -33.53 19.76 -27.67
C GLY E 186 -32.53 18.62 -27.58
N GLY E 187 -32.49 17.79 -28.59
CA GLY E 187 -33.34 17.87 -29.76
C GLY E 187 -32.79 16.76 -30.61
N SER E 188 -31.67 17.05 -31.25
CA SER E 188 -30.81 16.02 -31.79
C SER E 188 -29.63 15.81 -30.81
N ASP E 189 -29.45 16.78 -29.90
CA ASP E 189 -28.35 16.75 -28.94
C ASP E 189 -28.63 15.75 -27.83
N VAL E 190 -29.88 15.66 -27.41
CA VAL E 190 -30.31 14.79 -26.32
C VAL E 190 -30.26 13.33 -26.74
N THR E 191 -30.66 13.07 -27.98
CA THR E 191 -30.65 11.72 -28.51
C THR E 191 -29.19 11.27 -28.56
N GLY E 192 -28.31 12.19 -28.95
CA GLY E 192 -26.87 11.96 -28.87
C GLY E 192 -26.43 11.54 -27.48
N SER E 193 -26.95 12.19 -26.46
CA SER E 193 -26.66 11.79 -25.09
C SER E 193 -27.23 10.41 -24.79
N ILE E 194 -28.51 10.19 -25.10
CA ILE E 194 -29.12 8.91 -24.81
C ILE E 194 -28.24 7.77 -25.31
N ILE E 195 -27.92 7.78 -26.60
CA ILE E 195 -27.15 6.68 -27.18
C ILE E 195 -25.86 6.50 -26.41
N SER E 196 -25.14 7.60 -26.21
CA SER E 196 -23.90 7.58 -25.44
C SER E 196 -24.08 6.88 -24.08
N ALA E 197 -25.20 7.13 -23.41
CA ALA E 197 -25.51 6.46 -22.15
C ALA E 197 -25.84 4.99 -22.38
N GLY E 198 -26.78 4.75 -23.28
CA GLY E 198 -27.24 3.39 -23.56
C GLY E 198 -26.08 2.50 -23.95
N VAL E 199 -25.30 2.97 -24.92
CA VAL E 199 -24.18 2.24 -25.49
C VAL E 199 -22.99 2.22 -24.55
N ASN E 200 -22.98 3.10 -23.56
CA ASN E 200 -21.98 3.13 -22.50
C ASN E 200 -20.63 3.59 -23.03
N ALA E 201 -20.66 4.63 -23.86
CA ALA E 201 -19.48 5.04 -24.62
C ALA E 201 -18.46 5.74 -23.75
N ASP E 202 -17.22 5.79 -24.24
CA ASP E 202 -16.12 6.50 -23.58
C ASP E 202 -16.14 7.99 -23.89
N LEU E 203 -16.70 8.36 -25.04
CA LEU E 203 -16.76 9.77 -25.42
C LEU E 203 -17.96 10.07 -26.30
N TYR E 204 -18.56 11.24 -26.07
CA TYR E 204 -19.59 11.81 -26.92
C TYR E 204 -19.00 13.03 -27.60
N GLU E 205 -18.85 12.97 -28.93
CA GLU E 205 -18.45 14.14 -29.70
C GLU E 205 -19.71 14.85 -30.13
N ASN E 206 -19.75 16.17 -29.98
CA ASN E 206 -20.88 16.96 -30.46
C ASN E 206 -20.40 17.93 -31.52
N TRP E 207 -20.58 17.53 -32.78
CA TRP E 207 -20.01 18.24 -33.91
C TRP E 207 -20.82 19.43 -34.36
N THR E 208 -20.47 20.59 -33.82
CA THR E 208 -21.10 21.85 -34.15
C THR E 208 -20.32 22.49 -35.31
N ASP E 209 -20.41 23.80 -35.46
CA ASP E 209 -19.53 24.55 -36.38
C ASP E 209 -18.76 25.68 -35.68
N VAL E 210 -18.43 25.47 -34.41
CA VAL E 210 -17.56 26.37 -33.65
C VAL E 210 -16.50 25.52 -32.97
N SER E 211 -15.28 26.04 -32.87
CA SER E 211 -14.18 25.32 -32.25
C SER E 211 -14.24 25.40 -30.74
N GLY E 212 -15.16 24.65 -30.16
CA GLY E 212 -15.41 24.68 -28.72
C GLY E 212 -16.06 25.99 -28.32
N PHE E 213 -15.96 26.32 -27.05
CA PHE E 213 -16.49 27.57 -26.51
C PHE E 213 -15.35 28.50 -26.15
N LEU E 214 -15.70 29.75 -25.90
CA LEU E 214 -14.72 30.80 -25.60
C LEU E 214 -14.97 31.38 -24.21
N MSE E 215 -13.90 31.63 -23.45
CA MSE E 215 -14.05 31.96 -22.04
C MSE E 215 -14.73 33.30 -21.82
O MSE E 215 -15.16 33.60 -20.69
CB MSE E 215 -12.73 31.76 -21.28
CG MSE E 215 -11.82 32.99 -21.14
SE MSE E 215 -10.42 32.60 -19.81
CE MSE E 215 -11.54 32.53 -18.18
N ALA E 216 -14.85 34.10 -22.87
CA ALA E 216 -15.67 35.32 -22.84
C ALA E 216 -16.30 35.59 -24.21
N ASP E 217 -17.23 36.54 -24.27
CA ASP E 217 -17.85 36.95 -25.52
C ASP E 217 -16.80 37.57 -26.43
N PRO E 218 -16.66 37.05 -27.66
CA PRO E 218 -15.64 37.58 -28.56
C PRO E 218 -15.99 38.95 -29.13
N ARG E 219 -17.28 39.22 -29.37
CA ARG E 219 -17.70 40.54 -29.81
C ARG E 219 -17.30 41.58 -28.78
N ILE E 220 -17.48 41.24 -27.51
CA ILE E 220 -17.11 42.13 -26.40
C ILE E 220 -15.61 42.16 -26.20
N VAL E 221 -15.01 40.98 -26.01
CA VAL E 221 -13.59 40.86 -25.67
C VAL E 221 -12.74 40.33 -26.83
N GLU E 222 -11.56 40.91 -27.01
CA GLU E 222 -10.73 40.71 -28.20
C GLU E 222 -9.90 39.44 -28.13
N ASN E 223 -10.20 38.49 -29.02
CA ASN E 223 -9.50 37.19 -29.09
C ASN E 223 -9.49 36.42 -27.76
N PRO E 224 -10.67 36.01 -27.28
CA PRO E 224 -10.75 35.39 -25.96
C PRO E 224 -10.13 33.99 -25.94
N LYS E 225 -9.63 33.60 -24.77
CA LYS E 225 -9.07 32.26 -24.57
C LYS E 225 -10.17 31.21 -24.63
N THR E 226 -9.91 30.13 -25.37
CA THR E 226 -10.84 29.00 -25.45
C THR E 226 -10.86 28.25 -24.11
N ILE E 227 -11.98 27.58 -23.82
CA ILE E 227 -12.05 26.71 -22.66
C ILE E 227 -11.82 25.30 -23.18
N SER E 228 -10.80 24.62 -22.67
CA SER E 228 -10.50 23.27 -23.12
C SER E 228 -11.07 22.22 -22.17
N LYS E 229 -10.98 22.49 -20.86
CA LYS E 229 -11.63 21.69 -19.84
C LYS E 229 -12.80 22.48 -19.29
N ILE E 230 -13.87 21.81 -18.90
CA ILE E 230 -14.95 22.47 -18.16
C ILE E 230 -15.91 21.43 -17.59
N SER E 231 -16.31 21.66 -16.35
CA SER E 231 -17.26 20.77 -15.69
C SER E 231 -18.66 21.07 -16.18
N TYR E 232 -19.51 20.06 -16.16
CA TYR E 232 -20.93 20.22 -16.44
C TYR E 232 -21.55 21.35 -15.65
N LYS E 233 -21.14 21.45 -14.38
CA LYS E 233 -21.72 22.39 -13.43
C LYS E 233 -21.37 23.80 -13.84
N GLU E 234 -20.11 24.04 -14.16
CA GLU E 234 -19.70 25.35 -14.63
C GLU E 234 -20.47 25.64 -15.91
N LEU E 235 -20.41 24.70 -16.84
CA LEU E 235 -21.10 24.84 -18.11
C LEU E 235 -22.57 25.19 -17.93
N ARG E 236 -23.24 24.52 -17.01
CA ARG E 236 -24.62 24.88 -16.70
C ARG E 236 -24.69 26.33 -16.27
N GLU E 237 -23.83 26.67 -15.31
CA GLU E 237 -23.73 28.02 -14.77
C GLU E 237 -23.54 29.02 -15.91
N LEU E 238 -22.67 28.68 -16.86
CA LEU E 238 -22.41 29.52 -18.02
C LEU E 238 -23.59 29.57 -19.00
N SER E 239 -24.21 28.42 -19.23
CA SER E 239 -25.34 28.35 -20.15
C SER E 239 -26.52 29.14 -19.60
N TYR E 240 -26.75 29.02 -18.29
CA TYR E 240 -27.85 29.72 -17.62
C TYR E 240 -27.70 31.23 -17.65
N MSE E 241 -26.46 31.71 -17.74
CA MSE E 241 -26.17 33.15 -17.74
C MSE E 241 -25.94 33.67 -19.15
O MSE E 241 -25.37 34.74 -19.33
CB MSE E 241 -24.96 33.40 -16.84
CG MSE E 241 -25.34 33.21 -15.39
SE MSE E 241 -26.30 34.82 -14.80
CE MSE E 241 -27.20 33.98 -13.28
N GLY E 242 -26.38 32.90 -20.14
CA GLY E 242 -26.47 33.40 -21.51
C GLY E 242 -25.20 33.28 -22.34
N ALA E 243 -24.60 32.09 -22.31
CA ALA E 243 -23.55 31.74 -23.27
C ALA E 243 -24.13 30.61 -24.13
N THR E 244 -23.89 30.65 -25.44
CA THR E 244 -24.43 29.65 -26.34
C THR E 244 -23.57 28.37 -26.33
N VAL E 245 -23.75 27.58 -25.27
CA VAL E 245 -23.02 26.33 -25.12
C VAL E 245 -23.85 25.08 -25.46
N LEU E 246 -24.46 24.50 -24.44
CA LEU E 246 -25.18 23.24 -24.59
C LEU E 246 -25.96 23.00 -23.28
N HIS E 247 -27.26 22.77 -23.43
CA HIS E 247 -28.18 22.89 -22.31
C HIS E 247 -28.32 21.59 -21.57
N GLU E 248 -28.45 21.66 -20.24
CA GLU E 248 -28.72 20.49 -19.39
C GLU E 248 -29.85 19.61 -19.96
N GLU E 249 -30.87 20.25 -20.52
CA GLU E 249 -31.98 19.55 -21.17
C GLU E 249 -31.49 18.54 -22.21
N ALA E 250 -30.40 18.87 -22.90
CA ALA E 250 -29.80 17.98 -23.89
C ALA E 250 -28.81 16.98 -23.29
N ILE E 251 -28.33 17.25 -22.09
CA ILE E 251 -27.12 16.63 -21.56
C ILE E 251 -27.34 15.71 -20.38
N PHE E 252 -28.53 15.69 -19.80
CA PHE E 252 -28.74 14.98 -18.54
C PHE E 252 -28.19 13.55 -18.53
N PRO E 253 -28.44 12.77 -19.60
CA PRO E 253 -27.95 11.39 -19.62
C PRO E 253 -26.42 11.20 -19.60
N VAL E 254 -25.67 12.09 -20.27
CA VAL E 254 -24.21 12.02 -20.22
C VAL E 254 -23.67 12.55 -18.89
N LYS E 255 -24.39 13.48 -18.27
CA LYS E 255 -24.01 13.96 -16.94
C LYS E 255 -24.22 12.84 -15.96
N ASP E 256 -25.34 12.12 -16.10
CA ASP E 256 -25.73 11.09 -15.14
C ASP E 256 -24.64 10.05 -14.95
N SER E 257 -24.25 9.38 -16.03
CA SER E 257 -23.03 8.57 -16.01
C SER E 257 -21.90 9.53 -16.30
N GLY E 258 -20.67 9.10 -16.05
CA GLY E 258 -19.54 10.03 -16.11
C GLY E 258 -19.02 10.34 -17.49
N ILE E 259 -19.85 10.22 -18.52
CA ILE E 259 -19.36 10.25 -19.90
C ILE E 259 -19.11 11.68 -20.36
N PRO E 260 -17.88 11.98 -20.82
CA PRO E 260 -17.54 13.36 -21.13
C PRO E 260 -17.97 13.72 -22.54
N ILE E 261 -18.19 15.02 -22.78
CA ILE E 261 -18.55 15.52 -24.11
C ILE E 261 -17.41 16.36 -24.66
N ASN E 262 -17.19 16.26 -25.97
CA ASN E 262 -16.21 17.09 -26.66
C ASN E 262 -16.89 17.91 -27.76
N ILE E 263 -17.02 19.22 -27.56
CA ILE E 263 -17.62 20.06 -28.60
C ILE E 263 -16.58 20.35 -29.66
N LYS E 264 -16.93 20.05 -30.91
CA LYS E 264 -15.96 20.06 -31.98
C LYS E 264 -16.51 20.70 -33.26
N ASN E 265 -15.62 21.08 -34.17
CA ASN E 265 -15.98 21.91 -35.33
C ASN E 265 -15.92 21.12 -36.64
N THR E 266 -17.08 20.91 -37.26
CA THR E 266 -17.15 20.10 -38.48
C THR E 266 -16.25 20.67 -39.58
N ASN E 267 -16.08 22.00 -39.60
CA ASN E 267 -15.30 22.66 -40.62
C ASN E 267 -13.81 22.72 -40.28
N LYS E 268 -13.47 22.46 -39.02
CA LYS E 268 -12.07 22.38 -38.56
C LYS E 268 -11.86 21.19 -37.61
N PRO E 269 -11.94 19.96 -38.15
CA PRO E 269 -11.79 18.73 -37.38
C PRO E 269 -10.61 18.74 -36.44
N SER E 270 -9.49 19.24 -36.94
CA SER E 270 -8.21 19.25 -36.22
C SER E 270 -8.28 19.90 -34.84
N ASP E 271 -9.02 20.99 -34.72
CA ASP E 271 -9.05 21.74 -33.46
C ASP E 271 -9.55 20.88 -32.30
N PRO E 272 -8.90 21.00 -31.13
CA PRO E 272 -9.58 20.57 -29.93
C PRO E 272 -10.58 21.64 -29.57
N GLY E 273 -11.82 21.27 -29.33
CA GLY E 273 -12.82 22.25 -28.92
C GLY E 273 -12.76 22.35 -27.41
N THR E 274 -13.88 22.05 -26.78
CA THR E 274 -13.96 22.02 -25.33
C THR E 274 -14.22 20.59 -24.92
N LEU E 275 -13.82 20.25 -23.70
CA LEU E 275 -14.07 18.94 -23.14
C LEU E 275 -14.93 19.13 -21.90
N ILE E 276 -16.16 18.61 -21.94
CA ILE E 276 -17.07 18.74 -20.81
C ILE E 276 -16.94 17.48 -19.99
N LEU E 277 -16.49 17.64 -18.74
CA LEU E 277 -16.13 16.52 -17.89
C LEU E 277 -17.05 16.47 -16.71
N SER E 278 -17.07 15.33 -16.01
CA SER E 278 -17.94 15.17 -14.84
C SER E 278 -17.43 16.04 -13.70
N ASP E 279 -18.36 16.50 -12.85
CA ASP E 279 -18.06 17.46 -11.78
C ASP E 279 -16.81 17.10 -11.01
N THR E 280 -16.80 15.91 -10.40
CA THR E 280 -15.63 15.43 -9.65
C THR E 280 -14.51 14.90 -10.55
N HIS E 281 -14.84 14.50 -11.78
CA HIS E 281 -13.84 14.06 -12.77
C HIS E 281 -12.90 15.18 -13.15
N LYS E 282 -13.39 16.43 -13.12
CA LYS E 282 -12.59 17.59 -13.52
C LYS E 282 -11.60 18.01 -12.44
N GLU E 283 -10.46 18.55 -12.88
CA GLU E 283 -9.46 19.12 -11.98
C GLU E 283 -10.01 20.30 -11.18
N ILE E 284 -9.31 20.65 -10.12
CA ILE E 284 -9.64 21.82 -9.31
C ILE E 284 -8.43 22.78 -9.30
N ASN E 285 -8.34 23.60 -10.35
CA ASN E 285 -7.21 24.54 -10.52
C ASN E 285 -7.38 25.79 -9.66
N LEU E 286 -7.06 25.65 -8.37
CA LEU E 286 -7.29 26.72 -7.37
C LEU E 286 -6.63 28.04 -7.75
N GLY E 287 -7.34 29.14 -7.47
CA GLY E 287 -6.89 30.47 -7.84
C GLY E 287 -7.06 30.75 -9.32
N THR E 288 -8.26 30.52 -9.84
CA THR E 288 -8.55 30.81 -11.25
C THR E 288 -10.04 30.84 -11.59
N ILE E 289 -10.31 31.25 -12.83
CA ILE E 289 -11.65 31.30 -13.42
C ILE E 289 -11.74 30.21 -14.49
N THR E 290 -12.94 29.92 -14.94
CA THR E 290 -13.15 29.11 -16.13
C THR E 290 -13.76 29.95 -17.25
N GLY E 291 -14.76 30.76 -16.93
CA GLY E 291 -15.44 31.60 -17.92
C GLY E 291 -16.17 32.80 -17.34
N ILE E 292 -16.62 33.66 -18.24
CA ILE E 292 -17.37 34.87 -17.89
C ILE E 292 -18.44 35.13 -18.93
N ALA E 293 -19.69 34.80 -18.59
CA ALA E 293 -20.82 35.08 -19.46
C ALA E 293 -21.71 36.07 -18.73
N GLY E 294 -22.37 36.92 -19.50
CA GLY E 294 -23.22 37.96 -18.94
C GLY E 294 -24.45 38.14 -19.79
N LYS E 295 -25.35 39.01 -19.34
CA LYS E 295 -26.59 39.24 -20.06
C LYS E 295 -27.08 40.63 -19.71
N LYS E 296 -27.43 41.41 -20.72
CA LYS E 296 -27.89 42.77 -20.54
C LYS E 296 -29.40 42.78 -20.34
N ASN E 297 -29.94 43.93 -19.93
CA ASN E 297 -31.40 44.13 -19.85
C ASN E 297 -32.11 43.21 -18.84
N PHE E 298 -31.95 43.53 -17.57
CA PHE E 298 -32.81 43.02 -16.48
C PHE E 298 -33.58 44.22 -15.90
N THR E 299 -34.47 43.96 -14.95
CA THR E 299 -35.18 45.03 -14.25
C THR E 299 -35.46 44.64 -12.80
N VAL E 300 -35.04 45.47 -11.87
CA VAL E 300 -35.29 45.19 -10.44
C VAL E 300 -36.56 45.93 -9.97
N ILE E 301 -37.47 45.20 -9.32
CA ILE E 301 -38.71 45.76 -8.79
C ILE E 301 -38.66 45.83 -7.26
N ALA E 302 -38.44 47.02 -6.72
CA ALA E 302 -38.36 47.21 -5.27
C ALA E 302 -39.77 47.36 -4.69
N ILE E 303 -40.05 46.62 -3.63
CA ILE E 303 -41.36 46.65 -2.99
C ILE E 303 -41.17 46.82 -1.49
N GLU E 304 -41.34 48.05 -1.01
CA GLU E 304 -41.13 48.37 0.38
C GLU E 304 -42.48 48.30 1.10
N LYS E 305 -42.56 47.44 2.12
CA LYS E 305 -43.77 47.27 2.93
C LYS E 305 -43.45 47.35 4.41
N ALA E 306 -44.41 47.83 5.20
CA ALA E 306 -44.21 48.12 6.62
C ALA E 306 -43.52 46.97 7.34
N LEU E 307 -44.21 45.83 7.42
CA LEU E 307 -43.62 44.62 8.00
C LEU E 307 -43.93 43.39 7.14
N LEU E 308 -43.13 43.23 6.10
CA LEU E 308 -43.22 42.07 5.22
C LEU E 308 -43.16 40.79 6.04
N ASN E 309 -42.18 40.74 6.94
CA ASN E 309 -41.92 39.54 7.75
C ASN E 309 -42.77 39.44 9.02
N SER E 310 -43.91 40.14 9.04
CA SER E 310 -44.99 39.84 9.98
C SER E 310 -46.35 39.96 9.28
N GLU E 311 -46.43 39.36 8.09
CA GLU E 311 -47.68 39.24 7.33
C GLU E 311 -47.83 37.77 6.89
N VAL E 312 -49.07 37.35 6.67
CA VAL E 312 -49.40 35.94 6.36
C VAL E 312 -48.26 35.23 5.63
N GLY E 313 -47.88 35.73 4.46
CA GLY E 313 -46.81 35.14 3.66
C GLY E 313 -46.50 36.02 2.47
N PHE E 314 -45.90 37.17 2.75
CA PHE E 314 -45.76 38.24 1.77
C PHE E 314 -45.02 37.79 0.52
N CYS E 315 -43.77 37.38 0.68
CA CYS E 315 -42.94 37.03 -0.44
C CYS E 315 -43.57 35.94 -1.29
N ARG E 316 -44.14 34.93 -0.63
CA ARG E 316 -44.85 33.86 -1.33
C ARG E 316 -45.87 34.42 -2.31
N LYS E 317 -46.83 35.18 -1.79
CA LYS E 317 -47.86 35.81 -2.62
C LYS E 317 -47.27 36.53 -3.84
N ILE E 318 -46.17 37.26 -3.62
CA ILE E 318 -45.49 37.98 -4.70
C ILE E 318 -45.03 37.05 -5.81
N LEU E 319 -44.45 35.91 -5.46
CA LEU E 319 -43.96 34.97 -6.47
C LEU E 319 -45.10 34.09 -6.99
N SER E 320 -46.20 34.03 -6.24
CA SER E 320 -47.47 33.50 -6.75
C SER E 320 -47.97 34.39 -7.88
N ILE E 321 -48.04 35.69 -7.63
CA ILE E 321 -48.45 36.66 -8.65
C ILE E 321 -47.55 36.51 -9.85
N LEU E 322 -46.25 36.39 -9.59
CA LEU E 322 -45.27 36.29 -10.66
C LEU E 322 -45.50 35.00 -11.46
N GLU E 323 -45.89 33.94 -10.76
CA GLU E 323 -46.35 32.70 -11.40
C GLU E 323 -47.71 32.91 -12.07
N MSE E 324 -48.60 33.66 -11.42
CA MSE E 324 -49.91 34.02 -11.96
C MSE E 324 -49.79 34.50 -13.38
O MSE E 324 -50.64 34.19 -14.21
CB MSE E 324 -50.62 35.09 -11.09
CG MSE E 324 -52.11 35.17 -11.39
SE MSE E 324 -53.04 36.61 -10.40
CE MSE E 324 -52.26 36.54 -8.59
N TYR E 325 -48.72 35.26 -13.67
CA TYR E 325 -48.39 35.67 -15.05
C TYR E 325 -47.28 34.77 -15.61
N GLY E 326 -46.89 34.99 -16.86
CA GLY E 326 -45.96 34.07 -17.52
C GLY E 326 -44.50 34.14 -17.10
N VAL E 327 -44.20 34.72 -15.93
CA VAL E 327 -42.85 35.24 -15.66
C VAL E 327 -42.04 34.53 -14.54
N SER E 328 -40.78 34.23 -14.85
CA SER E 328 -39.82 33.68 -13.89
C SER E 328 -38.99 34.82 -13.35
N PHE E 329 -38.12 34.52 -12.38
CA PHE E 329 -37.25 35.53 -11.79
C PHE E 329 -35.86 35.00 -11.51
N GLU E 330 -34.86 35.89 -11.54
CA GLU E 330 -33.48 35.51 -11.35
C GLU E 330 -33.05 35.60 -9.90
N HIS E 331 -33.49 36.64 -9.19
CA HIS E 331 -33.16 36.84 -7.77
C HIS E 331 -34.24 37.56 -7.01
N MSE E 332 -34.41 37.22 -5.73
CA MSE E 332 -35.36 37.91 -4.84
C MSE E 332 -34.64 38.40 -3.60
O MSE E 332 -34.75 37.80 -2.53
CB MSE E 332 -36.52 36.98 -4.46
CG MSE E 332 -37.63 37.66 -3.65
SE MSE E 332 -38.58 36.36 -2.50
CE MSE E 332 -37.68 36.66 -0.77
N PRO E 333 -33.88 39.51 -3.74
CA PRO E 333 -33.26 40.13 -2.55
C PRO E 333 -34.29 40.72 -1.60
N SER E 334 -34.32 40.22 -0.37
CA SER E 334 -35.22 40.73 0.67
C SER E 334 -34.42 41.11 1.91
N GLY E 335 -35.03 41.92 2.78
CA GLY E 335 -34.33 42.47 3.95
C GLY E 335 -35.15 42.50 5.22
N VAL E 336 -35.56 43.71 5.62
CA VAL E 336 -36.32 43.94 6.85
C VAL E 336 -37.75 44.36 6.53
N ASP E 337 -37.86 45.35 5.64
CA ASP E 337 -39.15 45.80 5.15
C ASP E 337 -39.01 46.20 3.67
N SER E 338 -38.41 45.33 2.89
CA SER E 338 -38.29 45.52 1.45
C SER E 338 -37.97 44.19 0.79
N VAL E 339 -38.63 43.91 -0.33
CA VAL E 339 -38.36 42.71 -1.12
C VAL E 339 -38.24 43.14 -2.58
N SER E 340 -37.07 42.89 -3.15
CA SER E 340 -36.80 43.23 -4.54
C SER E 340 -36.89 42.00 -5.44
N LEU E 341 -37.21 42.22 -6.70
CA LEU E 341 -37.38 41.17 -7.69
C LEU E 341 -36.56 41.49 -8.96
N VAL E 342 -35.51 40.71 -9.19
CA VAL E 342 -34.71 40.88 -10.42
C VAL E 342 -35.27 39.96 -11.48
N ILE E 343 -35.63 40.53 -12.64
CA ILE E 343 -36.26 39.78 -13.72
C ILE E 343 -35.76 40.25 -15.10
N GLU E 344 -35.61 39.32 -16.04
CA GLU E 344 -35.19 39.67 -17.41
C GLU E 344 -36.32 40.40 -18.13
N ASP E 345 -36.05 41.63 -18.58
CA ASP E 345 -37.11 42.47 -19.13
C ASP E 345 -37.68 41.94 -20.46
N CYS E 346 -36.99 40.97 -21.07
CA CYS E 346 -37.51 40.26 -22.25
C CYS E 346 -38.63 39.29 -21.87
N LYS E 347 -38.60 38.77 -20.64
CA LYS E 347 -39.69 37.95 -20.11
C LYS E 347 -40.64 38.79 -19.26
N LEU E 348 -40.65 40.10 -19.49
CA LEU E 348 -41.46 41.04 -18.74
C LEU E 348 -42.20 42.03 -19.68
N ASP E 349 -42.35 41.64 -20.95
CA ASP E 349 -42.94 42.52 -21.95
C ASP E 349 -44.44 42.68 -21.72
N GLY E 350 -44.87 43.93 -21.54
CA GLY E 350 -46.27 44.25 -21.34
C GLY E 350 -46.83 43.84 -19.98
N LYS E 351 -46.26 42.77 -19.41
CA LYS E 351 -46.75 42.20 -18.17
C LYS E 351 -46.41 43.02 -16.90
N CYS E 352 -45.43 43.91 -16.99
CA CYS E 352 -44.94 44.62 -15.81
C CYS E 352 -45.99 45.45 -15.09
N ASP E 353 -46.63 46.35 -15.82
CA ASP E 353 -47.66 47.21 -15.24
C ASP E 353 -48.82 46.38 -14.69
N LYS E 354 -49.11 45.26 -15.35
CA LYS E 354 -50.14 44.35 -14.88
C LYS E 354 -49.65 43.70 -13.59
N ILE E 355 -48.43 43.17 -13.63
CA ILE E 355 -47.77 42.60 -12.46
C ILE E 355 -47.66 43.59 -11.30
N ILE E 356 -47.39 44.85 -11.61
CA ILE E 356 -47.26 45.89 -10.59
C ILE E 356 -48.60 46.14 -9.92
N GLU E 357 -49.63 46.37 -10.72
CA GLU E 357 -50.98 46.59 -10.20
C GLU E 357 -51.42 45.45 -9.30
N GLU E 358 -51.19 44.23 -9.79
CA GLU E 358 -51.57 43.00 -9.08
C GLU E 358 -50.88 42.89 -7.72
N ILE E 359 -49.58 43.17 -7.70
CA ILE E 359 -48.82 43.23 -6.44
C ILE E 359 -49.33 44.38 -5.58
N LYS E 360 -49.61 45.52 -6.21
CA LYS E 360 -50.04 46.72 -5.50
C LYS E 360 -51.36 46.49 -4.74
N LYS E 361 -52.18 45.56 -5.21
CA LYS E 361 -53.52 45.38 -4.65
C LYS E 361 -53.69 44.14 -3.77
N GLN E 362 -52.81 43.15 -3.95
CA GLN E 362 -52.78 42.00 -3.04
C GLN E 362 -51.88 42.23 -1.82
N CYS E 363 -51.25 43.38 -1.76
CA CYS E 363 -50.26 43.70 -0.73
C CYS E 363 -50.36 45.17 -0.27
N ASN E 364 -49.52 45.55 0.69
CA ASN E 364 -49.65 46.84 1.38
C ASN E 364 -48.55 47.81 1.00
N PRO E 365 -48.05 47.72 -0.23
CA PRO E 365 -46.71 48.22 -0.47
C PRO E 365 -46.61 49.72 -0.22
N ASP E 366 -45.88 50.10 0.82
CA ASP E 366 -45.60 51.51 1.10
C ASP E 366 -45.12 52.17 -0.18
N SER E 367 -44.31 51.43 -0.93
CA SER E 367 -43.80 51.89 -2.22
C SER E 367 -43.51 50.73 -3.16
N ILE E 368 -43.64 50.99 -4.45
CA ILE E 368 -43.13 50.10 -5.48
C ILE E 368 -42.42 50.94 -6.54
N GLU E 369 -41.18 50.57 -6.84
CA GLU E 369 -40.39 51.30 -7.83
C GLU E 369 -39.77 50.33 -8.85
N ILE E 370 -39.76 50.77 -10.11
CA ILE E 370 -39.09 50.05 -11.19
C ILE E 370 -37.73 50.70 -11.42
N HIS E 371 -36.68 49.88 -11.39
CA HIS E 371 -35.33 50.32 -11.68
C HIS E 371 -34.79 49.48 -12.81
N PRO E 372 -35.18 49.80 -14.06
CA PRO E 372 -34.76 49.00 -15.20
C PRO E 372 -33.31 49.31 -15.60
N ASN E 373 -32.90 48.79 -16.76
CA ASN E 373 -31.55 48.99 -17.28
C ASN E 373 -30.47 48.43 -16.36
N MSE E 374 -30.41 47.11 -16.27
CA MSE E 374 -29.39 46.45 -15.46
C MSE E 374 -28.90 45.21 -16.16
O MSE E 374 -29.70 44.43 -16.68
CB MSE E 374 -29.95 46.05 -14.09
CG MSE E 374 -28.80 45.82 -13.11
SE MSE E 374 -29.45 44.76 -11.59
CE MSE E 374 -27.86 45.02 -10.47
N ALA E 375 -27.59 45.04 -16.16
CA ALA E 375 -26.95 43.87 -16.75
C ALA E 375 -26.49 42.97 -15.60
N LEU E 376 -26.55 41.66 -15.82
CA LEU E 376 -25.93 40.71 -14.91
C LEU E 376 -24.69 40.12 -15.55
N VAL E 377 -23.63 40.00 -14.76
CA VAL E 377 -22.37 39.43 -15.23
C VAL E 377 -21.94 38.37 -14.24
N ALA E 378 -21.99 37.12 -14.68
CA ALA E 378 -21.57 36.00 -13.86
C ALA E 378 -20.13 35.66 -14.21
N THR E 379 -19.34 35.35 -13.18
CA THR E 379 -17.95 34.95 -13.37
C THR E 379 -17.75 33.63 -12.64
N VAL E 380 -17.49 32.57 -13.41
CA VAL E 380 -17.65 31.20 -12.97
C VAL E 380 -16.33 30.42 -12.99
N GLY E 381 -16.11 29.59 -11.98
CA GLY E 381 -14.92 28.75 -11.92
C GLY E 381 -14.86 27.87 -10.68
N THR E 382 -14.63 26.56 -10.89
CA THR E 382 -14.45 25.62 -9.79
C THR E 382 -13.33 26.06 -8.84
N GLY E 383 -12.30 26.69 -9.41
CA GLY E 383 -11.16 27.23 -8.66
C GLY E 383 -11.47 28.38 -7.71
N MSE E 384 -12.62 29.04 -7.88
CA MSE E 384 -13.08 30.06 -6.94
C MSE E 384 -13.54 29.45 -5.65
O MSE E 384 -13.58 30.12 -4.60
CB MSE E 384 -14.24 30.90 -7.49
CG MSE E 384 -13.82 31.76 -8.68
SE MSE E 384 -15.41 32.32 -9.67
CE MSE E 384 -16.51 32.84 -8.13
N ALA E 385 -13.90 28.17 -5.70
CA ALA E 385 -14.40 27.45 -4.54
C ALA E 385 -13.42 27.49 -3.38
N LYS E 386 -13.88 28.05 -2.25
CA LYS E 386 -13.10 28.09 -1.01
C LYS E 386 -11.75 28.81 -1.18
N THR E 387 -11.69 29.79 -2.09
CA THR E 387 -10.50 30.62 -2.25
C THR E 387 -10.84 32.01 -1.74
N LYS E 388 -10.13 32.44 -0.69
CA LYS E 388 -10.37 33.75 -0.08
C LYS E 388 -9.89 34.88 -0.99
N GLY E 389 -10.51 36.04 -0.84
CA GLY E 389 -10.13 37.23 -1.58
C GLY E 389 -10.60 37.27 -3.03
N ILE E 390 -11.33 36.25 -3.46
CA ILE E 390 -11.81 36.15 -4.84
C ILE E 390 -12.87 37.20 -5.16
N ALA E 391 -13.92 37.23 -4.34
CA ALA E 391 -14.99 38.21 -4.50
C ALA E 391 -14.41 39.62 -4.50
N ASN E 392 -13.50 39.87 -3.57
CA ASN E 392 -12.82 41.16 -3.45
C ASN E 392 -12.06 41.54 -4.73
N LYS E 393 -11.35 40.58 -5.31
CA LYS E 393 -10.58 40.80 -6.54
C LYS E 393 -11.47 41.31 -7.68
N ILE E 394 -12.70 40.81 -7.71
CA ILE E 394 -13.69 41.24 -8.70
C ILE E 394 -14.13 42.68 -8.45
N PHE E 395 -14.58 42.94 -7.22
CA PHE E 395 -15.06 44.28 -6.86
C PHE E 395 -13.97 45.33 -6.98
N THR E 396 -12.74 44.94 -6.62
CA THR E 396 -11.57 45.80 -6.76
C THR E 396 -11.32 46.18 -8.23
N ALA E 397 -11.46 45.20 -9.13
CA ALA E 397 -11.37 45.47 -10.57
C ALA E 397 -12.52 46.36 -11.06
N LEU E 398 -13.69 46.20 -10.46
CA LEU E 398 -14.84 47.04 -10.79
C LEU E 398 -14.72 48.45 -10.22
N SER E 399 -13.92 48.63 -9.17
CA SER E 399 -13.59 49.96 -8.67
C SER E 399 -12.62 50.65 -9.62
N LYS E 400 -11.45 50.03 -9.83
CA LYS E 400 -10.40 50.61 -10.68
C LYS E 400 -10.88 50.98 -12.09
N GLU E 401 -11.94 50.33 -12.57
CA GLU E 401 -12.53 50.68 -13.86
C GLU E 401 -13.75 51.61 -13.72
N ASN E 402 -14.03 52.04 -12.49
CA ASN E 402 -15.07 53.03 -12.22
C ASN E 402 -16.48 52.58 -12.63
N VAL E 403 -16.73 51.27 -12.59
CA VAL E 403 -18.05 50.71 -12.89
C VAL E 403 -18.89 50.58 -11.62
N ASN E 404 -20.14 51.02 -11.70
CA ASN E 404 -21.04 51.02 -10.57
C ASN E 404 -21.56 49.61 -10.28
N ILE E 405 -21.77 49.29 -9.00
CA ILE E 405 -22.32 47.99 -8.59
C ILE E 405 -23.74 48.21 -8.06
N ARG E 406 -24.69 47.43 -8.58
CA ARG E 406 -26.11 47.62 -8.27
C ARG E 406 -26.74 46.46 -7.48
N MSE E 407 -26.27 45.24 -7.71
CA MSE E 407 -26.80 44.07 -7.00
C MSE E 407 -25.73 43.02 -6.89
O MSE E 407 -25.39 42.37 -7.87
CB MSE E 407 -28.02 43.46 -7.70
CG MSE E 407 -28.69 42.33 -6.92
SE MSE E 407 -28.73 40.68 -8.00
CE MSE E 407 -29.34 39.44 -6.62
N ILE E 408 -25.17 42.87 -5.69
CA ILE E 408 -24.29 41.76 -5.38
C ILE E 408 -25.13 40.68 -4.74
N ASP E 409 -24.91 39.44 -5.16
CA ASP E 409 -25.46 38.29 -4.46
C ASP E 409 -24.49 37.12 -4.57
N GLN E 410 -24.12 36.57 -3.42
CA GLN E 410 -23.39 35.32 -3.38
C GLN E 410 -23.75 34.62 -2.08
N GLY E 411 -23.88 33.30 -2.14
CA GLY E 411 -24.37 32.51 -1.01
C GLY E 411 -24.88 31.15 -1.44
N SER E 412 -25.58 31.13 -2.58
CA SER E 412 -26.14 29.89 -3.13
C SER E 412 -25.11 29.06 -3.90
N SER E 413 -24.29 29.73 -4.71
CA SER E 413 -23.31 29.06 -5.57
C SER E 413 -21.89 29.15 -4.99
N GLU E 414 -21.18 28.04 -5.00
CA GLU E 414 -19.82 27.96 -4.49
C GLU E 414 -18.74 28.17 -5.56
N ILE E 415 -19.15 28.45 -6.79
CA ILE E 415 -18.21 28.54 -7.92
C ILE E 415 -18.52 29.67 -8.90
N ASN E 416 -19.30 30.66 -8.44
CA ASN E 416 -19.92 31.61 -9.34
C ASN E 416 -20.39 32.85 -8.60
N VAL E 417 -19.80 33.99 -8.93
CA VAL E 417 -20.16 35.27 -8.34
C VAL E 417 -20.82 36.17 -9.38
N ILE E 418 -22.11 36.43 -9.19
CA ILE E 418 -22.89 37.21 -10.12
C ILE E 418 -22.99 38.63 -9.58
N VAL E 419 -22.37 39.57 -10.29
CA VAL E 419 -22.50 40.99 -9.99
C VAL E 419 -23.37 41.62 -11.05
N GLY E 420 -24.35 42.39 -10.60
CA GLY E 420 -25.26 43.10 -11.50
C GLY E 420 -24.86 44.55 -11.56
N VAL E 421 -24.77 45.08 -12.79
CA VAL E 421 -24.33 46.45 -13.04
C VAL E 421 -25.29 47.14 -14.00
N GLU E 422 -25.11 48.44 -14.20
CA GLU E 422 -25.91 49.21 -15.15
C GLU E 422 -25.62 48.72 -16.57
N THR E 423 -26.64 48.69 -17.42
CA THR E 423 -26.51 48.12 -18.76
C THR E 423 -25.45 48.81 -19.63
N VAL E 424 -25.27 50.12 -19.44
CA VAL E 424 -24.27 50.86 -20.22
C VAL E 424 -22.84 50.41 -19.93
N ASP E 425 -22.54 50.09 -18.66
CA ASP E 425 -21.21 49.62 -18.27
C ASP E 425 -21.06 48.09 -18.36
N PHE E 426 -21.86 47.43 -19.21
CA PHE E 426 -21.82 45.97 -19.34
C PHE E 426 -20.52 45.47 -19.96
N GLU E 427 -20.16 46.02 -21.12
CA GLU E 427 -18.95 45.61 -21.82
C GLU E 427 -17.73 46.00 -21.00
N LYS E 428 -17.71 47.24 -20.49
CA LYS E 428 -16.58 47.72 -19.71
C LYS E 428 -16.37 46.86 -18.47
N ALA E 429 -17.47 46.45 -17.85
CA ALA E 429 -17.43 45.60 -16.66
C ALA E 429 -16.77 44.26 -16.97
N VAL E 430 -17.24 43.62 -18.04
CA VAL E 430 -16.74 42.30 -18.43
C VAL E 430 -15.24 42.32 -18.71
N LYS E 431 -14.80 43.24 -19.57
CA LYS E 431 -13.38 43.41 -19.89
C LYS E 431 -12.51 43.54 -18.65
N SER E 432 -13.02 44.28 -17.65
CA SER E 432 -12.28 44.50 -16.41
C SER E 432 -11.98 43.19 -15.67
N ILE E 433 -12.89 42.24 -15.76
CA ILE E 433 -12.71 40.96 -15.08
C ILE E 433 -11.81 40.07 -15.93
N TYR E 434 -12.04 40.06 -17.25
CA TYR E 434 -11.19 39.29 -18.17
C TYR E 434 -9.72 39.60 -17.95
N ASN E 435 -9.40 40.89 -17.93
CA ASN E 435 -8.02 41.35 -17.70
C ASN E 435 -7.54 41.04 -16.29
N ALA E 436 -8.42 41.20 -15.31
CA ALA E 436 -8.08 40.93 -13.91
C ALA E 436 -7.60 39.49 -13.68
N PHE E 437 -8.04 38.55 -14.53
CA PHE E 437 -7.64 37.13 -14.42
C PHE E 437 -6.76 36.63 -15.56
N ASN E 438 -6.23 37.55 -16.36
CA ASN E 438 -5.26 37.22 -17.41
C ASN E 438 -3.94 37.89 -17.13
N GLU E 439 -2.85 37.22 -17.49
CA GLU E 439 -1.49 37.63 -17.13
C GLU E 439 -1.41 37.90 -15.62
N GLY E 440 -2.10 37.08 -14.84
CA GLY E 440 -2.18 37.23 -13.39
C GLY E 440 -1.43 36.14 -12.67
N LEU F 2 -45.92 78.11 22.86
CA LEU F 2 -44.56 78.50 22.38
C LEU F 2 -43.86 77.29 21.72
N LYS F 3 -43.55 76.28 22.53
CA LYS F 3 -42.90 75.06 22.06
C LYS F 3 -43.73 73.88 22.59
N ILE F 4 -44.21 73.01 21.70
CA ILE F 4 -45.07 71.90 22.10
C ILE F 4 -44.29 70.57 22.16
N VAL F 5 -43.77 70.25 23.34
CA VAL F 5 -42.98 69.02 23.54
C VAL F 5 -43.78 67.98 24.33
N VAL F 6 -44.06 66.83 23.70
CA VAL F 6 -44.86 65.75 24.31
C VAL F 6 -43.95 64.67 24.87
N THR F 7 -44.38 64.02 25.96
CA THR F 7 -43.51 63.09 26.70
C THR F 7 -44.18 61.81 27.22
N LYS F 8 -43.64 60.66 26.80
CA LYS F 8 -44.05 59.36 27.34
C LYS F 8 -42.90 58.77 28.16
N PHE F 9 -43.26 58.06 29.22
CA PHE F 9 -42.30 57.52 30.16
C PHE F 9 -42.50 56.02 30.31
N GLY F 10 -41.46 55.25 29.98
CA GLY F 10 -41.51 53.79 30.06
C GLY F 10 -41.70 53.29 31.49
N GLY F 11 -41.81 51.98 31.63
CA GLY F 11 -42.17 51.35 32.90
C GLY F 11 -41.24 51.57 34.07
N SER F 12 -39.93 51.45 33.84
CA SER F 12 -38.94 51.65 34.90
C SER F 12 -38.87 53.12 35.30
N SER F 13 -39.22 54.01 34.37
CA SER F 13 -39.29 55.42 34.67
C SER F 13 -40.35 55.71 35.74
N LEU F 14 -41.38 54.87 35.80
CA LEU F 14 -42.45 54.99 36.79
C LEU F 14 -42.51 53.76 37.69
N ALA F 15 -41.36 53.19 38.03
CA ALA F 15 -41.30 51.96 38.78
C ALA F 15 -41.64 52.17 40.26
N ASP F 16 -41.06 53.19 40.86
CA ASP F 16 -41.29 53.46 42.27
C ASP F 16 -41.14 54.94 42.63
N SER F 17 -41.69 55.30 43.78
CA SER F 17 -41.63 56.66 44.33
C SER F 17 -40.38 57.45 43.94
N ASN F 18 -39.23 56.79 44.01
CA ASN F 18 -37.96 57.45 43.68
C ASN F 18 -37.92 57.87 42.22
N GLN F 19 -38.35 56.97 41.35
CA GLN F 19 -38.38 57.23 39.92
C GLN F 19 -39.47 58.22 39.55
N PHE F 20 -40.55 58.24 40.33
CA PHE F 20 -41.62 59.23 40.13
C PHE F 20 -41.11 60.66 40.29
N LYS F 21 -40.23 60.86 41.27
CA LYS F 21 -39.63 62.18 41.51
C LYS F 21 -38.80 62.61 40.31
N LYS F 22 -37.94 61.72 39.83
CA LYS F 22 -37.10 61.98 38.67
C LYS F 22 -37.93 62.48 37.48
N VAL F 23 -39.13 61.91 37.34
CA VAL F 23 -40.09 62.34 36.33
C VAL F 23 -40.50 63.79 36.57
N LYS F 24 -40.95 64.09 37.80
CA LYS F 24 -41.33 65.44 38.18
C LYS F 24 -40.19 66.39 37.86
N GLY F 25 -39.04 66.15 38.48
CA GLY F 25 -37.84 66.96 38.25
C GLY F 25 -37.63 67.24 36.78
N ILE F 26 -37.82 66.21 35.96
CA ILE F 26 -37.74 66.34 34.52
C ILE F 26 -38.84 67.24 33.99
N ILE F 27 -40.09 66.92 34.28
CA ILE F 27 -41.20 67.67 33.72
C ILE F 27 -41.14 69.17 34.04
N ASP F 28 -41.14 69.52 35.32
CA ASP F 28 -41.15 70.94 35.71
C ASP F 28 -39.77 71.60 35.74
N SER F 29 -38.84 71.06 34.94
CA SER F 29 -37.67 71.82 34.49
C SER F 29 -37.83 72.09 32.98
N ASP F 30 -39.07 72.42 32.60
CA ASP F 30 -39.47 72.70 31.21
C ASP F 30 -41.00 72.88 31.13
N ALA F 31 -41.44 74.14 31.05
CA ALA F 31 -42.87 74.43 30.91
C ALA F 31 -43.40 73.88 29.58
N ASN F 32 -42.55 73.91 28.56
CA ASN F 32 -42.89 73.38 27.25
C ASN F 32 -43.13 71.85 27.22
N ARG F 33 -42.79 71.13 28.30
CA ARG F 33 -43.20 69.72 28.44
C ARG F 33 -44.68 69.64 28.82
N LYS F 34 -45.54 70.08 27.91
CA LYS F 34 -46.94 70.32 28.21
C LYS F 34 -47.72 69.04 28.47
N TYR F 35 -47.42 67.96 27.73
CA TYR F 35 -48.23 66.73 27.80
C TYR F 35 -47.40 65.48 28.18
N ILE F 36 -47.96 64.67 29.08
CA ILE F 36 -47.28 63.52 29.67
C ILE F 36 -48.08 62.24 29.41
N ILE F 37 -47.36 61.12 29.23
CA ILE F 37 -48.00 59.82 28.99
C ILE F 37 -47.31 58.71 29.78
N PRO F 38 -47.96 58.17 30.82
CA PRO F 38 -47.32 57.16 31.64
C PRO F 38 -47.65 55.73 31.22
N SER F 39 -46.69 54.82 31.38
CA SER F 39 -46.98 53.39 31.39
C SER F 39 -47.50 53.06 32.78
N ALA F 40 -47.79 51.78 33.01
CA ALA F 40 -47.97 51.30 34.37
C ALA F 40 -46.59 51.10 34.98
N PRO F 41 -46.52 50.82 36.28
CA PRO F 41 -45.23 50.68 36.95
C PRO F 41 -44.52 49.37 36.61
N GLY F 42 -43.25 49.49 36.19
CA GLY F 42 -42.45 48.33 35.83
C GLY F 42 -41.97 47.57 37.03
N LYS F 43 -41.24 46.49 36.75
CA LYS F 43 -40.75 45.59 37.80
C LYS F 43 -39.55 46.19 38.52
N ARG F 44 -39.61 46.23 39.84
CA ARG F 44 -38.48 46.67 40.66
C ARG F 44 -37.31 45.67 40.63
N THR F 45 -37.61 44.42 40.28
CA THR F 45 -36.66 43.31 40.33
C THR F 45 -37.07 42.25 39.31
N ASN F 46 -36.10 41.49 38.80
CA ASN F 46 -36.42 40.39 37.86
C ASN F 46 -37.45 39.38 38.39
N LYS F 47 -37.54 39.25 39.71
CA LYS F 47 -38.50 38.36 40.34
C LYS F 47 -39.78 39.11 40.76
N ASP F 48 -39.77 40.43 40.66
CA ASP F 48 -40.93 41.24 41.06
C ASP F 48 -42.12 40.95 40.16
N TYR F 49 -43.31 40.99 40.75
CA TYR F 49 -44.54 40.86 39.99
C TYR F 49 -44.79 42.11 39.14
N LYS F 50 -45.23 41.89 37.90
CA LYS F 50 -45.62 42.97 37.02
C LYS F 50 -47.12 43.24 37.21
N ILE F 51 -47.47 44.52 37.35
CA ILE F 51 -48.84 44.92 37.65
C ILE F 51 -49.83 44.49 36.56
N THR F 52 -49.56 44.90 35.33
CA THR F 52 -50.40 44.54 34.20
C THR F 52 -50.77 43.05 34.25
N ASP F 53 -49.81 42.19 34.57
CA ASP F 53 -50.04 40.75 34.64
C ASP F 53 -50.95 40.36 35.81
N LEU F 54 -50.67 40.91 36.98
CA LEU F 54 -51.55 40.73 38.13
C LEU F 54 -52.98 41.18 37.81
N LEU F 55 -53.12 42.22 37.00
CA LEU F 55 -54.44 42.69 36.58
C LEU F 55 -55.13 41.62 35.73
N TYR F 56 -54.44 41.15 34.68
CA TYR F 56 -54.93 40.03 33.88
C TYR F 56 -55.32 38.87 34.79
N LEU F 57 -54.44 38.56 35.73
CA LEU F 57 -54.69 37.47 36.67
C LEU F 57 -56.01 37.64 37.39
N CYS F 58 -56.39 38.87 37.74
CA CYS F 58 -57.66 39.11 38.45
C CYS F 58 -58.85 38.78 37.55
N ASN F 59 -58.81 39.29 36.33
CA ASN F 59 -59.79 38.92 35.31
C ASN F 59 -59.90 37.39 35.22
N ALA F 60 -58.74 36.74 35.12
CA ALA F 60 -58.63 35.29 35.17
C ALA F 60 -59.55 34.69 36.22
N HIS F 61 -59.49 35.22 37.44
CA HIS F 61 -60.30 34.69 38.53
C HIS F 61 -61.74 34.80 38.21
N VAL F 62 -62.12 35.94 37.65
CA VAL F 62 -63.52 36.19 37.35
C VAL F 62 -63.99 35.19 36.31
N LYS F 63 -63.21 35.00 35.25
CA LYS F 63 -63.53 33.95 34.27
C LYS F 63 -63.69 32.58 34.96
N ASN F 64 -62.89 32.33 35.99
CA ASN F 64 -63.01 31.09 36.75
C ASN F 64 -64.14 31.11 37.76
N GLY F 65 -64.72 32.28 38.01
CA GLY F 65 -65.83 32.42 38.95
C GLY F 65 -65.43 32.22 40.40
N ILE F 66 -64.31 32.84 40.79
CA ILE F 66 -63.87 32.88 42.19
C ILE F 66 -63.27 34.25 42.48
N PRO F 67 -63.25 34.67 43.76
CA PRO F 67 -62.79 36.02 44.05
C PRO F 67 -61.26 36.13 44.04
N PHE F 68 -60.77 37.37 44.09
CA PHE F 68 -59.34 37.65 43.89
C PHE F 68 -58.80 38.72 44.83
N ASP F 69 -59.33 38.76 46.06
CA ASP F 69 -58.97 39.77 47.05
C ASP F 69 -57.46 39.75 47.33
N ASP F 70 -56.93 38.54 47.55
CA ASP F 70 -55.50 38.35 47.81
C ASP F 70 -54.60 39.01 46.76
N VAL F 71 -54.99 38.88 45.50
CA VAL F 71 -54.19 39.43 44.41
C VAL F 71 -54.33 40.94 44.34
N PHE F 72 -55.51 41.46 44.67
CA PHE F 72 -55.72 42.91 44.67
C PHE F 72 -55.07 43.55 45.91
N LYS F 73 -54.96 42.80 47.01
CA LYS F 73 -54.23 43.26 48.19
C LYS F 73 -52.80 43.62 47.82
N LEU F 74 -52.20 42.88 46.88
CA LEU F 74 -50.85 43.22 46.38
C LEU F 74 -50.84 44.42 45.44
N ILE F 75 -51.88 44.54 44.61
CA ILE F 75 -51.98 45.67 43.68
C ILE F 75 -52.10 46.98 44.46
N SER F 76 -53.07 47.05 45.37
CA SER F 76 -53.27 48.27 46.15
C SER F 76 -52.09 48.53 47.09
N GLN F 77 -51.45 47.47 47.58
CA GLN F 77 -50.25 47.61 48.41
C GLN F 77 -49.16 48.35 47.66
N ARG F 78 -49.04 48.11 46.36
CA ARG F 78 -48.05 48.79 45.54
C ARG F 78 -48.45 50.24 45.25
N TYR F 79 -49.70 50.44 44.91
CA TYR F 79 -50.18 51.76 44.51
C TYR F 79 -50.26 52.75 45.66
N THR F 80 -50.61 52.29 46.86
CA THR F 80 -50.66 53.15 48.03
C THR F 80 -49.24 53.54 48.46
N GLU F 81 -48.36 52.55 48.54
CA GLU F 81 -46.96 52.81 48.91
C GLU F 81 -46.29 53.85 48.03
N ILE F 82 -46.80 54.04 46.81
CA ILE F 82 -46.33 55.11 45.93
C ILE F 82 -46.94 56.45 46.32
N VAL F 83 -48.26 56.51 46.41
CA VAL F 83 -48.97 57.75 46.77
C VAL F 83 -48.77 58.14 48.23
N SER F 84 -48.44 57.16 49.06
CA SER F 84 -48.10 57.41 50.46
C SER F 84 -46.71 58.07 50.54
N GLU F 85 -45.69 57.33 50.11
CA GLU F 85 -44.31 57.83 50.12
C GLU F 85 -44.18 59.18 49.43
N LEU F 86 -44.89 59.35 48.32
CA LEU F 86 -44.82 60.57 47.52
C LEU F 86 -45.64 61.73 48.13
N ASN F 87 -46.45 61.43 49.15
CA ASN F 87 -47.14 62.46 49.92
C ASN F 87 -48.06 63.32 49.05
N ILE F 88 -49.24 62.77 48.72
CA ILE F 88 -50.21 63.43 47.85
C ILE F 88 -51.61 63.36 48.49
N ASP F 89 -52.18 64.52 48.80
CA ASP F 89 -53.52 64.59 49.37
C ASP F 89 -54.57 64.19 48.31
N MSE F 90 -54.88 62.91 48.29
CA MSE F 90 -55.82 62.35 47.30
C MSE F 90 -56.37 61.05 47.80
O MSE F 90 -55.69 60.30 48.50
CB MSE F 90 -55.05 62.20 46.00
CG MSE F 90 -55.73 61.37 44.91
SE MSE F 90 -54.33 60.72 43.68
CE MSE F 90 -53.83 59.09 44.67
N ASP F 91 -57.62 60.78 47.44
CA ASP F 91 -58.31 59.55 47.82
C ASP F 91 -57.95 58.45 46.82
N ILE F 92 -56.98 57.60 47.17
CA ILE F 92 -56.47 56.57 46.26
C ILE F 92 -57.26 55.26 46.34
N ALA F 93 -57.72 54.90 47.54
CA ALA F 93 -58.48 53.67 47.76
C ALA F 93 -59.85 53.72 47.09
N TYR F 94 -60.36 54.92 46.87
CA TYR F 94 -61.60 55.12 46.12
C TYR F 94 -61.44 54.61 44.68
N TYR F 95 -60.42 55.14 43.99
CA TYR F 95 -60.11 54.74 42.62
C TYR F 95 -59.82 53.24 42.52
N LEU F 96 -59.06 52.71 43.48
CA LEU F 96 -58.74 51.29 43.53
C LEU F 96 -60.00 50.44 43.68
N GLU F 97 -60.87 50.82 44.60
CA GLU F 97 -62.06 50.03 44.89
C GLU F 97 -63.07 50.06 43.73
N LYS F 98 -63.19 51.20 43.07
CA LYS F 98 -64.01 51.29 41.86
C LYS F 98 -63.53 50.25 40.84
N VAL F 99 -62.21 50.18 40.66
CA VAL F 99 -61.62 49.22 39.73
C VAL F 99 -61.92 47.80 40.17
N LYS F 100 -61.68 47.48 41.45
CA LYS F 100 -61.94 46.12 41.93
C LYS F 100 -63.39 45.72 41.68
N LYS F 101 -64.30 46.67 41.87
CA LYS F 101 -65.73 46.40 41.70
C LYS F 101 -66.14 46.18 40.23
N ASN F 102 -65.44 46.83 39.30
CA ASN F 102 -65.70 46.61 37.87
C ASN F 102 -65.25 45.24 37.41
N ILE F 103 -64.02 44.89 37.77
CA ILE F 103 -63.45 43.59 37.42
C ILE F 103 -64.35 42.46 37.88
N GLU F 104 -64.78 42.50 39.15
CA GLU F 104 -65.62 41.45 39.71
C GLU F 104 -67.04 41.48 39.14
N ASN F 105 -67.45 42.64 38.62
CA ASN F 105 -68.73 42.75 37.88
C ASN F 105 -68.64 42.31 36.41
N GLY F 106 -67.56 41.65 36.03
CA GLY F 106 -67.43 41.07 34.71
C GLY F 106 -66.88 42.01 33.66
N ALA F 107 -66.21 43.07 34.08
CA ALA F 107 -65.49 43.95 33.14
C ALA F 107 -64.51 43.14 32.32
N SER F 108 -64.24 43.60 31.10
CA SER F 108 -63.39 42.85 30.17
C SER F 108 -61.98 42.72 30.70
N SER F 109 -61.24 41.76 30.16
CA SER F 109 -59.83 41.63 30.47
C SER F 109 -59.12 42.89 29.99
N ASP F 110 -59.45 43.35 28.78
CA ASP F 110 -58.88 44.59 28.23
C ASP F 110 -58.93 45.72 29.24
N TYR F 111 -60.12 45.98 29.77
CA TYR F 111 -60.31 46.99 30.82
C TYR F 111 -59.32 46.71 31.95
N ALA F 112 -59.45 45.53 32.56
CA ALA F 112 -58.60 45.10 33.67
C ALA F 112 -57.15 45.55 33.51
N ALA F 113 -56.53 45.18 32.40
CA ALA F 113 -55.10 45.43 32.17
C ALA F 113 -54.83 46.89 31.83
N SER F 114 -55.83 47.55 31.26
CA SER F 114 -55.71 48.98 30.95
C SER F 114 -55.58 49.82 32.21
N ARG F 115 -56.22 49.37 33.29
CA ARG F 115 -56.28 50.16 34.51
C ARG F 115 -54.92 50.41 35.17
N GLY F 116 -53.93 49.57 34.87
CA GLY F 116 -52.58 49.77 35.40
C GLY F 116 -51.95 51.10 34.99
N GLU F 117 -52.28 51.56 33.78
CA GLU F 117 -51.76 52.82 33.27
C GLU F 117 -52.70 53.96 33.69
N TYR F 118 -53.97 53.62 33.86
CA TYR F 118 -54.99 54.56 34.31
C TYR F 118 -54.68 55.10 35.69
N LEU F 119 -54.26 54.22 36.59
CA LEU F 119 -53.94 54.61 37.96
C LEU F 119 -52.69 55.49 38.01
N ASN F 120 -51.62 55.06 37.36
CA ASN F 120 -50.42 55.89 37.24
C ASN F 120 -50.72 57.28 36.68
N GLY F 121 -51.64 57.33 35.72
CA GLY F 121 -52.07 58.60 35.12
C GLY F 121 -52.83 59.48 36.08
N VAL F 122 -53.86 58.93 36.73
CA VAL F 122 -54.64 59.70 37.69
C VAL F 122 -53.79 60.11 38.88
N ILE F 123 -52.79 59.30 39.22
CA ILE F 123 -51.85 59.64 40.27
C ILE F 123 -50.84 60.70 39.81
N LEU F 124 -50.39 60.60 38.56
CA LEU F 124 -49.45 61.59 38.01
C LEU F 124 -50.05 62.98 37.93
N ALA F 125 -51.28 63.05 37.40
CA ALA F 125 -51.98 64.33 37.21
C ALA F 125 -52.02 65.17 38.49
N LYS F 126 -52.44 64.54 39.59
CA LYS F 126 -52.42 65.19 40.91
C LYS F 126 -50.99 65.60 41.26
N TYR F 127 -50.08 64.64 41.25
CA TYR F 127 -48.67 64.86 41.60
C TYR F 127 -48.03 66.03 40.85
N LEU F 128 -48.06 65.97 39.52
CA LEU F 128 -47.44 67.00 38.68
C LEU F 128 -48.39 68.14 38.35
N ASN F 129 -49.61 68.07 38.85
CA ASN F 129 -50.55 69.17 38.77
C ASN F 129 -50.99 69.50 37.33
N ALA F 130 -51.38 68.45 36.59
CA ALA F 130 -51.88 68.60 35.22
C ALA F 130 -53.29 68.04 35.11
N GLU F 131 -53.96 68.37 34.01
CA GLU F 131 -55.33 67.92 33.78
C GLU F 131 -55.36 66.46 33.34
N PHE F 132 -56.08 65.61 34.07
CA PHE F 132 -56.20 64.21 33.68
C PHE F 132 -57.22 64.04 32.56
N ILE F 133 -56.73 63.89 31.33
CA ILE F 133 -57.56 63.51 30.21
C ILE F 133 -57.45 62.00 30.05
N ASP F 134 -58.59 61.32 30.16
CA ASP F 134 -58.66 59.87 30.04
C ASP F 134 -58.46 59.47 28.58
N ALA F 135 -57.86 58.31 28.36
CA ALA F 135 -57.58 57.83 27.00
C ALA F 135 -58.85 57.49 26.23
N ALA F 136 -59.89 57.08 26.95
CA ALA F 136 -61.15 56.65 26.34
C ALA F 136 -61.84 57.78 25.59
N GLU F 137 -61.79 58.99 26.13
CA GLU F 137 -62.48 60.15 25.56
C GLU F 137 -61.75 60.71 24.33
N VAL F 138 -60.48 60.32 24.17
CA VAL F 138 -59.63 60.85 23.12
C VAL F 138 -59.36 59.83 22.00
N ILE F 139 -58.97 58.62 22.37
CA ILE F 139 -58.56 57.60 21.40
C ILE F 139 -59.69 56.58 21.15
N PHE F 140 -60.18 56.54 19.91
CA PHE F 140 -61.27 55.65 19.53
C PHE F 140 -60.80 54.62 18.51
N PHE F 141 -61.51 53.49 18.45
CA PHE F 141 -61.22 52.43 17.48
C PHE F 141 -62.40 52.24 16.52
N ASP F 142 -62.12 51.67 15.35
CA ASP F 142 -63.12 51.50 14.29
C ASP F 142 -64.10 50.36 14.59
N LYS F 143 -64.84 49.94 13.56
CA LYS F 143 -65.76 48.82 13.68
C LYS F 143 -65.05 47.47 13.61
N SER F 144 -63.81 47.47 13.12
CA SER F 144 -63.01 46.24 13.01
C SER F 144 -61.98 46.08 14.12
N GLY F 145 -61.52 47.21 14.68
CA GLY F 145 -60.48 47.20 15.71
C GLY F 145 -59.23 47.99 15.34
N CYS F 146 -59.31 48.77 14.25
CA CYS F 146 -58.24 49.69 13.87
C CYS F 146 -58.50 51.06 14.48
N PHE F 147 -57.44 51.86 14.65
CA PHE F 147 -57.56 53.18 15.27
C PHE F 147 -58.25 54.18 14.34
N ASP F 148 -59.28 54.85 14.86
CA ASP F 148 -60.05 55.82 14.08
C ASP F 148 -59.29 57.16 14.02
N GLU F 149 -58.42 57.29 13.03
CA GLU F 149 -57.57 58.48 12.89
C GLU F 149 -58.38 59.78 12.86
N LYS F 150 -59.44 59.80 12.06
CA LYS F 150 -60.30 60.98 11.98
C LYS F 150 -60.86 61.37 13.34
N LYS F 151 -61.54 60.42 14.00
CA LYS F 151 -62.21 60.68 15.27
C LYS F 151 -61.22 60.89 16.41
N SER F 152 -60.13 60.11 16.40
CA SER F 152 -59.11 60.25 17.43
C SER F 152 -58.37 61.59 17.35
N TYR F 153 -58.32 62.19 16.15
CA TYR F 153 -57.61 63.46 15.94
C TYR F 153 -58.50 64.66 16.16
N GLU F 154 -59.77 64.57 15.76
CA GLU F 154 -60.73 65.66 16.01
C GLU F 154 -61.14 65.71 17.49
N LYS F 155 -61.20 64.54 18.13
CA LYS F 155 -61.39 64.45 19.58
C LYS F 155 -60.12 64.84 20.32
N ILE F 156 -58.98 64.71 19.63
CA ILE F 156 -57.69 65.14 20.15
C ILE F 156 -57.60 66.67 20.19
N LYS F 157 -57.93 67.30 19.06
CA LYS F 157 -57.80 68.75 18.93
C LYS F 157 -58.64 69.50 19.95
N GLU F 158 -59.88 69.06 20.15
CA GLU F 158 -60.82 69.78 21.02
C GLU F 158 -60.37 69.82 22.48
N LYS F 159 -60.11 68.67 23.09
CA LYS F 159 -59.87 68.60 24.54
C LYS F 159 -58.40 68.54 24.96
N VAL F 160 -57.52 68.03 24.11
CA VAL F 160 -56.10 67.96 24.49
C VAL F 160 -55.37 69.26 24.16
N LEU F 161 -55.37 69.64 22.88
CA LEU F 161 -54.61 70.81 22.40
C LEU F 161 -55.05 72.10 23.07
N SER F 162 -56.33 72.18 23.44
CA SER F 162 -56.84 73.34 24.15
C SER F 162 -56.20 73.52 25.53
N CYS F 163 -55.85 72.41 26.18
CA CYS F 163 -55.27 72.44 27.53
C CYS F 163 -53.77 72.76 27.53
N ASN F 164 -53.33 73.50 28.55
CA ASN F 164 -51.93 73.88 28.69
C ASN F 164 -51.07 72.73 29.18
N LYS F 165 -51.54 72.05 30.22
CA LYS F 165 -50.85 70.89 30.80
C LYS F 165 -51.82 69.74 31.05
N ALA F 166 -51.40 68.51 30.73
CA ALA F 166 -52.25 67.32 30.89
C ALA F 166 -51.48 65.99 30.92
N VAL F 167 -52.08 64.99 31.58
CA VAL F 167 -51.51 63.65 31.66
C VAL F 167 -52.47 62.65 31.05
N ILE F 168 -52.04 61.98 29.98
CA ILE F 168 -52.89 61.01 29.28
C ILE F 168 -52.38 59.58 29.50
N PRO F 169 -53.24 58.71 30.05
CA PRO F 169 -52.79 57.36 30.37
C PRO F 169 -52.52 56.53 29.12
N GLY F 170 -51.61 55.58 29.25
CA GLY F 170 -51.09 54.86 28.10
C GLY F 170 -51.98 53.77 27.55
N PHE F 171 -52.02 53.69 26.23
CA PHE F 171 -52.39 52.49 25.47
C PHE F 171 -53.74 51.79 25.80
N TYR F 172 -54.86 52.52 25.80
CA TYR F 172 -56.14 51.81 25.94
C TYR F 172 -57.39 52.27 25.20
N GLY F 173 -57.45 53.53 24.75
CA GLY F 173 -58.59 54.02 23.95
C GLY F 173 -59.96 53.40 24.23
N SER F 174 -60.82 53.34 23.21
CA SER F 174 -62.19 52.82 23.38
C SER F 174 -62.70 52.12 22.12
N SER F 175 -63.52 51.10 22.31
CA SER F 175 -64.08 50.33 21.21
C SER F 175 -65.35 50.98 20.65
N PHE F 176 -65.79 50.50 19.49
CA PHE F 176 -66.98 50.99 18.80
C PHE F 176 -68.11 51.22 19.80
N ASN F 177 -68.39 50.18 20.58
CA ASN F 177 -69.53 50.15 21.50
C ASN F 177 -69.27 50.71 22.91
N GLY F 178 -68.19 51.48 23.06
CA GLY F 178 -67.96 52.26 24.28
C GLY F 178 -66.90 51.72 25.23
N ASP F 179 -66.75 50.39 25.30
CA ASP F 179 -65.82 49.76 26.25
C ASP F 179 -64.35 50.04 25.90
N VAL F 180 -63.52 50.00 26.93
CA VAL F 180 -62.06 50.13 26.80
C VAL F 180 -61.50 48.97 25.97
N LYS F 181 -60.45 49.25 25.19
CA LYS F 181 -59.74 48.18 24.48
C LYS F 181 -58.26 48.44 24.31
N THR F 182 -57.46 47.76 25.13
CA THR F 182 -56.01 47.78 25.05
C THR F 182 -55.47 47.72 23.62
N PHE F 183 -54.37 48.41 23.36
CA PHE F 183 -53.66 48.28 22.09
C PHE F 183 -52.99 46.91 21.99
N SER F 184 -53.10 46.29 20.82
CA SER F 184 -52.56 44.94 20.58
C SER F 184 -51.04 44.92 20.50
N ARG F 185 -50.47 45.93 19.86
CA ARG F 185 -49.02 46.13 19.82
C ARG F 185 -48.70 47.63 19.92
N GLY F 186 -47.56 47.95 20.50
CA GLY F 186 -47.11 49.34 20.65
C GLY F 186 -46.88 49.75 22.09
N GLY F 187 -47.75 49.32 22.98
CA GLY F 187 -47.68 49.72 24.38
C GLY F 187 -47.95 51.20 24.51
N SER F 188 -47.53 51.79 25.62
CA SER F 188 -47.76 53.21 25.87
C SER F 188 -46.96 54.09 24.91
N ASP F 189 -45.95 53.50 24.29
CA ASP F 189 -45.10 54.22 23.33
C ASP F 189 -45.88 54.67 22.10
N VAL F 190 -46.86 53.86 21.69
CA VAL F 190 -47.73 54.20 20.54
C VAL F 190 -48.70 55.35 20.83
N THR F 191 -49.08 55.50 22.10
CA THR F 191 -50.11 56.48 22.45
C THR F 191 -49.50 57.89 22.40
N GLY F 192 -48.26 58.03 22.87
CA GLY F 192 -47.54 59.29 22.74
C GLY F 192 -47.31 59.67 21.30
N SER F 193 -47.25 58.66 20.43
CA SER F 193 -47.16 58.88 18.99
C SER F 193 -48.49 59.38 18.45
N ILE F 194 -49.59 58.75 18.87
CA ILE F 194 -50.93 59.18 18.47
C ILE F 194 -51.21 60.63 18.89
N ILE F 195 -50.71 61.02 20.06
CA ILE F 195 -50.91 62.38 20.57
C ILE F 195 -50.14 63.40 19.74
N SER F 196 -48.80 63.32 19.78
CA SER F 196 -47.94 64.27 19.10
C SER F 196 -48.34 64.46 17.64
N ALA F 197 -48.74 63.35 17.00
CA ALA F 197 -49.28 63.39 15.66
C ALA F 197 -50.64 64.07 15.66
N GLY F 198 -51.60 63.45 16.35
CA GLY F 198 -52.95 64.00 16.49
C GLY F 198 -52.90 65.44 16.95
N VAL F 199 -52.66 65.64 18.25
CA VAL F 199 -52.40 66.97 18.78
C VAL F 199 -51.05 67.42 18.26
N ASN F 200 -51.06 68.35 17.32
CA ASN F 200 -49.84 68.80 16.70
C ASN F 200 -48.81 69.12 17.78
N ALA F 201 -47.64 68.51 17.65
CA ALA F 201 -46.54 68.69 18.59
C ALA F 201 -45.29 69.14 17.85
N ASP F 202 -44.35 69.68 18.61
CA ASP F 202 -43.07 70.14 18.09
C ASP F 202 -42.07 69.00 18.23
N LEU F 203 -41.95 68.46 19.43
CA LEU F 203 -41.04 67.36 19.72
C LEU F 203 -41.74 66.25 20.50
N TYR F 204 -41.22 65.03 20.38
CA TYR F 204 -41.73 63.87 21.11
C TYR F 204 -40.59 63.12 21.81
N GLU F 205 -40.47 63.32 23.11
CA GLU F 205 -39.42 62.68 23.91
C GLU F 205 -39.93 61.36 24.45
N ASN F 206 -39.30 60.27 24.02
CA ASN F 206 -39.59 58.97 24.61
C ASN F 206 -38.60 58.73 25.74
N TRP F 207 -39.11 58.59 26.96
CA TRP F 207 -38.24 58.53 28.14
C TRP F 207 -38.01 57.12 28.61
N THR F 208 -36.79 56.63 28.41
CA THR F 208 -36.43 55.24 28.67
C THR F 208 -35.39 55.17 29.81
N ASP F 209 -34.47 54.20 29.76
CA ASP F 209 -33.35 54.13 30.70
C ASP F 209 -32.03 53.79 30.01
N VAL F 210 -31.85 54.29 28.79
CA VAL F 210 -30.55 54.25 28.11
C VAL F 210 -30.32 55.57 27.36
N SER F 211 -29.10 56.07 27.42
CA SER F 211 -28.78 57.37 26.81
C SER F 211 -28.63 57.24 25.29
N GLY F 212 -29.76 57.03 24.61
CA GLY F 212 -29.77 56.86 23.17
C GLY F 212 -29.17 55.55 22.70
N PHE F 213 -29.26 55.32 21.39
CA PHE F 213 -28.65 54.16 20.75
C PHE F 213 -27.20 54.45 20.39
N LEU F 214 -26.42 53.38 20.21
CA LEU F 214 -25.00 53.48 19.92
C LEU F 214 -24.71 52.99 18.50
N MSE F 215 -23.69 53.59 17.86
CA MSE F 215 -23.31 53.23 16.49
C MSE F 215 -22.97 51.76 16.37
O MSE F 215 -23.03 51.20 15.28
CB MSE F 215 -22.09 54.06 16.06
CG MSE F 215 -21.69 53.84 14.61
SE MSE F 215 -20.50 55.29 14.02
CE MSE F 215 -21.80 56.78 14.05
N ALA F 216 -22.59 51.13 17.48
CA ALA F 216 -22.33 49.69 17.48
C ALA F 216 -22.64 49.07 18.84
N ASP F 217 -22.48 47.75 18.91
CA ASP F 217 -22.58 47.02 20.17
C ASP F 217 -21.42 47.47 21.04
N PRO F 218 -21.71 48.04 22.23
CA PRO F 218 -20.61 48.53 23.08
C PRO F 218 -19.81 47.43 23.76
N ARG F 219 -20.38 46.22 23.83
CA ARG F 219 -19.77 45.08 24.48
C ARG F 219 -18.66 44.44 23.65
N ILE F 220 -18.60 44.80 22.36
CA ILE F 220 -17.56 44.33 21.44
C ILE F 220 -16.58 45.45 21.11
N VAL F 221 -17.11 46.62 20.74
CA VAL F 221 -16.30 47.78 20.36
C VAL F 221 -16.34 48.86 21.44
N GLU F 222 -15.21 49.55 21.62
CA GLU F 222 -15.00 50.44 22.77
C GLU F 222 -15.75 51.79 22.69
N ASN F 223 -16.90 51.84 23.35
CA ASN F 223 -17.67 53.08 23.50
C ASN F 223 -17.93 53.79 22.16
N PRO F 224 -18.90 53.28 21.39
CA PRO F 224 -19.20 53.87 20.09
C PRO F 224 -19.90 55.21 20.18
N LYS F 225 -19.59 56.09 19.24
CA LYS F 225 -20.22 57.39 19.10
C LYS F 225 -21.74 57.23 18.92
N THR F 226 -22.51 57.72 19.88
CA THR F 226 -23.98 57.63 19.86
C THR F 226 -24.57 58.14 18.54
N ILE F 227 -25.68 57.54 18.12
CA ILE F 227 -26.34 57.90 16.88
C ILE F 227 -27.17 59.17 17.08
N SER F 228 -26.50 60.27 17.38
CA SER F 228 -27.18 61.53 17.72
C SER F 228 -28.37 61.84 16.81
N LYS F 229 -28.24 61.51 15.53
CA LYS F 229 -29.33 61.63 14.57
C LYS F 229 -29.47 60.33 13.78
N ILE F 230 -30.71 59.96 13.47
CA ILE F 230 -30.98 58.71 12.74
C ILE F 230 -32.40 58.71 12.17
N SER F 231 -32.53 58.29 10.91
CA SER F 231 -33.82 58.27 10.21
C SER F 231 -34.68 57.07 10.63
N TYR F 232 -35.93 57.06 10.19
CA TYR F 232 -36.83 55.93 10.46
C TYR F 232 -36.35 54.68 9.75
N LYS F 233 -36.05 54.81 8.46
CA LYS F 233 -35.70 53.67 7.62
C LYS F 233 -34.45 52.93 8.11
N GLU F 234 -33.48 53.66 8.65
CA GLU F 234 -32.27 53.04 9.18
C GLU F 234 -32.49 52.48 10.59
N LEU F 235 -33.41 53.08 11.34
CA LEU F 235 -33.79 52.53 12.65
C LEU F 235 -34.39 51.15 12.45
N ARG F 236 -35.34 51.05 11.55
CA ARG F 236 -35.95 49.77 11.20
C ARG F 236 -34.87 48.74 10.89
N GLU F 237 -33.87 49.15 10.12
CA GLU F 237 -32.80 48.25 9.70
C GLU F 237 -31.95 47.75 10.86
N LEU F 238 -31.66 48.63 11.82
CA LEU F 238 -30.76 48.29 12.91
C LEU F 238 -31.46 47.51 14.00
N SER F 239 -32.59 48.02 14.47
CA SER F 239 -33.30 47.37 15.56
C SER F 239 -33.58 45.90 15.20
N TYR F 240 -33.93 45.68 13.93
CA TYR F 240 -33.99 44.35 13.31
C TYR F 240 -32.63 43.65 13.41
N LEU F 246 -36.42 50.39 20.98
CA LEU F 246 -37.73 51.01 20.86
C LEU F 246 -38.68 50.10 20.08
N HIS F 247 -39.93 50.54 19.94
CA HIS F 247 -40.94 49.86 19.12
C HIS F 247 -40.77 50.26 17.67
N GLU F 248 -41.54 49.63 16.78
CA GLU F 248 -41.35 49.74 15.34
C GLU F 248 -42.57 50.29 14.60
N GLU F 249 -43.77 49.86 15.00
CA GLU F 249 -45.01 50.38 14.42
C GLU F 249 -45.65 51.43 15.33
N ALA F 250 -45.09 51.59 16.54
CA ALA F 250 -45.52 52.63 17.47
C ALA F 250 -45.26 54.01 16.88
N ILE F 251 -44.18 54.14 16.13
CA ILE F 251 -43.77 55.41 15.52
C ILE F 251 -44.68 55.87 14.36
N PHE F 252 -45.54 54.98 13.85
CA PHE F 252 -46.35 55.25 12.66
C PHE F 252 -46.99 56.64 12.63
N PRO F 253 -47.88 56.96 13.61
CA PRO F 253 -48.67 58.22 13.57
C PRO F 253 -47.81 59.49 13.40
N VAL F 254 -46.61 59.46 13.98
CA VAL F 254 -45.66 60.55 13.86
C VAL F 254 -45.07 60.67 12.44
N LYS F 255 -44.60 59.55 11.89
CA LYS F 255 -43.91 59.52 10.59
C LYS F 255 -44.68 60.22 9.47
N ASP F 256 -46.02 60.15 9.53
CA ASP F 256 -46.89 60.94 8.67
C ASP F 256 -46.49 62.42 8.71
N SER F 257 -46.50 62.99 9.92
CA SER F 257 -46.13 64.38 10.12
C SER F 257 -44.63 64.61 10.00
N GLY F 258 -43.85 63.56 10.26
CA GLY F 258 -42.39 63.64 10.25
C GLY F 258 -41.87 64.30 11.51
N ILE F 259 -42.58 64.09 12.62
CA ILE F 259 -42.19 64.66 13.91
C ILE F 259 -40.91 64.01 14.42
N PRO F 260 -39.99 64.80 14.97
CA PRO F 260 -38.77 64.22 15.53
C PRO F 260 -39.05 63.46 16.82
N ILE F 261 -38.46 62.27 16.95
CA ILE F 261 -38.55 61.51 18.20
C ILE F 261 -37.16 61.41 18.81
N ASN F 262 -37.01 61.98 20.01
CA ASN F 262 -35.75 61.92 20.74
C ASN F 262 -35.90 60.87 21.83
N ILE F 263 -34.91 59.98 21.92
CA ILE F 263 -34.90 58.91 22.90
C ILE F 263 -33.92 59.25 24.02
N LYS F 264 -34.47 59.69 25.17
CA LYS F 264 -33.67 60.21 26.27
C LYS F 264 -33.71 59.27 27.49
N ASN F 265 -32.72 59.41 28.36
CA ASN F 265 -32.55 58.53 29.52
C ASN F 265 -33.08 59.17 30.81
N THR F 266 -34.06 58.53 31.45
CA THR F 266 -34.65 59.05 32.69
C THR F 266 -33.65 59.10 33.84
N ASN F 267 -32.80 58.07 33.94
CA ASN F 267 -31.79 58.01 35.00
C ASN F 267 -30.69 59.06 34.86
N LYS F 268 -30.49 59.62 33.66
CA LYS F 268 -29.49 60.67 33.43
C LYS F 268 -30.00 61.70 32.41
N PRO F 269 -30.99 62.52 32.82
CA PRO F 269 -31.78 63.37 31.91
C PRO F 269 -30.98 64.34 31.07
N SER F 270 -29.83 64.77 31.59
CA SER F 270 -28.99 65.76 30.90
C SER F 270 -28.38 65.26 29.59
N ASP F 271 -28.33 63.94 29.41
CA ASP F 271 -27.74 63.35 28.21
C ASP F 271 -28.70 63.34 27.05
N PRO F 272 -28.29 63.89 25.90
CA PRO F 272 -28.87 63.34 24.69
C PRO F 272 -28.11 62.04 24.43
N GLY F 273 -28.75 61.00 23.87
CA GLY F 273 -30.10 61.05 23.35
C GLY F 273 -30.00 61.01 21.85
N THR F 274 -30.41 59.89 21.26
CA THR F 274 -30.45 59.76 19.82
C THR F 274 -31.76 60.35 19.32
N LEU F 275 -31.71 60.96 18.13
CA LEU F 275 -32.83 61.67 17.57
C LEU F 275 -33.32 60.87 16.38
N ILE F 276 -34.59 60.46 16.43
CA ILE F 276 -35.19 59.72 15.33
C ILE F 276 -35.93 60.67 14.40
N LEU F 277 -35.32 60.97 13.26
CA LEU F 277 -35.84 61.93 12.29
C LEU F 277 -36.64 61.25 11.20
N SER F 278 -37.28 62.07 10.36
CA SER F 278 -37.87 61.60 9.13
C SER F 278 -36.78 61.45 8.09
N ASP F 279 -37.07 60.69 7.04
CA ASP F 279 -36.10 60.41 5.98
C ASP F 279 -35.82 61.67 5.16
N THR F 280 -36.84 62.50 4.97
CA THR F 280 -36.72 63.73 4.19
C THR F 280 -35.97 64.84 4.94
N HIS F 281 -36.17 64.92 6.25
CA HIS F 281 -35.58 65.98 7.08
C HIS F 281 -34.18 65.70 7.54
N LYS F 282 -33.78 64.43 7.55
CA LYS F 282 -32.44 64.03 8.00
C LYS F 282 -31.39 64.33 6.93
N GLU F 283 -30.17 64.61 7.38
CA GLU F 283 -29.06 64.98 6.48
C GLU F 283 -28.39 63.76 5.86
N ILE F 284 -27.96 63.90 4.61
CA ILE F 284 -27.34 62.81 3.86
C ILE F 284 -25.83 63.04 3.72
N ASN F 285 -25.07 62.57 4.70
CA ASN F 285 -23.61 62.69 4.70
C ASN F 285 -22.96 61.59 3.84
N LEU F 286 -22.74 61.88 2.56
CA LEU F 286 -22.20 60.89 1.63
C LEU F 286 -20.92 60.22 2.16
N GLY F 287 -20.91 58.89 2.12
CA GLY F 287 -19.80 58.10 2.62
C GLY F 287 -19.82 57.83 4.11
N THR F 288 -20.93 58.12 4.78
CA THR F 288 -21.05 57.93 6.24
C THR F 288 -21.84 56.69 6.61
N ILE F 289 -21.39 56.03 7.67
CA ILE F 289 -22.08 54.89 8.24
C ILE F 289 -22.82 55.39 9.47
N THR F 290 -24.14 55.17 9.50
CA THR F 290 -24.96 55.53 10.66
C THR F 290 -24.78 54.52 11.79
N GLY F 291 -24.64 53.24 11.45
CA GLY F 291 -24.55 52.18 12.46
C GLY F 291 -24.15 50.80 11.98
N ILE F 292 -23.97 49.90 12.95
CA ILE F 292 -23.60 48.51 12.70
C ILE F 292 -24.35 47.61 13.69
N ALA F 293 -25.31 46.86 13.18
CA ALA F 293 -26.14 45.98 14.01
C ALA F 293 -25.92 44.53 13.62
N GLY F 294 -25.67 43.68 14.61
CA GLY F 294 -25.41 42.26 14.37
C GLY F 294 -26.43 41.33 15.00
N LYS F 295 -26.34 40.05 14.65
CA LYS F 295 -27.18 39.03 15.26
C LYS F 295 -26.59 37.66 14.93
N LYS F 296 -26.31 36.86 15.95
CA LYS F 296 -25.67 35.56 15.79
C LYS F 296 -26.69 34.42 15.75
N ASN F 297 -26.20 33.22 15.45
CA ASN F 297 -27.00 31.99 15.40
C ASN F 297 -28.05 32.00 14.30
N PHE F 298 -27.59 31.78 13.07
CA PHE F 298 -28.44 31.59 11.89
C PHE F 298 -28.00 30.31 11.19
N THR F 299 -28.91 29.69 10.45
CA THR F 299 -28.63 28.46 9.71
C THR F 299 -29.11 28.55 8.26
N VAL F 300 -28.22 28.26 7.31
CA VAL F 300 -28.58 28.26 5.89
C VAL F 300 -28.98 26.83 5.48
N ILE F 301 -29.99 26.72 4.60
CA ILE F 301 -30.38 25.42 4.02
C ILE F 301 -30.11 25.45 2.51
N ALA F 302 -29.23 24.57 2.05
CA ALA F 302 -28.69 24.66 0.69
C ALA F 302 -29.41 23.70 -0.25
N ILE F 303 -30.55 24.14 -0.78
CA ILE F 303 -31.36 23.33 -1.69
C ILE F 303 -30.86 23.50 -3.12
N GLU F 304 -30.77 22.38 -3.84
CA GLU F 304 -30.20 22.35 -5.17
C GLU F 304 -30.97 21.34 -6.02
N LYS F 305 -31.58 21.81 -7.11
CA LYS F 305 -32.39 20.96 -7.98
C LYS F 305 -31.96 21.04 -9.45
N ALA F 306 -32.19 19.95 -10.19
CA ALA F 306 -31.77 19.80 -11.58
C ALA F 306 -31.90 21.08 -12.42
N LEU F 307 -33.11 21.37 -12.91
CA LEU F 307 -33.39 22.65 -13.60
C LEU F 307 -34.41 23.40 -12.78
N LEU F 308 -33.92 24.04 -11.72
CA LEU F 308 -34.77 24.58 -10.68
C LEU F 308 -35.76 25.59 -11.23
N ASN F 309 -35.25 26.69 -11.80
CA ASN F 309 -36.10 27.81 -12.25
C ASN F 309 -37.08 27.45 -13.37
N SER F 310 -37.03 26.23 -13.88
CA SER F 310 -38.03 25.73 -14.83
C SER F 310 -38.88 24.64 -14.20
N GLU F 311 -39.09 24.76 -12.89
CA GLU F 311 -40.10 23.97 -12.18
C GLU F 311 -41.20 24.95 -11.85
N VAL F 312 -42.44 24.57 -12.18
CA VAL F 312 -43.58 25.42 -11.84
C VAL F 312 -43.80 25.46 -10.32
N GLY F 313 -43.41 26.56 -9.71
CA GLY F 313 -43.72 26.85 -8.30
C GLY F 313 -42.64 26.58 -7.27
N PHE F 314 -41.53 25.98 -7.68
CA PHE F 314 -40.50 25.48 -6.76
C PHE F 314 -40.31 26.33 -5.50
N CYS F 315 -39.78 27.54 -5.65
CA CYS F 315 -39.44 28.36 -4.49
C CYS F 315 -40.66 28.73 -3.69
N ARG F 316 -41.74 29.06 -4.39
CA ARG F 316 -43.02 29.34 -3.73
C ARG F 316 -43.37 28.18 -2.81
N LYS F 317 -43.51 27.00 -3.40
CA LYS F 317 -43.76 25.78 -2.62
C LYS F 317 -42.93 25.79 -1.32
N ILE F 318 -41.63 26.04 -1.46
CA ILE F 318 -40.72 25.97 -0.32
C ILE F 318 -41.13 26.94 0.78
N LEU F 319 -41.50 28.17 0.44
CA LEU F 319 -41.92 29.12 1.49
C LEU F 319 -43.30 28.78 2.03
N SER F 320 -44.19 28.27 1.17
CA SER F 320 -45.47 27.74 1.66
C SER F 320 -45.20 26.74 2.79
N ILE F 321 -44.14 25.94 2.63
CA ILE F 321 -43.72 24.96 3.65
C ILE F 321 -43.30 25.66 4.95
N LEU F 322 -42.48 26.70 4.83
CA LEU F 322 -42.07 27.49 5.98
C LEU F 322 -43.28 28.13 6.64
N GLU F 323 -44.21 28.59 5.81
CA GLU F 323 -45.46 29.20 6.26
C GLU F 323 -46.31 28.16 7.00
N MSE F 324 -46.27 26.92 6.52
CA MSE F 324 -47.01 25.80 7.12
C MSE F 324 -46.51 25.47 8.50
O MSE F 324 -47.21 24.82 9.29
CB MSE F 324 -46.85 24.60 6.20
CG MSE F 324 -47.99 23.58 6.28
SE MSE F 324 -47.18 21.89 5.73
CE MSE F 324 -47.33 22.06 3.77
N TYR F 325 -45.28 25.87 8.79
CA TYR F 325 -44.71 25.81 10.14
C TYR F 325 -44.75 27.23 10.66
N GLY F 326 -44.21 27.49 11.84
CA GLY F 326 -44.27 28.84 12.43
C GLY F 326 -43.07 29.72 12.10
N VAL F 327 -42.42 29.43 10.96
CA VAL F 327 -41.05 29.86 10.73
C VAL F 327 -40.94 30.98 9.70
N SER F 328 -39.92 31.82 9.89
CA SER F 328 -39.67 32.96 9.01
C SER F 328 -38.19 33.03 8.67
N PHE F 329 -37.88 33.64 7.53
CA PHE F 329 -36.53 33.65 7.00
C PHE F 329 -36.04 35.07 6.79
N GLU F 330 -34.73 35.27 6.95
CA GLU F 330 -34.12 36.58 6.73
C GLU F 330 -33.76 36.81 5.27
N HIS F 331 -33.25 35.77 4.61
CA HIS F 331 -32.78 35.89 3.22
C HIS F 331 -32.96 34.63 2.41
N MSE F 332 -33.24 34.81 1.13
CA MSE F 332 -33.34 33.69 0.19
C MSE F 332 -32.39 33.89 -0.97
O MSE F 332 -32.82 34.16 -2.10
CB MSE F 332 -34.79 33.53 -0.26
CG MSE F 332 -35.02 32.14 -0.85
SE MSE F 332 -36.69 32.06 -1.87
CE MSE F 332 -36.25 33.39 -3.25
N PRO F 333 -31.08 33.71 -0.73
CA PRO F 333 -30.11 33.72 -1.83
C PRO F 333 -30.41 32.63 -2.85
N SER F 334 -30.47 33.03 -4.12
CA SER F 334 -30.74 32.10 -5.21
C SER F 334 -29.52 32.04 -6.11
N GLY F 335 -29.39 30.93 -6.82
CA GLY F 335 -28.27 30.71 -7.72
C GLY F 335 -28.81 30.14 -9.00
N VAL F 336 -27.95 29.47 -9.76
CA VAL F 336 -28.38 28.95 -11.06
C VAL F 336 -29.45 27.88 -10.89
N ASP F 337 -29.07 26.76 -10.27
CA ASP F 337 -30.01 25.70 -9.98
C ASP F 337 -29.95 25.41 -8.49
N SER F 338 -30.01 26.48 -7.71
CA SER F 338 -29.89 26.37 -6.28
C SER F 338 -30.63 27.52 -5.60
N VAL F 339 -31.18 27.24 -4.44
CA VAL F 339 -31.84 28.25 -3.66
C VAL F 339 -31.56 27.92 -2.21
N SER F 340 -31.13 28.93 -1.46
CA SER F 340 -30.74 28.71 -0.08
C SER F 340 -31.64 29.51 0.82
N LEU F 341 -31.86 28.99 2.03
CA LEU F 341 -32.67 29.66 3.03
C LEU F 341 -31.77 30.10 4.17
N VAL F 342 -31.93 31.35 4.62
CA VAL F 342 -31.26 31.82 5.84
C VAL F 342 -32.30 31.99 6.93
N ILE F 343 -32.22 31.16 7.97
CA ILE F 343 -33.19 31.17 9.08
C ILE F 343 -32.48 31.27 10.42
N GLU F 344 -33.10 31.95 11.37
CA GLU F 344 -32.57 32.03 12.73
C GLU F 344 -32.82 30.70 13.45
N ASP F 345 -31.83 30.26 14.23
CA ASP F 345 -31.85 28.92 14.84
C ASP F 345 -33.04 28.70 15.76
N CYS F 346 -33.33 29.68 16.62
CA CYS F 346 -34.45 29.59 17.55
C CYS F 346 -35.75 29.35 16.78
N LYS F 347 -35.97 30.12 15.72
CA LYS F 347 -37.11 29.94 14.83
C LYS F 347 -37.17 28.52 14.28
N LEU F 348 -36.02 27.99 13.90
CA LEU F 348 -35.91 26.67 13.31
C LEU F 348 -35.93 25.54 14.35
N ASP F 349 -35.69 25.89 15.61
CA ASP F 349 -35.44 24.92 16.67
C ASP F 349 -36.57 23.90 16.83
N GLY F 350 -36.24 22.64 16.61
CA GLY F 350 -37.20 21.55 16.76
C GLY F 350 -37.99 21.20 15.51
N LYS F 351 -38.00 22.10 14.52
CA LYS F 351 -38.80 21.90 13.30
C LYS F 351 -37.96 21.45 12.09
N CYS F 352 -36.64 21.58 12.18
CA CYS F 352 -35.78 21.48 11.00
C CYS F 352 -35.93 20.17 10.20
N ASP F 353 -35.79 19.05 10.90
CA ASP F 353 -35.80 17.74 10.25
C ASP F 353 -37.07 17.53 9.46
N LYS F 354 -38.20 17.82 10.09
CA LYS F 354 -39.52 17.71 9.42
C LYS F 354 -39.67 18.69 8.25
N ILE F 355 -39.18 19.92 8.41
CA ILE F 355 -39.15 20.88 7.31
C ILE F 355 -38.41 20.28 6.11
N ILE F 356 -37.19 19.79 6.35
CA ILE F 356 -36.37 19.23 5.29
C ILE F 356 -37.04 18.03 4.62
N GLU F 357 -37.73 17.20 5.40
CA GLU F 357 -38.37 16.01 4.86
C GLU F 357 -39.61 16.38 4.01
N GLU F 358 -40.25 17.50 4.34
CA GLU F 358 -41.34 18.05 3.52
C GLU F 358 -40.81 18.61 2.20
N ILE F 359 -39.80 19.48 2.27
CA ILE F 359 -39.24 20.07 1.06
C ILE F 359 -38.62 18.98 0.20
N LYS F 360 -38.26 17.86 0.83
CA LYS F 360 -37.83 16.69 0.08
C LYS F 360 -39.05 16.05 -0.58
N LYS F 361 -40.15 15.94 0.16
CA LYS F 361 -41.40 15.38 -0.38
C LYS F 361 -42.02 16.23 -1.50
N GLN F 362 -42.15 17.53 -1.26
CA GLN F 362 -42.75 18.44 -2.23
C GLN F 362 -41.83 18.73 -3.44
N CYS F 363 -40.69 19.37 -3.20
CA CYS F 363 -39.85 19.87 -4.30
C CYS F 363 -38.89 18.83 -4.88
N ASN F 364 -38.61 17.78 -4.10
CA ASN F 364 -37.81 16.64 -4.57
C ASN F 364 -36.45 17.05 -5.16
N PRO F 365 -35.60 17.72 -4.36
CA PRO F 365 -34.36 18.29 -4.87
C PRO F 365 -33.27 17.25 -5.09
N ASP F 366 -32.17 17.66 -5.73
CA ASP F 366 -30.99 16.80 -5.89
C ASP F 366 -30.18 16.75 -4.60
N SER F 367 -30.24 17.82 -3.83
CA SER F 367 -29.41 17.98 -2.65
C SER F 367 -29.99 18.98 -1.65
N ILE F 368 -30.00 18.60 -0.37
CA ILE F 368 -30.30 19.50 0.73
C ILE F 368 -29.20 19.37 1.78
N GLU F 369 -28.67 20.49 2.24
CA GLU F 369 -27.58 20.51 3.22
C GLU F 369 -27.82 21.59 4.25
N ILE F 370 -27.90 21.22 5.51
CA ILE F 370 -27.99 22.18 6.60
C ILE F 370 -26.58 22.69 6.93
N HIS F 371 -26.32 23.98 6.69
CA HIS F 371 -25.06 24.61 7.11
C HIS F 371 -25.32 25.56 8.24
N PRO F 372 -25.15 25.09 9.49
CA PRO F 372 -25.44 25.90 10.66
C PRO F 372 -24.24 26.80 11.02
N ASN F 373 -24.35 27.49 12.16
CA ASN F 373 -23.34 28.41 12.65
C ASN F 373 -23.11 29.57 11.67
N MSE F 374 -24.05 30.50 11.62
CA MSE F 374 -23.85 31.74 10.87
C MSE F 374 -24.36 32.91 11.65
O MSE F 374 -25.34 32.79 12.39
CB MSE F 374 -24.52 31.72 9.50
CG MSE F 374 -23.76 32.68 8.59
SE MSE F 374 -24.53 32.90 6.79
CE MSE F 374 -26.00 34.14 7.21
N ALA F 375 -23.69 34.04 11.52
CA ALA F 375 -24.13 35.32 12.09
C ALA F 375 -24.29 36.34 10.98
N LEU F 376 -25.09 37.36 11.23
CA LEU F 376 -25.44 38.36 10.23
C LEU F 376 -25.07 39.76 10.70
N VAL F 377 -24.27 40.46 9.91
CA VAL F 377 -23.79 41.79 10.27
C VAL F 377 -24.39 42.85 9.36
N ALA F 378 -25.46 43.50 9.84
CA ALA F 378 -26.04 44.64 9.13
C ALA F 378 -25.14 45.85 9.34
N THR F 379 -24.63 46.42 8.25
CA THR F 379 -23.91 47.70 8.31
C THR F 379 -24.69 48.72 7.46
N VAL F 380 -25.19 49.75 8.13
CA VAL F 380 -26.25 50.60 7.59
C VAL F 380 -25.86 52.08 7.58
N GLY F 381 -26.48 52.85 6.69
CA GLY F 381 -26.32 54.30 6.66
C GLY F 381 -26.94 54.93 5.42
N THR F 382 -27.67 56.03 5.61
CA THR F 382 -28.25 56.76 4.48
C THR F 382 -27.16 57.39 3.62
N GLY F 383 -25.97 57.57 4.20
CA GLY F 383 -24.80 58.04 3.47
C GLY F 383 -24.26 57.08 2.41
N MSE F 384 -24.31 55.79 2.69
CA MSE F 384 -23.69 54.79 1.81
C MSE F 384 -24.45 54.56 0.50
O MSE F 384 -23.97 53.83 -0.36
CB MSE F 384 -23.39 53.47 2.53
CG MSE F 384 -24.47 52.95 3.48
SE MSE F 384 -24.12 51.07 3.98
CE MSE F 384 -23.32 51.34 5.75
N ALA F 385 -25.62 55.19 0.34
CA ALA F 385 -26.40 55.06 -0.91
C ALA F 385 -25.73 55.80 -2.07
N LYS F 386 -25.71 55.15 -3.25
CA LYS F 386 -25.07 55.69 -4.44
C LYS F 386 -23.69 56.26 -4.11
N THR F 387 -22.81 55.38 -3.64
CA THR F 387 -21.49 55.78 -3.13
C THR F 387 -20.43 54.75 -3.51
N LYS F 388 -19.63 55.07 -4.51
CA LYS F 388 -18.63 54.15 -5.07
C LYS F 388 -17.61 53.67 -4.04
N GLY F 389 -17.35 52.37 -4.03
CA GLY F 389 -16.33 51.78 -3.15
C GLY F 389 -16.87 51.19 -1.86
N ILE F 390 -18.03 51.67 -1.40
CA ILE F 390 -18.62 51.26 -0.11
C ILE F 390 -18.56 49.75 0.12
N ALA F 391 -19.26 48.98 -0.72
CA ALA F 391 -19.28 47.52 -0.59
C ALA F 391 -17.85 46.96 -0.49
N ASN F 392 -17.00 47.36 -1.42
CA ASN F 392 -15.61 46.91 -1.46
C ASN F 392 -14.81 47.34 -0.23
N LYS F 393 -15.09 48.54 0.26
CA LYS F 393 -14.48 49.02 1.50
C LYS F 393 -14.67 47.97 2.60
N ILE F 394 -15.92 47.52 2.75
CA ILE F 394 -16.28 46.59 3.82
C ILE F 394 -15.55 45.26 3.69
N PHE F 395 -15.55 44.71 2.49
CA PHE F 395 -15.01 43.38 2.25
C PHE F 395 -13.49 43.33 2.43
N THR F 396 -12.82 44.47 2.21
CA THR F 396 -11.37 44.56 2.41
C THR F 396 -11.02 44.46 3.90
N ALA F 397 -11.85 45.08 4.75
CA ALA F 397 -11.69 44.96 6.18
C ALA F 397 -11.67 43.50 6.59
N LEU F 398 -12.64 42.74 6.07
CA LEU F 398 -12.84 41.35 6.44
C LEU F 398 -11.79 40.41 5.85
N SER F 399 -11.06 40.88 4.84
CA SER F 399 -9.86 40.18 4.38
C SER F 399 -8.69 40.50 5.31
N LYS F 400 -8.61 41.75 5.75
CA LYS F 400 -7.52 42.21 6.61
C LYS F 400 -7.44 41.43 7.92
N GLU F 401 -8.59 41.27 8.58
CA GLU F 401 -8.69 40.44 9.78
C GLU F 401 -8.97 38.96 9.46
N ASN F 402 -9.12 38.65 8.16
CA ASN F 402 -9.15 37.26 7.68
C ASN F 402 -10.43 36.51 8.05
N VAL F 403 -11.56 37.22 8.04
CA VAL F 403 -12.85 36.63 8.41
C VAL F 403 -13.52 36.01 7.16
N ASN F 404 -13.80 34.71 7.25
CA ASN F 404 -14.41 33.96 6.14
C ASN F 404 -15.85 34.41 5.87
N ILE F 405 -16.07 34.97 4.67
CA ILE F 405 -17.38 35.52 4.30
C ILE F 405 -18.22 34.45 3.61
N ARG F 406 -19.46 34.27 4.09
CA ARG F 406 -20.34 33.22 3.60
C ARG F 406 -21.48 33.75 2.75
N MSE F 407 -22.03 34.91 3.11
CA MSE F 407 -23.13 35.54 2.36
C MSE F 407 -22.85 37.00 2.15
O MSE F 407 -22.33 37.67 3.05
CB MSE F 407 -24.45 35.39 3.13
CG MSE F 407 -25.67 35.88 2.36
SE MSE F 407 -27.25 35.89 3.54
CE MSE F 407 -27.46 37.81 3.78
N ILE F 408 -23.18 37.50 0.97
CA ILE F 408 -23.10 38.94 0.66
C ILE F 408 -24.39 39.37 -0.02
N ASP F 409 -25.19 40.17 0.69
CA ASP F 409 -26.47 40.63 0.17
C ASP F 409 -26.54 42.14 0.23
N GLN F 410 -26.47 42.77 -0.94
CA GLN F 410 -26.83 44.17 -1.11
C GLN F 410 -27.76 44.30 -2.32
N GLY F 411 -28.91 44.93 -2.11
CA GLY F 411 -29.95 45.03 -3.13
C GLY F 411 -31.33 45.21 -2.54
N SER F 412 -31.59 44.57 -1.40
CA SER F 412 -32.86 44.71 -0.70
C SER F 412 -33.11 46.15 -0.27
N SER F 413 -32.03 46.86 0.05
CA SER F 413 -32.10 48.28 0.40
C SER F 413 -30.81 49.01 0.01
N GLU F 414 -30.95 50.28 -0.34
CA GLU F 414 -29.81 51.11 -0.76
C GLU F 414 -28.97 51.60 0.42
N ILE F 415 -29.63 51.87 1.54
CA ILE F 415 -28.95 52.45 2.71
C ILE F 415 -28.20 51.42 3.57
N ASN F 416 -27.87 50.26 3.00
CA ASN F 416 -27.53 49.10 3.81
C ASN F 416 -26.74 48.01 3.06
N VAL F 417 -25.90 47.29 3.80
CA VAL F 417 -25.12 46.17 3.28
C VAL F 417 -25.02 45.09 4.34
N ILE F 418 -25.73 43.99 4.14
CA ILE F 418 -25.74 42.90 5.10
C ILE F 418 -24.69 41.88 4.65
N VAL F 419 -24.03 41.27 5.63
CA VAL F 419 -22.94 40.34 5.38
C VAL F 419 -23.03 39.15 6.31
N GLY F 420 -23.03 37.94 5.74
CA GLY F 420 -23.04 36.72 6.54
C GLY F 420 -21.63 36.21 6.79
N VAL F 421 -21.34 35.81 8.02
CA VAL F 421 -20.02 35.28 8.38
C VAL F 421 -20.16 34.14 9.39
N GLU F 422 -19.07 33.39 9.58
CA GLU F 422 -19.07 32.30 10.55
C GLU F 422 -19.28 32.88 11.94
N THR F 423 -20.00 32.15 12.79
CA THR F 423 -20.43 32.66 14.09
C THR F 423 -19.24 33.06 14.97
N VAL F 424 -18.16 32.30 14.88
CA VAL F 424 -16.97 32.59 15.69
C VAL F 424 -16.31 33.91 15.28
N ASP F 425 -16.53 34.36 14.05
CA ASP F 425 -15.96 35.62 13.55
C ASP F 425 -16.84 36.85 13.79
N PHE F 426 -17.97 36.69 14.46
CA PHE F 426 -18.94 37.76 14.66
C PHE F 426 -18.30 39.04 15.22
N GLU F 427 -17.78 38.96 16.44
CA GLU F 427 -17.20 40.11 17.13
C GLU F 427 -16.08 40.70 16.30
N LYS F 428 -15.24 39.81 15.76
CA LYS F 428 -14.13 40.20 14.91
C LYS F 428 -14.59 41.07 13.75
N ALA F 429 -15.57 40.57 12.99
CA ALA F 429 -16.11 41.27 11.85
C ALA F 429 -16.52 42.71 12.19
N VAL F 430 -17.43 42.85 13.15
CA VAL F 430 -17.97 44.16 13.51
C VAL F 430 -16.87 45.12 13.99
N LYS F 431 -15.89 44.57 14.71
CA LYS F 431 -14.74 45.35 15.13
C LYS F 431 -14.08 45.98 13.90
N SER F 432 -13.75 45.14 12.92
CA SER F 432 -13.06 45.58 11.71
C SER F 432 -13.93 46.45 10.81
N ILE F 433 -15.24 46.30 10.89
CA ILE F 433 -16.16 47.13 10.12
C ILE F 433 -16.30 48.50 10.78
N TYR F 434 -16.47 48.53 12.09
CA TYR F 434 -16.55 49.79 12.82
C TYR F 434 -15.23 50.55 12.70
N ASN F 435 -14.12 49.82 12.76
CA ASN F 435 -12.80 50.42 12.56
C ASN F 435 -12.60 50.96 11.14
N ALA F 436 -13.35 50.45 10.18
CA ALA F 436 -13.27 50.92 8.79
C ALA F 436 -13.83 52.34 8.61
N PHE F 437 -14.96 52.63 9.25
CA PHE F 437 -15.58 53.97 9.21
C PHE F 437 -14.84 55.00 10.08
N ASN F 438 -14.32 54.54 11.22
CA ASN F 438 -13.49 55.37 12.10
C ASN F 438 -12.05 54.84 12.10
N GLU F 439 -11.23 55.33 11.17
CA GLU F 439 -9.89 54.79 10.95
C GLU F 439 -9.00 54.93 12.19
N GLY F 440 -8.97 53.87 13.01
CA GLY F 440 -8.23 53.88 14.27
C GLY F 440 -8.94 54.70 15.34
N SER G 1 -66.56 -12.86 30.55
CA SER G 1 -65.45 -13.38 31.41
C SER G 1 -64.10 -13.41 30.68
N LEU G 2 -64.13 -13.57 29.35
CA LEU G 2 -62.96 -13.30 28.52
C LEU G 2 -63.04 -11.91 27.91
N LYS G 3 -64.24 -11.32 27.88
CA LYS G 3 -64.43 -9.98 27.32
C LYS G 3 -63.69 -8.98 28.18
N ILE G 4 -62.99 -8.05 27.54
CA ILE G 4 -62.26 -7.01 28.24
C ILE G 4 -62.93 -5.69 27.89
N VAL G 5 -63.44 -4.99 28.89
CA VAL G 5 -64.16 -3.75 28.68
C VAL G 5 -63.46 -2.60 29.39
N VAL G 6 -62.88 -1.69 28.60
CA VAL G 6 -62.27 -0.49 29.17
C VAL G 6 -63.35 0.56 29.32
N THR G 7 -63.37 1.23 30.46
CA THR G 7 -64.34 2.28 30.75
C THR G 7 -63.66 3.64 30.92
N LYS G 8 -64.31 4.71 30.45
CA LYS G 8 -63.87 6.08 30.71
C LYS G 8 -65.01 6.88 31.32
N PHE G 9 -64.72 7.63 32.37
CA PHE G 9 -65.71 8.39 33.10
C PHE G 9 -65.38 9.85 33.04
N GLY G 10 -66.32 10.63 32.52
CA GLY G 10 -66.09 12.04 32.26
C GLY G 10 -66.23 12.93 33.48
N GLY G 11 -66.03 14.24 33.25
CA GLY G 11 -66.11 15.21 34.29
C GLY G 11 -67.38 15.09 35.08
N SER G 12 -68.51 15.15 34.39
CA SER G 12 -69.82 15.11 35.03
C SER G 12 -70.03 13.80 35.75
N SER G 13 -69.50 12.72 35.19
CA SER G 13 -69.59 11.41 35.83
C SER G 13 -68.82 11.29 37.14
N LEU G 14 -67.94 12.25 37.42
CA LEU G 14 -67.22 12.27 38.69
C LEU G 14 -67.27 13.64 39.37
N ALA G 15 -68.36 14.37 39.17
CA ALA G 15 -68.45 15.74 39.68
C ALA G 15 -68.50 15.82 41.21
N ASP G 16 -68.99 14.77 41.87
CA ASP G 16 -69.06 14.76 43.34
C ASP G 16 -69.17 13.36 43.95
N SER G 17 -69.35 13.28 45.27
CA SER G 17 -69.39 11.99 45.96
C SER G 17 -70.47 11.08 45.42
N ASN G 18 -71.67 11.59 45.27
CA ASN G 18 -72.78 10.80 44.76
C ASN G 18 -72.43 10.13 43.42
N GLN G 19 -71.81 10.90 42.53
CA GLN G 19 -71.46 10.42 41.19
C GLN G 19 -70.38 9.32 41.22
N PHE G 20 -69.45 9.42 42.16
CA PHE G 20 -68.52 8.32 42.35
C PHE G 20 -69.29 7.06 42.68
N LYS G 21 -70.33 7.19 43.50
CA LYS G 21 -71.10 6.03 43.95
C LYS G 21 -71.69 5.35 42.73
N LYS G 22 -72.22 6.14 41.81
CA LYS G 22 -72.81 5.58 40.60
C LYS G 22 -71.74 4.76 39.86
N VAL G 23 -70.56 5.36 39.66
CA VAL G 23 -69.43 4.70 39.01
C VAL G 23 -69.05 3.36 39.68
N LYS G 24 -68.94 3.34 41.00
CA LYS G 24 -68.66 2.07 41.72
C LYS G 24 -69.74 1.02 41.41
N GLY G 25 -70.99 1.46 41.39
CA GLY G 25 -72.07 0.60 40.94
C GLY G 25 -71.82 0.13 39.53
N ILE G 26 -71.46 1.06 38.66
CA ILE G 26 -71.32 0.73 37.25
C ILE G 26 -70.15 -0.24 37.02
N ILE G 27 -69.07 -0.12 37.80
CA ILE G 27 -67.95 -1.03 37.62
C ILE G 27 -68.25 -2.38 38.23
N ASP G 28 -68.38 -2.43 39.55
CA ASP G 28 -68.52 -3.73 40.22
C ASP G 28 -69.66 -4.61 39.66
N SER G 29 -70.61 -4.02 38.95
CA SER G 29 -71.71 -4.79 38.35
C SER G 29 -71.40 -5.45 37.01
N ASP G 30 -70.12 -5.57 36.66
CA ASP G 30 -69.72 -6.29 35.47
C ASP G 30 -68.21 -6.53 35.57
N ALA G 31 -67.83 -7.77 35.90
CA ALA G 31 -66.43 -8.13 36.08
C ALA G 31 -65.58 -7.81 34.84
N ASN G 32 -66.22 -7.71 33.67
CA ASN G 32 -65.50 -7.46 32.42
C ASN G 32 -64.98 -6.03 32.32
N ARG G 33 -65.47 -5.13 33.18
CA ARG G 33 -64.97 -3.75 33.25
C ARG G 33 -63.68 -3.67 34.07
N LYS G 34 -62.57 -3.96 33.40
CA LYS G 34 -61.29 -4.15 34.09
C LYS G 34 -60.49 -2.86 34.25
N TYR G 35 -60.49 -2.01 33.22
CA TYR G 35 -59.57 -0.89 33.21
C TYR G 35 -60.33 0.44 33.13
N ILE G 36 -60.18 1.24 34.18
CA ILE G 36 -60.95 2.46 34.38
C ILE G 36 -60.05 3.67 34.13
N ILE G 37 -60.63 4.72 33.54
CA ILE G 37 -59.89 5.91 33.15
C ILE G 37 -60.76 7.12 33.51
N PRO G 38 -60.38 7.87 34.55
CA PRO G 38 -61.23 8.98 34.98
C PRO G 38 -60.76 10.35 34.52
N SER G 39 -61.70 11.21 34.18
CA SER G 39 -61.44 12.64 34.02
C SER G 39 -61.33 13.26 35.39
N ALA G 40 -60.75 14.46 35.44
CA ALA G 40 -60.83 15.31 36.64
C ALA G 40 -62.28 15.71 36.84
N PRO G 41 -62.65 16.05 38.08
CA PRO G 41 -64.05 16.30 38.44
C PRO G 41 -64.66 17.50 37.71
N GLY G 42 -65.86 17.31 37.18
CA GLY G 42 -66.53 18.34 36.41
C GLY G 42 -67.25 19.39 37.26
N LYS G 43 -67.72 20.43 36.57
CA LYS G 43 -68.48 21.48 37.21
C LYS G 43 -69.73 20.87 37.80
N ARG G 44 -70.00 21.18 39.07
CA ARG G 44 -71.17 20.65 39.75
C ARG G 44 -72.40 21.39 39.25
N THR G 45 -72.31 22.71 39.19
CA THR G 45 -73.35 23.55 38.60
C THR G 45 -72.79 24.34 37.42
N ASN G 46 -73.63 25.18 36.85
CA ASN G 46 -73.25 26.03 35.72
C ASN G 46 -72.31 27.18 36.14
N LYS G 47 -72.60 27.81 37.28
CA LYS G 47 -71.75 28.88 37.80
C LYS G 47 -70.46 28.35 38.40
N ASP G 48 -70.43 27.08 38.77
CA ASP G 48 -69.31 26.47 39.51
C ASP G 48 -67.92 26.65 38.86
N TYR G 49 -66.89 26.65 39.70
CA TYR G 49 -65.50 26.62 39.25
C TYR G 49 -65.09 25.23 38.79
N LYS G 50 -64.01 25.15 38.01
CA LYS G 50 -63.58 23.90 37.39
C LYS G 50 -62.14 23.55 37.83
N ILE G 51 -62.00 22.40 38.49
CA ILE G 51 -60.70 22.00 39.04
C ILE G 51 -59.54 22.23 38.06
N THR G 52 -59.66 21.67 36.85
CA THR G 52 -58.59 21.81 35.88
C THR G 52 -58.21 23.27 35.64
N ASP G 53 -59.22 24.14 35.57
CA ASP G 53 -58.94 25.55 35.32
C ASP G 53 -58.24 26.16 36.53
N LEU G 54 -58.75 25.85 37.73
CA LEU G 54 -58.09 26.27 38.97
C LEU G 54 -56.62 25.83 39.04
N LEU G 55 -56.31 24.67 38.48
CA LEU G 55 -54.92 24.21 38.44
C LEU G 55 -54.08 25.05 37.48
N TYR G 56 -54.61 25.38 36.29
CA TYR G 56 -53.90 26.32 35.41
C TYR G 56 -53.76 27.67 36.10
N LEU G 57 -54.71 28.02 36.97
CA LEU G 57 -54.67 29.30 37.69
C LEU G 57 -53.49 29.35 38.66
N CYS G 58 -53.27 28.26 39.39
CA CYS G 58 -52.11 28.16 40.28
C CYS G 58 -50.81 28.33 39.51
N ASN G 59 -50.70 27.65 38.38
CA ASN G 59 -49.54 27.79 37.54
C ASN G 59 -49.36 29.25 37.13
N ALA G 60 -50.48 29.92 36.79
CA ALA G 60 -50.43 31.33 36.42
C ALA G 60 -49.82 32.12 37.58
N HIS G 61 -50.42 31.99 38.75
CA HIS G 61 -49.87 32.56 39.96
C HIS G 61 -48.38 32.36 40.03
N VAL G 62 -47.96 31.10 39.91
CA VAL G 62 -46.53 30.77 40.02
C VAL G 62 -45.67 31.53 39.02
N LYS G 63 -46.19 31.73 37.81
CA LYS G 63 -45.48 32.52 36.79
C LYS G 63 -45.42 34.03 37.12
N ASN G 64 -46.24 34.50 38.06
CA ASN G 64 -46.17 35.90 38.49
C ASN G 64 -45.37 36.10 39.77
N GLY G 65 -44.88 35.00 40.34
CA GLY G 65 -44.12 35.08 41.60
C GLY G 65 -45.01 35.25 42.81
N ILE G 66 -46.30 34.97 42.63
CA ILE G 66 -47.32 35.16 43.66
C ILE G 66 -47.64 33.80 44.28
N PRO G 67 -47.93 33.78 45.61
CA PRO G 67 -48.45 32.55 46.22
C PRO G 67 -49.91 32.35 45.87
N PHE G 68 -50.38 31.10 45.87
CA PHE G 68 -51.74 30.79 45.40
C PHE G 68 -52.59 30.05 46.45
N ASP G 69 -52.31 30.27 47.73
CA ASP G 69 -52.83 29.40 48.79
C ASP G 69 -54.35 29.29 48.78
N ASP G 70 -55.01 30.42 48.60
CA ASP G 70 -56.48 30.49 48.62
C ASP G 70 -57.12 29.72 47.47
N VAL G 71 -56.54 29.84 46.28
CA VAL G 71 -57.04 29.11 45.13
C VAL G 71 -56.97 27.63 45.42
N PHE G 72 -55.82 27.17 45.92
CA PHE G 72 -55.63 25.75 46.22
C PHE G 72 -56.48 25.29 47.40
N LYS G 73 -56.68 26.17 48.38
CA LYS G 73 -57.64 25.92 49.45
C LYS G 73 -58.87 25.31 48.82
N LEU G 74 -59.34 25.93 47.75
CA LEU G 74 -60.51 25.42 47.02
C LEU G 74 -60.29 24.03 46.45
N ILE G 75 -59.19 23.84 45.75
CA ILE G 75 -58.91 22.55 45.13
C ILE G 75 -58.84 21.43 46.17
N SER G 76 -58.22 21.70 47.31
CA SER G 76 -58.06 20.65 48.33
C SER G 76 -59.35 20.42 49.09
N GLN G 77 -60.15 21.46 49.26
CA GLN G 77 -61.47 21.32 49.87
C GLN G 77 -62.31 20.38 49.03
N ARG G 78 -62.26 20.61 47.73
CA ARG G 78 -63.01 19.85 46.74
C ARG G 78 -62.78 18.34 46.86
N TYR G 79 -61.52 17.94 46.82
CA TYR G 79 -61.17 16.51 46.87
C TYR G 79 -61.35 15.92 48.27
N THR G 80 -60.94 16.64 49.30
CA THR G 80 -61.08 16.14 50.68
C THR G 80 -62.54 15.82 50.99
N GLU G 81 -63.46 16.67 50.54
CA GLU G 81 -64.90 16.38 50.70
C GLU G 81 -65.29 15.02 50.14
N ILE G 82 -64.93 14.78 48.89
CA ILE G 82 -65.23 13.52 48.17
C ILE G 82 -64.76 12.29 48.93
N VAL G 83 -63.48 12.28 49.29
CA VAL G 83 -62.88 11.15 49.99
C VAL G 83 -63.48 11.00 51.39
N SER G 84 -63.79 12.14 52.00
CA SER G 84 -64.45 12.14 53.30
C SER G 84 -65.85 11.53 53.16
N GLU G 85 -66.64 12.10 52.26
CA GLU G 85 -68.02 11.66 52.04
C GLU G 85 -68.10 10.18 51.66
N LEU G 86 -67.25 9.74 50.74
CA LEU G 86 -67.18 8.31 50.36
C LEU G 86 -66.58 7.42 51.44
N ASN G 87 -66.04 8.03 52.50
CA ASN G 87 -65.49 7.29 53.63
C ASN G 87 -64.39 6.29 53.20
N ILE G 88 -63.33 6.80 52.60
CA ILE G 88 -62.24 5.96 52.08
C ILE G 88 -61.08 6.01 53.06
N ASP G 89 -60.49 4.86 53.37
CA ASP G 89 -59.35 4.81 54.27
C ASP G 89 -58.11 5.30 53.55
N MSE G 90 -57.96 6.63 53.47
CA MSE G 90 -56.80 7.22 52.79
C MSE G 90 -56.45 8.61 53.25
O MSE G 90 -57.31 9.38 53.68
CB MSE G 90 -57.00 7.17 51.28
CG MSE G 90 -57.93 8.24 50.73
SE MSE G 90 -57.90 8.15 48.77
CE MSE G 90 -56.06 8.77 48.41
N ASP G 91 -55.16 8.92 53.17
CA ASP G 91 -54.64 10.23 53.49
C ASP G 91 -54.50 11.00 52.19
N ILE G 92 -55.58 11.63 51.76
CA ILE G 92 -55.55 12.44 50.55
C ILE G 92 -54.64 13.65 50.76
N ALA G 93 -54.62 14.19 51.98
CA ALA G 93 -53.73 15.30 52.33
C ALA G 93 -52.33 15.04 51.77
N TYR G 94 -51.79 13.88 52.09
CA TYR G 94 -50.49 13.46 51.57
C TYR G 94 -50.33 13.87 50.11
N TYR G 95 -51.26 13.40 49.28
CA TYR G 95 -51.24 13.68 47.85
C TYR G 95 -51.45 15.13 47.54
N LEU G 96 -52.45 15.76 48.15
CA LEU G 96 -52.72 17.18 47.89
C LEU G 96 -51.50 18.05 48.23
N GLU G 97 -50.81 17.73 49.31
CA GLU G 97 -49.65 18.51 49.72
C GLU G 97 -48.58 18.44 48.66
N LYS G 98 -48.23 17.20 48.28
CA LYS G 98 -47.27 16.95 47.21
C LYS G 98 -47.51 17.85 45.99
N VAL G 99 -48.76 17.92 45.54
CA VAL G 99 -49.09 18.65 44.33
C VAL G 99 -48.88 20.13 44.50
N LYS G 100 -49.37 20.69 45.59
CA LYS G 100 -49.19 22.11 45.86
C LYS G 100 -47.69 22.39 45.80
N LYS G 101 -46.92 21.72 46.66
CA LYS G 101 -45.47 21.84 46.67
C LYS G 101 -44.92 21.97 45.25
N ASN G 102 -45.16 20.96 44.44
CA ASN G 102 -44.57 20.87 43.11
C ASN G 102 -44.98 21.99 42.19
N ILE G 103 -46.25 22.38 42.24
CA ILE G 103 -46.74 23.49 41.45
C ILE G 103 -46.03 24.76 41.90
N GLU G 104 -45.89 24.94 43.22
CA GLU G 104 -45.27 26.16 43.75
C GLU G 104 -43.74 26.21 43.64
N ASN G 105 -43.13 25.11 43.18
CA ASN G 105 -41.69 25.05 42.98
C ASN G 105 -41.30 24.92 41.51
N GLY G 106 -42.19 25.30 40.60
CA GLY G 106 -41.81 25.47 39.19
C GLY G 106 -42.23 24.40 38.20
N ALA G 107 -42.89 23.34 38.66
CA ALA G 107 -43.43 22.34 37.75
C ALA G 107 -44.25 23.00 36.63
N SER G 108 -44.23 22.38 35.46
CA SER G 108 -44.97 22.89 34.31
C SER G 108 -46.47 22.90 34.52
N SER G 109 -47.15 23.73 33.73
CA SER G 109 -48.62 23.76 33.70
C SER G 109 -49.17 22.40 33.27
N ASP G 110 -48.54 21.77 32.29
CA ASP G 110 -48.97 20.43 31.88
C ASP G 110 -49.12 19.54 33.10
N TYR G 111 -48.10 19.53 33.95
CA TYR G 111 -48.19 18.86 35.25
C TYR G 111 -49.38 19.39 36.09
N ALA G 112 -49.48 20.71 36.23
CA ALA G 112 -50.57 21.33 37.01
C ALA G 112 -51.93 20.84 36.55
N ALA G 113 -52.16 20.99 35.24
CA ALA G 113 -53.42 20.55 34.61
C ALA G 113 -53.68 19.06 34.86
N SER G 114 -52.63 18.26 34.76
CA SER G 114 -52.76 16.81 34.84
C SER G 114 -53.14 16.28 36.21
N ARG G 115 -52.95 17.07 37.27
CA ARG G 115 -53.17 16.56 38.63
C ARG G 115 -54.64 16.35 38.95
N GLY G 116 -55.52 17.08 38.27
CA GLY G 116 -56.96 16.86 38.38
C GLY G 116 -57.32 15.40 38.16
N GLU G 117 -56.78 14.81 37.11
CA GLU G 117 -57.10 13.43 36.75
C GLU G 117 -56.24 12.47 37.56
N TYR G 118 -55.03 12.88 37.88
CA TYR G 118 -54.12 12.06 38.67
C TYR G 118 -54.69 11.86 40.07
N LEU G 119 -55.20 12.94 40.66
CA LEU G 119 -55.78 12.85 41.99
C LEU G 119 -57.00 11.91 41.97
N ASN G 120 -57.86 12.09 40.98
CA ASN G 120 -59.04 11.22 40.83
C ASN G 120 -58.67 9.76 40.67
N GLY G 121 -57.54 9.53 40.02
CA GLY G 121 -57.07 8.17 39.75
C GLY G 121 -56.62 7.45 41.01
N VAL G 122 -55.94 8.17 41.89
CA VAL G 122 -55.43 7.62 43.14
C VAL G 122 -56.58 7.33 44.09
N ILE G 123 -57.62 8.18 44.07
CA ILE G 123 -58.81 7.97 44.88
C ILE G 123 -59.52 6.70 44.39
N LEU G 124 -59.84 6.67 43.10
CA LEU G 124 -60.61 5.57 42.51
C LEU G 124 -59.91 4.22 42.64
N ALA G 125 -58.58 4.22 42.51
CA ALA G 125 -57.79 3.02 42.79
C ALA G 125 -58.18 2.39 44.13
N LYS G 126 -58.39 3.24 45.14
CA LYS G 126 -58.81 2.79 46.45
C LYS G 126 -60.28 2.41 46.35
N TYR G 127 -61.13 3.40 46.15
CA TYR G 127 -62.58 3.18 46.11
C TYR G 127 -62.95 1.89 45.37
N LEU G 128 -62.43 1.72 44.15
CA LEU G 128 -62.73 0.54 43.33
C LEU G 128 -61.79 -0.66 43.58
N ASN G 129 -60.94 -0.60 44.60
CA ASN G 129 -59.94 -1.64 44.85
C ASN G 129 -59.21 -2.06 43.59
N ALA G 130 -58.59 -1.09 42.91
CA ALA G 130 -57.92 -1.35 41.65
C ALA G 130 -56.48 -0.91 41.72
N GLU G 131 -55.63 -1.57 40.93
CA GLU G 131 -54.22 -1.26 40.91
C GLU G 131 -54.02 0.07 40.18
N PHE G 132 -53.62 1.11 40.91
CA PHE G 132 -53.37 2.42 40.31
C PHE G 132 -52.14 2.37 39.42
N ILE G 133 -52.33 2.67 38.14
CA ILE G 133 -51.22 2.77 37.19
C ILE G 133 -51.18 4.18 36.64
N ASP G 134 -50.13 4.92 36.96
CA ASP G 134 -50.01 6.31 36.54
C ASP G 134 -49.87 6.36 35.04
N ALA G 135 -50.47 7.36 34.41
CA ALA G 135 -50.36 7.55 32.96
C ALA G 135 -48.92 7.57 32.48
N ALA G 136 -48.06 8.31 33.19
CA ALA G 136 -46.66 8.53 32.78
C ALA G 136 -45.90 7.22 32.64
N GLU G 137 -46.32 6.22 33.40
CA GLU G 137 -45.73 4.90 33.37
C GLU G 137 -46.00 4.16 32.05
N VAL G 138 -47.12 4.50 31.43
CA VAL G 138 -47.69 3.68 30.35
C VAL G 138 -47.84 4.41 28.99
N ILE G 139 -47.93 5.74 29.00
CA ILE G 139 -48.20 6.51 27.79
C ILE G 139 -47.02 7.43 27.49
N PHE G 140 -46.45 7.28 26.31
CA PHE G 140 -45.21 8.00 25.97
C PHE G 140 -45.29 8.70 24.63
N PHE G 141 -44.72 9.91 24.60
CA PHE G 141 -44.63 10.72 23.39
C PHE G 141 -43.18 10.70 22.88
N ASP G 142 -43.01 10.53 21.57
CA ASP G 142 -41.69 10.49 20.94
C ASP G 142 -40.99 11.85 20.92
N LYS G 143 -39.74 11.85 20.47
CA LYS G 143 -38.86 13.03 20.48
C LYS G 143 -39.55 14.29 19.94
N SER G 144 -40.17 14.16 18.77
CA SER G 144 -40.75 15.31 18.07
C SER G 144 -41.96 15.92 18.79
N GLY G 145 -42.76 15.06 19.43
CA GLY G 145 -43.94 15.50 20.16
C GLY G 145 -45.13 14.56 20.07
N CYS G 146 -45.08 13.62 19.13
CA CYS G 146 -46.22 12.77 18.83
C CYS G 146 -46.28 11.54 19.70
N PHE G 147 -47.50 11.10 20.00
CA PHE G 147 -47.73 9.87 20.73
C PHE G 147 -46.86 8.78 20.10
N ASP G 148 -46.22 7.98 20.95
CA ASP G 148 -45.34 6.91 20.52
C ASP G 148 -46.11 5.61 20.66
N GLU G 149 -46.85 5.26 19.62
CA GLU G 149 -47.64 4.03 19.63
C GLU G 149 -46.85 2.81 20.06
N LYS G 150 -45.74 2.54 19.36
CA LYS G 150 -45.04 1.28 19.53
C LYS G 150 -44.58 1.04 20.97
N LYS G 151 -44.08 2.07 21.63
CA LYS G 151 -43.61 1.98 23.01
C LYS G 151 -44.77 1.84 24.02
N SER G 152 -45.77 2.70 23.88
CA SER G 152 -46.91 2.71 24.77
C SER G 152 -47.61 1.36 24.76
N TYR G 153 -47.87 0.81 23.57
CA TYR G 153 -48.61 -0.45 23.46
C TYR G 153 -47.85 -1.64 24.05
N GLU G 154 -46.53 -1.54 24.19
CA GLU G 154 -45.75 -2.57 24.89
C GLU G 154 -45.89 -2.40 26.40
N LYS G 155 -45.78 -1.17 26.87
CA LYS G 155 -45.92 -0.90 28.30
C LYS G 155 -47.32 -1.25 28.77
N ILE G 156 -48.32 -1.00 27.92
CA ILE G 156 -49.71 -1.27 28.32
C ILE G 156 -49.91 -2.76 28.52
N LYS G 157 -49.57 -3.53 27.49
CA LYS G 157 -49.64 -5.00 27.56
C LYS G 157 -48.91 -5.48 28.81
N GLU G 158 -47.71 -4.94 29.00
CA GLU G 158 -46.91 -5.26 30.18
C GLU G 158 -47.66 -4.89 31.48
N LYS G 159 -47.84 -3.59 31.73
CA LYS G 159 -48.28 -3.12 33.05
C LYS G 159 -49.79 -3.05 33.30
N VAL G 160 -50.60 -2.97 32.24
CA VAL G 160 -52.05 -2.87 32.42
C VAL G 160 -52.76 -4.21 32.25
N LEU G 161 -52.46 -4.93 31.18
CA LEU G 161 -53.14 -6.22 30.91
C LEU G 161 -52.81 -7.27 31.97
N SER G 162 -51.60 -7.20 32.50
CA SER G 162 -51.18 -8.04 33.61
C SER G 162 -52.07 -7.87 34.84
N CYS G 163 -52.64 -6.67 35.03
CA CYS G 163 -53.59 -6.44 36.12
C CYS G 163 -54.97 -6.97 35.75
N ASN G 164 -55.71 -7.42 36.76
CA ASN G 164 -57.11 -7.81 36.58
C ASN G 164 -58.04 -6.60 36.77
N LYS G 165 -57.53 -5.54 37.40
CA LYS G 165 -58.33 -4.34 37.64
C LYS G 165 -57.42 -3.15 37.93
N ALA G 166 -57.42 -2.16 37.05
CA ALA G 166 -56.54 -1.02 37.22
C ALA G 166 -57.23 0.30 36.85
N VAL G 167 -56.81 1.36 37.55
CA VAL G 167 -57.21 2.72 37.20
C VAL G 167 -56.00 3.41 36.60
N ILE G 168 -56.23 4.10 35.49
CA ILE G 168 -55.21 4.85 34.76
C ILE G 168 -55.72 6.25 34.48
N PRO G 169 -55.07 7.27 35.06
CA PRO G 169 -55.52 8.65 34.86
C PRO G 169 -55.64 9.03 33.40
N GLY G 170 -56.51 9.98 33.11
CA GLY G 170 -56.79 10.36 31.75
C GLY G 170 -55.73 11.26 31.15
N PHE G 171 -56.04 12.54 31.16
CA PHE G 171 -55.46 13.62 30.37
C PHE G 171 -53.98 13.66 29.92
N TYR G 172 -53.10 12.78 30.39
CA TYR G 172 -51.67 13.01 30.18
C TYR G 172 -50.86 11.76 29.92
N GLY G 173 -49.61 11.98 29.53
CA GLY G 173 -48.61 10.93 29.36
C GLY G 173 -47.21 11.41 29.75
N SER G 174 -46.18 10.72 29.26
CA SER G 174 -44.78 11.05 29.54
C SER G 174 -44.11 11.53 28.28
N SER G 175 -43.49 12.69 28.34
CA SER G 175 -42.73 13.21 27.20
C SER G 175 -41.46 12.41 27.01
N PHE G 176 -40.80 12.61 25.86
CA PHE G 176 -39.58 11.87 25.54
C PHE G 176 -38.49 12.04 26.60
N ASN G 177 -38.43 13.20 27.25
CA ASN G 177 -37.47 13.42 28.34
C ASN G 177 -38.07 13.28 29.75
N GLY G 178 -39.19 12.58 29.86
CA GLY G 178 -39.73 12.15 31.17
C GLY G 178 -40.54 13.15 31.97
N ASP G 179 -41.10 14.15 31.30
CA ASP G 179 -41.96 15.14 31.94
C ASP G 179 -43.40 14.90 31.59
N VAL G 180 -44.31 15.27 32.47
CA VAL G 180 -45.71 15.12 32.16
C VAL G 180 -46.02 16.08 31.02
N LYS G 181 -46.37 15.51 29.87
CA LYS G 181 -46.94 16.27 28.77
C LYS G 181 -48.40 15.88 28.73
N THR G 182 -49.26 16.88 28.64
CA THR G 182 -50.68 16.64 28.59
C THR G 182 -51.06 16.59 27.12
N PHE G 183 -52.19 15.96 26.81
CA PHE G 183 -52.67 15.90 25.43
C PHE G 183 -53.19 17.27 25.01
N SER G 184 -53.05 17.60 23.73
CA SER G 184 -53.75 18.74 23.14
C SER G 184 -55.01 18.26 22.41
N ARG G 185 -55.09 16.94 22.22
CA ARG G 185 -56.23 16.28 21.59
C ARG G 185 -57.28 15.98 22.65
N GLY G 186 -57.78 14.74 22.68
CA GLY G 186 -59.02 14.42 23.38
C GLY G 186 -58.92 14.10 24.85
N GLY G 187 -58.67 15.13 25.65
CA GLY G 187 -58.68 15.02 27.11
C GLY G 187 -58.38 13.64 27.64
N SER G 188 -59.41 12.98 28.17
CA SER G 188 -59.29 11.65 28.73
C SER G 188 -59.97 10.61 27.85
N ASP G 189 -60.68 11.06 26.83
CA ASP G 189 -61.27 10.17 25.86
C ASP G 189 -60.17 9.41 25.14
N VAL G 190 -59.15 10.14 24.70
CA VAL G 190 -58.07 9.57 23.90
C VAL G 190 -57.30 8.51 24.66
N THR G 191 -57.07 8.76 25.94
CA THR G 191 -56.34 7.81 26.75
C THR G 191 -57.17 6.51 26.84
N GLY G 192 -58.48 6.65 26.93
CA GLY G 192 -59.36 5.48 26.94
C GLY G 192 -59.15 4.62 25.71
N SER G 193 -59.09 5.22 24.53
CA SER G 193 -58.88 4.43 23.33
C SER G 193 -57.45 3.93 23.24
N ILE G 194 -56.48 4.76 23.65
CA ILE G 194 -55.09 4.33 23.75
C ILE G 194 -54.96 3.10 24.66
N ILE G 195 -55.65 3.08 25.79
CA ILE G 195 -55.65 1.90 26.64
C ILE G 195 -56.30 0.75 25.92
N SER G 196 -57.50 0.98 25.40
CA SER G 196 -58.23 -0.07 24.70
C SER G 196 -57.43 -0.67 23.56
N ALA G 197 -56.60 0.14 22.90
CA ALA G 197 -55.72 -0.38 21.86
C ALA G 197 -54.72 -1.36 22.48
N GLY G 198 -53.89 -0.86 23.40
CA GLY G 198 -52.89 -1.67 24.08
C GLY G 198 -53.40 -2.97 24.71
N VAL G 199 -54.65 -2.98 25.14
CA VAL G 199 -55.17 -4.11 25.90
C VAL G 199 -55.93 -5.12 25.02
N ASN G 200 -55.97 -4.87 23.72
CA ASN G 200 -56.73 -5.71 22.79
C ASN G 200 -58.22 -5.76 23.14
N ALA G 201 -58.71 -4.71 23.81
CA ALA G 201 -60.05 -4.71 24.42
C ALA G 201 -61.15 -5.06 23.44
N ASP G 202 -62.19 -5.72 23.94
CA ASP G 202 -63.33 -6.11 23.13
C ASP G 202 -64.32 -4.97 22.98
N LEU G 203 -64.38 -4.07 23.96
CA LEU G 203 -65.26 -2.91 23.90
C LEU G 203 -64.73 -1.76 24.75
N TYR G 204 -64.91 -0.54 24.26
CA TYR G 204 -64.54 0.67 24.99
C TYR G 204 -65.82 1.44 25.32
N GLU G 205 -66.14 1.53 26.60
CA GLU G 205 -67.33 2.25 27.02
C GLU G 205 -66.91 3.65 27.38
N ASN G 206 -67.66 4.64 26.93
CA ASN G 206 -67.37 6.01 27.24
C ASN G 206 -68.53 6.60 28.01
N TRP G 207 -68.38 6.67 29.32
CA TRP G 207 -69.47 7.06 30.20
C TRP G 207 -69.66 8.55 30.31
N THR G 208 -70.53 9.08 29.48
CA THR G 208 -70.87 10.50 29.48
C THR G 208 -71.99 10.74 30.47
N ASP G 209 -72.76 11.80 30.28
CA ASP G 209 -74.02 11.95 30.99
C ASP G 209 -75.20 12.21 30.03
N VAL G 210 -75.11 11.65 28.84
CA VAL G 210 -76.27 11.47 27.98
C VAL G 210 -76.39 9.99 27.62
N SER G 211 -77.61 9.57 27.29
CA SER G 211 -77.87 8.18 26.91
C SER G 211 -77.57 7.98 25.43
N GLY G 212 -76.32 8.21 25.05
CA GLY G 212 -75.92 8.16 23.66
C GLY G 212 -76.32 9.41 22.91
N PHE G 213 -76.41 9.26 21.58
CA PHE G 213 -76.78 10.33 20.68
C PHE G 213 -78.19 10.16 20.13
N LEU G 214 -78.83 11.29 19.86
CA LEU G 214 -80.18 11.28 19.38
C LEU G 214 -80.20 11.69 17.91
N MSE G 215 -81.17 11.17 17.19
CA MSE G 215 -81.25 11.38 15.75
C MSE G 215 -81.53 12.82 15.39
O MSE G 215 -81.21 13.25 14.28
CB MSE G 215 -82.34 10.44 15.24
CG MSE G 215 -82.08 9.93 13.84
SE MSE G 215 -83.56 8.72 13.39
CE MSE G 215 -83.17 8.52 11.47
N ALA G 216 -82.12 13.57 16.31
CA ALA G 216 -82.35 15.00 16.13
C ALA G 216 -82.31 15.71 17.46
N ASP G 217 -82.27 17.05 17.44
CA ASP G 217 -82.22 17.85 18.67
C ASP G 217 -83.54 17.68 19.44
N PRO G 218 -83.49 17.10 20.67
CA PRO G 218 -84.69 16.88 21.46
C PRO G 218 -85.53 18.14 21.58
N ARG G 219 -84.85 19.29 21.71
CA ARG G 219 -85.51 20.58 21.82
C ARG G 219 -86.36 20.95 20.59
N ILE G 220 -86.12 20.31 19.46
CA ILE G 220 -86.86 20.57 18.23
C ILE G 220 -87.86 19.48 17.96
N VAL G 221 -87.45 18.23 18.13
CA VAL G 221 -88.29 17.08 17.85
C VAL G 221 -88.69 16.42 19.16
N GLU G 222 -89.97 16.07 19.31
CA GLU G 222 -90.46 15.45 20.54
C GLU G 222 -89.84 14.07 20.70
N ASN G 223 -88.94 13.94 21.67
CA ASN G 223 -88.42 12.64 22.09
C ASN G 223 -88.00 11.76 20.90
N PRO G 224 -86.94 12.18 20.20
CA PRO G 224 -86.50 11.50 18.98
C PRO G 224 -85.79 10.19 19.27
N LYS G 225 -85.69 9.33 18.26
CA LYS G 225 -85.05 8.02 18.40
C LYS G 225 -83.59 8.18 18.85
N THR G 226 -83.03 7.12 19.40
CA THR G 226 -81.59 7.11 19.69
C THR G 226 -80.87 6.51 18.50
N ILE G 227 -79.72 7.08 18.15
CA ILE G 227 -78.85 6.51 17.13
C ILE G 227 -78.23 5.28 17.74
N SER G 228 -78.55 4.09 17.24
CA SER G 228 -78.04 2.89 17.87
C SER G 228 -76.59 2.62 17.47
N LYS G 229 -76.28 2.81 16.19
CA LYS G 229 -74.95 2.61 15.66
C LYS G 229 -74.59 3.76 14.74
N ILE G 230 -73.37 4.26 14.83
CA ILE G 230 -72.94 5.43 14.08
C ILE G 230 -71.50 5.32 13.59
N SER G 231 -71.26 5.61 12.32
CA SER G 231 -69.92 5.44 11.76
C SER G 231 -69.05 6.63 12.12
N TYR G 232 -67.75 6.47 11.91
CA TYR G 232 -66.82 7.56 12.18
C TYR G 232 -67.14 8.72 11.24
N LYS G 233 -67.26 8.43 9.96
CA LYS G 233 -67.50 9.47 8.98
C LYS G 233 -68.82 10.17 9.30
N GLU G 234 -69.89 9.40 9.56
CA GLU G 234 -71.17 9.98 9.99
C GLU G 234 -71.00 10.89 11.19
N LEU G 235 -70.24 10.45 12.18
CA LEU G 235 -70.17 11.20 13.42
C LEU G 235 -69.44 12.53 13.26
N ARG G 236 -68.41 12.58 12.45
CA ARG G 236 -67.74 13.87 12.27
C ARG G 236 -68.67 14.77 11.45
N GLU G 237 -69.38 14.17 10.51
CA GLU G 237 -70.32 14.89 9.68
C GLU G 237 -71.50 15.44 10.50
N LEU G 238 -71.73 14.91 11.70
CA LEU G 238 -72.83 15.37 12.56
C LEU G 238 -72.36 16.21 13.73
N SER G 239 -71.25 15.80 14.34
CA SER G 239 -70.64 16.58 15.41
C SER G 239 -70.44 18.01 14.96
N TYR G 240 -70.21 18.18 13.67
CA TYR G 240 -70.03 19.50 13.07
C TYR G 240 -71.36 20.09 12.57
N VAL G 245 -71.04 15.66 21.69
CA VAL G 245 -70.26 14.76 20.84
C VAL G 245 -68.78 14.78 21.23
N LEU G 246 -68.16 13.60 21.21
CA LEU G 246 -66.75 13.45 21.61
C LEU G 246 -65.81 13.81 20.46
N HIS G 247 -64.50 13.81 20.77
CA HIS G 247 -63.47 14.38 19.89
C HIS G 247 -63.16 13.49 18.70
N GLU G 248 -62.11 13.85 17.97
CA GLU G 248 -61.76 13.20 16.70
C GLU G 248 -60.40 12.50 16.78
N GLU G 249 -59.44 13.14 17.44
CA GLU G 249 -58.18 12.47 17.77
C GLU G 249 -58.39 11.43 18.87
N ALA G 250 -59.54 11.49 19.54
CA ALA G 250 -59.93 10.47 20.52
C ALA G 250 -60.16 9.12 19.86
N ILE G 251 -60.73 9.10 18.67
CA ILE G 251 -61.05 7.85 17.99
C ILE G 251 -59.89 7.29 17.14
N PHE G 252 -58.73 7.93 17.18
CA PHE G 252 -57.60 7.57 16.31
C PHE G 252 -56.90 6.25 16.68
N PRO G 253 -56.50 6.09 17.95
CA PRO G 253 -55.86 4.83 18.37
C PRO G 253 -56.67 3.58 18.03
N VAL G 254 -57.99 3.72 18.00
CA VAL G 254 -58.87 2.62 17.63
C VAL G 254 -59.15 2.58 16.11
N LYS G 255 -59.03 3.73 15.43
CA LYS G 255 -59.29 3.87 13.98
C LYS G 255 -59.36 2.55 13.20
N ASP G 256 -58.21 1.91 13.02
CA ASP G 256 -58.11 0.72 12.20
C ASP G 256 -58.06 -0.54 13.06
N SER G 257 -58.07 -0.37 14.38
CA SER G 257 -58.33 -1.49 15.31
C SER G 257 -59.83 -1.73 15.40
N GLY G 258 -60.23 -2.95 15.69
CA GLY G 258 -61.65 -3.31 15.57
C GLY G 258 -62.55 -3.07 16.77
N ILE G 259 -62.27 -2.04 17.57
CA ILE G 259 -62.94 -1.90 18.87
C ILE G 259 -64.03 -0.85 18.84
N PRO G 260 -65.26 -1.28 19.13
CA PRO G 260 -66.35 -0.32 19.21
C PRO G 260 -66.32 0.56 20.45
N ILE G 261 -66.85 1.77 20.31
CA ILE G 261 -67.04 2.68 21.43
C ILE G 261 -68.52 2.82 21.69
N ASN G 262 -68.93 2.70 22.94
CA ASN G 262 -70.32 2.78 23.31
C ASN G 262 -70.44 4.02 24.16
N ILE G 263 -71.07 5.07 23.65
CA ILE G 263 -71.36 6.20 24.51
C ILE G 263 -72.49 5.77 25.40
N LYS G 264 -72.25 5.81 26.70
CA LYS G 264 -73.22 5.35 27.67
C LYS G 264 -73.48 6.44 28.71
N ASN G 265 -74.56 6.29 29.47
CA ASN G 265 -74.98 7.31 30.42
C ASN G 265 -74.76 6.92 31.88
N THR G 266 -73.87 7.64 32.57
CA THR G 266 -73.58 7.34 33.98
C THR G 266 -74.82 7.41 34.85
N ASN G 267 -75.73 8.33 34.55
CA ASN G 267 -76.94 8.49 35.33
C ASN G 267 -78.05 7.49 34.98
N LYS G 268 -77.93 6.78 33.87
CA LYS G 268 -78.92 5.76 33.47
C LYS G 268 -78.24 4.59 32.78
N PRO G 269 -77.48 3.79 33.56
CA PRO G 269 -76.61 2.73 33.05
C PRO G 269 -77.27 1.71 32.13
N SER G 270 -78.58 1.61 32.17
CA SER G 270 -79.28 0.56 31.43
C SER G 270 -79.44 0.94 29.97
N ASP G 271 -79.57 2.24 29.69
CA ASP G 271 -79.76 2.69 28.32
C ASP G 271 -78.56 2.26 27.49
N PRO G 272 -78.82 1.63 26.33
CA PRO G 272 -77.71 1.14 25.52
C PRO G 272 -76.81 2.25 24.98
N GLY G 273 -77.38 3.41 24.68
CA GLY G 273 -76.62 4.48 24.06
C GLY G 273 -76.35 4.16 22.59
N THR G 274 -75.37 4.84 22.00
CA THR G 274 -75.03 4.59 20.61
C THR G 274 -73.68 3.88 20.53
N LEU G 275 -73.38 3.36 19.35
CA LEU G 275 -72.19 2.56 19.15
C LEU G 275 -71.38 3.19 18.03
N ILE G 276 -70.21 3.71 18.36
CA ILE G 276 -69.36 4.33 17.37
C ILE G 276 -68.54 3.23 16.76
N LEU G 277 -68.44 3.22 15.44
CA LEU G 277 -67.90 2.09 14.68
C LEU G 277 -67.05 2.56 13.52
N SER G 278 -66.06 1.78 13.12
CA SER G 278 -65.32 2.10 11.91
C SER G 278 -66.28 1.96 10.75
N ASP G 279 -66.03 2.71 9.69
CA ASP G 279 -66.94 2.74 8.56
C ASP G 279 -66.95 1.41 7.82
N THR G 280 -65.88 0.63 7.93
CA THR G 280 -65.91 -0.73 7.39
C THR G 280 -66.59 -1.74 8.32
N HIS G 281 -66.97 -1.31 9.52
CA HIS G 281 -67.63 -2.21 10.46
C HIS G 281 -69.09 -1.95 10.70
N LYS G 282 -69.60 -0.82 10.24
CA LYS G 282 -71.03 -0.54 10.38
C LYS G 282 -71.82 -1.26 9.29
N GLU G 283 -72.99 -1.78 9.64
CA GLU G 283 -73.96 -2.23 8.63
C GLU G 283 -74.51 -1.00 7.95
N ILE G 284 -75.08 -1.15 6.77
CA ILE G 284 -75.42 0.03 5.99
C ILE G 284 -76.91 0.32 5.87
N ASN G 285 -77.70 -0.62 5.39
CA ASN G 285 -79.16 -0.39 5.23
C ASN G 285 -79.47 0.77 4.27
N LEU G 286 -79.31 0.52 2.96
CA LEU G 286 -79.54 1.57 1.97
C LEU G 286 -80.99 2.04 2.08
N GLY G 287 -81.20 3.34 1.83
CA GLY G 287 -82.49 3.97 2.03
C GLY G 287 -82.61 4.70 3.35
N THR G 288 -81.92 4.20 4.37
CA THR G 288 -81.99 4.76 5.73
C THR G 288 -81.31 6.14 5.85
N ILE G 289 -81.75 6.95 6.82
CA ILE G 289 -81.04 8.14 7.26
C ILE G 289 -80.35 7.69 8.53
N THR G 290 -79.38 8.45 9.05
CA THR G 290 -78.78 8.07 10.34
C THR G 290 -79.02 9.13 11.40
N GLY G 291 -78.97 10.40 11.02
CA GLY G 291 -79.12 11.49 11.97
C GLY G 291 -79.34 12.82 11.28
N ILE G 292 -79.79 13.83 12.05
CA ILE G 292 -80.02 15.18 11.53
C ILE G 292 -79.48 16.18 12.52
N ALA G 293 -78.66 17.11 12.04
CA ALA G 293 -78.11 18.15 12.90
C ALA G 293 -77.80 19.41 12.07
N GLY G 294 -77.87 20.57 12.72
CA GLY G 294 -77.76 21.84 12.01
C GLY G 294 -77.45 23.04 12.91
N LYS G 295 -76.89 24.09 12.32
CA LYS G 295 -76.45 25.26 13.09
C LYS G 295 -77.12 26.50 12.50
N LYS G 296 -77.63 27.38 13.38
CA LYS G 296 -78.23 28.66 12.94
C LYS G 296 -77.14 29.75 12.88
N ASN G 297 -77.52 30.94 12.42
CA ASN G 297 -76.61 32.11 12.39
C ASN G 297 -75.47 32.02 11.40
N PHE G 298 -75.77 31.79 10.12
CA PHE G 298 -74.81 31.97 9.00
C PHE G 298 -75.18 33.15 8.10
N THR G 299 -74.20 33.64 7.37
CA THR G 299 -74.39 34.69 6.38
C THR G 299 -73.72 34.29 5.09
N VAL G 300 -74.31 34.66 3.95
CA VAL G 300 -73.71 34.33 2.65
C VAL G 300 -73.33 35.57 1.86
N ILE G 301 -72.06 35.67 1.48
CA ILE G 301 -71.56 36.76 0.66
C ILE G 301 -71.69 36.38 -0.81
N ALA G 302 -72.51 37.13 -1.54
CA ALA G 302 -72.79 36.84 -2.93
C ALA G 302 -71.91 37.71 -3.78
N ILE G 303 -71.03 37.09 -4.56
CA ILE G 303 -70.14 37.81 -5.45
C ILE G 303 -70.56 37.51 -6.88
N GLU G 304 -70.40 38.52 -7.74
CA GLU G 304 -70.73 38.39 -9.15
C GLU G 304 -69.79 39.27 -9.98
N LYS G 305 -69.21 38.70 -11.03
CA LYS G 305 -68.34 39.45 -11.93
C LYS G 305 -68.42 38.92 -13.37
N ALA G 306 -68.38 39.85 -14.32
CA ALA G 306 -68.64 39.62 -15.75
C ALA G 306 -68.25 38.25 -16.27
N LEU G 307 -67.01 37.82 -16.03
CA LEU G 307 -66.55 36.49 -16.46
C LEU G 307 -65.77 35.83 -15.32
N LEU G 308 -66.49 35.46 -14.27
CA LEU G 308 -65.84 34.96 -13.05
C LEU G 308 -64.66 34.07 -13.41
N ASN G 309 -64.94 32.96 -14.10
CA ASN G 309 -63.91 31.92 -14.35
C ASN G 309 -62.73 32.35 -15.23
N SER G 310 -62.96 33.31 -16.13
CA SER G 310 -61.90 33.79 -17.01
C SER G 310 -60.77 34.54 -16.28
N GLU G 311 -61.12 35.26 -15.22
CA GLU G 311 -60.12 35.98 -14.40
C GLU G 311 -59.09 34.99 -13.86
N VAL G 312 -57.88 35.48 -13.60
CA VAL G 312 -56.73 34.59 -13.39
C VAL G 312 -56.88 33.68 -12.17
N GLY G 313 -57.43 34.19 -11.08
CA GLY G 313 -57.70 33.36 -9.89
C GLY G 313 -58.66 33.96 -8.87
N PHE G 314 -59.71 34.64 -9.36
CA PHE G 314 -60.75 35.22 -8.52
C PHE G 314 -61.03 34.44 -7.25
N CYS G 315 -61.42 33.18 -7.39
CA CYS G 315 -61.77 32.38 -6.24
C CYS G 315 -60.61 32.17 -5.27
N ARG G 316 -59.43 31.81 -5.78
CA ARG G 316 -58.25 31.68 -4.92
C ARG G 316 -58.00 32.99 -4.16
N LYS G 317 -58.00 34.09 -4.91
CA LYS G 317 -57.75 35.41 -4.34
C LYS G 317 -58.69 35.71 -3.17
N ILE G 318 -59.95 35.31 -3.33
CA ILE G 318 -60.96 35.57 -2.33
C ILE G 318 -60.76 34.78 -1.03
N LEU G 319 -60.30 33.53 -1.12
CA LEU G 319 -60.11 32.77 0.11
C LEU G 319 -58.74 33.01 0.72
N SER G 320 -57.82 33.58 -0.06
CA SER G 320 -56.60 34.14 0.51
C SER G 320 -56.96 35.36 1.37
N ILE G 321 -57.92 36.14 0.90
CA ILE G 321 -58.48 37.25 1.68
C ILE G 321 -59.09 36.75 2.98
N LEU G 322 -59.96 35.75 2.89
CA LEU G 322 -60.54 35.15 4.10
C LEU G 322 -59.40 34.77 5.03
N GLU G 323 -58.39 34.12 4.45
CA GLU G 323 -57.23 33.61 5.18
C GLU G 323 -56.51 34.76 5.91
N MSE G 324 -56.37 35.90 5.21
CA MSE G 324 -55.82 37.13 5.80
C MSE G 324 -56.55 37.58 7.05
O MSE G 324 -55.93 38.11 7.96
CB MSE G 324 -55.90 38.28 4.79
CG MSE G 324 -54.53 38.82 4.37
SE MSE G 324 -54.85 40.37 3.21
CE MSE G 324 -54.69 39.53 1.43
N TYR G 325 -57.87 37.42 7.10
CA TYR G 325 -58.67 37.89 8.23
C TYR G 325 -59.00 36.78 9.23
N GLY G 326 -58.35 35.62 9.07
CA GLY G 326 -58.51 34.49 9.97
C GLY G 326 -59.94 34.02 10.07
N VAL G 327 -60.61 33.91 8.92
CA VAL G 327 -62.03 33.58 8.88
C VAL G 327 -62.27 32.32 8.07
N SER G 328 -62.95 31.35 8.68
CA SER G 328 -63.26 30.07 8.04
C SER G 328 -64.63 30.12 7.36
N PHE G 329 -64.78 29.31 6.32
CA PHE G 329 -66.04 29.21 5.59
C PHE G 329 -66.51 27.76 5.51
N GLU G 330 -67.82 27.57 5.38
CA GLU G 330 -68.40 26.23 5.28
C GLU G 330 -68.46 25.76 3.83
N HIS G 331 -68.93 26.63 2.95
CA HIS G 331 -69.18 26.26 1.56
C HIS G 331 -68.94 27.41 0.66
N MSE G 332 -68.57 27.11 -0.58
CA MSE G 332 -68.36 28.12 -1.60
C MSE G 332 -69.14 27.70 -2.83
O MSE G 332 -68.56 27.19 -3.79
CB MSE G 332 -66.87 28.24 -1.90
CG MSE G 332 -66.57 29.23 -3.02
SE MSE G 332 -64.64 29.26 -3.40
CE MSE G 332 -64.50 27.64 -4.53
N PRO G 333 -70.47 27.90 -2.81
CA PRO G 333 -71.27 27.65 -4.01
C PRO G 333 -70.76 28.45 -5.18
N SER G 334 -70.79 27.88 -6.37
CA SER G 334 -70.30 28.58 -7.54
C SER G 334 -71.21 28.41 -8.75
N GLY G 335 -71.31 29.47 -9.53
CA GLY G 335 -72.08 29.47 -10.78
C GLY G 335 -71.22 29.99 -11.91
N VAL G 336 -71.86 30.46 -12.97
CA VAL G 336 -71.16 30.86 -14.18
C VAL G 336 -70.40 32.17 -13.95
N ASP G 337 -71.13 33.21 -13.57
CA ASP G 337 -70.50 34.48 -13.29
C ASP G 337 -70.73 34.87 -11.83
N SER G 338 -70.77 33.87 -10.96
CA SER G 338 -71.03 34.12 -9.55
C SER G 338 -70.30 33.12 -8.66
N VAL G 339 -70.07 33.54 -7.42
CA VAL G 339 -69.45 32.70 -6.42
C VAL G 339 -69.93 33.23 -5.07
N SER G 340 -70.40 32.32 -4.22
CA SER G 340 -70.85 32.67 -2.88
C SER G 340 -69.96 32.05 -1.81
N LEU G 341 -70.01 32.62 -0.62
CA LEU G 341 -69.23 32.18 0.52
C LEU G 341 -70.15 32.14 1.73
N VAL G 342 -70.39 30.94 2.24
CA VAL G 342 -71.23 30.77 3.42
C VAL G 342 -70.32 30.81 4.65
N ILE G 343 -70.60 31.75 5.55
CA ILE G 343 -69.66 32.09 6.62
C ILE G 343 -70.41 32.28 7.92
N GLU G 344 -69.91 31.69 8.98
CA GLU G 344 -70.60 31.79 10.26
C GLU G 344 -70.54 33.23 10.77
N ASP G 345 -71.62 33.66 11.41
CA ASP G 345 -71.75 35.06 11.81
C ASP G 345 -70.79 35.45 12.92
N CYS G 346 -70.58 34.54 13.87
CA CYS G 346 -69.60 34.76 14.92
C CYS G 346 -68.24 34.90 14.30
N LYS G 347 -67.92 33.99 13.38
CA LYS G 347 -66.65 34.01 12.62
C LYS G 347 -66.44 35.30 11.84
N LEU G 348 -67.53 35.90 11.39
CA LEU G 348 -67.48 37.08 10.55
C LEU G 348 -67.67 38.39 11.31
N ASP G 349 -67.92 38.32 12.62
CA ASP G 349 -68.28 39.52 13.37
C ASP G 349 -67.11 40.51 13.40
N GLY G 350 -67.37 41.72 12.89
CA GLY G 350 -66.40 42.81 12.90
C GLY G 350 -65.62 42.96 11.60
N LYS G 351 -65.30 41.84 10.96
CA LYS G 351 -64.40 41.83 9.82
C LYS G 351 -65.13 41.95 8.48
N CYS G 352 -66.44 41.81 8.49
CA CYS G 352 -67.23 41.69 7.26
C CYS G 352 -67.04 42.86 6.30
N ASP G 353 -67.25 44.07 6.79
CA ASP G 353 -67.15 45.27 5.96
C ASP G 353 -65.77 45.45 5.36
N LYS G 354 -64.74 45.04 6.10
CA LYS G 354 -63.37 45.18 5.62
C LYS G 354 -63.05 44.12 4.57
N ILE G 355 -63.56 42.90 4.78
CA ILE G 355 -63.41 41.82 3.81
C ILE G 355 -64.08 42.23 2.48
N ILE G 356 -65.22 42.88 2.60
CA ILE G 356 -65.97 43.35 1.44
C ILE G 356 -65.18 44.43 0.67
N GLU G 357 -64.58 45.37 1.39
CA GLU G 357 -63.69 46.36 0.78
C GLU G 357 -62.52 45.68 0.10
N GLU G 358 -61.95 44.68 0.77
CA GLU G 358 -60.72 44.03 0.33
C GLU G 358 -60.96 43.11 -0.89
N ILE G 359 -62.07 42.40 -0.92
CA ILE G 359 -62.42 41.60 -2.11
C ILE G 359 -62.71 42.53 -3.29
N LYS G 360 -63.32 43.67 -3.00
CA LYS G 360 -63.62 44.66 -4.03
C LYS G 360 -62.32 45.23 -4.60
N LYS G 361 -61.34 45.49 -3.74
CA LYS G 361 -60.05 46.00 -4.19
C LYS G 361 -59.36 45.01 -5.13
N GLN G 362 -59.13 43.79 -4.61
CA GLN G 362 -58.37 42.77 -5.34
C GLN G 362 -59.10 42.27 -6.59
N CYS G 363 -60.36 41.88 -6.42
CA CYS G 363 -61.19 41.40 -7.51
C CYS G 363 -62.07 42.57 -7.92
N ASN G 364 -62.54 42.61 -9.17
CA ASN G 364 -63.44 43.67 -9.60
C ASN G 364 -64.83 43.09 -9.76
N PRO G 365 -65.65 43.15 -8.69
CA PRO G 365 -66.96 42.51 -8.76
C PRO G 365 -68.04 43.51 -9.15
N ASP G 366 -68.87 43.11 -10.11
CA ASP G 366 -69.98 43.95 -10.57
C ASP G 366 -70.99 44.13 -9.45
N SER G 367 -71.12 43.09 -8.62
CA SER G 367 -72.08 43.08 -7.54
C SER G 367 -71.56 42.24 -6.37
N ILE G 368 -71.66 42.78 -5.15
CA ILE G 368 -71.36 42.04 -3.94
C ILE G 368 -72.46 42.30 -2.93
N GLU G 369 -73.08 41.24 -2.42
CA GLU G 369 -74.18 41.37 -1.48
C GLU G 369 -74.05 40.50 -0.23
N ILE G 370 -74.55 41.02 0.89
CA ILE G 370 -74.62 40.27 2.14
C ILE G 370 -76.05 39.77 2.39
N HIS G 371 -76.17 38.46 2.64
CA HIS G 371 -77.48 37.82 2.87
C HIS G 371 -77.43 37.01 4.14
N PRO G 372 -77.71 37.66 5.27
CA PRO G 372 -77.59 36.97 6.53
C PRO G 372 -78.80 36.07 6.83
N ASN G 373 -78.91 35.63 8.08
CA ASN G 373 -80.10 34.90 8.55
C ASN G 373 -80.32 33.61 7.81
N MSE G 374 -79.37 32.72 7.96
CA MSE G 374 -79.43 31.41 7.35
C MSE G 374 -79.00 30.39 8.37
O MSE G 374 -78.02 30.60 9.10
CB MSE G 374 -78.53 31.38 6.14
CG MSE G 374 -79.06 30.36 5.13
SE MSE G 374 -77.60 29.93 3.87
CE MSE G 374 -78.73 29.18 2.45
N ALA G 375 -79.76 29.30 8.44
CA ALA G 375 -79.33 28.13 9.19
C ALA G 375 -78.93 27.06 8.19
N LEU G 376 -78.11 26.11 8.65
CA LEU G 376 -77.70 24.98 7.84
C LEU G 376 -78.19 23.66 8.45
N VAL G 377 -78.51 22.70 7.58
CA VAL G 377 -79.07 21.42 8.02
C VAL G 377 -78.43 20.22 7.32
N ALA G 378 -77.49 19.61 8.03
CA ALA G 378 -76.94 18.34 7.64
C ALA G 378 -78.01 17.28 7.87
N THR G 379 -78.20 16.39 6.92
CA THR G 379 -78.97 15.19 7.18
C THR G 379 -78.14 14.05 6.59
N VAL G 380 -77.73 13.14 7.46
CA VAL G 380 -76.58 12.27 7.22
C VAL G 380 -76.89 10.81 7.54
N GLY G 381 -76.17 9.95 6.84
CA GLY G 381 -76.25 8.54 7.07
C GLY G 381 -75.61 7.84 5.90
N THR G 382 -74.95 6.74 6.18
CA THR G 382 -74.36 5.92 5.13
C THR G 382 -75.46 5.31 4.26
N GLY G 383 -76.69 5.32 4.77
CA GLY G 383 -77.82 4.75 4.07
C GLY G 383 -78.29 5.50 2.84
N MSE G 384 -77.80 6.71 2.64
CA MSE G 384 -78.31 7.54 1.54
C MSE G 384 -77.29 7.67 0.47
O MSE G 384 -77.20 8.71 -0.18
CB MSE G 384 -78.77 8.91 2.07
CG MSE G 384 -77.84 9.62 3.05
SE MSE G 384 -78.46 11.46 3.38
CE MSE G 384 -78.49 11.20 5.32
N ALA G 385 -76.51 6.61 0.24
CA ALA G 385 -75.30 6.69 -0.60
C ALA G 385 -75.64 6.70 -2.07
N LYS G 386 -75.75 5.51 -2.68
CA LYS G 386 -76.06 5.44 -4.11
C LYS G 386 -77.57 5.48 -4.34
N THR G 387 -78.32 5.86 -3.30
CA THR G 387 -79.78 5.78 -3.28
C THR G 387 -80.44 6.83 -4.17
N LYS G 388 -81.35 6.41 -5.04
CA LYS G 388 -82.19 7.35 -5.80
C LYS G 388 -83.23 7.98 -4.88
N GLY G 389 -83.58 9.24 -5.14
CA GLY G 389 -84.69 9.87 -4.46
C GLY G 389 -84.43 10.45 -3.07
N ILE G 390 -83.34 10.06 -2.43
CA ILE G 390 -83.05 10.56 -1.09
C ILE G 390 -83.14 12.08 -0.96
N ALA G 391 -82.50 12.81 -1.87
CA ALA G 391 -82.59 14.28 -1.85
C ALA G 391 -84.05 14.75 -2.04
N ASN G 392 -84.69 14.22 -3.08
CA ASN G 392 -86.08 14.54 -3.36
C ASN G 392 -87.02 14.25 -2.18
N LYS G 393 -86.70 13.19 -1.44
CA LYS G 393 -87.48 12.81 -0.27
C LYS G 393 -87.38 13.88 0.79
N ILE G 394 -86.21 14.51 0.88
CA ILE G 394 -85.99 15.61 1.82
C ILE G 394 -86.66 16.87 1.34
N PHE G 395 -86.47 17.20 0.06
CA PHE G 395 -87.02 18.44 -0.47
C PHE G 395 -88.53 18.42 -0.48
N THR G 396 -89.12 17.27 -0.78
CA THR G 396 -90.56 17.11 -0.68
C THR G 396 -91.00 17.47 0.72
N ALA G 397 -90.29 16.97 1.72
CA ALA G 397 -90.63 17.29 3.10
C ALA G 397 -90.64 18.80 3.28
N LEU G 398 -89.59 19.45 2.77
CA LEU G 398 -89.47 20.89 2.87
C LEU G 398 -90.55 21.63 2.07
N SER G 399 -90.94 21.12 0.90
CA SER G 399 -92.07 21.71 0.16
C SER G 399 -93.35 21.69 1.01
N LYS G 400 -93.78 20.50 1.41
CA LYS G 400 -94.97 20.33 2.24
C LYS G 400 -95.08 21.38 3.33
N GLU G 401 -93.97 21.67 3.99
CA GLU G 401 -93.99 22.56 5.15
C GLU G 401 -93.72 24.02 4.81
N ASN G 402 -93.70 24.35 3.53
CA ASN G 402 -93.49 25.72 3.10
C ASN G 402 -92.26 26.25 3.81
N VAL G 403 -91.10 25.79 3.38
CA VAL G 403 -89.83 26.28 3.91
C VAL G 403 -88.92 26.60 2.74
N ASN G 404 -88.40 27.82 2.77
CA ASN G 404 -87.59 28.36 1.69
C ASN G 404 -86.22 27.70 1.71
N ILE G 405 -85.82 27.15 0.57
CA ILE G 405 -84.48 26.56 0.41
C ILE G 405 -83.55 27.60 -0.21
N ARG G 406 -82.51 27.98 0.53
CA ARG G 406 -81.62 29.03 0.08
C ARG G 406 -80.31 28.50 -0.51
N MSE G 407 -79.87 27.35 -0.01
CA MSE G 407 -78.68 26.69 -0.51
C MSE G 407 -78.91 25.22 -0.48
O MSE G 407 -79.51 24.70 0.45
CB MSE G 407 -77.48 27.02 0.39
CG MSE G 407 -76.15 26.70 -0.29
SE MSE G 407 -74.82 26.25 1.07
CE MSE G 407 -75.45 24.42 1.42
N ILE G 408 -78.45 24.52 -1.51
CA ILE G 408 -78.43 23.08 -1.52
C ILE G 408 -77.01 22.67 -1.89
N ASP G 409 -76.43 21.75 -1.12
CA ASP G 409 -75.15 21.20 -1.50
C ASP G 409 -75.04 19.75 -1.11
N GLN G 410 -74.99 18.89 -2.11
CA GLN G 410 -74.66 17.49 -1.93
C GLN G 410 -73.75 17.06 -3.07
N GLY G 411 -72.60 16.51 -2.73
CA GLY G 411 -71.53 16.26 -3.70
C GLY G 411 -70.17 16.18 -3.02
N SER G 412 -69.99 17.02 -1.99
CA SER G 412 -68.84 16.93 -1.10
C SER G 412 -68.66 15.50 -0.60
N SER G 413 -69.76 14.94 -0.09
CA SER G 413 -69.80 13.62 0.55
C SER G 413 -70.96 12.77 0.05
N GLU G 414 -70.75 11.46 -0.02
CA GLU G 414 -71.76 10.54 -0.53
C GLU G 414 -72.88 10.23 0.48
N ILE G 415 -72.70 10.62 1.75
CA ILE G 415 -73.53 10.12 2.84
C ILE G 415 -74.27 11.24 3.59
N ASN G 416 -74.47 12.35 2.88
CA ASN G 416 -74.81 13.61 3.53
C ASN G 416 -75.34 14.60 2.52
N VAL G 417 -76.39 15.32 2.91
CA VAL G 417 -77.03 16.32 2.05
C VAL G 417 -77.30 17.56 2.86
N ILE G 418 -76.71 18.67 2.46
CA ILE G 418 -76.78 19.89 3.26
C ILE G 418 -77.65 20.95 2.58
N VAL G 419 -78.55 21.51 3.38
CA VAL G 419 -79.56 22.42 2.90
C VAL G 419 -79.46 23.66 3.76
N GLY G 420 -79.42 24.82 3.11
CA GLY G 420 -79.46 26.09 3.81
C GLY G 420 -80.87 26.62 3.77
N VAL G 421 -81.36 27.07 4.93
CA VAL G 421 -82.69 27.66 5.03
C VAL G 421 -82.66 28.88 5.92
N GLU G 422 -83.76 29.63 5.90
CA GLU G 422 -83.89 30.84 6.69
C GLU G 422 -83.92 30.45 8.16
N THR G 423 -83.21 31.22 8.99
CA THR G 423 -83.09 30.87 10.40
C THR G 423 -84.44 30.70 11.10
N VAL G 424 -85.44 31.50 10.75
CA VAL G 424 -86.76 31.32 11.36
C VAL G 424 -87.30 29.93 11.03
N ASP G 425 -86.97 29.43 9.84
CA ASP G 425 -87.39 28.10 9.38
C ASP G 425 -86.52 26.92 9.86
N PHE G 426 -85.57 27.16 10.74
CA PHE G 426 -84.65 26.09 11.15
C PHE G 426 -85.43 24.92 11.76
N GLU G 427 -86.08 25.16 12.89
CA GLU G 427 -86.80 24.10 13.58
C GLU G 427 -87.83 23.44 12.67
N LYS G 428 -88.46 24.23 11.82
CA LYS G 428 -89.47 23.71 10.91
C LYS G 428 -88.82 22.73 9.95
N ALA G 429 -87.62 23.08 9.47
CA ALA G 429 -86.86 22.25 8.54
C ALA G 429 -86.52 20.89 9.16
N VAL G 430 -85.96 20.92 10.36
CA VAL G 430 -85.51 19.70 11.01
C VAL G 430 -86.68 18.78 11.34
N LYS G 431 -87.69 19.32 12.03
CA LYS G 431 -88.88 18.54 12.33
C LYS G 431 -89.43 17.89 11.07
N SER G 432 -89.48 18.63 9.98
CA SER G 432 -90.13 18.13 8.77
C SER G 432 -89.33 17.03 8.11
N ILE G 433 -87.99 17.19 8.09
CA ILE G 433 -87.12 16.17 7.51
C ILE G 433 -87.14 14.93 8.38
N TYR G 434 -87.05 15.13 9.69
CA TYR G 434 -87.14 14.03 10.63
C TYR G 434 -88.37 13.18 10.37
N ASN G 435 -89.53 13.81 10.27
CA ASN G 435 -90.78 13.06 10.10
C ASN G 435 -90.80 12.28 8.79
N ALA G 436 -90.14 12.82 7.76
CA ALA G 436 -90.12 12.21 6.43
C ALA G 436 -89.50 10.83 6.45
N PHE G 437 -88.57 10.60 7.37
CA PHE G 437 -87.84 9.34 7.45
C PHE G 437 -88.25 8.50 8.63
N ASN G 438 -89.14 9.01 9.46
CA ASN G 438 -89.63 8.29 10.63
C ASN G 438 -91.16 8.36 10.66
N GLU G 439 -91.77 8.03 9.51
CA GLU G 439 -93.20 8.37 9.16
C GLU G 439 -94.23 8.48 10.30
N GLY G 440 -94.15 7.57 11.28
CA GLY G 440 -94.99 7.67 12.49
C GLY G 440 -94.58 8.84 13.38
N ILE H 4 -83.43 52.79 -36.28
CA ILE H 4 -82.07 52.24 -36.54
C ILE H 4 -81.97 50.77 -36.10
N VAL H 5 -81.66 49.88 -37.05
CA VAL H 5 -81.41 48.47 -36.76
C VAL H 5 -80.10 48.02 -37.38
N VAL H 6 -79.37 47.19 -36.63
CA VAL H 6 -78.08 46.67 -37.06
C VAL H 6 -78.23 45.18 -37.31
N THR H 7 -77.84 44.72 -38.50
CA THR H 7 -77.83 43.30 -38.81
C THR H 7 -76.40 42.79 -38.84
N LYS H 8 -76.16 41.69 -38.16
CA LYS H 8 -74.89 40.97 -38.30
C LYS H 8 -75.19 39.64 -38.97
N PHE H 9 -74.43 39.28 -39.99
CA PHE H 9 -74.65 38.02 -40.67
C PHE H 9 -73.47 37.08 -40.50
N GLY H 10 -73.77 35.83 -40.13
CA GLY H 10 -72.77 34.82 -39.85
C GLY H 10 -72.19 34.20 -41.11
N GLY H 11 -71.32 33.21 -40.94
CA GLY H 11 -70.62 32.60 -42.06
C GLY H 11 -71.51 31.73 -42.91
N SER H 12 -72.33 30.92 -42.27
CA SER H 12 -73.30 30.08 -43.00
C SER H 12 -74.29 30.92 -43.79
N SER H 13 -74.52 32.16 -43.34
CA SER H 13 -75.36 33.11 -44.05
C SER H 13 -74.62 33.76 -45.22
N LEU H 14 -73.32 33.54 -45.34
CA LEU H 14 -72.53 34.10 -46.43
C LEU H 14 -71.62 33.03 -47.04
N ALA H 15 -72.08 31.79 -47.03
CA ALA H 15 -71.26 30.66 -47.47
C ALA H 15 -71.12 30.53 -49.00
N ASP H 16 -72.14 30.93 -49.75
CA ASP H 16 -72.06 30.89 -51.22
C ASP H 16 -73.06 31.83 -51.88
N SER H 17 -72.95 31.96 -53.20
CA SER H 17 -73.83 32.82 -53.98
C SER H 17 -75.26 32.92 -53.45
N ASN H 18 -75.95 31.78 -53.40
CA ASN H 18 -77.36 31.75 -52.99
C ASN H 18 -77.62 32.55 -51.72
N GLN H 19 -76.86 32.21 -50.68
CA GLN H 19 -77.04 32.83 -49.36
C GLN H 19 -76.97 34.34 -49.47
N PHE H 20 -75.98 34.84 -50.20
CA PHE H 20 -75.84 36.27 -50.40
C PHE H 20 -77.16 36.87 -50.84
N LYS H 21 -77.76 36.30 -51.86
CA LYS H 21 -79.05 36.79 -52.36
C LYS H 21 -80.05 36.90 -51.21
N LYS H 22 -80.10 35.87 -50.38
CA LYS H 22 -81.01 35.84 -49.23
C LYS H 22 -80.76 37.04 -48.33
N VAL H 23 -79.50 37.38 -48.14
CA VAL H 23 -79.15 38.54 -47.33
C VAL H 23 -79.73 39.79 -48.01
N LYS H 24 -79.37 39.98 -49.27
CA LYS H 24 -79.90 41.09 -50.08
C LYS H 24 -81.38 41.30 -49.78
N GLY H 25 -82.16 40.25 -49.94
CA GLY H 25 -83.59 40.30 -49.70
C GLY H 25 -83.94 40.77 -48.31
N ILE H 26 -83.39 40.10 -47.31
CA ILE H 26 -83.62 40.44 -45.91
C ILE H 26 -83.29 41.90 -45.63
N ILE H 27 -82.22 42.41 -46.22
CA ILE H 27 -81.84 43.80 -46.03
C ILE H 27 -82.84 44.75 -46.68
N ASP H 28 -82.91 44.74 -48.01
CA ASP H 28 -83.78 45.69 -48.73
C ASP H 28 -85.28 45.46 -48.50
N SER H 29 -85.64 44.36 -47.82
CA SER H 29 -87.02 44.19 -47.33
C SER H 29 -87.21 44.84 -45.93
N ASP H 30 -86.36 45.80 -45.60
CA ASP H 30 -86.55 46.68 -44.45
C ASP H 30 -85.64 47.91 -44.55
N ALA H 31 -86.20 49.09 -44.32
CA ALA H 31 -85.42 50.33 -44.34
C ALA H 31 -84.50 50.41 -43.14
N ASN H 32 -85.06 50.17 -41.95
CA ASN H 32 -84.31 50.28 -40.69
C ASN H 32 -83.07 49.40 -40.57
N ARG H 33 -82.99 48.33 -41.37
CA ARG H 33 -81.77 47.50 -41.43
C ARG H 33 -80.71 48.27 -42.22
N LYS H 34 -80.20 49.32 -41.59
CA LYS H 34 -79.31 50.27 -42.23
C LYS H 34 -77.89 49.74 -42.33
N TYR H 35 -77.46 48.99 -41.33
CA TYR H 35 -76.06 48.59 -41.22
C TYR H 35 -75.86 47.08 -41.15
N ILE H 36 -74.96 46.57 -41.99
CA ILE H 36 -74.65 45.16 -42.03
C ILE H 36 -73.25 44.88 -41.50
N ILE H 37 -73.13 43.88 -40.64
CA ILE H 37 -71.83 43.39 -40.21
C ILE H 37 -71.73 41.93 -40.64
N PRO H 38 -70.80 41.62 -41.55
CA PRO H 38 -70.70 40.26 -42.05
C PRO H 38 -69.50 39.52 -41.52
N SER H 39 -69.61 38.19 -41.46
CA SER H 39 -68.47 37.32 -41.21
C SER H 39 -67.73 37.05 -42.51
N ALA H 40 -66.60 36.34 -42.41
CA ALA H 40 -66.00 35.75 -43.59
C ALA H 40 -66.86 34.54 -43.97
N PRO H 41 -66.77 34.09 -45.23
CA PRO H 41 -67.69 33.04 -45.69
C PRO H 41 -67.56 31.78 -44.84
N GLY H 42 -68.67 31.12 -44.57
CA GLY H 42 -68.66 29.88 -43.79
C GLY H 42 -68.36 28.67 -44.65
N LYS H 43 -68.14 27.53 -44.01
CA LYS H 43 -67.92 26.26 -44.73
C LYS H 43 -69.20 25.84 -45.46
N ARG H 44 -69.04 24.98 -46.48
CA ARG H 44 -70.17 24.44 -47.26
C ARG H 44 -70.43 22.98 -46.89
N THR H 45 -69.38 22.15 -46.99
CA THR H 45 -69.42 20.76 -46.57
C THR H 45 -68.83 20.65 -45.17
N ASN H 46 -68.77 19.43 -44.66
CA ASN H 46 -67.95 19.14 -43.49
C ASN H 46 -66.48 19.15 -43.91
N LYS H 47 -66.19 18.45 -45.00
CA LYS H 47 -64.81 18.31 -45.52
C LYS H 47 -64.19 19.63 -45.97
N ASP H 48 -65.02 20.66 -46.15
CA ASP H 48 -64.58 21.92 -46.77
C ASP H 48 -63.53 22.67 -45.93
N TYR H 49 -62.76 23.51 -46.61
CA TYR H 49 -61.75 24.36 -45.96
C TYR H 49 -62.38 25.66 -45.48
N LYS H 50 -61.74 26.31 -44.51
CA LYS H 50 -62.25 27.55 -43.97
C LYS H 50 -61.31 28.67 -44.40
N ILE H 51 -61.85 29.72 -45.00
CA ILE H 51 -61.03 30.77 -45.58
C ILE H 51 -60.18 31.43 -44.50
N THR H 52 -60.78 31.74 -43.37
CA THR H 52 -60.06 32.31 -42.25
C THR H 52 -58.78 31.53 -42.00
N ASP H 53 -58.86 30.20 -42.05
CA ASP H 53 -57.71 29.34 -41.79
C ASP H 53 -56.71 29.31 -42.94
N LEU H 54 -57.20 29.33 -44.18
CA LEU H 54 -56.31 29.39 -45.33
C LEU H 54 -55.46 30.68 -45.31
N LEU H 55 -56.09 31.81 -44.99
CA LEU H 55 -55.35 33.06 -44.87
C LEU H 55 -54.26 32.97 -43.79
N TYR H 56 -54.51 32.25 -42.70
CA TYR H 56 -53.43 31.99 -41.71
C TYR H 56 -52.34 31.17 -42.38
N LEU H 57 -52.74 30.21 -43.18
CA LEU H 57 -51.79 29.32 -43.83
C LEU H 57 -50.92 30.06 -44.80
N CYS H 58 -51.49 31.08 -45.45
CA CYS H 58 -50.74 31.92 -46.37
C CYS H 58 -49.67 32.71 -45.60
N ASN H 59 -50.08 33.33 -44.51
CA ASN H 59 -49.13 33.99 -43.62
C ASN H 59 -48.01 33.01 -43.27
N ALA H 60 -48.40 31.81 -42.84
CA ALA H 60 -47.45 30.76 -42.47
C ALA H 60 -46.41 30.55 -43.56
N HIS H 61 -46.85 30.56 -44.80
CA HIS H 61 -45.94 30.44 -45.94
C HIS H 61 -44.89 31.54 -45.93
N VAL H 62 -45.34 32.77 -45.69
CA VAL H 62 -44.41 33.91 -45.61
C VAL H 62 -43.45 33.77 -44.42
N LYS H 63 -43.89 33.14 -43.33
CA LYS H 63 -42.96 32.87 -42.24
C LYS H 63 -41.91 31.90 -42.70
N ASN H 64 -42.34 30.85 -43.40
CA ASN H 64 -41.40 29.87 -43.97
C ASN H 64 -40.58 30.43 -45.11
N GLY H 65 -41.02 31.54 -45.69
CA GLY H 65 -40.33 32.16 -46.80
C GLY H 65 -40.45 31.35 -48.08
N ILE H 66 -41.65 30.83 -48.33
CA ILE H 66 -41.94 30.10 -49.55
C ILE H 66 -43.21 30.70 -50.16
N PRO H 67 -43.39 30.58 -51.48
CA PRO H 67 -44.57 31.13 -52.15
C PRO H 67 -45.84 30.30 -51.93
N PHE H 68 -46.98 30.96 -51.71
CA PHE H 68 -48.24 30.26 -51.38
C PHE H 68 -49.27 30.31 -52.50
N ASP H 69 -48.80 30.39 -53.74
CA ASP H 69 -49.68 30.59 -54.90
C ASP H 69 -50.85 29.63 -54.95
N ASP H 70 -50.57 28.36 -54.72
CA ASP H 70 -51.61 27.33 -54.68
C ASP H 70 -52.74 27.66 -53.71
N VAL H 71 -52.38 28.17 -52.52
CA VAL H 71 -53.36 28.36 -51.46
C VAL H 71 -54.20 29.60 -51.70
N PHE H 72 -53.65 30.57 -52.42
CA PHE H 72 -54.42 31.75 -52.78
C PHE H 72 -55.26 31.49 -54.01
N LYS H 73 -54.82 30.55 -54.84
CA LYS H 73 -55.63 30.13 -55.98
C LYS H 73 -57.01 29.79 -55.47
N LEU H 74 -57.08 28.98 -54.42
CA LEU H 74 -58.37 28.60 -53.85
C LEU H 74 -59.16 29.82 -53.36
N ILE H 75 -58.51 30.71 -52.62
CA ILE H 75 -59.19 31.90 -52.10
C ILE H 75 -59.77 32.76 -53.23
N SER H 76 -58.96 33.11 -54.22
CA SER H 76 -59.43 33.92 -55.35
C SER H 76 -60.55 33.20 -56.10
N GLN H 77 -60.27 31.94 -56.43
CA GLN H 77 -61.24 31.07 -57.07
C GLN H 77 -62.60 31.15 -56.39
N ARG H 78 -62.60 31.00 -55.07
CA ARG H 78 -63.84 31.00 -54.30
C ARG H 78 -64.55 32.34 -54.36
N TYR H 79 -63.83 33.42 -54.10
CA TYR H 79 -64.44 34.76 -54.13
C TYR H 79 -64.87 35.20 -55.53
N THR H 80 -64.19 34.74 -56.56
CA THR H 80 -64.60 35.03 -57.94
C THR H 80 -65.95 34.37 -58.23
N GLU H 81 -66.06 33.09 -57.91
CA GLU H 81 -67.29 32.32 -58.16
C GLU H 81 -68.54 32.98 -57.55
N ILE H 82 -68.39 33.54 -56.35
CA ILE H 82 -69.50 34.24 -55.72
C ILE H 82 -69.85 35.51 -56.49
N VAL H 83 -68.86 36.38 -56.69
CA VAL H 83 -69.10 37.66 -57.38
C VAL H 83 -69.50 37.48 -58.84
N SER H 84 -69.06 36.40 -59.47
CA SER H 84 -69.47 36.08 -60.83
C SER H 84 -70.95 35.70 -60.84
N GLU H 85 -71.32 34.77 -59.97
CA GLU H 85 -72.71 34.32 -59.83
C GLU H 85 -73.67 35.49 -59.59
N LEU H 86 -73.39 36.30 -58.57
CA LEU H 86 -74.15 37.54 -58.32
C LEU H 86 -73.48 38.65 -59.13
N ASN H 87 -74.17 39.18 -60.13
CA ASN H 87 -73.53 40.04 -61.12
C ASN H 87 -73.28 41.47 -60.62
N ILE H 88 -72.27 41.62 -59.76
CA ILE H 88 -71.94 42.93 -59.18
C ILE H 88 -70.97 43.73 -60.07
N ASP H 89 -71.27 45.02 -60.23
CA ASP H 89 -70.42 45.93 -60.99
C ASP H 89 -69.24 46.40 -60.13
N MSE H 90 -68.22 45.54 -60.02
CA MSE H 90 -66.96 45.91 -59.35
C MSE H 90 -65.83 44.98 -59.71
O MSE H 90 -66.04 43.87 -60.22
CB MSE H 90 -67.08 45.99 -57.82
CG MSE H 90 -67.94 44.89 -57.20
SE MSE H 90 -67.04 44.06 -55.66
CE MSE H 90 -66.85 42.28 -56.47
N ASP H 91 -64.62 45.44 -59.44
CA ASP H 91 -63.40 44.71 -59.74
C ASP H 91 -62.94 43.97 -58.50
N ILE H 92 -63.32 42.70 -58.38
CA ILE H 92 -62.88 41.87 -57.25
C ILE H 92 -61.37 41.60 -57.35
N ALA H 93 -60.89 41.31 -58.56
CA ALA H 93 -59.49 40.98 -58.80
C ALA H 93 -58.56 42.01 -58.17
N TYR H 94 -58.93 43.28 -58.28
CA TYR H 94 -58.16 44.35 -57.64
C TYR H 94 -57.98 44.06 -56.15
N TYR H 95 -59.09 43.82 -55.48
CA TYR H 95 -59.08 43.66 -54.04
C TYR H 95 -58.31 42.40 -53.64
N LEU H 96 -58.48 41.33 -54.42
CA LEU H 96 -57.82 40.06 -54.13
C LEU H 96 -56.30 40.13 -54.29
N GLU H 97 -55.82 40.69 -55.38
CA GLU H 97 -54.38 40.76 -55.60
C GLU H 97 -53.67 41.70 -54.61
N LYS H 98 -54.39 42.72 -54.14
CA LYS H 98 -53.86 43.59 -53.09
C LYS H 98 -53.66 42.77 -51.81
N VAL H 99 -54.66 41.98 -51.47
CA VAL H 99 -54.63 41.14 -50.27
C VAL H 99 -53.49 40.13 -50.34
N LYS H 100 -53.19 39.63 -51.54
CA LYS H 100 -52.08 38.71 -51.71
C LYS H 100 -50.73 39.41 -51.53
N LYS H 101 -50.57 40.56 -52.19
CA LYS H 101 -49.30 41.27 -52.13
C LYS H 101 -48.99 41.79 -50.74
N ASN H 102 -50.01 42.26 -50.03
CA ASN H 102 -49.82 42.69 -48.65
C ASN H 102 -49.27 41.54 -47.83
N ILE H 103 -49.95 40.40 -47.91
CA ILE H 103 -49.56 39.19 -47.19
C ILE H 103 -48.11 38.82 -47.47
N GLU H 104 -47.71 38.78 -48.74
CA GLU H 104 -46.35 38.35 -49.04
C GLU H 104 -45.30 39.42 -48.69
N ASN H 105 -45.67 40.68 -48.82
CA ASN H 105 -44.83 41.78 -48.34
C ASN H 105 -44.75 41.84 -46.82
N GLY H 106 -45.37 40.88 -46.14
CA GLY H 106 -45.13 40.63 -44.72
C GLY H 106 -46.19 41.15 -43.76
N ALA H 107 -47.42 41.31 -44.23
CA ALA H 107 -48.46 41.77 -43.32
C ALA H 107 -48.57 40.78 -42.16
N SER H 108 -48.98 41.30 -41.01
CA SER H 108 -49.21 40.49 -39.82
C SER H 108 -50.24 39.40 -40.07
N SER H 109 -50.20 38.36 -39.25
CA SER H 109 -51.17 37.27 -39.39
C SER H 109 -52.54 37.76 -38.95
N ASP H 110 -52.57 38.71 -38.01
CA ASP H 110 -53.81 39.38 -37.63
C ASP H 110 -54.45 40.01 -38.86
N TYR H 111 -53.63 40.62 -39.72
CA TYR H 111 -54.12 41.19 -40.96
C TYR H 111 -54.73 40.11 -41.84
N ALA H 112 -53.95 39.09 -42.18
CA ALA H 112 -54.38 37.99 -43.04
C ALA H 112 -55.72 37.38 -42.62
N ALA H 113 -55.82 36.95 -41.36
CA ALA H 113 -57.06 36.33 -40.89
C ALA H 113 -58.28 37.24 -41.13
N SER H 114 -58.07 38.55 -40.99
CA SER H 114 -59.18 39.50 -41.07
C SER H 114 -59.69 39.73 -42.50
N ARG H 115 -58.89 39.43 -43.51
CA ARG H 115 -59.27 39.71 -44.90
C ARG H 115 -60.53 38.98 -45.30
N GLY H 116 -60.73 37.78 -44.77
CA GLY H 116 -61.95 37.02 -45.02
C GLY H 116 -63.17 37.87 -44.77
N GLU H 117 -63.16 38.60 -43.66
CA GLU H 117 -64.24 39.52 -43.32
C GLU H 117 -64.21 40.73 -44.25
N TYR H 118 -63.05 41.38 -44.36
CA TYR H 118 -62.84 42.51 -45.27
C TYR H 118 -63.45 42.25 -46.64
N LEU H 119 -62.99 41.20 -47.33
CA LEU H 119 -63.44 40.91 -48.69
C LEU H 119 -64.95 40.80 -48.79
N ASN H 120 -65.58 40.03 -47.91
CA ASN H 120 -67.04 40.00 -47.87
C ASN H 120 -67.61 41.40 -47.63
N GLY H 121 -67.02 42.12 -46.70
CA GLY H 121 -67.40 43.51 -46.43
C GLY H 121 -67.47 44.40 -47.68
N VAL H 122 -66.44 44.34 -48.51
CA VAL H 122 -66.39 45.15 -49.72
C VAL H 122 -67.36 44.64 -50.80
N ILE H 123 -67.64 43.35 -50.79
CA ILE H 123 -68.56 42.77 -51.77
C ILE H 123 -70.00 43.11 -51.42
N LEU H 124 -70.35 42.98 -50.13
CA LEU H 124 -71.66 43.38 -49.64
C LEU H 124 -71.94 44.88 -49.78
N ALA H 125 -70.89 45.70 -49.80
CA ALA H 125 -71.05 47.15 -49.99
C ALA H 125 -71.58 47.41 -51.39
N LYS H 126 -70.89 46.85 -52.39
CA LYS H 126 -71.33 46.97 -53.78
C LYS H 126 -72.66 46.25 -53.99
N TYR H 127 -72.79 45.05 -53.43
CA TYR H 127 -74.00 44.27 -53.64
C TYR H 127 -75.27 44.97 -53.13
N LEU H 128 -75.18 45.62 -51.97
CA LEU H 128 -76.35 46.23 -51.33
C LEU H 128 -76.40 47.73 -51.53
N ASN H 129 -75.80 48.22 -52.61
CA ASN H 129 -75.76 49.66 -52.89
C ASN H 129 -75.41 50.46 -51.63
N ALA H 130 -74.43 49.97 -50.87
CA ALA H 130 -74.10 50.51 -49.54
C ALA H 130 -72.64 50.93 -49.39
N GLU H 131 -72.38 51.73 -48.35
CA GLU H 131 -71.05 52.31 -48.10
C GLU H 131 -70.12 51.41 -47.30
N PHE H 132 -68.95 51.10 -47.87
CA PHE H 132 -67.96 50.30 -47.18
C PHE H 132 -67.16 51.12 -46.18
N ILE H 133 -67.44 50.93 -44.90
CA ILE H 133 -66.70 51.61 -43.84
C ILE H 133 -65.82 50.59 -43.15
N ASP H 134 -64.51 50.72 -43.35
CA ASP H 134 -63.55 49.74 -42.82
C ASP H 134 -63.61 49.72 -41.29
N ALA H 135 -63.49 48.52 -40.72
CA ALA H 135 -63.46 48.38 -39.28
C ALA H 135 -62.25 49.08 -38.71
N ALA H 136 -61.15 49.10 -39.46
CA ALA H 136 -59.92 49.78 -39.02
C ALA H 136 -60.18 51.27 -38.81
N GLU H 137 -61.06 51.83 -39.62
CA GLU H 137 -61.46 53.22 -39.49
C GLU H 137 -62.36 53.47 -38.29
N VAL H 138 -63.06 52.45 -37.80
CA VAL H 138 -64.11 52.65 -36.78
C VAL H 138 -63.85 51.94 -35.44
N ILE H 139 -63.13 50.82 -35.48
CA ILE H 139 -62.84 50.01 -34.29
C ILE H 139 -61.39 50.19 -33.90
N PHE H 140 -61.16 50.53 -32.63
CA PHE H 140 -59.81 50.86 -32.14
C PHE H 140 -59.50 50.24 -30.79
N PHE H 141 -58.25 49.81 -30.63
CA PHE H 141 -57.78 49.20 -29.38
C PHE H 141 -56.69 50.04 -28.71
N ASP H 142 -56.59 49.87 -27.39
CA ASP H 142 -55.61 50.56 -26.53
C ASP H 142 -54.16 50.28 -26.91
N LYS H 143 -53.26 51.06 -26.30
CA LYS H 143 -51.84 50.75 -26.28
C LYS H 143 -51.63 49.41 -25.57
N SER H 144 -52.33 49.21 -24.45
CA SER H 144 -52.22 47.97 -23.68
C SER H 144 -53.09 46.90 -24.31
N GLY H 145 -54.39 47.12 -24.24
CA GLY H 145 -55.39 46.20 -24.77
C GLY H 145 -56.59 46.21 -23.84
N CYS H 146 -57.80 46.06 -24.37
CA CYS H 146 -58.04 45.94 -25.79
C CYS H 146 -58.87 47.13 -26.25
N PHE H 147 -60.18 47.00 -26.19
CA PHE H 147 -61.09 47.93 -26.85
C PHE H 147 -60.92 49.34 -26.29
N ASP H 148 -60.88 50.33 -27.19
CA ASP H 148 -60.99 51.72 -26.83
C ASP H 148 -62.46 52.11 -27.04
N GLU H 149 -63.20 52.15 -25.93
CA GLU H 149 -64.63 52.47 -25.98
C GLU H 149 -64.83 53.91 -26.47
N LYS H 150 -64.18 54.85 -25.77
CA LYS H 150 -64.27 56.27 -26.11
C LYS H 150 -63.98 56.54 -27.59
N LYS H 151 -62.75 56.25 -28.03
CA LYS H 151 -62.33 56.58 -29.40
C LYS H 151 -63.15 55.87 -30.47
N SER H 152 -63.55 54.63 -30.20
CA SER H 152 -64.36 53.89 -31.15
C SER H 152 -65.75 54.51 -31.21
N TYR H 153 -66.40 54.61 -30.04
CA TYR H 153 -67.78 55.12 -29.96
C TYR H 153 -67.92 56.49 -30.58
N GLU H 154 -66.88 57.31 -30.49
CA GLU H 154 -66.83 58.59 -31.17
C GLU H 154 -66.63 58.39 -32.67
N LYS H 155 -65.57 57.67 -33.05
CA LYS H 155 -65.29 57.37 -34.47
C LYS H 155 -66.47 56.67 -35.15
N ILE H 156 -67.27 55.95 -34.37
CA ILE H 156 -68.49 55.33 -34.86
C ILE H 156 -69.49 56.42 -35.32
N LYS H 157 -70.20 57.04 -34.37
CA LYS H 157 -71.28 57.99 -34.76
C LYS H 157 -70.83 59.01 -35.82
N GLU H 158 -69.57 59.44 -35.73
CA GLU H 158 -69.00 60.29 -36.76
C GLU H 158 -69.06 59.57 -38.12
N LYS H 159 -68.21 58.56 -38.31
CA LYS H 159 -67.99 57.98 -39.63
C LYS H 159 -69.02 56.91 -40.03
N VAL H 160 -69.79 56.41 -39.05
CA VAL H 160 -70.77 55.35 -39.30
C VAL H 160 -72.21 55.88 -39.26
N LEU H 161 -72.64 56.34 -38.09
CA LEU H 161 -74.06 56.71 -37.86
C LEU H 161 -74.62 57.58 -38.98
N SER H 162 -73.81 58.51 -39.47
CA SER H 162 -74.20 59.37 -40.58
C SER H 162 -74.18 58.64 -41.92
N CYS H 163 -74.95 57.56 -42.03
CA CYS H 163 -75.06 56.77 -43.25
C CYS H 163 -76.41 56.05 -43.26
N ASN H 164 -77.02 55.91 -44.43
CA ASN H 164 -78.30 55.20 -44.53
C ASN H 164 -78.15 53.70 -44.80
N LYS H 165 -77.08 53.31 -45.49
CA LYS H 165 -76.76 51.91 -45.70
C LYS H 165 -75.24 51.74 -45.77
N ALA H 166 -74.65 51.34 -44.64
CA ALA H 166 -73.23 51.03 -44.56
C ALA H 166 -73.04 49.54 -44.33
N VAL H 167 -71.84 49.05 -44.67
CA VAL H 167 -71.40 47.69 -44.34
C VAL H 167 -70.07 47.84 -43.63
N ILE H 168 -69.99 47.25 -42.43
CA ILE H 168 -68.78 47.28 -41.60
C ILE H 168 -68.26 45.87 -41.39
N PRO H 169 -67.01 45.59 -41.78
CA PRO H 169 -66.47 44.24 -41.57
C PRO H 169 -66.34 43.93 -40.09
N GLY H 170 -66.59 42.67 -39.73
CA GLY H 170 -66.63 42.29 -38.33
C GLY H 170 -65.29 42.28 -37.61
N PHE H 171 -64.55 41.22 -37.89
CA PHE H 171 -63.71 40.51 -36.91
C PHE H 171 -62.43 41.21 -36.43
N TYR H 172 -62.36 42.54 -36.49
CA TYR H 172 -61.10 43.24 -36.20
C TYR H 172 -61.26 44.77 -36.03
N GLY H 173 -60.15 45.43 -35.75
CA GLY H 173 -60.09 46.88 -35.72
C GLY H 173 -58.68 47.37 -35.95
N SER H 174 -58.29 48.42 -35.21
CA SER H 174 -56.94 48.98 -35.29
C SER H 174 -56.28 49.05 -33.91
N SER H 175 -54.99 48.71 -33.88
CA SER H 175 -54.19 48.76 -32.65
C SER H 175 -53.72 50.19 -32.42
N PHE H 176 -53.03 50.42 -31.32
CA PHE H 176 -52.51 51.75 -31.01
C PHE H 176 -51.55 52.28 -32.10
N ASN H 177 -50.69 51.40 -32.62
CA ASN H 177 -49.77 51.76 -33.69
C ASN H 177 -50.37 51.67 -35.09
N GLY H 178 -51.66 51.33 -35.17
CA GLY H 178 -52.40 51.36 -36.44
C GLY H 178 -52.45 50.04 -37.21
N ASP H 179 -51.71 49.04 -36.73
CA ASP H 179 -51.72 47.71 -37.35
C ASP H 179 -53.10 47.06 -37.20
N VAL H 180 -53.49 46.27 -38.20
CA VAL H 180 -54.72 45.51 -38.14
C VAL H 180 -54.61 44.52 -37.01
N LYS H 181 -55.55 44.61 -36.06
CA LYS H 181 -55.59 43.72 -34.91
C LYS H 181 -56.95 43.08 -34.88
N THR H 182 -56.93 41.75 -34.91
CA THR H 182 -58.13 40.95 -34.97
C THR H 182 -58.56 40.64 -33.54
N PHE H 183 -59.85 40.79 -33.25
CA PHE H 183 -60.41 40.47 -31.95
C PHE H 183 -60.00 39.07 -31.44
N SER H 184 -59.78 38.96 -30.14
CA SER H 184 -59.62 37.67 -29.47
C SER H 184 -60.98 37.23 -28.91
N ARG H 185 -61.88 38.22 -28.80
CA ARG H 185 -63.11 38.09 -28.04
C ARG H 185 -64.12 37.24 -28.77
N GLY H 186 -65.03 37.87 -29.50
CA GLY H 186 -66.17 37.18 -30.08
C GLY H 186 -66.37 37.47 -31.56
N GLY H 187 -65.35 37.22 -32.36
CA GLY H 187 -65.53 37.24 -33.80
C GLY H 187 -66.29 38.45 -34.31
N SER H 188 -67.22 38.21 -35.23
CA SER H 188 -67.97 39.28 -35.88
C SER H 188 -69.16 39.73 -35.06
N ASP H 189 -69.43 39.03 -33.97
CA ASP H 189 -70.56 39.38 -33.13
C ASP H 189 -70.24 40.61 -32.32
N VAL H 190 -69.03 40.65 -31.78
CA VAL H 190 -68.60 41.78 -30.94
C VAL H 190 -68.68 43.08 -31.72
N THR H 191 -68.38 42.99 -33.02
CA THR H 191 -68.49 44.11 -33.93
C THR H 191 -69.92 44.55 -33.94
N GLY H 192 -70.80 43.61 -34.27
CA GLY H 192 -72.23 43.87 -34.28
C GLY H 192 -72.72 44.58 -33.03
N SER H 193 -72.11 44.31 -31.88
CA SER H 193 -72.45 45.02 -30.66
C SER H 193 -71.76 46.37 -30.65
N ILE H 194 -70.45 46.36 -30.81
CA ILE H 194 -69.66 47.58 -30.84
C ILE H 194 -70.41 48.66 -31.63
N ILE H 195 -70.83 48.30 -32.84
CA ILE H 195 -71.52 49.21 -33.74
C ILE H 195 -72.91 49.54 -33.22
N SER H 196 -73.64 48.53 -32.78
CA SER H 196 -74.99 48.73 -32.26
C SER H 196 -75.02 49.72 -31.10
N ALA H 197 -74.00 49.68 -30.24
CA ALA H 197 -73.94 50.57 -29.09
C ALA H 197 -73.63 52.02 -29.48
N GLY H 198 -72.66 52.20 -30.38
CA GLY H 198 -72.29 53.53 -30.86
C GLY H 198 -73.40 54.15 -31.69
N VAL H 199 -73.62 53.61 -32.88
CA VAL H 199 -74.73 54.04 -33.74
C VAL H 199 -76.03 53.71 -33.02
N ASN H 200 -76.43 54.56 -32.09
CA ASN H 200 -77.38 54.21 -31.01
C ASN H 200 -78.60 53.40 -31.40
N ALA H 201 -78.39 52.13 -31.75
CA ALA H 201 -79.42 51.30 -32.38
C ALA H 201 -80.60 50.95 -31.45
N ASP H 202 -81.63 50.35 -32.05
CA ASP H 202 -82.81 49.92 -31.31
C ASP H 202 -82.82 48.39 -31.22
N LEU H 203 -82.78 47.73 -32.37
CA LEU H 203 -82.59 46.27 -32.42
C LEU H 203 -81.26 45.90 -33.08
N TYR H 204 -80.64 44.85 -32.56
CA TYR H 204 -79.45 44.26 -33.16
C TYR H 204 -79.78 42.84 -33.54
N GLU H 205 -79.99 42.61 -34.82
CA GLU H 205 -80.44 41.32 -35.30
C GLU H 205 -79.24 40.46 -35.62
N ASN H 206 -79.03 39.39 -34.85
CA ASN H 206 -77.98 38.44 -35.17
C ASN H 206 -78.55 37.36 -36.07
N TRP H 207 -78.04 37.29 -37.29
CA TRP H 207 -78.64 36.47 -38.33
C TRP H 207 -77.86 35.20 -38.50
N THR H 208 -78.45 34.11 -38.03
CA THR H 208 -77.80 32.82 -38.00
C THR H 208 -78.55 31.86 -38.90
N ASP H 209 -78.39 30.55 -38.67
CA ASP H 209 -79.15 29.53 -39.41
C ASP H 209 -80.05 28.73 -38.49
N VAL H 210 -80.56 29.37 -37.45
CA VAL H 210 -81.50 28.75 -36.50
C VAL H 210 -82.60 29.74 -36.07
N SER H 211 -83.85 29.27 -36.03
CA SER H 211 -84.98 30.12 -35.67
C SER H 211 -85.01 30.37 -34.17
N GLY H 212 -84.09 31.21 -33.71
CA GLY H 212 -83.96 31.51 -32.29
C GLY H 212 -83.20 30.39 -31.60
N PHE H 213 -83.24 30.39 -30.27
CA PHE H 213 -82.62 29.33 -29.47
C PHE H 213 -83.67 28.54 -28.73
N LEU H 214 -83.48 27.22 -28.72
CA LEU H 214 -84.53 26.30 -28.31
C LEU H 214 -84.51 26.02 -26.81
N MSE H 215 -85.62 25.50 -26.30
CA MSE H 215 -85.79 25.22 -24.88
C MSE H 215 -84.90 24.10 -24.41
O MSE H 215 -84.56 24.04 -23.24
CB MSE H 215 -87.23 24.78 -24.59
CG MSE H 215 -88.10 25.92 -24.09
SE MSE H 215 -89.31 25.17 -22.73
CE MSE H 215 -87.93 24.76 -21.40
N ALA H 216 -84.55 23.21 -25.34
CA ALA H 216 -83.65 22.10 -25.04
C ALA H 216 -83.03 21.55 -26.32
N ASP H 217 -81.86 20.91 -26.18
CA ASP H 217 -81.15 20.32 -27.32
C ASP H 217 -82.09 19.42 -28.13
N PRO H 218 -82.27 19.72 -29.43
CA PRO H 218 -83.21 18.91 -30.22
C PRO H 218 -82.70 17.50 -30.45
N ARG H 219 -81.38 17.37 -30.62
CA ARG H 219 -80.75 16.06 -30.71
C ARG H 219 -81.27 15.12 -29.61
N ILE H 220 -81.60 15.70 -28.46
CA ILE H 220 -82.14 14.96 -27.32
C ILE H 220 -83.68 14.94 -27.33
N VAL H 221 -84.30 16.10 -27.09
CA VAL H 221 -85.76 16.18 -27.01
C VAL H 221 -86.35 16.48 -28.39
N GLU H 222 -87.48 15.86 -28.70
CA GLU H 222 -88.14 16.06 -29.99
C GLU H 222 -89.14 17.22 -29.89
N ASN H 223 -89.08 18.12 -30.87
CA ASN H 223 -90.06 19.20 -31.04
C ASN H 223 -90.06 20.23 -29.89
N PRO H 224 -88.86 20.67 -29.47
CA PRO H 224 -88.78 21.57 -28.32
C PRO H 224 -89.23 22.99 -28.62
N LYS H 225 -90.01 23.58 -27.72
CA LYS H 225 -90.45 24.98 -27.83
C LYS H 225 -89.29 25.93 -28.12
N THR H 226 -89.56 26.98 -28.90
CA THR H 226 -88.54 28.00 -29.16
C THR H 226 -88.61 29.04 -28.06
N ILE H 227 -87.46 29.47 -27.56
CA ILE H 227 -87.42 30.53 -26.55
C ILE H 227 -87.61 31.86 -27.27
N SER H 228 -88.56 32.66 -26.79
CA SER H 228 -88.89 33.93 -27.43
C SER H 228 -88.32 35.11 -26.66
N LYS H 229 -88.49 35.08 -25.33
CA LYS H 229 -87.95 36.13 -24.47
C LYS H 229 -86.98 35.52 -23.44
N ILE H 230 -85.73 35.98 -23.47
CA ILE H 230 -84.71 35.53 -22.54
C ILE H 230 -83.89 36.72 -22.04
N SER H 231 -83.63 36.77 -20.74
CA SER H 231 -82.84 37.86 -20.17
C SER H 231 -81.39 37.70 -20.59
N TYR H 232 -80.55 38.68 -20.25
CA TYR H 232 -79.12 38.55 -20.43
C TYR H 232 -78.54 37.57 -19.43
N LYS H 233 -78.95 37.70 -18.17
CA LYS H 233 -78.47 36.80 -17.13
C LYS H 233 -78.85 35.36 -17.47
N GLU H 234 -80.08 35.18 -17.96
CA GLU H 234 -80.58 33.86 -18.35
C GLU H 234 -79.71 33.24 -19.42
N LEU H 235 -79.55 33.94 -20.54
CA LEU H 235 -78.76 33.43 -21.67
C LEU H 235 -77.32 33.12 -21.27
N ARG H 236 -76.81 33.85 -20.29
CA ARG H 236 -75.47 33.59 -19.78
C ARG H 236 -75.37 32.20 -19.11
N GLU H 237 -76.39 31.84 -18.35
CA GLU H 237 -76.46 30.52 -17.73
C GLU H 237 -76.40 29.39 -18.77
N LEU H 238 -77.15 29.54 -19.85
CA LEU H 238 -77.21 28.53 -20.90
C LEU H 238 -75.94 28.47 -21.74
N SER H 239 -75.29 29.61 -21.92
CA SER H 239 -74.07 29.68 -22.72
C SER H 239 -72.94 28.92 -22.03
N TYR H 240 -72.82 29.10 -20.71
CA TYR H 240 -71.76 28.44 -19.96
C TYR H 240 -71.86 26.90 -19.97
N MSE H 241 -73.07 26.36 -20.16
CA MSE H 241 -73.26 24.91 -20.31
C MSE H 241 -73.42 24.58 -21.78
O MSE H 241 -74.40 23.95 -22.18
CB MSE H 241 -74.44 24.39 -19.49
CG MSE H 241 -74.03 23.97 -18.08
SE MSE H 241 -74.37 25.47 -16.86
CE MSE H 241 -73.14 24.82 -15.45
N GLY H 242 -72.46 25.05 -22.58
CA GLY H 242 -72.28 24.62 -23.96
C GLY H 242 -73.44 24.74 -24.92
N ALA H 243 -74.38 25.65 -24.67
CA ALA H 243 -75.43 25.92 -25.64
C ALA H 243 -74.83 26.66 -26.83
N THR H 244 -75.10 26.16 -28.03
CA THR H 244 -74.62 26.81 -29.28
C THR H 244 -74.84 28.33 -29.26
N VAL H 245 -75.89 28.77 -28.58
CA VAL H 245 -76.12 30.18 -28.28
C VAL H 245 -74.84 31.01 -28.28
N LEU H 246 -74.92 32.22 -28.85
CA LEU H 246 -73.81 33.18 -28.83
C LEU H 246 -73.78 33.89 -27.49
N HIS H 247 -72.60 34.10 -26.94
CA HIS H 247 -72.49 34.81 -25.67
C HIS H 247 -71.21 35.55 -25.61
N GLU H 248 -71.14 36.47 -24.65
CA GLU H 248 -69.99 37.36 -24.43
C GLU H 248 -68.65 36.58 -24.42
N GLU H 249 -67.50 37.22 -24.74
CA GLU H 249 -67.37 38.66 -24.95
C GLU H 249 -68.25 39.24 -26.05
N ALA H 250 -68.68 38.39 -26.97
CA ALA H 250 -69.56 38.77 -28.09
C ALA H 250 -70.53 39.94 -27.86
N ILE H 251 -71.17 40.03 -26.70
CA ILE H 251 -72.26 41.01 -26.50
C ILE H 251 -72.12 41.89 -25.25
N PHE H 252 -70.88 42.27 -24.92
CA PHE H 252 -70.63 43.20 -23.80
C PHE H 252 -71.28 44.57 -24.01
N PRO H 253 -71.04 45.22 -25.17
CA PRO H 253 -71.52 46.59 -25.42
C PRO H 253 -73.04 46.78 -25.36
N VAL H 254 -73.77 45.80 -25.89
CA VAL H 254 -75.21 45.84 -25.95
C VAL H 254 -75.81 45.64 -24.55
N LYS H 255 -75.06 44.97 -23.67
CA LYS H 255 -75.42 44.86 -22.26
C LYS H 255 -75.23 46.19 -21.53
N ASP H 256 -74.20 46.95 -21.91
CA ASP H 256 -73.93 48.28 -21.33
C ASP H 256 -75.01 49.29 -21.73
N SER H 257 -75.51 49.17 -22.95
CA SER H 257 -76.72 49.86 -23.37
C SER H 257 -77.92 49.00 -23.01
N GLY H 258 -79.11 49.37 -23.50
CA GLY H 258 -80.30 48.56 -23.31
C GLY H 258 -80.85 47.99 -24.60
N ILE H 259 -80.00 47.84 -25.61
CA ILE H 259 -80.46 47.35 -26.91
C ILE H 259 -80.77 45.87 -26.82
N PRO H 260 -81.97 45.47 -27.29
CA PRO H 260 -82.24 44.03 -27.39
C PRO H 260 -81.68 43.41 -28.66
N ILE H 261 -81.22 42.15 -28.55
CA ILE H 261 -80.75 41.37 -29.71
C ILE H 261 -81.81 40.38 -30.13
N ASN H 262 -82.06 40.29 -31.44
CA ASN H 262 -82.94 39.28 -31.97
C ASN H 262 -82.13 38.24 -32.73
N ILE H 263 -82.16 36.99 -32.27
CA ILE H 263 -81.53 35.92 -33.03
C ILE H 263 -82.53 35.53 -34.08
N LYS H 264 -82.15 35.67 -35.35
CA LYS H 264 -83.04 35.37 -36.46
C LYS H 264 -82.36 34.37 -37.41
N ASN H 265 -83.16 33.67 -38.21
CA ASN H 265 -82.67 32.62 -39.10
C ASN H 265 -82.62 33.11 -40.54
N THR H 266 -81.43 33.09 -41.13
CA THR H 266 -81.25 33.60 -42.50
C THR H 266 -81.94 32.73 -43.57
N ASN H 267 -82.14 31.45 -43.26
CA ASN H 267 -82.87 30.56 -44.17
C ASN H 267 -84.39 30.61 -44.00
N LYS H 268 -84.87 31.22 -42.91
CA LYS H 268 -86.33 31.32 -42.65
C LYS H 268 -86.69 32.64 -41.94
N PRO H 269 -86.55 33.78 -42.64
CA PRO H 269 -86.67 35.10 -42.04
C PRO H 269 -88.01 35.38 -41.34
N SER H 270 -89.09 34.81 -41.84
CA SER H 270 -90.40 35.10 -41.26
C SER H 270 -90.48 34.61 -39.81
N ASP H 271 -89.70 33.60 -39.47
CA ASP H 271 -89.66 33.11 -38.08
C ASP H 271 -89.17 34.23 -37.18
N PRO H 272 -89.91 34.46 -36.07
CA PRO H 272 -89.32 35.24 -34.99
C PRO H 272 -88.54 34.25 -34.19
N GLY H 273 -87.28 34.54 -33.92
CA GLY H 273 -86.44 33.60 -33.20
C GLY H 273 -86.58 33.88 -31.73
N THR H 274 -85.50 34.32 -31.13
CA THR H 274 -85.50 34.67 -29.72
C THR H 274 -85.09 36.12 -29.60
N LEU H 275 -85.68 36.80 -28.62
CA LEU H 275 -85.38 38.18 -28.34
C LEU H 275 -84.61 38.22 -27.02
N ILE H 276 -83.30 38.45 -27.11
CA ILE H 276 -82.46 38.65 -25.92
C ILE H 276 -82.76 40.04 -25.35
N LEU H 277 -83.24 40.10 -24.12
CA LEU H 277 -83.67 41.35 -23.51
C LEU H 277 -82.80 41.81 -22.35
N SER H 278 -82.92 43.08 -22.01
CA SER H 278 -82.30 43.63 -20.81
C SER H 278 -83.02 43.07 -19.57
N ASP H 279 -82.27 42.87 -18.50
CA ASP H 279 -82.79 42.23 -17.28
C ASP H 279 -83.95 43.02 -16.69
N THR H 280 -83.77 44.34 -16.57
CA THR H 280 -84.80 45.22 -16.06
C THR H 280 -86.00 45.34 -17.01
N HIS H 281 -85.76 45.20 -18.31
CA HIS H 281 -86.83 45.27 -19.32
C HIS H 281 -87.55 43.97 -19.52
N LYS H 282 -87.04 42.88 -18.94
CA LYS H 282 -87.70 41.57 -19.08
C LYS H 282 -88.74 41.32 -17.99
N GLU H 283 -89.86 40.72 -18.38
CA GLU H 283 -90.93 40.37 -17.44
C GLU H 283 -90.55 39.11 -16.68
N ILE H 284 -91.21 38.86 -15.55
CA ILE H 284 -91.04 37.63 -14.78
C ILE H 284 -92.33 36.81 -14.81
N ASN H 285 -92.24 35.57 -15.32
CA ASN H 285 -93.40 34.67 -15.41
C ASN H 285 -93.40 33.69 -14.23
N LEU H 286 -93.65 34.23 -13.03
CA LEU H 286 -93.59 33.45 -11.77
C LEU H 286 -93.92 31.97 -11.96
N GLY H 287 -92.94 31.12 -11.66
CA GLY H 287 -93.10 29.67 -11.83
C GLY H 287 -93.03 29.27 -13.29
N THR H 288 -91.84 29.34 -13.86
CA THR H 288 -91.62 28.95 -15.26
C THR H 288 -90.15 28.72 -15.57
N ILE H 289 -89.86 27.61 -16.23
CA ILE H 289 -88.55 27.35 -16.81
C ILE H 289 -88.34 28.36 -17.94
N THR H 290 -87.08 28.55 -18.33
CA THR H 290 -86.76 29.28 -19.56
C THR H 290 -86.08 28.33 -20.53
N GLY H 291 -85.04 27.64 -20.05
CA GLY H 291 -84.31 26.67 -20.87
C GLY H 291 -83.69 25.55 -20.07
N ILE H 292 -83.29 24.49 -20.77
CA ILE H 292 -82.54 23.38 -20.18
C ILE H 292 -81.31 23.17 -21.03
N ALA H 293 -80.15 23.07 -20.39
CA ALA H 293 -78.89 22.92 -21.11
C ALA H 293 -77.89 22.14 -20.27
N GLY H 294 -77.15 21.25 -20.92
CA GLY H 294 -76.23 20.37 -20.21
C GLY H 294 -75.00 19.99 -21.01
N LYS H 295 -74.01 19.46 -20.31
CA LYS H 295 -72.72 19.16 -20.89
C LYS H 295 -72.29 17.81 -20.33
N LYS H 296 -71.98 16.88 -21.23
CA LYS H 296 -71.50 15.54 -20.82
C LYS H 296 -70.01 15.64 -20.52
N ASN H 297 -69.47 14.55 -19.97
CA ASN H 297 -68.03 14.43 -19.72
C ASN H 297 -67.49 15.43 -18.69
N PHE H 298 -67.67 15.10 -17.41
CA PHE H 298 -67.00 15.78 -16.32
C PHE H 298 -66.35 14.75 -15.41
N THR H 299 -65.47 15.22 -14.52
CA THR H 299 -64.85 14.35 -13.54
C THR H 299 -64.77 15.09 -12.21
N VAL H 300 -65.18 14.41 -11.13
CA VAL H 300 -65.07 14.97 -9.79
C VAL H 300 -63.91 14.30 -9.08
N ILE H 301 -62.99 15.13 -8.57
CA ILE H 301 -61.87 14.63 -7.81
C ILE H 301 -62.20 14.71 -6.33
N ALA H 302 -62.50 13.56 -5.71
CA ALA H 302 -62.90 13.54 -4.31
C ALA H 302 -61.67 13.58 -3.42
N ILE H 303 -61.60 14.57 -2.53
CA ILE H 303 -60.50 14.72 -1.59
C ILE H 303 -61.02 14.63 -0.17
N GLU H 304 -60.44 13.74 0.64
CA GLU H 304 -60.80 13.64 2.06
C GLU H 304 -59.54 13.80 2.92
N LYS H 305 -59.61 14.75 3.86
CA LYS H 305 -58.51 15.01 4.79
C LYS H 305 -59.06 15.16 6.20
N ALA H 306 -58.26 14.72 7.17
CA ALA H 306 -58.68 14.63 8.58
C ALA H 306 -59.47 15.85 9.01
N LEU H 307 -58.78 16.98 9.18
CA LEU H 307 -59.40 18.23 9.57
C LEU H 307 -59.08 19.33 8.55
N LEU H 308 -59.84 19.36 7.47
CA LEU H 308 -59.60 20.27 6.36
C LEU H 308 -59.84 21.73 6.75
N ASN H 309 -60.93 21.99 7.46
CA ASN H 309 -61.38 23.36 7.72
C ASN H 309 -60.61 24.13 8.79
N SER H 310 -59.75 23.43 9.55
CA SER H 310 -58.96 24.06 10.61
C SER H 310 -57.49 24.26 10.20
N GLU H 311 -56.88 23.26 9.57
CA GLU H 311 -55.55 23.43 8.97
C GLU H 311 -55.70 24.45 7.86
N VAL H 312 -55.01 25.59 8.00
CA VAL H 312 -55.29 26.75 7.13
C VAL H 312 -54.71 26.64 5.72
N GLY H 313 -55.48 27.12 4.75
CA GLY H 313 -55.02 27.22 3.37
C GLY H 313 -55.30 26.02 2.49
N PHE H 314 -55.99 25.01 3.03
CA PHE H 314 -56.18 23.74 2.30
C PHE H 314 -56.89 23.92 0.97
N CYS H 315 -58.02 24.60 0.99
CA CYS H 315 -58.80 24.79 -0.23
C CYS H 315 -58.11 25.71 -1.22
N ARG H 316 -57.45 26.77 -0.75
CA ARG H 316 -56.70 27.61 -1.70
C ARG H 316 -55.60 26.80 -2.37
N LYS H 317 -54.75 26.16 -1.56
CA LYS H 317 -53.65 25.34 -2.08
C LYS H 317 -54.10 24.45 -3.24
N ILE H 318 -55.26 23.81 -3.07
CA ILE H 318 -55.83 22.95 -4.08
C ILE H 318 -56.07 23.70 -5.39
N LEU H 319 -56.75 24.83 -5.31
CA LEU H 319 -56.98 25.62 -6.51
C LEU H 319 -55.74 26.44 -6.90
N SER H 320 -54.76 26.56 -6.01
CA SER H 320 -53.43 27.02 -6.40
C SER H 320 -52.79 26.03 -7.35
N ILE H 321 -53.00 24.73 -7.06
CA ILE H 321 -52.55 23.64 -7.94
C ILE H 321 -53.30 23.63 -9.26
N LEU H 322 -54.62 23.80 -9.21
CA LEU H 322 -55.41 23.82 -10.44
C LEU H 322 -54.95 24.94 -11.37
N GLU H 323 -54.49 26.04 -10.76
CA GLU H 323 -54.01 27.18 -11.52
C GLU H 323 -52.60 26.90 -12.05
N MSE H 324 -51.83 26.15 -11.28
CA MSE H 324 -50.47 25.75 -11.67
C MSE H 324 -50.51 25.19 -13.06
O MSE H 324 -49.69 25.53 -13.89
CB MSE H 324 -49.93 24.69 -10.71
CG MSE H 324 -48.41 24.66 -10.71
SE MSE H 324 -47.81 23.42 -9.29
CE MSE H 324 -48.79 24.21 -7.77
N TYR H 325 -51.48 24.31 -13.30
CA TYR H 325 -51.72 23.75 -14.62
C TYR H 325 -52.75 24.63 -15.31
N GLY H 326 -53.32 24.16 -16.41
CA GLY H 326 -54.21 25.02 -17.20
C GLY H 326 -55.68 24.95 -16.82
N VAL H 327 -56.00 24.36 -15.68
CA VAL H 327 -57.35 23.86 -15.45
C VAL H 327 -58.26 24.79 -14.64
N SER H 328 -59.34 25.23 -15.28
CA SER H 328 -60.45 25.85 -14.57
C SER H 328 -61.25 24.73 -13.95
N PHE H 329 -62.04 25.06 -12.94
CA PHE H 329 -62.97 24.11 -12.36
C PHE H 329 -64.37 24.68 -12.45
N GLU H 330 -65.37 23.83 -12.22
CA GLU H 330 -66.77 24.21 -12.37
C GLU H 330 -67.49 24.30 -11.01
N HIS H 331 -67.10 23.45 -10.06
CA HIS H 331 -67.72 23.46 -8.72
C HIS H 331 -66.78 22.94 -7.67
N MSE H 332 -66.84 23.52 -6.48
CA MSE H 332 -66.04 23.07 -5.35
C MSE H 332 -66.93 22.74 -4.18
O MSE H 332 -66.93 23.44 -3.15
CB MSE H 332 -64.95 24.10 -5.02
CG MSE H 332 -63.80 23.46 -4.26
SE MSE H 332 -62.80 24.83 -3.26
CE MSE H 332 -63.81 24.76 -1.57
N PRO H 333 -67.71 21.65 -4.30
CA PRO H 333 -68.47 21.19 -3.16
C PRO H 333 -67.54 20.85 -2.02
N SER H 334 -67.91 21.24 -0.82
CA SER H 334 -67.04 21.07 0.34
C SER H 334 -67.87 20.69 1.52
N GLY H 335 -67.22 20.10 2.52
CA GLY H 335 -67.88 19.60 3.71
C GLY H 335 -66.90 19.55 4.86
N VAL H 336 -67.33 18.94 5.96
CA VAL H 336 -66.57 18.99 7.21
C VAL H 336 -65.18 18.41 7.05
N ASP H 337 -65.09 17.25 6.42
CA ASP H 337 -63.83 16.51 6.31
C ASP H 337 -63.35 16.29 4.86
N SER H 338 -64.05 16.87 3.90
CA SER H 338 -63.75 16.64 2.49
C SER H 338 -63.94 17.88 1.61
N VAL H 339 -63.44 17.77 0.41
CA VAL H 339 -63.65 18.77 -0.62
C VAL H 339 -63.57 18.06 -1.95
N SER H 340 -64.11 18.66 -2.99
CA SER H 340 -64.17 18.00 -4.29
C SER H 340 -64.14 19.00 -5.42
N LEU H 341 -63.47 18.63 -6.49
CA LEU H 341 -63.34 19.50 -7.64
C LEU H 341 -64.05 18.83 -8.81
N VAL H 342 -65.05 19.52 -9.35
CA VAL H 342 -65.73 19.07 -10.54
C VAL H 342 -65.07 19.75 -11.74
N ILE H 343 -64.45 18.96 -12.60
CA ILE H 343 -63.63 19.49 -13.69
C ILE H 343 -64.01 18.81 -15.01
N GLU H 344 -64.09 19.59 -16.08
CA GLU H 344 -64.55 19.10 -17.37
C GLU H 344 -63.49 18.18 -17.96
N ASP H 345 -63.89 16.97 -18.33
CA ASP H 345 -62.95 15.95 -18.80
C ASP H 345 -61.99 16.53 -19.81
N CYS H 346 -62.55 17.05 -20.90
CA CYS H 346 -61.76 17.60 -22.00
C CYS H 346 -60.70 18.61 -21.54
N LYS H 347 -61.06 19.46 -20.57
CA LYS H 347 -60.16 20.53 -20.11
C LYS H 347 -59.32 20.14 -18.87
N LEU H 348 -59.08 18.85 -18.70
CA LEU H 348 -57.95 18.38 -17.88
C LEU H 348 -57.28 17.18 -18.55
N ASP H 349 -57.37 17.13 -19.89
CA ASP H 349 -56.86 16.00 -20.67
C ASP H 349 -55.37 15.81 -20.41
N GLY H 350 -55.02 14.67 -19.84
CA GLY H 350 -53.63 14.40 -19.47
C GLY H 350 -53.09 15.43 -18.49
N LYS H 351 -53.80 15.62 -17.38
CA LYS H 351 -53.34 16.51 -16.33
C LYS H 351 -53.68 16.04 -14.89
N CYS H 352 -54.69 15.18 -14.72
CA CYS H 352 -55.09 14.78 -13.37
C CYS H 352 -54.03 13.92 -12.69
N ASP H 353 -53.42 13.01 -13.42
CA ASP H 353 -52.34 12.21 -12.84
C ASP H 353 -51.30 13.16 -12.24
N LYS H 354 -50.85 14.11 -13.05
CA LYS H 354 -49.96 15.16 -12.57
C LYS H 354 -50.59 15.95 -11.41
N ILE H 355 -51.82 16.42 -11.61
CA ILE H 355 -52.50 17.23 -10.60
C ILE H 355 -52.68 16.46 -9.30
N ILE H 356 -53.18 15.24 -9.40
CA ILE H 356 -53.43 14.43 -8.22
C ILE H 356 -52.14 14.20 -7.47
N GLU H 357 -51.06 13.94 -8.20
CA GLU H 357 -49.77 13.74 -7.56
C GLU H 357 -49.37 15.02 -6.85
N GLU H 358 -49.59 16.18 -7.49
CA GLU H 358 -49.28 17.47 -6.89
C GLU H 358 -50.07 17.75 -5.62
N ILE H 359 -51.37 17.46 -5.62
CA ILE H 359 -52.17 17.72 -4.43
C ILE H 359 -51.85 16.67 -3.36
N LYS H 360 -51.55 15.45 -3.79
CA LYS H 360 -51.17 14.36 -2.87
C LYS H 360 -49.83 14.63 -2.18
N LYS H 361 -49.34 15.86 -2.32
CA LYS H 361 -47.95 16.20 -2.07
C LYS H 361 -47.84 17.54 -1.33
N GLN H 362 -48.41 18.58 -1.94
CA GLN H 362 -48.52 19.89 -1.30
C GLN H 362 -49.44 19.88 -0.08
N CYS H 363 -50.51 19.10 -0.19
CA CYS H 363 -51.40 18.83 0.94
C CYS H 363 -51.09 17.38 1.38
N ASN H 364 -51.81 16.88 2.38
CA ASN H 364 -51.49 15.57 2.95
C ASN H 364 -52.76 14.76 3.12
N PRO H 365 -53.50 14.56 2.02
CA PRO H 365 -54.83 13.99 2.15
C PRO H 365 -54.82 12.58 2.75
N ASP H 366 -55.90 12.25 3.45
CA ASP H 366 -56.12 10.89 3.92
C ASP H 366 -56.41 9.99 2.72
N SER H 367 -57.11 10.55 1.73
CA SER H 367 -57.61 9.80 0.60
C SER H 367 -57.82 10.72 -0.60
N ILE H 368 -57.60 10.21 -1.81
CA ILE H 368 -58.05 10.87 -3.04
C ILE H 368 -58.63 9.84 -3.99
N GLU H 369 -59.88 10.05 -4.41
CA GLU H 369 -60.51 9.21 -5.42
C GLU H 369 -60.87 10.04 -6.64
N ILE H 370 -60.92 9.38 -7.80
CA ILE H 370 -61.33 10.02 -9.04
C ILE H 370 -62.62 9.37 -9.52
N HIS H 371 -63.69 10.14 -9.55
CA HIS H 371 -65.00 9.66 -9.96
C HIS H 371 -65.32 10.32 -11.28
N PRO H 372 -65.10 9.59 -12.40
CA PRO H 372 -65.40 10.17 -13.70
C PRO H 372 -66.83 9.91 -14.15
N ASN H 373 -67.14 10.26 -15.40
CA ASN H 373 -68.40 9.96 -16.08
C ASN H 373 -69.60 10.70 -15.50
N MSE H 374 -69.51 12.02 -15.53
CA MSE H 374 -70.56 12.87 -15.01
C MSE H 374 -71.03 13.83 -16.06
O MSE H 374 -70.25 14.34 -16.86
CB MSE H 374 -70.03 13.58 -13.76
CG MSE H 374 -71.09 14.50 -13.17
SE MSE H 374 -70.70 14.92 -11.30
CE MSE H 374 -72.55 14.63 -10.76
N ALA H 375 -72.34 14.06 -16.07
CA ALA H 375 -72.96 15.09 -16.89
C ALA H 375 -73.55 16.11 -15.96
N LEU H 376 -73.43 17.38 -16.32
CA LEU H 376 -74.11 18.44 -15.59
C LEU H 376 -75.28 18.93 -16.41
N VAL H 377 -76.44 19.07 -15.76
CA VAL H 377 -77.67 19.53 -16.40
C VAL H 377 -78.16 20.81 -15.73
N ALA H 378 -77.98 21.93 -16.43
CA ALA H 378 -78.38 23.25 -15.94
C ALA H 378 -79.78 23.51 -16.43
N THR H 379 -80.61 24.02 -15.54
CA THR H 379 -82.01 24.25 -15.85
C THR H 379 -82.36 25.63 -15.31
N VAL H 380 -82.65 26.55 -16.23
CA VAL H 380 -82.57 27.97 -15.96
C VAL H 380 -83.88 28.69 -16.24
N GLY H 381 -84.12 29.76 -15.48
CA GLY H 381 -85.29 30.61 -15.71
C GLY H 381 -85.56 31.64 -14.61
N THR H 382 -85.92 32.86 -15.01
CA THR H 382 -86.24 33.91 -14.02
C THR H 382 -87.59 33.63 -13.32
N GLY H 383 -88.42 32.78 -13.92
CA GLY H 383 -89.62 32.30 -13.26
C GLY H 383 -89.32 31.48 -12.01
N MSE H 384 -88.12 30.90 -11.94
CA MSE H 384 -87.74 30.00 -10.85
C MSE H 384 -87.61 30.71 -9.52
O MSE H 384 -88.04 30.19 -8.49
CB MSE H 384 -86.40 29.30 -11.13
CG MSE H 384 -86.50 28.38 -12.35
SE MSE H 384 -84.83 27.39 -12.68
CE MSE H 384 -84.34 26.98 -10.82
N ALA H 385 -87.01 31.91 -9.53
CA ALA H 385 -86.70 32.63 -8.28
C ALA H 385 -87.93 32.81 -7.38
N LYS H 386 -87.73 32.54 -6.08
CA LYS H 386 -88.77 32.68 -5.07
C LYS H 386 -90.08 31.94 -5.43
N THR H 387 -89.93 30.73 -5.98
CA THR H 387 -91.05 29.83 -6.23
C THR H 387 -90.84 28.58 -5.39
N LYS H 388 -91.90 28.16 -4.70
CA LYS H 388 -91.83 27.00 -3.82
C LYS H 388 -91.70 25.71 -4.66
N GLY H 389 -90.83 24.81 -4.21
CA GLY H 389 -90.77 23.46 -4.76
C GLY H 389 -90.21 23.28 -6.15
N ILE H 390 -89.76 24.38 -6.79
CA ILE H 390 -89.16 24.30 -8.11
C ILE H 390 -88.03 23.28 -8.16
N ALA H 391 -87.10 23.36 -7.22
CA ALA H 391 -86.02 22.39 -7.14
C ALA H 391 -86.63 21.00 -6.97
N ASN H 392 -87.49 20.86 -5.97
CA ASN H 392 -88.19 19.61 -5.69
C ASN H 392 -88.86 19.04 -6.94
N LYS H 393 -89.42 19.93 -7.75
CA LYS H 393 -90.07 19.55 -9.00
C LYS H 393 -89.09 18.85 -9.93
N ILE H 394 -87.87 19.36 -10.02
CA ILE H 394 -86.85 18.79 -10.89
C ILE H 394 -86.36 17.44 -10.36
N PHE H 395 -86.21 17.33 -9.05
CA PHE H 395 -85.76 16.08 -8.46
C PHE H 395 -86.83 15.00 -8.57
N THR H 396 -88.09 15.39 -8.39
CA THR H 396 -89.20 14.44 -8.49
C THR H 396 -89.14 13.74 -9.83
N ALA H 397 -89.03 14.53 -10.88
CA ALA H 397 -88.95 14.00 -12.23
C ALA H 397 -87.74 13.11 -12.37
N LEU H 398 -86.59 13.58 -11.89
CA LEU H 398 -85.36 12.79 -11.93
C LEU H 398 -85.52 11.47 -11.20
N SER H 399 -86.03 11.51 -9.97
CA SER H 399 -86.35 10.28 -9.22
C SER H 399 -87.20 9.37 -10.07
N LYS H 400 -88.22 9.98 -10.68
CA LYS H 400 -89.26 9.24 -11.38
C LYS H 400 -88.79 8.57 -12.68
N GLU H 401 -87.49 8.53 -12.96
CA GLU H 401 -87.09 8.19 -14.33
C GLU H 401 -85.92 7.24 -14.70
N ASN H 402 -85.25 6.51 -13.82
CA ASN H 402 -84.98 6.82 -12.42
C ASN H 402 -83.50 7.06 -12.46
N VAL H 403 -83.11 8.33 -12.41
CA VAL H 403 -81.74 8.73 -12.65
C VAL H 403 -81.10 9.17 -11.33
N ASN H 404 -80.05 8.44 -10.94
CA ASN H 404 -79.37 8.72 -9.69
C ASN H 404 -78.53 9.99 -9.76
N ILE H 405 -78.56 10.76 -8.66
CA ILE H 405 -78.04 12.13 -8.59
C ILE H 405 -76.70 12.22 -7.88
N ARG H 406 -75.67 12.62 -8.62
CA ARG H 406 -74.29 12.62 -8.10
C ARG H 406 -73.85 13.96 -7.53
N MSE H 407 -74.57 15.03 -7.87
CA MSE H 407 -74.19 16.36 -7.39
C MSE H 407 -75.31 17.34 -7.52
O MSE H 407 -75.96 17.42 -8.55
CB MSE H 407 -73.03 16.92 -8.22
CG MSE H 407 -72.35 18.06 -7.46
SE MSE H 407 -71.70 19.40 -8.73
CE MSE H 407 -73.37 20.36 -9.12
N ILE H 408 -75.54 18.08 -6.45
CA ILE H 408 -76.39 19.25 -6.53
C ILE H 408 -75.58 20.42 -6.03
N ASP H 409 -75.82 21.58 -6.64
CA ASP H 409 -75.28 22.85 -6.21
C ASP H 409 -76.26 23.97 -6.53
N GLN H 410 -76.74 24.66 -5.51
CA GLN H 410 -77.61 25.79 -5.70
C GLN H 410 -77.39 26.74 -4.53
N GLY H 411 -77.42 28.03 -4.80
CA GLY H 411 -76.97 29.06 -3.85
C GLY H 411 -76.28 30.19 -4.60
N SER H 412 -75.35 29.83 -5.50
CA SER H 412 -74.59 30.82 -6.27
C SER H 412 -75.48 31.67 -7.16
N SER H 413 -76.62 31.13 -7.57
CA SER H 413 -77.61 31.87 -8.36
C SER H 413 -79.02 31.54 -7.91
N GLU H 414 -79.95 32.41 -8.25
CA GLU H 414 -81.35 32.26 -7.86
C GLU H 414 -82.23 31.87 -9.03
N ILE H 415 -81.67 31.88 -10.24
CA ILE H 415 -82.46 31.67 -11.46
C ILE H 415 -82.08 30.39 -12.18
N ASN H 416 -81.50 29.44 -11.44
CA ASN H 416 -80.85 28.29 -12.06
C ASN H 416 -80.46 27.21 -11.04
N VAL H 417 -80.83 25.96 -11.32
CA VAL H 417 -80.45 24.81 -10.48
C VAL H 417 -79.65 23.79 -11.29
N ILE H 418 -78.39 23.59 -10.89
CA ILE H 418 -77.51 22.69 -11.62
C ILE H 418 -77.44 21.37 -10.87
N VAL H 419 -77.82 20.30 -11.57
CA VAL H 419 -77.81 18.95 -11.07
C VAL H 419 -76.88 18.12 -11.92
N GLY H 420 -75.93 17.45 -11.29
CA GLY H 420 -75.07 16.49 -11.98
C GLY H 420 -75.57 15.06 -11.90
N VAL H 421 -75.37 14.30 -12.97
CA VAL H 421 -75.79 12.89 -13.05
C VAL H 421 -74.78 12.07 -13.85
N GLU H 422 -74.96 10.76 -13.89
CA GLU H 422 -74.05 9.87 -14.63
C GLU H 422 -74.20 10.11 -16.12
N THR H 423 -73.08 10.26 -16.82
CA THR H 423 -73.08 10.65 -18.23
C THR H 423 -74.04 9.82 -19.09
N VAL H 424 -74.15 8.54 -18.81
CA VAL H 424 -75.05 7.67 -19.58
C VAL H 424 -76.52 8.07 -19.43
N ASP H 425 -76.90 8.58 -18.25
CA ASP H 425 -78.29 9.02 -17.99
C ASP H 425 -78.60 10.41 -18.55
N PHE H 426 -77.58 11.09 -19.06
CA PHE H 426 -77.69 12.47 -19.52
C PHE H 426 -79.01 12.83 -20.23
N GLU H 427 -79.37 12.08 -21.26
CA GLU H 427 -80.49 12.43 -22.12
C GLU H 427 -81.82 12.20 -21.41
N LYS H 428 -81.95 11.06 -20.73
CA LYS H 428 -83.17 10.75 -19.98
C LYS H 428 -83.42 11.86 -18.96
N ALA H 429 -82.34 12.34 -18.32
CA ALA H 429 -82.43 13.44 -17.35
C ALA H 429 -83.08 14.66 -17.99
N VAL H 430 -82.44 15.20 -19.03
CA VAL H 430 -82.94 16.37 -19.73
C VAL H 430 -84.41 16.19 -20.17
N LYS H 431 -84.65 15.12 -20.91
CA LYS H 431 -86.01 14.76 -21.35
C LYS H 431 -87.02 14.86 -20.22
N SER H 432 -86.63 14.33 -19.05
CA SER H 432 -87.51 14.29 -17.89
C SER H 432 -87.86 15.70 -17.44
N ILE H 433 -86.82 16.51 -17.28
CA ILE H 433 -86.99 17.88 -16.81
C ILE H 433 -87.89 18.63 -17.79
N TYR H 434 -87.60 18.53 -19.09
CA TYR H 434 -88.43 19.19 -20.09
C TYR H 434 -89.89 18.86 -19.85
N ASN H 435 -90.18 17.57 -19.80
CA ASN H 435 -91.55 17.08 -19.69
C ASN H 435 -92.24 17.63 -18.46
N ALA H 436 -91.51 17.70 -17.35
CA ALA H 436 -92.07 18.21 -16.10
C ALA H 436 -92.57 19.67 -16.22
N PHE H 437 -92.13 20.39 -17.24
CA PHE H 437 -92.50 21.79 -17.45
C PHE H 437 -93.14 22.05 -18.82
N ASN H 438 -93.92 21.11 -19.33
CA ASN H 438 -94.56 21.29 -20.64
C ASN H 438 -96.04 21.68 -20.51
N ILE I 4 61.90 -53.88 28.92
CA ILE I 4 62.59 -53.45 27.66
C ILE I 4 61.85 -52.26 27.03
N VAL I 5 62.06 -51.07 27.62
CA VAL I 5 61.39 -49.83 27.18
C VAL I 5 62.35 -48.91 26.39
N VAL I 6 61.80 -48.25 25.37
CA VAL I 6 62.57 -47.39 24.46
C VAL I 6 62.09 -45.94 24.59
N THR I 7 63.01 -45.00 24.39
CA THR I 7 62.70 -43.58 24.56
C THR I 7 63.19 -42.72 23.40
N LYS I 8 62.31 -41.86 22.88
CA LYS I 8 62.69 -40.80 21.94
C LYS I 8 62.45 -39.45 22.58
N PHE I 9 63.45 -38.58 22.50
CA PHE I 9 63.34 -37.23 23.04
C PHE I 9 63.30 -36.23 21.90
N GLY I 10 62.26 -35.40 21.91
CA GLY I 10 62.05 -34.39 20.88
C GLY I 10 63.05 -33.26 20.98
N GLY I 11 63.23 -32.53 19.88
CA GLY I 11 64.21 -31.45 19.78
C GLY I 11 64.19 -30.45 20.91
N SER I 12 63.00 -30.12 21.42
CA SER I 12 62.87 -29.18 22.53
C SER I 12 63.42 -29.77 23.84
N SER I 13 63.37 -31.09 23.97
CA SER I 13 63.95 -31.78 25.12
C SER I 13 65.48 -31.80 25.08
N LEU I 14 66.06 -31.46 23.93
CA LEU I 14 67.51 -31.42 23.78
C LEU I 14 67.97 -30.03 23.35
N ALA I 15 67.21 -29.01 23.75
CA ALA I 15 67.52 -27.63 23.38
C ALA I 15 68.84 -27.15 24.00
N ASP I 16 69.06 -27.45 25.28
CA ASP I 16 70.28 -26.99 25.95
C ASP I 16 70.72 -27.88 27.12
N SER I 17 71.91 -27.57 27.65
CA SER I 17 72.46 -28.23 28.83
C SER I 17 71.36 -28.56 29.83
N ASN I 18 70.63 -27.54 30.26
CA ASN I 18 69.58 -27.69 31.28
C ASN I 18 68.49 -28.68 30.92
N GLN I 19 68.22 -28.82 29.62
CA GLN I 19 67.24 -29.80 29.15
C GLN I 19 67.87 -31.18 29.15
N PHE I 20 69.12 -31.27 28.70
CA PHE I 20 69.89 -32.51 28.79
C PHE I 20 69.83 -33.08 30.20
N LYS I 21 70.07 -32.23 31.19
CA LYS I 21 70.01 -32.64 32.60
C LYS I 21 68.67 -33.32 32.93
N LYS I 22 67.58 -32.75 32.44
CA LYS I 22 66.26 -33.32 32.68
C LYS I 22 66.15 -34.74 32.10
N VAL I 23 66.81 -34.96 30.97
CA VAL I 23 66.84 -36.29 30.34
C VAL I 23 67.53 -37.33 31.23
N LYS I 24 68.78 -37.05 31.62
CA LYS I 24 69.53 -37.95 32.49
C LYS I 24 68.66 -38.30 33.69
N GLY I 25 68.08 -37.27 34.31
CA GLY I 25 67.15 -37.45 35.42
C GLY I 25 66.03 -38.44 35.12
N ILE I 26 65.48 -38.37 33.91
CA ILE I 26 64.41 -39.28 33.50
C ILE I 26 64.96 -40.68 33.20
N ILE I 27 65.98 -40.75 32.36
CA ILE I 27 66.55 -42.04 31.96
C ILE I 27 66.95 -42.85 33.18
N ASP I 28 67.96 -42.40 33.91
CA ASP I 28 68.43 -43.15 35.08
C ASP I 28 67.60 -42.87 36.33
N SER I 29 66.29 -42.75 36.15
CA SER I 29 65.31 -43.00 37.22
C SER I 29 64.40 -44.14 36.80
N ASP I 30 64.91 -45.01 35.94
CA ASP I 30 64.27 -46.28 35.59
C ASP I 30 65.27 -47.14 34.81
N ALA I 31 65.44 -48.39 35.22
CA ALA I 31 66.38 -49.30 34.58
C ALA I 31 65.91 -49.66 33.19
N ASN I 32 64.61 -49.90 33.05
CA ASN I 32 64.01 -50.42 31.81
C ASN I 32 64.19 -49.54 30.55
N ARG I 33 64.42 -48.24 30.75
CA ARG I 33 64.64 -47.31 29.63
C ARG I 33 66.02 -47.55 29.00
N LYS I 34 66.09 -48.56 28.15
CA LYS I 34 67.39 -49.06 27.66
C LYS I 34 67.87 -48.40 26.38
N TYR I 35 66.94 -47.84 25.61
CA TYR I 35 67.28 -47.33 24.29
C TYR I 35 66.81 -45.90 24.08
N ILE I 36 67.75 -45.02 23.70
CA ILE I 36 67.49 -43.59 23.57
C ILE I 36 67.68 -43.10 22.14
N ILE I 37 66.62 -42.59 21.53
CA ILE I 37 66.67 -42.03 20.17
C ILE I 37 66.53 -40.51 20.22
N PRO I 38 67.64 -39.77 20.01
CA PRO I 38 67.64 -38.33 20.18
C PRO I 38 67.24 -37.57 18.92
N SER I 39 66.60 -36.43 19.13
CA SER I 39 66.40 -35.48 18.05
C SER I 39 67.61 -34.57 17.97
N ALA I 40 67.66 -33.75 16.93
CA ALA I 40 68.68 -32.73 16.81
C ALA I 40 68.32 -31.64 17.81
N PRO I 41 69.27 -30.76 18.13
CA PRO I 41 68.99 -29.77 19.17
C PRO I 41 68.01 -28.70 18.71
N GLY I 42 66.87 -28.60 19.41
CA GLY I 42 65.82 -27.65 19.05
C GLY I 42 66.21 -26.21 19.28
N LYS I 43 65.41 -25.30 18.73
CA LYS I 43 65.59 -23.85 18.95
C LYS I 43 65.30 -23.50 20.41
N ARG I 44 65.98 -22.48 20.91
CA ARG I 44 65.86 -22.08 22.32
C ARG I 44 64.90 -20.90 22.44
N THR I 45 65.00 -19.98 21.48
CA THR I 45 64.06 -18.89 21.33
C THR I 45 63.59 -18.85 19.87
N ASN I 46 62.47 -18.18 19.61
CA ASN I 46 61.99 -18.02 18.23
C ASN I 46 63.00 -17.34 17.32
N LYS I 47 63.74 -16.38 17.87
CA LYS I 47 64.85 -15.72 17.17
C LYS I 47 65.95 -16.70 16.71
N ASP I 48 66.23 -17.69 17.56
CA ASP I 48 67.37 -18.59 17.40
C ASP I 48 67.48 -19.23 16.02
N TYR I 49 68.69 -19.66 15.68
CA TYR I 49 68.95 -20.40 14.44
C TYR I 49 68.71 -21.87 14.70
N LYS I 50 68.30 -22.61 13.66
CA LYS I 50 67.97 -24.02 13.79
C LYS I 50 69.09 -24.86 13.17
N ILE I 51 69.85 -25.54 14.02
CA ILE I 51 71.03 -26.30 13.59
C ILE I 51 70.79 -27.12 12.32
N THR I 52 69.70 -27.90 12.29
CA THR I 52 69.40 -28.70 11.11
C THR I 52 69.56 -27.86 9.85
N ASP I 53 69.01 -26.65 9.86
CA ASP I 53 69.11 -25.76 8.70
C ASP I 53 70.54 -25.25 8.49
N LEU I 54 71.15 -24.72 9.54
CA LEU I 54 72.50 -24.18 9.41
C LEU I 54 73.46 -25.13 8.70
N LEU I 55 73.24 -26.43 8.84
CA LEU I 55 74.01 -27.43 8.09
C LEU I 55 73.65 -27.40 6.61
N TYR I 56 72.35 -27.43 6.29
CA TYR I 56 71.90 -27.30 4.90
C TYR I 56 72.55 -26.08 4.26
N LEU I 57 72.73 -25.00 5.04
CA LEU I 57 73.38 -23.81 4.54
C LEU I 57 74.83 -24.10 4.15
N CYS I 58 75.52 -24.90 4.96
CA CYS I 58 76.88 -25.32 4.66
C CYS I 58 76.91 -26.06 3.33
N ASN I 59 76.06 -27.09 3.22
CA ASN I 59 75.89 -27.82 1.95
C ASN I 59 75.63 -26.86 0.79
N ALA I 60 74.85 -25.80 1.04
CA ALA I 60 74.59 -24.77 0.03
C ALA I 60 75.86 -24.02 -0.35
N HIS I 61 76.71 -23.70 0.63
CA HIS I 61 77.99 -23.04 0.33
C HIS I 61 78.87 -23.87 -0.57
N VAL I 62 78.95 -25.17 -0.28
CA VAL I 62 79.78 -26.07 -1.07
C VAL I 62 79.27 -26.15 -2.51
N LYS I 63 77.96 -26.26 -2.69
CA LYS I 63 77.35 -26.16 -4.03
C LYS I 63 77.74 -24.86 -4.72
N ASN I 64 77.84 -23.81 -3.93
CA ASN I 64 78.09 -22.47 -4.44
C ASN I 64 79.56 -22.18 -4.65
N GLY I 65 80.43 -23.03 -4.09
CA GLY I 65 81.86 -22.89 -4.29
C GLY I 65 82.56 -22.08 -3.21
N ILE I 66 81.80 -21.39 -2.36
CA ILE I 66 82.39 -20.61 -1.27
C ILE I 66 82.71 -21.54 -0.10
N PRO I 67 83.61 -21.09 0.81
CA PRO I 67 83.79 -21.75 2.11
C PRO I 67 82.63 -21.43 3.06
N PHE I 68 82.69 -21.88 4.31
CA PHE I 68 81.60 -21.64 5.25
C PHE I 68 82.02 -21.65 6.70
N ASP I 69 83.18 -21.06 6.98
CA ASP I 69 83.78 -21.09 8.32
C ASP I 69 82.90 -20.38 9.34
N ASP I 70 82.42 -19.19 8.99
CA ASP I 70 81.55 -18.39 9.85
C ASP I 70 80.30 -19.17 10.29
N VAL I 71 79.68 -19.89 9.35
CA VAL I 71 78.49 -20.68 9.65
C VAL I 71 78.82 -21.80 10.61
N PHE I 72 80.01 -22.39 10.43
CA PHE I 72 80.40 -23.56 11.22
C PHE I 72 80.91 -23.22 12.60
N LYS I 73 81.53 -22.05 12.77
CA LYS I 73 81.93 -21.57 14.09
C LYS I 73 80.70 -21.55 15.00
N LEU I 74 79.52 -21.29 14.43
CA LEU I 74 78.28 -21.29 15.20
C LEU I 74 77.80 -22.68 15.53
N ILE I 75 77.86 -23.59 14.57
CA ILE I 75 77.43 -24.96 14.81
C ILE I 75 78.28 -25.60 15.90
N SER I 76 79.59 -25.37 15.83
CA SER I 76 80.52 -25.92 16.82
C SER I 76 80.30 -25.29 18.20
N GLN I 77 79.96 -24.01 18.21
CA GLN I 77 79.73 -23.30 19.47
C GLN I 77 78.59 -23.92 20.26
N ARG I 78 77.53 -24.31 19.57
CA ARG I 78 76.36 -24.85 20.25
C ARG I 78 76.70 -26.12 20.96
N TYR I 79 77.40 -27.01 20.27
CA TYR I 79 77.72 -28.32 20.79
C TYR I 79 78.91 -28.32 21.76
N THR I 80 79.90 -27.45 21.54
CA THR I 80 81.02 -27.36 22.47
C THR I 80 80.52 -26.89 23.83
N GLU I 81 79.60 -25.92 23.83
CA GLU I 81 79.03 -25.38 25.07
C GLU I 81 78.20 -26.42 25.84
N ILE I 82 77.40 -27.21 25.13
CA ILE I 82 76.53 -28.19 25.78
C ILE I 82 77.34 -29.24 26.54
N VAL I 83 78.35 -29.80 25.89
CA VAL I 83 79.23 -30.77 26.54
C VAL I 83 80.02 -30.13 27.67
N SER I 84 80.38 -28.86 27.50
CA SER I 84 81.10 -28.10 28.53
C SER I 84 80.28 -27.94 29.81
N GLU I 85 79.09 -27.39 29.67
CA GLU I 85 78.25 -27.05 30.82
C GLU I 85 77.71 -28.26 31.56
N LEU I 86 77.72 -29.42 30.92
CA LEU I 86 77.44 -30.69 31.59
C LEU I 86 78.75 -31.44 31.80
N ASN I 87 79.51 -31.01 32.81
CA ASN I 87 80.81 -31.60 33.12
C ASN I 87 81.06 -32.95 32.43
N ILE I 88 81.68 -32.90 31.26
CA ILE I 88 81.97 -34.12 30.50
C ILE I 88 83.40 -34.14 29.93
N ASP I 89 84.16 -35.15 30.34
CA ASP I 89 85.56 -35.33 29.91
C ASP I 89 85.65 -36.04 28.56
N MSE I 90 85.10 -35.40 27.53
CA MSE I 90 85.20 -35.86 26.16
C MSE I 90 85.72 -34.73 25.31
O MSE I 90 85.97 -33.63 25.80
CB MSE I 90 83.83 -36.31 25.64
CG MSE I 90 82.91 -35.18 25.19
SE MSE I 90 81.89 -35.73 23.61
CE MSE I 90 80.63 -36.90 24.54
N ASP I 91 85.89 -35.01 24.02
CA ASP I 91 86.19 -34.00 23.03
C ASP I 91 85.09 -34.05 21.98
N ILE I 92 84.56 -32.89 21.62
CA ILE I 92 83.58 -32.82 20.52
C ILE I 92 84.20 -32.27 19.23
N ALA I 93 85.22 -31.40 19.35
CA ALA I 93 85.92 -30.88 18.17
C ALA I 93 86.37 -31.99 17.21
N TYR I 94 86.69 -33.16 17.78
CA TYR I 94 87.10 -34.32 16.99
C TYR I 94 86.01 -34.77 16.03
N TYR I 95 84.79 -34.91 16.53
CA TYR I 95 83.66 -35.32 15.69
C TYR I 95 83.24 -34.19 14.74
N LEU I 96 83.29 -32.94 15.23
CA LEU I 96 82.82 -31.78 14.46
C LEU I 96 83.63 -31.57 13.19
N GLU I 97 84.95 -31.71 13.29
CA GLU I 97 85.81 -31.44 12.15
C GLU I 97 85.67 -32.51 11.07
N LYS I 98 85.30 -33.72 11.48
CA LYS I 98 84.98 -34.78 10.53
C LYS I 98 83.81 -34.34 9.67
N VAL I 99 82.78 -33.75 10.28
CA VAL I 99 81.64 -33.28 9.53
C VAL I 99 82.05 -32.13 8.60
N LYS I 100 82.75 -31.13 9.15
CA LYS I 100 83.16 -29.98 8.35
C LYS I 100 84.01 -30.39 7.15
N LYS I 101 84.81 -31.45 7.30
CA LYS I 101 85.65 -31.95 6.19
C LYS I 101 84.86 -32.68 5.11
N ASN I 102 83.97 -33.58 5.53
CA ASN I 102 83.11 -34.33 4.59
C ASN I 102 82.20 -33.43 3.75
N ILE I 103 81.64 -32.40 4.39
CA ILE I 103 80.76 -31.45 3.70
C ILE I 103 81.50 -30.70 2.61
N GLU I 104 82.69 -30.21 2.93
CA GLU I 104 83.48 -29.47 1.94
C GLU I 104 84.15 -30.41 0.95
N ASN I 105 84.16 -31.70 1.26
CA ASN I 105 84.51 -32.73 0.30
C ASN I 105 83.27 -33.44 -0.28
N GLY I 106 82.25 -32.65 -0.63
CA GLY I 106 81.14 -33.12 -1.45
C GLY I 106 80.05 -33.97 -0.81
N ALA I 107 80.03 -34.04 0.51
CA ALA I 107 78.97 -34.77 1.21
C ALA I 107 77.59 -34.21 0.84
N SER I 108 76.59 -35.08 0.79
CA SER I 108 75.25 -34.70 0.33
C SER I 108 74.48 -33.91 1.37
N SER I 109 73.30 -33.44 0.98
CA SER I 109 72.38 -32.76 1.91
C SER I 109 71.96 -33.74 3.00
N ASP I 110 71.51 -34.93 2.60
CA ASP I 110 71.07 -35.97 3.54
C ASP I 110 72.12 -36.23 4.62
N TYR I 111 73.38 -36.31 4.22
CA TYR I 111 74.45 -36.51 5.18
C TYR I 111 74.54 -35.29 6.08
N ALA I 112 74.81 -34.14 5.46
CA ALA I 112 74.96 -32.90 6.19
C ALA I 112 73.81 -32.70 7.17
N ALA I 113 72.58 -32.83 6.67
CA ALA I 113 71.40 -32.56 7.49
C ALA I 113 71.23 -33.56 8.64
N SER I 114 71.75 -34.77 8.49
CA SER I 114 71.65 -35.78 9.54
C SER I 114 72.63 -35.55 10.71
N ARG I 115 73.65 -34.73 10.48
CA ARG I 115 74.73 -34.56 11.45
C ARG I 115 74.33 -33.89 12.76
N GLY I 116 73.22 -33.15 12.76
CA GLY I 116 72.73 -32.54 13.99
C GLY I 116 72.29 -33.58 15.01
N GLU I 117 71.53 -34.56 14.53
CA GLU I 117 70.96 -35.61 15.36
C GLU I 117 72.08 -36.60 15.73
N TYR I 118 72.98 -36.82 14.78
CA TYR I 118 74.16 -37.66 14.97
C TYR I 118 75.06 -37.10 16.08
N LEU I 119 75.41 -35.83 16.00
CA LEU I 119 76.30 -35.23 17.00
C LEU I 119 75.66 -35.25 18.39
N ASN I 120 74.37 -34.96 18.47
CA ASN I 120 73.61 -35.17 19.70
C ASN I 120 73.80 -36.58 20.24
N GLY I 121 73.79 -37.57 19.35
CA GLY I 121 73.92 -38.98 19.73
C GLY I 121 75.21 -39.29 20.46
N VAL I 122 76.33 -38.94 19.85
CA VAL I 122 77.63 -39.21 20.45
C VAL I 122 77.71 -38.55 21.82
N ILE I 123 77.13 -37.35 21.94
CA ILE I 123 77.14 -36.64 23.21
C ILE I 123 76.29 -37.37 24.25
N LEU I 124 75.07 -37.72 23.88
CA LEU I 124 74.22 -38.51 24.75
C LEU I 124 74.85 -39.86 25.14
N ALA I 125 75.53 -40.48 24.18
CA ALA I 125 76.21 -41.73 24.41
C ALA I 125 77.07 -41.63 25.66
N LYS I 126 78.01 -40.68 25.64
CA LYS I 126 78.92 -40.49 26.77
C LYS I 126 78.18 -39.99 28.01
N TYR I 127 77.28 -39.02 27.86
CA TYR I 127 76.60 -38.41 29.02
C TYR I 127 75.65 -39.37 29.73
N LEU I 128 74.93 -40.19 28.98
CA LEU I 128 74.06 -41.22 29.56
C LEU I 128 74.81 -42.52 29.80
N ASN I 129 76.07 -42.56 29.35
CA ASN I 129 76.93 -43.74 29.47
C ASN I 129 76.33 -44.97 28.80
N ALA I 130 76.22 -44.89 27.47
CA ALA I 130 75.66 -45.96 26.66
C ALA I 130 76.43 -46.09 25.36
N GLU I 131 76.18 -47.17 24.63
CA GLU I 131 76.90 -47.43 23.40
C GLU I 131 76.27 -46.62 22.28
N PHE I 132 77.10 -45.86 21.58
CA PHE I 132 76.66 -45.14 20.38
C PHE I 132 76.54 -46.13 19.24
N ILE I 133 75.31 -46.33 18.77
CA ILE I 133 75.04 -47.20 17.63
C ILE I 133 74.55 -46.34 16.48
N ASP I 134 75.49 -45.87 15.66
CA ASP I 134 75.19 -45.03 14.49
C ASP I 134 73.98 -45.56 13.73
N ALA I 135 73.00 -44.69 13.52
CA ALA I 135 71.74 -45.07 12.87
C ALA I 135 71.96 -45.80 11.55
N ALA I 136 73.02 -45.40 10.84
CA ALA I 136 73.32 -45.95 9.52
C ALA I 136 73.57 -47.45 9.54
N GLU I 137 74.00 -47.98 10.68
CA GLU I 137 74.29 -49.40 10.81
C GLU I 137 73.04 -50.26 11.09
N VAL I 138 71.92 -49.61 11.40
CA VAL I 138 70.70 -50.34 11.78
C VAL I 138 69.51 -50.13 10.84
N ILE I 139 69.27 -48.89 10.43
CA ILE I 139 68.11 -48.57 9.60
C ILE I 139 68.52 -48.62 8.13
N PHE I 140 67.71 -49.29 7.31
CA PHE I 140 68.05 -49.50 5.91
C PHE I 140 66.87 -49.30 4.95
N PHE I 141 67.20 -48.99 3.69
CA PHE I 141 66.21 -48.80 2.63
C PHE I 141 66.48 -49.76 1.47
N ASP I 142 65.61 -49.71 0.46
CA ASP I 142 65.75 -50.53 -0.74
C ASP I 142 65.58 -49.65 -1.99
N LYS I 143 66.05 -50.15 -3.13
CA LYS I 143 66.02 -49.38 -4.38
C LYS I 143 64.59 -49.13 -4.85
N CYS I 146 61.74 -46.82 -0.59
CA CYS I 146 61.01 -47.50 0.49
C CYS I 146 61.97 -48.01 1.57
N PHE I 147 61.39 -48.46 2.69
CA PHE I 147 62.14 -48.88 3.86
C PHE I 147 62.25 -50.40 3.95
N ASP I 148 63.48 -50.91 3.94
CA ASP I 148 63.71 -52.36 4.01
C ASP I 148 63.42 -52.86 5.41
N GLU I 149 62.19 -53.33 5.61
CA GLU I 149 61.75 -53.85 6.91
C GLU I 149 62.58 -55.06 7.32
N LYS I 150 62.50 -56.14 6.55
CA LYS I 150 63.16 -57.41 6.90
C LYS I 150 64.63 -57.25 7.32
N LYS I 151 65.40 -56.52 6.51
CA LYS I 151 66.83 -56.35 6.75
C LYS I 151 67.13 -55.55 8.01
N SER I 152 66.39 -54.47 8.21
CA SER I 152 66.63 -53.53 9.31
C SER I 152 66.43 -54.14 10.69
N TYR I 153 65.35 -54.91 10.87
CA TYR I 153 65.05 -55.56 12.15
C TYR I 153 66.08 -56.65 12.47
N GLU I 154 66.48 -57.40 11.45
CA GLU I 154 67.56 -58.41 11.60
C GLU I 154 68.89 -57.72 11.92
N LYS I 155 69.20 -56.67 11.16
CA LYS I 155 70.42 -55.88 11.37
C LYS I 155 70.37 -55.15 12.72
N ILE I 156 69.16 -54.84 13.17
CA ILE I 156 68.96 -54.25 14.49
C ILE I 156 69.44 -55.18 15.59
N LYS I 157 68.77 -56.34 15.69
CA LYS I 157 68.93 -57.25 16.83
C LYS I 157 70.40 -57.55 17.17
N GLU I 158 71.26 -57.60 16.16
CA GLU I 158 72.70 -57.70 16.41
C GLU I 158 73.16 -56.62 17.40
N LYS I 159 73.05 -55.36 17.00
CA LYS I 159 73.68 -54.26 17.74
C LYS I 159 72.88 -53.80 18.97
N VAL I 160 71.57 -53.68 18.81
CA VAL I 160 70.72 -53.12 19.87
C VAL I 160 70.51 -54.08 21.05
N LEU I 161 69.83 -55.19 20.79
CA LEU I 161 69.39 -56.10 21.85
C LEU I 161 70.58 -56.63 22.65
N SER I 162 71.71 -56.82 21.97
CA SER I 162 72.95 -57.23 22.62
C SER I 162 73.46 -56.17 23.59
N CYS I 163 73.65 -54.95 23.08
CA CYS I 163 74.21 -53.85 23.85
C CYS I 163 73.11 -53.08 24.57
N ASN I 164 73.02 -53.25 25.88
CA ASN I 164 72.03 -52.52 26.70
C ASN I 164 72.57 -51.19 27.18
N LYS I 165 71.69 -50.19 27.26
CA LYS I 165 72.09 -48.79 27.28
C LYS I 165 72.70 -48.49 25.91
N ALA I 166 71.84 -48.07 24.98
CA ALA I 166 72.25 -47.81 23.60
C ALA I 166 71.54 -46.57 23.09
N VAL I 167 72.30 -45.68 22.44
CA VAL I 167 71.73 -44.47 21.83
C VAL I 167 71.78 -44.58 20.30
N ILE I 168 70.63 -44.32 19.67
CA ILE I 168 70.49 -44.44 18.22
C ILE I 168 69.88 -43.18 17.61
N PRO I 169 70.67 -42.41 16.83
CA PRO I 169 70.18 -41.22 16.13
C PRO I 169 68.90 -41.46 15.33
N GLY I 170 68.12 -40.41 15.12
CA GLY I 170 66.75 -40.58 14.67
C GLY I 170 66.39 -40.20 13.24
N PHE I 171 67.12 -39.26 12.67
CA PHE I 171 66.67 -38.66 11.42
C PHE I 171 66.99 -39.48 10.16
N TYR I 172 67.92 -40.42 10.25
CA TYR I 172 68.49 -41.06 9.06
C TYR I 172 68.68 -42.57 9.21
N GLY I 173 68.78 -43.22 8.06
CA GLY I 173 69.22 -44.61 7.96
C GLY I 173 70.22 -44.72 6.81
N SER I 174 70.40 -45.93 6.28
CA SER I 174 71.32 -46.14 5.16
C SER I 174 70.61 -46.70 3.92
N SER I 175 70.68 -45.96 2.82
CA SER I 175 70.07 -46.37 1.57
C SER I 175 70.85 -47.53 0.96
N PHE I 176 70.20 -48.28 0.07
CA PHE I 176 70.81 -49.47 -0.52
C PHE I 176 72.18 -49.15 -1.13
N ASN I 177 72.26 -48.04 -1.85
CA ASN I 177 73.53 -47.58 -2.44
C ASN I 177 74.73 -47.48 -1.47
N GLY I 178 74.45 -47.43 -0.16
CA GLY I 178 75.49 -47.35 0.86
C GLY I 178 75.51 -46.03 1.61
N ASP I 179 75.15 -44.94 0.93
CA ASP I 179 75.13 -43.61 1.54
C ASP I 179 74.00 -43.50 2.58
N VAL I 180 74.18 -42.60 3.54
CA VAL I 180 73.11 -42.22 4.47
C VAL I 180 72.04 -41.43 3.74
N LYS I 181 70.78 -41.78 3.98
CA LYS I 181 69.68 -40.93 3.52
C LYS I 181 68.68 -40.68 4.64
N THR I 182 67.96 -39.57 4.51
CA THR I 182 67.03 -39.08 5.51
C THR I 182 65.67 -39.69 5.24
N PHE I 183 64.82 -39.73 6.26
CA PHE I 183 63.40 -40.04 6.04
C PHE I 183 62.69 -38.87 5.38
N SER I 184 61.92 -39.16 4.33
CA SER I 184 61.10 -38.16 3.66
C SER I 184 60.10 -37.55 4.63
N ARG I 185 59.43 -38.40 5.41
CA ARG I 185 58.55 -37.95 6.47
C ARG I 185 58.68 -38.94 7.62
N GLY I 186 58.72 -38.43 8.86
CA GLY I 186 58.78 -39.27 10.06
C GLY I 186 59.62 -38.67 11.18
N GLY I 187 60.75 -38.08 10.82
CA GLY I 187 61.66 -37.48 11.79
C GLY I 187 62.33 -38.53 12.63
N SER I 188 62.64 -38.19 13.87
CA SER I 188 63.19 -39.15 14.81
C SER I 188 62.08 -40.00 15.43
N ASP I 189 60.84 -39.52 15.35
CA ASP I 189 59.69 -40.29 15.83
C ASP I 189 59.65 -41.66 15.18
N VAL I 190 59.96 -41.72 13.88
CA VAL I 190 59.85 -42.96 13.12
C VAL I 190 60.97 -43.94 13.44
N THR I 191 62.18 -43.45 13.72
CA THR I 191 63.26 -44.31 14.18
C THR I 191 62.95 -44.87 15.55
N GLY I 192 62.33 -44.05 16.39
CA GLY I 192 61.90 -44.48 17.72
C GLY I 192 60.94 -45.63 17.62
N SER I 193 60.09 -45.61 16.59
CA SER I 193 59.25 -46.76 16.28
C SER I 193 60.09 -47.88 15.70
N ILE I 194 60.81 -47.59 14.61
CA ILE I 194 61.65 -48.56 13.91
C ILE I 194 62.52 -49.38 14.86
N ILE I 195 63.05 -48.72 15.89
CA ILE I 195 63.80 -49.41 16.94
C ILE I 195 62.87 -50.19 17.85
N SER I 196 61.77 -49.56 18.26
CA SER I 196 60.80 -50.21 19.16
C SER I 196 60.08 -51.40 18.50
N ALA I 197 59.97 -51.40 17.17
CA ALA I 197 59.38 -52.51 16.43
C ALA I 197 60.31 -53.70 16.47
N GLY I 198 61.53 -53.49 15.99
CA GLY I 198 62.64 -54.41 16.31
C GLY I 198 62.79 -54.35 17.81
N VAL I 199 63.68 -55.14 18.38
CA VAL I 199 63.83 -55.13 19.83
C VAL I 199 62.49 -55.39 20.51
N ASN I 200 61.62 -56.18 19.85
CA ASN I 200 60.23 -56.39 20.30
C ASN I 200 59.93 -55.78 21.65
N ALA I 201 59.82 -54.46 21.68
CA ALA I 201 59.78 -53.70 22.93
C ALA I 201 58.39 -53.68 23.56
N ASP I 202 58.35 -53.33 24.84
CA ASP I 202 57.11 -53.32 25.61
C ASP I 202 56.40 -51.96 25.54
N LEU I 203 57.17 -50.88 25.47
CA LEU I 203 56.60 -49.53 25.41
C LEU I 203 57.59 -48.50 24.82
N TYR I 204 57.03 -47.54 24.09
CA TYR I 204 57.81 -46.51 23.39
C TYR I 204 57.40 -45.11 23.86
N GLU I 205 58.25 -44.51 24.69
CA GLU I 205 57.97 -43.18 25.23
C GLU I 205 58.41 -42.11 24.24
N ASN I 206 57.51 -41.19 23.91
CA ASN I 206 57.83 -40.09 23.01
C ASN I 206 57.80 -38.79 23.80
N TRP I 207 58.98 -38.34 24.22
CA TRP I 207 59.09 -37.19 25.10
C TRP I 207 58.99 -35.90 24.36
N THR I 208 58.44 -34.91 25.04
CA THR I 208 58.02 -33.67 24.43
C THR I 208 57.83 -32.62 25.49
N ASP I 209 57.57 -31.38 25.05
CA ASP I 209 57.35 -30.27 25.96
C ASP I 209 55.93 -30.24 26.55
N VAL I 210 54.99 -30.95 25.91
CA VAL I 210 53.61 -31.03 26.43
C VAL I 210 53.34 -32.34 27.18
N SER I 211 52.31 -32.32 28.03
CA SER I 211 51.90 -33.50 28.81
C SER I 211 50.78 -34.24 28.10
N GLY I 212 51.12 -34.90 27.01
CA GLY I 212 50.13 -35.61 26.20
C GLY I 212 49.22 -34.63 25.50
N PHE I 213 47.96 -35.03 25.32
CA PHE I 213 46.96 -34.19 24.66
C PHE I 213 45.74 -34.01 25.56
N LEU I 214 45.07 -32.87 25.42
CA LEU I 214 43.84 -32.59 26.14
C LEU I 214 42.65 -32.89 25.25
N MSE I 215 41.55 -33.33 25.87
CA MSE I 215 40.29 -33.55 25.15
C MSE I 215 39.93 -32.36 24.32
O MSE I 215 39.49 -32.49 23.19
CB MSE I 215 39.14 -33.79 26.13
CG MSE I 215 38.49 -35.15 25.94
SE MSE I 215 37.41 -35.53 27.53
CE MSE I 215 36.09 -34.07 27.36
N ALA I 216 40.14 -31.17 24.88
CA ALA I 216 39.86 -29.92 24.18
C ALA I 216 40.86 -28.83 24.51
N ASP I 217 41.01 -27.90 23.55
CA ASP I 217 41.87 -26.72 23.67
C ASP I 217 41.58 -25.97 24.98
N PRO I 218 42.60 -25.84 25.87
CA PRO I 218 42.39 -25.17 27.15
C PRO I 218 42.16 -23.67 27.04
N ARG I 219 42.57 -23.07 25.92
CA ARG I 219 42.24 -21.68 25.61
C ARG I 219 40.72 -21.55 25.41
N ILE I 220 40.11 -22.58 24.81
CA ILE I 220 38.66 -22.61 24.60
C ILE I 220 37.95 -22.98 25.91
N VAL I 221 38.48 -23.98 26.63
CA VAL I 221 37.88 -24.43 27.89
C VAL I 221 38.95 -24.79 28.93
N GLU I 222 39.22 -23.86 29.85
CA GLU I 222 40.25 -24.09 30.87
C GLU I 222 39.87 -25.22 31.82
N ASN I 223 40.87 -25.80 32.48
CA ASN I 223 40.71 -27.00 33.27
C ASN I 223 39.95 -28.11 32.53
N PRO I 224 40.40 -28.46 31.31
CA PRO I 224 39.79 -29.58 30.60
C PRO I 224 40.35 -30.93 31.07
N LYS I 225 39.84 -32.01 30.49
CA LYS I 225 40.25 -33.36 30.88
C LYS I 225 41.40 -33.87 30.00
N THR I 226 42.26 -34.70 30.59
CA THR I 226 43.36 -35.32 29.87
C THR I 226 42.92 -36.68 29.31
N ILE I 227 43.19 -36.92 28.04
CA ILE I 227 42.85 -38.19 27.41
C ILE I 227 43.84 -39.23 27.90
N SER I 228 43.37 -40.23 28.64
CA SER I 228 44.25 -41.23 29.23
C SER I 228 44.70 -42.23 28.17
N LYS I 229 43.73 -42.78 27.45
CA LYS I 229 44.00 -43.75 26.41
C LYS I 229 43.33 -43.27 25.12
N ILE I 230 43.94 -43.57 23.98
CA ILE I 230 43.35 -43.24 22.68
C ILE I 230 43.95 -44.14 21.60
N SER I 231 43.11 -44.65 20.71
CA SER I 231 43.56 -45.59 19.67
C SER I 231 44.14 -44.83 18.49
N TYR I 232 44.81 -45.55 17.59
CA TYR I 232 45.39 -44.94 16.39
C TYR I 232 44.27 -44.29 15.60
N LYS I 233 43.25 -45.08 15.32
CA LYS I 233 42.08 -44.65 14.57
C LYS I 233 41.43 -43.40 15.18
N GLU I 234 41.38 -43.35 16.51
CA GLU I 234 40.88 -42.18 17.21
C GLU I 234 41.80 -40.98 17.03
N LEU I 235 43.09 -41.18 17.27
CA LEU I 235 44.11 -40.14 17.12
C LEU I 235 44.13 -39.59 15.70
N ARG I 236 44.02 -40.48 14.73
CA ARG I 236 43.98 -40.10 13.34
C ARG I 236 42.93 -39.03 13.11
N GLU I 237 41.68 -39.34 13.48
CA GLU I 237 40.56 -38.42 13.23
C GLU I 237 40.47 -37.28 14.24
N LEU I 238 41.47 -37.15 15.11
CA LEU I 238 41.62 -35.96 15.92
C LEU I 238 42.83 -35.13 15.46
N SER I 239 43.27 -35.35 14.23
CA SER I 239 44.45 -34.66 13.73
C SER I 239 44.18 -33.16 13.46
N TYR I 240 44.07 -32.40 14.55
CA TYR I 240 43.88 -30.96 14.50
C TYR I 240 44.80 -30.29 15.51
N LEU I 246 51.17 -34.72 17.21
CA LEU I 246 50.65 -36.02 16.80
C LEU I 246 51.35 -36.53 15.54
N HIS I 247 51.08 -37.80 15.17
CA HIS I 247 51.82 -38.45 14.07
C HIS I 247 50.91 -39.24 13.14
N GLU I 248 51.52 -39.99 12.22
CA GLU I 248 50.79 -40.85 11.28
C GLU I 248 51.67 -41.87 10.58
N GLU I 249 52.63 -41.39 9.78
CA GLU I 249 53.62 -42.25 9.13
C GLU I 249 54.67 -42.75 10.13
N ALA I 250 54.86 -41.99 11.22
CA ALA I 250 55.78 -42.39 12.29
C ALA I 250 55.14 -43.36 13.30
N ILE I 251 54.06 -44.02 12.89
CA ILE I 251 53.42 -45.07 13.68
C ILE I 251 53.17 -46.35 12.85
N PHE I 252 53.57 -46.34 11.57
CA PHE I 252 53.38 -47.49 10.68
C PHE I 252 53.95 -48.78 11.26
N PRO I 253 55.18 -48.73 11.82
CA PRO I 253 55.82 -49.94 12.37
C PRO I 253 55.13 -50.50 13.60
N VAL I 254 54.77 -49.61 14.52
CA VAL I 254 54.17 -49.99 15.79
C VAL I 254 52.68 -50.35 15.61
N LYS I 255 52.04 -49.81 14.58
CA LYS I 255 50.61 -50.04 14.34
C LYS I 255 50.28 -51.53 14.34
N ASP I 256 50.88 -52.26 13.40
CA ASP I 256 50.64 -53.70 13.28
C ASP I 256 51.10 -54.43 14.54
N SER I 257 52.40 -54.43 14.78
CA SER I 257 52.97 -55.04 15.97
C SER I 257 52.51 -54.23 17.18
N GLY I 258 51.41 -54.67 17.79
CA GLY I 258 50.77 -53.93 18.87
C GLY I 258 51.71 -53.56 20.01
N ILE I 259 52.35 -52.40 19.87
CA ILE I 259 53.24 -51.84 20.89
C ILE I 259 52.73 -50.47 21.31
N PRO I 260 52.39 -50.31 22.59
CA PRO I 260 51.83 -49.02 23.01
C PRO I 260 52.83 -47.87 22.97
N ILE I 261 52.32 -46.65 22.86
CA ILE I 261 53.16 -45.45 22.85
C ILE I 261 52.64 -44.44 23.86
N ASN I 262 53.55 -43.89 24.66
CA ASN I 262 53.20 -42.90 25.66
C ASN I 262 53.87 -41.57 25.30
N ILE I 263 53.04 -40.54 25.11
CA ILE I 263 53.52 -39.20 24.87
C ILE I 263 53.63 -38.52 26.23
N LYS I 264 54.78 -37.90 26.51
CA LYS I 264 55.10 -37.51 27.87
C LYS I 264 55.92 -36.23 27.91
N ASN I 265 55.83 -35.50 29.03
CA ASN I 265 56.40 -34.16 29.15
C ASN I 265 57.78 -34.20 29.79
N THR I 266 58.81 -33.87 29.01
CA THR I 266 60.19 -33.82 29.53
C THR I 266 60.28 -32.93 30.78
N ASN I 267 59.66 -31.75 30.72
CA ASN I 267 59.74 -30.82 31.83
C ASN I 267 58.80 -31.15 32.99
N LYS I 268 57.99 -32.19 32.83
CA LYS I 268 57.09 -32.68 33.90
C LYS I 268 56.95 -34.20 33.86
N PRO I 269 58.05 -34.94 34.14
CA PRO I 269 58.05 -36.41 34.02
C PRO I 269 56.96 -37.12 34.81
N SER I 270 56.75 -36.69 36.06
CA SER I 270 55.70 -37.23 36.92
C SER I 270 54.36 -37.35 36.19
N ASP I 271 54.02 -36.34 35.40
CA ASP I 271 52.78 -36.32 34.64
C ASP I 271 52.81 -37.41 33.57
N PRO I 272 51.78 -38.28 33.56
CA PRO I 272 51.58 -39.17 32.42
C PRO I 272 50.83 -38.43 31.33
N GLY I 273 51.15 -38.70 30.07
CA GLY I 273 50.47 -38.02 28.97
C GLY I 273 49.29 -38.86 28.53
N THR I 274 49.17 -39.01 27.21
CA THR I 274 48.19 -39.91 26.62
C THR I 274 48.89 -41.22 26.23
N LEU I 275 48.14 -42.31 26.23
CA LEU I 275 48.66 -43.60 25.81
C LEU I 275 48.02 -43.96 24.47
N ILE I 276 48.84 -44.41 23.53
CA ILE I 276 48.36 -44.75 22.19
C ILE I 276 48.39 -46.27 21.98
N LEU I 277 47.20 -46.87 22.02
CA LEU I 277 47.04 -48.31 21.92
C LEU I 277 46.48 -48.74 20.57
N SER I 278 46.47 -50.05 20.32
CA SER I 278 45.80 -50.63 19.16
C SER I 278 44.29 -50.59 19.36
N ASP I 279 43.55 -50.39 18.27
CA ASP I 279 42.08 -50.37 18.32
C ASP I 279 41.54 -51.57 19.07
N THR I 280 41.96 -52.76 18.63
CA THR I 280 41.51 -54.02 19.20
C THR I 280 41.81 -54.15 20.71
N HIS I 281 43.02 -53.77 21.11
CA HIS I 281 43.44 -53.92 22.50
C HIS I 281 42.83 -52.89 23.42
N LYS I 282 42.49 -51.72 22.87
CA LYS I 282 41.87 -50.65 23.66
C LYS I 282 40.42 -50.99 24.01
N GLU I 283 40.07 -50.83 25.29
CA GLU I 283 38.71 -51.05 25.77
C GLU I 283 37.81 -49.92 25.30
N ILE I 284 36.49 -50.13 25.33
CA ILE I 284 35.55 -49.26 24.62
C ILE I 284 35.14 -47.98 25.36
N ASN I 285 34.68 -48.12 26.60
CA ASN I 285 34.00 -47.03 27.32
C ASN I 285 32.77 -46.55 26.56
N LEU I 286 31.68 -47.32 26.66
CA LEU I 286 30.46 -47.06 25.89
C LEU I 286 29.87 -45.68 26.17
N GLY I 287 29.19 -45.14 25.17
CA GLY I 287 28.51 -43.85 25.28
C GLY I 287 29.40 -42.66 25.57
N THR I 288 30.72 -42.86 25.58
CA THR I 288 31.65 -41.79 25.97
C THR I 288 32.43 -41.24 24.79
N ILE I 289 32.82 -39.98 24.92
CA ILE I 289 33.67 -39.31 23.95
C ILE I 289 35.10 -39.75 24.19
N THR I 290 36.01 -39.38 23.30
CA THR I 290 37.43 -39.52 23.56
C THR I 290 38.13 -38.18 23.41
N GLY I 291 37.81 -37.43 22.35
CA GLY I 291 38.40 -36.12 22.12
C GLY I 291 37.57 -35.18 21.26
N ILE I 292 37.89 -33.88 21.35
CA ILE I 292 37.20 -32.83 20.60
C ILE I 292 38.23 -31.87 19.99
N ALA I 293 38.33 -31.89 18.67
CA ALA I 293 39.26 -31.01 17.96
C ALA I 293 38.49 -30.02 17.11
N GLY I 294 39.15 -28.93 16.72
CA GLY I 294 38.49 -27.89 15.93
C GLY I 294 39.40 -26.91 15.23
N LYS I 295 38.93 -26.38 14.10
CA LYS I 295 39.70 -25.46 13.27
C LYS I 295 38.74 -24.45 12.67
N LYS I 296 38.94 -23.17 12.99
CA LYS I 296 38.04 -22.10 12.53
C LYS I 296 38.46 -21.60 11.15
N ASN I 297 37.77 -20.58 10.65
CA ASN I 297 38.08 -19.95 9.36
C ASN I 297 37.95 -20.91 8.16
N PHE I 298 36.71 -21.12 7.74
CA PHE I 298 36.41 -21.98 6.59
C PHE I 298 35.36 -21.31 5.72
N THR I 299 35.44 -21.56 4.42
CA THR I 299 34.42 -21.11 3.47
C THR I 299 33.92 -22.32 2.70
N VAL I 300 32.65 -22.26 2.30
CA VAL I 300 32.04 -23.34 1.53
C VAL I 300 31.22 -22.75 0.38
N ILE I 301 31.39 -23.32 -0.81
CA ILE I 301 30.68 -22.83 -2.01
C ILE I 301 29.36 -23.57 -2.19
N ALA I 302 28.35 -22.88 -2.71
CA ALA I 302 27.03 -23.46 -2.95
C ALA I 302 26.74 -23.58 -4.45
N ILE I 303 27.25 -24.65 -5.05
CA ILE I 303 27.05 -24.92 -6.47
C ILE I 303 25.69 -25.58 -6.68
N GLU I 304 25.05 -25.24 -7.78
CA GLU I 304 23.77 -25.84 -8.16
C GLU I 304 23.82 -26.23 -9.63
N LYS I 305 23.00 -27.20 -10.03
CA LYS I 305 22.85 -27.59 -11.42
C LYS I 305 21.40 -27.92 -11.73
N ALA I 306 21.11 -28.15 -13.02
CA ALA I 306 19.78 -28.56 -13.43
C ALA I 306 19.49 -29.96 -12.87
N LEU I 307 20.15 -30.97 -13.42
CA LEU I 307 19.99 -32.36 -12.99
C LEU I 307 21.36 -32.95 -12.68
N LEU I 308 21.94 -32.53 -11.56
CA LEU I 308 23.35 -32.79 -11.25
C LEU I 308 23.79 -34.25 -11.33
N ASN I 309 22.91 -35.16 -10.88
CA ASN I 309 23.24 -36.59 -10.80
C ASN I 309 23.26 -37.32 -12.15
N SER I 310 22.27 -37.04 -12.98
CA SER I 310 22.10 -37.74 -14.27
C SER I 310 23.12 -37.29 -15.34
N GLU I 311 23.96 -36.31 -15.00
CA GLU I 311 25.08 -35.90 -15.86
C GLU I 311 26.08 -37.02 -16.07
N VAL I 312 26.97 -36.83 -17.05
CA VAL I 312 28.04 -37.80 -17.34
C VAL I 312 28.91 -38.01 -16.11
N GLY I 313 29.30 -36.92 -15.45
CA GLY I 313 30.09 -36.99 -14.23
C GLY I 313 30.49 -35.62 -13.72
N PHE I 314 29.50 -34.81 -13.38
CA PHE I 314 29.71 -33.42 -12.95
C PHE I 314 30.71 -33.33 -11.81
N CYS I 315 30.49 -34.13 -10.77
CA CYS I 315 31.39 -34.17 -9.61
C CYS I 315 32.82 -34.49 -10.02
N ARG I 316 32.99 -35.59 -10.74
CA ARG I 316 34.31 -36.05 -11.15
C ARG I 316 35.07 -34.98 -11.95
N LYS I 317 34.35 -34.20 -12.74
CA LYS I 317 34.93 -33.06 -13.45
C LYS I 317 35.29 -31.91 -12.51
N ILE I 318 34.42 -31.65 -11.53
CA ILE I 318 34.57 -30.50 -10.63
C ILE I 318 35.77 -30.64 -9.68
N LEU I 319 35.98 -31.82 -9.12
CA LEU I 319 37.16 -32.04 -8.27
C LEU I 319 38.42 -32.28 -9.10
N SER I 320 38.27 -32.53 -10.40
CA SER I 320 39.40 -32.57 -11.32
C SER I 320 39.93 -31.14 -11.56
N ILE I 321 39.03 -30.17 -11.53
CA ILE I 321 39.41 -28.76 -11.54
C ILE I 321 40.17 -28.43 -10.26
N LEU I 322 39.68 -28.95 -9.14
CA LEU I 322 40.37 -28.85 -7.86
C LEU I 322 41.70 -29.62 -7.91
N GLU I 323 41.72 -30.73 -8.65
CA GLU I 323 42.93 -31.51 -8.87
C GLU I 323 43.96 -30.72 -9.69
N MSE I 324 43.48 -29.88 -10.61
CA MSE I 324 44.36 -29.03 -11.42
C MSE I 324 44.83 -27.81 -10.65
O MSE I 324 45.71 -27.08 -11.12
CB MSE I 324 43.73 -28.69 -12.79
CG MSE I 324 43.00 -27.35 -12.94
SE MSE I 324 43.05 -26.69 -14.81
CE MSE I 324 41.49 -25.49 -14.77
N TYR I 325 44.27 -27.58 -9.46
CA TYR I 325 44.76 -26.53 -8.55
C TYR I 325 45.54 -27.11 -7.38
N GLY I 326 46.19 -26.23 -6.63
CA GLY I 326 46.93 -26.62 -5.43
C GLY I 326 46.13 -26.39 -4.16
N VAL I 327 44.86 -26.78 -4.18
CA VAL I 327 43.96 -26.63 -3.04
C VAL I 327 43.40 -27.98 -2.61
N SER I 328 43.35 -28.22 -1.31
CA SER I 328 42.69 -29.38 -0.75
C SER I 328 41.31 -28.99 -0.24
N PHE I 329 40.41 -29.96 -0.19
CA PHE I 329 39.08 -29.76 0.40
C PHE I 329 38.85 -30.79 1.50
N GLU I 330 37.94 -30.47 2.41
CA GLU I 330 37.69 -31.30 3.58
C GLU I 330 36.47 -32.19 3.36
N HIS I 331 35.35 -31.57 2.97
CA HIS I 331 34.09 -32.28 2.78
C HIS I 331 33.38 -31.86 1.52
N MSE I 332 32.75 -32.83 0.85
CA MSE I 332 31.97 -32.57 -0.37
C MSE I 332 30.55 -33.00 -0.16
O MSE I 332 30.14 -34.08 -0.57
CB MSE I 332 32.58 -33.30 -1.57
CG MSE I 332 32.40 -32.49 -2.85
SE MSE I 332 32.42 -33.67 -4.43
CE MSE I 332 30.66 -34.52 -4.18
N PRO I 333 29.75 -32.13 0.51
CA PRO I 333 28.31 -32.39 0.54
C PRO I 333 27.74 -32.44 -0.87
N SER I 334 26.76 -33.30 -1.10
CA SER I 334 26.24 -33.51 -2.45
C SER I 334 24.82 -34.08 -2.43
N GLY I 335 23.85 -33.23 -2.75
CA GLY I 335 22.45 -33.64 -2.79
C GLY I 335 22.08 -34.15 -4.16
N VAL I 336 20.79 -34.03 -4.49
CA VAL I 336 20.27 -34.55 -5.74
C VAL I 336 20.59 -33.62 -6.91
N ASP I 337 20.57 -32.32 -6.67
CA ASP I 337 20.84 -31.33 -7.73
C ASP I 337 21.70 -30.17 -7.25
N SER I 338 22.72 -30.47 -6.46
CA SER I 338 23.63 -29.45 -5.93
C SER I 338 24.76 -30.08 -5.13
N VAL I 339 25.93 -29.45 -5.21
CA VAL I 339 27.10 -29.88 -4.47
C VAL I 339 27.71 -28.68 -3.77
N SER I 340 28.44 -28.95 -2.69
CA SER I 340 29.19 -27.91 -1.99
C SER I 340 30.60 -28.41 -1.71
N LEU I 341 31.54 -27.48 -1.59
CA LEU I 341 32.91 -27.80 -1.23
C LEU I 341 33.33 -26.99 -0.02
N VAL I 342 33.82 -27.66 1.02
CA VAL I 342 34.32 -27.00 2.22
C VAL I 342 35.83 -26.92 2.19
N ILE I 343 36.35 -25.69 2.14
CA ILE I 343 37.79 -25.44 2.02
C ILE I 343 38.27 -24.47 3.08
N GLU I 344 39.42 -24.80 3.69
CA GLU I 344 40.13 -23.89 4.58
C GLU I 344 40.47 -22.61 3.81
N ASP I 345 40.47 -21.47 4.49
CA ASP I 345 40.66 -20.18 3.82
C ASP I 345 42.09 -19.90 3.36
N CYS I 346 43.08 -20.26 4.18
CA CYS I 346 44.48 -20.07 3.82
C CYS I 346 44.85 -20.91 2.58
N LYS I 347 44.22 -22.08 2.46
CA LYS I 347 44.43 -22.98 1.32
C LYS I 347 43.74 -22.45 0.04
N LEU I 348 42.81 -21.51 0.20
CA LEU I 348 42.09 -20.89 -0.91
C LEU I 348 42.69 -19.54 -1.33
N ASP I 349 43.54 -18.96 -0.47
CA ASP I 349 44.06 -17.59 -0.61
C ASP I 349 44.29 -17.14 -2.06
N GLY I 350 43.28 -16.50 -2.64
CA GLY I 350 43.40 -15.91 -3.97
C GLY I 350 42.88 -16.74 -5.13
N LYS I 351 42.82 -18.07 -4.95
CA LYS I 351 42.49 -18.98 -6.06
C LYS I 351 40.99 -19.04 -6.37
N CYS I 352 40.18 -18.38 -5.56
CA CYS I 352 38.70 -18.46 -5.65
C CYS I 352 38.11 -18.13 -7.03
N ASP I 353 38.40 -16.95 -7.55
CA ASP I 353 37.70 -16.42 -8.73
C ASP I 353 37.98 -17.16 -10.04
N LYS I 354 39.22 -17.63 -10.22
CA LYS I 354 39.58 -18.43 -11.39
C LYS I 354 39.05 -19.86 -11.29
N ILE I 355 38.77 -20.31 -10.06
CA ILE I 355 38.08 -21.58 -9.81
C ILE I 355 36.59 -21.46 -10.16
N ILE I 356 35.98 -20.35 -9.77
CA ILE I 356 34.58 -20.08 -10.12
C ILE I 356 34.36 -20.19 -11.62
N GLU I 357 35.22 -19.53 -12.39
CA GLU I 357 35.13 -19.56 -13.85
C GLU I 357 35.40 -20.94 -14.44
N GLU I 358 36.42 -21.63 -13.92
CA GLU I 358 36.80 -22.96 -14.43
C GLU I 358 35.63 -23.94 -14.39
N ILE I 359 34.89 -23.96 -13.28
CA ILE I 359 33.69 -24.82 -13.14
C ILE I 359 32.49 -24.24 -13.90
N LYS I 360 32.43 -22.92 -14.01
CA LYS I 360 31.37 -22.23 -14.75
C LYS I 360 31.43 -22.54 -16.25
N LYS I 361 32.64 -22.76 -16.74
CA LYS I 361 32.88 -23.20 -18.11
C LYS I 361 32.57 -24.68 -18.28
N GLN I 362 33.20 -25.52 -17.46
CA GLN I 362 33.10 -26.98 -17.59
C GLN I 362 31.74 -27.55 -17.17
N CYS I 363 31.07 -26.90 -16.22
CA CYS I 363 29.71 -27.29 -15.83
C CYS I 363 28.72 -26.23 -16.30
N ASN I 364 27.43 -26.48 -16.04
CA ASN I 364 26.37 -25.54 -16.37
C ASN I 364 25.69 -25.06 -15.09
N PRO I 365 26.28 -24.06 -14.40
CA PRO I 365 25.74 -23.69 -13.11
C PRO I 365 24.48 -22.84 -13.21
N ASP I 366 23.36 -23.36 -12.67
CA ASP I 366 22.14 -22.57 -12.50
C ASP I 366 22.36 -21.52 -11.42
N SER I 367 23.28 -21.81 -10.50
CA SER I 367 23.69 -20.85 -9.47
C SER I 367 25.03 -21.25 -8.84
N ILE I 368 25.80 -20.24 -8.46
CA ILE I 368 27.01 -20.41 -7.67
C ILE I 368 26.98 -19.41 -6.53
N GLU I 369 27.36 -19.85 -5.34
CA GLU I 369 27.42 -18.97 -4.17
C GLU I 369 28.59 -19.33 -3.27
N ILE I 370 29.18 -18.31 -2.66
CA ILE I 370 30.24 -18.50 -1.68
C ILE I 370 29.70 -18.13 -0.30
N HIS I 371 29.64 -19.09 0.61
CA HIS I 371 29.21 -18.85 1.99
C HIS I 371 30.38 -19.02 2.91
N PRO I 372 30.98 -17.90 3.36
CA PRO I 372 32.18 -17.96 4.19
C PRO I 372 31.85 -17.97 5.68
N ASN I 373 32.90 -17.89 6.50
CA ASN I 373 32.77 -17.73 7.96
C ASN I 373 32.18 -18.95 8.66
N MSE I 374 32.82 -20.10 8.45
CA MSE I 374 32.42 -21.36 9.07
C MSE I 374 33.53 -21.88 9.93
O MSE I 374 34.68 -21.50 9.76
CB MSE I 374 32.07 -22.37 7.98
CG MSE I 374 30.87 -23.24 8.35
SE MSE I 374 30.93 -24.90 7.30
CE MSE I 374 29.33 -24.57 6.19
N ALA I 375 33.19 -22.75 10.88
CA ALA I 375 34.17 -23.39 11.74
C ALA I 375 33.80 -24.86 11.93
N LEU I 376 34.78 -25.75 11.74
CA LEU I 376 34.55 -27.19 11.87
C LEU I 376 34.85 -27.68 13.28
N VAL I 377 34.08 -28.65 13.74
CA VAL I 377 34.25 -29.24 15.07
C VAL I 377 34.04 -30.76 15.02
N ALA I 378 35.13 -31.50 15.09
CA ALA I 378 35.10 -32.96 15.05
C ALA I 378 35.10 -33.51 16.47
N THR I 379 34.08 -34.30 16.80
CA THR I 379 33.99 -34.94 18.11
C THR I 379 34.10 -36.44 17.92
N VAL I 380 35.12 -37.05 18.53
CA VAL I 380 35.55 -38.40 18.20
C VAL I 380 35.57 -39.32 19.43
N GLY I 381 35.37 -40.62 19.18
CA GLY I 381 35.48 -41.63 20.24
C GLY I 381 35.01 -43.01 19.79
N THR I 382 35.75 -44.04 20.18
CA THR I 382 35.31 -45.42 19.92
C THR I 382 34.09 -45.78 20.77
N GLY I 383 33.83 -45.00 21.81
CA GLY I 383 32.65 -45.16 22.65
C GLY I 383 31.34 -44.79 21.97
N MSE I 384 31.44 -43.97 20.92
CA MSE I 384 30.25 -43.59 20.14
C MSE I 384 30.19 -44.45 18.91
O MSE I 384 29.73 -44.03 17.85
CB MSE I 384 30.26 -42.08 19.80
CG MSE I 384 31.56 -41.60 19.16
SE MSE I 384 31.55 -39.68 18.72
CE MSE I 384 30.55 -39.81 17.03
N ALA I 385 30.64 -45.71 19.03
CA ALA I 385 30.70 -46.62 17.91
C ALA I 385 29.29 -46.92 17.41
N LYS I 386 28.53 -47.66 18.21
CA LYS I 386 27.17 -48.03 17.84
C LYS I 386 26.17 -47.66 18.92
N THR I 387 26.52 -46.66 19.72
CA THR I 387 25.65 -46.17 20.79
C THR I 387 24.55 -45.29 20.22
N LYS I 388 23.30 -45.60 20.58
CA LYS I 388 22.15 -44.82 20.15
C LYS I 388 22.08 -43.52 20.94
N GLY I 389 21.78 -42.42 20.25
CA GLY I 389 21.59 -41.12 20.88
C GLY I 389 22.85 -40.32 21.15
N ILE I 390 23.95 -40.63 20.48
CA ILE I 390 25.19 -39.87 20.62
C ILE I 390 25.02 -38.53 19.91
N ALA I 391 24.78 -38.61 18.61
CA ALA I 391 24.54 -37.43 17.81
C ALA I 391 23.42 -36.61 18.45
N ASN I 392 22.34 -37.30 18.81
CA ASN I 392 21.21 -36.66 19.48
C ASN I 392 21.65 -35.88 20.72
N LYS I 393 22.63 -36.41 21.45
CA LYS I 393 23.17 -35.76 22.64
C LYS I 393 24.01 -34.54 22.26
N ILE I 394 24.83 -34.69 21.22
CA ILE I 394 25.63 -33.58 20.70
C ILE I 394 24.77 -32.40 20.27
N PHE I 395 23.72 -32.67 19.50
CA PHE I 395 22.89 -31.60 18.94
C PHE I 395 21.92 -30.99 19.95
N THR I 396 21.41 -31.80 20.86
CA THR I 396 20.64 -31.30 22.01
C THR I 396 21.42 -30.18 22.69
N ALA I 397 22.71 -30.42 22.92
CA ALA I 397 23.61 -29.42 23.48
C ALA I 397 23.56 -28.14 22.65
N LEU I 398 23.85 -28.27 21.36
CA LEU I 398 23.94 -27.12 20.49
C LEU I 398 22.65 -26.29 20.48
N SER I 399 21.50 -26.96 20.42
CA SER I 399 20.20 -26.27 20.49
C SER I 399 19.98 -25.56 21.81
N LYS I 400 20.57 -26.10 22.88
CA LYS I 400 20.46 -25.50 24.21
C LYS I 400 21.13 -24.13 24.23
N GLU I 401 22.29 -24.04 23.58
CA GLU I 401 23.06 -22.80 23.54
C GLU I 401 22.88 -22.09 22.20
N ASN I 402 21.71 -22.27 21.59
CA ASN I 402 21.24 -21.42 20.50
C ASN I 402 22.20 -21.37 19.31
N VAL I 403 22.76 -22.53 18.96
CA VAL I 403 23.81 -22.58 17.94
C VAL I 403 23.29 -22.96 16.55
N ASN I 404 23.67 -22.15 15.56
CA ASN I 404 23.39 -22.45 14.16
C ASN I 404 24.09 -23.74 13.75
N ILE I 405 23.33 -24.65 13.14
CA ILE I 405 23.93 -25.79 12.48
C ILE I 405 24.00 -25.47 10.99
N ARG I 406 25.22 -25.34 10.46
CA ARG I 406 25.44 -25.01 9.06
C ARG I 406 25.71 -26.26 8.21
N MSE I 407 26.47 -27.20 8.76
CA MSE I 407 26.74 -28.50 8.11
C MSE I 407 26.84 -29.54 9.17
O MSE I 407 27.31 -29.27 10.28
CB MSE I 407 28.03 -28.46 7.29
CG MSE I 407 28.60 -29.86 6.98
SE MSE I 407 30.30 -29.75 5.98
CE MSE I 407 31.57 -30.04 7.45
N ILE I 408 26.40 -30.75 8.84
CA ILE I 408 26.63 -31.93 9.66
C ILE I 408 27.08 -33.01 8.70
N ASP I 409 28.21 -33.64 8.99
CA ASP I 409 28.72 -34.71 8.13
C ASP I 409 29.37 -35.83 8.95
N GLN I 410 28.66 -36.96 9.03
CA GLN I 410 29.24 -38.19 9.56
C GLN I 410 28.79 -39.34 8.69
N GLY I 411 29.45 -40.48 8.85
CA GLY I 411 29.26 -41.65 7.99
C GLY I 411 30.59 -42.08 7.38
N SER I 412 31.54 -41.14 7.36
CA SER I 412 32.91 -41.44 6.98
C SER I 412 33.53 -42.46 7.93
N SER I 413 33.15 -42.38 9.21
CA SER I 413 33.67 -43.29 10.22
C SER I 413 32.63 -43.54 11.31
N GLU I 414 32.63 -44.78 11.81
CA GLU I 414 31.72 -45.18 12.88
C GLU I 414 32.02 -44.44 14.20
N ILE I 415 33.26 -43.98 14.35
CA ILE I 415 33.73 -43.45 15.64
C ILE I 415 33.78 -41.93 15.72
N ASN I 416 33.26 -41.22 14.71
CA ASN I 416 33.42 -39.77 14.63
C ASN I 416 32.28 -39.05 13.91
N VAL I 417 31.98 -37.84 14.37
CA VAL I 417 31.00 -36.95 13.75
C VAL I 417 31.57 -35.54 13.67
N ILE I 418 31.41 -34.88 12.51
CA ILE I 418 31.90 -33.50 12.31
C ILE I 418 30.76 -32.52 12.06
N VAL I 419 30.75 -31.45 12.84
CA VAL I 419 29.70 -30.43 12.77
C VAL I 419 30.30 -29.11 12.29
N GLY I 420 29.51 -28.37 11.51
CA GLY I 420 29.92 -27.05 11.01
C GLY I 420 29.04 -25.96 11.56
N VAL I 421 29.66 -24.92 12.12
CA VAL I 421 28.96 -23.78 12.71
C VAL I 421 29.67 -22.47 12.40
N GLU I 422 28.99 -21.36 12.69
CA GLU I 422 29.57 -20.04 12.48
C GLU I 422 30.93 -19.95 13.18
N THR I 423 31.86 -19.18 12.60
CA THR I 423 33.16 -18.98 13.23
C THR I 423 33.02 -18.26 14.56
N VAL I 424 31.95 -17.49 14.71
CA VAL I 424 31.64 -16.77 15.95
C VAL I 424 31.21 -17.70 17.10
N ASP I 425 30.72 -18.90 16.77
CA ASP I 425 30.22 -19.84 17.78
C ASP I 425 31.17 -21.02 18.03
N PHE I 426 32.33 -21.03 17.38
CA PHE I 426 33.29 -22.13 17.52
C PHE I 426 33.66 -22.36 18.98
N GLU I 427 34.16 -21.31 19.63
CA GLU I 427 34.47 -21.34 21.06
C GLU I 427 33.27 -21.86 21.85
N LYS I 428 32.09 -21.33 21.51
CA LYS I 428 30.85 -21.65 22.19
C LYS I 428 30.39 -23.10 21.94
N ALA I 429 30.62 -23.61 20.74
CA ALA I 429 30.16 -24.94 20.34
C ALA I 429 30.95 -26.06 21.01
N VAL I 430 32.27 -25.97 21.02
CA VAL I 430 33.09 -26.98 21.66
C VAL I 430 32.75 -27.01 23.14
N LYS I 431 32.67 -25.83 23.72
CA LYS I 431 32.22 -25.67 25.10
C LYS I 431 31.00 -26.57 25.36
N SER I 432 30.01 -26.48 24.47
CA SER I 432 28.75 -27.21 24.61
C SER I 432 28.94 -28.71 24.52
N ILE I 433 29.75 -29.15 23.56
CA ILE I 433 30.03 -30.57 23.38
C ILE I 433 30.81 -31.14 24.56
N TYR I 434 31.87 -30.45 24.97
CA TYR I 434 32.65 -30.86 26.12
C TYR I 434 31.73 -31.10 27.30
N ASN I 435 31.00 -30.06 27.68
CA ASN I 435 30.12 -30.10 28.83
C ASN I 435 29.05 -31.18 28.71
N ALA I 436 28.50 -31.33 27.51
CA ALA I 436 27.43 -32.29 27.24
C ALA I 436 27.76 -33.70 27.66
N PHE I 437 29.05 -34.04 27.63
CA PHE I 437 29.51 -35.37 27.98
C PHE I 437 30.34 -35.39 29.26
N ASN I 438 30.12 -34.43 30.15
CA ASN I 438 30.91 -34.31 31.37
C ASN I 438 30.10 -34.05 32.65
N ILE J 4 -7.71 -22.80 -20.09
CA ILE J 4 -6.79 -23.51 -21.04
C ILE J 4 -5.88 -24.52 -20.31
N VAL J 5 -6.25 -25.81 -20.35
CA VAL J 5 -5.61 -26.87 -19.54
C VAL J 5 -5.03 -28.00 -20.39
N VAL J 6 -3.80 -28.40 -20.10
CA VAL J 6 -3.16 -29.52 -20.79
C VAL J 6 -3.31 -30.81 -19.98
N THR J 7 -3.53 -31.93 -20.67
CA THR J 7 -3.68 -33.24 -20.00
C THR J 7 -2.75 -34.31 -20.59
N LYS J 8 -2.05 -35.03 -19.73
CA LYS J 8 -1.31 -36.22 -20.12
C LYS J 8 -1.93 -37.42 -19.43
N PHE J 9 -2.02 -38.53 -20.15
CA PHE J 9 -2.51 -39.78 -19.56
C PHE J 9 -1.49 -40.87 -19.72
N GLY J 10 -1.16 -41.54 -18.62
CA GLY J 10 -0.16 -42.59 -18.62
C GLY J 10 -0.62 -43.90 -19.25
N GLY J 11 0.27 -44.87 -19.28
CA GLY J 11 -0.02 -46.18 -19.84
C GLY J 11 -1.14 -46.90 -19.12
N SER J 12 -1.12 -46.84 -17.79
CA SER J 12 -2.17 -47.45 -16.98
C SER J 12 -3.51 -46.79 -17.29
N SER J 13 -3.48 -45.49 -17.58
CA SER J 13 -4.68 -44.74 -17.92
C SER J 13 -5.25 -45.05 -19.33
N LEU J 14 -4.48 -45.80 -20.14
CA LEU J 14 -4.89 -46.21 -21.48
C LEU J 14 -4.64 -47.71 -21.72
N ALA J 15 -4.77 -48.52 -20.67
CA ALA J 15 -4.47 -49.94 -20.75
C ALA J 15 -5.53 -50.73 -21.50
N ASP J 16 -6.79 -50.29 -21.42
CA ASP J 16 -7.88 -50.95 -22.14
C ASP J 16 -9.09 -50.03 -22.32
N SER J 17 -10.13 -50.55 -22.96
CA SER J 17 -11.37 -49.80 -23.22
C SER J 17 -11.89 -49.09 -21.97
N ASN J 18 -12.17 -49.84 -20.91
CA ASN J 18 -12.59 -49.25 -19.63
C ASN J 18 -11.82 -47.98 -19.25
N GLN J 19 -10.49 -48.03 -19.43
CA GLN J 19 -9.61 -46.91 -19.10
C GLN J 19 -9.74 -45.77 -20.09
N PHE J 20 -10.00 -46.09 -21.36
CA PHE J 20 -10.36 -45.08 -22.35
C PHE J 20 -11.71 -44.48 -21.99
N LYS J 21 -12.64 -45.32 -21.55
CA LYS J 21 -13.98 -44.87 -21.14
C LYS J 21 -13.92 -43.91 -19.96
N LYS J 22 -13.03 -44.17 -19.01
CA LYS J 22 -12.81 -43.27 -17.89
C LYS J 22 -12.27 -41.92 -18.36
N VAL J 23 -11.39 -41.98 -19.37
CA VAL J 23 -10.79 -40.78 -19.96
C VAL J 23 -11.80 -39.89 -20.68
N LYS J 24 -12.83 -40.48 -21.27
CA LYS J 24 -13.91 -39.73 -21.88
C LYS J 24 -14.56 -38.85 -20.80
N GLY J 25 -15.08 -39.49 -19.76
CA GLY J 25 -15.68 -38.77 -18.64
C GLY J 25 -14.81 -37.62 -18.20
N ILE J 26 -13.51 -37.88 -18.07
CA ILE J 26 -12.56 -36.89 -17.57
C ILE J 26 -12.50 -35.69 -18.51
N ILE J 27 -12.28 -35.93 -19.80
CA ILE J 27 -12.09 -34.84 -20.77
C ILE J 27 -13.36 -34.03 -21.03
N ASP J 28 -14.53 -34.66 -21.00
CA ASP J 28 -15.77 -33.91 -21.27
C ASP J 28 -16.48 -33.42 -20.00
N SER J 29 -15.88 -33.61 -18.82
CA SER J 29 -16.38 -33.01 -17.58
C SER J 29 -15.82 -31.60 -17.35
N ASP J 30 -14.91 -31.16 -18.22
CA ASP J 30 -14.47 -29.77 -18.23
C ASP J 30 -13.99 -29.41 -19.64
N ALA J 31 -14.62 -28.40 -20.23
CA ALA J 31 -14.23 -27.92 -21.55
C ALA J 31 -12.79 -27.42 -21.55
N ASN J 32 -12.34 -26.88 -20.41
CA ASN J 32 -10.99 -26.36 -20.26
C ASN J 32 -9.89 -27.39 -20.59
N ARG J 33 -10.21 -28.67 -20.48
CA ARG J 33 -9.28 -29.75 -20.91
C ARG J 33 -9.21 -29.83 -22.42
N LYS J 34 -8.36 -28.99 -23.00
CA LYS J 34 -8.36 -28.74 -24.44
C LYS J 34 -7.33 -29.55 -25.22
N TYR J 35 -6.28 -30.05 -24.55
CA TYR J 35 -5.24 -30.81 -25.24
C TYR J 35 -4.86 -32.09 -24.51
N ILE J 36 -4.81 -33.19 -25.26
CA ILE J 36 -4.57 -34.52 -24.69
C ILE J 36 -3.26 -35.11 -25.22
N ILE J 37 -2.48 -35.68 -24.31
CA ILE J 37 -1.25 -36.35 -24.69
C ILE J 37 -1.23 -37.75 -24.09
N PRO J 38 -1.20 -38.79 -24.95
CA PRO J 38 -1.21 -40.14 -24.44
C PRO J 38 0.14 -40.84 -24.51
N SER J 39 0.33 -41.81 -23.63
CA SER J 39 1.40 -42.78 -23.76
C SER J 39 0.82 -43.95 -24.55
N ALA J 40 1.64 -44.97 -24.77
CA ALA J 40 1.17 -46.18 -25.43
C ALA J 40 0.40 -46.98 -24.40
N PRO J 41 -0.47 -47.90 -24.83
CA PRO J 41 -1.23 -48.67 -23.86
C PRO J 41 -0.33 -49.40 -22.89
N GLY J 42 -0.65 -49.34 -21.60
CA GLY J 42 0.18 -49.94 -20.56
C GLY J 42 0.01 -51.45 -20.40
N LYS J 43 0.70 -52.00 -19.41
CA LYS J 43 0.56 -53.40 -19.02
C LYS J 43 -0.80 -53.61 -18.38
N ARG J 44 -1.57 -54.56 -18.91
CA ARG J 44 -2.88 -54.87 -18.36
C ARG J 44 -2.74 -55.57 -17.01
N THR J 45 -1.79 -56.50 -16.93
CA THR J 45 -1.46 -57.19 -15.70
C THR J 45 0.05 -57.31 -15.57
N ASN J 46 0.51 -57.72 -14.39
CA ASN J 46 1.93 -57.80 -14.13
C ASN J 46 2.67 -58.73 -15.12
N LYS J 47 2.07 -59.87 -15.46
CA LYS J 47 2.67 -60.81 -16.41
C LYS J 47 2.60 -60.34 -17.87
N ASP J 48 1.66 -59.42 -18.16
CA ASP J 48 1.39 -58.94 -19.53
C ASP J 48 2.63 -58.38 -20.27
N TYR J 49 2.57 -58.44 -21.59
CA TYR J 49 3.63 -57.87 -22.44
C TYR J 49 3.48 -56.36 -22.56
N LYS J 50 4.41 -55.72 -23.27
CA LYS J 50 4.46 -54.26 -23.40
C LYS J 50 4.54 -53.82 -24.86
N ILE J 51 3.60 -52.99 -25.28
CA ILE J 51 3.48 -52.64 -26.71
C ILE J 51 4.73 -51.94 -27.24
N THR J 52 5.27 -50.99 -26.50
CA THR J 52 6.48 -50.33 -26.93
C THR J 52 7.59 -51.35 -27.15
N ASP J 53 7.75 -52.26 -26.18
CA ASP J 53 8.81 -53.25 -26.25
C ASP J 53 8.52 -54.22 -27.35
N LEU J 54 7.26 -54.55 -27.53
CA LEU J 54 6.87 -55.41 -28.65
C LEU J 54 7.26 -54.76 -29.98
N LEU J 55 7.07 -53.46 -30.09
CA LEU J 55 7.44 -52.74 -31.32
C LEU J 55 8.93 -52.82 -31.59
N TYR J 56 9.76 -52.57 -30.58
CA TYR J 56 11.22 -52.76 -30.70
C TYR J 56 11.56 -54.14 -31.23
N LEU J 57 10.83 -55.15 -30.76
CA LEU J 57 11.03 -56.53 -31.19
C LEU J 57 10.88 -56.64 -32.71
N CYS J 58 9.89 -55.92 -33.24
CA CYS J 58 9.62 -55.99 -34.67
C CYS J 58 10.80 -55.42 -35.45
N ASN J 59 11.26 -54.25 -35.03
CA ASN J 59 12.51 -53.69 -35.53
C ASN J 59 13.70 -54.67 -35.40
N ALA J 60 13.75 -55.43 -34.31
CA ALA J 60 14.82 -56.42 -34.10
C ALA J 60 14.71 -57.59 -35.08
N HIS J 61 13.50 -58.03 -35.38
CA HIS J 61 13.35 -59.07 -36.41
C HIS J 61 13.90 -58.58 -37.70
N VAL J 62 13.58 -57.35 -38.06
CA VAL J 62 13.99 -56.81 -39.34
C VAL J 62 15.50 -56.67 -39.40
N LYS J 63 16.14 -56.45 -38.26
CA LYS J 63 17.61 -56.45 -38.22
C LYS J 63 18.20 -57.83 -38.48
N ASN J 64 17.44 -58.90 -38.17
CA ASN J 64 17.88 -60.27 -38.42
C ASN J 64 17.49 -60.81 -39.80
N GLY J 65 16.88 -59.96 -40.63
CA GLY J 65 16.40 -60.41 -41.93
C GLY J 65 15.24 -61.41 -41.84
N ILE J 66 14.54 -61.40 -40.71
CA ILE J 66 13.46 -62.34 -40.45
C ILE J 66 12.12 -61.57 -40.36
N PRO J 67 11.01 -62.20 -40.77
CA PRO J 67 9.67 -61.63 -40.56
C PRO J 67 9.24 -61.58 -39.11
N PHE J 68 8.24 -60.76 -38.82
CA PHE J 68 7.72 -60.56 -37.45
C PHE J 68 6.19 -60.60 -37.42
N ASP J 69 5.61 -61.51 -38.18
CA ASP J 69 4.16 -61.57 -38.31
C ASP J 69 3.46 -61.95 -36.98
N ASP J 70 4.00 -62.94 -36.27
CA ASP J 70 3.40 -63.37 -35.00
C ASP J 70 3.39 -62.26 -33.94
N VAL J 71 4.47 -61.48 -33.88
CA VAL J 71 4.61 -60.43 -32.89
C VAL J 71 3.62 -59.33 -33.17
N PHE J 72 3.53 -58.95 -34.44
CA PHE J 72 2.63 -57.91 -34.87
C PHE J 72 1.17 -58.34 -34.76
N LYS J 73 0.91 -59.65 -34.77
CA LYS J 73 -0.43 -60.19 -34.57
C LYS J 73 -0.97 -59.72 -33.22
N LEU J 74 -0.15 -59.81 -32.18
CA LEU J 74 -0.54 -59.43 -30.82
C LEU J 74 -0.70 -57.93 -30.65
N ILE J 75 0.08 -57.18 -31.42
CA ILE J 75 0.04 -55.71 -31.40
C ILE J 75 -1.29 -55.20 -31.94
N SER J 76 -1.64 -55.60 -33.17
CA SER J 76 -2.90 -55.17 -33.77
C SER J 76 -4.09 -55.69 -32.98
N GLN J 77 -3.96 -56.93 -32.52
CA GLN J 77 -4.90 -57.52 -31.56
C GLN J 77 -5.27 -56.48 -30.51
N ARG J 78 -4.25 -55.97 -29.82
CA ARG J 78 -4.43 -55.06 -28.70
C ARG J 78 -5.29 -53.88 -29.08
N TYR J 79 -4.96 -53.25 -30.21
CA TYR J 79 -5.67 -52.05 -30.66
C TYR J 79 -7.04 -52.37 -31.23
N THR J 80 -7.11 -53.19 -32.29
CA THR J 80 -8.39 -53.62 -32.83
C THR J 80 -9.37 -53.96 -31.71
N GLU J 81 -8.89 -54.66 -30.67
CA GLU J 81 -9.71 -54.97 -29.49
C GLU J 81 -10.26 -53.72 -28.81
N ILE J 82 -9.39 -52.75 -28.57
CA ILE J 82 -9.77 -51.50 -27.89
C ILE J 82 -10.77 -50.72 -28.71
N VAL J 83 -10.43 -50.51 -29.98
CA VAL J 83 -11.27 -49.72 -30.90
C VAL J 83 -12.60 -50.43 -31.19
N SER J 84 -12.58 -51.77 -31.16
CA SER J 84 -13.78 -52.57 -31.32
C SER J 84 -14.66 -52.49 -30.08
N GLU J 85 -14.06 -52.81 -28.94
CA GLU J 85 -14.76 -52.81 -27.65
C GLU J 85 -15.42 -51.47 -27.38
N LEU J 86 -14.79 -50.40 -27.84
CA LEU J 86 -15.45 -49.10 -27.97
C LEU J 86 -16.19 -49.11 -29.31
N ASN J 87 -17.46 -48.74 -29.32
CA ASN J 87 -18.22 -48.69 -30.57
C ASN J 87 -17.79 -47.49 -31.40
N ILE J 88 -16.60 -47.58 -32.00
CA ILE J 88 -16.02 -46.49 -32.78
C ILE J 88 -16.01 -46.84 -34.26
N ASP J 89 -16.44 -45.87 -35.07
CA ASP J 89 -16.57 -46.05 -36.50
C ASP J 89 -15.33 -45.53 -37.22
N MSE J 90 -14.24 -46.29 -37.12
CA MSE J 90 -12.97 -45.95 -37.77
C MSE J 90 -12.29 -47.18 -38.30
O MSE J 90 -12.64 -48.30 -37.94
CB MSE J 90 -12.04 -45.25 -36.78
CG MSE J 90 -11.40 -46.16 -35.74
SE MSE J 90 -9.86 -45.23 -34.95
CE MSE J 90 -10.78 -44.42 -33.42
N ASP J 91 -11.30 -46.97 -39.16
CA ASP J 91 -10.54 -48.05 -39.77
C ASP J 91 -9.13 -48.11 -39.20
N ILE J 92 -8.98 -48.94 -38.16
CA ILE J 92 -7.72 -49.05 -37.43
C ILE J 92 -6.70 -49.91 -38.19
N ALA J 93 -7.19 -50.84 -39.00
CA ALA J 93 -6.32 -51.72 -39.77
C ALA J 93 -5.40 -50.96 -40.73
N TYR J 94 -5.86 -49.81 -41.21
CA TYR J 94 -5.11 -49.02 -42.20
C TYR J 94 -3.81 -48.50 -41.63
N TYR J 95 -3.89 -47.93 -40.44
CA TYR J 95 -2.71 -47.39 -39.78
C TYR J 95 -1.83 -48.54 -39.33
N LEU J 96 -2.47 -49.60 -38.86
CA LEU J 96 -1.75 -50.79 -38.42
C LEU J 96 -0.93 -51.37 -39.57
N GLU J 97 -1.61 -51.75 -40.64
CA GLU J 97 -0.94 -52.37 -41.78
C GLU J 97 0.03 -51.41 -42.48
N LYS J 98 -0.12 -50.10 -42.23
CA LYS J 98 0.84 -49.11 -42.70
C LYS J 98 2.13 -49.21 -41.90
N VAL J 99 1.99 -49.09 -40.58
CA VAL J 99 3.11 -49.26 -39.66
C VAL J 99 3.92 -50.51 -39.99
N LYS J 100 3.25 -51.66 -40.15
CA LYS J 100 3.94 -52.89 -40.50
C LYS J 100 4.85 -52.68 -41.71
N LYS J 101 4.28 -52.24 -42.84
CA LYS J 101 5.06 -51.99 -44.07
C LYS J 101 6.34 -51.21 -43.76
N ASN J 102 6.19 -50.09 -43.06
CA ASN J 102 7.30 -49.18 -42.82
C ASN J 102 8.40 -49.82 -42.01
N ILE J 103 8.01 -50.54 -40.97
CA ILE J 103 8.97 -51.27 -40.15
C ILE J 103 9.71 -52.28 -41.02
N GLU J 104 8.96 -53.14 -41.72
CA GLU J 104 9.60 -54.18 -42.52
C GLU J 104 10.28 -53.63 -43.78
N ASN J 105 9.92 -52.42 -44.19
CA ASN J 105 10.65 -51.73 -45.26
C ASN J 105 11.83 -50.89 -44.73
N GLY J 106 12.20 -51.10 -43.47
CA GLY J 106 13.47 -50.61 -42.95
C GLY J 106 13.38 -49.31 -42.17
N ALA J 107 12.21 -49.03 -41.60
CA ALA J 107 12.07 -47.86 -40.73
C ALA J 107 12.98 -48.02 -39.52
N SER J 108 13.20 -46.92 -38.79
CA SER J 108 14.11 -46.95 -37.63
C SER J 108 13.46 -47.58 -36.41
N SER J 109 14.29 -47.86 -35.41
CA SER J 109 13.79 -48.31 -34.12
C SER J 109 12.97 -47.20 -33.46
N ASP J 110 13.51 -45.97 -33.46
CA ASP J 110 12.78 -44.78 -33.00
C ASP J 110 11.38 -44.72 -33.61
N TYR J 111 11.29 -44.95 -34.91
CA TYR J 111 10.01 -44.97 -35.62
C TYR J 111 9.08 -46.03 -35.03
N ALA J 112 9.56 -47.28 -34.98
CA ALA J 112 8.77 -48.40 -34.47
C ALA J 112 8.26 -48.09 -33.07
N ALA J 113 9.18 -47.88 -32.13
CA ALA J 113 8.80 -47.65 -30.73
C ALA J 113 7.72 -46.58 -30.60
N SER J 114 7.92 -45.48 -31.31
CA SER J 114 7.00 -44.34 -31.27
C SER J 114 5.58 -44.73 -31.71
N ARG J 115 5.48 -45.67 -32.64
CA ARG J 115 4.17 -46.07 -33.21
C ARG J 115 3.10 -46.40 -32.17
N GLY J 116 3.50 -46.89 -31.01
CA GLY J 116 2.54 -47.22 -29.96
C GLY J 116 1.71 -46.05 -29.46
N GLU J 117 2.35 -44.88 -29.37
CA GLU J 117 1.67 -43.65 -28.95
C GLU J 117 0.99 -43.04 -30.16
N TYR J 118 1.69 -43.05 -31.28
CA TYR J 118 1.10 -42.62 -32.54
C TYR J 118 -0.29 -43.21 -32.77
N LEU J 119 -0.42 -44.52 -32.53
CA LEU J 119 -1.68 -45.20 -32.75
C LEU J 119 -2.69 -44.77 -31.70
N ASN J 120 -2.36 -44.97 -30.42
CA ASN J 120 -3.19 -44.46 -29.32
C ASN J 120 -3.74 -43.05 -29.63
N GLY J 121 -2.89 -42.21 -30.18
CA GLY J 121 -3.29 -40.86 -30.56
C GLY J 121 -4.38 -40.87 -31.61
N VAL J 122 -4.08 -41.42 -32.78
CA VAL J 122 -5.05 -41.38 -33.88
C VAL J 122 -6.40 -41.94 -33.43
N ILE J 123 -6.36 -42.93 -32.54
CA ILE J 123 -7.58 -43.50 -31.96
C ILE J 123 -8.31 -42.47 -31.09
N LEU J 124 -7.58 -41.78 -30.23
CA LEU J 124 -8.18 -40.80 -29.32
C LEU J 124 -8.81 -39.64 -30.08
N ALA J 125 -8.11 -39.16 -31.10
CA ALA J 125 -8.59 -38.05 -31.93
C ALA J 125 -9.96 -38.30 -32.55
N LYS J 126 -10.24 -39.56 -32.89
CA LYS J 126 -11.58 -39.94 -33.35
C LYS J 126 -12.55 -40.11 -32.18
N TYR J 127 -12.08 -40.71 -31.07
CA TYR J 127 -12.94 -40.99 -29.92
C TYR J 127 -13.39 -39.71 -29.22
N LEU J 128 -12.50 -38.72 -29.18
CA LEU J 128 -12.80 -37.39 -28.65
C LEU J 128 -12.74 -36.41 -29.82
N ASN J 129 -13.89 -36.09 -30.42
CA ASN J 129 -13.91 -35.33 -31.68
C ASN J 129 -12.86 -34.23 -31.75
N ALA J 130 -11.58 -34.61 -31.86
CA ALA J 130 -10.48 -33.66 -31.79
C ALA J 130 -9.54 -33.79 -32.96
N GLU J 131 -8.77 -32.74 -33.23
CA GLU J 131 -7.78 -32.74 -34.30
C GLU J 131 -6.59 -33.58 -33.89
N PHE J 132 -6.26 -34.59 -34.70
CA PHE J 132 -4.99 -35.29 -34.51
C PHE J 132 -3.85 -34.43 -35.05
N ILE J 133 -3.00 -33.97 -34.15
CA ILE J 133 -1.81 -33.22 -34.52
C ILE J 133 -0.61 -34.09 -34.20
N ASP J 134 0.06 -34.57 -35.24
CA ASP J 134 1.21 -35.45 -35.08
C ASP J 134 2.39 -34.71 -34.44
N ALA J 135 3.08 -35.41 -33.53
CA ALA J 135 4.22 -34.84 -32.83
C ALA J 135 5.35 -34.43 -33.78
N ALA J 136 5.48 -35.13 -34.91
CA ALA J 136 6.45 -34.77 -35.93
C ALA J 136 6.18 -33.38 -36.54
N GLU J 137 4.92 -32.96 -36.56
CA GLU J 137 4.54 -31.63 -37.05
C GLU J 137 4.98 -30.49 -36.13
N VAL J 138 5.13 -30.78 -34.84
CA VAL J 138 5.20 -29.78 -33.79
C VAL J 138 6.50 -29.77 -32.97
N ILE J 139 7.23 -30.88 -32.94
CA ILE J 139 8.33 -31.08 -31.99
C ILE J 139 9.61 -31.49 -32.72
N PHE J 140 10.71 -30.77 -32.48
CA PHE J 140 11.90 -30.85 -33.34
C PHE J 140 13.22 -30.83 -32.59
N PHE J 141 14.24 -31.47 -33.17
CA PHE J 141 15.57 -31.57 -32.56
C PHE J 141 16.65 -30.94 -33.46
N ASP J 142 17.76 -30.53 -32.83
CA ASP J 142 18.92 -30.02 -33.56
C ASP J 142 19.99 -31.11 -33.69
N LYS J 143 20.86 -30.94 -34.70
CA LYS J 143 21.98 -31.85 -34.91
C LYS J 143 23.09 -31.57 -33.90
N CYS J 146 20.30 -32.36 -29.61
CA CYS J 146 19.51 -31.70 -28.58
C CYS J 146 18.16 -31.22 -29.12
N PHE J 147 17.34 -30.66 -28.23
CA PHE J 147 15.95 -30.28 -28.54
C PHE J 147 15.83 -28.80 -28.90
N ASP J 148 15.07 -28.50 -29.95
CA ASP J 148 14.86 -27.12 -30.41
C ASP J 148 13.61 -26.49 -29.77
N GLU J 149 13.82 -25.45 -28.97
CA GLU J 149 12.71 -24.79 -28.28
C GLU J 149 11.96 -23.83 -29.19
N LYS J 150 12.69 -22.90 -29.79
CA LYS J 150 12.11 -21.87 -30.67
C LYS J 150 11.32 -22.48 -31.83
N LYS J 151 11.99 -23.25 -32.68
CA LYS J 151 11.35 -23.89 -33.84
C LYS J 151 10.09 -24.67 -33.44
N SER J 152 10.18 -25.37 -32.31
CA SER J 152 9.07 -26.17 -31.82
C SER J 152 7.94 -25.30 -31.31
N TYR J 153 8.22 -24.47 -30.32
CA TYR J 153 7.17 -23.65 -29.71
C TYR J 153 6.46 -22.82 -30.77
N GLU J 154 7.24 -22.15 -31.61
CA GLU J 154 6.67 -21.42 -32.74
C GLU J 154 5.78 -22.33 -33.58
N LYS J 155 6.22 -23.57 -33.74
CA LYS J 155 5.43 -24.58 -34.45
C LYS J 155 4.18 -24.95 -33.66
N ILE J 156 4.31 -25.11 -32.35
CA ILE J 156 3.17 -25.52 -31.55
C ILE J 156 2.20 -24.35 -31.41
N LYS J 157 2.72 -23.14 -31.23
CA LYS J 157 1.92 -21.92 -31.22
C LYS J 157 1.04 -21.84 -32.47
N GLU J 158 1.66 -22.02 -33.64
CA GLU J 158 0.95 -21.98 -34.91
C GLU J 158 -0.12 -23.06 -35.01
N LYS J 159 0.25 -24.32 -34.71
CA LYS J 159 -0.62 -25.47 -34.97
C LYS J 159 -1.53 -25.83 -33.80
N VAL J 160 -0.97 -25.94 -32.60
CA VAL J 160 -1.74 -26.42 -31.44
C VAL J 160 -2.72 -25.36 -30.95
N LEU J 161 -2.21 -24.17 -30.67
CA LEU J 161 -3.05 -23.04 -30.23
C LEU J 161 -3.86 -22.45 -31.40
N SER J 162 -4.45 -23.32 -32.23
CA SER J 162 -5.24 -22.91 -33.39
C SER J 162 -6.54 -23.71 -33.50
N CYS J 163 -6.94 -24.31 -32.38
CA CYS J 163 -8.07 -25.22 -32.34
C CYS J 163 -8.46 -25.51 -30.91
N ASN J 164 -9.71 -25.92 -30.70
CA ASN J 164 -10.23 -26.19 -29.37
C ASN J 164 -9.63 -27.46 -28.76
N LYS J 165 -9.90 -28.61 -29.39
CA LYS J 165 -9.36 -29.90 -28.95
C LYS J 165 -8.25 -30.37 -29.89
N ALA J 166 -7.21 -30.98 -29.32
CA ALA J 166 -6.11 -31.55 -30.12
C ALA J 166 -5.28 -32.57 -29.34
N VAL J 167 -5.40 -33.84 -29.71
CA VAL J 167 -4.56 -34.89 -29.13
C VAL J 167 -3.18 -34.85 -29.77
N ILE J 168 -2.14 -35.11 -28.98
CA ILE J 168 -0.77 -35.14 -29.48
C ILE J 168 -0.01 -36.35 -28.94
N PRO J 169 0.53 -37.19 -29.84
CA PRO J 169 1.37 -38.32 -29.44
C PRO J 169 2.56 -37.89 -28.59
N GLY J 170 2.84 -38.68 -27.54
CA GLY J 170 3.71 -38.24 -26.48
C GLY J 170 5.20 -38.43 -26.69
N PHE J 171 5.59 -39.58 -27.21
CA PHE J 171 6.94 -40.10 -26.98
C PHE J 171 8.03 -39.52 -27.89
N TYR J 172 7.65 -38.73 -28.89
CA TYR J 172 8.59 -38.39 -29.97
C TYR J 172 8.34 -37.02 -30.62
N GLY J 173 9.25 -36.69 -31.54
CA GLY J 173 9.13 -35.57 -32.47
C GLY J 173 9.96 -35.85 -33.72
N SER J 174 10.24 -34.81 -34.52
CA SER J 174 11.08 -34.92 -35.71
C SER J 174 12.53 -34.55 -35.41
N SER J 175 13.47 -35.27 -36.02
CA SER J 175 14.90 -34.93 -35.91
C SER J 175 15.24 -33.73 -36.78
N PHE J 176 16.52 -33.35 -36.76
CA PHE J 176 17.05 -32.31 -37.64
C PHE J 176 16.68 -32.56 -39.10
N ASN J 177 16.73 -33.83 -39.52
CA ASN J 177 16.51 -34.19 -40.92
C ASN J 177 15.22 -34.99 -41.18
N GLY J 178 14.21 -34.81 -40.32
CA GLY J 178 12.87 -35.36 -40.59
C GLY J 178 12.62 -36.78 -40.10
N ASP J 179 13.68 -37.59 -40.00
CA ASP J 179 13.56 -38.95 -39.45
C ASP J 179 13.07 -38.83 -38.01
N VAL J 180 12.02 -39.59 -37.68
CA VAL J 180 11.43 -39.55 -36.33
C VAL J 180 12.49 -39.89 -35.28
N LYS J 181 12.68 -38.98 -34.33
CA LYS J 181 13.59 -39.21 -33.21
C LYS J 181 12.80 -39.31 -31.92
N THR J 182 13.24 -40.21 -31.05
CA THR J 182 12.56 -40.49 -29.80
C THR J 182 13.21 -39.71 -28.66
N PHE J 183 12.40 -39.19 -27.75
CA PHE J 183 12.90 -38.55 -26.55
C PHE J 183 13.78 -39.52 -25.75
N SER J 184 14.97 -39.05 -25.42
CA SER J 184 15.91 -39.80 -24.59
C SER J 184 15.36 -40.05 -23.18
N ARG J 185 14.70 -39.04 -22.62
CA ARG J 185 14.11 -39.11 -21.29
C ARG J 185 12.63 -38.79 -21.40
N GLY J 186 11.97 -38.51 -20.26
CA GLY J 186 10.65 -37.89 -20.28
C GLY J 186 9.46 -38.79 -20.62
N GLY J 187 9.49 -39.40 -21.80
CA GLY J 187 8.36 -40.18 -22.28
C GLY J 187 7.23 -39.23 -22.62
N SER J 188 6.00 -39.65 -22.43
CA SER J 188 4.84 -38.77 -22.64
C SER J 188 4.80 -37.60 -21.65
N ASP J 189 5.44 -37.74 -20.50
CA ASP J 189 5.44 -36.69 -19.49
C ASP J 189 5.97 -35.40 -20.11
N VAL J 190 7.21 -35.45 -20.60
CA VAL J 190 7.89 -34.27 -21.14
C VAL J 190 7.13 -33.61 -22.30
N THR J 191 6.43 -34.41 -23.09
CA THR J 191 5.60 -33.87 -24.17
C THR J 191 4.55 -32.93 -23.59
N GLY J 192 3.79 -33.42 -22.62
CA GLY J 192 2.82 -32.58 -21.92
C GLY J 192 3.43 -31.29 -21.39
N SER J 193 4.67 -31.36 -20.91
CA SER J 193 5.38 -30.16 -20.48
C SER J 193 5.75 -29.28 -21.65
N ILE J 194 6.09 -29.88 -22.78
CA ILE J 194 6.41 -29.12 -23.99
C ILE J 194 5.19 -28.36 -24.53
N ILE J 195 4.05 -29.04 -24.67
CA ILE J 195 2.82 -28.35 -25.10
C ILE J 195 2.41 -27.25 -24.11
N SER J 196 2.34 -27.62 -22.83
CA SER J 196 1.93 -26.69 -21.79
C SER J 196 2.72 -25.38 -21.87
N ALA J 197 4.04 -25.48 -21.74
CA ALA J 197 4.93 -24.35 -21.95
C ALA J 197 5.13 -24.21 -23.44
N GLY J 198 4.16 -23.58 -24.10
CA GLY J 198 4.11 -23.53 -25.56
C GLY J 198 2.76 -23.02 -25.99
N VAL J 199 1.71 -23.61 -25.44
CA VAL J 199 0.37 -23.03 -25.47
C VAL J 199 0.10 -22.41 -24.10
N ASN J 200 0.95 -21.45 -23.71
CA ASN J 200 0.93 -20.86 -22.37
C ASN J 200 -0.29 -21.23 -21.54
N ALA J 201 -0.28 -22.44 -20.97
CA ALA J 201 -1.47 -23.04 -20.37
C ALA J 201 -1.61 -22.68 -18.89
N ASP J 202 -2.85 -22.65 -18.42
CA ASP J 202 -3.15 -22.30 -17.04
C ASP J 202 -2.74 -23.42 -16.10
N LEU J 203 -2.94 -24.66 -16.55
CA LEU J 203 -2.73 -25.86 -15.72
C LEU J 203 -2.24 -27.03 -16.57
N TYR J 204 -1.45 -27.92 -15.95
CA TYR J 204 -1.02 -29.17 -16.61
C TYR J 204 -1.44 -30.34 -15.72
N GLU J 205 -2.37 -31.15 -16.23
CA GLU J 205 -2.89 -32.29 -15.47
C GLU J 205 -2.20 -33.58 -15.91
N ASN J 206 -1.38 -34.14 -15.03
CA ASN J 206 -0.73 -35.40 -15.30
C ASN J 206 -1.57 -36.51 -14.69
N TRP J 207 -2.28 -37.24 -15.54
CA TRP J 207 -3.12 -38.34 -15.08
C TRP J 207 -2.34 -39.60 -14.93
N THR J 208 -2.66 -40.33 -13.86
CA THR J 208 -1.90 -41.49 -13.43
C THR J 208 -2.81 -42.41 -12.63
N ASP J 209 -2.27 -43.49 -12.08
CA ASP J 209 -3.07 -44.48 -11.33
C ASP J 209 -3.20 -44.19 -9.82
N VAL J 210 -2.65 -43.07 -9.34
CA VAL J 210 -2.71 -42.72 -7.90
C VAL J 210 -3.30 -41.32 -7.66
N SER J 211 -3.86 -41.10 -6.47
CA SER J 211 -4.44 -39.80 -6.10
C SER J 211 -3.41 -38.89 -5.44
N GLY J 212 -2.43 -38.45 -6.23
CA GLY J 212 -1.38 -37.56 -5.76
C GLY J 212 -0.40 -38.27 -4.84
N PHE J 213 0.65 -37.57 -4.43
CA PHE J 213 1.64 -38.14 -3.52
C PHE J 213 1.14 -38.08 -2.08
N LEU J 214 1.79 -38.85 -1.21
CA LEU J 214 1.47 -38.86 0.23
C LEU J 214 2.73 -38.62 1.05
N MSE J 215 2.53 -38.13 2.28
CA MSE J 215 3.63 -37.63 3.12
C MSE J 215 4.64 -38.72 3.42
O MSE J 215 5.84 -38.48 3.35
CB MSE J 215 3.04 -37.05 4.41
CG MSE J 215 3.97 -36.08 5.11
SE MSE J 215 2.93 -34.99 6.38
CE MSE J 215 3.80 -35.54 8.05
N ALA J 216 4.15 -39.91 3.73
CA ALA J 216 5.02 -41.05 4.03
C ALA J 216 4.48 -42.33 3.38
N ASP J 217 5.40 -43.19 2.96
CA ASP J 217 5.10 -44.48 2.29
C ASP J 217 3.94 -45.20 2.97
N PRO J 218 2.78 -45.26 2.30
CA PRO J 218 1.53 -45.69 2.95
C PRO J 218 1.63 -47.09 3.53
N ARG J 219 2.45 -47.93 2.92
CA ARG J 219 2.74 -49.25 3.47
C ARG J 219 3.37 -49.10 4.86
N ILE J 220 4.42 -48.29 4.95
CA ILE J 220 5.21 -48.14 6.18
C ILE J 220 4.50 -47.34 7.28
N VAL J 221 3.51 -46.53 6.91
CA VAL J 221 2.79 -45.69 7.88
C VAL J 221 1.29 -45.68 7.66
N GLU J 222 0.56 -46.02 8.71
CA GLU J 222 -0.91 -46.01 8.70
C GLU J 222 -1.48 -44.77 8.03
N ASN J 223 -2.49 -44.97 7.17
CA ASN J 223 -3.24 -43.90 6.53
C ASN J 223 -2.63 -42.50 6.56
N PRO J 224 -1.55 -42.28 5.80
CA PRO J 224 -0.78 -41.04 5.87
C PRO J 224 -1.54 -39.80 5.41
N LYS J 225 -1.03 -38.63 5.75
CA LYS J 225 -1.57 -37.37 5.23
C LYS J 225 -1.25 -37.20 3.75
N THR J 226 -2.20 -36.65 3.01
CA THR J 226 -2.04 -36.47 1.56
C THR J 226 -1.38 -35.12 1.23
N ILE J 227 -0.25 -35.17 0.51
CA ILE J 227 0.46 -33.96 0.12
C ILE J 227 -0.32 -33.20 -0.95
N SER J 228 -0.89 -32.06 -0.60
CA SER J 228 -1.71 -31.29 -1.56
C SER J 228 -0.90 -30.32 -2.43
N LYS J 229 0.26 -29.85 -1.91
CA LYS J 229 1.08 -28.87 -2.60
C LYS J 229 2.56 -29.16 -2.35
N ILE J 230 3.41 -28.88 -3.33
CA ILE J 230 4.83 -29.26 -3.22
C ILE J 230 5.67 -28.67 -4.35
N SER J 231 6.79 -28.03 -4.00
CA SER J 231 7.70 -27.42 -4.98
C SER J 231 8.56 -28.49 -5.65
N TYR J 232 9.16 -28.19 -6.80
CA TYR J 232 9.93 -29.24 -7.48
C TYR J 232 11.34 -29.46 -6.93
N LYS J 233 11.94 -28.45 -6.30
CA LYS J 233 13.15 -28.69 -5.51
C LYS J 233 12.80 -29.75 -4.48
N GLU J 234 11.71 -29.53 -3.75
CA GLU J 234 11.19 -30.55 -2.85
C GLU J 234 10.96 -31.86 -3.59
N LEU J 235 10.21 -31.81 -4.70
CA LEU J 235 9.86 -33.04 -5.44
C LEU J 235 11.09 -33.85 -5.85
N ARG J 236 12.17 -33.16 -6.21
CA ARG J 236 13.39 -33.85 -6.66
C ARG J 236 13.97 -34.83 -5.63
N GLU J 237 13.68 -34.62 -4.35
CA GLU J 237 14.16 -35.52 -3.30
C GLU J 237 13.38 -36.84 -3.28
N LEU J 238 12.05 -36.77 -3.44
CA LEU J 238 11.24 -37.99 -3.57
C LEU J 238 11.59 -38.76 -4.86
N SER J 239 12.10 -38.04 -5.87
CA SER J 239 12.65 -38.64 -7.09
C SER J 239 14.00 -39.29 -6.83
N TYR J 240 14.98 -38.48 -6.42
CA TYR J 240 16.35 -38.95 -6.15
C TYR J 240 16.32 -40.30 -5.45
N MSE J 241 15.46 -40.40 -4.43
CA MSE J 241 15.15 -41.67 -3.78
C MSE J 241 13.87 -41.52 -3.01
O MSE J 241 13.84 -40.87 -1.97
CB MSE J 241 16.27 -42.16 -2.87
CG MSE J 241 17.02 -41.06 -2.10
SE MSE J 241 18.92 -41.56 -1.97
CE MSE J 241 19.49 -41.17 -3.82
N GLY J 242 12.79 -42.12 -3.52
CA GLY J 242 11.53 -42.15 -2.78
C GLY J 242 10.45 -42.91 -3.49
N ALA J 243 9.80 -42.24 -4.45
CA ALA J 243 8.70 -42.81 -5.20
C ALA J 243 9.02 -42.74 -6.68
N THR J 244 8.44 -43.66 -7.46
CA THR J 244 8.78 -43.82 -8.86
C THR J 244 8.29 -42.69 -9.77
N VAL J 245 7.02 -42.28 -9.57
CA VAL J 245 6.35 -41.39 -10.53
C VAL J 245 7.22 -40.19 -10.92
N LEU J 246 7.35 -39.98 -12.24
CA LEU J 246 8.36 -39.09 -12.83
C LEU J 246 7.91 -37.63 -12.74
N HIS J 247 8.80 -36.69 -13.05
CA HIS J 247 10.19 -36.97 -13.45
C HIS J 247 10.85 -35.68 -13.82
N GLU J 248 12.06 -35.47 -13.30
CA GLU J 248 12.78 -34.19 -13.45
C GLU J 248 12.94 -33.73 -14.90
N GLU J 249 13.32 -34.66 -15.77
CA GLU J 249 13.44 -34.41 -17.20
C GLU J 249 12.10 -33.96 -17.78
N ALA J 250 11.02 -34.56 -17.28
CA ALA J 250 9.66 -34.22 -17.70
C ALA J 250 9.21 -32.85 -17.21
N ILE J 251 9.75 -32.38 -16.09
CA ILE J 251 9.33 -31.10 -15.49
C ILE J 251 10.25 -29.94 -15.87
N PHE J 252 11.01 -30.07 -16.96
CA PHE J 252 11.95 -29.02 -17.38
C PHE J 252 11.25 -27.80 -17.98
N PRO J 253 10.56 -27.98 -19.12
CA PRO J 253 10.01 -26.84 -19.88
C PRO J 253 9.03 -25.96 -19.10
N VAL J 254 8.17 -26.60 -18.32
CA VAL J 254 7.17 -25.89 -17.51
C VAL J 254 7.83 -25.13 -16.36
N LYS J 255 8.91 -25.70 -15.82
CA LYS J 255 9.69 -25.07 -14.75
C LYS J 255 10.17 -23.67 -15.16
N ASP J 256 10.83 -23.59 -16.30
CA ASP J 256 11.28 -22.31 -16.83
C ASP J 256 10.23 -21.20 -16.69
N SER J 257 9.09 -21.38 -17.35
CA SER J 257 7.98 -20.41 -17.31
C SER J 257 6.81 -21.00 -16.54
N GLY J 258 6.77 -20.72 -15.23
CA GLY J 258 5.97 -21.46 -14.24
C GLY J 258 4.52 -21.79 -14.58
N ILE J 259 4.25 -23.10 -14.70
CA ILE J 259 2.88 -23.62 -14.79
C ILE J 259 2.72 -24.75 -13.78
N PRO J 260 1.67 -24.70 -12.96
CA PRO J 260 1.50 -25.79 -12.01
C PRO J 260 1.09 -27.09 -12.66
N ILE J 261 1.68 -28.19 -12.19
CA ILE J 261 1.27 -29.53 -12.60
C ILE J 261 0.40 -30.12 -11.50
N ASN J 262 -0.80 -30.57 -11.86
CA ASN J 262 -1.65 -31.31 -10.94
C ASN J 262 -1.63 -32.79 -11.28
N ILE J 263 -1.11 -33.60 -10.36
CA ILE J 263 -1.01 -35.04 -10.51
C ILE J 263 -2.32 -35.65 -10.07
N LYS J 264 -3.01 -36.33 -10.98
CA LYS J 264 -4.36 -36.82 -10.71
C LYS J 264 -4.56 -38.29 -11.05
N ASN J 265 -5.74 -38.80 -10.74
CA ASN J 265 -5.99 -40.23 -10.72
C ASN J 265 -7.14 -40.63 -11.63
N THR J 266 -6.82 -41.16 -12.80
CA THR J 266 -7.84 -41.56 -13.75
C THR J 266 -8.98 -42.33 -13.06
N ASN J 267 -8.63 -43.20 -12.10
CA ASN J 267 -9.62 -44.08 -11.46
C ASN J 267 -10.43 -43.40 -10.36
N LYS J 268 -9.89 -42.34 -9.76
CA LYS J 268 -10.62 -41.56 -8.75
C LYS J 268 -10.45 -40.07 -9.03
N PRO J 269 -11.18 -39.56 -10.04
CA PRO J 269 -10.96 -38.18 -10.46
C PRO J 269 -11.26 -37.18 -9.36
N SER J 270 -12.44 -37.23 -8.78
CA SER J 270 -12.85 -36.20 -7.81
C SER J 270 -11.79 -35.92 -6.75
N ASP J 271 -11.05 -36.94 -6.32
CA ASP J 271 -9.94 -36.75 -5.37
C ASP J 271 -8.98 -35.68 -5.88
N PRO J 272 -8.77 -34.61 -5.10
CA PRO J 272 -7.81 -33.57 -5.46
C PRO J 272 -6.40 -34.07 -5.19
N GLY J 273 -5.54 -34.02 -6.18
CA GLY J 273 -4.23 -34.68 -6.09
C GLY J 273 -3.16 -33.87 -5.40
N THR J 274 -1.93 -34.03 -5.86
CA THR J 274 -0.84 -33.17 -5.45
C THR J 274 -0.80 -32.04 -6.46
N LEU J 275 -0.03 -31.00 -6.16
CA LEU J 275 0.09 -29.85 -7.04
C LEU J 275 1.55 -29.39 -7.01
N ILE J 276 2.16 -29.27 -8.19
CA ILE J 276 3.60 -29.03 -8.28
C ILE J 276 3.89 -27.61 -8.73
N LEU J 277 4.13 -26.74 -7.75
CA LEU J 277 4.37 -25.32 -7.99
C LEU J 277 5.88 -25.06 -8.12
N SER J 278 6.22 -23.83 -8.50
CA SER J 278 7.60 -23.38 -8.51
C SER J 278 8.03 -22.96 -7.11
N ASP J 279 9.34 -22.88 -6.91
CA ASP J 279 9.90 -22.61 -5.59
C ASP J 279 9.51 -21.22 -5.11
N THR J 280 9.58 -20.24 -6.00
CA THR J 280 9.16 -18.87 -5.70
C THR J 280 7.62 -18.76 -5.60
N HIS J 281 6.91 -19.68 -6.26
CA HIS J 281 5.45 -19.71 -6.25
C HIS J 281 4.85 -20.48 -5.10
N LYS J 282 5.68 -21.12 -4.26
CA LYS J 282 5.17 -21.93 -3.14
C LYS J 282 5.41 -21.28 -1.77
N GLU J 283 4.53 -21.58 -0.82
CA GLU J 283 4.61 -21.05 0.54
C GLU J 283 5.72 -21.73 1.34
N ILE J 284 6.15 -21.05 2.41
CA ILE J 284 7.20 -21.57 3.29
C ILE J 284 6.70 -21.65 4.73
N ASN J 285 5.95 -22.72 5.01
CA ASN J 285 5.50 -23.02 6.37
C ASN J 285 6.71 -23.44 7.18
N LEU J 286 7.08 -22.65 8.19
CA LEU J 286 8.29 -22.95 8.98
C LEU J 286 8.04 -24.02 10.03
N GLY J 287 9.06 -24.84 10.28
CA GLY J 287 8.95 -25.96 11.21
C GLY J 287 8.27 -27.17 10.59
N THR J 288 8.07 -27.12 9.27
CA THR J 288 7.23 -28.08 8.58
C THR J 288 8.07 -29.10 7.81
N ILE J 289 7.72 -30.37 7.98
CA ILE J 289 8.19 -31.44 7.08
C ILE J 289 7.18 -31.54 5.96
N THR J 290 7.66 -31.60 4.73
CA THR J 290 6.78 -31.74 3.57
C THR J 290 6.49 -33.21 3.24
N GLY J 291 7.53 -34.05 3.32
CA GLY J 291 7.37 -35.48 3.05
C GLY J 291 8.62 -36.30 3.35
N ILE J 292 8.42 -37.60 3.58
CA ILE J 292 9.52 -38.52 3.91
C ILE J 292 9.60 -39.68 2.92
N ALA J 293 10.78 -39.83 2.32
CA ALA J 293 11.05 -40.92 1.40
C ALA J 293 12.47 -41.41 1.62
N GLY J 294 12.65 -42.73 1.62
CA GLY J 294 13.96 -43.35 1.82
C GLY J 294 14.29 -44.35 0.73
N LYS J 295 15.33 -45.17 0.97
CA LYS J 295 15.74 -46.19 0.00
C LYS J 295 16.66 -47.22 0.65
N LYS J 296 16.30 -48.49 0.51
CA LYS J 296 17.07 -49.59 1.11
C LYS J 296 18.29 -49.94 0.26
N ASN J 297 19.20 -50.72 0.85
CA ASN J 297 20.32 -51.34 0.14
C ASN J 297 21.39 -50.37 -0.38
N PHE J 298 22.25 -49.94 0.53
CA PHE J 298 23.44 -49.15 0.19
C PHE J 298 24.69 -49.71 0.85
N THR J 299 25.84 -49.52 0.20
CA THR J 299 27.12 -49.97 0.72
C THR J 299 28.12 -48.83 0.67
N VAL J 300 28.81 -48.61 1.79
CA VAL J 300 29.80 -47.55 1.89
C VAL J 300 31.20 -48.12 1.66
N ILE J 301 32.13 -47.23 1.35
CA ILE J 301 33.52 -47.62 1.14
C ILE J 301 34.40 -46.83 2.09
N ALA J 302 34.67 -47.39 3.26
CA ALA J 302 35.54 -46.75 4.23
C ALA J 302 36.96 -46.66 3.69
N ILE J 303 37.55 -45.48 3.80
CA ILE J 303 38.93 -45.25 3.37
C ILE J 303 39.68 -44.52 4.47
N GLU J 304 40.96 -44.83 4.58
CA GLU J 304 41.80 -44.23 5.60
C GLU J 304 43.18 -43.94 5.00
N LYS J 305 43.44 -42.66 4.73
CA LYS J 305 44.76 -42.21 4.32
C LYS J 305 45.45 -41.61 5.54
N ALA J 306 46.78 -41.64 5.55
CA ALA J 306 47.56 -41.07 6.66
C ALA J 306 47.27 -39.57 6.78
N LEU J 307 48.05 -38.75 6.07
CA LEU J 307 47.78 -37.31 6.01
C LEU J 307 46.89 -37.08 4.79
N LEU J 308 45.62 -37.43 4.93
CA LEU J 308 44.69 -37.54 3.80
C LEU J 308 44.59 -36.30 2.92
N ASN J 309 44.31 -35.14 3.52
CA ASN J 309 44.17 -33.90 2.75
C ASN J 309 45.51 -33.25 2.35
N SER J 310 46.63 -33.92 2.63
CA SER J 310 47.95 -33.52 2.12
C SER J 310 48.39 -34.41 0.95
N GLU J 311 47.48 -35.25 0.44
CA GLU J 311 47.75 -36.08 -0.72
C GLU J 311 47.67 -35.27 -2.02
N VAL J 312 48.14 -35.87 -3.11
CA VAL J 312 48.13 -35.22 -4.43
C VAL J 312 46.71 -34.84 -4.85
N GLY J 313 45.87 -35.84 -5.11
CA GLY J 313 44.46 -35.61 -5.44
C GLY J 313 43.63 -36.80 -5.01
N PHE J 314 43.84 -37.23 -3.75
CA PHE J 314 43.28 -38.48 -3.23
C PHE J 314 41.81 -38.67 -3.53
N CYS J 315 41.01 -37.62 -3.35
CA CYS J 315 39.58 -37.70 -3.63
C CYS J 315 39.28 -37.73 -5.12
N ARG J 316 40.04 -36.98 -5.90
CA ARG J 316 39.88 -36.98 -7.36
C ARG J 316 40.28 -38.33 -7.97
N LYS J 317 41.38 -38.90 -7.46
CA LYS J 317 41.89 -40.19 -7.95
C LYS J 317 40.97 -41.35 -7.61
N ILE J 318 40.26 -41.24 -6.48
CA ILE J 318 39.35 -42.30 -6.04
C ILE J 318 38.06 -42.31 -6.85
N LEU J 319 37.53 -41.14 -7.19
CA LEU J 319 36.32 -41.09 -8.03
C LEU J 319 36.64 -41.09 -9.53
N SER J 320 37.91 -40.98 -9.88
CA SER J 320 38.35 -41.28 -11.25
C SER J 320 38.16 -42.77 -11.49
N ILE J 321 38.54 -43.56 -10.48
CA ILE J 321 38.38 -45.03 -10.49
C ILE J 321 36.90 -45.42 -10.44
N LEU J 322 36.07 -44.56 -9.86
CA LEU J 322 34.62 -44.72 -9.87
C LEU J 322 34.04 -44.33 -11.23
N GLU J 323 34.53 -43.22 -11.78
CA GLU J 323 34.06 -42.70 -13.07
C GLU J 323 34.36 -43.69 -14.21
N MSE J 324 35.45 -44.43 -14.09
CA MSE J 324 35.80 -45.46 -15.06
C MSE J 324 34.68 -46.45 -15.18
O MSE J 324 34.12 -46.63 -16.26
CB MSE J 324 37.03 -46.25 -14.60
CG MSE J 324 38.35 -45.56 -14.94
SE MSE J 324 39.78 -46.91 -14.92
CE MSE J 324 39.22 -48.00 -13.37
N TYR J 325 34.34 -47.09 -14.06
CA TYR J 325 33.28 -48.09 -14.03
C TYR J 325 31.90 -47.44 -14.16
N GLY J 326 30.94 -48.21 -14.64
CA GLY J 326 29.57 -47.74 -14.79
C GLY J 326 28.90 -47.65 -13.44
N VAL J 327 29.27 -46.62 -12.67
CA VAL J 327 28.79 -46.46 -11.30
C VAL J 327 28.59 -44.99 -10.94
N SER J 328 27.57 -44.74 -10.11
CA SER J 328 27.33 -43.42 -9.51
C SER J 328 27.52 -43.53 -8.00
N PHE J 329 27.40 -42.39 -7.32
CA PHE J 329 27.45 -42.37 -5.86
C PHE J 329 26.40 -41.41 -5.31
N GLU J 330 25.92 -41.70 -4.10
CA GLU J 330 24.88 -40.92 -3.46
C GLU J 330 25.47 -39.73 -2.73
N HIS J 331 26.57 -39.96 -2.01
CA HIS J 331 27.23 -38.91 -1.20
C HIS J 331 28.68 -39.21 -0.95
N MSE J 332 29.46 -38.16 -0.65
CA MSE J 332 30.86 -38.34 -0.25
C MSE J 332 31.10 -37.73 1.10
O MSE J 332 31.54 -36.57 1.21
CB MSE J 332 31.84 -37.74 -1.28
CG MSE J 332 33.28 -38.08 -0.89
SE MSE J 332 34.56 -37.72 -2.34
CE MSE J 332 33.82 -39.00 -3.65
N PRO J 333 30.81 -38.49 2.18
CA PRO J 333 31.22 -38.07 3.53
C PRO J 333 32.73 -38.15 3.74
N SER J 334 33.22 -37.45 4.76
CA SER J 334 34.64 -37.50 5.10
C SER J 334 34.94 -37.03 6.52
N GLY J 335 36.14 -37.32 6.98
CA GLY J 335 36.62 -36.90 8.30
C GLY J 335 37.84 -36.03 8.11
N VAL J 336 38.73 -36.03 9.10
CA VAL J 336 39.97 -35.27 9.00
C VAL J 336 40.96 -36.03 8.11
N ASP J 337 41.03 -37.35 8.28
CA ASP J 337 41.93 -38.20 7.50
C ASP J 337 41.27 -39.52 7.08
N SER J 338 40.04 -39.42 6.60
CA SER J 338 39.28 -40.57 6.12
C SER J 338 38.07 -40.12 5.32
N VAL J 339 37.79 -40.81 4.22
CA VAL J 339 36.69 -40.45 3.33
C VAL J 339 35.82 -41.68 3.05
N SER J 340 34.58 -41.43 2.64
CA SER J 340 33.64 -42.51 2.31
C SER J 340 32.79 -42.21 1.08
N LEU J 341 32.44 -43.25 0.33
CA LEU J 341 31.60 -43.11 -0.85
C LEU J 341 30.33 -43.95 -0.67
N VAL J 342 29.19 -43.26 -0.52
CA VAL J 342 27.90 -43.90 -0.31
C VAL J 342 27.31 -44.35 -1.65
N ILE J 343 27.43 -45.66 -1.92
CA ILE J 343 27.00 -46.24 -3.21
C ILE J 343 25.87 -47.27 -2.99
N GLU J 344 25.05 -47.46 -4.02
CA GLU J 344 23.91 -48.37 -3.96
C GLU J 344 24.34 -49.83 -4.16
N ASP J 345 23.56 -50.77 -3.61
CA ASP J 345 23.89 -52.20 -3.64
C ASP J 345 23.80 -52.81 -5.03
N CYS J 346 22.61 -52.73 -5.63
CA CYS J 346 22.36 -53.32 -6.95
C CYS J 346 23.11 -52.60 -8.08
N LYS J 347 23.59 -51.38 -7.81
CA LYS J 347 24.41 -50.62 -8.75
C LYS J 347 25.87 -51.09 -8.75
N LEU J 348 26.19 -52.00 -7.81
CA LEU J 348 27.57 -52.46 -7.59
C LEU J 348 27.60 -53.98 -7.39
N ASP J 349 27.08 -54.73 -8.36
CA ASP J 349 27.07 -56.19 -8.29
C ASP J 349 28.37 -56.76 -8.86
N GLY J 350 29.09 -57.53 -8.05
CA GLY J 350 30.31 -58.22 -8.49
C GLY J 350 31.53 -57.32 -8.60
N LYS J 351 31.37 -56.17 -9.26
CA LYS J 351 32.45 -55.20 -9.47
C LYS J 351 33.28 -54.97 -8.21
N CYS J 352 32.57 -54.74 -7.10
CA CYS J 352 33.14 -54.73 -5.75
C CYS J 352 34.63 -55.08 -5.68
N ASP J 353 34.94 -56.38 -5.79
CA ASP J 353 36.30 -56.90 -5.54
C ASP J 353 37.36 -56.08 -6.24
N LYS J 354 37.15 -55.83 -7.53
CA LYS J 354 38.18 -55.25 -8.40
C LYS J 354 38.31 -53.73 -8.30
N ILE J 355 37.32 -53.06 -7.71
CA ILE J 355 37.38 -51.61 -7.51
C ILE J 355 38.15 -51.26 -6.23
N ILE J 356 38.11 -52.17 -5.24
CA ILE J 356 38.99 -52.07 -4.09
C ILE J 356 40.44 -52.25 -4.54
N GLU J 357 40.68 -53.28 -5.35
CA GLU J 357 42.02 -53.57 -5.87
C GLU J 357 42.49 -52.53 -6.90
N GLU J 358 41.60 -51.66 -7.35
CA GLU J 358 41.99 -50.54 -8.20
C GLU J 358 42.54 -49.39 -7.34
N ILE J 359 41.73 -48.92 -6.41
CA ILE J 359 42.09 -47.75 -5.58
C ILE J 359 43.20 -48.04 -4.57
N LYS J 360 43.18 -49.24 -3.98
CA LYS J 360 44.24 -49.68 -3.05
C LYS J 360 45.59 -49.69 -3.77
N LYS J 361 45.54 -49.90 -5.08
CA LYS J 361 46.73 -49.87 -5.92
C LYS J 361 47.16 -48.44 -6.20
N GLN J 362 46.19 -47.57 -6.49
CA GLN J 362 46.47 -46.16 -6.77
C GLN J 362 46.97 -45.44 -5.53
N CYS J 363 46.08 -45.21 -4.57
CA CYS J 363 46.41 -44.48 -3.35
C CYS J 363 46.95 -45.42 -2.27
N ASN J 364 47.32 -44.86 -1.13
CA ASN J 364 47.81 -45.64 0.01
C ASN J 364 46.80 -45.61 1.17
N PRO J 365 45.93 -46.63 1.24
CA PRO J 365 45.03 -46.72 2.37
C PRO J 365 45.66 -47.49 3.52
N ASP J 366 45.73 -46.88 4.69
CA ASP J 366 46.11 -47.61 5.90
C ASP J 366 45.11 -48.75 6.13
N SER J 367 43.86 -48.51 5.75
CA SER J 367 42.82 -49.53 5.78
C SER J 367 41.70 -49.20 4.79
N ILE J 368 41.13 -50.24 4.19
CA ILE J 368 39.88 -50.12 3.44
C ILE J 368 38.92 -51.22 3.88
N GLU J 369 37.72 -50.83 4.27
CA GLU J 369 36.72 -51.75 4.77
C GLU J 369 35.46 -51.69 3.90
N ILE J 370 34.54 -52.61 4.16
CA ILE J 370 33.27 -52.69 3.43
C ILE J 370 32.13 -52.79 4.45
N HIS J 371 31.17 -51.87 4.36
CA HIS J 371 29.99 -51.88 5.25
C HIS J 371 28.73 -51.86 4.40
N PRO J 372 28.17 -53.06 4.11
CA PRO J 372 27.21 -53.20 2.99
C PRO J 372 25.68 -53.01 3.17
N ASN J 373 25.14 -53.15 4.37
CA ASN J 373 23.67 -53.06 4.53
C ASN J 373 23.18 -51.75 5.20
N MSE J 374 23.16 -50.65 4.43
CA MSE J 374 22.64 -49.36 4.91
C MSE J 374 21.40 -48.99 4.13
O MSE J 374 21.28 -49.34 2.96
CB MSE J 374 23.66 -48.23 4.78
CG MSE J 374 23.11 -46.88 5.26
SE MSE J 374 24.53 -45.57 5.67
CE MSE J 374 25.10 -45.23 3.82
N ALA J 375 20.49 -48.25 4.78
CA ALA J 375 19.27 -47.75 4.13
C ALA J 375 19.07 -46.25 4.38
N LEU J 376 19.36 -45.43 3.37
CA LEU J 376 19.20 -43.97 3.48
C LEU J 376 17.73 -43.57 3.59
N VAL J 377 17.48 -42.49 4.33
CA VAL J 377 16.13 -41.92 4.46
C VAL J 377 16.14 -40.40 4.43
N ALA J 378 15.71 -39.82 3.31
CA ALA J 378 15.54 -38.38 3.19
C ALA J 378 14.29 -37.97 3.95
N THR J 379 14.29 -36.72 4.39
CA THR J 379 13.16 -36.15 5.10
C THR J 379 13.18 -34.67 4.76
N VAL J 380 12.21 -34.25 3.93
CA VAL J 380 12.35 -33.04 3.14
C VAL J 380 11.22 -32.04 3.33
N GLY J 381 11.56 -30.75 3.25
CA GLY J 381 10.57 -29.67 3.30
C GLY J 381 11.21 -28.29 3.37
N THR J 382 10.66 -27.33 2.63
CA THR J 382 11.23 -25.97 2.64
C THR J 382 11.07 -25.31 4.01
N GLY J 383 10.27 -25.93 4.87
CA GLY J 383 10.07 -25.46 6.24
C GLY J 383 11.11 -25.89 7.26
N MSE J 384 12.06 -26.74 6.84
CA MSE J 384 13.14 -27.20 7.72
C MSE J 384 14.43 -26.61 7.20
O MSE J 384 15.47 -27.27 7.18
CB MSE J 384 13.19 -28.73 7.84
CG MSE J 384 12.88 -29.44 6.53
SE MSE J 384 13.21 -31.37 6.60
CE MSE J 384 15.16 -31.21 6.39
N ALA J 385 14.38 -25.34 6.79
CA ALA J 385 15.52 -24.65 6.19
C ALA J 385 16.33 -23.90 7.24
N LYS J 386 15.76 -22.82 7.76
CA LYS J 386 16.39 -22.03 8.82
C LYS J 386 15.56 -22.19 10.10
N THR J 387 15.48 -23.45 10.55
CA THR J 387 14.64 -23.80 11.69
C THR J 387 15.49 -24.30 12.86
N LYS J 388 15.17 -23.82 14.06
CA LYS J 388 15.93 -24.15 15.26
C LYS J 388 15.84 -25.64 15.62
N GLY J 389 16.93 -26.37 15.38
CA GLY J 389 17.08 -27.75 15.87
C GLY J 389 16.24 -28.82 15.20
N ILE J 390 15.88 -28.59 13.93
CA ILE J 390 15.12 -29.58 13.16
C ILE J 390 15.88 -30.88 13.01
N ALA J 391 17.18 -30.77 12.74
CA ALA J 391 18.04 -31.94 12.68
C ALA J 391 17.87 -32.78 13.95
N ASN J 392 17.97 -32.13 15.09
CA ASN J 392 17.88 -32.80 16.39
C ASN J 392 16.53 -33.47 16.62
N LYS J 393 15.47 -32.82 16.15
CA LYS J 393 14.11 -33.35 16.31
C LYS J 393 14.03 -34.75 15.70
N ILE J 394 14.64 -34.93 14.53
CA ILE J 394 14.68 -36.22 13.86
C ILE J 394 15.41 -37.24 14.73
N PHE J 395 16.55 -36.83 15.27
CA PHE J 395 17.42 -37.73 16.02
C PHE J 395 16.81 -38.12 17.36
N THR J 396 16.08 -37.19 17.98
CA THR J 396 15.33 -37.49 19.19
C THR J 396 14.36 -38.65 18.92
N ALA J 397 13.55 -38.50 17.88
CA ALA J 397 12.62 -39.54 17.47
C ALA J 397 13.33 -40.85 17.11
N LEU J 398 14.51 -40.76 16.49
CA LEU J 398 15.28 -41.97 16.17
C LEU J 398 15.80 -42.66 17.43
N SER J 399 16.14 -41.89 18.45
CA SER J 399 16.60 -42.44 19.73
C SER J 399 15.46 -43.01 20.54
N LYS J 400 14.31 -42.35 20.48
CA LYS J 400 13.08 -42.85 21.10
C LYS J 400 12.89 -44.34 20.81
N GLU J 401 13.30 -44.76 19.61
CA GLU J 401 13.39 -46.17 19.24
C GLU J 401 14.86 -46.54 19.18
N ASN J 402 15.18 -47.83 19.33
CA ASN J 402 16.58 -48.24 19.30
C ASN J 402 17.11 -48.37 17.87
N VAL J 403 17.16 -47.25 17.17
CA VAL J 403 17.65 -47.21 15.79
C VAL J 403 18.97 -46.44 15.70
N ASN J 404 20.01 -47.11 15.22
CA ASN J 404 21.36 -46.52 15.13
C ASN J 404 21.57 -45.75 13.84
N ILE J 405 22.24 -44.60 13.97
CA ILE J 405 22.51 -43.71 12.84
C ILE J 405 23.89 -43.98 12.23
N ARG J 406 23.90 -44.34 10.95
CA ARG J 406 25.15 -44.66 10.24
C ARG J 406 25.66 -43.50 9.38
N MSE J 407 24.74 -42.66 8.88
CA MSE J 407 25.12 -41.47 8.13
C MSE J 407 24.27 -40.29 8.50
O MSE J 407 23.06 -40.41 8.69
CB MSE J 407 24.99 -41.71 6.63
CG MSE J 407 25.19 -40.41 5.84
SE MSE J 407 25.36 -40.79 3.92
CE MSE J 407 23.92 -39.54 3.40
N ILE J 408 24.91 -39.13 8.59
CA ILE J 408 24.23 -37.87 8.77
C ILE J 408 24.86 -36.87 7.82
N ASP J 409 24.19 -36.63 6.68
CA ASP J 409 24.63 -35.58 5.78
C ASP J 409 23.53 -34.55 5.60
N GLN J 410 23.86 -33.31 5.96
CA GLN J 410 23.07 -32.16 5.59
C GLN J 410 24.02 -30.97 5.48
N GLY J 411 23.66 -30.03 4.60
CA GLY J 411 24.56 -28.97 4.18
C GLY J 411 24.51 -28.83 2.67
N SER J 412 24.35 -29.97 2.00
CA SER J 412 24.12 -30.01 0.55
C SER J 412 22.84 -29.28 0.18
N SER J 413 21.76 -29.60 0.89
CA SER J 413 20.46 -28.96 0.70
C SER J 413 20.06 -28.19 1.96
N GLU J 414 19.43 -27.03 1.77
CA GLU J 414 18.80 -26.32 2.88
C GLU J 414 17.59 -27.11 3.37
N ILE J 415 16.85 -27.67 2.41
CA ILE J 415 15.49 -28.18 2.67
C ILE J 415 15.42 -29.69 2.91
N ASN J 416 16.55 -30.32 3.21
CA ASN J 416 16.58 -31.77 3.32
C ASN J 416 17.75 -32.30 4.17
N VAL J 417 17.44 -33.24 5.06
CA VAL J 417 18.40 -33.91 5.92
C VAL J 417 18.39 -35.41 5.65
N ILE J 418 19.52 -35.93 5.16
CA ILE J 418 19.63 -37.33 4.79
C ILE J 418 20.28 -38.12 5.92
N VAL J 419 19.53 -39.04 6.51
CA VAL J 419 20.05 -39.91 7.57
C VAL J 419 20.12 -41.35 7.08
N GLY J 420 21.23 -42.01 7.40
CA GLY J 420 21.46 -43.40 6.98
C GLY J 420 21.42 -44.35 8.15
N VAL J 421 20.47 -45.29 8.14
CA VAL J 421 20.29 -46.25 9.22
C VAL J 421 20.45 -47.67 8.70
N GLU J 422 20.39 -48.64 9.61
CA GLU J 422 20.46 -50.06 9.26
C GLU J 422 19.13 -50.52 8.65
N THR J 423 19.22 -51.31 7.59
CA THR J 423 18.04 -51.65 6.79
C THR J 423 17.00 -52.49 7.55
N VAL J 424 17.40 -53.13 8.65
CA VAL J 424 16.42 -53.76 9.54
C VAL J 424 15.59 -52.70 10.28
N ASP J 425 16.21 -51.56 10.57
CA ASP J 425 15.54 -50.46 11.27
C ASP J 425 14.68 -49.61 10.33
N PHE J 426 15.09 -49.52 9.08
CA PHE J 426 14.43 -48.68 8.08
C PHE J 426 13.00 -48.28 8.44
N GLU J 427 12.09 -49.27 8.54
CA GLU J 427 10.68 -48.98 8.77
C GLU J 427 10.47 -48.34 10.13
N LYS J 428 11.08 -48.95 11.15
CA LYS J 428 11.04 -48.44 12.53
C LYS J 428 11.38 -46.95 12.59
N ALA J 429 12.33 -46.52 11.76
CA ALA J 429 12.76 -45.13 11.70
C ALA J 429 11.72 -44.23 11.03
N VAL J 430 11.40 -44.51 9.78
CA VAL J 430 10.45 -43.67 9.01
C VAL J 430 9.16 -43.44 9.78
N LYS J 431 8.57 -44.53 10.26
CA LYS J 431 7.41 -44.45 11.15
C LYS J 431 7.63 -43.35 12.20
N SER J 432 8.73 -43.47 12.96
CA SER J 432 9.04 -42.56 14.07
C SER J 432 9.24 -41.11 13.64
N ILE J 433 9.77 -40.90 12.45
CA ILE J 433 9.95 -39.56 11.92
C ILE J 433 8.58 -38.95 11.62
N TYR J 434 7.78 -39.64 10.83
CA TYR J 434 6.45 -39.15 10.47
C TYR J 434 5.66 -38.82 11.73
N ASN J 435 5.58 -39.78 12.63
CA ASN J 435 4.94 -39.57 13.92
C ASN J 435 5.60 -38.43 14.68
N ALA J 436 6.92 -38.34 14.56
CA ALA J 436 7.68 -37.28 15.21
C ALA J 436 7.22 -35.88 14.80
N PHE J 437 6.55 -35.77 13.66
CA PHE J 437 6.02 -34.48 13.21
C PHE J 437 4.48 -34.41 13.26
N ASN J 438 3.86 -35.26 14.09
CA ASN J 438 2.41 -35.29 14.26
C ASN J 438 2.04 -35.72 15.68
N ILE K 4 49.60 -84.87 -32.14
CA ILE K 4 48.35 -84.22 -31.63
C ILE K 4 48.06 -82.91 -32.36
N VAL K 5 47.05 -82.92 -33.22
CA VAL K 5 46.62 -81.72 -33.96
C VAL K 5 45.23 -81.30 -33.53
N VAL K 6 45.09 -80.04 -33.12
CA VAL K 6 43.81 -79.44 -32.74
C VAL K 6 43.29 -78.57 -33.88
N THR K 7 41.97 -78.53 -34.08
CA THR K 7 41.41 -77.79 -35.21
C THR K 7 40.10 -77.06 -34.90
N LYS K 8 40.13 -75.71 -35.02
CA LYS K 8 38.92 -74.89 -34.89
C LYS K 8 38.35 -74.62 -36.28
N PHE K 9 37.02 -74.63 -36.40
CA PHE K 9 36.35 -74.35 -37.68
C PHE K 9 35.38 -73.20 -37.57
N GLY K 10 35.42 -72.30 -38.54
CA GLY K 10 34.57 -71.11 -38.54
C GLY K 10 33.15 -71.41 -38.96
N GLY K 11 32.30 -70.38 -38.89
CA GLY K 11 30.91 -70.50 -39.32
C GLY K 11 30.81 -70.66 -40.82
N SER K 12 31.69 -69.97 -41.56
CA SER K 12 31.75 -70.14 -43.01
C SER K 12 32.12 -71.58 -43.31
N SER K 13 32.87 -72.18 -42.39
CA SER K 13 33.32 -73.57 -42.52
C SER K 13 32.27 -74.61 -42.05
N LEU K 14 31.10 -74.14 -41.62
CA LEU K 14 30.04 -75.05 -41.16
C LEU K 14 28.65 -74.50 -41.48
N ALA K 15 28.53 -73.81 -42.61
CA ALA K 15 27.28 -73.14 -42.98
C ALA K 15 26.23 -74.11 -43.50
N ASP K 16 26.66 -75.17 -44.19
CA ASP K 16 25.72 -76.18 -44.69
C ASP K 16 26.35 -77.55 -44.91
N SER K 17 25.47 -78.52 -45.15
CA SER K 17 25.83 -79.91 -45.40
C SER K 17 27.14 -80.09 -46.16
N ASN K 18 27.30 -79.37 -47.27
CA ASN K 18 28.51 -79.50 -48.07
C ASN K 18 29.77 -79.15 -47.29
N GLN K 19 29.73 -78.06 -46.53
CA GLN K 19 30.87 -77.66 -45.70
C GLN K 19 31.16 -78.71 -44.63
N PHE K 20 30.12 -79.29 -44.05
CA PHE K 20 30.31 -80.36 -43.08
C PHE K 20 31.10 -81.51 -43.71
N LYS K 21 30.67 -81.92 -44.90
CA LYS K 21 31.35 -83.00 -45.63
C LYS K 21 32.82 -82.66 -45.80
N LYS K 22 33.09 -81.44 -46.29
CA LYS K 22 34.45 -80.95 -46.50
C LYS K 22 35.28 -81.02 -45.22
N VAL K 23 34.65 -80.68 -44.09
CA VAL K 23 35.31 -80.77 -42.79
C VAL K 23 35.61 -82.23 -42.47
N LYS K 24 34.61 -83.09 -42.59
CA LYS K 24 34.79 -84.52 -42.36
C LYS K 24 36.02 -85.02 -43.12
N GLY K 25 36.13 -84.64 -44.39
CA GLY K 25 37.25 -85.03 -45.24
C GLY K 25 38.61 -84.64 -44.66
N ILE K 26 38.73 -83.39 -44.24
CA ILE K 26 39.98 -82.89 -43.66
C ILE K 26 40.39 -83.73 -42.43
N ILE K 27 39.41 -84.08 -41.60
CA ILE K 27 39.71 -84.78 -40.35
C ILE K 27 40.21 -86.21 -40.58
N ASP K 28 39.50 -86.99 -41.38
CA ASP K 28 39.91 -88.39 -41.60
C ASP K 28 40.99 -88.55 -42.69
N SER K 29 41.40 -87.44 -43.30
CA SER K 29 42.59 -87.42 -44.16
C SER K 29 43.87 -87.22 -43.34
N ASP K 30 43.72 -86.83 -42.06
CA ASP K 30 44.85 -86.69 -41.14
C ASP K 30 44.49 -87.24 -39.76
N ALA K 31 45.08 -88.38 -39.42
CA ALA K 31 44.79 -89.07 -38.16
C ALA K 31 45.23 -88.28 -36.92
N ASN K 32 46.22 -87.40 -37.08
CA ASN K 32 46.76 -86.66 -35.93
C ASN K 32 45.84 -85.53 -35.51
N ARG K 33 44.97 -85.07 -36.43
CA ARG K 33 43.88 -84.16 -36.08
C ARG K 33 42.91 -84.91 -35.17
N LYS K 34 42.94 -84.60 -33.88
CA LYS K 34 42.20 -85.38 -32.87
C LYS K 34 41.18 -84.56 -32.07
N TYR K 35 41.31 -83.23 -32.09
CA TYR K 35 40.42 -82.37 -31.31
C TYR K 35 39.86 -81.23 -32.15
N ILE K 36 38.55 -81.22 -32.27
CA ILE K 36 37.85 -80.35 -33.20
C ILE K 36 36.98 -79.35 -32.45
N ILE K 37 37.14 -78.07 -32.75
CA ILE K 37 36.33 -77.02 -32.13
C ILE K 37 35.52 -76.27 -33.19
N PRO K 38 34.19 -76.42 -33.16
CA PRO K 38 33.36 -75.78 -34.18
C PRO K 38 32.63 -74.55 -33.67
N SER K 39 32.34 -73.63 -34.59
CA SER K 39 31.46 -72.50 -34.31
C SER K 39 30.07 -72.84 -34.79
N ALA K 40 29.10 -71.99 -34.44
CA ALA K 40 27.74 -72.14 -34.94
C ALA K 40 27.78 -71.87 -36.44
N PRO K 41 26.81 -72.40 -37.19
CA PRO K 41 26.81 -72.23 -38.65
C PRO K 41 26.88 -70.75 -39.05
N GLY K 42 27.71 -70.43 -40.03
CA GLY K 42 27.86 -69.07 -40.49
C GLY K 42 26.80 -68.73 -41.51
N LYS K 43 26.62 -67.44 -41.77
CA LYS K 43 25.71 -66.98 -42.82
C LYS K 43 26.09 -67.64 -44.14
N ARG K 44 25.10 -68.02 -44.93
CA ARG K 44 25.36 -68.75 -46.19
C ARG K 44 25.20 -67.85 -47.42
N THR K 45 24.29 -66.88 -47.34
CA THR K 45 24.27 -65.70 -48.21
C THR K 45 24.57 -64.48 -47.35
N ASN K 46 24.76 -63.32 -47.97
CA ASN K 46 24.98 -62.09 -47.19
C ASN K 46 23.67 -61.54 -46.62
N LYS K 47 22.57 -61.81 -47.30
CA LYS K 47 21.23 -61.45 -46.83
C LYS K 47 20.72 -62.42 -45.76
N ASP K 48 21.50 -63.48 -45.48
CA ASP K 48 21.08 -64.54 -44.55
C ASP K 48 20.89 -64.02 -43.13
N TYR K 49 20.10 -64.78 -42.36
CA TYR K 49 20.01 -64.61 -40.91
C TYR K 49 21.16 -65.39 -40.27
N LYS K 50 21.76 -64.81 -39.24
CA LYS K 50 22.82 -65.47 -38.49
C LYS K 50 22.17 -66.19 -37.32
N ILE K 51 22.51 -67.46 -37.11
CA ILE K 51 21.85 -68.25 -36.06
C ILE K 51 22.04 -67.68 -34.65
N THR K 52 23.22 -67.15 -34.36
CA THR K 52 23.53 -66.71 -32.99
C THR K 52 22.61 -65.56 -32.54
N ASP K 53 22.24 -64.70 -33.48
CA ASP K 53 21.35 -63.58 -33.15
C ASP K 53 19.90 -64.04 -33.08
N LEU K 54 19.53 -65.00 -33.93
CA LEU K 54 18.22 -65.61 -33.80
C LEU K 54 18.02 -66.15 -32.38
N LEU K 55 19.07 -66.76 -31.83
CA LEU K 55 19.01 -67.30 -30.48
C LEU K 55 18.85 -66.22 -29.41
N TYR K 56 19.57 -65.09 -29.55
CA TYR K 56 19.35 -63.93 -28.68
C TYR K 56 17.92 -63.44 -28.87
N LEU K 57 17.46 -63.46 -30.11
CA LEU K 57 16.15 -62.95 -30.42
C LEU K 57 15.09 -63.75 -29.70
N CYS K 58 15.34 -65.05 -29.53
CA CYS K 58 14.44 -65.91 -28.76
C CYS K 58 14.41 -65.49 -27.32
N ASN K 59 15.58 -65.25 -26.74
CA ASN K 59 15.66 -64.74 -25.38
C ASN K 59 14.85 -63.43 -25.27
N ALA K 60 14.92 -62.59 -26.30
CA ALA K 60 14.14 -61.35 -26.35
C ALA K 60 12.64 -61.57 -26.14
N HIS K 61 12.05 -62.48 -26.93
CA HIS K 61 10.63 -62.78 -26.77
C HIS K 61 10.29 -63.15 -25.37
N VAL K 62 11.13 -63.97 -24.74
CA VAL K 62 10.86 -64.43 -23.37
C VAL K 62 10.90 -63.29 -22.35
N LYS K 63 11.79 -62.32 -22.55
CA LYS K 63 11.80 -61.13 -21.71
C LYS K 63 10.51 -60.34 -21.92
N ASN K 64 10.03 -60.30 -23.16
CA ASN K 64 8.75 -59.60 -23.47
C ASN K 64 7.51 -60.40 -23.06
N GLY K 65 7.70 -61.57 -22.47
CA GLY K 65 6.57 -62.39 -22.05
C GLY K 65 5.74 -62.96 -23.18
N ILE K 66 6.41 -63.34 -24.27
CA ILE K 66 5.74 -63.78 -25.50
C ILE K 66 6.47 -64.99 -26.10
N PRO K 67 5.74 -65.88 -26.81
CA PRO K 67 6.37 -67.03 -27.50
C PRO K 67 7.23 -66.65 -28.71
N PHE K 68 8.07 -67.58 -29.14
CA PHE K 68 9.03 -67.35 -30.23
C PHE K 68 9.09 -68.50 -31.24
N ASP K 69 7.95 -69.15 -31.46
CA ASP K 69 7.91 -70.39 -32.24
C ASP K 69 8.44 -70.19 -33.65
N ASP K 70 7.95 -69.15 -34.32
CA ASP K 70 8.39 -68.80 -35.68
C ASP K 70 9.90 -68.68 -35.80
N VAL K 71 10.54 -68.13 -34.78
CA VAL K 71 11.97 -67.91 -34.80
C VAL K 71 12.71 -69.23 -34.64
N PHE K 72 12.19 -70.09 -33.78
CA PHE K 72 12.80 -71.39 -33.56
C PHE K 72 12.56 -72.35 -34.72
N LYS K 73 11.39 -72.25 -35.36
CA LYS K 73 11.12 -73.04 -36.57
C LYS K 73 12.31 -72.89 -37.51
N LEU K 74 12.84 -71.67 -37.61
CA LEU K 74 13.99 -71.40 -38.46
C LEU K 74 15.29 -72.00 -37.95
N ILE K 75 15.50 -71.99 -36.64
CA ILE K 75 16.71 -72.58 -36.06
C ILE K 75 16.71 -74.10 -36.23
N SER K 76 15.60 -74.75 -35.86
CA SER K 76 15.49 -76.20 -36.01
C SER K 76 15.61 -76.58 -37.48
N GLN K 77 14.88 -75.85 -38.32
CA GLN K 77 14.91 -76.11 -39.75
C GLN K 77 16.33 -76.05 -40.32
N ARG K 78 17.18 -75.19 -39.75
CA ARG K 78 18.57 -75.04 -40.22
C ARG K 78 19.44 -76.22 -39.85
N TYR K 79 19.16 -76.84 -38.70
CA TYR K 79 19.94 -77.98 -38.19
C TYR K 79 19.41 -79.30 -38.71
N THR K 80 18.09 -79.53 -38.62
CA THR K 80 17.48 -80.75 -39.15
C THR K 80 17.89 -80.96 -40.62
N GLU K 81 17.70 -79.93 -41.45
CA GLU K 81 18.19 -79.97 -42.83
C GLU K 81 19.61 -80.54 -42.91
N ILE K 82 20.51 -80.06 -42.05
CA ILE K 82 21.91 -80.50 -42.07
C ILE K 82 22.01 -82.00 -41.81
N VAL K 83 21.74 -82.41 -40.57
CA VAL K 83 21.79 -83.83 -40.21
C VAL K 83 21.01 -84.72 -41.19
N SER K 84 19.81 -84.26 -41.58
CA SER K 84 18.98 -84.99 -42.52
C SER K 84 19.76 -85.29 -43.79
N GLU K 85 20.25 -84.25 -44.44
CA GLU K 85 21.06 -84.40 -45.64
C GLU K 85 22.33 -85.20 -45.37
N LEU K 86 23.03 -84.87 -44.28
CA LEU K 86 24.30 -85.54 -43.96
C LEU K 86 24.11 -87.00 -43.52
N ASN K 87 22.85 -87.38 -43.29
CA ASN K 87 22.47 -88.78 -43.12
C ASN K 87 23.08 -89.38 -41.85
N ILE K 88 23.02 -88.62 -40.76
CA ILE K 88 23.54 -89.05 -39.46
C ILE K 88 22.39 -89.57 -38.59
N ASP K 89 22.53 -90.81 -38.10
CA ASP K 89 21.48 -91.44 -37.29
C ASP K 89 21.56 -90.99 -35.83
N MSE K 90 21.08 -89.77 -35.57
CA MSE K 90 21.02 -89.19 -34.23
C MSE K 90 19.67 -88.59 -34.03
O MSE K 90 18.86 -88.54 -34.96
CB MSE K 90 22.08 -88.10 -34.04
CG MSE K 90 21.88 -86.87 -34.93
SE MSE K 90 23.22 -85.51 -34.43
CE MSE K 90 22.40 -85.02 -32.71
N ASP K 91 19.42 -88.11 -32.82
CA ASP K 91 18.14 -87.51 -32.48
C ASP K 91 18.31 -86.00 -32.21
N ILE K 92 18.56 -85.24 -33.27
CA ILE K 92 18.67 -83.78 -33.16
C ILE K 92 17.39 -83.15 -32.61
N ALA K 93 16.25 -83.74 -32.96
CA ALA K 93 14.94 -83.25 -32.50
C ALA K 93 14.88 -83.16 -30.98
N TYR K 94 15.43 -84.15 -30.32
CA TYR K 94 15.50 -84.10 -28.85
C TYR K 94 16.26 -82.84 -28.42
N TYR K 95 17.42 -82.61 -29.02
CA TYR K 95 18.27 -81.51 -28.59
C TYR K 95 17.60 -80.17 -28.82
N LEU K 96 16.90 -80.05 -29.94
CA LEU K 96 16.25 -78.79 -30.29
C LEU K 96 15.15 -78.44 -29.31
N GLU K 97 14.30 -79.39 -28.93
CA GLU K 97 13.21 -79.08 -27.99
C GLU K 97 13.74 -78.83 -26.57
N LYS K 98 14.90 -79.38 -26.24
CA LYS K 98 15.53 -79.09 -24.95
C LYS K 98 15.80 -77.59 -24.88
N VAL K 99 16.63 -77.11 -25.81
CA VAL K 99 16.92 -75.69 -25.95
C VAL K 99 15.67 -74.81 -25.96
N LYS K 100 14.64 -75.17 -26.74
CA LYS K 100 13.41 -74.37 -26.75
C LYS K 100 12.79 -74.27 -25.36
N LYS K 101 12.75 -75.37 -24.62
CA LYS K 101 12.17 -75.35 -23.26
C LYS K 101 13.00 -74.51 -22.30
N ASN K 102 14.31 -74.68 -22.36
CA ASN K 102 15.19 -73.97 -21.46
C ASN K 102 15.12 -72.47 -21.69
N ILE K 103 15.11 -72.08 -22.97
CA ILE K 103 14.98 -70.69 -23.34
C ILE K 103 13.65 -70.10 -22.86
N GLU K 104 12.55 -70.81 -23.05
CA GLU K 104 11.24 -70.30 -22.62
C GLU K 104 11.01 -70.44 -21.12
N ASN K 105 11.78 -71.32 -20.47
CA ASN K 105 11.79 -71.34 -19.01
C ASN K 105 12.71 -70.28 -18.41
N GLY K 106 13.41 -69.53 -19.26
CA GLY K 106 14.12 -68.33 -18.84
C GLY K 106 15.62 -68.50 -18.62
N ALA K 107 16.24 -69.35 -19.43
CA ALA K 107 17.69 -69.48 -19.38
C ALA K 107 18.27 -68.12 -19.68
N SER K 108 19.55 -67.94 -19.37
CA SER K 108 20.22 -66.68 -19.58
C SER K 108 20.37 -66.43 -21.07
N SER K 109 20.71 -65.19 -21.41
CA SER K 109 21.07 -64.86 -22.77
C SER K 109 22.26 -65.73 -23.19
N ASP K 110 23.22 -65.86 -22.28
CA ASP K 110 24.45 -66.59 -22.56
C ASP K 110 24.14 -68.01 -23.01
N TYR K 111 23.34 -68.73 -22.23
CA TYR K 111 22.91 -70.10 -22.59
C TYR K 111 22.33 -70.16 -23.99
N ALA K 112 21.37 -69.27 -24.26
CA ALA K 112 20.67 -69.26 -25.54
C ALA K 112 21.64 -69.04 -26.68
N ALA K 113 22.48 -68.01 -26.56
CA ALA K 113 23.45 -67.68 -27.60
C ALA K 113 24.50 -68.77 -27.77
N SER K 114 24.71 -69.58 -26.73
CA SER K 114 25.70 -70.66 -26.78
C SER K 114 25.16 -71.91 -27.49
N ARG K 115 23.85 -72.03 -27.61
CA ARG K 115 23.26 -73.22 -28.25
C ARG K 115 23.71 -73.41 -29.69
N GLY K 116 24.05 -72.33 -30.36
CA GLY K 116 24.45 -72.40 -31.75
C GLY K 116 25.63 -73.32 -31.98
N GLU K 117 26.65 -73.18 -31.14
CA GLU K 117 27.89 -73.95 -31.29
C GLU K 117 27.80 -75.31 -30.60
N TYR K 118 27.06 -75.34 -29.50
CA TYR K 118 26.74 -76.57 -28.77
C TYR K 118 26.01 -77.57 -29.66
N LEU K 119 25.03 -77.08 -30.39
CA LEU K 119 24.28 -77.93 -31.32
C LEU K 119 25.18 -78.44 -32.46
N ASN K 120 25.97 -77.54 -33.04
CA ASN K 120 26.96 -77.93 -34.04
C ASN K 120 27.94 -78.97 -33.47
N GLY K 121 28.26 -78.82 -32.19
CA GLY K 121 29.19 -79.74 -31.53
C GLY K 121 28.72 -81.18 -31.40
N VAL K 122 27.45 -81.39 -31.07
CA VAL K 122 26.94 -82.74 -30.87
C VAL K 122 26.75 -83.41 -32.22
N ILE K 123 26.26 -82.64 -33.18
CA ILE K 123 26.12 -83.08 -34.57
C ILE K 123 27.47 -83.50 -35.13
N LEU K 124 28.51 -82.75 -34.79
CA LEU K 124 29.86 -83.10 -35.22
C LEU K 124 30.38 -84.35 -34.53
N ALA K 125 30.13 -84.47 -33.24
CA ALA K 125 30.46 -85.69 -32.51
C ALA K 125 29.93 -86.90 -33.26
N LYS K 126 28.62 -86.88 -33.58
CA LYS K 126 28.01 -87.99 -34.31
C LYS K 126 28.68 -88.17 -35.67
N TYR K 127 28.69 -87.13 -36.49
CA TYR K 127 29.26 -87.21 -37.84
C TYR K 127 30.67 -87.81 -37.87
N LEU K 128 31.57 -87.26 -37.05
CA LEU K 128 32.98 -87.70 -37.01
C LEU K 128 33.27 -88.86 -36.06
N ASN K 129 32.25 -89.36 -35.35
CA ASN K 129 32.40 -90.40 -34.29
C ASN K 129 33.43 -90.02 -33.22
N ALA K 130 33.18 -88.91 -32.54
CA ALA K 130 34.11 -88.36 -31.55
C ALA K 130 33.41 -88.06 -30.23
N GLU K 131 34.16 -88.14 -29.14
CA GLU K 131 33.60 -87.90 -27.80
C GLU K 131 33.23 -86.42 -27.64
N PHE K 132 31.94 -86.15 -27.49
CA PHE K 132 31.47 -84.80 -27.27
C PHE K 132 31.76 -84.36 -25.84
N ILE K 133 32.68 -83.42 -25.67
CA ILE K 133 32.91 -82.82 -24.37
C ILE K 133 32.38 -81.40 -24.41
N ASP K 134 31.23 -81.21 -23.77
CA ASP K 134 30.62 -79.90 -23.61
C ASP K 134 31.62 -78.96 -22.94
N ALA K 135 31.72 -77.73 -23.45
CA ALA K 135 32.72 -76.77 -22.98
C ALA K 135 32.49 -76.33 -21.53
N ALA K 136 31.24 -76.37 -21.10
CA ALA K 136 30.90 -76.08 -19.70
C ALA K 136 31.65 -76.99 -18.75
N GLU K 137 32.00 -78.18 -19.22
CA GLU K 137 32.75 -79.16 -18.43
C GLU K 137 34.25 -79.11 -18.76
N VAL K 138 34.73 -77.99 -19.29
CA VAL K 138 36.11 -77.86 -19.73
C VAL K 138 36.71 -76.48 -19.55
N ILE K 139 35.92 -75.43 -19.83
CA ILE K 139 36.39 -74.04 -19.73
C ILE K 139 35.71 -73.32 -18.56
N PHE K 140 36.50 -72.58 -17.76
CA PHE K 140 36.00 -71.99 -16.51
C PHE K 140 36.44 -70.54 -16.28
N PHE K 141 35.60 -69.80 -15.55
CA PHE K 141 35.82 -68.38 -15.25
C PHE K 141 35.90 -68.13 -13.75
N ASP K 142 36.23 -66.88 -13.38
CA ASP K 142 36.24 -66.44 -11.97
C ASP K 142 35.58 -65.08 -11.80
N LYS K 143 35.24 -64.75 -10.55
CA LYS K 143 34.64 -63.46 -10.23
C LYS K 143 35.59 -62.31 -10.55
N CYS K 146 37.83 -62.73 -14.11
CA CYS K 146 38.07 -62.75 -15.55
C CYS K 146 37.94 -64.17 -16.13
N PHE K 147 39.02 -64.94 -16.04
CA PHE K 147 39.08 -66.29 -16.64
C PHE K 147 40.15 -67.17 -16.00
N ASP K 148 39.75 -68.37 -15.58
CA ASP K 148 40.65 -69.30 -14.89
C ASP K 148 41.56 -70.02 -15.88
N GLU K 149 42.72 -70.48 -15.39
CA GLU K 149 43.67 -71.21 -16.23
C GLU K 149 43.98 -72.58 -15.63
N LYS K 150 44.54 -72.60 -14.43
CA LYS K 150 44.85 -73.85 -13.72
C LYS K 150 43.69 -74.84 -13.87
N LYS K 151 42.52 -74.45 -13.37
CA LYS K 151 41.34 -75.32 -13.34
C LYS K 151 40.99 -75.89 -14.71
N SER K 152 41.10 -75.05 -15.75
CA SER K 152 40.76 -75.47 -17.11
C SER K 152 41.77 -76.47 -17.64
N TYR K 153 43.05 -76.11 -17.55
CA TYR K 153 44.13 -76.87 -18.19
C TYR K 153 44.24 -78.29 -17.66
N GLU K 154 44.13 -78.43 -16.34
CA GLU K 154 44.12 -79.75 -15.73
C GLU K 154 42.79 -80.44 -16.02
N LYS K 155 41.70 -79.67 -16.07
CA LYS K 155 40.39 -80.19 -16.48
C LYS K 155 40.42 -80.62 -17.94
N ILE K 156 41.16 -79.89 -18.78
CA ILE K 156 41.37 -80.29 -20.17
C ILE K 156 42.16 -81.61 -20.21
N LYS K 157 43.38 -81.57 -19.67
CA LYS K 157 44.26 -82.74 -19.63
C LYS K 157 43.52 -84.02 -19.17
N GLU K 158 42.63 -83.89 -18.20
CA GLU K 158 41.89 -85.05 -17.68
C GLU K 158 40.71 -85.48 -18.56
N LYS K 159 40.02 -84.53 -19.19
CA LYS K 159 38.80 -84.83 -19.95
C LYS K 159 39.09 -85.00 -21.44
N VAL K 160 39.66 -83.96 -22.04
CA VAL K 160 39.87 -83.95 -23.51
C VAL K 160 41.14 -84.71 -23.93
N LEU K 161 42.27 -84.47 -23.25
CA LEU K 161 43.51 -85.14 -23.64
C LEU K 161 43.36 -86.68 -23.52
N SER K 162 42.60 -87.13 -22.52
CA SER K 162 42.34 -88.57 -22.35
C SER K 162 41.22 -89.03 -23.29
N CYS K 163 41.46 -88.89 -24.60
CA CYS K 163 40.44 -89.13 -25.62
C CYS K 163 41.06 -89.17 -27.02
N ASN K 164 40.54 -90.06 -27.87
CA ASN K 164 40.74 -89.95 -29.32
C ASN K 164 39.81 -88.85 -29.84
N LYS K 165 39.73 -88.68 -31.16
CA LYS K 165 38.75 -87.78 -31.77
C LYS K 165 37.69 -87.33 -30.78
N ALA K 166 37.62 -86.03 -30.49
CA ALA K 166 36.66 -85.50 -29.51
C ALA K 166 36.23 -84.07 -29.85
N VAL K 167 34.91 -83.83 -29.84
CA VAL K 167 34.37 -82.51 -30.19
C VAL K 167 34.24 -81.62 -28.96
N ILE K 168 34.52 -80.32 -29.13
CA ILE K 168 34.37 -79.32 -28.07
C ILE K 168 33.80 -78.02 -28.64
N PRO K 169 32.57 -77.64 -28.26
CA PRO K 169 31.96 -76.40 -28.76
C PRO K 169 32.69 -75.15 -28.26
N GLY K 170 32.74 -74.11 -29.11
CA GLY K 170 33.71 -73.03 -28.93
C GLY K 170 33.34 -71.87 -28.02
N PHE K 171 32.35 -71.11 -28.47
CA PHE K 171 31.95 -69.79 -27.92
C PHE K 171 31.81 -69.57 -26.38
N TYR K 172 31.89 -70.61 -25.55
CA TYR K 172 31.47 -70.50 -24.14
C TYR K 172 32.19 -71.38 -23.12
N GLY K 173 31.77 -71.24 -21.87
CA GLY K 173 32.27 -72.03 -20.74
C GLY K 173 31.37 -71.87 -19.53
N SER K 174 31.94 -72.06 -18.35
CA SER K 174 31.19 -71.99 -17.09
C SER K 174 31.66 -70.86 -16.18
N SER K 175 30.71 -70.12 -15.63
CA SER K 175 31.02 -69.06 -14.66
C SER K 175 31.49 -69.67 -13.34
N PHE K 176 31.88 -68.81 -12.40
CA PHE K 176 32.35 -69.24 -11.08
C PHE K 176 31.22 -69.90 -10.26
N ASN K 177 29.97 -69.48 -10.47
CA ASN K 177 28.83 -70.07 -9.74
C ASN K 177 28.01 -71.09 -10.55
N GLY K 178 28.63 -71.68 -11.57
CA GLY K 178 28.04 -72.79 -12.31
C GLY K 178 27.29 -72.42 -13.57
N ASP K 179 26.54 -71.32 -13.53
CA ASP K 179 25.73 -70.87 -14.66
C ASP K 179 26.57 -70.62 -15.91
N VAL K 180 25.96 -70.83 -17.07
CA VAL K 180 26.66 -70.75 -18.35
C VAL K 180 26.94 -69.31 -18.78
N LYS K 181 28.22 -69.00 -19.00
CA LYS K 181 28.63 -67.66 -19.46
C LYS K 181 29.43 -67.75 -20.75
N THR K 182 29.16 -66.84 -21.67
CA THR K 182 29.78 -66.83 -22.99
C THR K 182 30.97 -65.88 -23.05
N PHE K 183 31.92 -66.14 -23.94
CA PHE K 183 33.04 -65.20 -24.16
C PHE K 183 32.53 -63.89 -24.73
N SER K 184 33.29 -62.83 -24.52
CA SER K 184 33.04 -61.55 -25.15
C SER K 184 34.03 -61.39 -26.29
N ARG K 185 35.28 -61.02 -25.98
CA ARG K 185 36.35 -61.04 -26.97
C ARG K 185 36.78 -62.50 -27.16
N GLY K 186 37.06 -62.87 -28.40
CA GLY K 186 37.27 -64.28 -28.75
C GLY K 186 35.93 -64.86 -29.14
N GLY K 187 35.96 -65.92 -29.95
CA GLY K 187 34.73 -66.60 -30.35
C GLY K 187 34.95 -68.07 -30.13
N SER K 188 35.02 -68.83 -31.21
CA SER K 188 35.49 -70.19 -31.16
C SER K 188 36.98 -70.22 -31.40
N ASP K 189 37.54 -69.06 -31.78
CA ASP K 189 38.98 -68.95 -31.98
C ASP K 189 39.72 -69.05 -30.65
N VAL K 190 39.20 -68.38 -29.63
CA VAL K 190 39.81 -68.41 -28.30
C VAL K 190 39.85 -69.82 -27.73
N THR K 191 38.73 -70.52 -27.79
CA THR K 191 38.66 -71.84 -27.16
C THR K 191 39.61 -72.80 -27.87
N GLY K 192 39.72 -72.66 -29.19
CA GLY K 192 40.68 -73.43 -29.98
C GLY K 192 42.08 -73.36 -29.40
N SER K 193 42.49 -72.16 -29.03
CA SER K 193 43.74 -71.96 -28.30
C SER K 193 43.61 -72.53 -26.88
N ILE K 194 42.59 -72.06 -26.16
CA ILE K 194 42.30 -72.52 -24.81
C ILE K 194 42.45 -74.04 -24.69
N ILE K 195 41.99 -74.77 -25.69
CA ILE K 195 42.20 -76.22 -25.76
C ILE K 195 43.69 -76.52 -25.95
N SER K 196 44.20 -76.27 -27.15
CA SER K 196 45.55 -76.68 -27.54
C SER K 196 46.63 -76.29 -26.53
N ALA K 197 46.46 -75.12 -25.91
CA ALA K 197 47.30 -74.72 -24.81
C ALA K 197 47.20 -75.77 -23.71
N GLY K 198 45.98 -76.05 -23.27
CA GLY K 198 45.72 -77.05 -22.24
C GLY K 198 46.19 -78.44 -22.62
N VAL K 199 45.98 -78.81 -23.88
CA VAL K 199 46.38 -80.13 -24.39
C VAL K 199 47.86 -80.18 -24.81
N ASN K 200 48.53 -79.02 -24.81
CA ASN K 200 49.92 -78.92 -25.27
C ASN K 200 50.05 -79.48 -26.68
N ALA K 201 49.29 -78.93 -27.62
CA ALA K 201 49.18 -79.48 -28.97
C ALA K 201 50.45 -79.31 -29.80
N ASP K 202 50.65 -80.21 -30.77
CA ASP K 202 51.75 -80.09 -31.75
C ASP K 202 51.46 -78.87 -32.61
N LEU K 203 50.19 -78.73 -33.02
CA LEU K 203 49.77 -77.67 -33.93
C LEU K 203 48.30 -77.33 -33.71
N TYR K 204 47.96 -76.07 -34.00
CA TYR K 204 46.59 -75.57 -33.96
C TYR K 204 46.23 -75.02 -35.34
N GLU K 205 45.61 -75.85 -36.16
CA GLU K 205 45.15 -75.43 -37.47
C GLU K 205 43.82 -74.71 -37.35
N ASN K 206 43.82 -73.40 -37.65
CA ASN K 206 42.60 -72.60 -37.64
C ASN K 206 42.00 -72.51 -39.03
N TRP K 207 40.98 -73.32 -39.29
CA TRP K 207 40.36 -73.39 -40.61
C TRP K 207 39.40 -72.26 -40.88
N THR K 208 39.33 -71.88 -42.15
CA THR K 208 38.61 -70.68 -42.58
C THR K 208 38.35 -70.74 -44.10
N ASP K 209 37.84 -69.64 -44.66
CA ASP K 209 37.50 -69.57 -46.09
C ASP K 209 38.61 -68.97 -46.96
N VAL K 210 39.73 -68.59 -46.35
CA VAL K 210 40.91 -68.11 -47.07
C VAL K 210 42.13 -69.02 -46.79
N SER K 211 43.20 -68.82 -47.55
CA SER K 211 44.44 -69.58 -47.35
C SER K 211 45.49 -68.70 -46.64
N GLY K 212 45.17 -68.26 -45.42
CA GLY K 212 46.02 -67.32 -44.68
C GLY K 212 45.89 -65.93 -45.27
N PHE K 213 46.19 -64.89 -44.50
CA PHE K 213 46.09 -63.54 -45.07
C PHE K 213 47.27 -63.32 -46.03
N LEU K 214 46.94 -62.75 -47.19
CA LEU K 214 47.91 -62.24 -48.13
C LEU K 214 48.74 -61.08 -47.53
N MSE K 215 49.87 -60.78 -48.16
CA MSE K 215 50.83 -59.79 -47.63
C MSE K 215 50.26 -58.41 -47.44
O MSE K 215 50.71 -57.66 -46.58
CB MSE K 215 52.01 -59.73 -48.61
CG MSE K 215 53.23 -59.04 -48.03
SE MSE K 215 54.81 -59.52 -49.11
CE MSE K 215 55.05 -61.36 -48.45
N ALA K 216 49.27 -58.04 -48.24
CA ALA K 216 48.54 -56.80 -48.05
C ALA K 216 47.06 -56.93 -48.47
N ASP K 217 46.37 -55.81 -48.67
CA ASP K 217 44.94 -55.83 -49.00
C ASP K 217 44.72 -56.32 -50.44
N PRO K 218 44.02 -57.46 -50.61
CA PRO K 218 43.75 -57.90 -51.99
C PRO K 218 42.90 -56.94 -52.82
N ARG K 219 42.24 -55.99 -52.15
CA ARG K 219 41.47 -54.96 -52.83
C ARG K 219 42.35 -53.78 -53.28
N ILE K 220 43.36 -53.44 -52.49
CA ILE K 220 44.30 -52.38 -52.88
C ILE K 220 45.33 -52.91 -53.87
N VAL K 221 46.08 -53.92 -53.46
CA VAL K 221 47.14 -54.50 -54.29
C VAL K 221 46.64 -55.69 -55.11
N GLU K 222 46.90 -55.67 -56.42
CA GLU K 222 46.54 -56.76 -57.33
C GLU K 222 47.29 -58.02 -56.94
N ASN K 223 46.54 -59.03 -56.50
CA ASN K 223 47.09 -60.36 -56.23
C ASN K 223 48.29 -60.31 -55.30
N PRO K 224 48.08 -59.97 -54.03
CA PRO K 224 49.20 -59.93 -53.09
C PRO K 224 49.63 -61.34 -52.68
N LYS K 225 50.92 -61.52 -52.48
CA LYS K 225 51.47 -62.81 -52.10
C LYS K 225 50.98 -63.26 -50.73
N THR K 226 50.77 -64.57 -50.59
CA THR K 226 50.35 -65.15 -49.32
C THR K 226 51.52 -65.21 -48.35
N ILE K 227 51.31 -64.71 -47.13
CA ILE K 227 52.29 -64.88 -46.05
C ILE K 227 52.46 -66.36 -45.72
N SER K 228 53.67 -66.89 -45.93
CA SER K 228 53.97 -68.29 -45.61
C SER K 228 54.22 -68.46 -44.13
N LYS K 229 55.11 -67.62 -43.59
CA LYS K 229 55.39 -67.59 -42.16
C LYS K 229 55.31 -66.15 -41.63
N ILE K 230 55.04 -66.03 -40.33
CA ILE K 230 54.87 -64.72 -39.66
C ILE K 230 54.65 -64.97 -38.15
N SER K 231 55.18 -64.08 -37.30
CA SER K 231 55.09 -64.29 -35.84
C SER K 231 54.16 -63.33 -35.11
N TYR K 232 53.98 -63.58 -33.81
CA TYR K 232 53.00 -62.84 -33.01
C TYR K 232 53.39 -61.40 -32.75
N LYS K 233 54.69 -61.13 -32.66
CA LYS K 233 55.16 -59.78 -32.39
C LYS K 233 54.58 -58.79 -33.41
N GLU K 234 54.52 -59.23 -34.67
CA GLU K 234 54.02 -58.37 -35.75
C GLU K 234 52.55 -58.62 -36.08
N LEU K 235 52.11 -59.87 -36.01
CA LEU K 235 50.71 -60.20 -36.29
C LEU K 235 49.82 -59.19 -35.58
N ARG K 236 50.11 -58.97 -34.31
CA ARG K 236 49.36 -58.03 -33.50
C ARG K 236 49.51 -56.59 -33.99
N GLU K 237 50.68 -56.25 -34.50
CA GLU K 237 50.92 -54.91 -35.03
C GLU K 237 50.27 -54.74 -36.41
N LEU K 238 50.15 -55.83 -37.17
CA LEU K 238 49.42 -55.82 -38.44
C LEU K 238 47.93 -56.03 -38.23
N SER K 239 47.39 -55.36 -37.21
CA SER K 239 46.03 -55.61 -36.74
C SER K 239 44.99 -54.81 -37.50
N TYR K 240 45.40 -53.67 -38.06
CA TYR K 240 44.49 -52.89 -38.89
C TYR K 240 43.60 -53.86 -39.67
N MSE K 241 44.24 -54.87 -40.27
CA MSE K 241 43.59 -56.15 -40.63
C MSE K 241 44.61 -57.05 -41.27
O MSE K 241 45.04 -56.83 -42.41
CB MSE K 241 42.34 -56.04 -41.53
CG MSE K 241 41.16 -56.86 -40.96
SE MSE K 241 41.33 -58.80 -41.29
CE MSE K 241 39.65 -59.41 -40.44
N LEU K 246 42.75 -61.53 -37.13
CA LEU K 246 42.93 -62.41 -35.97
C LEU K 246 43.39 -61.60 -34.75
N HIS K 247 42.45 -60.90 -34.12
CA HIS K 247 42.75 -60.01 -33.00
C HIS K 247 43.02 -60.78 -31.73
N GLU K 248 42.91 -60.10 -30.58
CA GLU K 248 43.05 -60.73 -29.26
C GLU K 248 41.72 -60.72 -28.48
N GLU K 249 41.59 -61.56 -27.44
CA GLU K 249 42.62 -62.49 -26.99
C GLU K 249 42.33 -63.90 -27.51
N ALA K 250 42.30 -64.05 -28.84
CA ALA K 250 42.18 -65.37 -29.47
C ALA K 250 43.52 -66.11 -29.58
N ILE K 251 44.61 -65.43 -29.23
CA ILE K 251 45.94 -66.04 -29.20
C ILE K 251 46.57 -66.01 -27.79
N PHE K 252 45.90 -65.34 -26.85
CA PHE K 252 46.42 -65.15 -25.49
C PHE K 252 47.04 -66.44 -24.92
N PRO K 253 46.32 -67.58 -25.02
CA PRO K 253 46.88 -68.87 -24.60
C PRO K 253 48.19 -69.26 -25.29
N VAL K 254 48.20 -69.22 -26.62
CA VAL K 254 49.32 -69.73 -27.41
C VAL K 254 50.51 -68.74 -27.47
N LYS K 255 50.24 -67.46 -27.30
CA LYS K 255 51.30 -66.45 -27.24
C LYS K 255 52.22 -66.69 -26.03
N ASP K 256 51.68 -67.29 -24.96
CA ASP K 256 52.49 -67.65 -23.81
C ASP K 256 53.34 -68.88 -24.13
N SER K 257 52.65 -69.99 -24.45
CA SER K 257 53.31 -71.24 -24.80
C SER K 257 53.37 -71.37 -26.31
N GLY K 258 54.51 -71.01 -26.89
CA GLY K 258 54.66 -70.88 -28.33
C GLY K 258 54.25 -72.10 -29.15
N ILE K 259 52.94 -72.24 -29.33
CA ILE K 259 52.39 -73.29 -30.19
C ILE K 259 52.11 -72.64 -31.55
N PRO K 260 52.46 -73.33 -32.64
CA PRO K 260 52.23 -72.77 -33.97
C PRO K 260 50.76 -72.86 -34.41
N ILE K 261 50.16 -71.71 -34.70
CA ILE K 261 48.83 -71.63 -35.31
C ILE K 261 49.00 -71.67 -36.82
N ASN K 262 48.02 -72.22 -37.53
CA ASN K 262 48.11 -72.32 -38.99
C ASN K 262 46.77 -72.08 -39.66
N ILE K 263 46.62 -70.91 -40.29
CA ILE K 263 45.40 -70.59 -41.03
C ILE K 263 45.30 -71.45 -42.29
N LYS K 264 44.10 -71.88 -42.64
CA LYS K 264 43.91 -72.78 -43.78
C LYS K 264 42.50 -72.70 -44.34
N ASN K 265 42.35 -73.04 -45.62
CA ASN K 265 41.07 -72.91 -46.30
C ASN K 265 40.33 -74.24 -46.31
N THR K 266 39.13 -74.26 -45.73
CA THR K 266 38.30 -75.48 -45.72
C THR K 266 37.92 -75.88 -47.16
N ASN K 267 37.69 -74.88 -48.02
CA ASN K 267 37.36 -75.12 -49.42
C ASN K 267 38.57 -75.55 -50.25
N LYS K 268 39.78 -75.22 -49.77
CA LYS K 268 41.04 -75.50 -50.48
C LYS K 268 42.06 -76.06 -49.49
N PRO K 269 41.79 -77.28 -48.97
CA PRO K 269 42.56 -77.86 -47.87
C PRO K 269 44.00 -78.27 -48.23
N SER K 270 44.31 -78.34 -49.53
CA SER K 270 45.66 -78.60 -49.99
C SER K 270 46.50 -77.31 -50.11
N ASP K 271 45.85 -76.15 -50.01
CA ASP K 271 46.58 -74.88 -49.85
C ASP K 271 47.10 -74.79 -48.43
N PRO K 272 48.42 -74.64 -48.26
CA PRO K 272 48.88 -74.08 -47.00
C PRO K 272 48.53 -72.60 -46.92
N GLY K 273 48.40 -72.09 -45.71
CA GLY K 273 48.10 -70.69 -45.50
C GLY K 273 49.30 -69.99 -44.91
N THR K 274 49.15 -69.51 -43.69
CA THR K 274 50.23 -68.85 -42.98
C THR K 274 50.48 -69.56 -41.65
N LEU K 275 51.71 -69.99 -41.42
CA LEU K 275 52.12 -70.49 -40.12
C LEU K 275 52.41 -69.30 -39.22
N ILE K 276 51.83 -69.30 -38.03
CA ILE K 276 51.98 -68.18 -37.10
C ILE K 276 52.78 -68.66 -35.89
N LEU K 277 54.04 -68.24 -35.81
CA LEU K 277 54.93 -68.68 -34.72
C LEU K 277 55.16 -67.59 -33.68
N SER K 278 56.02 -67.85 -32.71
CA SER K 278 56.32 -66.89 -31.66
C SER K 278 57.56 -66.05 -31.99
N ASP K 279 57.94 -65.16 -31.07
CA ASP K 279 59.15 -64.35 -31.21
C ASP K 279 60.38 -65.22 -31.46
N THR K 280 60.77 -66.00 -30.45
CA THR K 280 62.02 -66.78 -30.52
C THR K 280 62.02 -67.80 -31.66
N HIS K 281 60.90 -68.49 -31.84
CA HIS K 281 60.81 -69.57 -32.82
C HIS K 281 60.78 -69.08 -34.24
N LYS K 282 60.40 -67.81 -34.45
CA LYS K 282 60.35 -67.25 -35.79
C LYS K 282 61.75 -67.05 -36.36
N GLU K 283 61.93 -67.47 -37.61
CA GLU K 283 63.17 -67.28 -38.34
C GLU K 283 63.19 -65.86 -38.90
N ILE K 284 63.98 -64.99 -38.28
CA ILE K 284 64.10 -63.59 -38.70
C ILE K 284 64.76 -63.50 -40.08
N ASN K 285 64.32 -62.53 -40.87
CA ASN K 285 64.73 -62.40 -42.26
C ASN K 285 65.14 -60.96 -42.57
N LEU K 286 66.43 -60.73 -42.80
CA LEU K 286 66.99 -59.39 -42.94
C LEU K 286 66.62 -58.73 -44.28
N GLY K 287 66.30 -57.44 -44.24
CA GLY K 287 66.05 -56.63 -45.45
C GLY K 287 64.75 -56.90 -46.19
N THR K 288 63.80 -57.58 -45.52
CA THR K 288 62.53 -57.93 -46.14
C THR K 288 61.34 -57.65 -45.21
N ILE K 289 60.16 -57.50 -45.83
CA ILE K 289 58.93 -57.21 -45.10
C ILE K 289 58.09 -58.48 -44.95
N THR K 290 57.36 -58.57 -43.83
CA THR K 290 56.39 -59.65 -43.62
C THR K 290 55.05 -59.28 -44.25
N GLY K 291 54.57 -58.07 -43.99
CA GLY K 291 53.29 -57.59 -44.51
C GLY K 291 53.03 -56.10 -44.37
N ILE K 292 52.09 -55.59 -45.17
CA ILE K 292 51.70 -54.18 -45.17
C ILE K 292 50.20 -54.04 -44.93
N ALA K 293 49.86 -53.38 -43.83
CA ALA K 293 48.47 -53.07 -43.53
C ALA K 293 48.33 -51.57 -43.23
N GLY K 294 47.14 -51.04 -43.44
CA GLY K 294 46.87 -49.63 -43.18
C GLY K 294 45.40 -49.41 -42.86
N LYS K 295 45.00 -48.15 -42.77
CA LYS K 295 43.62 -47.80 -42.43
C LYS K 295 43.36 -46.34 -42.76
N LYS K 296 42.38 -46.10 -43.64
CA LYS K 296 42.03 -44.73 -44.07
C LYS K 296 41.13 -44.07 -43.03
N ASN K 297 40.64 -42.88 -43.35
CA ASN K 297 39.74 -42.12 -42.47
C ASN K 297 40.33 -41.83 -41.09
N PHE K 298 41.12 -40.77 -41.00
CA PHE K 298 41.68 -40.32 -39.73
C PHE K 298 41.68 -38.80 -39.66
N THR K 299 41.33 -38.26 -38.49
CA THR K 299 41.42 -36.83 -38.23
C THR K 299 42.57 -36.59 -37.25
N VAL K 300 43.39 -35.58 -37.56
CA VAL K 300 44.48 -35.17 -36.66
C VAL K 300 44.25 -33.74 -36.21
N ILE K 301 44.54 -33.48 -34.93
CA ILE K 301 44.27 -32.19 -34.32
C ILE K 301 45.54 -31.36 -34.21
N ALA K 302 45.65 -30.32 -35.04
CA ALA K 302 46.77 -29.39 -34.97
C ALA K 302 46.49 -28.37 -33.86
N ILE K 303 47.43 -28.26 -32.92
CA ILE K 303 47.29 -27.34 -31.78
C ILE K 303 48.63 -26.66 -31.47
N GLU K 304 48.56 -25.42 -31.01
CA GLU K 304 49.76 -24.62 -30.72
C GLU K 304 49.65 -23.90 -29.38
N LYS K 305 50.78 -23.74 -28.71
CA LYS K 305 50.91 -22.87 -27.54
C LYS K 305 52.24 -22.10 -27.62
N ALA K 306 52.29 -20.91 -27.03
CA ALA K 306 53.49 -20.06 -27.09
C ALA K 306 54.70 -20.78 -26.51
N LEU K 307 54.50 -21.44 -25.37
CA LEU K 307 55.50 -22.32 -24.79
C LEU K 307 54.78 -23.56 -24.22
N LEU K 308 54.94 -24.69 -24.91
CA LEU K 308 54.14 -25.88 -24.64
C LEU K 308 54.64 -26.74 -23.47
N ASN K 309 55.94 -27.05 -23.46
CA ASN K 309 56.51 -27.97 -22.46
C ASN K 309 56.66 -27.37 -21.06
N SER K 310 56.59 -26.05 -20.95
CA SER K 310 56.72 -25.36 -19.67
C SER K 310 55.38 -25.12 -18.95
N GLU K 311 54.33 -25.81 -19.39
CA GLU K 311 53.01 -25.74 -18.74
C GLU K 311 52.94 -26.73 -17.56
N VAL K 312 51.81 -26.74 -16.87
CA VAL K 312 51.60 -27.66 -15.75
C VAL K 312 51.61 -29.11 -16.25
N GLY K 313 50.59 -29.50 -17.00
CA GLY K 313 50.47 -30.88 -17.50
C GLY K 313 49.45 -31.01 -18.60
N PHE K 314 49.62 -30.20 -19.65
CA PHE K 314 48.70 -30.19 -20.80
C PHE K 314 48.51 -31.57 -21.41
N CYS K 315 49.57 -32.37 -21.39
CA CYS K 315 49.55 -33.73 -21.93
C CYS K 315 48.41 -34.57 -21.33
N ARG K 316 48.39 -34.69 -20.01
CA ARG K 316 47.35 -35.47 -19.32
C ARG K 316 46.00 -34.75 -19.27
N LYS K 317 46.03 -33.41 -19.38
CA LYS K 317 44.82 -32.60 -19.41
C LYS K 317 43.98 -32.89 -20.65
N ILE K 318 44.62 -32.78 -21.81
CA ILE K 318 43.91 -32.88 -23.09
C ILE K 318 43.41 -34.30 -23.37
N LEU K 319 44.21 -35.33 -23.03
CA LEU K 319 43.77 -36.70 -23.22
C LEU K 319 42.73 -37.15 -22.19
N SER K 320 42.62 -36.40 -21.09
CA SER K 320 41.55 -36.63 -20.12
C SER K 320 40.20 -36.20 -20.70
N ILE K 321 40.21 -35.20 -21.57
CA ILE K 321 39.01 -34.78 -22.31
C ILE K 321 38.63 -35.83 -23.36
N LEU K 322 39.63 -36.45 -23.98
CA LEU K 322 39.42 -37.61 -24.86
C LEU K 322 38.93 -38.82 -24.06
N GLU K 323 39.36 -38.88 -22.80
CA GLU K 323 38.96 -39.95 -21.89
C GLU K 323 37.51 -39.79 -21.41
N MSE K 324 36.96 -38.58 -21.52
CA MSE K 324 35.54 -38.35 -21.22
C MSE K 324 34.71 -39.07 -22.23
O MSE K 324 33.91 -39.94 -21.89
CB MSE K 324 35.16 -36.87 -21.28
CG MSE K 324 35.81 -36.03 -20.19
SE MSE K 324 35.01 -34.23 -20.24
CE MSE K 324 35.19 -33.83 -22.16
N TYR K 325 34.90 -38.72 -23.50
CA TYR K 325 34.17 -39.34 -24.59
C TYR K 325 34.68 -40.77 -24.79
N GLY K 326 33.96 -41.54 -25.60
CA GLY K 326 34.37 -42.89 -25.95
C GLY K 326 35.31 -42.93 -27.14
N VAL K 327 36.06 -41.85 -27.35
CA VAL K 327 37.00 -41.74 -28.48
C VAL K 327 38.42 -42.10 -28.04
N SER K 328 39.20 -42.63 -28.98
CA SER K 328 40.59 -43.04 -28.73
C SER K 328 41.53 -42.30 -29.68
N PHE K 329 42.84 -42.55 -29.51
CA PHE K 329 43.86 -41.99 -30.39
C PHE K 329 44.97 -43.01 -30.63
N GLU K 330 45.62 -42.89 -31.80
CA GLU K 330 46.67 -43.83 -32.20
C GLU K 330 48.07 -43.28 -31.93
N HIS K 331 48.27 -41.97 -32.13
CA HIS K 331 49.58 -41.35 -31.99
C HIS K 331 49.52 -40.00 -31.37
N MSE K 332 50.56 -39.67 -30.60
CA MSE K 332 50.72 -38.35 -29.99
C MSE K 332 52.09 -37.80 -30.31
O MSE K 332 53.00 -37.86 -29.48
CB MSE K 332 50.52 -38.47 -28.48
CG MSE K 332 50.51 -37.11 -27.76
SE MSE K 332 51.31 -37.29 -25.97
CE MSE K 332 50.34 -38.92 -25.41
N PRO K 333 52.27 -37.27 -31.54
CA PRO K 333 53.48 -36.52 -31.83
C PRO K 333 53.45 -35.16 -31.17
N SER K 334 54.62 -34.55 -30.98
CA SER K 334 54.72 -33.29 -30.26
C SER K 334 56.06 -32.62 -30.47
N GLY K 335 56.04 -31.36 -30.91
CA GLY K 335 57.25 -30.60 -31.11
C GLY K 335 57.72 -29.97 -29.81
N VAL K 336 58.56 -28.93 -29.93
CA VAL K 336 59.02 -28.16 -28.77
C VAL K 336 57.94 -27.19 -28.30
N ASP K 337 57.10 -26.74 -29.24
CA ASP K 337 56.01 -25.82 -28.92
C ASP K 337 54.73 -26.18 -29.69
N SER K 338 54.34 -27.45 -29.58
CA SER K 338 53.15 -27.96 -30.28
C SER K 338 52.87 -29.42 -29.94
N VAL K 339 51.68 -29.89 -30.31
CA VAL K 339 51.27 -31.27 -30.07
C VAL K 339 50.02 -31.60 -30.88
N SER K 340 49.91 -32.84 -31.34
CA SER K 340 48.73 -33.30 -32.08
C SER K 340 48.34 -34.71 -31.66
N LEU K 341 47.12 -35.08 -32.04
CA LEU K 341 46.59 -36.41 -31.78
C LEU K 341 45.88 -36.94 -33.02
N VAL K 342 46.21 -38.16 -33.43
CA VAL K 342 45.51 -38.80 -34.53
C VAL K 342 44.30 -39.55 -33.97
N ILE K 343 43.14 -39.34 -34.59
CA ILE K 343 41.89 -39.99 -34.19
C ILE K 343 41.09 -40.41 -35.42
N GLU K 344 40.41 -41.54 -35.30
CA GLU K 344 39.63 -42.09 -36.42
C GLU K 344 38.42 -41.20 -36.73
N ASP K 345 38.09 -41.05 -38.01
CA ASP K 345 36.98 -40.19 -38.45
C ASP K 345 35.63 -40.68 -37.92
N CYS K 346 35.32 -41.94 -38.22
CA CYS K 346 34.07 -42.56 -37.77
C CYS K 346 34.06 -42.88 -36.27
N LYS K 347 35.20 -42.70 -35.61
CA LYS K 347 35.30 -42.78 -34.14
C LYS K 347 35.29 -41.38 -33.52
N LEU K 348 35.04 -40.35 -34.34
CA LEU K 348 34.93 -38.97 -33.86
C LEU K 348 33.90 -38.17 -34.69
N ASP K 349 32.83 -38.85 -35.10
CA ASP K 349 31.76 -38.22 -35.89
C ASP K 349 30.67 -37.74 -34.95
N GLY K 350 30.36 -36.44 -35.03
CA GLY K 350 29.34 -35.84 -34.16
C GLY K 350 29.91 -35.27 -32.86
N LYS K 351 31.08 -35.75 -32.44
CA LYS K 351 31.75 -35.28 -31.22
C LYS K 351 32.85 -34.26 -31.54
N CYS K 352 33.06 -34.00 -32.83
CA CYS K 352 34.13 -33.12 -33.29
C CYS K 352 34.08 -31.74 -32.62
N ASP K 353 33.05 -30.95 -32.96
CA ASP K 353 32.95 -29.55 -32.54
C ASP K 353 33.00 -29.35 -31.02
N LYS K 354 32.36 -30.25 -30.28
CA LYS K 354 32.28 -30.15 -28.82
C LYS K 354 33.58 -30.55 -28.11
N ILE K 355 34.49 -31.21 -28.83
CA ILE K 355 35.82 -31.52 -28.31
C ILE K 355 36.78 -30.34 -28.56
N ILE K 356 36.62 -29.65 -29.69
CA ILE K 356 37.39 -28.45 -30.00
C ILE K 356 37.18 -27.37 -28.94
N GLU K 357 35.91 -27.03 -28.70
CA GLU K 357 35.56 -26.05 -27.67
C GLU K 357 35.86 -26.54 -26.26
N GLU K 358 35.96 -27.85 -26.09
CA GLU K 358 36.36 -28.44 -24.80
C GLU K 358 37.82 -28.12 -24.48
N ILE K 359 38.72 -28.42 -25.42
CA ILE K 359 40.15 -28.19 -25.23
C ILE K 359 40.51 -26.69 -25.26
N LYS K 360 39.81 -25.93 -26.10
CA LYS K 360 40.04 -24.49 -26.23
C LYS K 360 39.69 -23.77 -24.93
N LYS K 361 38.76 -24.36 -24.17
CA LYS K 361 38.29 -23.77 -22.92
C LYS K 361 39.29 -24.01 -21.78
N GLN K 362 39.78 -25.25 -21.66
CA GLN K 362 40.77 -25.60 -20.65
C GLN K 362 42.14 -25.04 -20.97
N CYS K 363 42.62 -25.31 -22.19
CA CYS K 363 43.92 -24.83 -22.64
C CYS K 363 43.82 -23.40 -23.13
N ASN K 364 44.96 -22.82 -23.51
CA ASN K 364 45.02 -21.46 -24.06
C ASN K 364 45.74 -21.44 -25.42
N PRO K 365 45.06 -21.93 -26.47
CA PRO K 365 45.75 -22.17 -27.74
C PRO K 365 46.17 -20.90 -28.48
N ASP K 366 47.31 -20.98 -29.16
CA ASP K 366 47.74 -19.94 -30.10
C ASP K 366 46.96 -20.10 -31.40
N SER K 367 46.77 -21.35 -31.82
CA SER K 367 45.96 -21.67 -32.98
C SER K 367 45.54 -23.14 -32.97
N ILE K 368 44.27 -23.39 -33.27
CA ILE K 368 43.74 -24.73 -33.43
C ILE K 368 43.26 -24.92 -34.87
N GLU K 369 43.50 -26.10 -35.44
CA GLU K 369 43.02 -26.42 -36.77
C GLU K 369 42.61 -27.91 -36.86
N ILE K 370 41.66 -28.17 -37.76
CA ILE K 370 41.25 -29.54 -38.08
C ILE K 370 41.93 -29.94 -39.39
N HIS K 371 42.48 -31.15 -39.43
CA HIS K 371 43.18 -31.65 -40.61
C HIS K 371 42.76 -33.05 -40.94
N PRO K 372 41.55 -33.21 -41.54
CA PRO K 372 40.98 -34.53 -41.85
C PRO K 372 41.51 -35.11 -43.18
N ASN K 373 40.86 -36.16 -43.67
CA ASN K 373 41.28 -36.87 -44.89
C ASN K 373 42.69 -37.46 -44.76
N MSE K 374 43.02 -37.93 -43.56
CA MSE K 374 44.31 -38.55 -43.28
C MSE K 374 44.15 -40.04 -43.18
O MSE K 374 43.09 -40.54 -42.79
CB MSE K 374 44.90 -37.98 -42.00
CG MSE K 374 46.23 -37.27 -42.21
SE MSE K 374 47.71 -38.23 -41.33
CE MSE K 374 48.53 -36.65 -40.48
N ALA K 375 45.19 -40.77 -43.54
CA ALA K 375 45.22 -42.22 -43.43
C ALA K 375 46.52 -42.63 -42.77
N LEU K 376 46.58 -43.87 -42.28
CA LEU K 376 47.74 -44.36 -41.55
C LEU K 376 48.15 -45.74 -42.05
N VAL K 377 49.30 -45.81 -42.73
CA VAL K 377 49.79 -47.07 -43.28
C VAL K 377 50.94 -47.61 -42.43
N ALA K 378 50.91 -48.91 -42.17
CA ALA K 378 51.96 -49.57 -41.41
C ALA K 378 52.69 -50.57 -42.29
N THR K 379 54.01 -50.51 -42.26
CA THR K 379 54.85 -51.44 -42.99
C THR K 379 55.61 -52.26 -41.94
N VAL K 380 55.40 -53.57 -41.94
CA VAL K 380 55.84 -54.42 -40.83
C VAL K 380 56.57 -55.69 -41.22
N GLY K 381 57.60 -56.00 -40.45
CA GLY K 381 58.42 -57.21 -40.61
C GLY K 381 59.48 -57.20 -39.54
N THR K 382 59.88 -58.38 -39.08
CA THR K 382 60.89 -58.48 -38.01
C THR K 382 62.28 -58.02 -38.47
N GLY K 383 62.49 -57.97 -39.78
CA GLY K 383 63.81 -57.65 -40.35
C GLY K 383 64.11 -56.18 -40.59
N MSE K 384 63.28 -55.29 -40.06
CA MSE K 384 63.53 -53.85 -40.17
C MSE K 384 63.98 -53.33 -38.83
O MSE K 384 64.23 -52.14 -38.68
CB MSE K 384 62.30 -53.09 -40.70
CG MSE K 384 60.99 -53.87 -40.66
SE MSE K 384 59.55 -52.83 -41.49
CE MSE K 384 59.39 -51.45 -40.10
N ALA K 385 64.13 -54.25 -37.87
CA ALA K 385 64.39 -53.90 -36.47
C ALA K 385 65.69 -53.10 -36.29
N LYS K 386 66.75 -53.52 -36.97
CA LYS K 386 68.05 -52.84 -36.88
C LYS K 386 68.79 -52.74 -38.22
N THR K 387 68.09 -53.00 -39.33
CA THR K 387 68.72 -53.00 -40.65
C THR K 387 68.89 -51.57 -41.20
N LYS K 388 70.08 -51.28 -41.72
CA LYS K 388 70.44 -49.94 -42.19
C LYS K 388 69.70 -49.58 -43.48
N GLY K 389 69.17 -48.36 -43.53
CA GLY K 389 68.57 -47.80 -44.74
C GLY K 389 67.16 -48.25 -45.10
N ILE K 390 66.55 -49.09 -44.27
CA ILE K 390 65.19 -49.60 -44.55
C ILE K 390 64.19 -48.46 -44.47
N ALA K 391 64.30 -47.68 -43.40
CA ALA K 391 63.49 -46.47 -43.23
C ALA K 391 63.42 -45.69 -44.54
N ASN K 392 64.60 -45.38 -45.08
CA ASN K 392 64.71 -44.63 -46.32
C ASN K 392 64.07 -45.36 -47.50
N LYS K 393 64.35 -46.66 -47.60
CA LYS K 393 63.88 -47.48 -48.72
C LYS K 393 62.37 -47.29 -48.94
N ILE K 394 61.63 -47.18 -47.84
CA ILE K 394 60.21 -46.89 -47.88
C ILE K 394 59.95 -45.54 -48.55
N PHE K 395 60.49 -44.48 -47.97
CA PHE K 395 60.24 -43.12 -48.43
C PHE K 395 60.77 -42.87 -49.83
N THR K 396 61.86 -43.55 -50.19
CA THR K 396 62.41 -43.46 -51.53
C THR K 396 61.35 -43.88 -52.55
N ALA K 397 60.58 -44.92 -52.21
CA ALA K 397 59.42 -45.31 -53.01
C ALA K 397 58.33 -44.24 -52.93
N LEU K 398 58.01 -43.83 -51.71
CA LEU K 398 56.99 -42.80 -51.48
C LEU K 398 57.44 -41.40 -51.92
N SER K 399 58.70 -41.28 -52.34
CA SER K 399 59.18 -40.10 -53.03
C SER K 399 59.04 -40.32 -54.53
N LYS K 400 59.53 -41.48 -54.99
CA LYS K 400 59.51 -41.87 -56.41
C LYS K 400 58.13 -41.68 -57.01
N GLU K 401 57.12 -42.28 -56.37
CA GLU K 401 55.74 -41.89 -56.58
C GLU K 401 55.57 -40.68 -55.67
N ASN K 402 55.19 -39.53 -56.22
CA ASN K 402 55.20 -38.28 -55.42
C ASN K 402 54.03 -38.17 -54.45
N VAL K 403 53.74 -39.26 -53.76
CA VAL K 403 52.79 -39.29 -52.65
C VAL K 403 53.27 -38.39 -51.51
N ASN K 404 52.33 -37.63 -50.94
CA ASN K 404 52.62 -36.64 -49.90
C ASN K 404 52.69 -37.27 -48.49
N ILE K 405 53.79 -37.01 -47.78
CA ILE K 405 54.01 -37.51 -46.42
C ILE K 405 53.58 -36.47 -45.38
N ARG K 406 52.48 -36.76 -44.67
CA ARG K 406 51.91 -35.83 -43.69
C ARG K 406 52.38 -36.10 -42.25
N MSE K 407 52.90 -37.30 -41.99
CA MSE K 407 53.34 -37.65 -40.64
C MSE K 407 54.12 -38.94 -40.63
O MSE K 407 53.67 -39.95 -41.16
CB MSE K 407 52.10 -37.84 -39.75
CG MSE K 407 52.42 -38.12 -38.30
SE MSE K 407 51.35 -39.68 -37.72
CE MSE K 407 51.96 -39.84 -35.85
N ILE K 408 55.31 -38.90 -40.02
CA ILE K 408 56.11 -40.11 -39.80
C ILE K 408 56.35 -40.26 -38.31
N ASP K 409 55.81 -41.34 -37.73
CA ASP K 409 56.07 -41.65 -36.34
C ASP K 409 56.53 -43.10 -36.22
N GLN K 410 57.77 -43.27 -35.79
CA GLN K 410 58.28 -44.58 -35.43
C GLN K 410 59.34 -44.39 -34.34
N GLY K 411 59.64 -45.48 -33.65
CA GLY K 411 60.43 -45.45 -32.42
C GLY K 411 59.78 -46.30 -31.34
N SER K 412 58.46 -46.44 -31.43
CA SER K 412 57.71 -47.31 -30.52
C SER K 412 58.09 -48.76 -30.75
N SER K 413 57.96 -49.20 -31.99
CA SER K 413 58.33 -50.55 -32.38
C SER K 413 59.58 -50.51 -33.23
N GLU K 414 60.48 -51.45 -33.00
CA GLU K 414 61.63 -51.65 -33.87
C GLU K 414 61.19 -52.23 -35.21
N ILE K 415 60.23 -53.16 -35.15
CA ILE K 415 59.82 -53.96 -36.31
C ILE K 415 58.70 -53.34 -37.16
N ASN K 416 58.37 -52.06 -36.93
CA ASN K 416 57.23 -51.44 -37.56
C ASN K 416 57.39 -49.93 -37.73
N VAL K 417 57.11 -49.45 -38.94
CA VAL K 417 57.16 -48.02 -39.24
C VAL K 417 55.84 -47.57 -39.86
N ILE K 418 55.19 -46.61 -39.20
CA ILE K 418 53.88 -46.13 -39.63
C ILE K 418 54.01 -44.76 -40.29
N VAL K 419 53.22 -44.53 -41.34
CA VAL K 419 53.25 -43.30 -42.13
C VAL K 419 51.86 -42.70 -42.27
N GLY K 420 51.79 -41.37 -42.25
CA GLY K 420 50.55 -40.63 -42.44
C GLY K 420 50.57 -39.83 -43.74
N VAL K 421 49.50 -39.95 -44.52
CA VAL K 421 49.45 -39.38 -45.87
C VAL K 421 48.02 -38.96 -46.24
N GLU K 422 47.86 -38.45 -47.46
CA GLU K 422 46.55 -38.15 -48.01
C GLU K 422 45.81 -39.45 -48.34
N THR K 423 44.49 -39.44 -48.14
CA THR K 423 43.67 -40.64 -48.39
C THR K 423 43.66 -41.04 -49.86
N VAL K 424 43.68 -40.07 -50.76
CA VAL K 424 43.77 -40.35 -52.19
C VAL K 424 45.09 -41.05 -52.57
N ASP K 425 46.15 -40.75 -51.84
CA ASP K 425 47.47 -41.36 -52.07
C ASP K 425 47.56 -42.77 -51.51
N PHE K 426 46.98 -42.94 -50.31
CA PHE K 426 46.83 -44.25 -49.65
C PHE K 426 47.19 -45.49 -50.47
N GLU K 427 46.43 -45.74 -51.54
CA GLU K 427 46.58 -46.94 -52.34
C GLU K 427 47.89 -46.90 -53.16
N LYS K 428 48.21 -45.71 -53.68
CA LYS K 428 49.49 -45.47 -54.33
C LYS K 428 50.61 -45.68 -53.30
N ALA K 429 50.36 -45.25 -52.07
CA ALA K 429 51.32 -45.41 -50.98
C ALA K 429 51.52 -46.88 -50.63
N VAL K 430 50.44 -47.66 -50.68
CA VAL K 430 50.55 -49.09 -50.39
C VAL K 430 51.15 -49.84 -51.59
N LYS K 431 50.54 -49.64 -52.76
CA LYS K 431 51.03 -50.24 -54.00
C LYS K 431 52.53 -49.98 -54.17
N SER K 432 52.96 -48.74 -53.94
CA SER K 432 54.38 -48.39 -54.04
C SER K 432 55.21 -49.18 -53.03
N ILE K 433 54.74 -49.23 -51.79
CA ILE K 433 55.48 -49.92 -50.76
C ILE K 433 55.55 -51.43 -51.03
N TYR K 434 54.47 -52.03 -51.52
CA TYR K 434 54.50 -53.46 -51.85
C TYR K 434 55.53 -53.74 -52.94
N ASN K 435 55.41 -53.04 -54.06
CA ASN K 435 56.34 -53.19 -55.18
C ASN K 435 57.80 -52.93 -54.80
N ALA K 436 58.01 -52.05 -53.82
CA ALA K 436 59.36 -51.72 -53.38
C ALA K 436 60.11 -52.93 -52.80
N PHE K 437 59.38 -53.94 -52.32
CA PHE K 437 60.01 -55.15 -51.76
C PHE K 437 59.64 -56.43 -52.52
N ASN K 438 59.17 -56.30 -53.77
CA ASN K 438 58.73 -57.45 -54.56
C ASN K 438 59.25 -57.46 -56.01
N ILE L 4 66.73 4.93 -32.18
CA ILE L 4 66.65 4.06 -30.98
C ILE L 4 66.97 2.62 -31.36
N VAL L 5 68.16 2.16 -31.01
CA VAL L 5 68.52 0.74 -31.10
C VAL L 5 69.12 0.26 -29.77
N VAL L 6 68.53 -0.79 -29.21
CA VAL L 6 68.86 -1.27 -27.86
C VAL L 6 69.98 -2.32 -27.88
N THR L 7 70.82 -2.27 -26.86
CA THR L 7 71.86 -3.29 -26.67
C THR L 7 71.75 -3.96 -25.29
N LYS L 8 71.72 -5.30 -25.29
CA LYS L 8 71.82 -6.08 -24.06
C LYS L 8 73.22 -6.66 -23.95
N PHE L 9 73.73 -6.78 -22.72
CA PHE L 9 75.01 -7.45 -22.47
C PHE L 9 74.86 -8.53 -21.40
N GLY L 10 75.75 -9.52 -21.44
CA GLY L 10 75.68 -10.68 -20.56
C GLY L 10 76.87 -10.81 -19.62
N GLY L 11 76.87 -11.89 -18.85
CA GLY L 11 77.92 -12.14 -17.87
C GLY L 11 79.32 -12.20 -18.46
N SER L 12 79.47 -12.91 -19.58
CA SER L 12 80.77 -13.02 -20.25
C SER L 12 81.24 -11.65 -20.71
N SER L 13 80.30 -10.87 -21.24
CA SER L 13 80.59 -9.52 -21.72
C SER L 13 80.84 -8.49 -20.61
N LEU L 14 80.52 -8.85 -19.36
CA LEU L 14 80.82 -7.98 -18.21
C LEU L 14 81.49 -8.76 -17.06
N ALA L 15 82.37 -9.70 -17.42
CA ALA L 15 83.02 -10.59 -16.45
C ALA L 15 83.99 -9.85 -15.53
N ASP L 16 84.80 -8.97 -16.11
CA ASP L 16 85.73 -8.15 -15.34
C ASP L 16 86.11 -6.88 -16.10
N SER L 17 86.91 -6.04 -15.43
CA SER L 17 87.45 -4.83 -16.04
C SER L 17 87.55 -4.93 -17.56
N ASN L 18 88.40 -5.85 -18.02
CA ASN L 18 88.73 -5.98 -19.43
C ASN L 18 87.51 -6.05 -20.34
N GLN L 19 86.46 -6.72 -19.87
CA GLN L 19 85.27 -6.91 -20.67
C GLN L 19 84.44 -5.64 -20.75
N PHE L 20 84.29 -4.93 -19.62
CA PHE L 20 83.64 -3.61 -19.61
C PHE L 20 84.26 -2.69 -20.66
N LYS L 21 85.59 -2.75 -20.78
CA LYS L 21 86.32 -1.95 -21.76
C LYS L 21 85.75 -2.22 -23.14
N LYS L 22 85.80 -3.48 -23.56
CA LYS L 22 85.34 -3.89 -24.89
C LYS L 22 83.91 -3.42 -25.17
N VAL L 23 83.08 -3.35 -24.13
CA VAL L 23 81.73 -2.83 -24.28
C VAL L 23 81.80 -1.36 -24.67
N LYS L 24 82.48 -0.56 -23.86
CA LYS L 24 82.65 0.87 -24.15
C LYS L 24 82.91 1.10 -25.63
N GLY L 25 83.89 0.38 -26.16
CA GLY L 25 84.25 0.44 -27.57
C GLY L 25 83.09 0.15 -28.51
N ILE L 26 82.27 -0.83 -28.15
CA ILE L 26 81.06 -1.14 -28.90
C ILE L 26 80.05 0.02 -28.82
N ILE L 27 80.02 0.71 -27.68
CA ILE L 27 79.01 1.75 -27.45
C ILE L 27 79.30 3.03 -28.24
N ASP L 28 80.43 3.67 -27.96
CA ASP L 28 80.77 4.96 -28.59
C ASP L 28 80.99 4.88 -30.11
N SER L 29 81.23 3.68 -30.63
CA SER L 29 81.43 3.47 -32.07
C SER L 29 80.12 3.54 -32.88
N ASP L 30 78.98 3.61 -32.20
CA ASP L 30 77.68 3.70 -32.88
C ASP L 30 76.77 4.66 -32.13
N ALA L 31 76.06 5.51 -32.88
CA ALA L 31 75.09 6.43 -32.31
C ALA L 31 73.83 5.65 -31.95
N ASN L 32 73.27 4.95 -32.94
CA ASN L 32 72.02 4.20 -32.81
C ASN L 32 71.87 3.39 -31.49
N ARG L 33 72.97 2.89 -30.95
CA ARG L 33 72.95 2.18 -29.66
C ARG L 33 72.72 3.15 -28.52
N LYS L 34 71.46 3.52 -28.33
CA LYS L 34 71.08 4.52 -27.34
C LYS L 34 70.87 3.92 -25.95
N TYR L 35 70.43 2.66 -25.88
CA TYR L 35 70.09 2.03 -24.60
C TYR L 35 70.80 0.70 -24.35
N ILE L 36 71.22 0.52 -23.10
CA ILE L 36 72.09 -0.57 -22.67
C ILE L 36 71.48 -1.31 -21.48
N ILE L 37 71.43 -2.64 -21.55
CA ILE L 37 70.91 -3.46 -20.45
C ILE L 37 71.91 -4.51 -20.03
N PRO L 38 72.55 -4.33 -18.86
CA PRO L 38 73.58 -5.25 -18.40
C PRO L 38 73.05 -6.39 -17.55
N SER L 39 73.74 -7.52 -17.60
CA SER L 39 73.54 -8.60 -16.63
C SER L 39 74.54 -8.42 -15.50
N ALA L 40 74.36 -9.19 -14.44
CA ALA L 40 75.32 -9.23 -13.35
C ALA L 40 76.58 -9.93 -13.83
N PRO L 41 77.72 -9.69 -13.17
CA PRO L 41 79.01 -10.27 -13.58
C PRO L 41 78.98 -11.78 -13.87
N GLY L 42 79.67 -12.20 -14.92
CA GLY L 42 79.73 -13.61 -15.27
C GLY L 42 80.69 -14.37 -14.38
N LYS L 43 80.79 -15.68 -14.61
CA LYS L 43 81.85 -16.49 -14.01
C LYS L 43 83.18 -16.14 -14.69
N ARG L 44 84.22 -15.94 -13.88
CA ARG L 44 85.55 -15.56 -14.38
C ARG L 44 86.36 -16.81 -14.72
N THR L 45 86.42 -17.73 -13.76
CA THR L 45 86.93 -19.09 -13.98
C THR L 45 85.75 -20.06 -14.08
N ASN L 46 86.02 -21.28 -14.55
CA ASN L 46 85.02 -22.34 -14.55
C ASN L 46 84.70 -22.82 -13.13
N LYS L 47 85.68 -22.70 -12.24
CA LYS L 47 85.52 -23.07 -10.83
C LYS L 47 84.98 -21.92 -9.97
N ASP L 48 84.69 -20.79 -10.59
CA ASP L 48 84.37 -19.54 -9.87
C ASP L 48 83.03 -19.58 -9.12
N TYR L 49 82.86 -18.67 -8.15
CA TYR L 49 81.57 -18.43 -7.49
C TYR L 49 80.73 -17.47 -8.32
N LYS L 50 79.40 -17.64 -8.31
CA LYS L 50 78.51 -16.80 -9.13
C LYS L 50 77.75 -15.76 -8.28
N ILE L 51 77.93 -14.49 -8.63
CA ILE L 51 77.39 -13.38 -7.83
C ILE L 51 75.92 -13.62 -7.48
N THR L 52 75.06 -13.72 -8.49
CA THR L 52 73.64 -13.90 -8.23
C THR L 52 73.46 -14.88 -7.07
N ASP L 53 74.12 -16.02 -7.17
CA ASP L 53 73.98 -17.09 -6.18
C ASP L 53 74.53 -16.73 -4.79
N LEU L 54 75.56 -15.89 -4.75
CA LEU L 54 76.01 -15.33 -3.48
C LEU L 54 74.95 -14.44 -2.82
N LEU L 55 74.19 -13.71 -3.64
CA LEU L 55 73.12 -12.85 -3.10
C LEU L 55 71.99 -13.68 -2.52
N TYR L 56 71.53 -14.66 -3.30
CA TYR L 56 70.59 -15.66 -2.80
C TYR L 56 71.10 -16.27 -1.48
N LEU L 57 72.41 -16.55 -1.43
CA LEU L 57 72.99 -17.10 -0.21
C LEU L 57 72.89 -16.10 0.94
N CYS L 58 73.23 -14.83 0.64
CA CYS L 58 73.11 -13.78 1.65
C CYS L 58 71.71 -13.77 2.23
N ASN L 59 70.72 -13.92 1.36
CA ASN L 59 69.33 -13.98 1.79
C ASN L 59 69.06 -15.15 2.73
N ALA L 60 69.69 -16.29 2.47
CA ALA L 60 69.51 -17.49 3.30
C ALA L 60 70.03 -17.31 4.71
N HIS L 61 71.17 -16.64 4.85
CA HIS L 61 71.68 -16.29 6.17
C HIS L 61 70.66 -15.50 6.92
N VAL L 62 70.02 -14.57 6.23
CA VAL L 62 68.97 -13.77 6.87
C VAL L 62 67.75 -14.61 7.21
N LYS L 63 67.36 -15.52 6.32
CA LYS L 63 66.29 -16.47 6.62
C LYS L 63 66.65 -17.41 7.75
N ASN L 64 67.91 -17.37 8.20
CA ASN L 64 68.41 -18.19 9.31
C ASN L 64 68.91 -17.39 10.51
N GLY L 65 68.81 -16.07 10.46
CA GLY L 65 69.28 -15.22 11.54
C GLY L 65 70.79 -15.03 11.62
N ILE L 66 71.53 -15.68 10.73
CA ILE L 66 72.99 -15.59 10.72
C ILE L 66 73.36 -14.33 9.98
N PRO L 67 74.40 -13.61 10.44
CA PRO L 67 74.94 -12.56 9.58
C PRO L 67 75.68 -13.16 8.38
N PHE L 68 75.97 -12.38 7.35
CA PHE L 68 76.63 -12.91 6.14
C PHE L 68 77.87 -12.11 5.71
N ASP L 69 78.42 -11.31 6.64
CA ASP L 69 79.53 -10.40 6.34
C ASP L 69 80.51 -10.99 5.34
N ASP L 70 81.04 -12.17 5.67
CA ASP L 70 82.10 -12.80 4.87
C ASP L 70 81.65 -13.14 3.44
N VAL L 71 80.42 -13.61 3.30
CA VAL L 71 79.89 -13.95 1.98
C VAL L 71 79.78 -12.67 1.16
N PHE L 72 79.33 -11.60 1.82
CA PHE L 72 79.21 -10.30 1.15
C PHE L 72 80.57 -9.72 0.81
N LYS L 73 81.55 -9.93 1.68
CA LYS L 73 82.91 -9.44 1.44
C LYS L 73 83.36 -9.79 0.03
N LEU L 74 83.10 -11.02 -0.39
CA LEU L 74 83.48 -11.47 -1.74
C LEU L 74 82.77 -10.69 -2.83
N ILE L 75 81.51 -10.32 -2.60
CA ILE L 75 80.75 -9.51 -3.55
C ILE L 75 81.38 -8.12 -3.69
N SER L 76 81.52 -7.41 -2.57
CA SER L 76 82.10 -6.08 -2.57
C SER L 76 83.52 -6.08 -3.13
N GLN L 77 84.27 -7.15 -2.87
CA GLN L 77 85.58 -7.37 -3.48
C GLN L 77 85.50 -7.37 -5.00
N ARG L 78 84.64 -8.23 -5.52
CA ARG L 78 84.44 -8.37 -6.96
C ARG L 78 84.11 -7.04 -7.63
N TYR L 79 83.34 -6.18 -6.95
CA TYR L 79 82.95 -4.90 -7.50
C TYR L 79 83.98 -3.80 -7.29
N THR L 80 84.54 -3.70 -6.09
CA THR L 80 85.56 -2.68 -5.84
C THR L 80 86.74 -2.83 -6.82
N GLU L 81 87.15 -4.06 -7.10
CA GLU L 81 88.17 -4.31 -8.11
C GLU L 81 87.78 -3.71 -9.45
N ILE L 82 86.65 -4.16 -9.97
CA ILE L 82 86.14 -3.69 -11.26
C ILE L 82 86.09 -2.16 -11.32
N VAL L 83 85.60 -1.54 -10.27
CA VAL L 83 85.39 -0.09 -10.24
C VAL L 83 86.68 0.70 -10.06
N SER L 84 87.75 0.05 -9.62
CA SER L 84 89.04 0.73 -9.45
C SER L 84 89.94 0.52 -10.65
N GLU L 85 90.03 -0.73 -11.12
CA GLU L 85 90.85 -1.08 -12.30
C GLU L 85 90.52 -0.17 -13.48
N LEU L 86 89.22 -0.01 -13.75
CA LEU L 86 88.73 1.13 -14.51
C LEU L 86 88.58 2.24 -13.49
N ASN L 87 89.51 3.19 -13.44
CA ASN L 87 89.42 4.27 -12.44
C ASN L 87 88.20 5.15 -12.75
N ILE L 88 87.25 5.18 -11.83
CA ILE L 88 85.95 5.81 -12.07
C ILE L 88 85.57 6.66 -10.86
N ASP L 89 85.05 7.86 -11.13
CA ASP L 89 84.70 8.79 -10.08
C ASP L 89 83.39 8.38 -9.40
N MSE L 90 83.44 7.40 -8.50
CA MSE L 90 82.27 7.00 -7.70
C MSE L 90 82.66 6.27 -6.44
O MSE L 90 83.73 5.67 -6.36
CB MSE L 90 81.29 6.15 -8.51
CG MSE L 90 81.76 4.71 -8.72
SE MSE L 90 80.30 3.64 -9.53
CE MSE L 90 80.72 4.03 -11.41
N ASP L 91 81.76 6.33 -5.46
CA ASP L 91 81.89 5.61 -4.20
C ASP L 91 80.96 4.39 -4.21
N ILE L 92 81.48 3.25 -4.66
CA ILE L 92 80.71 2.01 -4.72
C ILE L 92 80.43 1.46 -3.32
N ALA L 93 81.36 1.67 -2.40
CA ALA L 93 81.18 1.22 -1.01
C ALA L 93 79.85 1.71 -0.46
N TYR L 94 79.54 2.98 -0.72
CA TYR L 94 78.24 3.53 -0.37
C TYR L 94 77.12 2.63 -0.88
N TYR L 95 77.15 2.31 -2.17
CA TYR L 95 76.09 1.48 -2.77
C TYR L 95 76.09 0.05 -2.22
N LEU L 96 77.27 -0.54 -2.07
CA LEU L 96 77.40 -1.90 -1.52
C LEU L 96 76.81 -1.98 -0.12
N GLU L 97 77.12 -1.01 0.72
CA GLU L 97 76.53 -0.88 2.06
C GLU L 97 74.99 -0.88 2.01
N LYS L 98 74.45 -0.13 1.04
CA LYS L 98 73.00 -0.06 0.81
C LYS L 98 72.44 -1.47 0.63
N VAL L 99 73.07 -2.22 -0.27
CA VAL L 99 72.63 -3.57 -0.57
C VAL L 99 72.75 -4.51 0.63
N LYS L 100 73.84 -4.39 1.38
CA LYS L 100 74.06 -5.25 2.53
C LYS L 100 72.99 -4.96 3.58
N LYS L 101 72.98 -3.72 4.09
CA LYS L 101 72.06 -3.33 5.18
C LYS L 101 70.59 -3.63 4.87
N ASN L 102 70.15 -3.30 3.67
CA ASN L 102 68.80 -3.63 3.22
C ASN L 102 68.52 -5.13 3.33
N ILE L 103 69.42 -5.94 2.80
CA ILE L 103 69.26 -7.39 2.86
C ILE L 103 69.15 -7.88 4.32
N GLU L 104 70.14 -7.56 5.14
CA GLU L 104 70.11 -8.04 6.52
C GLU L 104 68.87 -7.52 7.22
N ASN L 105 68.42 -6.33 6.82
CA ASN L 105 67.21 -5.70 7.39
C ASN L 105 65.89 -6.26 6.85
N GLY L 106 65.96 -7.19 5.88
CA GLY L 106 64.81 -8.05 5.59
C GLY L 106 64.26 -8.06 4.18
N ALA L 107 64.95 -7.40 3.24
CA ALA L 107 64.50 -7.37 1.86
C ALA L 107 64.34 -8.80 1.35
N SER L 108 63.46 -8.98 0.37
CA SER L 108 63.16 -10.29 -0.20
C SER L 108 64.34 -10.90 -0.94
N SER L 109 64.18 -12.15 -1.35
CA SER L 109 65.17 -12.80 -2.19
C SER L 109 65.17 -12.18 -3.59
N ASP L 110 63.98 -11.85 -4.11
CA ASP L 110 63.86 -11.17 -5.41
C ASP L 110 64.67 -9.87 -5.45
N TYR L 111 64.65 -9.12 -4.34
CA TYR L 111 65.53 -7.98 -4.16
C TYR L 111 66.99 -8.43 -4.18
N ALA L 112 67.33 -9.35 -3.29
CA ALA L 112 68.70 -9.80 -3.13
C ALA L 112 69.28 -10.27 -4.47
N ALA L 113 68.60 -11.20 -5.12
CA ALA L 113 69.10 -11.74 -6.38
C ALA L 113 69.26 -10.65 -7.43
N SER L 114 68.30 -9.73 -7.53
CA SER L 114 68.33 -8.71 -8.56
C SER L 114 69.48 -7.73 -8.36
N ARG L 115 69.89 -7.55 -7.12
CA ARG L 115 70.97 -6.60 -6.78
C ARG L 115 72.24 -6.78 -7.62
N GLY L 116 72.46 -8.00 -8.12
CA GLY L 116 73.59 -8.27 -9.00
C GLY L 116 73.61 -7.31 -10.17
N GLU L 117 72.49 -7.29 -10.91
CA GLU L 117 72.36 -6.47 -12.12
C GLU L 117 72.31 -4.99 -11.76
N TYR L 118 71.48 -4.68 -10.77
CA TYR L 118 71.37 -3.32 -10.25
C TYR L 118 72.73 -2.64 -10.12
N LEU L 119 73.65 -3.29 -9.42
CA LEU L 119 74.98 -2.72 -9.15
C LEU L 119 75.77 -2.46 -10.43
N ASN L 120 75.83 -3.45 -11.31
CA ASN L 120 76.45 -3.26 -12.62
C ASN L 120 75.86 -2.06 -13.39
N GLY L 121 74.56 -1.84 -13.20
CA GLY L 121 73.85 -0.76 -13.89
C GLY L 121 74.26 0.64 -13.47
N VAL L 122 74.42 0.85 -12.16
CA VAL L 122 74.89 2.14 -11.66
C VAL L 122 76.35 2.35 -12.04
N ILE L 123 77.12 1.25 -12.12
CA ILE L 123 78.50 1.31 -12.57
C ILE L 123 78.58 1.71 -14.05
N LEU L 124 77.70 1.15 -14.87
CA LEU L 124 77.62 1.55 -16.28
C LEU L 124 76.99 2.92 -16.46
N ALA L 125 76.16 3.33 -15.51
CA ALA L 125 75.59 4.68 -15.52
C ALA L 125 76.70 5.73 -15.59
N LYS L 126 77.75 5.53 -14.80
CA LYS L 126 78.89 6.44 -14.76
C LYS L 126 79.85 6.18 -15.92
N TYR L 127 80.47 5.00 -15.93
CA TYR L 127 81.46 4.62 -16.94
C TYR L 127 81.04 4.96 -18.38
N LEU L 128 79.89 4.46 -18.80
CA LEU L 128 79.38 4.71 -20.14
C LEU L 128 78.87 6.14 -20.32
N ASN L 129 78.62 6.83 -19.20
CA ASN L 129 78.07 8.19 -19.21
C ASN L 129 76.65 8.16 -19.76
N ALA L 130 75.72 7.68 -18.93
CA ALA L 130 74.34 7.50 -19.36
C ALA L 130 73.37 7.64 -18.20
N GLU L 131 72.10 7.87 -18.54
CA GLU L 131 71.05 8.04 -17.54
C GLU L 131 70.63 6.70 -16.94
N PHE L 132 70.92 6.51 -15.65
CA PHE L 132 70.53 5.31 -14.92
C PHE L 132 69.03 5.26 -14.72
N ILE L 133 68.38 4.26 -15.32
CA ILE L 133 66.96 4.03 -15.13
C ILE L 133 66.77 2.70 -14.39
N ASP L 134 66.65 2.78 -13.05
CA ASP L 134 66.30 1.61 -12.24
C ASP L 134 65.06 0.95 -12.84
N ALA L 135 65.11 -0.37 -12.99
CA ALA L 135 64.04 -1.08 -13.67
C ALA L 135 62.74 -1.09 -12.88
N ALA L 136 62.82 -0.81 -11.57
CA ALA L 136 61.63 -0.76 -10.71
C ALA L 136 60.79 0.50 -10.94
N GLU L 137 61.34 1.47 -11.67
CA GLU L 137 60.58 2.66 -12.09
C GLU L 137 60.22 2.61 -13.59
N VAL L 138 60.19 1.41 -14.17
CA VAL L 138 59.98 1.23 -15.62
C VAL L 138 59.20 -0.02 -16.00
N ILE L 139 59.56 -1.16 -15.42
CA ILE L 139 58.88 -2.44 -15.68
C ILE L 139 58.00 -2.80 -14.49
N PHE L 140 56.83 -3.37 -14.77
CA PHE L 140 55.80 -3.54 -13.73
C PHE L 140 54.92 -4.80 -13.92
N PHE L 141 54.53 -5.41 -12.80
CA PHE L 141 53.70 -6.62 -12.81
C PHE L 141 52.35 -6.39 -12.09
N ASP L 142 51.29 -7.01 -12.61
CA ASP L 142 49.95 -6.94 -11.98
C ASP L 142 49.82 -7.87 -10.76
N LYS L 143 48.64 -7.91 -10.15
CA LYS L 143 48.39 -8.78 -8.99
C LYS L 143 48.28 -10.27 -9.39
N CYS L 146 52.20 -11.30 -12.95
CA CYS L 146 52.17 -11.24 -14.42
C CYS L 146 52.51 -9.84 -14.97
N PHE L 147 53.27 -9.81 -16.06
CA PHE L 147 53.86 -8.59 -16.60
C PHE L 147 52.86 -7.57 -17.13
N ASP L 148 52.81 -6.39 -16.52
CA ASP L 148 51.92 -5.31 -16.96
C ASP L 148 52.62 -4.52 -18.07
N GLU L 149 52.43 -4.99 -19.30
CA GLU L 149 52.99 -4.34 -20.49
C GLU L 149 52.39 -2.97 -20.77
N LYS L 150 51.09 -2.82 -20.50
CA LYS L 150 50.40 -1.54 -20.67
C LYS L 150 51.14 -0.39 -19.97
N LYS L 151 51.24 -0.47 -18.65
CA LYS L 151 51.90 0.56 -17.84
C LYS L 151 53.40 0.63 -18.13
N SER L 152 53.99 -0.51 -18.43
CA SER L 152 55.44 -0.58 -18.61
C SER L 152 55.91 0.06 -19.92
N TYR L 153 54.99 0.42 -20.80
CA TYR L 153 55.36 1.11 -22.03
C TYR L 153 55.29 2.61 -21.88
N GLU L 154 54.13 3.12 -21.44
CA GLU L 154 53.97 4.56 -21.20
C GLU L 154 55.03 5.07 -20.22
N LYS L 155 55.31 4.27 -19.18
CA LYS L 155 56.39 4.57 -18.24
C LYS L 155 57.75 4.48 -18.93
N ILE L 156 57.90 3.50 -19.82
CA ILE L 156 59.14 3.34 -20.58
C ILE L 156 59.39 4.54 -21.49
N LYS L 157 58.33 5.00 -22.17
CA LYS L 157 58.42 6.14 -23.10
C LYS L 157 58.73 7.42 -22.34
N GLU L 158 58.01 7.62 -21.23
CA GLU L 158 58.23 8.76 -20.37
C GLU L 158 59.68 8.83 -19.86
N LYS L 159 60.12 7.76 -19.20
CA LYS L 159 61.39 7.79 -18.47
C LYS L 159 62.64 7.42 -19.27
N VAL L 160 62.51 6.54 -20.27
CA VAL L 160 63.67 6.09 -21.05
C VAL L 160 63.78 6.77 -22.40
N LEU L 161 62.68 6.86 -23.13
CA LEU L 161 62.70 7.42 -24.50
C LEU L 161 63.14 8.88 -24.54
N SER L 162 62.66 9.67 -23.59
CA SER L 162 62.94 11.12 -23.54
C SER L 162 64.43 11.47 -23.47
N CYS L 163 65.19 10.73 -22.65
CA CYS L 163 66.65 10.86 -22.61
C CYS L 163 67.23 9.73 -23.44
N ASN L 164 68.26 10.01 -24.24
CA ASN L 164 68.72 9.06 -25.28
C ASN L 164 70.12 8.47 -25.11
N LYS L 165 70.65 8.53 -23.91
CA LYS L 165 71.84 7.75 -23.54
C LYS L 165 71.57 7.10 -22.19
N ALA L 166 70.94 5.92 -22.18
CA ALA L 166 70.45 5.33 -20.93
C ALA L 166 71.01 3.94 -20.61
N VAL L 167 70.95 3.57 -19.34
CA VAL L 167 71.35 2.25 -18.82
C VAL L 167 70.24 1.68 -17.95
N ILE L 168 69.72 0.51 -18.31
CA ILE L 168 68.62 -0.13 -17.57
C ILE L 168 68.96 -1.55 -17.14
N PRO L 169 69.07 -1.79 -15.82
CA PRO L 169 69.42 -3.15 -15.36
C PRO L 169 68.38 -4.21 -15.77
N GLY L 170 68.87 -5.40 -16.09
CA GLY L 170 68.06 -6.38 -16.81
C GLY L 170 67.11 -7.29 -16.06
N PHE L 171 67.58 -7.87 -14.97
CA PHE L 171 66.93 -9.08 -14.45
C PHE L 171 65.57 -8.85 -13.76
N TYR L 172 65.19 -7.60 -13.49
CA TYR L 172 64.12 -7.31 -12.54
C TYR L 172 63.13 -6.20 -12.90
N GLY L 173 62.06 -6.13 -12.11
CA GLY L 173 61.03 -5.08 -12.18
C GLY L 173 60.29 -4.91 -10.85
N SER L 174 59.16 -4.20 -10.85
CA SER L 174 58.35 -3.97 -9.64
C SER L 174 57.09 -4.81 -9.57
N SER L 175 56.89 -5.47 -8.44
CA SER L 175 55.66 -6.23 -8.20
C SER L 175 54.50 -5.28 -7.95
N PHE L 176 53.29 -5.81 -7.78
CA PHE L 176 52.10 -4.97 -7.57
C PHE L 176 52.21 -4.23 -6.23
N ASN L 177 52.58 -4.96 -5.18
CA ASN L 177 53.05 -4.30 -3.96
C ASN L 177 54.44 -3.69 -4.22
N GLY L 178 54.85 -2.73 -3.42
CA GLY L 178 56.03 -1.89 -3.71
C GLY L 178 57.31 -2.57 -4.19
N ASP L 179 57.68 -3.67 -3.54
CA ASP L 179 59.01 -4.29 -3.70
C ASP L 179 59.29 -4.90 -5.08
N VAL L 180 60.51 -5.40 -5.24
CA VAL L 180 60.99 -5.96 -6.50
C VAL L 180 60.48 -7.38 -6.73
N LYS L 181 60.06 -7.65 -7.97
CA LYS L 181 59.89 -9.02 -8.44
C LYS L 181 60.96 -9.28 -9.48
N THR L 182 61.45 -10.51 -9.51
CA THR L 182 62.44 -10.94 -10.48
C THR L 182 61.71 -11.76 -11.55
N PHE L 183 62.18 -11.69 -12.79
CA PHE L 183 61.57 -12.46 -13.89
C PHE L 183 61.74 -13.95 -13.68
N SER L 184 60.64 -14.70 -13.78
CA SER L 184 60.68 -16.15 -13.58
C SER L 184 61.48 -16.80 -14.71
N ARG L 185 61.27 -16.33 -15.93
CA ARG L 185 62.03 -16.79 -17.08
C ARG L 185 62.29 -15.61 -18.00
N GLY L 186 63.56 -15.38 -18.34
CA GLY L 186 63.89 -14.31 -19.30
C GLY L 186 65.24 -13.63 -19.09
N GLY L 187 65.72 -13.63 -17.85
CA GLY L 187 67.02 -13.04 -17.52
C GLY L 187 67.07 -11.54 -17.77
N SER L 188 68.20 -11.07 -18.28
CA SER L 188 68.31 -9.69 -18.78
C SER L 188 67.93 -9.61 -20.25
N ASP L 189 67.83 -10.76 -20.89
CA ASP L 189 67.56 -10.83 -22.31
C ASP L 189 66.14 -10.37 -22.61
N VAL L 190 65.22 -10.63 -21.68
CA VAL L 190 63.84 -10.20 -21.85
C VAL L 190 63.69 -8.71 -21.56
N THR L 191 64.50 -8.17 -20.65
CA THR L 191 64.46 -6.73 -20.36
C THR L 191 64.79 -5.91 -21.60
N GLY L 192 65.85 -6.29 -22.30
CA GLY L 192 66.17 -5.71 -23.60
C GLY L 192 65.04 -5.85 -24.59
N SER L 193 64.41 -7.02 -24.63
CA SER L 193 63.23 -7.23 -25.47
C SER L 193 62.11 -6.27 -25.06
N ILE L 194 61.84 -6.21 -23.76
CA ILE L 194 60.78 -5.35 -23.23
C ILE L 194 61.10 -3.86 -23.45
N ILE L 195 62.37 -3.49 -23.34
CA ILE L 195 62.81 -2.12 -23.55
C ILE L 195 62.78 -1.74 -25.03
N SER L 196 63.21 -2.66 -25.87
CA SER L 196 63.19 -2.48 -27.32
C SER L 196 61.80 -2.09 -27.80
N ALA L 197 60.81 -2.87 -27.38
CA ALA L 197 59.41 -2.62 -27.73
C ALA L 197 58.95 -1.28 -27.17
N GLY L 198 58.85 -1.20 -25.85
CA GLY L 198 58.34 -0.01 -25.18
C GLY L 198 58.89 1.27 -25.78
N VAL L 199 60.22 1.41 -25.77
CA VAL L 199 60.88 2.54 -26.44
C VAL L 199 61.09 2.15 -27.89
N ASN L 200 60.01 2.26 -28.67
CA ASN L 200 59.98 1.79 -30.06
C ASN L 200 61.37 1.84 -30.69
N ALA L 201 61.95 0.66 -30.93
CA ALA L 201 63.36 0.55 -31.30
C ALA L 201 63.55 -0.19 -32.62
N ASP L 202 64.47 0.30 -33.43
CA ASP L 202 64.65 -0.21 -34.78
C ASP L 202 65.46 -1.51 -34.80
N LEU L 203 66.18 -1.81 -33.72
CA LEU L 203 66.96 -3.05 -33.64
C LEU L 203 67.31 -3.42 -32.20
N TYR L 204 67.48 -4.72 -31.96
CA TYR L 204 67.93 -5.23 -30.68
C TYR L 204 69.24 -6.02 -30.84
N GLU L 205 70.31 -5.51 -30.22
CA GLU L 205 71.60 -6.20 -30.20
C GLU L 205 71.73 -7.03 -28.93
N ASN L 206 72.04 -8.32 -29.09
CA ASN L 206 72.30 -9.16 -27.93
C ASN L 206 73.77 -9.58 -27.90
N TRP L 207 74.55 -8.83 -27.13
CA TRP L 207 75.99 -9.04 -27.05
C TRP L 207 76.34 -10.20 -26.17
N THR L 208 77.19 -11.08 -26.69
CA THR L 208 77.61 -12.29 -25.99
C THR L 208 78.90 -12.83 -26.59
N ASP L 209 79.44 -13.91 -26.04
CA ASP L 209 80.77 -14.40 -26.46
C ASP L 209 80.73 -15.41 -27.61
N VAL L 210 79.96 -15.10 -28.66
CA VAL L 210 79.93 -15.92 -29.88
C VAL L 210 79.53 -15.09 -31.11
N SER L 211 80.12 -15.42 -32.25
CA SER L 211 79.82 -14.73 -33.51
C SER L 211 78.67 -15.42 -34.23
N GLY L 212 77.52 -15.49 -33.56
CA GLY L 212 76.34 -16.19 -34.07
C GLY L 212 76.46 -17.70 -33.96
N PHE L 213 75.32 -18.37 -34.06
CA PHE L 213 75.29 -19.83 -34.08
C PHE L 213 75.60 -20.31 -35.50
N LEU L 214 76.39 -21.37 -35.61
CA LEU L 214 76.81 -21.91 -36.91
C LEU L 214 75.85 -23.02 -37.35
N MSE L 215 76.08 -23.56 -38.55
CA MSE L 215 75.21 -24.60 -39.11
C MSE L 215 75.21 -25.82 -38.23
O MSE L 215 74.16 -26.44 -38.01
CB MSE L 215 75.63 -24.98 -40.53
CG MSE L 215 74.52 -25.65 -41.32
SE MSE L 215 74.82 -25.46 -43.27
CE MSE L 215 72.95 -25.64 -43.89
N ALA L 216 76.38 -26.17 -37.69
CA ALA L 216 76.53 -27.36 -36.85
C ALA L 216 77.37 -27.07 -35.60
N ASP L 217 77.93 -28.10 -34.99
CA ASP L 217 78.86 -27.96 -33.86
C ASP L 217 80.19 -27.44 -34.38
N PRO L 218 80.83 -26.51 -33.64
CA PRO L 218 82.12 -25.96 -34.08
C PRO L 218 83.19 -27.02 -34.34
N ARG L 219 83.30 -28.00 -33.45
CA ARG L 219 84.40 -28.98 -33.49
C ARG L 219 84.11 -30.16 -34.43
N ILE L 220 82.94 -30.79 -34.25
CA ILE L 220 82.54 -31.96 -35.03
C ILE L 220 82.76 -31.76 -36.52
N VAL L 221 82.03 -30.80 -37.10
CA VAL L 221 82.20 -30.45 -38.50
C VAL L 221 83.46 -29.58 -38.66
N GLU L 222 84.13 -29.68 -39.80
CA GLU L 222 85.31 -28.86 -40.07
C GLU L 222 84.87 -27.57 -40.75
N ASN L 223 85.40 -26.44 -40.28
CA ASN L 223 85.02 -25.11 -40.77
C ASN L 223 83.50 -24.97 -40.98
N PRO L 224 82.72 -25.07 -39.89
CA PRO L 224 81.26 -24.96 -40.00
C PRO L 224 80.80 -23.74 -40.79
N LYS L 225 79.78 -23.92 -41.63
CA LYS L 225 79.18 -22.81 -42.39
C LYS L 225 78.34 -21.93 -41.46
N THR L 226 78.49 -20.62 -41.60
CA THR L 226 77.82 -19.68 -40.71
C THR L 226 76.34 -19.55 -41.07
N ILE L 227 75.54 -19.16 -40.07
CA ILE L 227 74.15 -18.79 -40.27
C ILE L 227 74.07 -17.27 -40.28
N SER L 228 73.07 -16.73 -40.97
CA SER L 228 72.85 -15.29 -41.05
C SER L 228 71.44 -14.89 -40.64
N LYS L 229 70.45 -15.59 -41.21
CA LYS L 229 69.04 -15.32 -40.93
C LYS L 229 68.42 -16.58 -40.31
N ILE L 230 67.49 -16.37 -39.38
CA ILE L 230 66.81 -17.48 -38.72
C ILE L 230 65.51 -17.00 -38.06
N SER L 231 64.41 -17.70 -38.37
CA SER L 231 63.09 -17.29 -37.89
C SER L 231 62.88 -17.70 -36.44
N TYR L 232 61.84 -17.17 -35.80
CA TYR L 232 61.56 -17.48 -34.40
C TYR L 232 61.44 -18.99 -34.22
N LYS L 233 60.50 -19.59 -34.95
CA LYS L 233 60.27 -21.03 -34.93
C LYS L 233 61.58 -21.79 -35.22
N GLU L 234 62.21 -21.40 -36.32
CA GLU L 234 63.47 -21.99 -36.79
C GLU L 234 64.51 -22.01 -35.67
N LEU L 235 64.63 -20.90 -34.96
CA LEU L 235 65.52 -20.79 -33.82
C LEU L 235 65.12 -21.77 -32.73
N ARG L 236 63.88 -21.65 -32.27
CA ARG L 236 63.36 -22.45 -31.15
C ARG L 236 63.84 -23.89 -31.20
N GLU L 237 63.62 -24.57 -32.32
CA GLU L 237 63.96 -25.99 -32.46
C GLU L 237 65.46 -26.30 -32.37
N LEU L 238 66.32 -25.33 -32.70
CA LEU L 238 67.77 -25.55 -32.71
C LEU L 238 68.45 -25.43 -31.32
N SER L 239 67.67 -25.18 -30.29
CA SER L 239 68.21 -25.01 -28.94
C SER L 239 68.79 -26.30 -28.32
N TYR L 240 68.37 -27.46 -28.83
CA TYR L 240 68.94 -28.75 -28.40
C TYR L 240 70.04 -29.20 -29.36
N LEU L 246 70.24 -18.51 -26.92
CA LEU L 246 69.39 -17.45 -26.39
C LEU L 246 68.17 -18.03 -25.65
N HIS L 247 67.56 -17.21 -24.80
CA HIS L 247 66.41 -17.60 -23.98
C HIS L 247 65.13 -17.66 -24.78
N GLU L 248 64.48 -18.82 -24.72
CA GLU L 248 63.23 -19.10 -25.46
C GLU L 248 62.09 -18.10 -25.18
N GLU L 249 61.83 -17.82 -23.90
CA GLU L 249 60.75 -16.92 -23.51
C GLU L 249 61.09 -15.42 -23.66
N ALA L 250 62.28 -15.12 -24.15
CA ALA L 250 62.76 -13.74 -24.28
C ALA L 250 62.28 -13.04 -25.57
N ILE L 251 61.77 -13.80 -26.52
CA ILE L 251 61.39 -13.26 -27.84
C ILE L 251 59.91 -12.83 -27.93
N PHE L 252 59.15 -13.05 -26.85
CA PHE L 252 57.71 -12.78 -26.85
C PHE L 252 57.32 -11.32 -27.12
N PRO L 253 58.04 -10.35 -26.54
CA PRO L 253 57.69 -8.94 -26.74
C PRO L 253 57.74 -8.44 -28.18
N VAL L 254 58.72 -8.91 -28.95
CA VAL L 254 58.98 -8.40 -30.29
C VAL L 254 58.26 -9.17 -31.42
N LYS L 255 57.61 -10.29 -31.08
CA LYS L 255 56.83 -11.06 -32.07
C LYS L 255 55.68 -10.23 -32.66
N ASP L 256 55.07 -9.37 -31.83
CA ASP L 256 54.01 -8.46 -32.27
C ASP L 256 54.54 -7.17 -32.92
N SER L 257 55.87 -7.10 -33.08
CA SER L 257 56.51 -6.00 -33.79
C SER L 257 57.56 -6.55 -34.74
N GLY L 258 58.11 -5.67 -35.56
CA GLY L 258 59.21 -6.03 -36.45
C GLY L 258 60.50 -5.43 -35.93
N ILE L 259 60.85 -5.79 -34.69
CA ILE L 259 62.09 -5.34 -34.08
C ILE L 259 63.09 -6.49 -34.09
N PRO L 260 63.92 -6.59 -35.14
CA PRO L 260 64.80 -7.75 -35.25
C PRO L 260 65.85 -7.84 -34.14
N ILE L 261 66.42 -9.04 -33.96
CA ILE L 261 67.39 -9.28 -32.90
C ILE L 261 68.72 -9.76 -33.49
N ASN L 262 69.79 -9.01 -33.24
CA ASN L 262 71.12 -9.36 -33.75
C ASN L 262 72.05 -9.92 -32.67
N ILE L 263 72.43 -11.18 -32.83
CA ILE L 263 73.42 -11.81 -31.97
C ILE L 263 74.81 -11.45 -32.46
N LYS L 264 75.47 -10.52 -31.77
CA LYS L 264 76.81 -10.07 -32.14
C LYS L 264 77.78 -10.47 -31.03
N ASN L 265 79.07 -10.49 -31.34
CA ASN L 265 80.09 -11.06 -30.44
C ASN L 265 80.89 -9.99 -29.69
N THR L 266 80.75 -9.98 -28.36
CA THR L 266 81.46 -9.02 -27.51
C THR L 266 82.98 -9.07 -27.72
N ASN L 267 83.53 -10.27 -27.85
CA ASN L 267 84.96 -10.44 -28.01
C ASN L 267 85.47 -10.23 -29.45
N LYS L 268 84.56 -10.25 -30.43
CA LYS L 268 84.90 -9.95 -31.84
C LYS L 268 83.78 -9.15 -32.52
N PRO L 269 83.69 -7.84 -32.22
CA PRO L 269 82.55 -6.99 -32.60
C PRO L 269 82.24 -6.91 -34.09
N SER L 270 83.27 -6.64 -34.90
CA SER L 270 83.11 -6.48 -36.35
C SER L 270 82.32 -7.63 -36.98
N ASP L 271 82.49 -8.84 -36.45
CA ASP L 271 81.73 -10.01 -36.91
C ASP L 271 80.22 -9.74 -36.84
N PRO L 272 79.51 -9.90 -37.98
CA PRO L 272 78.07 -9.63 -38.00
C PRO L 272 77.25 -10.73 -37.34
N GLY L 273 77.69 -11.98 -37.47
CA GLY L 273 77.03 -13.10 -36.81
C GLY L 273 75.67 -13.42 -37.38
N THR L 274 74.82 -14.04 -36.56
CA THR L 274 73.48 -14.44 -36.98
C THR L 274 72.43 -13.44 -36.52
N LEU L 275 71.41 -13.24 -37.36
CA LEU L 275 70.29 -12.38 -37.06
C LEU L 275 69.10 -13.27 -36.75
N ILE L 276 68.19 -12.79 -35.89
CA ILE L 276 66.97 -13.51 -35.55
C ILE L 276 65.75 -12.74 -36.04
N LEU L 277 65.02 -13.36 -36.97
CA LEU L 277 63.99 -12.67 -37.73
C LEU L 277 62.59 -13.10 -37.32
N SER L 278 61.60 -12.34 -37.81
CA SER L 278 60.21 -12.72 -37.70
C SER L 278 59.89 -13.75 -38.77
N ASP L 279 59.05 -14.73 -38.42
CA ASP L 279 58.71 -15.84 -39.34
C ASP L 279 58.06 -15.37 -40.63
N THR L 280 57.17 -14.38 -40.52
CA THR L 280 56.45 -13.83 -41.67
C THR L 280 57.26 -12.77 -42.45
N HIS L 281 58.49 -12.50 -42.01
CA HIS L 281 59.39 -11.59 -42.71
C HIS L 281 60.64 -12.24 -43.26
N LYS L 282 60.88 -13.52 -42.92
CA LYS L 282 62.10 -14.21 -43.34
C LYS L 282 62.02 -14.68 -44.79
N GLU L 283 63.17 -14.73 -45.45
CA GLU L 283 63.28 -15.28 -46.81
C GLU L 283 62.86 -16.75 -46.84
N ILE L 284 62.33 -17.18 -47.97
CA ILE L 284 61.90 -18.57 -48.14
C ILE L 284 62.67 -19.22 -49.30
N ASN L 285 63.85 -19.76 -48.98
CA ASN L 285 64.66 -20.49 -49.94
C ASN L 285 64.37 -21.99 -49.81
N LEU L 286 63.97 -22.61 -50.92
CA LEU L 286 63.53 -24.01 -50.91
C LEU L 286 64.68 -25.00 -50.74
N GLY L 287 64.30 -26.25 -50.45
CA GLY L 287 65.24 -27.36 -50.32
C GLY L 287 66.47 -27.03 -49.52
N THR L 288 66.30 -26.27 -48.43
CA THR L 288 67.43 -25.76 -47.66
C THR L 288 67.31 -26.04 -46.17
N ILE L 289 68.44 -26.44 -45.58
CA ILE L 289 68.58 -26.58 -44.15
C ILE L 289 69.10 -25.26 -43.57
N THR L 290 68.74 -25.00 -42.33
CA THR L 290 69.24 -23.83 -41.59
C THR L 290 70.31 -24.23 -40.58
N GLY L 291 70.08 -25.33 -39.87
CA GLY L 291 71.08 -25.84 -38.93
C GLY L 291 70.74 -27.21 -38.38
N ILE L 292 71.75 -27.84 -37.77
CA ILE L 292 71.61 -29.15 -37.13
C ILE L 292 71.89 -29.01 -35.64
N ALA L 293 71.01 -29.58 -34.82
CA ALA L 293 71.20 -29.59 -33.36
C ALA L 293 70.81 -30.94 -32.78
N GLY L 294 71.52 -31.36 -31.74
CA GLY L 294 71.30 -32.66 -31.11
C GLY L 294 71.67 -32.72 -29.64
N LYS L 295 71.62 -33.92 -29.07
CA LYS L 295 71.87 -34.14 -27.65
C LYS L 295 72.09 -35.63 -27.38
N LYS L 296 73.26 -35.97 -26.82
CA LYS L 296 73.62 -37.37 -26.58
C LYS L 296 72.88 -37.96 -25.37
N ASN L 297 73.02 -39.29 -25.20
CA ASN L 297 72.57 -40.00 -24.00
C ASN L 297 71.06 -39.97 -23.73
N PHE L 298 70.36 -40.99 -24.26
CA PHE L 298 68.92 -41.14 -24.10
C PHE L 298 68.54 -42.61 -23.87
N THR L 299 67.29 -42.84 -23.45
CA THR L 299 66.76 -44.18 -23.22
C THR L 299 65.23 -44.18 -23.33
N VAL L 300 64.67 -45.32 -23.72
CA VAL L 300 63.23 -45.48 -23.93
C VAL L 300 62.69 -46.70 -23.17
N ILE L 301 61.36 -46.80 -23.07
CA ILE L 301 60.70 -47.96 -22.46
C ILE L 301 59.60 -48.49 -23.38
N ALA L 302 59.65 -49.78 -23.65
CA ALA L 302 58.66 -50.43 -24.51
C ALA L 302 57.40 -50.77 -23.73
N ILE L 303 56.25 -50.58 -24.36
CA ILE L 303 54.96 -50.98 -23.80
C ILE L 303 54.11 -51.62 -24.90
N GLU L 304 53.50 -52.76 -24.59
CA GLU L 304 52.76 -53.55 -25.56
C GLU L 304 51.47 -54.07 -24.93
N LYS L 305 50.35 -53.40 -25.20
CA LYS L 305 49.04 -53.82 -24.69
C LYS L 305 48.37 -54.78 -25.68
N ALA L 306 47.40 -55.54 -25.18
CA ALA L 306 46.68 -56.53 -26.01
C ALA L 306 46.06 -55.87 -27.24
N LEU L 307 45.16 -54.93 -27.01
CA LEU L 307 44.66 -54.04 -28.05
C LEU L 307 44.65 -52.62 -27.48
N LEU L 308 45.84 -51.99 -27.49
CA LEU L 308 46.08 -50.73 -26.77
C LEU L 308 45.26 -49.52 -27.24
N ASN L 309 44.87 -49.52 -28.52
CA ASN L 309 44.10 -48.41 -29.09
C ASN L 309 42.58 -48.49 -28.83
N SER L 310 42.05 -49.71 -28.71
CA SER L 310 40.62 -49.91 -28.40
C SER L 310 40.36 -49.99 -26.89
N GLU L 311 41.33 -49.58 -26.07
CA GLU L 311 41.18 -49.58 -24.61
C GLU L 311 40.31 -48.41 -24.15
N VAL L 312 40.00 -48.38 -22.86
CA VAL L 312 39.26 -47.27 -22.25
C VAL L 312 40.14 -46.02 -22.17
N GLY L 313 41.42 -46.20 -21.91
CA GLY L 313 42.38 -45.10 -21.89
C GLY L 313 43.77 -45.54 -21.46
N PHE L 314 44.40 -46.36 -22.29
CA PHE L 314 45.71 -46.94 -21.99
C PHE L 314 46.81 -45.88 -21.82
N CYS L 315 47.05 -45.10 -22.88
CA CYS L 315 48.04 -44.00 -22.84
C CYS L 315 47.68 -42.96 -21.78
N ARG L 316 46.40 -42.62 -21.70
CA ARG L 316 45.90 -41.65 -20.70
C ARG L 316 46.36 -42.01 -19.29
N LYS L 317 46.33 -43.30 -18.97
CA LYS L 317 46.80 -43.80 -17.69
C LYS L 317 48.33 -43.81 -17.61
N ILE L 318 49.00 -44.17 -18.71
CA ILE L 318 50.45 -44.31 -18.74
C ILE L 318 51.20 -42.98 -18.58
N LEU L 319 50.74 -41.94 -19.27
CA LEU L 319 51.36 -40.62 -19.14
C LEU L 319 50.95 -39.96 -17.84
N SER L 320 49.76 -40.31 -17.32
CA SER L 320 49.35 -39.88 -16.00
C SER L 320 50.30 -40.46 -14.94
N ILE L 321 50.79 -41.67 -15.20
CA ILE L 321 51.81 -42.30 -14.36
C ILE L 321 53.14 -41.55 -14.47
N LEU L 322 53.49 -41.10 -15.67
CA LEU L 322 54.68 -40.26 -15.85
C LEU L 322 54.50 -38.89 -15.19
N GLU L 323 53.27 -38.38 -15.21
CA GLU L 323 52.97 -37.05 -14.69
C GLU L 323 53.15 -36.95 -13.17
N MSE L 324 52.85 -38.04 -12.45
CA MSE L 324 53.00 -38.05 -10.98
C MSE L 324 54.46 -38.03 -10.56
O MSE L 324 54.76 -37.68 -9.42
CB MSE L 324 52.21 -39.20 -10.33
CG MSE L 324 52.72 -40.62 -10.60
SE MSE L 324 52.25 -41.81 -9.10
CE MSE L 324 52.38 -43.55 -10.02
N TYR L 325 55.35 -38.42 -11.47
CA TYR L 325 56.79 -38.26 -11.26
C TYR L 325 57.25 -36.94 -11.87
N GLY L 326 58.21 -36.29 -11.23
CA GLY L 326 58.77 -35.03 -11.72
C GLY L 326 59.68 -35.27 -12.91
N VAL L 327 59.09 -35.32 -14.10
CA VAL L 327 59.82 -35.66 -15.32
C VAL L 327 59.22 -35.01 -16.59
N SER L 328 59.92 -35.16 -17.71
CA SER L 328 59.42 -34.69 -19.02
C SER L 328 60.00 -35.52 -20.16
N PHE L 329 59.12 -36.18 -20.93
CA PHE L 329 59.53 -36.96 -22.08
C PHE L 329 59.75 -36.05 -23.30
N GLU L 330 60.34 -36.60 -24.37
CA GLU L 330 60.57 -35.85 -25.61
C GLU L 330 59.44 -36.07 -26.60
N HIS L 331 59.21 -37.34 -26.96
CA HIS L 331 58.12 -37.73 -27.84
C HIS L 331 57.52 -39.00 -27.34
N MSE L 332 56.30 -39.28 -27.77
CA MSE L 332 55.65 -40.54 -27.44
C MSE L 332 55.25 -41.23 -28.72
O MSE L 332 54.16 -40.98 -29.27
CB MSE L 332 54.45 -40.31 -26.51
CG MSE L 332 54.77 -40.75 -25.09
SE MSE L 332 53.22 -40.44 -23.93
CE MSE L 332 51.98 -41.69 -24.80
N PRO L 333 56.14 -42.09 -29.24
CA PRO L 333 55.77 -42.94 -30.36
C PRO L 333 54.77 -44.00 -29.96
N SER L 334 54.04 -44.54 -30.94
CA SER L 334 53.08 -45.61 -30.72
C SER L 334 52.81 -46.36 -32.03
N GLY L 335 51.98 -47.40 -31.94
CA GLY L 335 51.63 -48.20 -33.12
C GLY L 335 50.24 -48.78 -33.02
N VAL L 336 50.03 -49.91 -33.67
CA VAL L 336 48.75 -50.62 -33.63
C VAL L 336 48.46 -51.14 -32.23
N ASP L 337 49.39 -51.94 -31.70
CA ASP L 337 49.26 -52.55 -30.37
C ASP L 337 50.49 -52.27 -29.48
N SER L 338 51.07 -51.07 -29.60
CA SER L 338 52.27 -50.73 -28.83
C SER L 338 52.49 -49.22 -28.69
N VAL L 339 53.29 -48.84 -27.69
CA VAL L 339 53.56 -47.44 -27.39
C VAL L 339 54.81 -47.31 -26.50
N SER L 340 55.54 -46.20 -26.66
CA SER L 340 56.81 -46.00 -25.94
C SER L 340 57.09 -44.53 -25.62
N LEU L 341 58.03 -44.32 -24.69
CA LEU L 341 58.37 -42.98 -24.20
C LEU L 341 59.88 -42.70 -24.32
N VAL L 342 60.23 -41.75 -25.20
CA VAL L 342 61.62 -41.33 -25.40
C VAL L 342 62.00 -40.31 -24.33
N ILE L 343 63.01 -40.64 -23.51
CA ILE L 343 63.35 -39.82 -22.34
C ILE L 343 64.86 -39.60 -22.17
N GLU L 344 65.21 -38.43 -21.61
CA GLU L 344 66.60 -38.02 -21.36
C GLU L 344 67.28 -38.91 -20.32
N ASP L 345 68.61 -39.01 -20.39
CA ASP L 345 69.38 -39.84 -19.45
C ASP L 345 69.39 -39.31 -18.01
N CYS L 346 69.87 -38.09 -17.83
CA CYS L 346 70.06 -37.54 -16.48
C CYS L 346 68.74 -37.18 -15.78
N LYS L 347 67.67 -37.02 -16.55
CA LYS L 347 66.34 -36.76 -16.00
C LYS L 347 65.79 -38.00 -15.27
N LEU L 348 66.10 -39.18 -15.81
CA LEU L 348 65.70 -40.46 -15.22
C LEU L 348 66.87 -41.05 -14.43
N ASP L 349 67.11 -40.47 -13.26
CA ASP L 349 68.19 -40.91 -12.39
C ASP L 349 67.65 -41.73 -11.21
N GLY L 350 67.27 -42.96 -11.51
CA GLY L 350 66.84 -43.92 -10.48
C GLY L 350 65.38 -44.34 -10.57
N LYS L 351 64.50 -43.38 -10.83
CA LYS L 351 63.04 -43.62 -10.81
C LYS L 351 62.66 -44.94 -11.48
N CYS L 352 63.19 -45.12 -12.68
CA CYS L 352 63.10 -46.37 -13.45
C CYS L 352 62.24 -47.49 -12.85
N ASP L 353 62.76 -48.18 -11.85
CA ASP L 353 62.18 -49.46 -11.40
C ASP L 353 60.77 -49.34 -10.83
N LYS L 354 60.49 -48.23 -10.16
CA LYS L 354 59.17 -48.02 -9.55
C LYS L 354 58.12 -47.57 -10.56
N ILE L 355 58.58 -47.08 -11.71
CA ILE L 355 57.69 -46.67 -12.79
C ILE L 355 57.07 -47.90 -13.46
N ILE L 356 57.90 -48.92 -13.72
CA ILE L 356 57.42 -50.20 -14.28
C ILE L 356 56.49 -50.91 -13.30
N GLU L 357 56.80 -50.82 -12.01
CA GLU L 357 55.93 -51.40 -10.97
C GLU L 357 54.69 -50.56 -10.70
N GLU L 358 54.61 -49.38 -11.32
CA GLU L 358 53.39 -48.57 -11.32
C GLU L 358 52.54 -48.87 -12.56
N ILE L 359 53.18 -49.00 -13.72
CA ILE L 359 52.46 -49.17 -15.00
C ILE L 359 52.11 -50.62 -15.34
N LYS L 360 52.98 -51.57 -14.99
CA LYS L 360 52.66 -53.00 -15.11
C LYS L 360 51.48 -53.33 -14.19
N LYS L 361 51.24 -52.44 -13.24
CA LYS L 361 50.18 -52.57 -12.25
C LYS L 361 48.86 -52.00 -12.79
N GLN L 362 48.93 -50.88 -13.49
CA GLN L 362 47.72 -50.16 -13.96
C GLN L 362 47.21 -50.62 -15.33
N CYS L 363 48.12 -50.77 -16.31
CA CYS L 363 47.75 -51.21 -17.66
C CYS L 363 47.95 -52.72 -17.83
N ASN L 364 47.76 -53.21 -19.07
CA ASN L 364 47.99 -54.62 -19.39
C ASN L 364 49.15 -54.80 -20.39
N PRO L 365 50.40 -54.76 -19.89
CA PRO L 365 51.53 -54.90 -20.80
C PRO L 365 51.92 -56.36 -20.99
N ASP L 366 51.77 -56.86 -22.20
CA ASP L 366 52.17 -58.21 -22.53
C ASP L 366 53.70 -58.34 -22.53
N SER L 367 54.39 -57.20 -22.67
CA SER L 367 55.85 -57.15 -22.55
C SER L 367 56.30 -55.77 -22.05
N ILE L 368 57.23 -55.76 -21.11
CA ILE L 368 57.83 -54.52 -20.61
C ILE L 368 59.34 -54.60 -20.66
N GLU L 369 59.96 -53.70 -21.44
CA GLU L 369 61.39 -53.74 -21.71
C GLU L 369 62.03 -52.37 -21.46
N ILE L 370 63.35 -52.30 -21.60
CA ILE L 370 64.11 -51.06 -21.44
C ILE L 370 65.27 -51.03 -22.44
N HIS L 371 65.25 -50.07 -23.37
CA HIS L 371 66.30 -49.90 -24.38
C HIS L 371 67.03 -48.59 -24.18
N PRO L 372 68.30 -48.64 -23.72
CA PRO L 372 69.09 -47.43 -23.48
C PRO L 372 70.11 -47.12 -24.58
N ASN L 373 70.84 -46.01 -24.41
CA ASN L 373 71.92 -45.63 -25.33
C ASN L 373 71.40 -45.16 -26.67
N MSE L 374 71.07 -43.87 -26.74
CA MSE L 374 70.57 -43.24 -27.98
C MSE L 374 71.08 -41.82 -28.04
O MSE L 374 71.54 -41.27 -27.03
CB MSE L 374 69.04 -43.28 -27.96
CG MSE L 374 68.37 -43.11 -29.32
SE MSE L 374 66.45 -42.79 -29.03
CE MSE L 374 65.81 -43.70 -30.65
N ALA L 375 71.00 -41.21 -29.22
CA ALA L 375 71.35 -39.80 -29.41
C ALA L 375 70.44 -39.12 -30.44
N LEU L 376 69.67 -38.13 -30.00
CA LEU L 376 68.74 -37.41 -30.88
C LEU L 376 69.41 -36.27 -31.66
N VAL L 377 69.06 -36.16 -32.94
CA VAL L 377 69.60 -35.13 -33.83
C VAL L 377 68.47 -34.54 -34.67
N ALA L 378 68.05 -33.33 -34.32
CA ALA L 378 67.09 -32.59 -35.12
C ALA L 378 67.78 -32.03 -36.36
N THR L 379 66.99 -31.66 -37.35
CA THR L 379 67.50 -30.99 -38.55
C THR L 379 66.41 -30.04 -39.05
N VAL L 380 66.57 -28.76 -38.75
CA VAL L 380 65.48 -27.78 -38.87
C VAL L 380 65.66 -26.88 -40.08
N GLY L 381 64.54 -26.39 -40.61
CA GLY L 381 64.58 -25.39 -41.69
C GLY L 381 63.20 -24.99 -42.20
N THR L 382 63.03 -23.69 -42.44
CA THR L 382 61.83 -23.19 -43.11
C THR L 382 61.85 -23.61 -44.58
N GLY L 383 63.06 -23.77 -45.11
CA GLY L 383 63.24 -24.30 -46.46
C GLY L 383 62.67 -25.70 -46.64
N MSE L 384 62.69 -26.50 -45.57
CA MSE L 384 62.12 -27.86 -45.59
C MSE L 384 60.70 -27.82 -45.09
O MSE L 384 60.30 -28.64 -44.27
CB MSE L 384 62.99 -28.86 -44.82
CG MSE L 384 63.30 -28.49 -43.37
SE MSE L 384 64.34 -29.91 -42.46
CE MSE L 384 62.82 -30.99 -41.82
N ALA L 385 59.91 -26.88 -45.58
CA ALA L 385 58.53 -26.71 -45.15
C ALA L 385 57.64 -27.73 -45.84
N LYS L 386 57.57 -27.65 -47.16
CA LYS L 386 56.75 -28.56 -47.96
C LYS L 386 57.54 -29.31 -49.03
N THR L 387 58.87 -29.22 -48.96
CA THR L 387 59.73 -29.89 -49.93
C THR L 387 59.72 -31.40 -49.71
N LYS L 388 59.12 -32.13 -50.65
CA LYS L 388 59.10 -33.59 -50.62
C LYS L 388 60.48 -34.13 -50.96
N GLY L 389 60.76 -35.34 -50.46
CA GLY L 389 62.07 -35.95 -50.62
C GLY L 389 63.14 -35.29 -49.77
N ILE L 390 62.71 -34.67 -48.66
CA ILE L 390 63.64 -34.05 -47.71
C ILE L 390 64.00 -35.05 -46.63
N ALA L 391 62.99 -35.72 -46.09
CA ALA L 391 63.21 -36.85 -45.20
C ALA L 391 64.09 -37.88 -45.92
N ASN L 392 63.67 -38.26 -47.13
CA ASN L 392 64.45 -39.12 -48.02
C ASN L 392 65.95 -38.80 -47.98
N LYS L 393 66.31 -37.59 -48.39
CA LYS L 393 67.72 -37.19 -48.55
C LYS L 393 68.53 -37.30 -47.26
N ILE L 394 67.89 -36.98 -46.14
CA ILE L 394 68.51 -37.11 -44.82
C ILE L 394 68.84 -38.55 -44.51
N PHE L 395 67.85 -39.43 -44.68
CA PHE L 395 68.01 -40.86 -44.37
C PHE L 395 68.98 -41.53 -45.34
N THR L 396 68.96 -41.11 -46.61
CA THR L 396 69.93 -41.57 -47.60
C THR L 396 71.35 -41.37 -47.09
N ALA L 397 71.58 -40.23 -46.41
CA ALA L 397 72.87 -39.92 -45.79
C ALA L 397 73.29 -40.94 -44.75
N LEU L 398 72.33 -41.41 -43.97
CA LEU L 398 72.59 -42.36 -42.90
C LEU L 398 72.91 -43.73 -43.47
N SER L 399 72.15 -44.14 -44.48
CA SER L 399 72.45 -45.35 -45.23
C SER L 399 73.82 -45.25 -45.90
N LYS L 400 74.13 -44.04 -46.39
CA LYS L 400 75.42 -43.77 -47.05
C LYS L 400 76.60 -44.08 -46.14
N GLU L 401 76.42 -43.88 -44.84
CA GLU L 401 77.47 -44.18 -43.86
C GLU L 401 77.05 -45.22 -42.82
N ASN L 402 76.06 -46.03 -43.18
CA ASN L 402 75.70 -47.25 -42.43
C ASN L 402 75.27 -47.02 -40.97
N VAL L 403 74.76 -45.83 -40.67
CA VAL L 403 74.26 -45.51 -39.33
C VAL L 403 72.91 -46.17 -39.10
N ASN L 404 72.69 -46.69 -37.90
CA ASN L 404 71.45 -47.40 -37.57
C ASN L 404 70.41 -46.46 -36.95
N ILE L 405 69.35 -46.19 -37.71
CA ILE L 405 68.29 -45.27 -37.30
C ILE L 405 67.39 -45.94 -36.26
N ARG L 406 67.13 -45.25 -35.16
CA ARG L 406 66.37 -45.81 -34.04
C ARG L 406 65.02 -45.13 -33.78
N MSE L 407 64.95 -43.82 -34.01
CA MSE L 407 63.69 -43.08 -33.93
C MSE L 407 63.57 -42.18 -35.12
O MSE L 407 64.58 -41.66 -35.62
CB MSE L 407 63.61 -42.27 -32.63
CG MSE L 407 62.65 -41.07 -32.72
SE MSE L 407 62.41 -40.11 -31.01
CE MSE L 407 64.16 -40.47 -30.18
N ILE L 408 62.35 -41.98 -35.60
CA ILE L 408 62.04 -41.01 -36.64
C ILE L 408 60.71 -40.33 -36.30
N ASP L 409 60.75 -39.02 -36.10
CA ASP L 409 59.54 -38.27 -35.79
C ASP L 409 59.47 -36.98 -36.59
N GLN L 410 58.50 -36.91 -37.50
CA GLN L 410 58.14 -35.67 -38.19
C GLN L 410 56.64 -35.64 -38.37
N GLY L 411 56.08 -34.44 -38.37
CA GLY L 411 54.64 -34.26 -38.28
C GLY L 411 54.34 -33.44 -37.04
N SER L 412 55.15 -33.63 -36.00
CA SER L 412 55.18 -32.73 -34.84
C SER L 412 55.45 -31.29 -35.28
N SER L 413 56.39 -31.15 -36.21
CA SER L 413 56.69 -29.87 -36.85
C SER L 413 56.82 -30.09 -38.35
N GLU L 414 56.25 -29.17 -39.13
CA GLU L 414 56.39 -29.20 -40.59
C GLU L 414 57.82 -28.91 -41.00
N ILE L 415 58.51 -28.08 -40.21
CA ILE L 415 59.82 -27.56 -40.57
C ILE L 415 60.99 -28.31 -39.90
N ASN L 416 60.74 -29.49 -39.34
CA ASN L 416 61.78 -30.25 -38.67
C ASN L 416 61.60 -31.75 -38.76
N VAL L 417 62.74 -32.45 -38.79
CA VAL L 417 62.80 -33.91 -38.73
C VAL L 417 63.76 -34.34 -37.62
N ILE L 418 63.19 -34.89 -36.55
CA ILE L 418 63.96 -35.29 -35.37
C ILE L 418 64.26 -36.78 -35.43
N VAL L 419 65.55 -37.11 -35.52
CA VAL L 419 65.99 -38.48 -35.71
C VAL L 419 66.79 -38.96 -34.52
N GLY L 420 66.50 -40.18 -34.06
CA GLY L 420 67.29 -40.82 -33.02
C GLY L 420 68.26 -41.80 -33.63
N VAL L 421 69.50 -41.77 -33.15
CA VAL L 421 70.54 -42.72 -33.55
C VAL L 421 71.23 -43.27 -32.31
N GLU L 422 72.04 -44.31 -32.48
CA GLU L 422 72.78 -44.89 -31.36
C GLU L 422 73.79 -43.86 -30.83
N THR L 423 74.03 -43.88 -29.51
CA THR L 423 74.86 -42.87 -28.85
C THR L 423 76.22 -42.67 -29.52
N VAL L 424 76.85 -43.75 -29.97
CA VAL L 424 78.16 -43.68 -30.62
C VAL L 424 78.11 -43.09 -32.04
N ASP L 425 76.99 -43.32 -32.74
CA ASP L 425 76.84 -42.85 -34.13
C ASP L 425 76.59 -41.33 -34.23
N PHE L 426 76.32 -40.67 -33.11
CA PHE L 426 75.96 -39.25 -33.09
C PHE L 426 76.88 -38.37 -33.95
N GLU L 427 78.14 -38.23 -33.54
CA GLU L 427 79.08 -37.35 -34.24
C GLU L 427 79.26 -37.78 -35.69
N LYS L 428 79.18 -39.08 -35.93
CA LYS L 428 79.22 -39.64 -37.29
C LYS L 428 77.99 -39.23 -38.12
N ALA L 429 76.84 -39.11 -37.46
CA ALA L 429 75.56 -38.83 -38.12
C ALA L 429 75.37 -37.35 -38.50
N VAL L 430 75.78 -36.45 -37.61
CA VAL L 430 75.66 -35.02 -37.86
C VAL L 430 76.65 -34.58 -38.95
N LYS L 431 77.84 -35.17 -38.92
CA LYS L 431 78.84 -35.01 -39.96
C LYS L 431 78.26 -35.32 -41.34
N SER L 432 77.37 -36.31 -41.39
CA SER L 432 76.74 -36.75 -42.65
C SER L 432 75.67 -35.78 -43.15
N ILE L 433 74.74 -35.43 -42.28
CA ILE L 433 73.58 -34.61 -42.65
C ILE L 433 74.00 -33.21 -43.09
N TYR L 434 75.00 -32.65 -42.40
CA TYR L 434 75.60 -31.40 -42.82
C TYR L 434 76.05 -31.53 -44.28
N ASN L 435 76.95 -32.48 -44.53
CA ASN L 435 77.51 -32.70 -45.88
C ASN L 435 76.45 -32.87 -46.96
N ALA L 436 75.33 -33.48 -46.61
CA ALA L 436 74.23 -33.73 -47.54
C ALA L 436 73.68 -32.44 -48.18
N PHE L 437 73.65 -31.36 -47.41
CA PHE L 437 73.12 -30.08 -47.88
C PHE L 437 74.24 -29.06 -48.18
N ASN L 438 75.32 -29.54 -48.78
CA ASN L 438 76.46 -28.69 -49.17
C ASN L 438 77.09 -29.13 -50.48
N ASP M . 47.90 11.12 14.79
CA ASP M . 47.60 9.69 14.83
C ASP M . 46.27 9.41 14.16
O ASP M . 45.27 9.23 14.83
CB ASP M . 47.55 9.21 16.27
CG ASP M . 48.91 9.15 16.90
OD1 ASP M . 49.10 9.71 18.02
OD2 ASP M . 49.80 8.56 16.25
OXT ASP M . 46.19 9.37 12.92
N LYS N . 8.24 12.29 31.01
CA LYS N . 7.90 13.52 30.24
C LYS N . 7.95 13.26 28.74
O LYS N . 7.65 12.16 28.28
CB LYS N . 8.85 14.65 30.60
CG LYS N . 8.65 15.19 32.00
CD LYS N . 9.81 16.06 32.42
CE LYS N . 9.39 17.01 33.53
NZ LYS N . 8.53 18.12 32.99
OXT LYS N . 8.29 14.15 27.96
N LYS O . 24.75 14.99 23.19
CA LYS O . 23.85 13.90 23.53
C LYS O . 22.63 13.92 22.63
O LYS O . 22.40 14.87 21.87
CB LYS O . 23.44 13.98 25.00
CG LYS O . 24.61 14.20 25.94
CD LYS O . 24.23 14.18 27.41
CE LYS O . 25.47 14.09 28.28
NZ LYS O . 26.37 15.26 28.13
OXT LYS O . 21.84 12.98 22.64
N LYS P . 8.31 8.31 2.40
CA LYS P . 6.97 8.82 2.69
C LYS P . 6.77 8.94 4.19
O LYS P . 6.85 10.02 4.76
CB LYS P . 5.92 7.92 2.05
CG LYS P . 6.10 7.80 0.55
CD LYS P . 5.14 6.87 -0.13
CE LYS P . 5.63 6.54 -1.53
NZ LYS P . 4.59 5.94 -2.40
OXT LYS P . 6.53 7.96 4.89
N ASP Q . 28.34 20.53 -10.50
CA ASP Q . 26.90 20.72 -10.39
C ASP Q . 26.24 19.54 -9.68
O ASP Q . 25.02 19.36 -9.72
CB ASP Q . 26.28 20.92 -11.77
CG ASP Q . 27.10 21.81 -12.66
OD1 ASP Q . 28.12 21.34 -13.21
OD2 ASP Q . 26.72 22.99 -12.85
OXT ASP Q . 26.91 18.72 -9.03
N LYS R . -5.69 0.38 12.07
CA LYS R . -4.21 0.23 12.03
C LYS R . -3.56 1.48 12.60
O LYS R . -4.24 2.39 13.03
CB LYS R . -3.72 0.00 10.60
CG LYS R . -4.11 -1.35 10.01
CD LYS R . -3.64 -1.46 8.57
CE LYS R . -3.75 -2.89 8.06
NZ LYS R . -5.15 -3.35 7.91
OXT LYS R . -2.33 1.58 12.61
N ASP S . -35.66 20.84 -33.71
CA ASP S . -34.58 19.88 -33.91
C ASP S . -33.53 20.05 -32.84
O ASP S . -32.46 19.45 -32.90
CB ASP S . -33.92 20.08 -35.27
CG ASP S . -34.88 20.64 -36.30
OD1 ASP S . -35.76 21.44 -35.94
OD2 ASP S . -34.73 20.27 -37.48
OXT ASP S . -33.71 20.82 -31.89
N ASP T . -61.54 18.85 30.84
CA ASP T . -60.52 17.91 30.38
C ASP T . -60.98 17.13 29.15
O ASP T . -61.23 15.94 29.24
CB ASP T . -60.21 16.90 31.49
CG ASP T . -59.93 17.56 32.80
OD1 ASP T . -59.12 18.52 32.82
OD2 ASP T . -60.50 17.12 33.83
OXT ASP T . -61.10 17.68 28.05
N LYS U . -60.50 30.61 -12.60
CA LYS U . -61.54 31.31 -11.79
C LYS U . -60.94 32.33 -10.86
O LYS U . -60.62 33.44 -11.29
CB LYS U . -62.37 30.32 -10.97
CG LYS U . -63.74 30.04 -11.57
CD LYS U . -64.64 29.25 -10.65
CE LYS U . -65.95 28.96 -11.35
NZ LYS U . -67.07 28.85 -10.39
OXT LYS U . -60.82 32.06 -9.66
N ASP V . -64.02 33.88 -38.13
CA ASP V . -64.20 34.45 -36.79
C ASP V . -63.98 33.40 -35.71
O ASP V . -64.66 33.41 -34.68
CB ASP V . -65.60 35.03 -36.65
CG ASP V . -66.09 35.69 -37.91
OD1 ASP V . -66.52 34.96 -38.83
OD2 ASP V . -66.05 36.92 -37.99
OXT ASP V . -63.14 32.51 -35.85
N LYS W . -61.52 27.12 5.35
CA LYS W . -61.02 25.75 5.00
C LYS W . -59.64 25.78 4.34
O LYS W . -58.64 26.15 4.95
CB LYS W . -62.02 25.02 4.10
CG LYS W . -63.33 24.69 4.78
CD LYS W . -64.31 24.04 3.82
CE LYS W . -65.56 23.55 4.54
NZ LYS W . -65.27 22.60 5.65
OXT LYS W . -59.49 25.43 3.17
N ASP X . 64.47 -32.69 12.94
CA ASP X . 63.67 -33.56 12.09
C ASP X . 63.22 -32.81 10.84
CB ASP X . 62.45 -34.08 12.85
CG ASP X . 62.57 -33.88 14.35
OD1 ASP X . 62.39 -32.74 14.81
OD2 ASP X . 62.81 -34.88 15.07
OXT ASP X . 64.02 -32.19 10.14
N ASP Y . 71.08 -14.07 -13.21
CA ASP Y . 69.95 -13.93 -14.11
C ASP Y . 69.19 -15.25 -14.28
O ASP Y . 68.48 -15.47 -15.28
CB ASP Y . 70.41 -13.42 -15.47
CG ASP Y . 71.33 -12.23 -15.37
OD1 ASP Y . 72.36 -12.33 -14.65
OD2 ASP Y . 71.04 -11.19 -16.01
OXT ASP Y . 69.25 -16.13 -13.41
#